data_6XTY
#
_entry.id   6XTY
#
loop_
_entity.id
_entity.type
_entity.pdbx_description
1 polymer 'DNA replication licensing factor MCM2'
2 polymer 'DNA replication licensing factor MCM3'
3 polymer 'DNA replication licensing factor MCM4'
4 polymer 'DNA replication licensing factor MCM5'
5 polymer 'DNA replication licensing factor MCM6'
6 polymer 'DNA replication licensing factor MCM7'
7 polymer 'DNA replication complex GINS protein PSF1'
8 polymer 'DNA replication complex GINS protein PSF2'
9 polymer 'DNA replication complex GINS protein PSF3'
10 polymer 'DNA replication complex GINS protein SLD5'
11 polymer 'Cell division control protein 45 homolog'
12 polymer 'WD repeat and HMG-box DNA-binding protein 1'
13 non-polymer 'ZINC ION'
#
loop_
_entity_poly.entity_id
_entity_poly.type
_entity_poly.pdbx_seq_one_letter_code
_entity_poly.pdbx_strand_id
1 'polypeptide(L)'
;MAESSESFTMASSPAQRRRGNDPLTSSPGRSSRRTDALTSSPGRDLPPFEDESEGLLGTEGPLEEEEDGEELIGDGMERD
YRAIPELDAYEAEGLALDDEDVEELTASQREAAERAMRQRDREAGRGLGRMRRGLLYDSDEEDEERPARKRRQVERATED
GEEDEEMIESIENLEDLKGHSVREWVSMAGPRLEIHHRFKNFLRTHVDSHGHNVFKERISDMCKENRESLVVNYEDLAAR
EHVLAYFLPEAPAELLQIFDEAALEVVLAMYPKYDRITNHIHVRISHLPLVEELRSLRQLHLNQLIRTSGVVTSCTGVLP
QLSMVKYNCNKCNFVLGPFCQSQNQEVKPGSCPECQSAGPFEVNMEETIYQNYQRIRIQESPGKVAAGRLPRSKDAILLA
DLVDSCKPGDEIELTGIYHNNYDGSLNTANGFPVFATVILANHVAKKDNKVAVGELTDEDVKMITSLSKDQQIGEKIFAS
IAPSIYGHEDIKRGLALALFGGEPKNPGGKHKVRGDINVLLCGDPGTAKSQFLKYIEKVSSRAIFTTGQGASAVGLTAYV
QRHPVSREWTLEAGALVLADRGVCLIDEFDKMNDQDRTSIHEAMEQQSISISKAGIVTSLQARCTVIAAANPIGGRYDPS
LTFSENVDLTEPIISRFDILCVVRDTVDPVQDEMLARFVVGSHVRHHPSNKEEEGLANGSAAEPAMPNTYGVEPLPQEVL
KKYIIYAKERVHPKLNQMDQDKVAKMYSDLRKESMATGSIPITVRHIESMIRMAEAHARIHLRDYVIEDDVNMAIRVMLE
SFIDTQKFSVMRSMRKTFARYLSFRRDNNELLLFILKQLVAEQVTYQRNRFGAQQDTIEVPEKDLVDKARQINIHNLSAF
YDSELFRMNKFSHDLKRKMILQQF
;
2
2 'polypeptide(L)'
;MLPRSPPLPRGNLWWREEFGSFRAGVESSWEPPRDFGGGSSLAAGMAGTVVLDDVELREAQRDYLDFLDDEEDQGIYQSK
VRELISDNQYRLIVNVNDLRRKNEKRANRLLNNAFEELVAFQRALKDFVASIDATYAKQYEEFYVGLEGSFGSKHVSPRT
LTSCFLSCVVCVEGIVTKCSLVRPKVVRSVHYCPATKKTIERRYSDLTTLVAFPSSSVYPTKDEENNPLETEYGLSVYKD
HQTITIQEMPEKAPAGQLPRSVDVILDDDLVDKAKPGDRVQVVGTYRCLPGKKGGYTSGTFRTVLIACNVKQMSKDAQPS
FSAEDIAKIKKFSKTRSKDIFDQLAKSLAPSIHGHDYVKKAILCLLLGGVERDLENGSHIRGDINILLIGDPSVAKSQLL
RYVLCTAPRAIPTTGRGSSGVGLTAAVTTDQETGERRLEAGAMVLADRGVVCIDEFDKMSDMDRTAIHEVMEQGRVTIAK
AGIHARLNARCSVLAAANPVYGRYDQYKTPMENIGLQDSLLSRFDLLFIMLDQMDPEQDREISDHVLRMHRYRAPGEQDG
DAMPLGSAVDILATDDPNFSQEDQQDTQIYEKHDNLLHGTKKKKEKMVSAAFMKKYIHVAKIIKPVLTQESATYIAEEYS
RLRSQDSMSSDTARTSPVTARTLETLIRLATAHAKARMSKTVDLQDAEEAVELVQYAYFKKVLEKEKKRKKRSEDESETE
DEEEKSQEDQEQKRKRRKTRQPDAKDGDSYDPYDFSDTEEEMPQVHTPKTADSQETKESQKVELSESRLKAFKVALLDVF
REAHAQSIGMNRLTESINRDSEEPFSSVEIQAALSKMQDDNQVMVSEGIIFLI
;
3
3 'polypeptide(L)'
;MSSPASTPSRRGSRRGRATPAQTPRSEDARSSPSQRRRGEDSTSTGELQPMPTSPGVDLQSPAAQDVLFSSPPQMHSSAI
PLDFDVSSPLTYGTPSSRVEGTPRSGVRGTPVRQRPDLGSAQKGLQVDLQSDGAAAEDIVASEQSLGQKLVIWGTDVNVA
ACKENFQRFLQRFIDPLAKEEENVGIDITEPLYMQRLGEINVIGEPFLNVNCEHIKSFDKNLYRQLISYPQEVIPTFDMA
VNEIFFDRYPDSILEHQIQVRPFNALKTKNMRNLNPEDIDQLITISGMVIRTSQLIPEMQEAFFQCQVCAHTTRVEMDRG
RIAEPSVCGRCHTTHSMALIHNRSLFSDKQMIKLQESPEDMPAGQTPHTVILFAHNDLVDKVQPGDRVNVTGIYRAVPIR
VNPRVSNVKSVYKTHIDVIHYRKTDAKRLHGLDEEAEQKLFSEKRVELLKELSRKPDIYERLASALAPSIYEHEDIKKGI
LLQLFGGTRKDFSHTGRGKFRAEINILLCGDPGTSKSQLLQYVYNLVPRGQYTSGKGSSAVGLTAYVMKDPETRQLVLQT
GALVLSDNGICCIDEFDKMNESTRSVLHEVMEQQTLSIAKAGIICQLNARTSVLAAANPIESQWNPKKTTIENIQLPHTL
LSRFDLIFLLLDPQDEAYDRRLAHHLVALYYQSEEQAEEELLDMAVLKDYIAYAHSTIMPRLSEEASQALIEAYVDMRKI
GSSRGMVSAYPRQLESLIRLAEAHAKVRLSNKVEAIDVEEAKRLHREALKQSATDPRTGIVDISILTTGMSATSRKRKEE
LAEALKKLILSKGKTPALKYQQLFEDIRGQSDIAITKDMFEEALRALADDDFLTVTGKTVRLL
;
4
4 'polypeptide(L)'
;MSGFDDPGIFYSDSFGGDAQADEGQARKSQLQRRFKEFLRQYRVGTDRTGFTFKYRDELKRHYNLGEYWIEVEMEDLASF
DEDLADYLYKQPAEHLQLLEEAAKEVADEVTRPRPSGEEVLQDIQVMLKSDASPSSIRSLKSDMMSHLVKIPGIIIAASA
VRAKATRISIQCRSCRNTLTNIAMRPGLEGYALPRKCNTDQAGRPKCPLDPYFIMPDKCKCVDFQTLKLQELPDAVPHGE
MPRHMQLYCDRYLCDKVVPGNRVTIMGIYSIKKFGLTTSRGRDRVGVGIRSSYIRVLGIQVDTDGSGRSFAGAVSPQEEE
EFRRLAALPNVYEVISKSIAPSIFGGTDMKKAIACLLFGGSRKRLPDGLTRRGDINLLMLGDPGTAKSQLLKFVEKCSPI
GVYTSGKGSSAAGLTASVMRDPSSRNFIMEGGAMVLADGGVVCIDEFDKMREDDRVAIHEAMEQQTISIAKAGITTTLNS
RCSVLAAANSVFGRWDETKGEDNIDFMPTILSRFDMIFIVKDEHNEERDVMLAKHVITLHVSALTQTQAVEGEIDLAKLK
KFIAYCRVKCGPRLSAEAAEKLKNRYIIMRSGARQHERDSDRRSSIPITVRQLEAIVRIAEALSKMKLQPFATEADVEEA
LRLFQVSTLDAALSGTLSGVEGFTSQEDQEMLSRIEKQLKRRFAIGSQVSEHSIIKDFTKQKYPEHAIHKVLQLMLRRGE
IQHRMQRKVLYRLK
;
5
5 'polypeptide(L)'
;MDLAAAAEPGAGSQHLEVRDEVAEKCQKLFLDFLEEFQSSDGEIKYLQLAEELIRPERNTLVVSFVDLEQFNQQLSTTIQ
EEFYRVYPYLCRALKTFVKDRKEIPLAKDFYVAFQDLPTRHKIRELTSSRIGLLTRISGQVVRTHPVHPELVSGTFLCLD
CQTVIRDVEQQFKYTQPNICRNPVCANRRRFLLDTNKSRFVDFQKVRIQETQAELPRGSIPRSLEVILRAEAVESAQAGD
KCDFTGTLIVVPDVSKLSTPGARAETNSRVSGVDGYETEGIRGLRALGVRDLSYRLVFLACCVAPTNPRFGGKELRDEEQ
TAESIKNQMTVKEWEKVFEMSQDKNLYHNLCTSLFPTIHGNDEVKRGVLLMLFGGVPKTTGEGTSLRGDINVCIVGDPST
AKSQFLKHVEEFSPRAVYTSGKASSAAGLTAAVVRDEESHEFVIEAGALMLADNGVCCIDEFDKMDVRDQVAIHEAMEQQ
TISITKAGVKATLNARTSILAAANPISGHYDRSKSLKQNINLSAPIMSRFDLFFILVDECNEVTDYAIARRIVDLHSRIE
ESIDRVYSLDDIRRYLLFARQFKPKISKESEDFIVEQYKHLRQRDGSGVTKSSWRITVRQLESMIRLSEAMARMHCCDEV
QPKHVKEAFRLLNKSIIRVETPDVNLDQEEEIQMEVDEGAGGINGHADSPAPVNGINGYNEDINQESAPKASLRLGFSEY
CRISNLIVLHLRKVEEEEDESALKRSELVNWYLKEIESEIDSEEELINKKRIIEKVIHRLTHYDHVLIELTQAGLKGSTE
GSESYEEDPYLVVNPNYLLED
;
6
6 'polypeptide(L)'
;MALKDYALEKEKVKKFLQEFYQDDELGKKQFKYGNQLVRLAHREQVALYVDLDDVAEDDPELVDSICENARRYAKLFADA
VQELLPQYKEREVVNKDVLDVYIEHRLMMEQRSRDPGMVRSPQNQYPAELMRRFELYFQGPSSNKPRVIREVRADSVGKL
VTVRGIVTRVSEVKPKMVVATYTCDQCGAETYQPIQSPTFMPLIMCPSQECQTNRSGGRLYLQTRGSRFIKFQEMKMQEH
SDQVPVGNIPRSITVLVEGENTRIAQPGDHVSVTGIFLPILRTGFRQVVQGLLSETYLEAHRIVKMNKSEDDESGAGELT
REELRQIAEEDFYEKLAASIAPEIYGHEDVKKALLLLLVGGVDQSPRGMKIRGNINICLMGDPGVAKSQLLSYIDRLAPR
SQYTTGRGSSGVGLTAAVLRDSVSGELTLEGGALVLADQGVCCIDEFDKMAEADRTAIHEVMEQQTISIAKAGILTTLNA
RCSILAAANPAYGRYNPRRSLEQNIQLPAALLSRFDLLWLIQDRPDRDNDLRLAQHITYVHQHSRQPPSQFEPLDMKLMR
RYIAMCREKQPMVPESLADYITAAYVEMRREAWASKDATYTSARTLLAILRLSTALARLRMVDVVEKEDVNEAIRLMEMS
KDSLLGDKGQTARTQRPADVIFATVRELVSGGRSVRFSEAEQRCVSRGFTPAQFQAALDEYEELNVWQVNASRTRITFV
;
7
7 'polypeptide(L)'
;MFCEKAMELIRELHRAPEGQLPAFNEDGLRQVLEEMKALYEQNQSDVNEAKSGGRSDLIPTIKFRHCSLLRNRRCTVAYL
YDRLLRIRALRWEYGSVLPNALRFHMAAEEMEWFNNYKRSLATYMRSLGGDEGLDITQDMKPPKSLYIEVRCLKDYGEFE
VDDGTSVLLKKNSQHFLPRWKCEQLIRQGVLEHILS
;
A
8 'polypeptide(L)'
;MDAAEVEFLAEKELVTIIPNFSLDKIYLIGGDLGPFNPGLPVEVPLWLAINLKQRQKCRLLPPEWMDVEKLEKMRDHERK
EETFTPMPSPYYMELTKLLLNHASDNIPKADEIRTLVKDMWDTRIAKLRVSADSFVRQQEAHAKLDNLTLMEINTSGTFL
TQALNHMYKLRTNLQPLESTQSQDF
;
B
9 'polypeptide(L)'
;MSEAYFRVESGALGPEENFLSLDDILMSHEKLPVRTETAMPRLGAFFLERSAGAETDNAVPQGSKLELPLWLAKGLFDNK
RRILSVELPKIYQEGWRTVFSADPNVVDLHKMGPHFYGFGSQLLHFDSPENADISQSLLQTFIGRFRRIMDSSQNAYNED
TSALVARLDEMERGLFQTGQKGLNDFQCWEKGQASQITASNLVQNYKKRKFTDMED
;
C
10 'polypeptide(L)'
;MTEEVDFLGQDSDGGSEEVVLTPAELIERLEQAWMNEKFAPELLESKPEIVECVMEQLEHMEENLRRAKREDLKVSIHQM
EMERIRYVLSSYLRCRLMKIEKFFPHVLEKEKTRPEGEPSSLSPEELAFAREFMANTESYLKNVALKHMPPNLQKVDLFR
AVPKPDLDSYVFLRVRERQENILVEPDTDEQRDYVIDLEKGSQHLIRYKTIAPLVASGAVQLI
;
D
11 'polypeptide(L)'
;MFVSDFRKEFYEVVQSQRVLLFVASDVDALCACKILQALFQCDHVQYTLVPVSGWQELETAFLEHKEQFHYFILINCGAN
VDLLDILQPDEDTIFFVCDTHRPVNVVNVYNDTQIKLLIKQDDDLEVPAYEDIFRDEEEDEEHSGNDSDGSEPSEKRTRL
EEEIVEQTMRRRQRREWEARRRDILFDYEQYEYHGTSSAMVMFELAWMLSKDLNDMLWWAIVGLTDQWVQDKITQMKYVT
DVGVLQRHVSRHNHRNEDEENTLSVDCTRISFEYDLRLVLYQHWSLHDSLCNTSYTAARFKLWSVHGQKRLQEFLADMGL
PLKQVKQKFQAMDISLKENLREMIEQSANKFGMKDMRVQTFSIHFGFKHKFLASDVVFATMSLMESPEKDGSGTDHFIQA
LDSLSRSNLDKLYHGLELAKKQLRATQQTIASCLCTNLVISQGPFLYCSLMEGTPDVMLFSRPASLSLLSKHLLKSFVCS
TKNRRCKLLPLVMAAPLSMEHGTVTVVGIPPETDSSDRKNFFGRAFEKAAESTSSRMLHNHFDLSVIELKAEDRSKFLDA
LISLLS
;
E
12 'polypeptide(L)'
;MSAWSHPQFEKGGGSGGGSGGSAWSHPQFEKENLYFQGSSATMPATRKPMRYGHTEGHTEVCFDDSGSFIVTCGSDGDVR
IWEDLDDDDPKFINVGEKAYSCALKSGKLVTAVSNNTIQVHTFPEGVPDGILTRFTTNANHVVFNGDGTKIAAGSSDFLV
KIVDVMDSSQQKTFRGHDAPVLSLSFDPKDIFLASASCDGSVRVWQISDQTCAISWPLLQKCNDVINAKSICRLAWQPKS
GKLLAIPVEKSVKLYRRESWSHQFDLSDNFISQTLNIVTWSPCGQYLAAGSINGLIIVWNVETKDCMERVKHEKGYAICG
LAWHPTCGRISYTDAEGNLGLLENVCDPSGKTSSSKVSSRVEKDYNDLFDGDDMSNAGDFLNDNAVEIPSFSKGIINDDE
DDEDLMMASGRPRQRSHILEDDENSVDISMLKTGSSLLKEEEEDGQEGSIHNLPLVTSQRPFYDGPMPTPRQKPFQSGST
PLHLTHRFMVWNSIGIIRCYNDEQDNAIDVEFHDTSIHHATHLSNTLNYTIADLSHEAILLACESTDELASKLHCLHFSS
WDSSKEWIIDLPQNEDIEAICLGQGWAAAATSALLLRLFTIGGVQKEVFSLAGPVVSMAGHGEQLFIVYHRGTGFDGDQC
LGVQLLELGKKKKQILHGDPLPLTRKSYLAWIGFSAEGTPCYVDSEGIVRMLNRGLGNTWTPICNTREHCKGKSDHYWVV
GIHENPQQLRCIPCKGSRFPPTLPRPAVAILSFKLPYCQIATEKGQMEEQFWRSVIFHNHLDYLAKNGYEYEESTKNQAT
KEQQELLMKMLALSCKLEREFRCVELADLMTQNAVNLAIKYASRSRKLILAQKLSELAVEKAAELTATQVEEEEEEEDFR
KKLNAGYSNTATEWSQPRFRNQVEEDAEDSGEADDEEKPEIHKPGQNSFSKSTNSSDVSAKSGAVTFSSQGRVNPFKVSA
SSKEPAMSMNSARSTNILDNMGKSSKKSTALSRTTNNEKSPIIKPLIPKPKPKQASAASYFQKRNSQTNKTEEVKEENLK
NVLSETPAICPPQNTENQRPKTGFQMWLEENRSNILSDNPDFSDEADIIKEGMIRFRVLSTEERKVWANKAKGETASEGT
EAKKRKRVVDESDETENQEEKAKENLNLSKKQKPLDFSTNQKLSAFAFKQE
;
F,G,H
#
loop_
_chem_comp.id
_chem_comp.type
_chem_comp.name
_chem_comp.formula
ZN non-polymer 'ZINC ION' 'Zn 2'
#
# COMPACT_ATOMS: atom_id res chain seq x y z
N GLU A 175 -44.54 -29.04 -34.65
CA GLU A 175 -43.65 -28.37 -35.59
C GLU A 175 -42.82 -27.29 -34.92
N ASP A 176 -41.52 -27.27 -35.23
CA ASP A 176 -40.61 -26.25 -34.74
C ASP A 176 -40.46 -25.09 -35.73
N LEU A 177 -41.47 -24.80 -36.55
CA LEU A 177 -41.43 -23.63 -37.41
C LEU A 177 -42.88 -23.24 -37.74
N LYS A 178 -43.36 -22.18 -37.13
CA LYS A 178 -44.73 -21.72 -37.33
C LYS A 178 -44.70 -20.25 -37.80
N GLY A 179 -45.86 -19.76 -38.23
CA GLY A 179 -45.97 -18.45 -38.85
C GLY A 179 -45.84 -17.25 -37.93
N HIS A 180 -44.65 -17.05 -37.38
CA HIS A 180 -44.32 -15.86 -36.61
C HIS A 180 -42.97 -15.32 -37.04
N SER A 181 -42.47 -14.32 -36.34
CA SER A 181 -41.14 -13.80 -36.57
C SER A 181 -40.14 -14.66 -35.79
N VAL A 182 -39.04 -15.02 -36.44
CA VAL A 182 -38.05 -15.90 -35.83
C VAL A 182 -37.63 -15.38 -34.47
N ARG A 183 -37.62 -14.06 -34.30
CA ARG A 183 -37.31 -13.49 -33.00
C ARG A 183 -38.37 -13.85 -31.97
N GLU A 184 -39.64 -13.84 -32.37
CA GLU A 184 -40.73 -14.07 -31.44
C GLU A 184 -41.20 -15.50 -31.38
N TRP A 185 -40.81 -16.34 -32.34
CA TRP A 185 -41.06 -17.76 -32.21
C TRP A 185 -40.28 -18.33 -31.04
N VAL A 186 -38.97 -18.06 -31.00
CA VAL A 186 -38.12 -18.60 -29.96
C VAL A 186 -38.43 -18.01 -28.59
N SER A 187 -39.03 -16.82 -28.52
CA SER A 187 -39.33 -16.26 -27.22
C SER A 187 -40.57 -16.86 -26.56
N MET A 188 -41.32 -17.70 -27.28
CA MET A 188 -42.50 -18.33 -26.70
C MET A 188 -42.10 -19.54 -25.87
N ALA A 189 -42.90 -19.83 -24.83
CA ALA A 189 -42.52 -20.85 -23.85
C ALA A 189 -42.32 -22.20 -24.50
N GLY A 190 -43.23 -22.60 -25.39
CA GLY A 190 -43.14 -23.88 -26.05
C GLY A 190 -41.86 -24.08 -26.81
N PRO A 191 -41.60 -23.22 -27.80
CA PRO A 191 -40.35 -23.36 -28.55
C PRO A 191 -39.13 -23.17 -27.68
N ARG A 192 -39.21 -22.33 -26.65
CA ARG A 192 -38.08 -22.17 -25.75
C ARG A 192 -37.73 -23.51 -25.09
N LEU A 193 -38.73 -24.19 -24.51
CA LEU A 193 -38.45 -25.46 -23.86
C LEU A 193 -38.01 -26.50 -24.86
N GLU A 194 -38.61 -26.51 -26.04
CA GLU A 194 -38.18 -27.46 -27.06
C GLU A 194 -36.72 -27.27 -27.41
N ILE A 195 -36.31 -26.01 -27.63
CA ILE A 195 -34.92 -25.73 -27.97
C ILE A 195 -34.01 -26.12 -26.82
N HIS A 196 -34.42 -25.75 -25.60
CA HIS A 196 -33.63 -26.08 -24.41
C HIS A 196 -33.35 -27.57 -24.37
N HIS A 197 -34.38 -28.39 -24.48
CA HIS A 197 -34.16 -29.82 -24.42
C HIS A 197 -33.42 -30.33 -25.65
N ARG A 198 -33.56 -29.66 -26.80
CA ARG A 198 -32.88 -30.14 -27.99
C ARG A 198 -31.39 -29.97 -27.89
N PHE A 199 -30.93 -28.90 -27.25
CA PHE A 199 -29.49 -28.67 -27.19
C PHE A 199 -28.81 -29.63 -26.25
N LYS A 200 -29.48 -30.05 -25.19
CA LYS A 200 -28.87 -30.99 -24.26
C LYS A 200 -28.54 -32.31 -24.96
N ASN A 201 -29.47 -32.81 -25.76
CA ASN A 201 -29.25 -34.11 -26.40
C ASN A 201 -28.06 -34.05 -27.35
N PHE A 202 -27.78 -32.89 -27.92
CA PHE A 202 -26.59 -32.76 -28.76
C PHE A 202 -25.35 -32.60 -27.92
N LEU A 203 -25.45 -31.88 -26.81
CA LEU A 203 -24.28 -31.72 -25.96
C LEU A 203 -23.82 -33.07 -25.42
N ARG A 204 -24.76 -33.92 -25.02
CA ARG A 204 -24.40 -35.17 -24.37
C ARG A 204 -23.93 -36.23 -25.35
N THR A 205 -24.53 -36.29 -26.54
CA THR A 205 -24.31 -37.39 -27.48
C THR A 205 -23.86 -36.84 -28.84
N HIS A 206 -22.55 -36.76 -29.06
CA HIS A 206 -22.05 -36.32 -30.36
C HIS A 206 -20.63 -36.87 -30.51
N VAL A 207 -20.49 -37.93 -31.27
CA VAL A 207 -19.19 -38.53 -31.52
C VAL A 207 -18.65 -38.01 -32.85
N ASP A 208 -17.34 -37.98 -32.97
CA ASP A 208 -16.68 -37.37 -34.14
C ASP A 208 -15.68 -38.35 -34.74
N SER A 209 -16.17 -39.18 -35.66
CA SER A 209 -15.34 -40.00 -36.56
C SER A 209 -14.49 -41.03 -35.85
N HIS A 210 -14.58 -41.10 -34.52
CA HIS A 210 -13.86 -42.11 -33.77
C HIS A 210 -14.67 -42.68 -32.61
N GLY A 211 -15.92 -42.28 -32.45
CA GLY A 211 -16.71 -42.72 -31.32
C GLY A 211 -16.33 -42.03 -30.02
N HIS A 212 -16.01 -40.74 -30.07
CA HIS A 212 -15.61 -39.98 -28.89
C HIS A 212 -16.65 -38.91 -28.63
N ASN A 213 -17.22 -38.91 -27.44
CA ASN A 213 -18.11 -37.83 -27.06
C ASN A 213 -17.25 -36.59 -26.89
N VAL A 214 -17.15 -35.78 -27.94
CA VAL A 214 -16.19 -34.67 -27.93
C VAL A 214 -16.52 -33.69 -26.82
N PHE A 215 -17.80 -33.45 -26.58
CA PHE A 215 -18.24 -32.57 -25.52
C PHE A 215 -18.26 -33.23 -24.17
N LYS A 216 -17.55 -34.35 -24.04
CA LYS A 216 -17.24 -34.97 -22.77
C LYS A 216 -15.80 -34.73 -22.35
N GLU A 217 -14.88 -34.81 -23.30
CA GLU A 217 -13.50 -34.49 -23.02
C GLU A 217 -13.27 -32.99 -23.08
N ARG A 218 -13.99 -32.28 -23.94
CA ARG A 218 -13.76 -30.85 -24.09
C ARG A 218 -14.23 -30.09 -22.85
N ILE A 219 -15.42 -30.42 -22.36
CA ILE A 219 -15.90 -29.84 -21.11
C ILE A 219 -14.92 -30.13 -19.99
N SER A 220 -14.34 -31.32 -19.99
CA SER A 220 -13.35 -31.65 -18.97
C SER A 220 -12.15 -30.72 -19.07
N ASP A 221 -11.54 -30.64 -20.25
CA ASP A 221 -10.38 -29.77 -20.42
C ASP A 221 -10.70 -28.32 -20.12
N MET A 222 -11.97 -27.92 -20.22
CA MET A 222 -12.37 -26.60 -19.78
C MET A 222 -12.39 -26.52 -18.27
N CYS A 223 -12.83 -27.58 -17.60
CA CYS A 223 -12.94 -27.54 -16.15
C CYS A 223 -11.60 -27.75 -15.45
N LYS A 224 -10.65 -28.37 -16.10
CA LYS A 224 -9.33 -28.45 -15.52
C LYS A 224 -8.60 -27.17 -15.56
N GLU A 225 -9.21 -26.07 -15.95
CA GLU A 225 -8.54 -24.77 -15.95
C GLU A 225 -9.40 -23.64 -15.41
N ASN A 226 -10.66 -23.86 -15.10
CA ASN A 226 -11.58 -22.81 -14.65
C ASN A 226 -11.69 -21.70 -15.70
N ARG A 227 -12.31 -22.07 -16.83
CA ARG A 227 -12.34 -21.17 -17.98
C ARG A 227 -13.71 -20.59 -18.32
N GLU A 228 -14.81 -21.22 -17.91
CA GLU A 228 -16.18 -20.76 -18.15
C GLU A 228 -16.39 -20.21 -19.57
N SER A 229 -16.01 -21.01 -20.56
CA SER A 229 -16.21 -20.64 -21.97
C SER A 229 -16.10 -21.90 -22.81
N LEU A 230 -17.17 -22.24 -23.52
CA LEU A 230 -17.25 -23.48 -24.27
C LEU A 230 -17.36 -23.17 -25.75
N VAL A 231 -16.58 -23.88 -26.56
CA VAL A 231 -16.56 -23.65 -28.00
C VAL A 231 -17.47 -24.66 -28.69
N VAL A 232 -18.27 -24.19 -29.63
CA VAL A 232 -19.21 -25.01 -30.36
C VAL A 232 -18.94 -24.79 -31.84
N ASN A 233 -18.25 -25.72 -32.47
CA ASN A 233 -18.01 -25.62 -33.90
C ASN A 233 -19.35 -25.67 -34.63
N TYR A 234 -19.53 -24.74 -35.58
CA TYR A 234 -20.84 -24.56 -36.18
C TYR A 234 -21.20 -25.68 -37.13
N GLU A 235 -20.20 -26.24 -37.83
CA GLU A 235 -20.48 -27.25 -38.83
C GLU A 235 -21.09 -28.50 -38.21
N ASP A 236 -20.58 -28.92 -37.05
CA ASP A 236 -21.17 -30.08 -36.42
C ASP A 236 -22.55 -29.79 -35.88
N LEU A 237 -22.78 -28.57 -35.38
CA LEU A 237 -24.12 -28.20 -34.98
C LEU A 237 -25.08 -28.30 -36.15
N ALA A 238 -24.63 -27.92 -37.35
CA ALA A 238 -25.47 -28.05 -38.51
C ALA A 238 -25.70 -29.51 -38.89
N ALA A 239 -24.68 -30.34 -38.74
CA ALA A 239 -24.82 -31.77 -39.05
C ALA A 239 -25.82 -32.43 -38.13
N ARG A 240 -25.51 -32.48 -36.83
CA ARG A 240 -26.37 -33.16 -35.88
C ARG A 240 -27.67 -32.43 -35.64
N GLU A 241 -27.79 -31.17 -36.05
CA GLU A 241 -29.01 -30.40 -35.81
C GLU A 241 -29.30 -29.57 -37.03
N HIS A 242 -30.43 -29.83 -37.67
CA HIS A 242 -30.81 -29.13 -38.89
C HIS A 242 -31.59 -27.86 -38.61
N VAL A 243 -32.32 -27.81 -37.51
CA VAL A 243 -33.23 -26.69 -37.29
C VAL A 243 -32.56 -25.58 -36.49
N LEU A 244 -31.70 -25.90 -35.53
CA LEU A 244 -31.10 -24.85 -34.72
C LEU A 244 -30.07 -24.06 -35.52
N ALA A 245 -29.27 -24.74 -36.34
CA ALA A 245 -28.25 -24.06 -37.13
C ALA A 245 -28.84 -23.18 -38.21
N TYR A 246 -30.16 -23.13 -38.34
CA TYR A 246 -30.83 -22.15 -39.18
C TYR A 246 -31.55 -21.08 -38.38
N PHE A 247 -32.01 -21.42 -37.18
CA PHE A 247 -32.56 -20.42 -36.28
C PHE A 247 -31.47 -19.48 -35.77
N LEU A 248 -30.23 -19.95 -35.73
CA LEU A 248 -29.20 -19.25 -34.95
C LEU A 248 -28.89 -17.87 -35.50
N PRO A 249 -28.37 -17.70 -36.72
CA PRO A 249 -27.94 -16.36 -37.13
C PRO A 249 -29.09 -15.45 -37.50
N GLU A 250 -30.31 -15.83 -37.16
CA GLU A 250 -31.44 -14.95 -37.38
C GLU A 250 -31.76 -14.14 -36.14
N ALA A 251 -31.85 -14.79 -34.98
CA ALA A 251 -32.13 -14.13 -33.71
C ALA A 251 -31.17 -14.68 -32.68
N PRO A 252 -29.91 -14.26 -32.71
CA PRO A 252 -28.89 -14.82 -31.83
C PRO A 252 -28.81 -14.16 -30.46
N ALA A 253 -29.63 -13.16 -30.18
CA ALA A 253 -29.61 -12.56 -28.86
C ALA A 253 -30.33 -13.40 -27.83
N GLU A 254 -30.98 -14.48 -28.24
CA GLU A 254 -31.70 -15.35 -27.32
C GLU A 254 -31.30 -16.80 -27.43
N LEU A 255 -30.95 -17.27 -28.63
CA LEU A 255 -30.47 -18.63 -28.74
C LEU A 255 -29.16 -18.82 -28.00
N LEU A 256 -28.28 -17.82 -28.07
CA LEU A 256 -27.02 -17.86 -27.33
C LEU A 256 -27.22 -17.64 -25.83
N GLN A 257 -28.43 -17.33 -25.41
CA GLN A 257 -28.79 -17.28 -24.00
C GLN A 257 -29.35 -18.60 -23.52
N ILE A 258 -30.17 -19.24 -24.35
CA ILE A 258 -30.69 -20.56 -24.03
C ILE A 258 -29.58 -21.60 -24.00
N PHE A 259 -28.64 -21.50 -24.94
CA PHE A 259 -27.55 -22.46 -24.96
C PHE A 259 -26.70 -22.35 -23.70
N ASP A 260 -26.65 -21.16 -23.10
CA ASP A 260 -25.93 -20.98 -21.85
C ASP A 260 -26.51 -21.86 -20.75
N GLU A 261 -27.82 -21.74 -20.52
CA GLU A 261 -28.47 -22.55 -19.50
C GLU A 261 -28.45 -24.03 -19.83
N ALA A 262 -28.31 -24.39 -21.10
CA ALA A 262 -28.13 -25.80 -21.40
C ALA A 262 -26.76 -26.30 -20.97
N ALA A 263 -25.70 -25.61 -21.42
CA ALA A 263 -24.35 -26.04 -21.08
C ALA A 263 -24.12 -26.00 -19.57
N LEU A 264 -24.80 -25.10 -18.87
CA LEU A 264 -24.67 -25.07 -17.42
C LEU A 264 -25.11 -26.39 -16.84
N GLU A 265 -26.40 -26.71 -17.00
CA GLU A 265 -26.94 -27.96 -16.49
C GLU A 265 -26.18 -29.18 -16.97
N VAL A 266 -25.44 -29.09 -18.09
CA VAL A 266 -24.60 -30.23 -18.42
C VAL A 266 -23.37 -30.28 -17.52
N VAL A 267 -22.68 -29.15 -17.37
CA VAL A 267 -21.43 -29.14 -16.60
C VAL A 267 -21.70 -29.47 -15.14
N LEU A 268 -22.73 -28.86 -14.57
CA LEU A 268 -23.09 -29.11 -13.17
C LEU A 268 -23.53 -30.55 -12.94
N ALA A 269 -23.67 -31.32 -14.02
CA ALA A 269 -23.83 -32.76 -13.90
C ALA A 269 -22.51 -33.49 -14.04
N MET A 270 -21.63 -33.03 -14.92
CA MET A 270 -20.33 -33.68 -15.01
C MET A 270 -19.37 -33.25 -13.91
N TYR A 271 -19.67 -32.19 -13.16
CA TYR A 271 -18.81 -31.69 -12.09
C TYR A 271 -19.66 -30.97 -11.04
N PRO A 272 -20.34 -31.70 -10.17
CA PRO A 272 -21.45 -31.09 -9.41
C PRO A 272 -21.03 -30.00 -8.44
N LYS A 273 -19.73 -29.78 -8.25
CA LYS A 273 -19.26 -28.74 -7.35
C LYS A 273 -18.87 -27.46 -8.07
N TYR A 274 -18.85 -27.47 -9.40
CA TYR A 274 -18.34 -26.35 -10.18
C TYR A 274 -19.07 -25.05 -9.89
N ASP A 275 -20.15 -25.08 -9.10
CA ASP A 275 -20.83 -23.86 -8.71
C ASP A 275 -19.88 -22.90 -8.02
N ARG A 276 -18.82 -23.42 -7.38
CA ARG A 276 -17.85 -22.54 -6.75
C ARG A 276 -16.92 -21.87 -7.75
N ILE A 277 -17.13 -22.06 -9.04
CA ILE A 277 -16.33 -21.41 -10.07
C ILE A 277 -17.30 -20.71 -11.03
N THR A 278 -17.65 -19.47 -10.72
CA THR A 278 -18.23 -18.52 -11.65
C THR A 278 -19.66 -18.78 -12.08
N ASN A 279 -20.22 -19.93 -11.76
CA ASN A 279 -21.65 -20.19 -11.87
C ASN A 279 -22.32 -19.68 -13.15
N HIS A 280 -21.57 -19.57 -14.24
CA HIS A 280 -22.14 -19.05 -15.48
C HIS A 280 -21.25 -19.42 -16.65
N ILE A 281 -21.84 -19.96 -17.70
CA ILE A 281 -21.11 -20.48 -18.84
C ILE A 281 -21.54 -19.75 -20.09
N HIS A 282 -20.57 -19.40 -20.93
CA HIS A 282 -20.83 -18.81 -22.23
C HIS A 282 -20.35 -19.77 -23.31
N VAL A 283 -21.19 -20.02 -24.31
CA VAL A 283 -20.82 -20.83 -25.46
C VAL A 283 -20.38 -19.90 -26.58
N ARG A 284 -19.16 -20.07 -27.04
CA ARG A 284 -18.71 -19.37 -28.24
C ARG A 284 -19.16 -20.16 -29.46
N ILE A 285 -18.89 -19.63 -30.65
CA ILE A 285 -19.23 -20.31 -31.90
C ILE A 285 -18.08 -20.11 -32.88
N SER A 286 -17.64 -21.19 -33.51
CA SER A 286 -16.42 -21.20 -34.29
C SER A 286 -16.72 -21.36 -35.78
N HIS A 287 -16.19 -20.44 -36.58
CA HIS A 287 -16.30 -20.41 -38.03
C HIS A 287 -17.70 -20.68 -38.56
N LEU A 288 -18.60 -19.73 -38.36
CA LEU A 288 -19.74 -19.62 -39.26
C LEU A 288 -19.24 -19.71 -40.70
N PRO A 289 -20.06 -20.19 -41.63
CA PRO A 289 -19.59 -20.39 -43.00
C PRO A 289 -19.65 -19.15 -43.87
N LEU A 290 -19.74 -17.97 -43.26
CA LEU A 290 -20.05 -16.74 -43.98
C LEU A 290 -19.00 -15.67 -43.75
N VAL A 291 -17.73 -16.02 -43.92
CA VAL A 291 -16.66 -15.02 -43.83
C VAL A 291 -17.00 -13.85 -44.73
N GLU A 292 -16.70 -12.65 -44.29
CA GLU A 292 -17.24 -11.45 -44.91
C GLU A 292 -16.16 -10.37 -44.91
N GLU A 293 -16.48 -9.25 -45.57
CA GLU A 293 -15.60 -8.10 -45.53
C GLU A 293 -16.11 -7.10 -44.49
N LEU A 294 -15.29 -6.09 -44.22
CA LEU A 294 -15.63 -5.10 -43.21
C LEU A 294 -16.27 -3.85 -43.79
N ARG A 295 -16.27 -3.72 -45.10
CA ARG A 295 -16.89 -2.59 -45.78
C ARG A 295 -18.25 -2.92 -46.35
N SER A 296 -18.63 -4.20 -46.39
CA SER A 296 -19.86 -4.63 -47.00
C SER A 296 -20.96 -4.87 -46.00
N LEU A 297 -20.82 -4.36 -44.78
CA LEU A 297 -21.87 -4.45 -43.78
C LEU A 297 -22.88 -3.36 -44.03
N ARG A 298 -24.07 -3.72 -44.45
CA ARG A 298 -25.15 -2.77 -44.67
C ARG A 298 -26.24 -3.01 -43.64
N GLN A 299 -27.32 -2.25 -43.75
CA GLN A 299 -28.39 -2.32 -42.78
C GLN A 299 -29.11 -3.64 -42.77
N LEU A 300 -28.83 -4.53 -43.71
CA LEU A 300 -29.50 -5.81 -43.73
C LEU A 300 -29.11 -6.68 -42.55
N HIS A 301 -27.96 -6.41 -41.93
CA HIS A 301 -27.36 -7.28 -40.93
C HIS A 301 -27.57 -6.79 -39.52
N LEU A 302 -28.51 -5.89 -39.29
CA LEU A 302 -28.72 -5.43 -37.93
C LEU A 302 -29.27 -6.58 -37.09
N ASN A 303 -28.57 -6.86 -35.99
CA ASN A 303 -28.94 -7.92 -35.06
C ASN A 303 -28.87 -9.29 -35.73
N GLN A 304 -27.70 -9.61 -36.29
CA GLN A 304 -27.50 -10.89 -36.91
C GLN A 304 -26.05 -11.32 -36.73
N LEU A 305 -25.86 -12.61 -36.45
CA LEU A 305 -24.51 -13.10 -36.19
C LEU A 305 -23.67 -12.99 -37.46
N ILE A 306 -22.42 -12.62 -37.29
CA ILE A 306 -21.58 -12.15 -38.40
C ILE A 306 -20.14 -12.56 -38.13
N ARG A 307 -19.42 -12.94 -39.18
CA ARG A 307 -18.01 -13.24 -39.06
C ARG A 307 -17.23 -12.38 -40.03
N THR A 308 -16.16 -11.76 -39.55
CA THR A 308 -15.42 -10.74 -40.30
C THR A 308 -13.93 -10.99 -40.10
N SER A 309 -13.12 -10.00 -40.44
CA SER A 309 -11.68 -10.11 -40.31
C SER A 309 -11.08 -8.72 -40.38
N GLY A 310 -9.87 -8.59 -39.88
CA GLY A 310 -9.14 -7.34 -40.02
C GLY A 310 -8.24 -7.08 -38.82
N VAL A 311 -7.30 -6.16 -39.03
CA VAL A 311 -6.38 -5.76 -37.97
C VAL A 311 -7.11 -4.98 -36.90
N VAL A 312 -6.60 -5.07 -35.67
CA VAL A 312 -7.07 -4.26 -34.55
C VAL A 312 -6.08 -3.14 -34.32
N THR A 313 -6.57 -1.92 -34.14
CA THR A 313 -5.70 -0.75 -34.06
C THR A 313 -5.82 0.01 -32.75
N SER A 314 -6.57 -0.49 -31.79
CA SER A 314 -6.65 0.18 -30.49
C SER A 314 -7.20 -0.80 -29.47
N CYS A 315 -7.03 -0.44 -28.21
CA CYS A 315 -7.68 -1.17 -27.13
C CYS A 315 -7.62 -0.34 -25.85
N THR A 316 -8.77 -0.03 -25.27
CA THR A 316 -8.75 0.65 -23.99
C THR A 316 -8.28 -0.30 -22.90
N GLY A 317 -8.26 0.19 -21.68
CA GLY A 317 -7.95 -0.65 -20.55
C GLY A 317 -9.16 -1.42 -20.10
N VAL A 318 -8.92 -2.44 -19.30
CA VAL A 318 -10.00 -3.32 -18.90
C VAL A 318 -10.79 -2.66 -17.77
N LEU A 319 -11.80 -1.91 -18.12
CA LEU A 319 -12.63 -1.19 -17.20
C LEU A 319 -13.76 -2.07 -16.68
N PRO A 320 -14.21 -1.87 -15.45
CA PRO A 320 -15.34 -2.65 -14.96
C PRO A 320 -16.66 -1.97 -15.23
N GLN A 321 -17.63 -2.74 -15.73
CA GLN A 321 -18.94 -2.23 -16.06
C GLN A 321 -19.99 -2.90 -15.20
N LEU A 322 -21.03 -2.14 -14.86
CA LEU A 322 -22.16 -2.69 -14.11
C LEU A 322 -22.81 -3.83 -14.90
N SER A 323 -23.24 -4.87 -14.21
CA SER A 323 -23.95 -5.95 -14.85
C SER A 323 -25.31 -6.18 -14.23
N MET A 324 -25.40 -6.20 -12.91
CA MET A 324 -26.68 -6.31 -12.20
C MET A 324 -26.66 -5.24 -11.11
N VAL A 325 -27.06 -4.02 -11.48
CA VAL A 325 -26.93 -2.91 -10.56
C VAL A 325 -27.97 -3.03 -9.46
N LYS A 326 -27.73 -2.32 -8.36
CA LYS A 326 -28.67 -2.33 -7.23
C LYS A 326 -28.42 -1.06 -6.42
N TYR A 327 -29.38 -0.16 -6.42
CA TYR A 327 -29.23 1.12 -5.75
C TYR A 327 -29.65 1.03 -4.29
N ASN A 328 -29.64 2.17 -3.61
CA ASN A 328 -30.19 2.26 -2.27
C ASN A 328 -30.76 3.66 -2.07
N CYS A 329 -31.94 3.72 -1.46
CA CYS A 329 -32.62 4.99 -1.26
C CYS A 329 -31.92 5.80 -0.17
N ASN A 330 -31.99 7.12 -0.32
CA ASN A 330 -31.31 8.04 0.57
C ASN A 330 -32.14 8.45 1.78
N LYS A 331 -33.41 8.06 1.83
CA LYS A 331 -34.29 8.45 2.92
C LYS A 331 -34.84 7.27 3.72
N CYS A 332 -34.50 6.03 3.34
CA CYS A 332 -35.09 4.89 4.01
C CYS A 332 -34.13 3.75 4.33
N ASN A 333 -32.87 3.81 3.88
CA ASN A 333 -31.92 2.70 4.02
C ASN A 333 -32.52 1.40 3.51
N PHE A 334 -33.09 1.44 2.31
CA PHE A 334 -33.56 0.23 1.65
C PHE A 334 -33.04 0.22 0.22
N VAL A 335 -32.57 -0.94 -0.20
CA VAL A 335 -31.94 -1.12 -1.49
C VAL A 335 -33.01 -1.42 -2.54
N LEU A 336 -32.93 -0.73 -3.67
CA LEU A 336 -33.93 -0.88 -4.72
C LEU A 336 -33.72 -2.20 -5.44
N GLY A 337 -34.47 -2.41 -6.52
CA GLY A 337 -34.45 -3.67 -7.20
C GLY A 337 -33.18 -3.87 -8.01
N PRO A 338 -32.77 -5.13 -8.16
CA PRO A 338 -31.60 -5.44 -9.00
C PRO A 338 -31.88 -5.36 -10.50
N PHE A 339 -31.80 -4.14 -11.03
CA PHE A 339 -31.97 -3.95 -12.46
C PHE A 339 -30.74 -4.45 -13.22
N CYS A 340 -30.98 -4.92 -14.44
CA CYS A 340 -29.90 -5.34 -15.31
C CYS A 340 -29.53 -4.20 -16.25
N GLN A 341 -28.28 -4.20 -16.68
CA GLN A 341 -27.72 -3.12 -17.48
C GLN A 341 -27.61 -3.57 -18.93
N SER A 342 -28.24 -2.84 -19.84
CA SER A 342 -28.15 -3.10 -21.26
C SER A 342 -27.26 -2.06 -21.91
N GLN A 343 -26.44 -2.48 -22.88
CA GLN A 343 -25.38 -1.60 -23.37
C GLN A 343 -25.87 -0.62 -24.41
N ASN A 344 -26.97 0.06 -24.14
CA ASN A 344 -27.41 1.18 -24.96
C ASN A 344 -27.94 2.37 -24.17
N GLN A 345 -28.36 2.19 -22.92
CA GLN A 345 -29.01 3.26 -22.18
C GLN A 345 -28.80 3.04 -20.69
N GLU A 346 -28.45 4.11 -19.98
CA GLU A 346 -28.25 4.02 -18.54
C GLU A 346 -29.53 3.55 -17.87
N VAL A 347 -29.40 2.60 -16.94
CA VAL A 347 -30.57 2.03 -16.29
C VAL A 347 -31.24 3.11 -15.44
N LYS A 348 -32.56 3.01 -15.33
CA LYS A 348 -33.37 4.04 -14.67
C LYS A 348 -34.19 3.41 -13.55
N PRO A 349 -33.88 3.67 -12.29
CA PRO A 349 -34.73 3.18 -11.21
C PRO A 349 -35.93 4.08 -11.01
N GLY A 350 -37.04 3.47 -10.60
CA GLY A 350 -38.26 4.21 -10.37
C GLY A 350 -38.28 4.94 -9.04
N SER A 351 -39.43 4.96 -8.39
CA SER A 351 -39.56 5.59 -7.08
C SER A 351 -39.58 4.53 -5.99
N CYS A 352 -39.01 4.87 -4.85
CA CYS A 352 -38.81 3.92 -3.77
C CYS A 352 -40.14 3.30 -3.33
N PRO A 353 -40.30 2.00 -3.46
CA PRO A 353 -41.57 1.37 -3.06
C PRO A 353 -41.75 1.29 -1.55
N GLU A 354 -40.85 1.91 -0.80
CA GLU A 354 -40.91 1.90 0.65
C GLU A 354 -41.14 3.26 1.26
N CYS A 355 -40.70 4.33 0.61
CA CYS A 355 -41.00 5.66 1.10
C CYS A 355 -41.33 6.62 -0.04
N GLN A 356 -41.53 6.13 -1.26
CA GLN A 356 -41.94 6.95 -2.39
C GLN A 356 -41.04 8.17 -2.54
N SER A 357 -39.76 7.98 -2.27
CA SER A 357 -38.79 9.08 -2.27
C SER A 357 -38.05 9.16 -3.60
N ALA A 358 -38.78 9.48 -4.65
CA ALA A 358 -38.17 9.58 -5.97
C ALA A 358 -37.09 10.66 -5.98
N GLY A 359 -35.83 10.24 -6.13
CA GLY A 359 -34.72 11.15 -6.10
C GLY A 359 -33.46 10.57 -6.70
N PRO A 360 -32.35 11.26 -6.54
CA PRO A 360 -31.08 10.79 -7.13
C PRO A 360 -30.40 9.69 -6.33
N PHE A 361 -30.79 8.45 -6.56
CA PHE A 361 -30.18 7.32 -5.86
C PHE A 361 -28.72 7.15 -6.27
N GLU A 362 -27.97 6.44 -5.43
CA GLU A 362 -26.59 6.10 -5.72
C GLU A 362 -26.41 4.59 -5.63
N VAL A 363 -25.39 4.09 -6.33
CA VAL A 363 -25.20 2.66 -6.44
C VAL A 363 -24.77 2.12 -5.08
N ASN A 364 -24.83 0.79 -4.95
CA ASN A 364 -24.50 0.10 -3.70
C ASN A 364 -23.38 -0.86 -4.05
N MET A 365 -22.14 -0.43 -3.83
CA MET A 365 -20.97 -1.13 -4.35
C MET A 365 -20.83 -2.55 -3.84
N GLU A 366 -21.60 -2.96 -2.83
CA GLU A 366 -21.38 -4.25 -2.20
C GLU A 366 -22.20 -5.37 -2.79
N GLU A 367 -23.43 -5.11 -3.23
CA GLU A 367 -24.26 -6.14 -3.85
C GLU A 367 -24.24 -6.09 -5.36
N THR A 368 -23.88 -4.95 -5.95
CA THR A 368 -23.81 -4.86 -7.40
C THR A 368 -22.81 -5.88 -7.93
N ILE A 369 -23.09 -6.39 -9.13
CA ILE A 369 -22.21 -7.31 -9.82
C ILE A 369 -21.56 -6.56 -10.97
N TYR A 370 -20.29 -6.83 -11.21
CA TYR A 370 -19.58 -6.15 -12.27
C TYR A 370 -19.09 -7.17 -13.28
N GLN A 371 -18.57 -6.65 -14.39
CA GLN A 371 -18.05 -7.52 -15.43
C GLN A 371 -16.98 -6.75 -16.19
N ASN A 372 -16.01 -7.48 -16.69
CA ASN A 372 -14.95 -6.80 -17.42
C ASN A 372 -15.51 -6.17 -18.68
N TYR A 373 -14.71 -5.33 -19.30
CA TYR A 373 -15.18 -4.56 -20.44
C TYR A 373 -13.98 -4.05 -21.18
N GLN A 374 -14.05 -4.05 -22.50
CA GLN A 374 -12.96 -3.50 -23.28
C GLN A 374 -13.50 -3.17 -24.65
N ARG A 375 -12.99 -2.08 -25.22
CA ARG A 375 -13.46 -1.61 -26.52
C ARG A 375 -12.27 -1.58 -27.47
N ILE A 376 -12.47 -2.08 -28.68
CA ILE A 376 -11.40 -2.11 -29.66
C ILE A 376 -11.92 -1.55 -30.97
N ARG A 377 -11.00 -1.08 -31.80
CA ARG A 377 -11.34 -0.53 -33.11
C ARG A 377 -10.64 -1.39 -34.16
N ILE A 378 -11.38 -2.17 -34.83
CA ILE A 378 -10.87 -3.07 -35.85
C ILE A 378 -10.94 -2.33 -37.18
N GLN A 379 -10.02 -2.61 -38.10
CA GLN A 379 -10.11 -1.99 -39.41
C GLN A 379 -9.60 -2.95 -40.46
N GLU A 380 -9.99 -2.70 -41.70
CA GLU A 380 -9.71 -3.61 -42.80
C GLU A 380 -8.24 -3.93 -42.88
N SER A 381 -7.93 -5.14 -43.34
CA SER A 381 -6.55 -5.54 -43.49
C SER A 381 -5.88 -4.66 -44.55
N PRO A 382 -4.58 -4.44 -44.44
CA PRO A 382 -3.92 -3.47 -45.34
C PRO A 382 -4.09 -3.78 -46.81
N GLY A 383 -3.62 -4.95 -47.25
CA GLY A 383 -3.59 -5.23 -48.66
C GLY A 383 -4.68 -6.17 -49.12
N LYS A 384 -5.44 -6.72 -48.17
CA LYS A 384 -6.43 -7.72 -48.49
C LYS A 384 -7.51 -7.19 -49.42
N VAL A 385 -8.30 -6.25 -48.93
CA VAL A 385 -9.42 -5.71 -49.70
C VAL A 385 -9.23 -4.25 -50.06
N ALA A 386 -8.41 -3.50 -49.31
CA ALA A 386 -8.24 -2.09 -49.60
C ALA A 386 -7.45 -1.99 -50.90
N ALA A 387 -8.17 -2.19 -52.01
CA ALA A 387 -7.54 -2.28 -53.32
C ALA A 387 -7.24 -0.90 -53.90
N GLY A 388 -8.28 -0.09 -54.11
CA GLY A 388 -8.10 1.23 -54.67
C GLY A 388 -8.86 2.30 -53.91
N ARG A 389 -8.96 2.14 -52.59
CA ARG A 389 -9.74 3.05 -51.76
C ARG A 389 -9.11 3.11 -50.38
N LEU A 390 -9.75 3.84 -49.49
CA LEU A 390 -9.28 3.94 -48.11
C LEU A 390 -9.86 2.82 -47.27
N PRO A 391 -9.22 2.48 -46.15
CA PRO A 391 -9.70 1.37 -45.34
C PRO A 391 -10.70 1.79 -44.29
N ARG A 392 -11.84 1.10 -44.23
CA ARG A 392 -12.87 1.40 -43.26
C ARG A 392 -12.55 0.75 -41.91
N SER A 393 -13.38 1.03 -40.91
CA SER A 393 -13.14 0.52 -39.57
C SER A 393 -14.46 0.32 -38.86
N LYS A 394 -14.40 -0.34 -37.71
CA LYS A 394 -15.57 -0.64 -36.92
C LYS A 394 -15.17 -0.76 -35.46
N ASP A 395 -16.16 -0.70 -34.59
CA ASP A 395 -15.96 -0.87 -33.15
C ASP A 395 -16.32 -2.29 -32.74
N ALA A 396 -15.77 -2.71 -31.61
CA ALA A 396 -16.12 -4.00 -31.05
C ALA A 396 -16.02 -3.90 -29.54
N ILE A 397 -16.83 -4.69 -28.85
CA ILE A 397 -16.93 -4.65 -27.41
C ILE A 397 -16.67 -6.05 -26.87
N LEU A 398 -15.52 -6.26 -26.26
CA LEU A 398 -15.20 -7.54 -25.64
C LEU A 398 -15.64 -7.51 -24.17
N LEU A 399 -16.48 -8.46 -23.81
CA LEU A 399 -17.00 -8.61 -22.46
C LEU A 399 -16.15 -9.61 -21.68
N ALA A 400 -16.69 -10.14 -20.58
CA ALA A 400 -15.93 -10.68 -19.46
C ALA A 400 -14.74 -11.58 -19.81
N ASP A 401 -14.97 -12.72 -20.43
CA ASP A 401 -13.86 -13.65 -20.61
C ASP A 401 -12.95 -13.27 -21.75
N LEU A 402 -13.40 -12.38 -22.63
CA LEU A 402 -12.70 -12.12 -23.86
C LEU A 402 -11.62 -11.06 -23.72
N VAL A 403 -11.75 -10.16 -22.73
CA VAL A 403 -10.90 -8.99 -22.65
C VAL A 403 -9.43 -9.40 -22.71
N ASP A 404 -8.61 -8.54 -23.34
CA ASP A 404 -7.21 -8.83 -23.57
C ASP A 404 -7.02 -10.14 -24.32
N SER A 405 -7.73 -10.27 -25.44
CA SER A 405 -7.51 -11.35 -26.39
C SER A 405 -6.70 -10.91 -27.60
N CYS A 406 -6.26 -9.65 -27.63
CA CYS A 406 -5.70 -9.08 -28.85
C CYS A 406 -5.08 -7.72 -28.53
N LYS A 407 -3.98 -7.42 -29.21
CA LYS A 407 -3.23 -6.20 -29.01
C LYS A 407 -3.13 -5.41 -30.31
N PRO A 408 -2.94 -4.10 -30.26
CA PRO A 408 -2.79 -3.32 -31.48
C PRO A 408 -1.71 -3.89 -32.40
N GLY A 409 -2.10 -4.27 -33.60
CA GLY A 409 -1.23 -4.92 -34.55
C GLY A 409 -1.62 -6.34 -34.87
N ASP A 410 -2.39 -6.98 -34.01
CA ASP A 410 -2.81 -8.35 -34.25
C ASP A 410 -3.82 -8.41 -35.40
N GLU A 411 -3.90 -9.58 -36.02
CA GLU A 411 -4.89 -9.86 -37.05
C GLU A 411 -5.86 -10.87 -36.47
N ILE A 412 -7.12 -10.48 -36.33
CA ILE A 412 -8.09 -11.33 -35.66
C ILE A 412 -9.24 -11.60 -36.62
N GLU A 413 -10.25 -12.32 -36.15
CA GLU A 413 -11.47 -12.50 -36.94
C GLU A 413 -12.65 -12.62 -35.98
N LEU A 414 -13.37 -11.51 -35.83
CA LEU A 414 -14.48 -11.45 -34.92
C LEU A 414 -15.57 -12.43 -35.29
N THR A 415 -16.54 -12.52 -34.39
CA THR A 415 -17.79 -13.23 -34.65
C THR A 415 -18.78 -12.64 -33.65
N GLY A 416 -19.66 -11.77 -34.11
CA GLY A 416 -20.49 -11.13 -33.12
C GLY A 416 -21.73 -10.50 -33.70
N ILE A 417 -22.73 -10.36 -32.84
CA ILE A 417 -23.92 -9.61 -33.20
C ILE A 417 -23.52 -8.23 -33.64
N TYR A 418 -24.15 -7.74 -34.69
CA TYR A 418 -23.90 -6.42 -35.24
C TYR A 418 -25.03 -5.54 -34.77
N HIS A 419 -24.79 -4.78 -33.72
CA HIS A 419 -25.83 -4.14 -32.94
C HIS A 419 -25.71 -2.64 -33.12
N ASN A 420 -26.85 -1.96 -33.29
CA ASN A 420 -26.84 -0.52 -33.47
C ASN A 420 -27.43 0.16 -32.24
N ASN A 421 -27.17 1.45 -32.12
CA ASN A 421 -27.68 2.24 -31.00
C ASN A 421 -27.71 3.70 -31.38
N TYR A 422 -28.65 4.44 -30.80
CA TYR A 422 -28.87 5.81 -31.20
C TYR A 422 -27.82 6.73 -30.60
N ASP A 423 -27.30 7.63 -31.42
CA ASP A 423 -26.36 8.66 -31.01
C ASP A 423 -26.93 10.02 -31.39
N GLY A 424 -26.82 10.98 -30.48
CA GLY A 424 -27.31 12.31 -30.73
C GLY A 424 -26.34 13.24 -31.43
N SER A 425 -25.08 12.87 -31.50
CA SER A 425 -24.09 13.72 -32.15
C SER A 425 -24.12 13.58 -33.66
N LEU A 426 -24.06 12.34 -34.16
CA LEU A 426 -24.11 12.10 -35.59
C LEU A 426 -25.33 12.76 -36.22
N ASN A 427 -26.45 12.78 -35.49
CA ASN A 427 -27.65 13.43 -35.99
C ASN A 427 -27.45 14.92 -36.16
N THR A 428 -26.56 15.52 -35.37
CA THR A 428 -26.30 16.95 -35.44
C THR A 428 -25.15 17.29 -36.39
N ALA A 429 -24.45 16.29 -36.91
CA ALA A 429 -23.44 16.53 -37.93
C ALA A 429 -23.95 16.23 -39.33
N ASN A 430 -24.59 15.07 -39.52
CA ASN A 430 -25.07 14.68 -40.82
C ASN A 430 -26.42 15.31 -41.18
N GLY A 431 -27.13 15.85 -40.19
CA GLY A 431 -28.40 16.47 -40.44
C GLY A 431 -29.56 15.52 -40.62
N PHE A 432 -29.34 14.22 -40.54
CA PHE A 432 -30.37 13.21 -40.71
C PHE A 432 -30.34 12.28 -39.52
N PRO A 433 -31.42 11.57 -39.24
CA PRO A 433 -31.39 10.60 -38.15
C PRO A 433 -30.50 9.43 -38.50
N VAL A 434 -29.35 9.34 -37.85
CA VAL A 434 -28.32 8.38 -38.16
C VAL A 434 -27.88 7.71 -36.87
N PHE A 435 -27.74 6.39 -36.89
CA PHE A 435 -27.42 5.64 -35.70
C PHE A 435 -26.01 5.08 -35.80
N ALA A 436 -25.38 4.85 -34.65
CA ALA A 436 -24.07 4.26 -34.64
C ALA A 436 -24.19 2.75 -34.53
N THR A 437 -23.14 2.04 -34.92
CA THR A 437 -23.13 0.59 -34.91
C THR A 437 -21.87 0.08 -34.22
N VAL A 438 -21.96 -1.14 -33.69
CA VAL A 438 -20.88 -1.72 -32.93
C VAL A 438 -21.08 -3.23 -32.92
N ILE A 439 -19.99 -3.98 -32.91
CA ILE A 439 -20.04 -5.42 -32.97
C ILE A 439 -19.83 -5.97 -31.56
N LEU A 440 -20.85 -6.57 -30.98
CA LEU A 440 -20.73 -7.19 -29.67
C LEU A 440 -20.06 -8.55 -29.84
N ALA A 441 -18.75 -8.56 -29.75
CA ALA A 441 -18.00 -9.74 -30.14
C ALA A 441 -18.39 -10.95 -29.30
N ASN A 442 -18.43 -12.11 -29.97
CA ASN A 442 -18.81 -13.36 -29.36
C ASN A 442 -17.74 -14.43 -29.46
N HIS A 443 -16.73 -14.25 -30.31
CA HIS A 443 -15.62 -15.19 -30.36
C HIS A 443 -14.47 -14.59 -31.14
N VAL A 444 -13.28 -14.54 -30.54
CA VAL A 444 -12.12 -13.90 -31.16
C VAL A 444 -11.03 -14.95 -31.32
N ALA A 445 -10.63 -15.19 -32.56
CA ALA A 445 -9.65 -16.23 -32.86
C ALA A 445 -8.54 -15.61 -33.70
N LYS A 446 -7.38 -15.38 -33.11
CA LYS A 446 -6.30 -14.73 -33.83
C LYS A 446 -5.87 -15.56 -35.02
N LYS A 447 -5.32 -14.89 -36.03
CA LYS A 447 -4.71 -15.52 -37.20
C LYS A 447 -3.31 -14.94 -37.32
N ASP A 448 -2.35 -15.56 -36.66
CA ASP A 448 -0.98 -15.07 -36.68
C ASP A 448 -0.06 -16.28 -36.56
N ASN A 449 1.21 -16.02 -36.25
CA ASN A 449 2.20 -17.07 -36.05
C ASN A 449 2.35 -17.33 -34.55
N LYS A 450 2.31 -18.60 -34.16
CA LYS A 450 2.39 -18.97 -32.76
C LYS A 450 3.80 -19.43 -32.39
N ASP A 460 8.91 -36.43 -30.95
CA ASP A 460 9.17 -35.17 -31.64
C ASP A 460 10.66 -34.90 -31.71
N VAL A 461 11.37 -35.25 -30.63
CA VAL A 461 12.81 -35.09 -30.60
C VAL A 461 13.52 -36.30 -31.18
N LYS A 462 12.89 -37.48 -31.11
CA LYS A 462 13.57 -38.74 -31.43
C LYS A 462 14.25 -38.72 -32.79
N MET A 463 13.71 -37.97 -33.75
CA MET A 463 14.46 -37.72 -34.98
C MET A 463 15.62 -36.79 -34.72
N ILE A 464 15.34 -35.65 -34.10
CA ILE A 464 16.35 -34.60 -33.89
C ILE A 464 17.59 -35.16 -33.20
N THR A 465 17.42 -36.21 -32.40
CA THR A 465 18.57 -36.85 -31.77
C THR A 465 19.61 -37.26 -32.80
N SER A 466 19.25 -38.16 -33.71
CA SER A 466 20.20 -38.62 -34.72
C SER A 466 20.50 -37.53 -35.75
N LEU A 467 19.54 -36.65 -36.04
CA LEU A 467 19.81 -35.59 -37.00
C LEU A 467 20.88 -34.63 -36.49
N SER A 468 20.89 -34.36 -35.19
CA SER A 468 21.98 -33.60 -34.59
C SER A 468 23.23 -34.45 -34.44
N LYS A 469 23.08 -35.77 -34.24
CA LYS A 469 24.21 -36.68 -34.11
C LYS A 469 24.80 -37.07 -35.46
N ASP A 470 24.35 -36.46 -36.54
CA ASP A 470 25.00 -36.65 -37.84
C ASP A 470 26.47 -36.24 -37.82
N GLN A 471 26.85 -35.35 -36.90
CA GLN A 471 28.21 -34.84 -36.75
C GLN A 471 28.56 -33.90 -37.89
N GLN A 472 27.70 -33.81 -38.90
CA GLN A 472 27.92 -32.97 -40.07
C GLN A 472 26.65 -32.22 -40.40
N ILE A 473 26.02 -31.64 -39.39
CA ILE A 473 24.81 -30.84 -39.60
C ILE A 473 25.15 -29.44 -40.07
N GLY A 474 26.39 -29.00 -39.95
CA GLY A 474 26.80 -27.68 -40.38
C GLY A 474 26.55 -27.39 -41.83
N GLU A 475 27.15 -28.18 -42.73
CA GLU A 475 26.91 -28.01 -44.15
C GLU A 475 25.42 -28.18 -44.49
N LYS A 476 24.77 -29.16 -43.87
CA LYS A 476 23.38 -29.46 -44.19
C LYS A 476 22.44 -28.34 -43.76
N ILE A 477 22.83 -27.53 -42.78
CA ILE A 477 21.95 -26.43 -42.38
C ILE A 477 22.33 -25.14 -43.08
N PHE A 478 23.61 -24.94 -43.42
CA PHE A 478 24.02 -23.68 -44.03
C PHE A 478 23.25 -23.44 -45.31
N ALA A 479 23.11 -24.46 -46.15
CA ALA A 479 22.36 -24.33 -47.40
C ALA A 479 20.90 -24.69 -47.20
N SER A 480 20.29 -24.11 -46.17
CA SER A 480 18.85 -24.21 -45.95
C SER A 480 18.29 -22.81 -45.76
N ILE A 481 19.10 -21.94 -45.18
CA ILE A 481 18.81 -20.52 -45.19
C ILE A 481 19.36 -19.94 -46.49
N ALA A 482 18.90 -18.73 -46.82
CA ALA A 482 19.11 -18.16 -48.14
C ALA A 482 18.66 -19.18 -49.17
N PRO A 483 17.36 -19.42 -49.28
CA PRO A 483 16.90 -20.55 -50.11
C PRO A 483 17.10 -20.32 -51.60
N SER A 484 16.88 -19.09 -52.06
CA SER A 484 17.04 -18.79 -53.48
C SER A 484 18.44 -18.26 -53.80
N ILE A 485 18.82 -17.15 -53.18
CA ILE A 485 20.02 -16.41 -53.53
C ILE A 485 21.24 -17.32 -53.59
N TYR A 486 21.88 -17.35 -54.76
CA TYR A 486 23.02 -18.20 -55.02
C TYR A 486 24.29 -17.58 -54.43
N GLY A 487 25.25 -18.44 -54.12
CA GLY A 487 26.49 -17.98 -53.57
C GLY A 487 26.35 -17.49 -52.14
N HIS A 488 27.43 -16.87 -51.67
CA HIS A 488 27.50 -16.28 -50.33
C HIS A 488 27.41 -17.31 -49.22
N GLU A 489 27.94 -18.52 -49.46
CA GLU A 489 28.10 -19.46 -48.35
C GLU A 489 29.05 -18.95 -47.29
N ASP A 490 29.72 -17.82 -47.55
CA ASP A 490 30.46 -17.13 -46.50
C ASP A 490 29.52 -16.46 -45.52
N ILE A 491 28.68 -15.55 -46.02
CA ILE A 491 27.81 -14.79 -45.15
C ILE A 491 26.67 -15.66 -44.61
N LYS A 492 26.32 -16.72 -45.35
CA LYS A 492 25.38 -17.71 -44.81
C LYS A 492 25.85 -18.20 -43.46
N ARG A 493 27.15 -18.48 -43.35
CA ARG A 493 27.73 -18.96 -42.10
C ARG A 493 27.49 -17.96 -40.97
N GLY A 494 27.86 -16.70 -41.20
CA GLY A 494 27.72 -15.70 -40.16
C GLY A 494 26.28 -15.49 -39.74
N LEU A 495 25.37 -15.41 -40.72
CA LEU A 495 23.98 -15.17 -40.39
C LEU A 495 23.36 -16.37 -39.66
N ALA A 496 23.77 -17.59 -40.03
CA ALA A 496 23.33 -18.76 -39.29
C ALA A 496 23.82 -18.71 -37.86
N LEU A 497 25.09 -18.32 -37.68
CA LEU A 497 25.62 -18.09 -36.34
C LEU A 497 24.74 -17.12 -35.58
N ALA A 498 24.27 -16.07 -36.26
CA ALA A 498 23.51 -15.04 -35.58
C ALA A 498 22.12 -15.55 -35.20
N LEU A 499 21.48 -16.33 -36.08
CA LEU A 499 20.06 -16.64 -35.92
C LEU A 499 19.78 -17.32 -34.59
N PHE A 500 20.37 -18.50 -34.37
CA PHE A 500 20.20 -19.16 -33.07
C PHE A 500 20.78 -18.32 -31.93
N GLY A 501 21.88 -17.63 -32.19
CA GLY A 501 22.45 -16.73 -31.21
C GLY A 501 23.73 -17.29 -30.60
N GLY A 502 23.77 -17.33 -29.27
CA GLY A 502 24.94 -17.70 -28.52
C GLY A 502 24.54 -18.08 -27.11
N GLU A 503 25.29 -17.62 -26.12
CA GLU A 503 24.83 -17.81 -24.75
C GLU A 503 24.98 -16.51 -23.96
N PRO A 504 23.87 -15.99 -23.40
CA PRO A 504 23.89 -14.73 -22.66
C PRO A 504 24.27 -14.92 -21.20
N LYS A 505 25.50 -15.36 -20.97
CA LYS A 505 25.96 -15.64 -19.62
C LYS A 505 26.01 -14.35 -18.79
N ASN A 506 25.75 -14.49 -17.49
CA ASN A 506 25.85 -13.37 -16.58
C ASN A 506 27.19 -13.44 -15.87
N PRO A 507 28.11 -12.51 -16.13
CA PRO A 507 29.41 -12.56 -15.43
C PRO A 507 29.23 -12.30 -13.94
N GLY A 508 29.95 -13.09 -13.14
CA GLY A 508 29.88 -12.97 -11.70
C GLY A 508 30.59 -11.78 -11.10
N GLY A 509 31.09 -10.87 -11.93
CA GLY A 509 31.75 -9.67 -11.43
C GLY A 509 30.95 -8.41 -11.66
N LYS A 510 29.65 -8.57 -11.94
CA LYS A 510 28.77 -7.46 -12.27
C LYS A 510 29.33 -6.63 -13.42
N HIS A 511 29.42 -7.29 -14.58
CA HIS A 511 29.89 -6.64 -15.80
C HIS A 511 28.88 -6.71 -16.93
N LYS A 512 27.88 -7.58 -16.83
CA LYS A 512 26.74 -7.64 -17.76
C LYS A 512 27.21 -7.73 -19.21
N VAL A 513 27.84 -8.86 -19.52
CA VAL A 513 28.13 -9.17 -20.91
C VAL A 513 26.83 -9.58 -21.61
N ARG A 514 26.71 -9.23 -22.88
CA ARG A 514 25.49 -9.47 -23.63
C ARG A 514 25.60 -10.75 -24.45
N GLY A 515 24.43 -11.35 -24.73
CA GLY A 515 24.38 -12.58 -25.48
C GLY A 515 23.64 -12.44 -26.79
N ASP A 516 23.82 -11.31 -27.46
CA ASP A 516 23.18 -11.03 -28.73
C ASP A 516 24.23 -10.80 -29.80
N ILE A 517 24.06 -11.45 -30.95
CA ILE A 517 24.92 -11.26 -32.10
C ILE A 517 24.27 -10.25 -33.03
N ASN A 518 24.99 -9.16 -33.30
CA ASN A 518 24.53 -8.12 -34.20
C ASN A 518 25.37 -8.14 -35.47
N VAL A 519 24.72 -8.03 -36.62
CA VAL A 519 25.39 -8.14 -37.90
C VAL A 519 25.25 -6.82 -38.63
N LEU A 520 26.19 -6.55 -39.54
CA LEU A 520 26.13 -5.35 -40.36
C LEU A 520 26.65 -5.68 -41.75
N LEU A 521 25.74 -5.93 -42.68
CA LEU A 521 26.11 -6.13 -44.07
C LEU A 521 26.56 -4.81 -44.68
N CYS A 522 27.15 -4.91 -45.87
CA CYS A 522 27.53 -3.75 -46.66
C CYS A 522 27.98 -4.21 -48.02
N GLY A 523 27.70 -3.43 -49.04
CA GLY A 523 28.11 -3.81 -50.38
C GLY A 523 27.36 -3.04 -51.44
N ASP A 524 27.92 -3.06 -52.65
CA ASP A 524 27.37 -2.27 -53.74
C ASP A 524 25.93 -2.66 -54.02
N PRO A 525 25.16 -1.75 -54.61
CA PRO A 525 23.74 -2.02 -54.84
C PRO A 525 23.52 -3.14 -55.86
N GLY A 526 22.56 -3.99 -55.56
CA GLY A 526 22.19 -5.08 -56.43
C GLY A 526 22.74 -6.42 -56.04
N THR A 527 22.85 -6.72 -54.75
CA THR A 527 23.46 -7.96 -54.29
C THR A 527 22.62 -8.61 -53.21
N ALA A 528 21.30 -8.44 -53.30
CA ALA A 528 20.36 -9.23 -52.52
C ALA A 528 20.59 -9.09 -51.02
N LYS A 529 21.03 -7.91 -50.57
CA LYS A 529 21.06 -7.63 -49.15
C LYS A 529 19.64 -7.61 -48.58
N SER A 530 18.77 -6.81 -49.20
CA SER A 530 17.40 -6.66 -48.70
C SER A 530 16.69 -7.99 -48.65
N GLN A 531 16.98 -8.89 -49.59
CA GLN A 531 16.37 -10.22 -49.54
C GLN A 531 16.88 -11.00 -48.34
N PHE A 532 18.16 -10.86 -48.01
CA PHE A 532 18.68 -11.49 -46.81
C PHE A 532 17.97 -10.97 -45.58
N LEU A 533 17.55 -9.71 -45.59
CA LEU A 533 16.75 -9.20 -44.48
C LEU A 533 15.35 -9.81 -44.48
N LYS A 534 14.72 -9.86 -45.65
CA LYS A 534 13.32 -10.25 -45.71
C LYS A 534 13.13 -11.73 -45.40
N TYR A 535 14.05 -12.58 -45.84
CA TYR A 535 13.93 -14.01 -45.52
C TYR A 535 14.12 -14.27 -44.03
N ILE A 536 15.01 -13.51 -43.38
CA ILE A 536 15.17 -13.65 -41.94
C ILE A 536 13.96 -13.11 -41.21
N GLU A 537 13.24 -12.17 -41.83
CA GLU A 537 11.93 -11.82 -41.26
C GLU A 537 11.04 -13.05 -41.14
N LYS A 538 11.03 -13.90 -42.17
CA LYS A 538 10.13 -15.04 -42.18
C LYS A 538 10.62 -16.16 -41.28
N VAL A 539 11.84 -16.65 -41.52
CA VAL A 539 12.29 -17.87 -40.85
C VAL A 539 12.32 -17.69 -39.33
N SER A 540 12.65 -16.49 -38.85
CA SER A 540 12.79 -16.27 -37.42
C SER A 540 11.40 -16.23 -36.77
N SER A 541 11.36 -15.90 -35.49
CA SER A 541 10.09 -15.79 -34.78
C SER A 541 10.07 -14.50 -33.98
N ARG A 542 8.87 -13.94 -33.82
CA ARG A 542 8.66 -12.70 -33.08
C ARG A 542 9.49 -11.56 -33.64
N ALA A 543 9.82 -11.63 -34.93
CA ALA A 543 10.65 -10.63 -35.56
C ALA A 543 9.83 -9.40 -35.95
N ILE A 544 10.53 -8.28 -36.07
CA ILE A 544 9.93 -7.06 -36.60
C ILE A 544 10.83 -6.52 -37.69
N PHE A 545 10.50 -5.35 -38.21
CA PHE A 545 11.20 -4.82 -39.37
C PHE A 545 11.03 -3.32 -39.40
N THR A 546 12.01 -2.64 -40.00
CA THR A 546 11.92 -1.20 -40.17
C THR A 546 12.93 -0.77 -41.23
N THR A 547 12.69 0.43 -41.77
CA THR A 547 13.66 1.10 -42.62
C THR A 547 14.29 2.24 -41.82
N GLY A 548 15.32 2.84 -42.40
CA GLY A 548 16.03 3.89 -41.71
C GLY A 548 15.79 5.26 -42.30
N GLN A 549 14.97 5.32 -43.35
CA GLN A 549 14.68 6.58 -44.02
C GLN A 549 13.68 7.41 -43.20
N GLY A 555 10.09 6.50 -34.63
CA GLY A 555 9.43 5.22 -34.49
C GLY A 555 10.29 4.15 -33.83
N LEU A 556 11.54 4.51 -33.52
CA LEU A 556 12.47 3.55 -32.92
C LEU A 556 12.19 3.37 -31.43
N THR A 557 11.64 4.39 -30.78
CA THR A 557 11.33 4.35 -29.36
C THR A 557 9.86 4.69 -29.14
N ALA A 558 9.38 4.38 -27.94
CA ALA A 558 8.00 4.65 -27.59
C ALA A 558 7.72 6.14 -27.63
N TYR A 559 6.55 6.50 -28.13
CA TYR A 559 6.22 7.90 -28.37
C TYR A 559 4.77 8.15 -27.97
N VAL A 560 4.48 9.39 -27.60
CA VAL A 560 3.13 9.76 -27.22
C VAL A 560 2.26 9.77 -28.47
N GLN A 561 1.06 9.22 -28.33
CA GLN A 561 0.14 9.05 -29.45
C GLN A 561 -1.29 9.22 -28.97
N ARG A 562 -2.10 9.91 -29.77
CA ARG A 562 -3.53 10.06 -29.47
C ARG A 562 -4.25 8.85 -30.03
N HIS A 563 -4.85 8.06 -29.14
CA HIS A 563 -5.41 6.78 -29.53
C HIS A 563 -6.52 6.98 -30.56
N PRO A 564 -6.60 6.12 -31.58
CA PRO A 564 -7.73 6.21 -32.52
C PRO A 564 -9.09 6.09 -31.85
N VAL A 565 -9.27 5.12 -30.96
CA VAL A 565 -10.57 4.86 -30.35
C VAL A 565 -10.75 5.68 -29.08
N SER A 566 -9.91 5.43 -28.09
CA SER A 566 -10.12 5.98 -26.75
C SER A 566 -9.99 7.51 -26.71
N ARG A 567 -9.31 8.10 -27.68
CA ARG A 567 -9.10 9.54 -27.75
C ARG A 567 -8.35 10.08 -26.53
N GLU A 568 -7.48 9.26 -25.93
CA GLU A 568 -6.59 9.71 -24.89
C GLU A 568 -5.16 9.73 -25.41
N TRP A 569 -4.35 10.62 -24.85
CA TRP A 569 -2.97 10.78 -25.29
C TRP A 569 -2.09 9.80 -24.53
N THR A 570 -2.04 8.57 -25.06
CA THR A 570 -1.31 7.48 -24.44
C THR A 570 0.13 7.43 -24.93
N LEU A 571 0.84 6.37 -24.55
CA LEU A 571 2.18 6.09 -25.03
C LEU A 571 2.14 4.79 -25.82
N GLU A 572 2.76 4.81 -27.00
CA GLU A 572 2.79 3.64 -27.87
C GLU A 572 4.21 3.14 -28.05
N ALA A 573 4.32 1.84 -28.27
CA ALA A 573 5.59 1.16 -28.38
C ALA A 573 6.30 1.52 -29.69
N GLY A 574 7.62 1.55 -29.63
CA GLY A 574 8.42 1.97 -30.77
C GLY A 574 8.74 0.85 -31.73
N ALA A 575 10.03 0.66 -32.01
CA ALA A 575 10.45 -0.43 -32.88
C ALA A 575 11.63 -1.21 -32.31
N LEU A 576 12.16 -0.81 -31.16
CA LEU A 576 13.18 -1.58 -30.47
C LEU A 576 12.64 -2.29 -29.24
N VAL A 577 11.39 -2.04 -28.86
CA VAL A 577 10.76 -2.74 -27.75
C VAL A 577 9.85 -3.86 -28.21
N LEU A 578 9.55 -3.94 -29.51
CA LEU A 578 8.79 -5.04 -30.08
C LEU A 578 9.69 -6.21 -30.46
N ALA A 579 10.99 -6.08 -30.28
CA ALA A 579 11.92 -7.20 -30.43
C ALA A 579 12.60 -7.49 -29.10
N ASP A 580 11.88 -7.28 -27.99
CA ASP A 580 12.48 -7.36 -26.66
C ASP A 580 13.14 -8.70 -26.38
N ARG A 581 12.85 -9.72 -27.20
CA ARG A 581 13.56 -10.99 -27.12
C ARG A 581 13.97 -11.56 -28.47
N GLY A 582 13.42 -11.06 -29.58
CA GLY A 582 13.72 -11.58 -30.89
C GLY A 582 14.73 -10.77 -31.65
N VAL A 583 14.45 -10.44 -32.91
CA VAL A 583 15.39 -9.76 -33.77
C VAL A 583 14.79 -8.43 -34.23
N CYS A 584 15.67 -7.49 -34.57
CA CYS A 584 15.28 -6.20 -35.11
C CYS A 584 15.99 -6.00 -36.43
N LEU A 585 15.22 -5.94 -37.51
CA LEU A 585 15.76 -5.83 -38.86
C LEU A 585 15.75 -4.37 -39.29
N ILE A 586 16.89 -3.75 -39.25
CA ILE A 586 17.04 -2.37 -39.68
C ILE A 586 17.43 -2.35 -41.14
N ASP A 587 16.84 -1.44 -41.90
CA ASP A 587 17.16 -1.25 -43.31
C ASP A 587 17.47 0.22 -43.56
N GLU A 588 18.29 0.46 -44.58
CA GLU A 588 18.77 1.81 -44.87
C GLU A 588 19.39 2.44 -43.62
N PHE A 589 20.36 1.72 -43.05
CA PHE A 589 20.99 2.17 -41.81
C PHE A 589 21.56 3.57 -41.95
N ASP A 590 22.06 3.92 -43.14
CA ASP A 590 22.71 5.21 -43.33
C ASP A 590 21.74 6.36 -43.14
N LYS A 591 20.50 6.17 -43.57
CA LYS A 591 19.54 7.26 -43.59
C LYS A 591 19.02 7.61 -42.20
N MET A 592 19.59 7.05 -41.14
CA MET A 592 19.15 7.40 -39.80
C MET A 592 19.49 8.85 -39.48
N ASN A 593 18.71 9.43 -38.57
CA ASN A 593 18.89 10.80 -38.14
C ASN A 593 19.71 10.88 -36.87
N ASP A 594 20.15 12.09 -36.55
CA ASP A 594 21.07 12.26 -35.42
C ASP A 594 20.43 11.78 -34.12
N GLN A 595 19.16 12.12 -33.91
CA GLN A 595 18.48 11.57 -32.74
C GLN A 595 18.42 10.06 -32.80
N ASP A 596 18.14 9.51 -33.98
CA ASP A 596 18.08 8.07 -34.13
C ASP A 596 19.44 7.44 -33.87
N ARG A 597 20.52 8.09 -34.31
CA ARG A 597 21.85 7.55 -34.08
C ARG A 597 22.21 7.60 -32.60
N THR A 598 21.93 8.72 -31.93
CA THR A 598 22.24 8.80 -30.51
C THR A 598 21.33 7.91 -29.66
N SER A 599 20.21 7.45 -30.22
CA SER A 599 19.35 6.53 -29.50
C SER A 599 19.64 5.07 -29.79
N ILE A 600 20.23 4.74 -30.94
CA ILE A 600 20.48 3.33 -31.25
C ILE A 600 21.67 2.81 -30.45
N HIS A 601 22.70 3.63 -30.27
CA HIS A 601 23.89 3.15 -29.59
C HIS A 601 23.63 2.82 -28.13
N GLU A 602 22.73 3.57 -27.48
CA GLU A 602 22.47 3.32 -26.07
C GLU A 602 22.01 1.89 -25.82
N ALA A 603 21.20 1.35 -26.73
CA ALA A 603 20.61 0.04 -26.51
C ALA A 603 21.59 -1.10 -26.79
N MET A 604 22.73 -0.83 -27.42
CA MET A 604 23.66 -1.90 -27.74
C MET A 604 24.35 -2.42 -26.48
N GLU A 605 25.07 -1.54 -25.78
CA GLU A 605 25.85 -1.95 -24.62
C GLU A 605 25.09 -1.80 -23.30
N GLN A 606 23.81 -1.43 -23.35
CA GLN A 606 23.03 -1.35 -22.13
C GLN A 606 21.74 -2.15 -22.24
N GLN A 607 21.16 -2.19 -23.44
CA GLN A 607 19.95 -2.98 -23.71
C GLN A 607 18.79 -2.57 -22.82
N SER A 608 18.67 -1.27 -22.56
CA SER A 608 17.63 -0.77 -21.68
C SER A 608 17.43 0.71 -21.96
N ILE A 609 16.19 1.12 -22.13
CA ILE A 609 15.84 2.47 -22.55
C ILE A 609 15.08 3.16 -21.45
N SER A 610 15.31 4.47 -21.30
CA SER A 610 14.52 5.33 -20.43
C SER A 610 13.72 6.31 -21.26
N ILE A 611 12.52 6.63 -20.80
CA ILE A 611 11.58 7.50 -21.49
C ILE A 611 11.06 8.50 -20.47
N SER A 612 11.68 9.67 -20.41
CA SER A 612 11.17 10.78 -19.60
C SER A 612 10.37 11.74 -20.47
N LYS A 613 9.37 11.21 -21.16
CA LYS A 613 8.65 11.95 -22.17
C LYS A 613 7.52 12.76 -21.54
N ALA A 614 6.70 13.37 -22.41
CA ALA A 614 5.54 14.10 -21.96
C ALA A 614 4.57 13.18 -21.23
N GLY A 615 4.56 11.90 -21.56
CA GLY A 615 3.67 10.98 -20.88
C GLY A 615 4.07 10.76 -19.44
N ILE A 616 5.18 10.05 -19.21
CA ILE A 616 5.63 9.77 -17.84
C ILE A 616 7.03 9.17 -17.90
N VAL A 617 7.77 9.29 -16.80
CA VAL A 617 9.15 8.83 -16.73
C VAL A 617 9.18 7.33 -16.42
N THR A 618 9.63 6.54 -17.39
CA THR A 618 9.71 5.09 -17.27
C THR A 618 11.09 4.60 -17.70
N SER A 619 11.38 3.34 -17.38
CA SER A 619 12.62 2.69 -17.83
C SER A 619 12.25 1.26 -18.18
N LEU A 620 12.19 0.96 -19.47
CA LEU A 620 11.75 -0.32 -19.96
C LEU A 620 12.93 -1.18 -20.40
N GLN A 621 12.63 -2.34 -20.97
CA GLN A 621 13.64 -3.32 -21.37
C GLN A 621 13.66 -3.46 -22.89
N ALA A 622 14.85 -3.74 -23.42
CA ALA A 622 15.02 -3.96 -24.86
C ALA A 622 16.21 -4.89 -25.05
N ARG A 623 15.94 -6.17 -25.33
CA ARG A 623 16.97 -7.17 -25.56
C ARG A 623 16.76 -7.74 -26.96
N CYS A 624 17.34 -7.08 -27.96
CA CYS A 624 17.17 -7.48 -29.35
C CYS A 624 18.51 -7.60 -30.03
N THR A 625 18.56 -8.45 -31.06
CA THR A 625 19.72 -8.58 -31.91
C THR A 625 19.47 -7.81 -33.20
N VAL A 626 20.43 -6.97 -33.58
CA VAL A 626 20.26 -6.02 -34.67
C VAL A 626 20.85 -6.59 -35.94
N ILE A 627 20.08 -6.56 -37.02
CA ILE A 627 20.49 -7.07 -38.32
C ILE A 627 20.25 -5.96 -39.33
N ALA A 628 21.31 -5.28 -39.74
CA ALA A 628 21.20 -4.12 -40.61
C ALA A 628 22.16 -4.22 -41.78
N ALA A 629 21.95 -3.36 -42.78
CA ALA A 629 22.78 -3.33 -43.98
C ALA A 629 22.95 -1.89 -44.44
N ALA A 630 24.19 -1.44 -44.50
CA ALA A 630 24.49 -0.09 -44.93
C ALA A 630 24.80 -0.08 -46.43
N ASN A 631 25.27 1.04 -46.94
CA ASN A 631 25.57 1.22 -48.34
C ASN A 631 26.98 1.77 -48.54
N PRO A 632 27.59 1.49 -49.68
CA PRO A 632 28.90 2.06 -49.98
C PRO A 632 28.78 3.47 -50.54
N ILE A 633 29.67 4.34 -50.10
CA ILE A 633 29.69 5.70 -50.62
C ILE A 633 30.17 5.70 -52.06
N GLY A 634 29.75 6.70 -52.83
CA GLY A 634 30.14 6.76 -54.21
C GLY A 634 29.56 5.67 -55.08
N GLY A 635 28.49 5.02 -54.62
CA GLY A 635 27.84 4.01 -55.41
C GLY A 635 28.63 2.76 -55.64
N ARG A 636 29.74 2.58 -54.94
CA ARG A 636 30.55 1.37 -55.07
C ARG A 636 31.55 1.26 -53.93
N TYR A 637 31.62 0.09 -53.30
CA TYR A 637 32.66 -0.18 -52.32
C TYR A 637 33.99 -0.35 -53.03
N ASP A 638 34.99 0.44 -52.63
CA ASP A 638 36.33 0.34 -53.22
C ASP A 638 37.34 -0.02 -52.16
N PRO A 639 37.97 -1.18 -52.24
CA PRO A 639 38.84 -1.64 -51.14
C PRO A 639 40.26 -1.11 -51.21
N SER A 640 40.43 0.17 -51.50
CA SER A 640 41.71 0.80 -51.24
C SER A 640 41.74 1.36 -49.83
N LEU A 641 40.65 2.00 -49.41
CA LEU A 641 40.50 2.50 -48.06
C LEU A 641 40.03 1.40 -47.13
N THR A 642 40.04 1.70 -45.84
CA THR A 642 39.44 0.79 -44.88
C THR A 642 37.94 0.80 -45.02
N PHE A 643 37.32 -0.23 -44.45
CA PHE A 643 35.86 -0.32 -44.46
C PHE A 643 35.23 0.81 -43.68
N SER A 644 35.94 1.37 -42.70
CA SER A 644 35.42 2.44 -41.88
C SER A 644 35.30 3.75 -42.67
N GLU A 645 35.63 3.71 -43.96
CA GLU A 645 35.47 4.88 -44.81
C GLU A 645 34.32 4.77 -45.80
N ASN A 646 34.17 3.62 -46.45
CA ASN A 646 33.09 3.45 -47.40
C ASN A 646 31.74 3.21 -46.73
N VAL A 647 31.71 3.05 -45.41
CA VAL A 647 30.47 2.75 -44.72
C VAL A 647 29.70 4.02 -44.37
N ASP A 648 30.40 5.13 -44.08
CA ASP A 648 29.77 6.40 -43.73
C ASP A 648 28.98 6.28 -42.43
N LEU A 649 29.65 5.79 -41.38
CA LEU A 649 29.01 5.54 -40.11
C LEU A 649 29.93 5.99 -38.97
N THR A 650 29.32 6.42 -37.88
CA THR A 650 30.09 6.89 -36.74
C THR A 650 30.89 5.74 -36.14
N GLU A 651 32.13 6.04 -35.76
CA GLU A 651 33.10 4.99 -35.48
C GLU A 651 32.77 4.16 -34.25
N PRO A 652 32.38 4.75 -33.12
CA PRO A 652 31.99 3.91 -31.98
C PRO A 652 30.72 3.11 -32.19
N ILE A 653 30.07 3.23 -33.35
CA ILE A 653 28.90 2.40 -33.62
C ILE A 653 29.33 1.07 -34.24
N ILE A 654 30.29 1.09 -35.17
CA ILE A 654 30.74 -0.15 -35.79
C ILE A 654 31.31 -1.11 -34.75
N SER A 655 31.85 -0.57 -33.65
CA SER A 655 32.34 -1.43 -32.60
C SER A 655 31.21 -2.21 -31.93
N ARG A 656 30.00 -1.66 -31.94
CA ARG A 656 28.87 -2.34 -31.33
C ARG A 656 28.32 -3.46 -32.19
N PHE A 657 29.00 -3.82 -33.28
CA PHE A 657 28.60 -4.95 -34.10
C PHE A 657 29.62 -6.06 -33.99
N ASP A 658 29.14 -7.30 -33.97
CA ASP A 658 30.04 -8.43 -33.83
C ASP A 658 30.67 -8.80 -35.17
N ILE A 659 29.84 -9.01 -36.18
CA ILE A 659 30.30 -9.44 -37.50
C ILE A 659 30.28 -8.24 -38.44
N LEU A 660 31.26 -8.19 -39.34
CA LEU A 660 31.30 -7.17 -40.39
C LEU A 660 31.53 -7.88 -41.72
N CYS A 661 30.44 -8.33 -42.33
CA CYS A 661 30.51 -8.92 -43.67
C CYS A 661 30.51 -7.82 -44.71
N VAL A 662 31.35 -7.98 -45.73
CA VAL A 662 31.44 -7.04 -46.83
C VAL A 662 31.00 -7.75 -48.09
N VAL A 663 29.86 -7.34 -48.67
CA VAL A 663 29.38 -7.96 -49.94
C VAL A 663 30.00 -7.21 -51.13
N ARG A 664 30.24 -7.90 -52.25
CA ARG A 664 30.82 -7.25 -53.45
C ARG A 664 30.16 -7.83 -54.72
N ASP A 665 30.85 -7.76 -55.86
CA ASP A 665 30.29 -8.28 -57.14
C ASP A 665 31.37 -9.09 -57.87
N THR A 666 30.98 -9.82 -58.93
CA THR A 666 31.93 -10.70 -59.68
C THR A 666 31.53 -10.76 -61.17
N VAL A 667 32.50 -10.87 -62.07
CA VAL A 667 32.21 -10.99 -63.53
C VAL A 667 32.76 -12.33 -64.03
N ASP A 668 33.09 -13.24 -63.11
CA ASP A 668 33.68 -14.56 -63.50
C ASP A 668 32.74 -15.27 -64.49
N PRO A 669 33.25 -15.81 -65.63
CA PRO A 669 32.39 -16.41 -66.65
C PRO A 669 31.65 -17.65 -66.18
N VAL A 670 32.34 -18.57 -65.50
CA VAL A 670 31.72 -19.85 -65.16
C VAL A 670 30.60 -19.70 -64.15
N GLN A 671 30.57 -18.61 -63.39
CA GLN A 671 29.49 -18.38 -62.45
C GLN A 671 28.35 -17.57 -63.05
N ASP A 672 28.59 -16.89 -64.17
CA ASP A 672 27.52 -16.17 -64.84
C ASP A 672 26.41 -17.13 -65.23
N GLU A 673 26.76 -18.24 -65.87
CA GLU A 673 25.76 -19.26 -66.18
C GLU A 673 25.12 -19.80 -64.92
N MET A 674 25.91 -20.05 -63.88
CA MET A 674 25.37 -20.64 -62.67
C MET A 674 24.30 -19.76 -62.06
N LEU A 675 24.53 -18.45 -62.04
CA LEU A 675 23.54 -17.55 -61.43
C LEU A 675 22.38 -17.27 -62.37
N ALA A 676 22.67 -17.08 -63.66
CA ALA A 676 21.63 -16.84 -64.64
C ALA A 676 20.64 -17.99 -64.63
N ARG A 677 21.09 -19.20 -64.98
CA ARG A 677 20.24 -20.39 -65.00
C ARG A 677 19.35 -20.45 -63.77
N PHE A 678 19.91 -20.15 -62.60
CA PHE A 678 19.12 -20.19 -61.39
C PHE A 678 17.99 -19.18 -61.42
N VAL A 679 18.30 -17.91 -61.73
CA VAL A 679 17.25 -16.89 -61.73
C VAL A 679 16.20 -17.20 -62.80
N VAL A 680 16.65 -17.52 -64.01
CA VAL A 680 15.73 -17.81 -65.10
C VAL A 680 14.79 -18.94 -64.70
N GLY A 681 15.33 -20.01 -64.12
CA GLY A 681 14.49 -21.10 -63.68
C GLY A 681 13.55 -20.72 -62.55
N SER A 682 13.98 -19.84 -61.66
CA SER A 682 13.07 -19.36 -60.64
C SER A 682 11.99 -18.45 -61.20
N HIS A 683 12.15 -17.98 -62.43
CA HIS A 683 11.08 -17.30 -63.14
C HIS A 683 10.28 -18.22 -64.05
N VAL A 684 10.62 -19.50 -64.10
CA VAL A 684 9.85 -20.44 -64.92
C VAL A 684 8.74 -21.11 -64.12
N ARG A 685 8.92 -21.29 -62.82
CA ARG A 685 7.99 -22.08 -62.02
C ARG A 685 7.25 -21.25 -60.98
N HIS A 686 7.21 -19.93 -61.14
CA HIS A 686 6.45 -19.07 -60.21
C HIS A 686 5.58 -18.15 -61.04
N HIS A 687 4.42 -18.65 -61.45
CA HIS A 687 3.35 -17.83 -62.00
C HIS A 687 2.14 -18.72 -62.23
N PRO A 688 0.93 -18.19 -62.23
CA PRO A 688 -0.26 -19.06 -62.21
C PRO A 688 -0.42 -19.83 -63.50
N SER A 689 0.46 -20.81 -63.71
CA SER A 689 0.48 -21.63 -64.91
C SER A 689 0.53 -20.77 -66.17
N LEU A 715 17.36 -29.28 -46.20
CA LEU A 715 16.46 -29.11 -45.05
C LEU A 715 15.33 -28.16 -45.39
N PRO A 716 14.12 -28.69 -45.49
CA PRO A 716 12.96 -27.87 -45.89
C PRO A 716 12.58 -26.91 -44.78
N GLN A 717 11.54 -26.12 -45.05
CA GLN A 717 11.04 -25.12 -44.11
C GLN A 717 10.28 -25.71 -42.96
N GLU A 718 10.29 -27.03 -42.77
CA GLU A 718 9.63 -27.68 -41.66
C GLU A 718 10.60 -28.14 -40.58
N VAL A 719 11.78 -28.59 -40.97
CA VAL A 719 12.73 -29.07 -39.98
C VAL A 719 13.36 -27.92 -39.21
N LEU A 720 13.71 -26.83 -39.91
CA LEU A 720 14.51 -25.80 -39.26
C LEU A 720 13.67 -24.81 -38.46
N LYS A 721 12.38 -24.64 -38.78
CA LYS A 721 11.55 -23.80 -37.93
C LYS A 721 11.29 -24.47 -36.59
N LYS A 722 10.75 -25.69 -36.61
CA LYS A 722 10.66 -26.47 -35.39
C LYS A 722 12.02 -26.67 -34.73
N TYR A 723 13.10 -26.59 -35.50
CA TYR A 723 14.44 -26.74 -34.93
C TYR A 723 14.93 -25.48 -34.23
N ILE A 724 14.61 -24.29 -34.76
CA ILE A 724 14.95 -23.06 -34.03
C ILE A 724 14.03 -22.90 -32.85
N ILE A 725 12.87 -23.57 -32.86
CA ILE A 725 12.01 -23.58 -31.68
C ILE A 725 12.59 -24.52 -30.62
N TYR A 726 12.97 -25.72 -31.03
CA TYR A 726 13.50 -26.69 -30.07
C TYR A 726 14.86 -26.25 -29.55
N ALA A 727 15.85 -26.15 -30.44
CA ALA A 727 17.23 -25.91 -30.04
C ALA A 727 17.39 -24.57 -29.33
N LYS A 728 16.42 -23.67 -29.44
CA LYS A 728 16.46 -22.47 -28.62
C LYS A 728 16.32 -22.81 -27.14
N GLU A 729 15.61 -23.89 -26.83
CA GLU A 729 15.16 -24.14 -25.46
C GLU A 729 16.03 -25.16 -24.72
N ARG A 730 16.20 -26.35 -25.29
CA ARG A 730 16.65 -27.50 -24.50
C ARG A 730 18.17 -27.62 -24.43
N VAL A 731 18.89 -26.49 -24.51
CA VAL A 731 20.33 -26.49 -24.38
C VAL A 731 20.75 -25.34 -23.47
N HIS A 732 21.83 -25.57 -22.73
CA HIS A 732 22.43 -24.55 -21.86
C HIS A 732 23.93 -24.78 -21.88
N PRO A 733 24.63 -24.20 -22.86
CA PRO A 733 26.04 -24.53 -23.06
C PRO A 733 26.91 -24.19 -21.86
N LYS A 734 27.85 -25.08 -21.57
CA LYS A 734 28.77 -24.94 -20.45
C LYS A 734 30.10 -24.39 -20.95
N LEU A 735 30.93 -23.97 -19.98
CA LEU A 735 32.20 -23.32 -20.27
C LEU A 735 33.27 -23.93 -19.37
N ASN A 736 34.17 -24.71 -19.95
CA ASN A 736 35.31 -25.23 -19.23
C ASN A 736 36.47 -24.23 -19.33
N GLN A 737 37.67 -24.64 -18.94
CA GLN A 737 38.83 -23.75 -18.99
C GLN A 737 40.01 -24.40 -19.69
N MET A 738 39.76 -25.24 -20.70
CA MET A 738 40.85 -25.78 -21.50
C MET A 738 41.17 -24.91 -22.70
N ASP A 739 40.20 -24.11 -23.15
CA ASP A 739 40.44 -23.17 -24.24
C ASP A 739 41.01 -21.85 -23.75
N GLN A 740 41.09 -21.65 -22.44
CA GLN A 740 41.44 -20.33 -21.91
C GLN A 740 42.83 -19.89 -22.33
N ASP A 741 43.72 -20.83 -22.59
CA ASP A 741 45.06 -20.51 -23.04
C ASP A 741 45.31 -20.86 -24.49
N LYS A 742 44.37 -21.54 -25.15
CA LYS A 742 44.56 -21.89 -26.55
C LYS A 742 44.47 -20.68 -27.47
N VAL A 743 43.97 -19.55 -26.98
CA VAL A 743 43.75 -18.39 -27.84
C VAL A 743 44.85 -17.35 -27.66
N ALA A 744 45.27 -17.10 -26.42
CA ALA A 744 46.22 -16.02 -26.15
C ALA A 744 47.48 -16.15 -26.99
N LYS A 745 47.89 -17.38 -27.30
CA LYS A 745 49.04 -17.61 -28.19
C LYS A 745 48.83 -16.99 -29.55
N MET A 746 47.58 -16.80 -29.97
CA MET A 746 47.24 -16.11 -31.21
C MET A 746 47.23 -14.61 -31.02
N TYR A 747 46.65 -14.14 -29.92
CA TYR A 747 46.54 -12.71 -29.67
C TYR A 747 47.90 -12.07 -29.57
N SER A 748 48.79 -12.66 -28.78
CA SER A 748 50.11 -12.06 -28.58
C SER A 748 50.84 -11.87 -29.90
N ASP A 749 50.61 -12.76 -30.85
CA ASP A 749 51.21 -12.61 -32.17
C ASP A 749 50.48 -11.55 -32.98
N LEU A 750 49.17 -11.72 -33.13
CA LEU A 750 48.41 -10.92 -34.08
C LEU A 750 48.35 -9.45 -33.67
N ARG A 751 48.36 -9.16 -32.38
CA ARG A 751 48.38 -7.77 -31.95
C ARG A 751 49.58 -7.04 -32.51
N LYS A 752 50.77 -7.63 -32.35
CA LYS A 752 51.96 -7.07 -32.96
C LYS A 752 51.83 -7.00 -34.48
N GLU A 753 51.31 -8.08 -35.08
CA GLU A 753 51.24 -8.14 -36.54
C GLU A 753 50.40 -7.00 -37.11
N SER A 754 49.33 -6.64 -36.41
CA SER A 754 48.45 -5.58 -36.91
C SER A 754 49.00 -4.20 -36.55
N MET A 755 49.37 -4.00 -35.28
CA MET A 755 49.90 -2.70 -34.87
C MET A 755 51.14 -2.31 -35.65
N ALA A 756 51.86 -3.29 -36.20
CA ALA A 756 53.06 -2.98 -36.97
C ALA A 756 52.75 -2.05 -38.14
N THR A 757 51.58 -2.23 -38.75
CA THR A 757 51.15 -1.48 -39.93
C THR A 757 50.05 -0.50 -39.49
N GLY A 758 49.44 0.18 -40.45
CA GLY A 758 48.36 1.10 -40.18
C GLY A 758 47.04 0.40 -39.93
N SER A 759 46.89 -0.15 -38.73
CA SER A 759 45.66 -0.83 -38.33
C SER A 759 45.61 -1.02 -36.82
N ILE A 760 44.43 -1.30 -36.29
CA ILE A 760 44.29 -1.61 -34.87
C ILE A 760 43.93 -3.09 -34.73
N PRO A 761 44.75 -3.86 -34.03
CA PRO A 761 44.55 -5.32 -34.00
C PRO A 761 43.26 -5.75 -33.35
N ILE A 762 43.04 -7.06 -33.32
CA ILE A 762 41.93 -7.65 -32.59
C ILE A 762 41.96 -7.16 -31.15
N THR A 763 40.91 -6.46 -30.75
CA THR A 763 40.81 -5.94 -29.40
C THR A 763 39.73 -6.71 -28.63
N VAL A 764 39.59 -6.38 -27.36
CA VAL A 764 38.75 -7.15 -26.44
C VAL A 764 37.33 -7.27 -26.97
N ARG A 765 36.83 -6.22 -27.62
CA ARG A 765 35.49 -6.28 -28.20
C ARG A 765 35.41 -7.22 -29.39
N HIS A 766 36.52 -7.83 -29.80
CA HIS A 766 36.51 -8.93 -30.75
C HIS A 766 36.61 -10.27 -30.07
N ILE A 767 37.36 -10.34 -28.98
CA ILE A 767 37.40 -11.55 -28.17
C ILE A 767 36.03 -11.85 -27.60
N GLU A 768 35.29 -10.82 -27.21
CA GLU A 768 33.93 -11.01 -26.72
C GLU A 768 33.04 -11.61 -27.80
N SER A 769 33.15 -11.11 -29.03
CA SER A 769 32.36 -11.65 -30.12
C SER A 769 32.73 -13.09 -30.42
N MET A 770 34.04 -13.40 -30.40
CA MET A 770 34.49 -14.77 -30.63
C MET A 770 33.95 -15.71 -29.55
N ILE A 771 34.06 -15.31 -28.28
CA ILE A 771 33.56 -16.13 -27.18
C ILE A 771 32.04 -16.22 -27.20
N ARG A 772 31.35 -15.24 -27.77
CA ARG A 772 29.91 -15.36 -27.93
C ARG A 772 29.56 -16.38 -29.00
N MET A 773 30.28 -16.35 -30.13
CA MET A 773 30.03 -17.30 -31.20
C MET A 773 30.54 -18.69 -30.86
N ALA A 774 31.34 -18.82 -29.79
CA ALA A 774 31.64 -20.12 -29.23
C ALA A 774 30.37 -20.95 -29.08
N GLU A 775 29.42 -20.45 -28.31
CA GLU A 775 28.18 -21.19 -28.09
C GLU A 775 27.25 -21.16 -29.29
N ALA A 776 27.54 -20.34 -30.30
CA ALA A 776 26.67 -20.26 -31.47
C ALA A 776 26.46 -21.61 -32.12
N HIS A 777 27.37 -22.57 -31.89
CA HIS A 777 27.23 -23.93 -32.39
C HIS A 777 26.70 -24.90 -31.37
N ALA A 778 26.65 -24.50 -30.10
CA ALA A 778 25.95 -25.32 -29.12
C ALA A 778 24.49 -25.47 -29.48
N ARG A 779 23.92 -24.52 -30.21
CA ARG A 779 22.52 -24.62 -30.59
C ARG A 779 22.31 -25.52 -31.79
N ILE A 780 23.31 -25.63 -32.67
CA ILE A 780 23.15 -26.49 -33.83
C ILE A 780 23.48 -27.94 -33.47
N HIS A 781 24.56 -28.15 -32.74
CA HIS A 781 24.97 -29.52 -32.45
C HIS A 781 24.34 -30.08 -31.19
N LEU A 782 23.66 -29.26 -30.39
CA LEU A 782 23.31 -29.61 -29.01
C LEU A 782 24.54 -29.96 -28.19
N ARG A 783 25.73 -29.61 -28.71
CA ARG A 783 26.98 -29.96 -28.06
C ARG A 783 27.05 -29.37 -26.66
N ASP A 784 26.99 -28.04 -26.56
CA ASP A 784 26.92 -27.29 -25.32
C ASP A 784 28.19 -27.39 -24.49
N TYR A 785 29.20 -28.13 -24.95
CA TYR A 785 30.48 -28.22 -24.26
C TYR A 785 31.54 -27.57 -25.12
N VAL A 786 32.27 -26.62 -24.55
CA VAL A 786 33.34 -25.96 -25.29
C VAL A 786 34.45 -26.96 -25.56
N ILE A 787 34.87 -27.03 -26.82
CA ILE A 787 35.94 -27.92 -27.25
C ILE A 787 36.88 -27.15 -28.15
N GLU A 788 38.09 -27.65 -28.28
CA GLU A 788 39.14 -27.09 -29.13
C GLU A 788 38.82 -27.22 -30.59
N ASP A 789 37.62 -27.69 -30.92
CA ASP A 789 37.18 -27.84 -32.30
C ASP A 789 36.46 -26.58 -32.79
N ASP A 790 35.36 -26.22 -32.12
CA ASP A 790 34.65 -24.98 -32.45
C ASP A 790 35.40 -23.74 -32.00
N VAL A 791 36.55 -23.89 -31.35
CA VAL A 791 37.43 -22.75 -31.12
C VAL A 791 38.22 -22.46 -32.38
N ASN A 792 38.63 -23.52 -33.10
CA ASN A 792 39.15 -23.34 -34.46
C ASN A 792 38.14 -22.61 -35.33
N MET A 793 36.85 -22.76 -35.05
CA MET A 793 35.81 -22.08 -35.80
C MET A 793 35.60 -20.65 -35.30
N ALA A 794 35.61 -20.47 -33.98
CA ALA A 794 35.40 -19.15 -33.41
C ALA A 794 36.50 -18.19 -33.82
N ILE A 795 37.76 -18.60 -33.62
CA ILE A 795 38.87 -17.74 -34.05
C ILE A 795 38.82 -17.51 -35.56
N ARG A 796 38.50 -18.57 -36.31
CA ARG A 796 38.44 -18.43 -37.76
C ARG A 796 37.44 -17.36 -38.15
N VAL A 797 36.26 -17.37 -37.55
CA VAL A 797 35.22 -16.40 -37.90
C VAL A 797 35.61 -15.01 -37.43
N MET A 798 36.14 -14.90 -36.21
CA MET A 798 36.47 -13.59 -35.68
C MET A 798 37.62 -12.95 -36.45
N LEU A 799 38.41 -13.74 -37.18
CA LEU A 799 39.37 -13.11 -38.09
C LEU A 799 38.77 -12.93 -39.47
N GLU A 800 37.85 -13.80 -39.88
CA GLU A 800 37.16 -13.63 -41.15
C GLU A 800 36.50 -12.26 -41.22
N SER A 801 35.87 -11.85 -40.12
CA SER A 801 35.20 -10.56 -40.04
C SER A 801 36.15 -9.42 -39.68
N PHE A 802 37.45 -9.62 -39.84
CA PHE A 802 38.42 -8.56 -39.59
C PHE A 802 39.43 -8.38 -40.71
N ILE A 803 39.79 -9.43 -41.44
CA ILE A 803 40.75 -9.24 -42.51
C ILE A 803 40.12 -8.46 -43.66
N ASP A 804 38.81 -8.62 -43.87
CA ASP A 804 38.15 -7.95 -44.99
C ASP A 804 38.11 -6.44 -44.77
N THR A 805 37.83 -6.01 -43.54
CA THR A 805 37.76 -4.59 -43.20
C THR A 805 39.18 -4.06 -42.96
N GLN A 806 39.96 -4.03 -44.04
CA GLN A 806 41.36 -3.65 -43.94
C GLN A 806 41.76 -2.89 -45.19
N LYS A 807 43.05 -2.61 -45.32
CA LYS A 807 43.59 -1.79 -46.39
C LYS A 807 43.84 -2.62 -47.65
N PHE A 808 44.47 -1.99 -48.64
CA PHE A 808 44.70 -2.66 -49.92
C PHE A 808 45.70 -3.78 -49.80
N SER A 809 46.95 -3.46 -49.45
CA SER A 809 47.99 -4.45 -49.35
C SER A 809 48.04 -5.11 -47.98
N VAL A 810 47.35 -4.54 -46.99
CA VAL A 810 47.28 -5.17 -45.68
C VAL A 810 46.23 -6.28 -45.67
N MET A 811 45.14 -6.12 -46.41
CA MET A 811 44.16 -7.19 -46.50
C MET A 811 44.73 -8.44 -47.15
N ARG A 812 45.87 -8.33 -47.81
CA ARG A 812 46.55 -9.48 -48.38
C ARG A 812 47.83 -9.86 -47.64
N SER A 813 48.53 -8.89 -47.04
CA SER A 813 49.68 -9.23 -46.22
C SER A 813 49.25 -10.00 -44.98
N MET A 814 48.25 -9.49 -44.27
CA MET A 814 47.69 -10.23 -43.16
C MET A 814 47.15 -11.58 -43.60
N ARG A 815 46.67 -11.68 -44.84
CA ARG A 815 46.24 -12.99 -45.33
C ARG A 815 47.42 -13.93 -45.49
N LYS A 816 48.44 -13.52 -46.24
CA LYS A 816 49.65 -14.32 -46.42
C LYS A 816 50.23 -14.76 -45.09
N THR A 817 50.07 -13.97 -44.04
CA THR A 817 50.50 -14.44 -42.73
C THR A 817 49.50 -15.44 -42.15
N PHE A 818 48.28 -15.01 -41.89
CA PHE A 818 47.36 -15.75 -41.02
C PHE A 818 46.58 -16.83 -41.76
N ALA A 819 46.02 -16.51 -42.93
CA ALA A 819 45.25 -17.48 -43.69
C ALA A 819 46.05 -18.74 -43.97
N ARG A 820 47.37 -18.60 -44.06
CA ARG A 820 48.27 -19.74 -44.07
C ARG A 820 48.69 -20.15 -42.66
N TYR A 821 48.66 -19.23 -41.70
CA TYR A 821 49.03 -19.58 -40.34
C TYR A 821 47.92 -20.37 -39.65
N LEU A 822 46.69 -19.85 -39.69
CA LEU A 822 45.63 -20.43 -38.88
C LEU A 822 45.28 -21.85 -39.31
N SER A 823 45.88 -22.33 -40.40
CA SER A 823 45.61 -23.66 -40.91
C SER A 823 44.11 -23.85 -41.10
N PHE A 824 43.56 -23.07 -42.02
CA PHE A 824 42.11 -22.99 -42.18
C PHE A 824 41.51 -24.37 -42.35
N MET B 1 19.66 25.70 10.03
CA MET B 1 19.23 26.96 10.60
C MET B 1 17.72 27.06 10.59
N LEU B 2 17.15 27.40 11.75
CA LEU B 2 15.71 27.44 11.91
C LEU B 2 15.26 28.87 12.20
N PRO B 3 14.43 29.46 11.35
CA PRO B 3 13.93 30.81 11.62
C PRO B 3 12.78 30.79 12.60
N ARG B 4 13.09 30.80 13.89
CA ARG B 4 12.05 30.80 14.91
C ARG B 4 11.62 32.20 15.33
N SER B 5 11.83 33.19 14.47
CA SER B 5 11.31 34.54 14.68
C SER B 5 11.50 35.40 13.44
N PRO B 6 10.52 36.24 13.09
CA PRO B 6 10.73 37.23 12.03
C PRO B 6 11.89 38.16 12.35
N PRO B 7 12.04 38.65 13.60
CA PRO B 7 13.29 39.36 13.94
C PRO B 7 14.39 38.39 14.27
N LEU B 8 15.39 38.29 13.38
CA LEU B 8 16.48 37.33 13.49
C LEU B 8 17.08 37.35 14.90
N PRO B 9 16.88 36.30 15.69
CA PRO B 9 17.17 36.40 17.12
C PRO B 9 18.65 36.40 17.47
N ARG B 10 19.55 36.20 16.51
CA ARG B 10 20.97 36.18 16.83
C ARG B 10 21.50 37.57 17.13
N GLY B 11 21.42 38.47 16.15
CA GLY B 11 22.08 39.74 16.26
C GLY B 11 21.16 40.93 16.30
N ASN B 12 20.06 40.85 17.06
CA ASN B 12 19.12 41.96 17.10
C ASN B 12 19.67 43.20 17.79
N LEU B 13 20.93 43.23 18.18
CA LEU B 13 21.48 44.36 18.91
C LEU B 13 22.35 45.27 18.06
N TRP B 14 23.32 44.70 17.34
CA TRP B 14 24.20 45.47 16.48
C TRP B 14 24.91 46.58 17.25
N GLU B 56 -18.22 34.21 27.06
CA GLU B 56 -18.52 34.25 25.64
C GLU B 56 -17.43 34.98 24.88
N LEU B 57 -17.84 35.74 23.86
CA LEU B 57 -16.95 36.61 23.10
C LEU B 57 -16.79 37.98 23.77
N ARG B 58 -17.19 38.11 25.04
CA ARG B 58 -16.95 39.35 25.76
C ARG B 58 -15.61 39.32 26.48
N GLU B 59 -15.21 38.16 27.00
CA GLU B 59 -13.94 38.08 27.70
C GLU B 59 -12.77 38.47 26.80
N ALA B 60 -12.76 37.94 25.57
CA ALA B 60 -11.69 38.28 24.64
C ALA B 60 -11.68 39.77 24.34
N GLN B 61 -12.85 40.34 24.08
CA GLN B 61 -12.90 41.74 23.69
C GLN B 61 -12.53 42.65 24.84
N ARG B 62 -12.82 42.25 26.08
CA ARG B 62 -12.45 43.08 27.21
C ARG B 62 -11.05 42.80 27.70
N ASP B 63 -10.42 41.73 27.24
CA ASP B 63 -9.01 41.52 27.58
C ASP B 63 -8.10 42.19 26.57
N TYR B 64 -8.50 42.20 25.30
CA TYR B 64 -7.70 42.88 24.29
C TYR B 64 -7.65 44.38 24.56
N LEU B 65 -8.77 44.96 24.97
CA LEU B 65 -8.80 46.38 25.28
C LEU B 65 -7.84 46.69 26.44
N ASP B 66 -7.89 45.87 27.48
CA ASP B 66 -6.98 46.05 28.60
C ASP B 66 -5.53 45.91 28.16
N PHE B 67 -5.26 45.02 27.21
CA PHE B 67 -3.91 44.89 26.70
C PHE B 67 -3.50 46.11 25.89
N LEU B 68 -4.45 46.72 25.20
CA LEU B 68 -4.18 47.87 24.34
C LEU B 68 -4.16 49.18 25.10
N ASP B 69 -4.61 49.19 26.35
CA ASP B 69 -4.36 50.34 27.21
C ASP B 69 -2.87 50.65 27.27
N ASP B 70 -2.10 49.73 27.85
CA ASP B 70 -0.64 49.74 27.75
C ASP B 70 0.01 50.96 28.37
N GLU B 71 -0.79 51.83 28.97
CA GLU B 71 -0.25 53.10 29.48
C GLU B 71 0.58 52.88 30.74
N GLU B 72 0.06 52.08 31.67
CA GLU B 72 0.56 52.11 33.03
C GLU B 72 1.91 51.41 33.20
N ASP B 73 2.33 50.56 32.26
CA ASP B 73 3.60 49.86 32.40
C ASP B 73 4.75 50.60 31.71
N GLN B 74 4.68 50.72 30.38
CA GLN B 74 5.66 51.52 29.66
C GLN B 74 5.10 52.28 28.47
N GLY B 75 3.80 52.22 28.21
CA GLY B 75 3.24 52.92 27.08
C GLY B 75 3.84 52.52 25.75
N ILE B 76 3.76 51.24 25.40
CA ILE B 76 4.36 50.80 24.15
C ILE B 76 3.38 50.93 22.99
N TYR B 77 2.10 50.67 23.22
CA TYR B 77 1.13 50.69 22.14
C TYR B 77 0.39 52.00 22.01
N GLN B 78 0.09 52.66 23.12
CA GLN B 78 -0.40 54.02 23.01
C GLN B 78 0.61 54.93 22.34
N SER B 79 1.84 54.48 22.17
CA SER B 79 2.81 55.16 21.33
C SER B 79 2.74 54.70 19.89
N LYS B 80 1.90 53.72 19.57
CA LYS B 80 1.77 53.21 18.20
C LYS B 80 0.41 53.51 17.57
N VAL B 81 -0.66 53.45 18.35
CA VAL B 81 -1.96 53.84 17.85
C VAL B 81 -1.90 55.28 17.33
N ARG B 82 -1.47 56.20 18.19
CA ARG B 82 -1.26 57.58 17.77
C ARG B 82 -0.32 57.65 16.57
N GLU B 83 0.75 56.85 16.59
CA GLU B 83 1.72 56.90 15.50
C GLU B 83 1.07 56.59 14.17
N LEU B 84 0.17 55.61 14.14
CA LEU B 84 -0.48 55.30 12.87
C LEU B 84 -1.57 56.30 12.52
N ILE B 85 -2.25 56.86 13.53
CA ILE B 85 -3.25 57.89 13.22
C ILE B 85 -2.60 59.09 12.56
N SER B 86 -1.36 59.41 12.93
CA SER B 86 -0.61 60.47 12.27
C SER B 86 -0.12 60.07 10.89
N ASP B 87 -0.25 58.80 10.50
CA ASP B 87 0.13 58.36 9.17
C ASP B 87 -1.04 57.86 8.35
N ASN B 88 -2.23 57.77 8.94
CA ASN B 88 -3.43 57.30 8.25
C ASN B 88 -3.23 55.86 7.74
N GLN B 89 -3.10 54.95 8.70
CA GLN B 89 -3.00 53.53 8.42
C GLN B 89 -4.25 52.80 8.89
N TYR B 90 -4.52 51.66 8.26
CA TYR B 90 -5.60 50.80 8.71
C TYR B 90 -5.17 49.96 9.90
N ARG B 91 -4.11 49.19 9.74
CA ARG B 91 -3.76 48.10 10.64
C ARG B 91 -2.51 48.43 11.42
N LEU B 92 -2.38 47.80 12.59
CA LEU B 92 -1.16 47.89 13.38
C LEU B 92 -0.62 46.50 13.64
N ILE B 93 0.69 46.40 13.69
CA ILE B 93 1.38 45.15 13.91
C ILE B 93 1.56 44.95 15.41
N VAL B 94 1.24 43.75 15.89
CA VAL B 94 1.33 43.42 17.31
C VAL B 94 2.43 42.38 17.51
N ASN B 95 3.02 42.37 18.69
CA ASN B 95 3.97 41.35 19.11
C ASN B 95 3.25 40.40 20.05
N VAL B 96 3.11 39.14 19.64
CA VAL B 96 2.50 38.16 20.52
C VAL B 96 3.42 37.87 21.70
N ASN B 97 4.72 38.09 21.54
CA ASN B 97 5.64 37.96 22.66
C ASN B 97 5.19 38.77 23.85
N ASP B 98 4.55 39.92 23.60
CA ASP B 98 4.01 40.73 24.67
C ASP B 98 2.75 40.12 25.25
N LEU B 99 1.83 39.70 24.39
CA LEU B 99 0.62 39.03 24.85
C LEU B 99 0.94 37.89 25.80
N ARG B 100 2.01 37.16 25.53
CA ARG B 100 2.41 36.09 26.44
C ARG B 100 2.66 36.64 27.85
N ARG B 101 3.57 37.59 27.96
CA ARG B 101 3.94 38.12 29.27
C ARG B 101 2.74 38.76 29.95
N LYS B 102 1.87 39.40 29.19
CA LYS B 102 0.68 40.02 29.76
C LYS B 102 -0.32 38.97 30.21
N ASN B 103 -0.71 38.09 29.30
CA ASN B 103 -1.74 37.09 29.59
C ASN B 103 -1.47 35.85 28.74
N GLU B 104 -1.06 34.75 29.37
CA GLU B 104 -0.72 33.55 28.62
C GLU B 104 -1.96 32.89 28.05
N LYS B 105 -3.04 32.84 28.82
CA LYS B 105 -4.23 32.14 28.37
C LYS B 105 -4.75 32.69 27.06
N ARG B 106 -4.82 34.00 26.94
CA ARG B 106 -5.31 34.60 25.70
C ARG B 106 -4.30 34.40 24.57
N ALA B 107 -3.02 34.45 24.87
CA ALA B 107 -2.01 34.25 23.84
C ALA B 107 -2.09 32.84 23.26
N ASN B 108 -2.49 31.88 24.09
CA ASN B 108 -2.66 30.53 23.56
C ASN B 108 -4.00 30.39 22.84
N ARG B 109 -5.06 30.98 23.37
CA ARG B 109 -6.35 30.88 22.71
C ARG B 109 -6.40 31.65 21.40
N LEU B 110 -5.45 32.53 21.15
CA LEU B 110 -5.41 33.28 19.91
C LEU B 110 -4.64 32.56 18.82
N LEU B 111 -3.71 31.68 19.17
CA LEU B 111 -2.98 30.92 18.16
C LEU B 111 -3.66 29.62 17.79
N ASN B 112 -4.85 29.35 18.31
CA ASN B 112 -5.53 28.11 18.01
C ASN B 112 -6.98 28.28 17.63
N ASN B 113 -7.53 29.48 17.75
CA ASN B 113 -8.89 29.78 17.30
C ASN B 113 -8.89 31.12 16.61
N ALA B 114 -7.95 31.30 15.68
CA ALA B 114 -7.62 32.62 15.17
C ALA B 114 -8.82 33.43 14.69
N PHE B 115 -9.89 32.78 14.26
CA PHE B 115 -10.99 33.52 13.67
C PHE B 115 -11.83 34.23 14.72
N GLU B 116 -12.34 33.48 15.69
CA GLU B 116 -13.15 34.10 16.73
C GLU B 116 -12.35 35.07 17.57
N GLU B 117 -11.03 34.95 17.57
CA GLU B 117 -10.21 35.88 18.34
C GLU B 117 -9.83 37.11 17.54
N LEU B 118 -9.63 36.96 16.24
CA LEU B 118 -9.32 38.13 15.43
C LEU B 118 -10.55 38.92 15.03
N VAL B 119 -11.76 38.37 15.17
CA VAL B 119 -12.94 39.21 15.05
C VAL B 119 -13.24 39.97 16.31
N ALA B 120 -12.65 39.57 17.44
CA ALA B 120 -12.77 40.32 18.68
C ALA B 120 -11.61 41.26 18.90
N PHE B 121 -10.46 40.97 18.31
CA PHE B 121 -9.34 41.91 18.38
C PHE B 121 -9.65 43.15 17.58
N GLN B 122 -10.09 42.98 16.33
CA GLN B 122 -10.38 44.10 15.45
C GLN B 122 -11.60 44.89 15.87
N ARG B 123 -12.39 44.40 16.82
CA ARG B 123 -13.47 45.19 17.35
C ARG B 123 -12.99 46.07 18.50
N ALA B 124 -12.29 45.46 19.44
CA ALA B 124 -11.70 46.18 20.56
C ALA B 124 -10.47 46.97 20.15
N LEU B 125 -10.20 47.08 18.86
CA LEU B 125 -9.24 48.05 18.34
C LEU B 125 -9.93 49.28 17.79
N LYS B 126 -11.01 49.12 17.05
CA LYS B 126 -11.83 50.27 16.70
C LYS B 126 -12.34 50.94 17.96
N ASP B 127 -12.68 50.15 18.98
CA ASP B 127 -13.12 50.72 20.25
C ASP B 127 -12.05 51.62 20.84
N PHE B 128 -10.80 51.18 20.79
CA PHE B 128 -9.71 51.94 21.38
C PHE B 128 -9.23 53.09 20.51
N VAL B 129 -9.52 53.07 19.22
CA VAL B 129 -9.19 54.25 18.41
C VAL B 129 -10.28 55.29 18.52
N ALA B 130 -11.53 54.88 18.76
CA ALA B 130 -12.56 55.87 19.05
C ALA B 130 -12.30 56.55 20.38
N SER B 131 -11.57 55.89 21.27
CA SER B 131 -11.18 56.47 22.55
C SER B 131 -10.00 57.40 22.44
N ILE B 132 -9.62 57.80 21.23
CA ILE B 132 -8.64 58.86 21.06
C ILE B 132 -9.20 59.93 20.13
N ASP B 133 -9.68 59.54 18.95
CA ASP B 133 -10.20 60.49 17.97
C ASP B 133 -11.38 59.85 17.24
N ALA B 134 -12.58 60.12 17.73
CA ALA B 134 -13.78 59.55 17.10
C ALA B 134 -13.97 60.08 15.69
N THR B 135 -13.43 61.26 15.38
CA THR B 135 -13.53 61.78 14.02
C THR B 135 -12.75 60.89 13.05
N TYR B 136 -11.56 60.47 13.46
CA TYR B 136 -10.79 59.55 12.62
C TYR B 136 -11.44 58.17 12.60
N ALA B 137 -11.99 57.74 13.73
CA ALA B 137 -12.50 56.38 13.88
C ALA B 137 -13.68 56.10 12.97
N LYS B 138 -14.13 57.10 12.22
CA LYS B 138 -15.21 56.92 11.27
C LYS B 138 -14.77 57.10 9.83
N GLN B 139 -13.58 57.64 9.59
CA GLN B 139 -13.10 57.78 8.22
C GLN B 139 -12.97 56.41 7.55
N TYR B 140 -12.58 55.40 8.31
CA TYR B 140 -12.34 54.06 7.79
C TYR B 140 -13.46 53.13 8.21
N GLU B 141 -13.85 52.24 7.30
CA GLU B 141 -14.91 51.29 7.61
C GLU B 141 -14.50 50.39 8.77
N GLU B 142 -13.42 49.63 8.60
CA GLU B 142 -12.98 48.70 9.63
C GLU B 142 -11.46 48.69 9.69
N PHE B 143 -10.95 48.53 10.90
CA PHE B 143 -9.52 48.41 11.13
C PHE B 143 -9.07 46.97 10.99
N TYR B 144 -7.77 46.78 10.95
CA TYR B 144 -7.18 45.45 10.87
C TYR B 144 -6.04 45.38 11.86
N VAL B 145 -5.56 44.17 12.12
CA VAL B 145 -4.47 43.98 13.07
C VAL B 145 -3.57 42.85 12.58
N GLY B 146 -2.34 43.18 12.23
CA GLY B 146 -1.37 42.18 11.87
C GLY B 146 -0.82 41.49 13.07
N LEU B 147 0.14 40.61 12.85
CA LEU B 147 0.80 39.92 13.95
C LEU B 147 2.26 39.72 13.58
N GLU B 148 3.08 39.54 14.61
CA GLU B 148 4.51 39.29 14.47
C GLU B 148 5.04 38.92 15.83
N GLY B 149 6.11 38.13 15.85
CA GLY B 149 6.67 37.74 17.12
C GLY B 149 7.37 36.40 17.04
N SER B 150 7.01 35.47 17.90
CA SER B 150 7.58 34.14 17.85
C SER B 150 6.52 33.13 18.26
N PHE B 151 5.97 32.42 17.28
CA PHE B 151 5.01 31.36 17.49
C PHE B 151 5.76 30.06 17.69
N GLY B 152 5.22 29.20 18.53
CA GLY B 152 6.04 28.08 18.96
C GLY B 152 6.32 27.06 17.89
N SER B 153 5.31 26.28 17.52
CA SER B 153 5.46 25.28 16.49
C SER B 153 4.84 25.70 15.18
N LYS B 154 4.28 26.91 15.13
CA LYS B 154 3.58 27.37 13.94
C LYS B 154 4.52 27.80 12.84
N HIS B 155 5.79 28.02 13.13
CA HIS B 155 6.69 28.44 12.06
C HIS B 155 6.93 27.27 11.12
N VAL B 156 6.12 27.16 10.08
CA VAL B 156 6.10 26.00 9.21
C VAL B 156 6.48 26.43 7.80
N SER B 157 6.83 25.48 7.02
CA SER B 157 7.04 25.66 5.59
C SER B 157 5.84 25.12 4.82
N PRO B 158 5.64 25.54 3.58
CA PRO B 158 4.55 24.96 2.78
C PRO B 158 4.63 23.46 2.64
N ARG B 159 5.76 22.83 3.01
CA ARG B 159 5.88 21.39 2.97
C ARG B 159 5.37 20.72 4.24
N THR B 160 5.42 21.43 5.35
CA THR B 160 4.99 20.89 6.63
C THR B 160 3.58 21.33 7.01
N LEU B 161 2.97 22.19 6.21
CA LEU B 161 1.67 22.73 6.54
C LEU B 161 0.58 21.69 6.36
N THR B 162 0.40 20.83 7.37
CA THR B 162 -0.58 19.75 7.27
C THR B 162 -1.98 20.25 7.56
N SER B 163 -2.91 19.33 7.76
CA SER B 163 -4.29 19.66 8.08
C SER B 163 -4.57 19.55 9.57
N CYS B 164 -3.56 19.68 10.40
CA CYS B 164 -3.75 19.91 11.83
C CYS B 164 -3.57 21.39 12.18
N PHE B 165 -3.33 22.23 11.18
CA PHE B 165 -3.21 23.67 11.36
C PHE B 165 -4.43 24.40 10.83
N LEU B 166 -5.55 23.71 10.67
CA LEU B 166 -6.75 24.37 10.17
C LEU B 166 -7.28 25.35 11.21
N SER B 167 -7.56 26.57 10.79
CA SER B 167 -7.97 27.65 11.69
C SER B 167 -6.96 27.83 12.83
N CYS B 168 -5.74 28.17 12.45
CA CYS B 168 -4.66 28.39 13.39
C CYS B 168 -3.66 29.34 12.74
N VAL B 169 -3.27 30.38 13.47
CA VAL B 169 -2.26 31.29 12.95
C VAL B 169 -0.98 30.54 12.69
N VAL B 170 -0.46 30.64 11.47
CA VAL B 170 0.80 30.04 11.10
C VAL B 170 1.70 31.15 10.58
N CYS B 171 2.94 30.80 10.28
CA CYS B 171 3.90 31.78 9.75
C CYS B 171 4.69 31.09 8.65
N VAL B 172 4.21 31.18 7.44
CA VAL B 172 4.78 30.44 6.32
C VAL B 172 5.93 31.23 5.73
N GLU B 173 7.00 30.54 5.37
CA GLU B 173 8.14 31.16 4.71
C GLU B 173 8.28 30.62 3.31
N GLY B 174 8.80 31.42 2.40
CA GLY B 174 9.18 30.90 1.11
C GLY B 174 9.05 31.92 0.01
N ILE B 175 9.22 31.43 -1.21
CA ILE B 175 9.37 32.25 -2.42
C ILE B 175 8.00 32.46 -3.06
N VAL B 176 7.75 33.68 -3.52
CA VAL B 176 6.57 33.95 -4.33
C VAL B 176 6.89 33.57 -5.77
N THR B 177 5.97 32.84 -6.41
CA THR B 177 6.20 32.39 -7.78
C THR B 177 5.06 32.74 -8.71
N LYS B 178 4.17 33.64 -8.31
CA LYS B 178 3.22 34.24 -9.25
C LYS B 178 2.43 35.29 -8.49
N CYS B 179 1.69 36.09 -9.24
CA CYS B 179 0.75 37.05 -8.67
C CYS B 179 -0.49 37.08 -9.52
N SER B 180 -1.55 37.64 -8.97
CA SER B 180 -2.81 37.79 -9.67
C SER B 180 -3.06 39.26 -9.96
N LEU B 181 -4.11 39.51 -10.73
CA LEU B 181 -4.47 40.85 -11.16
C LEU B 181 -5.34 41.50 -10.10
N VAL B 182 -4.90 42.64 -9.57
CA VAL B 182 -5.63 43.29 -8.49
C VAL B 182 -7.03 43.63 -8.96
N ARG B 183 -8.02 43.18 -8.20
CA ARG B 183 -9.41 43.40 -8.55
C ARG B 183 -10.19 43.87 -7.33
N PRO B 184 -11.14 44.77 -7.52
CA PRO B 184 -12.01 45.16 -6.41
C PRO B 184 -12.89 44.02 -5.96
N LYS B 185 -13.60 44.26 -4.87
CA LYS B 185 -14.47 43.26 -4.27
C LYS B 185 -15.36 43.99 -3.29
N VAL B 186 -16.68 43.89 -3.45
CA VAL B 186 -17.58 44.75 -2.71
C VAL B 186 -17.69 44.27 -1.26
N VAL B 187 -17.93 45.21 -0.35
CA VAL B 187 -18.22 44.84 1.03
C VAL B 187 -19.46 45.58 1.52
N ARG B 188 -20.01 46.45 0.68
CA ARG B 188 -21.22 47.19 1.02
C ARG B 188 -21.72 47.93 -0.20
N SER B 189 -23.03 48.00 -0.35
CA SER B 189 -23.67 48.76 -1.39
C SER B 189 -24.50 49.87 -0.78
N VAL B 190 -24.89 50.83 -1.62
CA VAL B 190 -25.76 51.93 -1.20
C VAL B 190 -26.72 52.20 -2.35
N HIS B 191 -27.99 51.92 -2.14
CA HIS B 191 -28.99 52.07 -3.18
C HIS B 191 -29.83 53.32 -2.94
N TYR B 192 -30.77 53.57 -3.84
CA TYR B 192 -31.54 54.80 -3.78
C TYR B 192 -32.83 54.60 -4.53
N CYS B 193 -33.91 55.19 -4.02
CA CYS B 193 -35.22 55.11 -4.64
C CYS B 193 -35.59 56.47 -5.22
N PRO B 194 -35.56 56.65 -6.53
CA PRO B 194 -35.94 57.94 -7.10
C PRO B 194 -37.39 58.30 -6.85
N ALA B 195 -38.23 57.31 -6.55
CA ALA B 195 -39.65 57.58 -6.31
C ALA B 195 -39.92 57.96 -4.86
N THR B 196 -39.49 57.11 -3.93
CA THR B 196 -39.78 57.32 -2.51
C THR B 196 -38.78 58.26 -1.83
N LYS B 197 -37.67 58.57 -2.49
CA LYS B 197 -36.63 59.44 -1.95
C LYS B 197 -36.00 58.89 -0.67
N LYS B 198 -36.05 57.56 -0.49
CA LYS B 198 -35.39 56.90 0.62
C LYS B 198 -33.98 56.47 0.20
N THR B 199 -33.32 55.70 1.05
CA THR B 199 -31.97 55.21 0.77
C THR B 199 -31.75 53.94 1.57
N ILE B 200 -31.69 52.80 0.89
CA ILE B 200 -31.46 51.52 1.55
C ILE B 200 -30.04 51.07 1.27
N GLU B 201 -29.50 50.30 2.20
CA GLU B 201 -28.14 49.78 2.10
C GLU B 201 -28.18 48.26 2.03
N ARG B 202 -26.99 47.67 1.95
CA ARG B 202 -26.83 46.23 1.90
C ARG B 202 -25.40 45.88 2.25
N ARG B 203 -25.22 44.94 3.16
CA ARG B 203 -23.90 44.52 3.62
C ARG B 203 -23.59 43.16 2.99
N TYR B 204 -22.38 43.01 2.47
CA TYR B 204 -22.00 41.81 1.76
C TYR B 204 -20.97 41.02 2.54
N SER B 205 -20.91 39.72 2.26
CA SER B 205 -19.97 38.83 2.91
C SER B 205 -19.84 37.57 2.05
N ASP B 206 -18.63 37.05 1.98
CA ASP B 206 -18.35 35.86 1.20
C ASP B 206 -17.56 34.86 2.05
N LEU B 207 -17.05 33.81 1.43
CA LEU B 207 -16.29 32.80 2.17
C LEU B 207 -14.87 33.23 2.47
N THR B 208 -14.43 34.38 1.98
CA THR B 208 -13.11 34.91 2.28
C THR B 208 -13.14 35.98 3.37
N THR B 209 -14.07 35.87 4.30
CA THR B 209 -14.12 36.72 5.47
C THR B 209 -13.76 35.89 6.69
N LEU B 210 -13.76 36.54 7.85
CA LEU B 210 -13.59 35.86 9.12
C LEU B 210 -14.90 35.38 9.71
N VAL B 211 -16.02 35.67 9.04
CA VAL B 211 -17.35 35.27 9.50
C VAL B 211 -17.99 34.25 8.56
N ALA B 212 -17.75 34.37 7.26
CA ALA B 212 -18.03 33.32 6.28
C ALA B 212 -19.52 32.97 6.20
N PHE B 213 -20.29 33.92 5.69
CA PHE B 213 -21.64 33.63 5.21
C PHE B 213 -21.73 34.01 3.73
N PRO B 214 -22.10 33.09 2.85
CA PRO B 214 -22.16 33.41 1.41
C PRO B 214 -23.39 34.24 1.09
N SER B 215 -23.18 35.52 0.83
CA SER B 215 -24.26 36.38 0.38
C SER B 215 -24.31 36.40 -1.13
N SER B 216 -25.49 36.69 -1.66
CA SER B 216 -25.70 36.76 -3.10
C SER B 216 -25.54 38.19 -3.58
N SER B 217 -24.85 38.35 -4.71
CA SER B 217 -24.66 39.67 -5.30
C SER B 217 -25.76 39.92 -6.32
N VAL B 218 -26.98 40.04 -5.79
CA VAL B 218 -28.15 40.27 -6.64
C VAL B 218 -28.34 41.75 -6.95
N TYR B 219 -27.83 42.66 -6.12
CA TYR B 219 -27.99 44.09 -6.34
C TYR B 219 -29.47 44.45 -6.49
N PRO B 220 -30.22 44.48 -5.39
CA PRO B 220 -31.68 44.65 -5.50
C PRO B 220 -32.08 45.87 -6.30
N THR B 221 -33.00 45.68 -7.23
CA THR B 221 -33.50 46.74 -8.08
C THR B 221 -34.93 47.16 -7.76
N LYS B 222 -35.72 46.26 -7.18
CA LYS B 222 -37.05 46.60 -6.68
C LYS B 222 -37.23 45.81 -5.38
N ASP B 223 -36.88 46.43 -4.26
CA ASP B 223 -37.11 45.79 -2.97
C ASP B 223 -38.59 45.44 -2.82
N GLU B 224 -39.45 46.46 -2.81
CA GLU B 224 -40.88 46.29 -2.94
C GLU B 224 -41.27 46.58 -4.37
N GLU B 225 -42.11 45.71 -4.95
CA GLU B 225 -42.39 45.76 -6.38
C GLU B 225 -42.81 47.14 -6.86
N ASN B 226 -43.34 47.97 -5.96
CA ASN B 226 -43.79 49.31 -6.36
C ASN B 226 -42.61 50.17 -6.83
N ASN B 227 -41.64 50.42 -5.97
CA ASN B 227 -40.67 51.45 -6.34
C ASN B 227 -39.47 50.85 -7.08
N PRO B 228 -38.88 51.61 -7.99
CA PRO B 228 -37.63 51.18 -8.64
C PRO B 228 -36.42 51.73 -7.90
N LEU B 229 -35.31 51.03 -8.05
CA LEU B 229 -34.06 51.41 -7.39
C LEU B 229 -33.02 51.83 -8.40
N GLU B 230 -31.90 52.35 -7.88
CA GLU B 230 -30.76 52.73 -8.71
C GLU B 230 -29.53 52.78 -7.82
N THR B 231 -28.50 52.01 -8.18
CA THR B 231 -27.31 51.92 -7.33
C THR B 231 -26.53 53.23 -7.36
N GLU B 232 -25.86 53.52 -6.25
CA GLU B 232 -24.95 54.65 -6.14
C GLU B 232 -23.54 54.15 -5.86
N TYR B 233 -22.69 54.19 -6.88
CA TYR B 233 -21.36 53.65 -6.72
C TYR B 233 -20.45 54.55 -5.91
N GLY B 234 -20.68 55.85 -5.95
CA GLY B 234 -19.82 56.75 -5.22
C GLY B 234 -19.86 56.53 -3.72
N LEU B 235 -20.99 56.05 -3.20
CA LEU B 235 -21.17 55.90 -1.78
C LEU B 235 -21.03 54.47 -1.30
N SER B 236 -20.76 53.52 -2.20
CA SER B 236 -20.54 52.15 -1.81
C SER B 236 -19.10 51.95 -1.34
N VAL B 237 -18.75 50.73 -0.98
CA VAL B 237 -17.43 50.44 -0.43
C VAL B 237 -16.89 49.17 -1.08
N TYR B 238 -15.77 49.30 -1.78
CA TYR B 238 -15.05 48.18 -2.37
C TYR B 238 -13.69 48.06 -1.72
N LYS B 239 -13.01 46.94 -1.98
CA LYS B 239 -11.68 46.74 -1.46
C LYS B 239 -10.87 45.96 -2.48
N ASP B 240 -9.57 45.87 -2.24
CA ASP B 240 -8.71 45.20 -3.19
C ASP B 240 -8.61 43.72 -2.88
N HIS B 241 -8.00 42.97 -3.79
CA HIS B 241 -7.96 41.53 -3.65
C HIS B 241 -6.93 40.92 -4.58
N GLN B 242 -5.95 40.20 -4.02
CA GLN B 242 -4.97 39.53 -4.86
C GLN B 242 -4.84 38.09 -4.40
N THR B 243 -4.02 37.32 -5.10
CA THR B 243 -3.88 35.90 -4.83
C THR B 243 -2.50 35.47 -5.31
N ILE B 244 -1.58 35.22 -4.38
CA ILE B 244 -0.22 34.85 -4.74
C ILE B 244 0.01 33.40 -4.34
N THR B 245 1.17 32.88 -4.72
CA THR B 245 1.46 31.46 -4.53
C THR B 245 2.86 31.30 -3.97
N ILE B 246 2.94 31.07 -2.66
CA ILE B 246 4.23 30.80 -2.07
C ILE B 246 4.65 29.38 -2.43
N GLN B 247 5.96 29.18 -2.51
CA GLN B 247 6.52 27.89 -2.89
C GLN B 247 7.78 27.65 -2.08
N GLU B 248 8.02 26.40 -1.71
CA GLU B 248 9.08 26.09 -0.78
C GLU B 248 10.43 26.50 -1.33
N MET B 249 11.33 26.86 -0.44
CA MET B 249 12.66 27.31 -0.85
C MET B 249 13.41 26.17 -1.51
N PRO B 250 14.20 26.46 -2.55
CA PRO B 250 14.88 25.37 -3.26
C PRO B 250 15.87 24.61 -2.39
N GLU B 251 16.72 25.32 -1.66
CA GLU B 251 17.74 24.69 -0.84
C GLU B 251 17.19 24.07 0.43
N LYS B 252 15.86 24.05 0.60
CA LYS B 252 15.24 23.35 1.72
C LYS B 252 14.42 22.15 1.29
N ALA B 253 14.23 21.96 -0.01
CA ALA B 253 13.51 20.79 -0.50
C ALA B 253 14.37 19.54 -0.32
N PRO B 254 13.74 18.38 -0.14
CA PRO B 254 14.51 17.12 -0.07
C PRO B 254 15.03 16.69 -1.44
N ALA B 255 14.74 17.50 -2.45
CA ALA B 255 15.35 17.42 -3.78
C ALA B 255 14.85 16.22 -4.58
N GLY B 256 14.03 15.37 -3.97
CA GLY B 256 13.50 14.24 -4.70
C GLY B 256 12.21 14.52 -5.44
N GLN B 257 11.50 15.60 -5.09
CA GLN B 257 10.15 15.85 -5.60
C GLN B 257 10.10 17.23 -6.23
N LEU B 258 8.87 17.66 -6.53
CA LEU B 258 8.57 19.01 -7.00
C LEU B 258 8.07 19.81 -5.81
N PRO B 259 8.87 20.72 -5.25
CA PRO B 259 8.54 21.34 -3.96
C PRO B 259 7.12 21.87 -3.85
N ARG B 260 6.56 21.77 -2.65
CA ARG B 260 5.15 22.06 -2.43
C ARG B 260 4.89 23.56 -2.47
N SER B 261 3.61 23.90 -2.55
CA SER B 261 3.17 25.28 -2.74
C SER B 261 2.03 25.58 -1.79
N VAL B 262 1.57 26.83 -1.80
CA VAL B 262 0.43 27.23 -0.99
C VAL B 262 -0.10 28.54 -1.55
N ASP B 263 -1.39 28.80 -1.35
CA ASP B 263 -2.08 29.94 -1.96
C ASP B 263 -2.42 30.98 -0.90
N VAL B 264 -2.00 32.21 -1.14
CA VAL B 264 -2.23 33.31 -0.22
C VAL B 264 -3.20 34.29 -0.83
N ILE B 265 -4.01 34.92 0.01
CA ILE B 265 -5.02 35.88 -0.40
C ILE B 265 -4.72 37.19 0.32
N LEU B 266 -3.92 38.04 -0.30
CA LEU B 266 -3.65 39.36 0.24
C LEU B 266 -4.89 40.23 0.10
N ASP B 267 -4.89 41.36 0.80
CA ASP B 267 -6.07 42.21 0.76
C ASP B 267 -5.75 43.58 1.37
N ASP B 268 -6.70 44.50 1.18
CA ASP B 268 -6.81 45.77 1.91
C ASP B 268 -5.47 46.46 2.15
N ASP B 269 -4.80 46.79 1.06
CA ASP B 269 -3.55 47.56 1.03
C ASP B 269 -2.35 46.75 1.49
N LEU B 270 -2.48 45.44 1.65
CA LEU B 270 -1.34 44.54 1.67
C LEU B 270 -0.99 44.09 0.27
N VAL B 271 -1.65 44.64 -0.74
CA VAL B 271 -1.82 43.98 -2.02
C VAL B 271 -0.52 43.83 -2.78
N ASP B 272 0.09 44.93 -3.18
CA ASP B 272 1.23 44.83 -4.08
C ASP B 272 2.53 44.60 -3.37
N LYS B 273 2.50 44.06 -2.15
CA LYS B 273 3.67 43.95 -1.30
C LYS B 273 4.59 42.81 -1.67
N ALA B 274 4.37 42.12 -2.79
CA ALA B 274 5.23 40.98 -3.12
C ALA B 274 5.21 40.75 -4.63
N LYS B 275 6.38 40.72 -5.23
CA LYS B 275 6.57 40.47 -6.65
C LYS B 275 7.19 39.09 -6.85
N PRO B 276 7.04 38.49 -8.04
CA PRO B 276 7.60 37.17 -8.26
C PRO B 276 9.11 37.15 -8.07
N GLY B 277 9.58 36.17 -7.31
CA GLY B 277 10.99 35.98 -7.09
C GLY B 277 11.53 36.44 -5.76
N ASP B 278 10.67 36.61 -4.75
CA ASP B 278 11.08 37.17 -3.47
C ASP B 278 11.25 36.07 -2.44
N ARG B 279 11.42 36.46 -1.19
CA ARG B 279 11.55 35.53 -0.05
C ARG B 279 10.74 36.13 1.09
N VAL B 280 9.49 35.72 1.21
CA VAL B 280 8.56 36.36 2.11
C VAL B 280 8.32 35.47 3.32
N GLN B 281 7.80 36.07 4.39
CA GLN B 281 7.36 35.38 5.60
C GLN B 281 5.93 35.84 5.88
N VAL B 282 4.96 35.18 5.27
CA VAL B 282 3.58 35.55 5.50
C VAL B 282 3.14 35.05 6.87
N VAL B 283 2.28 35.81 7.53
CA VAL B 283 1.76 35.46 8.85
C VAL B 283 0.25 35.57 8.77
N GLY B 284 -0.43 34.48 8.45
CA GLY B 284 -1.85 34.54 8.22
C GLY B 284 -2.57 33.29 8.70
N THR B 285 -3.87 33.46 8.94
CA THR B 285 -4.69 32.33 9.33
C THR B 285 -4.76 31.31 8.21
N TYR B 286 -4.97 30.06 8.57
CA TYR B 286 -5.11 28.97 7.61
C TYR B 286 -6.57 28.55 7.56
N ARG B 287 -7.05 28.25 6.36
CA ARG B 287 -8.49 28.14 6.19
C ARG B 287 -8.79 27.15 5.09
N CYS B 288 -9.91 26.46 5.19
CA CYS B 288 -10.39 25.61 4.10
C CYS B 288 -11.70 26.18 3.59
N LEU B 289 -11.84 26.25 2.28
CA LEU B 289 -13.03 26.87 1.70
C LEU B 289 -13.77 25.86 0.84
N PRO B 290 -14.94 25.42 1.25
CA PRO B 290 -15.62 24.35 0.52
C PRO B 290 -16.34 24.84 -0.73
N GLY B 291 -17.09 23.95 -1.35
CA GLY B 291 -17.85 24.29 -2.54
C GLY B 291 -18.83 23.19 -2.85
N LYS B 292 -19.66 23.46 -3.87
CA LYS B 292 -20.67 22.50 -4.30
C LYS B 292 -21.10 22.89 -5.71
N LYS B 293 -20.98 21.95 -6.63
CA LYS B 293 -21.41 22.15 -8.01
C LYS B 293 -22.59 21.21 -8.25
N GLY B 294 -23.79 21.71 -8.04
CA GLY B 294 -24.98 20.92 -8.30
C GLY B 294 -25.45 20.10 -7.13
N GLY B 295 -25.51 20.72 -5.94
CA GLY B 295 -26.11 20.10 -4.77
C GLY B 295 -25.42 18.85 -4.26
N TYR B 296 -24.26 18.52 -4.83
CA TYR B 296 -23.53 17.32 -4.45
C TYR B 296 -22.07 17.72 -4.30
N THR B 297 -21.57 17.68 -3.07
CA THR B 297 -20.23 18.15 -2.78
C THR B 297 -19.28 16.97 -2.66
N SER B 298 -18.16 17.03 -3.36
CA SER B 298 -17.06 16.16 -3.05
C SER B 298 -16.43 16.60 -1.74
N GLY B 299 -16.00 15.64 -0.92
CA GLY B 299 -15.39 15.99 0.35
C GLY B 299 -14.15 16.83 0.20
N THR B 300 -13.45 16.70 -0.93
CA THR B 300 -12.20 17.43 -1.15
C THR B 300 -12.41 18.92 -1.06
N PHE B 301 -11.55 19.60 -0.30
CA PHE B 301 -11.60 21.03 -0.14
C PHE B 301 -10.30 21.66 -0.62
N ARG B 302 -10.32 22.98 -0.77
CA ARG B 302 -9.13 23.75 -1.11
C ARG B 302 -8.79 24.66 0.06
N THR B 303 -7.54 24.63 0.48
CA THR B 303 -7.09 25.36 1.66
C THR B 303 -6.23 26.52 1.24
N VAL B 304 -6.50 27.69 1.82
CA VAL B 304 -5.77 28.91 1.53
C VAL B 304 -5.29 29.53 2.84
N LEU B 305 -4.52 30.59 2.69
CA LEU B 305 -3.89 31.31 3.79
C LEU B 305 -4.29 32.77 3.68
N ILE B 306 -5.10 33.24 4.62
CA ILE B 306 -5.66 34.58 4.56
C ILE B 306 -4.66 35.51 5.27
N ALA B 307 -3.68 35.97 4.51
CA ALA B 307 -2.54 36.67 5.09
C ALA B 307 -2.97 37.91 5.86
N CYS B 308 -2.22 38.22 6.92
CA CYS B 308 -2.43 39.46 7.66
C CYS B 308 -1.11 40.10 8.07
N ASN B 309 -0.02 39.78 7.38
CA ASN B 309 1.25 40.48 7.48
C ASN B 309 2.20 39.85 6.48
N VAL B 310 3.19 40.61 6.05
CA VAL B 310 4.17 40.14 5.08
C VAL B 310 5.53 40.72 5.46
N LYS B 311 6.58 39.93 5.31
CA LYS B 311 7.92 40.38 5.63
C LYS B 311 8.90 39.89 4.58
N GLN B 312 9.64 40.81 3.99
CA GLN B 312 10.77 40.45 3.14
C GLN B 312 11.92 40.03 4.05
N MET B 313 12.40 38.81 3.89
CA MET B 313 13.43 38.31 4.80
C MET B 313 14.76 39.00 4.55
N SER B 314 15.17 39.12 3.29
CA SER B 314 16.47 39.67 2.97
C SER B 314 16.43 41.20 3.03
N LYS B 315 17.39 41.79 3.73
CA LYS B 315 17.58 43.23 3.70
C LYS B 315 18.36 43.61 2.46
N ASP B 316 17.71 44.35 1.54
CA ASP B 316 18.38 44.70 0.26
C ASP B 316 18.56 46.22 0.16
N ALA B 317 18.80 46.89 1.29
CA ALA B 317 19.01 48.36 1.30
C ALA B 317 19.88 48.75 2.49
N GLN B 318 20.56 49.90 2.40
CA GLN B 318 21.38 50.39 3.55
C GLN B 318 21.20 51.91 3.73
N PRO B 319 19.99 52.43 4.04
CA PRO B 319 19.82 53.84 4.40
C PRO B 319 19.79 54.03 5.92
N SER B 320 19.98 52.95 6.69
CA SER B 320 19.92 53.03 8.17
C SER B 320 21.32 53.32 8.72
N PHE B 321 21.68 54.61 8.82
CA PHE B 321 23.02 55.00 9.33
C PHE B 321 22.87 55.72 10.67
N SER B 322 23.85 55.60 11.55
CA SER B 322 23.83 56.28 12.84
C SER B 322 24.42 57.68 12.72
N ALA B 323 23.98 58.57 13.62
CA ALA B 323 24.60 59.88 13.70
C ALA B 323 26.08 59.75 14.02
N GLU B 324 26.45 58.73 14.79
CA GLU B 324 27.87 58.43 14.96
C GLU B 324 28.49 58.03 13.64
N ASP B 325 27.74 57.30 12.81
CA ASP B 325 28.26 56.90 11.51
C ASP B 325 28.45 58.11 10.60
N ILE B 326 27.46 59.01 10.54
CA ILE B 326 27.60 60.17 9.69
C ILE B 326 28.73 61.07 10.22
N ALA B 327 28.93 61.06 11.53
CA ALA B 327 30.05 61.79 12.10
C ALA B 327 31.37 61.21 11.61
N LYS B 328 31.51 59.88 11.70
CA LYS B 328 32.69 59.23 11.15
C LYS B 328 32.89 59.60 9.68
N ILE B 329 31.80 59.65 8.92
CA ILE B 329 31.89 59.88 7.49
C ILE B 329 32.40 61.28 7.20
N LYS B 330 31.82 62.27 7.88
CA LYS B 330 32.28 63.65 7.69
C LYS B 330 33.68 63.87 8.23
N LYS B 331 34.12 63.05 9.19
CA LYS B 331 35.53 63.06 9.58
C LYS B 331 36.40 62.56 8.43
N PHE B 332 36.13 61.32 7.98
CA PHE B 332 36.97 60.67 6.99
C PHE B 332 37.05 61.47 5.71
N SER B 333 35.94 62.11 5.32
CA SER B 333 35.92 62.92 4.11
C SER B 333 36.72 64.21 4.25
N LYS B 334 37.13 64.57 5.47
CA LYS B 334 37.87 65.78 5.70
C LYS B 334 39.33 65.54 6.06
N THR B 335 39.64 64.39 6.66
CA THR B 335 40.97 64.08 7.15
C THR B 335 42.04 64.41 6.13
N ARG B 336 42.02 63.73 4.98
CA ARG B 336 42.95 64.00 3.90
C ARG B 336 42.18 63.97 2.59
N SER B 337 42.22 65.08 1.86
CA SER B 337 41.66 65.12 0.52
C SER B 337 42.65 64.64 -0.52
N LYS B 338 43.95 64.64 -0.21
CA LYS B 338 44.94 64.10 -1.13
C LYS B 338 44.69 62.62 -1.34
N ASP B 339 44.86 61.82 -0.29
CA ASP B 339 44.77 60.37 -0.39
C ASP B 339 43.54 59.90 0.35
N ILE B 340 42.41 59.94 -0.35
CA ILE B 340 41.23 59.23 0.05
C ILE B 340 40.72 58.32 -1.05
N PHE B 341 40.97 58.66 -2.31
CA PHE B 341 40.57 57.82 -3.42
C PHE B 341 41.45 56.59 -3.46
N ASP B 342 42.77 56.79 -3.49
CA ASP B 342 43.69 55.67 -3.46
C ASP B 342 43.46 54.81 -2.23
N GLN B 343 43.29 55.46 -1.07
CA GLN B 343 43.03 54.72 0.15
C GLN B 343 41.70 53.98 0.08
N LEU B 344 40.72 54.53 -0.62
CA LEU B 344 39.47 53.81 -0.79
C LEU B 344 39.68 52.57 -1.65
N ALA B 345 40.42 52.70 -2.75
CA ALA B 345 40.54 51.62 -3.72
C ALA B 345 41.44 50.51 -3.23
N LYS B 346 42.44 50.82 -2.40
CA LYS B 346 43.29 49.76 -1.86
C LYS B 346 42.46 48.76 -1.06
N SER B 347 41.47 49.24 -0.33
CA SER B 347 40.66 48.40 0.53
C SER B 347 39.47 47.79 -0.21
N LEU B 348 39.49 47.79 -1.53
CA LEU B 348 38.31 47.39 -2.29
C LEU B 348 38.12 45.89 -2.28
N ALA B 349 39.06 45.14 -2.85
CA ALA B 349 39.02 43.69 -2.88
C ALA B 349 40.36 43.18 -2.38
N PRO B 350 40.50 43.02 -1.06
CA PRO B 350 41.79 42.56 -0.53
C PRO B 350 42.10 41.13 -0.90
N SER B 351 41.09 40.33 -1.21
CA SER B 351 41.23 38.94 -1.57
C SER B 351 41.90 38.75 -2.89
N ILE B 352 42.36 39.83 -3.51
CA ILE B 352 43.00 39.77 -4.83
C ILE B 352 44.29 40.55 -4.77
N HIS B 353 45.34 39.98 -5.37
CA HIS B 353 46.64 40.61 -5.38
C HIS B 353 46.96 41.13 -6.77
N GLY B 354 47.64 42.27 -6.83
CA GLY B 354 47.83 42.95 -8.09
C GLY B 354 46.58 43.71 -8.48
N HIS B 355 46.56 44.15 -9.74
CA HIS B 355 45.39 44.80 -10.33
C HIS B 355 44.94 45.98 -9.50
N ASP B 356 45.84 46.95 -9.33
CA ASP B 356 45.45 48.18 -8.65
C ASP B 356 44.64 49.08 -9.57
N TYR B 357 45.06 49.19 -10.82
CA TYR B 357 44.33 50.01 -11.79
C TYR B 357 42.90 49.52 -11.93
N VAL B 358 42.73 48.22 -12.08
CA VAL B 358 41.39 47.67 -12.30
C VAL B 358 40.50 47.94 -11.09
N LYS B 359 41.06 47.83 -9.89
CA LYS B 359 40.28 48.15 -8.70
C LYS B 359 39.90 49.62 -8.69
N LYS B 360 40.82 50.49 -9.08
CA LYS B 360 40.53 51.91 -9.16
C LYS B 360 39.34 52.17 -10.07
N ALA B 361 39.37 51.57 -11.26
CA ALA B 361 38.31 51.80 -12.23
C ALA B 361 36.99 51.19 -11.77
N ILE B 362 37.05 50.02 -11.10
CA ILE B 362 35.82 49.41 -10.61
C ILE B 362 35.19 50.27 -9.53
N LEU B 363 36.02 50.92 -8.71
CA LEU B 363 35.48 51.88 -7.75
C LEU B 363 34.79 53.04 -8.48
N CYS B 364 35.45 53.58 -9.50
CA CYS B 364 34.83 54.62 -10.32
C CYS B 364 33.48 54.16 -10.83
N LEU B 365 33.38 52.91 -11.27
CA LEU B 365 32.10 52.34 -11.65
C LEU B 365 31.10 52.40 -10.50
N LEU B 366 31.51 51.93 -9.33
CA LEU B 366 30.60 51.83 -8.21
C LEU B 366 30.10 53.20 -7.78
N LEU B 367 30.79 54.27 -8.16
CA LEU B 367 30.30 55.62 -7.86
C LEU B 367 29.41 56.16 -8.97
N GLY B 368 29.95 56.30 -10.17
CA GLY B 368 29.20 56.81 -11.29
C GLY B 368 29.39 58.30 -11.47
N GLY B 369 29.04 58.77 -12.66
CA GLY B 369 29.10 60.18 -13.01
C GLY B 369 27.85 60.93 -12.65
N VAL B 370 27.54 61.95 -13.46
CA VAL B 370 26.37 62.78 -13.25
C VAL B 370 25.61 62.86 -14.56
N GLU B 371 24.35 62.44 -14.55
CA GLU B 371 23.52 62.44 -15.75
C GLU B 371 22.97 63.84 -15.98
N ARG B 372 23.45 64.51 -17.02
CA ARG B 372 22.95 65.83 -17.37
C ARG B 372 21.83 65.68 -18.38
N ASP B 373 20.71 66.35 -18.13
CA ASP B 373 19.62 66.45 -19.09
C ASP B 373 19.39 67.92 -19.40
N LEU B 374 19.63 68.30 -20.63
CA LEU B 374 19.55 69.71 -20.99
C LEU B 374 18.11 70.18 -20.94
N GLU B 375 17.90 71.45 -21.28
CA GLU B 375 16.57 72.03 -21.15
C GLU B 375 15.66 71.61 -22.29
N ASN B 376 16.19 71.53 -23.51
CA ASN B 376 15.37 71.18 -24.66
C ASN B 376 14.82 69.76 -24.58
N GLY B 377 15.38 68.92 -23.72
CA GLY B 377 14.94 67.54 -23.61
C GLY B 377 16.01 66.53 -23.90
N SER B 378 17.21 66.94 -24.29
CA SER B 378 18.29 66.00 -24.59
C SER B 378 18.70 65.26 -23.33
N HIS B 379 19.66 64.36 -23.45
CA HIS B 379 20.07 63.55 -22.32
C HIS B 379 21.45 62.99 -22.60
N ILE B 380 22.31 63.01 -21.58
CA ILE B 380 23.67 62.55 -21.69
C ILE B 380 23.92 61.56 -20.56
N ARG B 381 24.45 60.38 -20.89
CA ARG B 381 24.52 59.33 -19.90
C ARG B 381 25.59 59.62 -18.87
N GLY B 382 25.44 58.99 -17.71
CA GLY B 382 26.33 59.22 -16.60
C GLY B 382 26.86 57.95 -15.98
N ASP B 383 27.17 56.96 -16.79
CA ASP B 383 27.61 55.67 -16.31
C ASP B 383 28.93 55.29 -16.97
N ILE B 384 29.60 54.30 -16.41
CA ILE B 384 30.88 53.83 -16.92
C ILE B 384 30.76 52.33 -17.17
N ASN B 385 31.18 51.89 -18.35
CA ASN B 385 31.12 50.48 -18.73
C ASN B 385 32.54 49.95 -18.91
N ILE B 386 32.88 48.92 -18.16
CA ILE B 386 34.24 48.41 -18.07
C ILE B 386 34.33 47.08 -18.78
N LEU B 387 35.44 46.84 -19.49
CA LEU B 387 35.67 45.55 -20.15
C LEU B 387 37.05 45.03 -19.76
N LEU B 388 37.13 43.76 -19.40
CA LEU B 388 38.37 43.13 -18.94
C LEU B 388 38.67 41.90 -19.79
N ILE B 389 39.80 41.92 -20.49
CA ILE B 389 40.22 40.76 -21.26
C ILE B 389 41.57 40.28 -20.72
N GLY B 390 41.77 38.97 -20.78
CA GLY B 390 43.03 38.42 -20.34
C GLY B 390 42.98 36.90 -20.30
N ASP B 391 44.18 36.33 -20.14
CA ASP B 391 44.39 34.89 -20.07
C ASP B 391 43.55 34.28 -18.96
N PRO B 392 43.40 32.96 -18.90
CA PRO B 392 42.58 32.36 -17.84
C PRO B 392 43.21 32.53 -16.47
N SER B 393 42.35 32.49 -15.45
CA SER B 393 42.75 32.50 -14.05
C SER B 393 43.56 33.76 -13.70
N VAL B 394 42.89 34.90 -13.82
CA VAL B 394 43.49 36.17 -13.40
C VAL B 394 42.46 36.89 -12.51
N ALA B 395 41.57 36.12 -11.90
CA ALA B 395 40.58 36.61 -10.95
C ALA B 395 39.53 37.52 -11.58
N LYS B 396 39.29 37.40 -12.89
CA LYS B 396 38.25 38.19 -13.52
C LYS B 396 36.88 37.85 -12.93
N SER B 397 36.49 36.58 -13.02
CA SER B 397 35.23 36.16 -12.44
C SER B 397 35.14 36.56 -10.97
N GLN B 398 36.28 36.63 -10.29
CA GLN B 398 36.28 37.05 -8.90
C GLN B 398 35.86 38.51 -8.76
N LEU B 399 36.47 39.39 -9.55
CA LEU B 399 36.08 40.78 -9.52
C LEU B 399 34.61 40.94 -9.82
N LEU B 400 34.10 40.17 -10.79
CA LEU B 400 32.68 40.25 -11.12
C LEU B 400 31.83 39.83 -9.93
N ARG B 401 32.14 38.69 -9.32
CA ARG B 401 31.34 38.18 -8.22
C ARG B 401 31.44 39.07 -6.99
N TYR B 402 32.46 39.91 -6.90
CA TYR B 402 32.51 40.86 -5.80
C TYR B 402 31.70 42.11 -6.09
N VAL B 403 31.81 42.65 -7.30
CA VAL B 403 31.00 43.79 -7.68
C VAL B 403 29.53 43.44 -7.61
N LEU B 404 29.19 42.16 -7.80
CA LEU B 404 27.80 41.75 -7.65
C LEU B 404 27.31 42.02 -6.24
N CYS B 405 28.05 41.55 -5.24
CA CYS B 405 27.55 41.64 -3.88
C CYS B 405 27.73 43.03 -3.27
N THR B 406 28.71 43.81 -3.74
CA THR B 406 28.91 45.12 -3.14
C THR B 406 27.77 46.07 -3.50
N ALA B 407 27.60 46.35 -4.78
CA ALA B 407 26.58 47.28 -5.20
C ALA B 407 25.20 46.68 -4.96
N PRO B 408 24.21 47.49 -4.61
CA PRO B 408 22.83 47.01 -4.61
C PRO B 408 22.28 47.01 -6.03
N ARG B 409 21.35 46.08 -6.27
CA ARG B 409 20.71 45.92 -7.57
C ARG B 409 21.76 45.64 -8.65
N ALA B 410 22.40 44.50 -8.51
CA ALA B 410 23.31 43.98 -9.52
C ALA B 410 22.77 42.65 -10.04
N ILE B 411 22.88 42.45 -11.34
CA ILE B 411 22.33 41.28 -12.01
C ILE B 411 23.47 40.54 -12.71
N PRO B 412 23.60 39.24 -12.55
CA PRO B 412 24.62 38.47 -13.25
C PRO B 412 24.09 37.90 -14.56
N THR B 413 25.01 37.65 -15.48
CA THR B 413 24.66 37.09 -16.77
C THR B 413 25.93 36.54 -17.41
N THR B 414 25.75 35.54 -18.27
CA THR B 414 26.84 34.89 -18.96
C THR B 414 26.80 35.21 -20.44
N GLY B 415 27.67 34.54 -21.20
CA GLY B 415 27.75 34.72 -22.62
C GLY B 415 27.13 33.65 -23.47
N ARG B 416 26.52 32.63 -22.87
CA ARG B 416 25.81 31.63 -23.65
C ARG B 416 24.42 31.41 -23.09
N GLY B 417 24.27 31.59 -21.79
CA GLY B 417 22.96 31.54 -21.18
C GLY B 417 22.25 32.86 -21.29
N SER B 418 22.43 33.55 -22.42
CA SER B 418 21.85 34.87 -22.61
C SER B 418 21.70 35.12 -24.10
N SER B 419 20.47 35.24 -24.55
CA SER B 419 20.21 35.58 -25.95
C SER B 419 20.16 37.09 -26.13
N GLY B 420 20.16 37.51 -27.39
CA GLY B 420 20.11 38.94 -27.68
C GLY B 420 18.81 39.59 -27.29
N VAL B 421 17.74 38.83 -27.15
CA VAL B 421 16.43 39.40 -26.83
C VAL B 421 16.13 39.16 -25.36
N GLY B 422 16.61 38.04 -24.82
CA GLY B 422 16.44 37.78 -23.40
C GLY B 422 17.22 38.73 -22.51
N LEU B 423 18.09 39.54 -23.08
CA LEU B 423 18.81 40.53 -22.30
C LEU B 423 17.99 41.79 -22.08
N THR B 424 17.18 42.18 -23.08
CA THR B 424 16.52 43.47 -23.04
C THR B 424 15.01 43.37 -22.84
N ALA B 425 14.28 42.72 -23.73
CA ALA B 425 12.83 42.59 -23.58
C ALA B 425 12.31 41.64 -24.64
N ALA B 426 11.40 40.75 -24.24
CA ALA B 426 10.82 39.80 -25.18
C ALA B 426 9.30 39.82 -25.08
N VAL B 427 8.66 39.62 -26.23
CA VAL B 427 7.20 39.67 -26.30
C VAL B 427 6.64 38.28 -26.02
N THR B 428 5.57 38.22 -25.24
CA THR B 428 4.89 36.97 -24.93
C THR B 428 3.42 37.25 -24.74
N THR B 429 2.71 36.29 -24.16
CA THR B 429 1.29 36.41 -23.84
C THR B 429 1.06 35.98 -22.39
N ASP B 430 -0.21 36.02 -21.99
CA ASP B 430 -0.63 35.54 -20.69
C ASP B 430 -1.40 34.24 -20.84
N GLN B 431 -1.51 33.51 -19.73
CA GLN B 431 -2.28 32.28 -19.71
C GLN B 431 -3.74 32.51 -19.35
N GLU B 432 -4.02 33.54 -18.56
CA GLU B 432 -5.40 33.83 -18.17
C GLU B 432 -6.12 34.66 -19.22
N THR B 433 -5.43 35.62 -19.83
CA THR B 433 -6.07 36.55 -20.76
C THR B 433 -5.70 36.29 -22.21
N GLY B 434 -4.50 35.79 -22.48
CA GLY B 434 -4.14 35.45 -23.84
C GLY B 434 -3.81 36.62 -24.73
N GLU B 435 -3.47 37.77 -24.16
CA GLU B 435 -3.11 38.96 -24.93
C GLU B 435 -1.67 39.34 -24.62
N ARG B 436 -0.98 39.85 -25.64
CA ARG B 436 0.47 39.97 -25.56
C ARG B 436 0.90 41.05 -24.58
N ARG B 437 2.13 40.90 -24.10
CA ARG B 437 2.78 41.88 -23.25
C ARG B 437 4.29 41.72 -23.41
N LEU B 438 5.03 42.56 -22.70
CA LEU B 438 6.45 42.75 -22.91
C LEU B 438 7.20 42.39 -21.63
N GLU B 439 7.72 41.16 -21.56
CA GLU B 439 8.48 40.74 -20.40
C GLU B 439 9.86 41.37 -20.43
N ALA B 440 10.28 41.92 -19.28
CA ALA B 440 11.49 42.70 -19.20
C ALA B 440 12.70 41.79 -19.16
N GLY B 441 13.69 42.10 -20.00
CA GLY B 441 14.91 41.32 -20.02
C GLY B 441 15.74 41.58 -18.79
N ALA B 442 16.99 41.15 -18.85
CA ALA B 442 17.91 41.38 -17.75
C ALA B 442 18.22 42.85 -17.61
N MET B 443 18.65 43.48 -18.69
CA MET B 443 19.18 44.83 -18.63
C MET B 443 18.10 45.88 -18.50
N VAL B 444 16.87 45.49 -18.23
CA VAL B 444 15.83 46.43 -17.85
C VAL B 444 15.42 46.26 -16.39
N LEU B 445 15.52 45.05 -15.84
CA LEU B 445 15.38 44.88 -14.40
C LEU B 445 16.45 45.67 -13.68
N ALA B 446 17.71 45.52 -14.11
CA ALA B 446 18.83 46.24 -13.52
C ALA B 446 18.85 47.67 -14.05
N ASP B 447 17.90 48.46 -13.60
CA ASP B 447 17.89 49.88 -13.86
C ASP B 447 18.50 50.60 -12.66
N ARG B 448 19.28 51.65 -12.93
CA ARG B 448 20.03 52.34 -11.89
C ARG B 448 20.91 51.36 -11.12
N GLY B 449 21.41 50.34 -11.82
CA GLY B 449 22.18 49.29 -11.18
C GLY B 449 23.39 48.85 -11.95
N VAL B 450 23.75 47.57 -11.83
CA VAL B 450 24.96 47.02 -12.44
C VAL B 450 24.58 45.72 -13.12
N VAL B 451 25.17 45.47 -14.30
CA VAL B 451 24.96 44.22 -15.00
C VAL B 451 26.31 43.60 -15.31
N CYS B 452 26.54 42.37 -14.83
CA CYS B 452 27.84 41.71 -14.88
C CYS B 452 27.79 40.58 -15.90
N ILE B 453 28.46 40.76 -17.02
CA ILE B 453 28.43 39.81 -18.13
C ILE B 453 29.77 39.11 -18.20
N ASP B 454 29.81 37.83 -17.83
CA ASP B 454 31.05 37.08 -17.90
C ASP B 454 31.05 36.18 -19.13
N GLU B 455 32.24 35.98 -19.68
CA GLU B 455 32.43 35.36 -20.98
C GLU B 455 31.59 36.06 -22.04
N PHE B 456 31.80 37.37 -22.13
CA PHE B 456 31.15 38.23 -23.10
C PHE B 456 31.57 37.92 -24.53
N ASP B 457 32.50 36.99 -24.74
CA ASP B 457 32.98 36.68 -26.08
C ASP B 457 32.35 35.44 -26.68
N LYS B 458 31.72 34.60 -25.86
CA LYS B 458 31.06 33.41 -26.36
C LYS B 458 29.64 33.76 -26.78
N MET B 459 29.40 35.04 -27.07
CA MET B 459 28.09 35.55 -27.46
C MET B 459 28.12 35.86 -28.94
N SER B 460 27.19 35.27 -29.68
CA SER B 460 27.22 35.33 -31.13
C SER B 460 27.08 36.77 -31.61
N ASP B 461 27.53 36.99 -32.85
CA ASP B 461 27.52 38.35 -33.42
C ASP B 461 26.11 38.93 -33.45
N MET B 462 25.11 38.10 -33.71
CA MET B 462 23.74 38.59 -33.76
C MET B 462 23.21 38.95 -32.39
N ASP B 463 23.96 38.72 -31.34
CA ASP B 463 23.50 39.00 -29.98
C ASP B 463 24.11 40.24 -29.37
N ARG B 464 25.37 40.56 -29.68
CA ARG B 464 25.95 41.81 -29.21
C ARG B 464 25.17 42.99 -29.74
N THR B 465 24.79 42.94 -31.01
CA THR B 465 24.14 44.07 -31.64
C THR B 465 22.89 44.51 -30.90
N ALA B 466 22.27 43.63 -30.13
CA ALA B 466 21.08 44.02 -29.40
C ALA B 466 21.37 44.91 -28.20
N ILE B 467 22.62 45.32 -28.02
CA ILE B 467 23.01 46.11 -26.87
C ILE B 467 23.35 47.55 -27.24
N HIS B 468 23.74 47.82 -28.48
CA HIS B 468 24.25 49.14 -28.85
C HIS B 468 23.30 50.27 -28.52
N GLU B 469 22.01 50.00 -28.37
CA GLU B 469 21.05 51.03 -28.02
C GLU B 469 20.92 51.18 -26.51
N VAL B 470 21.04 50.08 -25.78
CA VAL B 470 20.82 50.07 -24.34
C VAL B 470 22.10 50.34 -23.57
N MET B 471 23.24 50.44 -24.24
CA MET B 471 24.47 50.77 -23.56
C MET B 471 24.84 52.24 -23.67
N GLU B 472 24.34 52.94 -24.67
CA GLU B 472 24.60 54.38 -24.79
C GLU B 472 23.35 55.22 -24.61
N GLN B 473 22.31 54.98 -25.42
CA GLN B 473 21.13 55.83 -25.34
C GLN B 473 20.36 55.60 -24.05
N GLY B 474 20.53 54.46 -23.41
CA GLY B 474 19.97 54.25 -22.10
C GLY B 474 18.54 53.76 -22.06
N ARG B 475 17.90 53.54 -23.21
CA ARG B 475 16.55 53.01 -23.18
C ARG B 475 16.31 52.15 -24.40
N VAL B 476 15.56 51.09 -24.19
CA VAL B 476 15.30 50.06 -25.18
C VAL B 476 14.03 50.38 -25.94
N THR B 477 14.07 50.25 -27.25
CA THR B 477 12.91 50.47 -28.12
C THR B 477 12.54 49.18 -28.81
N ILE B 478 11.28 48.78 -28.70
CA ILE B 478 10.81 47.52 -29.27
C ILE B 478 9.61 47.80 -30.15
N ALA B 479 9.68 47.35 -31.40
CA ALA B 479 8.57 47.43 -32.35
C ALA B 479 8.38 46.03 -32.94
N LYS B 480 7.67 45.18 -32.23
CA LYS B 480 7.38 43.83 -32.66
C LYS B 480 5.98 43.81 -33.25
N ALA B 481 5.42 42.62 -33.42
CA ALA B 481 4.15 42.48 -34.11
C ALA B 481 3.06 43.35 -33.50
N GLY B 482 2.70 43.08 -32.25
CA GLY B 482 1.63 43.85 -31.65
C GLY B 482 2.07 44.64 -30.44
N ILE B 483 3.32 45.10 -30.47
CA ILE B 483 3.95 45.74 -29.31
C ILE B 483 4.82 46.87 -29.81
N HIS B 484 4.62 48.06 -29.24
CA HIS B 484 5.45 49.23 -29.56
C HIS B 484 5.74 49.95 -28.26
N ALA B 485 6.91 49.72 -27.70
CA ALA B 485 7.20 50.26 -26.37
C ALA B 485 8.62 50.78 -26.31
N ARG B 486 8.86 51.60 -25.29
CA ARG B 486 10.18 52.14 -25.01
C ARG B 486 10.39 52.06 -23.50
N LEU B 487 11.29 51.18 -23.07
CA LEU B 487 11.55 50.95 -21.67
C LEU B 487 12.81 51.68 -21.25
N ASN B 488 12.83 52.15 -20.00
CA ASN B 488 13.98 52.83 -19.44
C ASN B 488 14.95 51.81 -18.89
N ALA B 489 16.20 51.86 -19.35
CA ALA B 489 17.20 50.89 -18.93
C ALA B 489 18.53 51.58 -18.64
N ARG B 490 18.49 52.66 -17.86
CA ARG B 490 19.73 53.37 -17.54
C ARG B 490 20.57 52.55 -16.58
N CYS B 491 21.53 51.77 -17.11
CA CYS B 491 22.35 50.91 -16.28
C CYS B 491 23.82 51.04 -16.64
N SER B 492 24.66 50.16 -16.09
CA SER B 492 26.10 50.18 -16.37
C SER B 492 26.60 48.75 -16.48
N VAL B 493 27.49 48.53 -17.45
CA VAL B 493 27.90 47.20 -17.88
C VAL B 493 29.32 46.94 -17.40
N LEU B 494 29.51 45.79 -16.76
CA LEU B 494 30.83 45.29 -16.38
C LEU B 494 31.01 43.93 -17.03
N ALA B 495 31.96 43.83 -17.96
CA ALA B 495 32.04 42.66 -18.83
C ALA B 495 33.44 42.07 -18.84
N ALA B 496 33.50 40.75 -18.99
CA ALA B 496 34.77 40.02 -19.00
C ALA B 496 34.82 39.07 -20.18
N ALA B 497 35.90 39.11 -20.94
CA ALA B 497 35.99 38.34 -22.17
C ALA B 497 37.34 37.69 -22.32
N ASN B 498 37.35 36.39 -22.65
CA ASN B 498 38.60 35.69 -22.93
C ASN B 498 39.10 36.06 -24.33
N PRO B 499 40.39 36.27 -24.51
CA PRO B 499 40.88 36.72 -25.82
C PRO B 499 40.85 35.59 -26.82
N VAL B 500 40.89 35.97 -28.09
CA VAL B 500 40.99 34.96 -29.13
C VAL B 500 42.38 34.34 -29.08
N TYR B 501 42.50 33.15 -29.68
CA TYR B 501 43.66 32.27 -29.59
C TYR B 501 43.83 31.65 -28.22
N GLY B 502 42.80 31.68 -27.38
CA GLY B 502 42.90 31.07 -26.07
C GLY B 502 43.74 31.85 -25.09
N ARG B 503 44.92 32.28 -25.52
CA ARG B 503 45.81 33.10 -24.72
C ARG B 503 46.23 34.31 -25.52
N TYR B 504 46.58 35.38 -24.81
CA TYR B 504 46.94 36.63 -25.44
C TYR B 504 48.35 36.49 -26.03
N ASP B 505 48.43 36.24 -27.33
CA ASP B 505 49.71 36.26 -28.02
C ASP B 505 50.31 37.66 -27.92
N GLN B 506 51.39 37.79 -27.16
CA GLN B 506 51.95 39.10 -26.87
C GLN B 506 52.68 39.68 -28.01
N TYR B 507 52.58 39.13 -29.22
CA TYR B 507 53.31 39.66 -30.35
C TYR B 507 52.43 40.17 -31.48
N LYS B 508 51.19 39.72 -31.60
CA LYS B 508 50.40 40.07 -32.77
C LYS B 508 50.06 41.55 -32.84
N THR B 509 49.08 41.98 -32.04
CA THR B 509 48.64 43.36 -31.87
C THR B 509 47.44 43.33 -30.94
N PRO B 510 47.10 44.42 -30.25
CA PRO B 510 45.89 44.40 -29.42
C PRO B 510 44.61 44.31 -30.21
N MET B 511 44.64 44.61 -31.51
CA MET B 511 43.42 44.60 -32.31
C MET B 511 43.07 43.22 -32.84
N GLU B 512 44.08 42.37 -33.07
CA GLU B 512 43.84 41.02 -33.54
C GLU B 512 43.58 40.04 -32.42
N ASN B 513 43.91 40.41 -31.19
CA ASN B 513 43.62 39.56 -30.04
C ASN B 513 42.20 39.77 -29.53
N ILE B 514 41.51 40.82 -29.97
CA ILE B 514 40.14 41.10 -29.58
C ILE B 514 39.28 41.01 -30.83
N GLY B 515 38.20 40.24 -30.75
CA GLY B 515 37.33 40.10 -31.90
C GLY B 515 36.34 41.22 -32.11
N LEU B 516 36.14 42.06 -31.11
CA LEU B 516 35.07 43.04 -31.18
C LEU B 516 35.38 44.07 -32.26
N GLN B 517 34.31 44.50 -32.95
CA GLN B 517 34.47 45.50 -34.00
C GLN B 517 34.52 46.88 -33.39
N ASP B 518 35.09 47.81 -34.16
CA ASP B 518 35.37 49.15 -33.63
C ASP B 518 34.12 49.95 -33.33
N SER B 519 32.93 49.40 -33.54
CA SER B 519 31.71 50.07 -33.13
C SER B 519 31.31 49.69 -31.72
N LEU B 520 31.49 48.43 -31.35
CA LEU B 520 31.24 48.02 -29.98
C LEU B 520 32.39 48.41 -29.07
N LEU B 521 33.60 48.47 -29.60
CA LEU B 521 34.74 48.84 -28.77
C LEU B 521 34.70 50.27 -28.32
N SER B 522 33.85 51.10 -28.92
CA SER B 522 33.74 52.49 -28.50
C SER B 522 32.79 52.66 -27.35
N ARG B 523 31.77 51.80 -27.24
CA ARG B 523 30.83 51.89 -26.15
C ARG B 523 31.52 51.72 -24.80
N PHE B 524 32.14 50.56 -24.58
CA PHE B 524 32.96 50.34 -23.40
C PHE B 524 34.08 51.37 -23.36
N ASP B 525 34.07 52.26 -22.38
CA ASP B 525 35.02 53.35 -22.36
C ASP B 525 36.34 52.99 -21.69
N LEU B 526 36.42 51.84 -21.04
CA LEU B 526 37.66 51.39 -20.42
C LEU B 526 37.91 49.93 -20.76
N LEU B 527 39.04 49.66 -21.39
CA LEU B 527 39.43 48.33 -21.81
C LEU B 527 40.72 47.96 -21.09
N PHE B 528 40.66 46.97 -20.21
CA PHE B 528 41.80 46.54 -19.42
C PHE B 528 42.26 45.19 -19.89
N ILE B 529 43.50 45.12 -20.37
CA ILE B 529 44.10 43.88 -20.81
C ILE B 529 44.84 43.29 -19.61
N MET B 530 44.16 42.39 -18.89
CA MET B 530 44.77 41.76 -17.69
C MET B 530 45.34 40.39 -18.07
N LEU B 531 46.31 40.37 -19.00
CA LEU B 531 46.95 39.10 -19.41
C LEU B 531 47.63 38.47 -18.18
N ASP B 532 47.59 37.14 -18.06
CA ASP B 532 48.17 36.44 -16.88
C ASP B 532 49.53 37.05 -16.53
N GLN B 533 49.61 37.69 -15.36
CA GLN B 533 50.90 38.22 -14.83
C GLN B 533 51.92 37.08 -14.79
N MET B 534 52.85 37.06 -15.75
CA MET B 534 53.84 35.95 -15.83
C MET B 534 55.04 36.25 -14.91
N ASP B 535 55.20 37.52 -14.50
CA ASP B 535 56.31 37.89 -13.58
C ASP B 535 56.28 36.97 -12.36
N PRO B 536 57.41 36.35 -11.96
CA PRO B 536 57.43 35.36 -10.87
C PRO B 536 57.06 35.92 -9.52
N GLU B 537 57.13 37.24 -9.32
CA GLU B 537 56.93 37.79 -7.99
C GLU B 537 55.46 37.68 -7.56
N GLN B 538 54.54 38.15 -8.41
CA GLN B 538 53.15 38.27 -8.00
C GLN B 538 52.55 36.92 -7.64
N ASP B 539 52.88 35.89 -8.42
CA ASP B 539 52.36 34.55 -8.14
C ASP B 539 52.70 34.11 -6.72
N ARG B 540 53.85 34.55 -6.22
CA ARG B 540 54.28 34.14 -4.89
C ARG B 540 53.31 34.63 -3.82
N GLU B 541 53.04 35.94 -3.81
CA GLU B 541 52.11 36.48 -2.84
C GLU B 541 50.68 36.01 -3.08
N ILE B 542 50.31 35.78 -4.34
CA ILE B 542 48.97 35.28 -4.62
C ILE B 542 48.78 33.91 -4.01
N SER B 543 49.78 33.05 -4.16
CA SER B 543 49.72 31.72 -3.57
C SER B 543 49.69 31.81 -2.05
N ASP B 544 50.55 32.66 -1.48
CA ASP B 544 50.51 32.89 -0.05
C ASP B 544 49.10 33.24 0.41
N HIS B 545 48.46 34.17 -0.28
CA HIS B 545 47.16 34.66 0.13
C HIS B 545 46.10 33.57 0.04
N VAL B 546 46.01 32.90 -1.10
CA VAL B 546 44.96 31.89 -1.27
C VAL B 546 45.18 30.74 -0.30
N LEU B 547 46.43 30.37 -0.05
CA LEU B 547 46.69 29.27 0.85
C LEU B 547 46.35 29.64 2.29
N ARG B 548 46.68 30.87 2.71
CA ARG B 548 46.22 31.36 4.00
C ARG B 548 44.70 31.29 4.08
N MET B 549 44.01 31.63 2.98
CA MET B 549 42.56 31.54 2.99
C MET B 549 42.09 30.10 3.11
N HIS B 550 42.91 29.14 2.68
CA HIS B 550 42.58 27.73 2.80
C HIS B 550 43.09 27.11 4.10
N ARG B 551 43.26 27.90 5.15
CA ARG B 551 43.70 27.39 6.45
C ARG B 551 42.89 28.02 7.58
N TYR B 552 41.57 28.09 7.40
CA TYR B 552 40.74 28.78 8.37
C TYR B 552 40.11 27.81 9.37
N VAL B 608 40.53 50.33 4.88
CA VAL B 608 39.20 50.81 5.25
C VAL B 608 38.31 49.62 5.51
N SER B 609 37.39 49.78 6.46
CA SER B 609 36.57 48.65 6.90
C SER B 609 35.77 48.08 5.73
N ALA B 610 35.39 46.83 5.87
CA ALA B 610 34.64 46.16 4.81
C ALA B 610 33.21 46.66 4.76
N ALA B 611 32.53 46.67 5.90
CA ALA B 611 31.14 47.12 5.99
C ALA B 611 31.03 48.63 6.16
N PHE B 612 32.09 49.36 5.81
CA PHE B 612 32.04 50.82 5.80
C PHE B 612 32.01 51.41 4.41
N MET B 613 32.68 50.78 3.45
CA MET B 613 32.56 51.21 2.06
C MET B 613 31.11 51.23 1.62
N LYS B 614 30.31 50.28 2.11
CA LYS B 614 28.89 50.26 1.77
C LYS B 614 28.25 51.60 2.09
N LYS B 615 28.26 52.00 3.36
CA LYS B 615 27.67 53.27 3.74
C LYS B 615 28.34 54.43 3.05
N TYR B 616 29.66 54.39 2.92
CA TYR B 616 30.35 55.56 2.41
C TYR B 616 30.00 55.82 0.95
N ILE B 617 29.86 54.76 0.15
CA ILE B 617 29.51 54.96 -1.25
C ILE B 617 28.02 55.19 -1.40
N HIS B 618 27.20 54.54 -0.58
CA HIS B 618 25.76 54.84 -0.56
C HIS B 618 25.48 56.28 -0.17
N VAL B 619 26.41 56.95 0.49
CA VAL B 619 26.28 58.36 0.82
C VAL B 619 26.89 59.25 -0.25
N ALA B 620 28.12 58.95 -0.67
CA ALA B 620 28.79 59.80 -1.64
C ALA B 620 28.24 59.66 -3.05
N LYS B 621 27.23 58.81 -3.26
CA LYS B 621 26.67 58.67 -4.59
C LYS B 621 25.84 59.89 -4.97
N ILE B 622 25.17 60.50 -4.00
CA ILE B 622 24.19 61.54 -4.31
C ILE B 622 24.85 62.85 -4.67
N ILE B 623 26.08 63.10 -4.18
CA ILE B 623 26.74 64.35 -4.48
C ILE B 623 26.88 64.54 -6.00
N LYS B 624 26.79 65.79 -6.44
CA LYS B 624 26.78 66.12 -7.86
C LYS B 624 27.75 67.26 -8.13
N PRO B 625 29.04 66.96 -8.19
CA PRO B 625 30.04 68.02 -8.41
C PRO B 625 29.84 68.70 -9.76
N VAL B 626 30.47 69.86 -9.89
CA VAL B 626 30.34 70.69 -11.08
C VAL B 626 31.73 71.07 -11.55
N LEU B 627 31.94 71.00 -12.87
CA LEU B 627 33.22 71.33 -13.44
C LEU B 627 33.61 72.77 -13.12
N THR B 628 34.90 73.05 -13.26
CA THR B 628 35.44 74.39 -13.08
C THR B 628 36.43 74.68 -14.18
N GLN B 629 36.52 75.95 -14.56
CA GLN B 629 37.30 76.35 -15.72
C GLN B 629 38.80 76.12 -15.57
N GLU B 630 39.26 75.76 -14.37
CA GLU B 630 40.69 75.47 -14.21
C GLU B 630 41.03 74.12 -14.79
N SER B 631 40.14 73.14 -14.65
CA SER B 631 40.34 71.81 -15.18
C SER B 631 39.70 71.62 -16.54
N ALA B 632 38.55 72.25 -16.78
CA ALA B 632 37.87 72.11 -18.07
C ALA B 632 38.73 72.56 -19.23
N THR B 633 39.77 73.36 -18.98
CA THR B 633 40.74 73.69 -20.01
C THR B 633 41.90 72.72 -20.05
N TYR B 634 42.02 71.87 -19.03
CA TYR B 634 43.03 70.82 -19.02
C TYR B 634 42.54 69.57 -19.72
N ILE B 635 41.27 69.22 -19.54
CA ILE B 635 40.68 68.08 -20.24
C ILE B 635 40.59 68.39 -21.73
N ALA B 636 40.10 69.58 -22.06
CA ALA B 636 39.95 70.01 -23.44
C ALA B 636 41.29 70.08 -24.14
N GLU B 637 42.37 69.83 -23.40
CA GLU B 637 43.71 69.77 -23.96
C GLU B 637 44.25 68.35 -23.99
N GLU B 638 44.06 67.61 -22.90
CA GLU B 638 44.52 66.22 -22.89
C GLU B 638 43.79 65.40 -23.94
N TYR B 639 42.54 65.74 -24.23
CA TYR B 639 41.84 65.03 -25.29
C TYR B 639 42.44 65.37 -26.66
N SER B 640 42.59 66.65 -26.96
CA SER B 640 43.18 67.03 -28.23
C SER B 640 44.63 66.60 -28.35
N ARG B 641 45.26 66.16 -27.27
CA ARG B 641 46.56 65.51 -27.39
C ARG B 641 46.44 64.01 -27.54
N LEU B 642 45.39 63.42 -26.98
CA LEU B 642 45.11 62.01 -27.22
C LEU B 642 44.74 61.77 -28.67
N ARG B 643 43.95 62.68 -29.24
CA ARG B 643 43.41 62.48 -30.58
C ARG B 643 44.48 62.59 -31.65
N SER B 644 45.65 63.13 -31.32
CA SER B 644 46.74 63.28 -32.28
C SER B 644 47.67 62.08 -32.15
N GLN B 645 47.76 61.30 -33.24
CA GLN B 645 48.53 60.07 -33.22
C GLN B 645 50.00 60.31 -32.94
N ASP B 646 50.56 61.39 -33.49
CA ASP B 646 51.99 61.63 -33.38
C ASP B 646 52.43 61.70 -31.93
N SER B 647 51.73 62.49 -31.11
CA SER B 647 52.14 62.70 -29.73
C SER B 647 52.09 61.43 -28.90
N MET B 648 51.46 60.36 -29.41
CA MET B 648 51.34 59.12 -28.66
C MET B 648 52.71 58.48 -28.39
N SER B 649 53.27 57.85 -29.43
CA SER B 649 54.57 57.20 -29.39
C SER B 649 54.79 56.44 -30.69
N SER B 650 55.96 55.83 -30.84
CA SER B 650 56.16 54.76 -31.80
C SER B 650 56.26 53.42 -31.05
N ASP B 651 56.14 52.33 -31.81
CA ASP B 651 56.10 50.98 -31.25
C ASP B 651 55.02 50.87 -30.17
N THR B 652 53.90 51.57 -30.39
CA THR B 652 52.78 51.56 -29.47
C THR B 652 51.50 51.49 -30.27
N ALA B 653 50.72 50.45 -30.03
CA ALA B 653 49.47 50.24 -30.73
C ALA B 653 48.31 50.73 -29.87
N ARG B 654 47.17 50.91 -30.53
CA ARG B 654 45.98 51.45 -29.91
C ARG B 654 44.98 50.34 -29.64
N THR B 655 44.51 50.25 -28.40
CA THR B 655 43.54 49.22 -28.07
C THR B 655 42.16 49.55 -28.61
N SER B 656 41.78 50.82 -28.58
CA SER B 656 40.45 51.23 -29.00
C SER B 656 40.54 52.62 -29.60
N PRO B 657 39.64 52.97 -30.51
CA PRO B 657 39.72 54.29 -31.15
C PRO B 657 39.32 55.39 -30.19
N VAL B 658 39.99 56.52 -30.34
CA VAL B 658 39.71 57.72 -29.54
C VAL B 658 38.76 58.60 -30.35
N THR B 659 37.57 58.79 -29.83
CA THR B 659 36.52 59.55 -30.51
C THR B 659 36.08 60.72 -29.63
N ALA B 660 35.05 61.39 -30.08
CA ALA B 660 34.43 62.35 -29.19
C ALA B 660 33.61 61.71 -28.15
N ARG B 661 33.68 60.38 -28.00
CA ARG B 661 33.01 59.68 -26.92
C ARG B 661 33.92 59.39 -25.74
N THR B 662 35.23 59.38 -25.94
CA THR B 662 36.13 59.30 -24.79
C THR B 662 36.26 60.65 -24.11
N LEU B 663 35.96 61.72 -24.82
CA LEU B 663 36.01 63.04 -24.19
C LEU B 663 35.05 63.10 -23.02
N GLU B 664 33.80 62.70 -23.22
CA GLU B 664 32.91 62.69 -22.08
C GLU B 664 32.96 61.40 -21.31
N THR B 665 34.01 60.61 -21.44
CA THR B 665 34.34 59.67 -20.38
C THR B 665 35.44 60.21 -19.49
N LEU B 666 36.30 61.08 -20.01
CA LEU B 666 37.18 61.84 -19.13
C LEU B 666 36.36 62.59 -18.09
N ILE B 667 35.35 63.32 -18.54
CA ILE B 667 34.48 64.10 -17.68
C ILE B 667 33.75 63.21 -16.70
N ARG B 668 33.42 61.99 -17.10
CA ARG B 668 32.73 61.11 -16.17
C ARG B 668 33.66 60.53 -15.11
N LEU B 669 34.84 60.07 -15.51
CA LEU B 669 35.79 59.59 -14.52
C LEU B 669 36.21 60.70 -13.57
N ALA B 670 36.33 61.93 -14.07
CA ALA B 670 36.72 63.04 -13.22
C ALA B 670 35.67 63.31 -12.16
N THR B 671 34.46 63.63 -12.58
CA THR B 671 33.41 63.85 -11.59
C THR B 671 33.01 62.61 -10.90
N ALA B 672 33.59 61.45 -11.17
CA ALA B 672 33.43 60.32 -10.29
C ALA B 672 34.61 60.16 -9.34
N HIS B 673 35.72 60.84 -9.60
CA HIS B 673 36.83 60.86 -8.65
C HIS B 673 36.65 61.95 -7.60
N ALA B 674 36.01 63.06 -7.95
CA ALA B 674 35.63 64.07 -6.99
C ALA B 674 34.32 63.75 -6.32
N LYS B 675 33.89 62.49 -6.37
CA LYS B 675 32.76 62.04 -5.55
C LYS B 675 33.22 61.27 -4.33
N ALA B 676 34.42 60.71 -4.36
CA ALA B 676 34.96 60.07 -3.16
C ALA B 676 35.34 61.12 -2.12
N ARG B 677 35.97 62.21 -2.57
CA ARG B 677 36.32 63.30 -1.67
C ARG B 677 35.10 64.01 -1.13
N MET B 678 33.91 63.70 -1.62
CA MET B 678 32.69 64.45 -1.32
C MET B 678 32.94 65.94 -1.54
N SER B 679 33.60 66.25 -2.65
CA SER B 679 34.21 67.55 -2.85
C SER B 679 33.20 68.58 -3.33
N LYS B 680 32.41 68.24 -4.35
CA LYS B 680 31.38 69.05 -5.00
C LYS B 680 31.97 70.06 -5.99
N THR B 681 33.29 70.16 -6.15
CA THR B 681 33.88 70.96 -7.21
C THR B 681 35.12 70.24 -7.71
N VAL B 682 35.12 69.83 -8.98
CA VAL B 682 36.28 69.12 -9.52
C VAL B 682 37.42 70.10 -9.72
N ASP B 683 38.63 69.68 -9.36
CA ASP B 683 39.81 70.52 -9.43
C ASP B 683 40.86 69.88 -10.32
N LEU B 684 41.95 70.62 -10.54
CA LEU B 684 42.99 70.14 -11.44
C LEU B 684 43.64 68.86 -10.94
N GLN B 685 43.47 68.50 -9.68
CA GLN B 685 43.99 67.23 -9.21
C GLN B 685 43.10 66.07 -9.58
N ASP B 686 41.86 66.34 -10.01
CA ASP B 686 40.96 65.29 -10.48
C ASP B 686 41.18 65.03 -11.96
N ALA B 687 41.11 66.07 -12.77
CA ALA B 687 41.29 65.95 -14.21
C ALA B 687 42.67 65.43 -14.57
N GLU B 688 43.53 65.25 -13.57
CA GLU B 688 44.80 64.56 -13.77
C GLU B 688 44.81 63.17 -13.17
N GLU B 689 43.96 62.89 -12.19
CA GLU B 689 43.83 61.52 -11.72
C GLU B 689 43.21 60.63 -12.79
N ALA B 690 42.30 61.19 -13.58
CA ALA B 690 41.55 60.42 -14.56
C ALA B 690 42.17 60.44 -15.94
N VAL B 691 43.29 61.12 -16.14
CA VAL B 691 43.95 61.07 -17.44
C VAL B 691 44.98 59.96 -17.50
N GLU B 692 45.67 59.67 -16.41
CA GLU B 692 46.65 58.59 -16.44
C GLU B 692 45.98 57.23 -16.60
N LEU B 693 44.82 57.06 -15.97
CA LEU B 693 44.04 55.85 -16.18
C LEU B 693 43.82 55.61 -17.66
N VAL B 694 43.39 56.65 -18.38
CA VAL B 694 43.18 56.54 -19.82
C VAL B 694 44.49 56.26 -20.54
N GLN B 695 45.53 57.04 -20.26
CA GLN B 695 46.81 56.86 -20.92
C GLN B 695 47.31 55.43 -20.78
N TYR B 696 46.93 54.78 -19.69
CA TYR B 696 47.35 53.40 -19.45
C TYR B 696 46.42 52.39 -20.10
N ALA B 697 45.12 52.69 -20.15
CA ALA B 697 44.16 51.72 -20.65
C ALA B 697 44.00 51.76 -22.15
N TYR B 698 44.46 52.81 -22.82
CA TYR B 698 44.24 52.93 -24.24
C TYR B 698 45.39 52.38 -25.07
N PHE B 699 46.62 52.67 -24.70
CA PHE B 699 47.77 52.32 -25.52
C PHE B 699 48.46 51.08 -24.98
N LYS B 700 48.72 50.13 -25.87
CA LYS B 700 49.43 48.92 -25.53
C LYS B 700 50.73 48.87 -26.32
N LYS B 701 51.63 47.98 -25.92
CA LYS B 701 52.94 47.85 -26.54
C LYS B 701 53.10 46.43 -27.09
N VAL B 702 53.70 46.35 -28.27
CA VAL B 702 53.84 45.07 -28.98
C VAL B 702 55.31 44.67 -28.97
N LEU B 703 55.54 43.36 -28.88
CA LEU B 703 56.87 42.79 -28.76
C LEU B 703 57.19 41.88 -29.93
N GLU B 704 58.47 41.60 -30.11
CA GLU B 704 58.96 40.75 -31.19
C GLU B 704 60.35 40.23 -30.91
N ASN C 158 -49.11 58.39 -48.61
CA ASN C 158 -47.69 58.20 -48.84
C ASN C 158 -47.45 57.25 -50.00
N VAL C 159 -48.40 56.35 -50.25
CA VAL C 159 -48.23 55.34 -51.29
C VAL C 159 -48.83 55.81 -52.61
N ALA C 160 -50.10 56.19 -52.61
CA ALA C 160 -50.72 56.65 -53.84
C ALA C 160 -50.15 57.99 -54.27
N ALA C 161 -49.80 58.84 -53.31
CA ALA C 161 -49.27 60.17 -53.60
C ALA C 161 -47.92 60.13 -54.28
N CYS C 162 -47.25 58.99 -54.35
CA CYS C 162 -45.90 58.91 -54.88
C CYS C 162 -45.83 58.28 -56.26
N LYS C 163 -46.63 57.24 -56.53
CA LYS C 163 -46.65 56.69 -57.89
C LYS C 163 -47.12 57.73 -58.89
N GLU C 164 -48.10 58.54 -58.50
CA GLU C 164 -48.60 59.58 -59.40
C GLU C 164 -47.53 60.61 -59.68
N ASN C 165 -46.69 60.91 -58.69
CA ASN C 165 -45.62 61.87 -58.87
C ASN C 165 -44.40 61.28 -59.56
N PHE C 166 -44.29 59.95 -59.58
CA PHE C 166 -43.17 59.28 -60.21
C PHE C 166 -43.43 58.97 -61.68
N GLN C 167 -44.66 58.55 -62.01
CA GLN C 167 -45.00 58.32 -63.41
C GLN C 167 -44.73 59.55 -64.24
N ARG C 168 -45.08 60.72 -63.71
CA ARG C 168 -44.81 61.96 -64.40
C ARG C 168 -43.34 62.07 -64.75
N PHE C 169 -42.48 61.87 -63.76
CA PHE C 169 -41.04 61.89 -64.00
C PHE C 169 -40.67 60.92 -65.12
N LEU C 170 -41.16 59.70 -65.02
CA LEU C 170 -40.80 58.66 -65.98
C LEU C 170 -41.26 59.01 -67.38
N GLN C 171 -42.29 59.84 -67.52
CA GLN C 171 -42.84 60.20 -68.83
C GLN C 171 -42.22 61.47 -69.38
N ARG C 172 -42.32 62.57 -68.63
CA ARG C 172 -41.83 63.87 -69.08
C ARG C 172 -40.49 64.18 -68.41
N PHE C 173 -39.42 63.63 -68.98
CA PHE C 173 -38.08 64.03 -68.55
C PHE C 173 -37.16 64.20 -69.73
N ILE C 174 -36.40 65.28 -69.71
CA ILE C 174 -35.42 65.61 -70.74
C ILE C 174 -34.16 66.11 -70.05
N ASP C 175 -33.00 65.71 -70.58
CA ASP C 175 -31.72 65.99 -69.96
C ASP C 175 -30.80 66.70 -70.94
N PRO C 176 -29.92 67.57 -70.42
CA PRO C 176 -28.91 68.22 -71.26
C PRO C 176 -27.65 67.36 -71.43
N LEU C 177 -27.85 66.08 -71.76
CA LEU C 177 -26.79 65.10 -71.72
C LEU C 177 -26.78 64.29 -73.01
N ALA C 178 -25.89 63.30 -73.07
CA ALA C 178 -25.78 62.39 -74.19
C ALA C 178 -25.61 60.97 -73.66
N LYS C 179 -26.28 60.02 -74.32
CA LYS C 179 -26.21 58.61 -73.97
C LYS C 179 -25.87 57.81 -75.22
N GLU C 180 -25.27 56.63 -75.01
CA GLU C 180 -24.88 55.70 -76.08
C GLU C 180 -24.35 56.44 -77.30
N GLU C 181 -23.29 57.22 -77.07
CA GLU C 181 -22.66 58.06 -78.09
C GLU C 181 -23.61 59.15 -78.57
N ILE C 188 -34.43 66.49 -79.31
CA ILE C 188 -33.89 65.43 -78.46
C ILE C 188 -34.84 64.24 -78.48
N THR C 189 -34.29 63.05 -78.26
CA THR C 189 -35.10 61.86 -78.11
C THR C 189 -35.77 61.89 -76.74
N GLU C 190 -36.68 62.84 -76.56
CA GLU C 190 -37.29 63.15 -75.26
C GLU C 190 -37.58 61.94 -74.37
N PRO C 191 -38.27 60.89 -74.82
CA PRO C 191 -38.69 59.85 -73.87
C PRO C 191 -37.52 59.04 -73.35
N LEU C 192 -36.68 59.66 -72.53
CA LEU C 192 -35.47 58.99 -72.06
C LEU C 192 -35.79 57.69 -71.37
N TYR C 193 -36.50 57.76 -70.25
CA TYR C 193 -36.83 56.53 -69.55
C TYR C 193 -37.90 55.74 -70.26
N MET C 194 -38.72 56.38 -71.09
CA MET C 194 -39.60 55.60 -71.95
C MET C 194 -38.82 54.88 -73.05
N GLN C 195 -37.72 55.46 -73.52
CA GLN C 195 -36.87 54.72 -74.45
C GLN C 195 -36.18 53.56 -73.75
N ARG C 196 -35.69 53.77 -72.53
CA ARG C 196 -35.16 52.68 -71.74
C ARG C 196 -36.19 51.58 -71.56
N LEU C 197 -37.42 51.96 -71.23
CA LEU C 197 -38.51 51.02 -71.03
C LEU C 197 -38.91 50.33 -72.34
N GLY C 198 -38.62 50.94 -73.47
CA GLY C 198 -38.84 50.27 -74.74
C GLY C 198 -37.77 49.24 -75.02
N GLU C 199 -36.52 49.61 -74.74
CA GLU C 199 -35.43 48.64 -74.87
C GLU C 199 -35.66 47.45 -73.97
N ILE C 200 -36.17 47.69 -72.76
CA ILE C 200 -36.48 46.59 -71.85
C ILE C 200 -37.47 45.63 -72.49
N ASN C 201 -38.34 46.13 -73.36
CA ASN C 201 -39.34 45.32 -74.03
C ASN C 201 -38.80 44.62 -75.28
N VAL C 202 -37.88 45.24 -76.00
CA VAL C 202 -37.36 44.61 -77.22
C VAL C 202 -36.41 43.47 -76.88
N ILE C 203 -35.89 43.42 -75.66
CA ILE C 203 -34.99 42.36 -75.21
C ILE C 203 -35.46 41.86 -73.85
N GLY C 204 -34.69 40.97 -73.23
CA GLY C 204 -35.02 40.51 -71.90
C GLY C 204 -34.58 41.49 -70.83
N GLU C 205 -34.01 40.99 -69.72
CA GLU C 205 -33.40 41.81 -68.68
C GLU C 205 -34.39 42.83 -68.10
N PRO C 206 -35.36 42.39 -67.32
CA PRO C 206 -36.39 43.31 -66.79
C PRO C 206 -35.91 44.14 -65.61
N PHE C 207 -34.88 44.96 -65.84
CA PHE C 207 -34.40 45.90 -64.84
C PHE C 207 -34.32 47.28 -65.45
N LEU C 208 -34.71 48.30 -64.69
CA LEU C 208 -34.65 49.68 -65.13
C LEU C 208 -33.69 50.45 -64.25
N ASN C 209 -32.56 50.86 -64.81
CA ASN C 209 -31.54 51.58 -64.05
C ASN C 209 -31.90 53.05 -64.09
N VAL C 210 -32.55 53.52 -63.05
CA VAL C 210 -32.88 54.94 -62.92
C VAL C 210 -31.81 55.60 -62.08
N ASN C 211 -31.46 56.83 -62.44
CA ASN C 211 -30.50 57.63 -61.70
C ASN C 211 -31.28 58.49 -60.71
N CYS C 212 -31.10 58.27 -59.42
CA CYS C 212 -31.88 59.04 -58.46
C CYS C 212 -31.24 60.39 -58.19
N GLU C 213 -30.88 61.08 -59.24
CA GLU C 213 -30.51 62.48 -59.29
C GLU C 213 -31.29 63.21 -60.36
N HIS C 214 -31.56 62.55 -61.48
CA HIS C 214 -32.58 63.03 -62.40
C HIS C 214 -33.87 63.32 -61.66
N ILE C 215 -34.20 62.50 -60.67
CA ILE C 215 -35.43 62.70 -59.91
C ILE C 215 -35.19 63.82 -58.90
N LYS C 216 -33.95 64.29 -58.80
CA LYS C 216 -33.68 65.45 -57.97
C LYS C 216 -33.89 66.76 -58.74
N SER C 217 -33.69 66.74 -60.05
CA SER C 217 -34.01 67.91 -60.86
C SER C 217 -35.51 68.05 -61.04
N PHE C 218 -36.14 66.99 -61.54
CA PHE C 218 -37.58 67.01 -61.77
C PHE C 218 -38.38 67.23 -60.49
N ASP C 219 -37.83 66.89 -59.33
CA ASP C 219 -38.61 66.96 -58.10
C ASP C 219 -37.65 67.02 -56.92
N LYS C 220 -38.19 67.40 -55.76
CA LYS C 220 -37.42 67.39 -54.53
C LYS C 220 -38.18 66.83 -53.34
N ASN C 221 -39.45 66.48 -53.48
CA ASN C 221 -40.21 65.90 -52.38
C ASN C 221 -40.41 64.41 -52.52
N LEU C 222 -40.00 63.82 -53.64
CA LEU C 222 -39.77 62.38 -53.67
C LEU C 222 -38.30 62.06 -53.42
N TYR C 223 -37.38 62.89 -53.90
CA TYR C 223 -35.98 62.67 -53.62
C TYR C 223 -35.66 62.80 -52.14
N ARG C 224 -36.58 63.37 -51.36
CA ARG C 224 -36.44 63.27 -49.91
C ARG C 224 -36.98 61.94 -49.41
N GLN C 225 -38.00 61.38 -50.05
CA GLN C 225 -38.63 60.16 -49.58
C GLN C 225 -38.06 58.90 -50.20
N LEU C 226 -37.20 59.01 -51.19
CA LEU C 226 -36.52 57.84 -51.72
C LEU C 226 -35.25 57.50 -50.95
N ILE C 227 -34.53 58.52 -50.46
CA ILE C 227 -33.33 58.30 -49.69
C ILE C 227 -33.61 58.35 -48.19
N SER C 228 -34.87 58.27 -47.78
CA SER C 228 -35.17 58.30 -46.36
C SER C 228 -36.13 57.21 -45.94
N TYR C 229 -36.94 56.71 -46.87
CA TYR C 229 -37.83 55.57 -46.63
C TYR C 229 -37.74 54.63 -47.81
N PRO C 230 -36.54 54.16 -48.16
CA PRO C 230 -36.38 53.47 -49.44
C PRO C 230 -37.12 52.15 -49.51
N GLN C 231 -37.37 51.48 -48.40
CA GLN C 231 -38.05 50.20 -48.46
C GLN C 231 -39.57 50.36 -48.52
N GLU C 232 -40.10 51.53 -48.19
CA GLU C 232 -41.52 51.81 -48.34
C GLU C 232 -41.82 52.63 -49.59
N VAL C 233 -40.86 52.73 -50.51
CA VAL C 233 -40.99 53.53 -51.72
C VAL C 233 -40.72 52.70 -52.96
N ILE C 234 -39.66 51.90 -52.93
CA ILE C 234 -39.22 51.17 -54.13
C ILE C 234 -40.30 50.22 -54.64
N PRO C 235 -41.11 49.58 -53.80
CA PRO C 235 -42.28 48.87 -54.35
C PRO C 235 -43.22 49.77 -55.14
N THR C 236 -43.46 50.99 -54.65
CA THR C 236 -44.24 51.96 -55.41
C THR C 236 -43.54 52.29 -56.73
N PHE C 237 -42.22 52.38 -56.72
CA PHE C 237 -41.49 52.66 -57.95
C PHE C 237 -41.51 51.48 -58.92
N ASP C 238 -41.76 50.26 -58.43
CA ASP C 238 -42.00 49.16 -59.35
C ASP C 238 -43.40 49.24 -59.95
N MET C 239 -44.42 49.39 -59.09
CA MET C 239 -45.79 49.42 -59.58
C MET C 239 -45.97 50.55 -60.60
N ALA C 240 -45.45 51.73 -60.31
CA ALA C 240 -45.64 52.85 -61.21
C ALA C 240 -44.87 52.71 -62.50
N VAL C 241 -44.03 51.68 -62.64
CA VAL C 241 -43.40 51.38 -63.91
C VAL C 241 -44.16 50.31 -64.66
N ASN C 242 -44.75 49.36 -63.93
CA ASN C 242 -45.54 48.33 -64.58
C ASN C 242 -46.67 48.93 -65.41
N GLU C 243 -47.29 50.01 -64.93
CA GLU C 243 -48.43 50.57 -65.63
C GLU C 243 -48.02 51.40 -66.85
N ILE C 244 -46.92 52.15 -66.78
CA ILE C 244 -46.43 52.86 -67.95
C ILE C 244 -45.81 51.90 -68.95
N PHE C 245 -45.85 50.61 -68.67
CA PHE C 245 -45.53 49.58 -69.64
C PHE C 245 -46.72 49.22 -70.49
N PHE C 246 -47.72 50.09 -70.52
CA PHE C 246 -48.95 49.79 -71.24
C PHE C 246 -48.72 49.79 -72.74
N ASP C 247 -47.84 50.67 -73.22
CA ASP C 247 -47.54 50.76 -74.64
C ASP C 247 -47.21 49.39 -75.22
N ARG C 248 -46.39 48.62 -74.51
CA ARG C 248 -45.90 47.35 -75.02
C ARG C 248 -46.49 46.15 -74.30
N TYR C 249 -47.59 46.35 -73.57
CA TYR C 249 -48.29 45.23 -72.94
C TYR C 249 -48.64 44.14 -73.95
N PRO C 250 -49.39 44.44 -75.01
CA PRO C 250 -49.80 43.35 -75.91
C PRO C 250 -48.67 42.82 -76.78
N ASP C 251 -47.69 43.65 -77.12
CA ASP C 251 -46.64 43.24 -78.06
C ASP C 251 -45.83 42.06 -77.53
N SER C 252 -45.09 42.27 -76.44
CA SER C 252 -44.27 41.23 -75.83
C SER C 252 -44.70 41.05 -74.39
N ILE C 253 -44.95 39.81 -73.99
CA ILE C 253 -45.37 39.54 -72.63
C ILE C 253 -44.33 38.67 -71.94
N LEU C 254 -43.38 39.32 -71.26
CA LEU C 254 -42.46 38.64 -70.38
C LEU C 254 -43.18 38.24 -69.10
N GLU C 255 -42.47 37.64 -68.17
CA GLU C 255 -43.15 37.00 -67.06
C GLU C 255 -42.83 37.58 -65.69
N HIS C 256 -41.56 37.84 -65.38
CA HIS C 256 -41.19 38.04 -63.98
C HIS C 256 -41.85 39.25 -63.36
N GLN C 257 -41.35 40.44 -63.71
CA GLN C 257 -41.94 41.74 -63.42
C GLN C 257 -40.97 42.79 -63.92
N ILE C 258 -41.34 44.05 -63.82
CA ILE C 258 -40.40 45.12 -64.12
C ILE C 258 -39.83 45.63 -62.81
N GLN C 259 -38.62 46.18 -62.86
CA GLN C 259 -37.87 46.54 -61.66
C GLN C 259 -37.42 47.99 -61.74
N VAL C 260 -36.93 48.51 -60.63
CA VAL C 260 -36.42 49.87 -60.56
C VAL C 260 -35.25 49.89 -59.59
N ARG C 261 -34.17 50.56 -60.00
CA ARG C 261 -32.91 50.51 -59.28
C ARG C 261 -32.29 51.91 -59.22
N PRO C 262 -32.53 52.65 -58.14
CA PRO C 262 -31.90 53.95 -58.01
C PRO C 262 -30.41 53.79 -57.84
N PHE C 263 -29.66 54.81 -58.24
CA PHE C 263 -28.23 54.78 -57.98
C PHE C 263 -27.70 56.21 -57.98
N ASN C 264 -26.38 56.35 -57.94
CA ASN C 264 -25.73 57.65 -57.98
C ASN C 264 -24.44 57.52 -58.76
N ALA C 265 -24.20 58.45 -59.68
CA ALA C 265 -22.98 58.38 -60.47
C ALA C 265 -21.75 58.48 -59.58
N LEU C 266 -21.79 59.35 -58.58
CA LEU C 266 -20.67 59.58 -57.68
C LEU C 266 -21.02 59.06 -56.30
N LYS C 267 -19.99 58.65 -55.56
CA LYS C 267 -20.16 58.15 -54.22
C LYS C 267 -20.81 59.22 -53.32
N THR C 268 -21.23 58.79 -52.15
CA THR C 268 -21.83 59.71 -51.20
C THR C 268 -21.11 59.74 -49.86
N LYS C 269 -20.68 58.59 -49.36
CA LYS C 269 -20.03 58.54 -48.06
C LYS C 269 -18.77 57.68 -48.15
N ASN C 270 -18.03 57.62 -47.04
CA ASN C 270 -16.94 56.69 -46.90
C ASN C 270 -17.41 55.51 -46.06
N MET C 271 -16.50 54.61 -45.75
CA MET C 271 -16.82 53.52 -44.84
C MET C 271 -16.55 53.90 -43.40
N ARG C 272 -16.04 55.09 -43.15
CA ARG C 272 -15.73 55.51 -41.80
C ARG C 272 -16.68 56.58 -41.29
N ASN C 273 -17.55 57.10 -42.11
CA ASN C 273 -18.48 58.14 -41.70
C ASN C 273 -19.92 57.68 -41.86
N LEU C 274 -20.19 56.44 -41.49
CA LEU C 274 -21.54 55.91 -41.45
C LEU C 274 -22.04 56.02 -40.01
N ASN C 275 -22.97 56.93 -39.79
CA ASN C 275 -23.45 57.25 -38.47
C ASN C 275 -24.86 56.69 -38.25
N PRO C 276 -25.28 56.51 -37.00
CA PRO C 276 -26.58 55.92 -36.73
C PRO C 276 -27.77 56.83 -36.97
N GLU C 277 -27.59 58.00 -37.54
CA GLU C 277 -28.72 58.72 -38.11
C GLU C 277 -29.00 58.30 -39.53
N ASP C 278 -28.22 57.34 -40.05
CA ASP C 278 -28.34 56.84 -41.41
C ASP C 278 -28.82 55.40 -41.45
N ILE C 279 -29.30 54.86 -40.33
CA ILE C 279 -29.80 53.50 -40.36
C ILE C 279 -31.08 53.46 -41.17
N ASP C 280 -31.13 52.52 -42.11
CA ASP C 280 -32.28 52.31 -42.98
C ASP C 280 -32.57 53.52 -43.84
N GLN C 281 -31.61 53.86 -44.70
CA GLN C 281 -31.82 54.89 -45.70
C GLN C 281 -30.74 54.78 -46.76
N LEU C 282 -31.11 55.10 -47.99
CA LEU C 282 -30.25 54.86 -49.14
C LEU C 282 -28.88 55.49 -48.96
N ILE C 283 -27.86 54.76 -49.36
CA ILE C 283 -26.47 55.11 -49.07
C ILE C 283 -25.59 54.54 -50.16
N THR C 284 -24.56 55.27 -50.55
CA THR C 284 -23.65 54.82 -51.58
C THR C 284 -22.22 54.90 -51.09
N ILE C 285 -21.47 53.83 -51.28
CA ILE C 285 -20.07 53.75 -50.93
C ILE C 285 -19.32 53.14 -52.11
N SER C 286 -18.02 52.92 -51.92
CA SER C 286 -17.23 52.33 -52.97
C SER C 286 -16.05 51.60 -52.34
N GLY C 287 -15.59 50.56 -53.01
CA GLY C 287 -14.52 49.78 -52.45
C GLY C 287 -13.93 48.76 -53.40
N MET C 288 -13.48 47.64 -52.88
CA MET C 288 -12.79 46.63 -53.68
C MET C 288 -13.17 45.27 -53.10
N VAL C 289 -14.05 44.56 -53.79
CA VAL C 289 -14.59 43.31 -53.27
C VAL C 289 -13.45 42.34 -52.97
N ILE C 290 -13.46 41.78 -51.77
CA ILE C 290 -12.41 40.88 -51.32
C ILE C 290 -12.80 39.43 -51.51
N ARG C 291 -13.93 39.02 -50.96
CA ARG C 291 -14.34 37.62 -51.06
C ARG C 291 -15.85 37.54 -50.95
N THR C 292 -16.39 36.47 -51.51
CA THR C 292 -17.81 36.18 -51.60
C THR C 292 -18.10 34.90 -50.83
N SER C 293 -19.32 34.39 -50.98
CA SER C 293 -19.66 33.12 -50.34
C SER C 293 -20.60 32.36 -51.27
N GLN C 294 -20.95 31.15 -50.85
CA GLN C 294 -21.90 30.35 -51.61
C GLN C 294 -23.31 30.74 -51.23
N LEU C 295 -24.25 30.39 -52.10
CA LEU C 295 -25.63 30.80 -51.90
C LEU C 295 -26.17 30.31 -50.57
N ILE C 296 -27.13 31.05 -50.04
CA ILE C 296 -27.79 30.71 -48.79
C ILE C 296 -29.28 30.87 -49.01
N PRO C 297 -30.09 29.83 -48.84
CA PRO C 297 -31.52 29.97 -49.01
C PRO C 297 -32.10 30.91 -47.98
N GLU C 298 -33.34 31.32 -48.21
CA GLU C 298 -34.01 32.22 -47.29
C GLU C 298 -35.51 32.07 -47.54
N MET C 299 -36.26 31.70 -46.51
CA MET C 299 -37.65 31.33 -46.72
C MET C 299 -38.50 32.55 -47.01
N GLN C 300 -39.51 32.36 -47.87
CA GLN C 300 -40.50 33.40 -48.11
C GLN C 300 -41.91 32.96 -47.75
N GLU C 301 -42.39 31.85 -48.30
CA GLU C 301 -43.74 31.35 -48.03
C GLU C 301 -43.63 30.04 -47.28
N ALA C 302 -44.17 29.99 -46.09
CA ALA C 302 -44.18 28.72 -45.38
C ALA C 302 -45.18 27.77 -46.02
N PHE C 303 -45.18 26.54 -45.55
CA PHE C 303 -46.08 25.50 -46.05
C PHE C 303 -46.26 24.52 -44.91
N PHE C 304 -47.39 24.61 -44.23
CA PHE C 304 -47.66 23.77 -43.08
C PHE C 304 -48.55 22.61 -43.47
N GLN C 305 -48.62 21.63 -42.58
CA GLN C 305 -49.45 20.46 -42.85
C GLN C 305 -49.79 19.78 -41.54
N CYS C 306 -51.04 19.38 -41.40
CA CYS C 306 -51.49 18.77 -40.16
C CYS C 306 -51.22 17.28 -40.16
N GLN C 307 -51.08 16.73 -38.97
CA GLN C 307 -50.93 15.29 -38.82
C GLN C 307 -52.26 14.57 -38.72
N VAL C 308 -53.35 15.29 -38.48
CA VAL C 308 -54.66 14.69 -38.32
C VAL C 308 -55.47 14.91 -39.61
N CYS C 309 -55.74 16.18 -39.91
CA CYS C 309 -56.52 16.47 -41.10
C CYS C 309 -55.71 16.36 -42.38
N ALA C 310 -54.37 16.32 -42.28
CA ALA C 310 -53.47 16.26 -43.44
C ALA C 310 -53.82 17.36 -44.44
N HIS C 311 -54.18 18.52 -43.92
CA HIS C 311 -54.57 19.66 -44.72
C HIS C 311 -53.44 20.68 -44.73
N THR C 312 -53.16 21.24 -45.89
CA THR C 312 -51.93 21.99 -46.12
C THR C 312 -52.25 23.44 -46.40
N THR C 313 -52.07 24.29 -45.39
CA THR C 313 -52.20 25.72 -45.61
C THR C 313 -50.82 26.31 -45.90
N ARG C 314 -50.83 27.51 -46.48
CA ARG C 314 -49.61 28.14 -47.00
C ARG C 314 -49.59 29.60 -46.54
N VAL C 315 -49.02 29.83 -45.37
CA VAL C 315 -48.99 31.16 -44.79
C VAL C 315 -47.80 31.93 -45.36
N GLU C 316 -48.00 33.24 -45.56
CA GLU C 316 -46.99 34.13 -46.11
C GLU C 316 -46.21 34.80 -44.99
N MET C 317 -44.95 35.15 -45.27
CA MET C 317 -44.15 36.00 -44.39
C MET C 317 -44.33 37.45 -44.82
N ASP C 318 -45.05 38.22 -44.01
CA ASP C 318 -45.40 39.60 -44.36
C ASP C 318 -44.50 40.63 -43.71
N ARG C 319 -44.44 40.63 -42.38
CA ARG C 319 -43.65 41.65 -41.68
C ARG C 319 -42.16 41.32 -41.68
N GLY C 320 -41.82 40.05 -41.76
CA GLY C 320 -40.44 39.63 -41.56
C GLY C 320 -40.34 38.52 -40.54
N ARG C 321 -41.46 37.84 -40.30
CA ARG C 321 -41.46 36.63 -39.48
C ARG C 321 -42.62 35.76 -39.93
N ILE C 322 -42.54 34.47 -39.60
CA ILE C 322 -43.52 33.47 -40.00
C ILE C 322 -44.30 33.04 -38.76
N ALA C 323 -45.63 33.11 -38.86
CA ALA C 323 -46.51 32.79 -37.74
C ALA C 323 -47.28 31.50 -38.05
N GLU C 324 -47.31 30.60 -37.07
CA GLU C 324 -47.99 29.32 -37.21
C GLU C 324 -49.48 29.46 -36.90
N PRO C 325 -50.36 28.84 -37.69
CA PRO C 325 -51.80 29.03 -37.50
C PRO C 325 -52.37 28.39 -36.24
N SER C 326 -51.93 27.17 -35.92
CA SER C 326 -52.29 26.40 -34.71
C SER C 326 -53.73 25.91 -34.70
N VAL C 327 -54.47 26.01 -35.80
CA VAL C 327 -55.82 25.46 -35.89
C VAL C 327 -55.99 24.87 -37.28
N CYS C 328 -56.17 23.56 -37.36
CA CYS C 328 -56.45 22.94 -38.65
C CYS C 328 -57.86 23.31 -39.07
N GLY C 329 -57.98 23.89 -40.27
CA GLY C 329 -59.27 24.32 -40.76
C GLY C 329 -60.31 23.22 -40.84
N ARG C 330 -59.93 21.97 -40.57
CA ARG C 330 -60.87 20.86 -40.63
C ARG C 330 -60.99 20.10 -39.32
N CYS C 331 -59.88 19.73 -38.70
CA CYS C 331 -59.94 18.81 -37.56
C CYS C 331 -59.82 19.48 -36.20
N HIS C 332 -59.15 20.63 -36.10
CA HIS C 332 -59.09 21.42 -34.87
C HIS C 332 -58.48 20.62 -33.71
N THR C 333 -57.18 20.31 -33.84
CA THR C 333 -56.44 19.67 -32.77
C THR C 333 -55.56 20.67 -32.01
N THR C 334 -55.59 21.94 -32.42
CA THR C 334 -55.07 23.10 -31.71
C THR C 334 -53.54 23.20 -31.68
N HIS C 335 -52.84 22.13 -32.02
CA HIS C 335 -51.48 22.24 -32.53
C HIS C 335 -51.16 20.91 -33.20
N SER C 336 -51.24 20.90 -34.52
CA SER C 336 -50.84 19.73 -35.28
C SER C 336 -50.15 20.09 -36.57
N MET C 337 -49.91 21.37 -36.83
CA MET C 337 -49.44 21.85 -38.12
C MET C 337 -47.93 21.88 -38.11
N ALA C 338 -47.30 20.82 -38.62
CA ALA C 338 -45.86 20.84 -38.80
C ALA C 338 -45.51 21.73 -39.97
N LEU C 339 -44.24 22.12 -40.04
CA LEU C 339 -43.71 22.89 -41.14
C LEU C 339 -43.00 21.95 -42.10
N ILE C 340 -43.47 21.91 -43.33
CA ILE C 340 -42.82 21.11 -44.37
C ILE C 340 -41.81 22.00 -45.07
N HIS C 341 -40.54 21.66 -44.98
CA HIS C 341 -39.50 22.53 -45.49
C HIS C 341 -39.47 22.53 -47.00
N ASN C 342 -39.22 21.38 -47.62
CA ASN C 342 -38.94 21.32 -49.03
C ASN C 342 -40.16 21.48 -49.91
N ARG C 343 -41.29 21.89 -49.34
CA ARG C 343 -42.45 22.27 -50.12
C ARG C 343 -42.72 23.76 -50.06
N SER C 344 -41.91 24.50 -49.32
CA SER C 344 -42.05 25.94 -49.21
C SER C 344 -41.32 26.62 -50.36
N LEU C 345 -41.17 27.94 -50.29
CA LEU C 345 -40.52 28.72 -51.32
C LEU C 345 -39.33 29.46 -50.73
N PHE C 346 -38.21 29.41 -51.42
CA PHE C 346 -37.00 30.05 -50.93
C PHE C 346 -36.49 31.04 -51.96
N SER C 347 -35.59 31.90 -51.51
CA SER C 347 -34.88 32.83 -52.38
C SER C 347 -33.43 32.86 -51.96
N ASP C 348 -32.60 33.55 -52.72
CA ASP C 348 -31.16 33.47 -52.59
C ASP C 348 -30.62 34.62 -51.77
N LYS C 349 -29.37 34.47 -51.33
CA LYS C 349 -28.73 35.47 -50.51
C LYS C 349 -27.24 35.21 -50.45
N GLN C 350 -26.42 36.20 -50.78
CA GLN C 350 -24.98 36.05 -50.79
C GLN C 350 -24.35 37.10 -49.91
N MET C 351 -23.20 36.78 -49.31
CA MET C 351 -22.51 37.68 -48.41
C MET C 351 -21.19 38.10 -49.02
N ILE C 352 -20.95 39.41 -49.12
CA ILE C 352 -19.79 39.94 -49.79
C ILE C 352 -19.10 40.92 -48.85
N LYS C 353 -17.81 41.14 -49.06
CA LYS C 353 -17.03 42.02 -48.19
C LYS C 353 -16.34 43.07 -49.01
N LEU C 354 -16.59 44.33 -48.70
CA LEU C 354 -15.87 45.41 -49.34
C LEU C 354 -14.62 45.78 -48.56
N GLN C 355 -13.89 46.75 -49.08
CA GLN C 355 -12.64 47.20 -48.49
C GLN C 355 -12.36 48.56 -49.07
N GLU C 356 -12.31 49.59 -48.24
CA GLU C 356 -12.18 50.94 -48.77
C GLU C 356 -10.92 51.09 -49.62
N SER C 357 -11.00 51.92 -50.64
CA SER C 357 -9.88 52.12 -51.53
C SER C 357 -8.75 52.85 -50.80
N PRO C 358 -7.52 52.75 -51.30
CA PRO C 358 -6.42 53.48 -50.64
C PRO C 358 -6.63 54.96 -50.64
N GLU C 359 -7.08 55.52 -51.76
CA GLU C 359 -7.55 56.89 -51.75
C GLU C 359 -8.76 57.00 -50.84
N ASP C 360 -8.98 58.19 -50.29
CA ASP C 360 -10.10 58.44 -49.39
C ASP C 360 -10.01 57.53 -48.15
N MET C 361 -8.96 57.77 -47.38
CA MET C 361 -8.83 57.23 -46.03
C MET C 361 -7.91 58.15 -45.26
N PRO C 362 -7.98 58.14 -43.92
CA PRO C 362 -7.25 59.15 -43.14
C PRO C 362 -5.75 58.91 -43.10
N ALA C 363 -5.05 59.72 -42.32
CA ALA C 363 -3.59 59.68 -42.30
C ALA C 363 -3.12 58.53 -41.43
N GLY C 364 -2.38 57.60 -42.03
CA GLY C 364 -1.75 56.53 -41.28
C GLY C 364 -2.73 55.59 -40.64
N GLN C 365 -3.53 54.91 -41.44
CA GLN C 365 -4.53 53.97 -40.95
C GLN C 365 -4.64 52.81 -41.92
N THR C 366 -5.36 51.78 -41.50
CA THR C 366 -5.51 50.50 -42.15
C THR C 366 -6.93 50.34 -42.68
N PRO C 367 -7.11 49.71 -43.84
CA PRO C 367 -8.44 49.63 -44.44
C PRO C 367 -9.45 48.90 -43.56
N HIS C 368 -10.71 49.32 -43.67
CA HIS C 368 -11.83 48.65 -43.05
C HIS C 368 -12.43 47.63 -44.00
N THR C 369 -13.46 46.95 -43.53
CA THR C 369 -14.33 46.13 -44.37
C THR C 369 -15.77 46.39 -43.98
N VAL C 370 -16.67 46.10 -44.91
CA VAL C 370 -18.11 46.24 -44.69
C VAL C 370 -18.77 45.04 -45.32
N ILE C 371 -19.76 44.48 -44.64
CA ILE C 371 -20.46 43.31 -45.15
C ILE C 371 -21.69 43.76 -45.93
N LEU C 372 -21.80 43.30 -47.16
CA LEU C 372 -22.98 43.51 -47.98
C LEU C 372 -23.74 42.21 -48.14
N PHE C 373 -25.06 42.30 -48.23
CA PHE C 373 -25.89 41.16 -48.53
C PHE C 373 -26.55 41.36 -49.87
N ALA C 374 -26.28 40.48 -50.81
CA ALA C 374 -26.94 40.55 -52.11
C ALA C 374 -28.30 39.90 -51.98
N HIS C 375 -29.02 39.76 -53.09
CA HIS C 375 -30.34 39.16 -52.99
C HIS C 375 -30.68 38.48 -54.32
N ASN C 376 -31.96 38.23 -54.51
CA ASN C 376 -32.43 37.22 -55.47
C ASN C 376 -31.70 37.27 -56.80
N ASP C 377 -31.63 38.45 -57.43
CA ASP C 377 -31.09 38.51 -58.78
C ASP C 377 -29.68 39.05 -58.85
N LEU C 378 -29.28 39.88 -57.90
CA LEU C 378 -27.90 40.35 -57.85
C LEU C 378 -26.98 39.34 -57.26
N VAL C 379 -27.38 38.07 -57.22
CA VAL C 379 -26.73 37.13 -56.33
C VAL C 379 -25.33 36.75 -56.77
N ASP C 380 -25.00 36.81 -58.06
CA ASP C 380 -23.66 36.43 -58.47
C ASP C 380 -23.12 37.38 -59.54
N LYS C 381 -23.29 38.68 -59.32
CA LYS C 381 -22.94 39.67 -60.32
C LYS C 381 -21.61 40.36 -60.04
N VAL C 382 -20.79 39.81 -59.16
CA VAL C 382 -19.52 40.46 -58.83
C VAL C 382 -18.52 39.39 -58.42
N GLN C 383 -17.25 39.69 -58.64
CA GLN C 383 -16.15 38.75 -58.40
C GLN C 383 -15.12 39.40 -57.49
N PRO C 384 -14.42 38.61 -56.68
CA PRO C 384 -13.31 39.17 -55.91
C PRO C 384 -12.26 39.76 -56.84
N GLY C 385 -11.79 40.94 -56.48
CA GLY C 385 -10.84 41.66 -57.30
C GLY C 385 -11.44 42.78 -58.11
N ASP C 386 -12.72 43.07 -57.95
CA ASP C 386 -13.41 44.10 -58.71
C ASP C 386 -13.57 45.36 -57.87
N ARG C 387 -13.64 46.50 -58.55
CA ARG C 387 -13.85 47.80 -57.93
C ARG C 387 -15.24 48.28 -58.30
N VAL C 388 -16.13 48.35 -57.32
CA VAL C 388 -17.54 48.62 -57.59
C VAL C 388 -17.98 49.85 -56.82
N ASN C 389 -19.14 50.37 -57.20
CA ASN C 389 -19.81 51.46 -56.48
C ASN C 389 -21.14 50.90 -56.02
N VAL C 390 -21.13 50.22 -54.89
CA VAL C 390 -22.35 49.61 -54.40
C VAL C 390 -23.30 50.69 -53.89
N THR C 391 -24.59 50.50 -54.15
CA THR C 391 -25.63 51.38 -53.66
C THR C 391 -26.71 50.53 -53.02
N GLY C 392 -27.05 50.82 -51.78
CA GLY C 392 -28.07 50.03 -51.13
C GLY C 392 -28.37 50.58 -49.76
N ILE C 393 -29.44 50.04 -49.19
CA ILE C 393 -29.88 50.47 -47.88
C ILE C 393 -28.87 50.06 -46.83
N TYR C 394 -28.94 50.71 -45.67
CA TYR C 394 -28.00 50.46 -44.59
C TYR C 394 -28.79 50.05 -43.35
N ARG C 395 -28.64 48.80 -42.93
CA ARG C 395 -29.44 48.25 -41.86
C ARG C 395 -28.58 47.79 -40.70
N ALA C 396 -29.23 47.55 -39.57
CA ALA C 396 -28.58 47.11 -38.35
C ALA C 396 -29.52 46.19 -37.60
N VAL C 397 -29.05 44.99 -37.31
CA VAL C 397 -29.89 43.97 -36.68
C VAL C 397 -29.27 43.54 -35.37
N PRO C 398 -30.07 43.16 -34.38
CA PRO C 398 -29.53 42.78 -33.07
C PRO C 398 -28.84 41.43 -33.13
N ILE C 399 -28.12 41.12 -32.05
CA ILE C 399 -27.49 39.83 -31.86
C ILE C 399 -27.76 39.36 -30.44
N ARG C 400 -27.73 38.06 -30.25
CA ARG C 400 -28.05 37.45 -28.96
C ARG C 400 -26.79 36.90 -28.32
N VAL C 401 -26.65 37.12 -27.02
CA VAL C 401 -25.45 36.65 -26.33
C VAL C 401 -25.47 35.12 -26.24
N ASN C 402 -26.59 34.55 -25.92
CA ASN C 402 -26.64 33.11 -26.07
C ASN C 402 -27.49 32.74 -27.28
N PRO C 403 -27.13 31.67 -27.97
CA PRO C 403 -28.04 31.13 -28.99
C PRO C 403 -29.22 30.43 -28.35
N ARG C 404 -29.39 30.58 -27.03
CA ARG C 404 -30.47 29.95 -26.31
C ARG C 404 -31.46 30.97 -25.75
N VAL C 405 -30.99 31.92 -24.93
CA VAL C 405 -31.86 32.88 -24.27
C VAL C 405 -32.18 34.02 -25.22
N SER C 406 -33.14 34.85 -24.83
CA SER C 406 -33.52 36.02 -25.63
C SER C 406 -32.83 37.29 -25.16
N ASN C 407 -31.76 37.16 -24.38
CA ASN C 407 -31.01 38.33 -23.91
C ASN C 407 -30.11 38.81 -25.03
N VAL C 408 -30.63 39.75 -25.81
CA VAL C 408 -29.84 40.32 -26.90
C VAL C 408 -28.89 41.37 -26.36
N LYS C 409 -27.83 41.64 -27.11
CA LYS C 409 -26.90 42.67 -26.69
C LYS C 409 -27.51 44.04 -26.94
N SER C 410 -26.76 45.08 -26.58
CA SER C 410 -27.19 46.44 -26.78
C SER C 410 -26.42 47.15 -27.87
N VAL C 411 -25.29 46.60 -28.29
CA VAL C 411 -24.51 47.13 -29.41
C VAL C 411 -24.88 46.33 -30.64
N TYR C 412 -25.56 46.97 -31.59
CA TYR C 412 -26.07 46.27 -32.75
C TYR C 412 -24.94 45.94 -33.71
N LYS C 413 -25.30 45.44 -34.89
CA LYS C 413 -24.33 45.00 -35.88
C LYS C 413 -24.89 45.29 -37.25
N THR C 414 -24.09 45.91 -38.12
CA THR C 414 -24.60 46.51 -39.33
C THR C 414 -24.07 45.83 -40.58
N HIS C 415 -24.86 45.90 -41.64
CA HIS C 415 -24.50 45.42 -42.97
C HIS C 415 -25.20 46.32 -43.97
N ILE C 416 -25.28 45.89 -45.23
CA ILE C 416 -25.83 46.73 -46.29
C ILE C 416 -26.59 45.85 -47.26
N ASP C 417 -27.89 46.11 -47.42
CA ASP C 417 -28.71 45.34 -48.35
C ASP C 417 -28.57 45.94 -49.74
N VAL C 418 -27.62 45.44 -50.52
CA VAL C 418 -27.27 46.07 -51.77
C VAL C 418 -28.47 46.14 -52.70
N ILE C 419 -28.49 47.19 -53.52
CA ILE C 419 -29.54 47.39 -54.52
C ILE C 419 -28.99 47.59 -55.93
N HIS C 420 -27.75 48.02 -56.11
CA HIS C 420 -27.26 48.28 -57.45
C HIS C 420 -25.75 48.30 -57.44
N TYR C 421 -25.13 47.66 -58.44
CA TYR C 421 -23.70 47.71 -58.65
C TYR C 421 -23.37 48.65 -59.81
N ARG C 422 -22.09 49.01 -59.90
CA ARG C 422 -21.64 49.82 -61.03
C ARG C 422 -20.15 49.64 -61.15
N LYS C 423 -19.70 48.98 -62.22
CA LYS C 423 -18.25 48.70 -62.40
C LYS C 423 -17.70 49.56 -63.56
N THR C 424 -17.68 50.88 -63.39
CA THR C 424 -17.12 51.77 -64.45
C THR C 424 -15.60 51.85 -64.27
N ASP C 425 -14.86 50.94 -64.89
CA ASP C 425 -13.37 50.92 -64.77
C ASP C 425 -12.75 51.53 -66.02
N ALA C 426 -12.87 52.86 -66.18
CA ALA C 426 -12.32 53.54 -67.37
C ALA C 426 -10.81 53.72 -67.23
N LYS C 427 -10.30 53.64 -66.00
CA LYS C 427 -8.83 53.73 -65.75
C LYS C 427 -8.14 52.47 -66.27
N ARG C 428 -8.90 51.39 -66.48
CA ARG C 428 -8.33 50.14 -67.04
C ARG C 428 -8.81 49.97 -68.49
N LEU C 429 -8.67 48.77 -69.05
CA LEU C 429 -9.18 48.49 -70.42
C LEU C 429 -10.53 47.78 -70.28
N HIS C 430 -10.80 46.79 -71.14
CA HIS C 430 -12.03 46.02 -70.97
C HIS C 430 -11.71 44.60 -70.51
N GLY C 431 -12.27 44.22 -69.36
CA GLY C 431 -12.15 42.86 -68.91
C GLY C 431 -12.99 41.92 -69.75
N LEU C 432 -12.68 40.63 -69.64
CA LEU C 432 -13.28 39.62 -70.51
C LEU C 432 -14.67 39.18 -70.06
N ASP C 433 -15.35 39.97 -69.23
CA ASP C 433 -16.78 39.82 -69.07
C ASP C 433 -17.53 40.53 -70.19
N GLU C 434 -16.91 41.51 -70.81
CA GLU C 434 -17.50 42.27 -71.92
C GLU C 434 -17.00 41.73 -73.26
N GLU C 435 -17.34 40.48 -73.55
CA GLU C 435 -17.30 39.99 -74.93
C GLU C 435 -18.67 40.01 -75.59
N ALA C 436 -19.73 39.76 -74.83
CA ALA C 436 -21.07 40.04 -75.33
C ALA C 436 -21.29 41.52 -75.54
N GLU C 437 -20.60 42.36 -74.76
CA GLU C 437 -20.71 43.81 -74.88
C GLU C 437 -19.93 44.38 -76.05
N GLN C 438 -19.12 43.56 -76.74
CA GLN C 438 -18.43 44.06 -77.92
C GLN C 438 -19.40 44.20 -79.09
N LYS C 439 -20.34 43.26 -79.21
CA LYS C 439 -21.46 43.46 -80.12
C LYS C 439 -22.25 44.70 -79.78
N LEU C 440 -22.05 45.26 -78.58
CA LEU C 440 -22.63 46.54 -78.19
C LEU C 440 -21.65 47.68 -78.45
N PHE C 441 -21.15 47.74 -79.68
CA PHE C 441 -20.35 48.86 -80.17
C PHE C 441 -21.16 49.65 -81.18
N SER C 442 -21.07 50.97 -81.09
CA SER C 442 -21.69 51.82 -82.10
C SER C 442 -21.05 51.53 -83.45
N GLU C 443 -21.90 51.24 -84.46
CA GLU C 443 -21.37 51.05 -85.80
C GLU C 443 -20.64 52.28 -86.30
N LYS C 444 -20.87 53.44 -85.68
CA LYS C 444 -20.06 54.61 -85.95
C LYS C 444 -18.62 54.39 -85.52
N ARG C 445 -18.38 53.51 -84.56
CA ARG C 445 -17.05 53.27 -84.02
C ARG C 445 -16.27 52.23 -84.81
N VAL C 446 -16.96 51.22 -85.33
CA VAL C 446 -16.25 50.18 -86.09
C VAL C 446 -15.67 50.78 -87.36
N GLU C 447 -16.34 51.78 -87.94
CA GLU C 447 -15.75 52.52 -89.05
C GLU C 447 -14.43 53.16 -88.63
N LEU C 448 -14.44 53.85 -87.49
CA LEU C 448 -13.24 54.50 -86.98
C LEU C 448 -12.11 53.50 -86.82
N LEU C 449 -12.41 52.36 -86.20
CA LEU C 449 -11.35 51.39 -85.95
C LEU C 449 -10.82 50.82 -87.25
N LYS C 450 -11.72 50.40 -88.14
CA LYS C 450 -11.27 49.81 -89.40
C LYS C 450 -10.51 50.82 -90.23
N GLU C 451 -10.80 52.12 -90.10
CA GLU C 451 -10.10 53.11 -90.90
C GLU C 451 -8.75 53.47 -90.29
N LEU C 452 -8.68 53.53 -88.96
CA LEU C 452 -7.39 53.75 -88.31
C LEU C 452 -6.46 52.58 -88.58
N SER C 453 -7.02 51.39 -88.76
CA SER C 453 -6.21 50.19 -89.01
C SER C 453 -5.67 50.11 -90.43
N ARG C 454 -5.88 51.14 -91.24
CA ARG C 454 -5.40 51.12 -92.62
C ARG C 454 -4.19 52.00 -92.85
N LYS C 455 -3.92 52.97 -91.97
CA LYS C 455 -2.78 53.84 -92.14
C LYS C 455 -1.50 53.01 -92.12
N PRO C 456 -0.50 53.35 -92.94
CA PRO C 456 0.66 52.47 -93.09
C PRO C 456 1.42 52.21 -91.80
N ASP C 457 1.34 53.10 -90.82
CA ASP C 457 1.97 52.90 -89.51
C ASP C 457 0.94 53.18 -88.44
N ILE C 458 0.14 52.16 -88.12
CA ILE C 458 -0.81 52.23 -87.01
C ILE C 458 -0.17 51.48 -85.87
N TYR C 459 0.77 50.61 -86.21
CA TYR C 459 1.61 49.96 -85.21
C TYR C 459 2.37 50.98 -84.40
N GLU C 460 3.25 51.74 -85.06
CA GLU C 460 4.06 52.72 -84.36
C GLU C 460 3.24 53.88 -83.83
N ARG C 461 2.02 54.06 -84.31
CA ARG C 461 1.19 55.15 -83.82
C ARG C 461 0.44 54.78 -82.55
N LEU C 462 0.11 53.50 -82.38
CA LEU C 462 -0.48 53.06 -81.13
C LEU C 462 0.57 52.77 -80.07
N ALA C 463 1.66 52.10 -80.46
CA ALA C 463 2.73 51.78 -79.52
C ALA C 463 3.24 53.05 -78.85
N SER C 464 3.54 54.07 -79.64
CA SER C 464 4.12 55.30 -79.13
C SER C 464 3.14 56.06 -78.25
N ALA C 465 1.93 55.54 -78.08
CA ALA C 465 0.95 56.13 -77.19
C ALA C 465 0.81 55.36 -75.88
N LEU C 466 1.72 54.43 -75.62
CA LEU C 466 1.78 53.76 -74.32
C LEU C 466 2.69 54.55 -73.41
N ALA C 467 2.21 54.84 -72.20
CA ALA C 467 3.03 55.49 -71.21
C ALA C 467 3.66 56.74 -71.79
N PRO C 468 2.91 57.81 -71.97
CA PRO C 468 3.49 59.00 -72.59
C PRO C 468 4.34 59.79 -71.61
N SER C 469 5.16 59.09 -70.83
CA SER C 469 6.11 59.72 -69.94
C SER C 469 7.48 59.08 -70.01
N ILE C 470 7.59 57.83 -70.45
CA ILE C 470 8.89 57.25 -70.69
C ILE C 470 9.53 57.95 -71.87
N TYR C 471 10.86 57.97 -71.91
CA TYR C 471 11.52 58.50 -73.09
C TYR C 471 11.48 57.45 -74.17
N GLU C 472 12.29 57.60 -75.21
CA GLU C 472 12.03 56.90 -76.45
C GLU C 472 11.88 55.39 -76.28
N HIS C 473 12.94 54.67 -75.95
CA HIS C 473 12.85 53.22 -75.71
C HIS C 473 11.95 52.53 -76.72
N GLU C 474 12.16 52.78 -78.02
CA GLU C 474 11.10 52.51 -78.99
C GLU C 474 10.70 51.04 -79.05
N ASP C 475 11.63 50.13 -78.79
CA ASP C 475 11.33 48.71 -79.01
C ASP C 475 10.55 48.11 -77.84
N ILE C 476 10.82 48.56 -76.63
CA ILE C 476 10.16 47.96 -75.48
C ILE C 476 8.68 48.23 -75.51
N LYS C 477 8.28 49.39 -75.99
CA LYS C 477 6.87 49.65 -76.14
C LYS C 477 6.26 48.81 -77.25
N LYS C 478 7.02 48.47 -78.28
CA LYS C 478 6.53 47.54 -79.29
C LYS C 478 6.23 46.19 -78.68
N GLY C 479 7.19 45.66 -77.92
CA GLY C 479 6.98 44.37 -77.29
C GLY C 479 5.80 44.39 -76.33
N ILE C 480 5.74 45.39 -75.47
CA ILE C 480 4.66 45.48 -74.51
C ILE C 480 3.33 45.81 -75.16
N LEU C 481 3.33 46.25 -76.41
CA LEU C 481 2.06 46.38 -77.11
C LEU C 481 1.62 45.06 -77.71
N LEU C 482 2.55 44.33 -78.34
CA LEU C 482 2.19 43.00 -78.84
C LEU C 482 1.78 42.08 -77.71
N GLN C 483 2.25 42.31 -76.49
CA GLN C 483 1.83 41.47 -75.38
C GLN C 483 0.37 41.65 -75.02
N LEU C 484 -0.23 42.79 -75.35
CA LEU C 484 -1.62 43.05 -75.03
C LEU C 484 -2.58 42.46 -76.04
N PHE C 485 -2.09 41.76 -77.06
CA PHE C 485 -2.93 41.07 -78.01
C PHE C 485 -2.76 39.57 -77.96
N GLY C 486 -1.54 39.07 -78.06
CA GLY C 486 -1.28 37.66 -77.93
C GLY C 486 -1.63 36.86 -79.16
N GLY C 487 -0.99 35.71 -79.36
CA GLY C 487 -1.24 34.89 -80.52
C GLY C 487 -2.66 34.37 -80.55
N THR C 488 -3.01 33.58 -81.56
CA THR C 488 -4.36 33.07 -81.63
C THR C 488 -4.60 32.04 -80.52
N ARG C 489 -5.86 31.75 -80.29
CA ARG C 489 -6.26 30.71 -79.34
C ARG C 489 -6.71 29.52 -80.17
N LYS C 490 -5.75 28.69 -80.57
CA LYS C 490 -6.04 27.52 -81.36
C LYS C 490 -6.55 26.38 -80.48
N ASP C 491 -7.24 25.43 -81.10
CA ASP C 491 -7.95 24.37 -80.38
C ASP C 491 -7.30 23.04 -80.74
N PHE C 492 -6.40 22.57 -79.89
CA PHE C 492 -5.58 21.40 -80.17
C PHE C 492 -6.07 20.16 -79.45
N SER C 493 -7.32 20.15 -79.00
CA SER C 493 -7.83 18.99 -78.27
C SER C 493 -7.84 17.73 -79.12
N HIS C 494 -7.86 17.86 -80.44
CA HIS C 494 -7.96 16.69 -81.31
C HIS C 494 -6.63 15.96 -81.41
N THR C 495 -5.54 16.71 -81.62
CA THR C 495 -4.23 16.11 -81.79
C THR C 495 -3.65 15.54 -80.51
N GLY C 496 -4.38 15.59 -79.41
CA GLY C 496 -3.90 15.02 -78.16
C GLY C 496 -2.66 15.68 -77.62
N ARG C 497 -2.17 16.69 -78.33
CA ARG C 497 -1.02 17.45 -77.86
C ARG C 497 -1.29 18.07 -76.50
N GLY C 498 -2.53 18.49 -76.26
CA GLY C 498 -2.88 19.20 -75.05
C GLY C 498 -3.43 20.58 -75.39
N LYS C 499 -2.92 21.58 -74.69
CA LYS C 499 -3.22 22.97 -74.97
C LYS C 499 -1.95 23.68 -75.41
N PHE C 500 -2.11 24.92 -75.84
CA PHE C 500 -1.00 25.67 -76.42
C PHE C 500 -1.04 27.09 -75.87
N ARG C 501 0.06 27.52 -75.26
CA ARG C 501 0.12 28.86 -74.71
C ARG C 501 0.01 29.90 -75.82
N ALA C 502 -0.76 30.95 -75.57
CA ALA C 502 -0.96 32.00 -76.55
C ALA C 502 -0.50 33.36 -76.09
N GLU C 503 -0.08 33.52 -74.84
CA GLU C 503 0.35 34.80 -74.30
C GLU C 503 1.87 34.86 -74.29
N ILE C 504 2.39 36.08 -74.21
CA ILE C 504 3.80 36.36 -74.41
C ILE C 504 4.42 36.78 -73.08
N ASN C 505 5.55 36.16 -72.74
CA ASN C 505 6.32 36.51 -71.56
C ASN C 505 7.52 37.34 -71.96
N ILE C 506 7.73 38.45 -71.24
CA ILE C 506 8.75 39.43 -71.60
C ILE C 506 9.67 39.60 -70.40
N LEU C 507 10.97 39.65 -70.65
CA LEU C 507 11.96 39.87 -69.60
C LEU C 507 12.71 41.15 -69.92
N LEU C 508 12.95 41.98 -68.91
CA LEU C 508 13.68 43.24 -69.07
C LEU C 508 14.91 43.17 -68.18
N CYS C 509 16.09 43.13 -68.80
CA CYS C 509 17.32 43.19 -68.04
C CYS C 509 18.16 44.39 -68.46
N GLY C 510 18.80 45.03 -67.49
CA GLY C 510 19.57 46.22 -67.77
C GLY C 510 20.00 46.99 -66.55
N ASP C 511 21.09 47.75 -66.66
CA ASP C 511 21.71 48.40 -65.53
C ASP C 511 20.77 49.45 -64.92
N PRO C 512 21.03 49.86 -63.68
CA PRO C 512 20.05 50.66 -62.93
C PRO C 512 19.78 52.02 -63.57
N GLY C 513 18.70 52.63 -63.09
CA GLY C 513 18.31 53.94 -63.56
C GLY C 513 17.66 53.98 -64.91
N THR C 514 17.49 52.84 -65.58
CA THR C 514 17.03 52.80 -66.96
C THR C 514 15.52 52.71 -67.09
N SER C 515 14.78 52.96 -66.02
CA SER C 515 13.33 53.00 -66.03
C SER C 515 12.72 51.66 -66.42
N LYS C 516 13.00 50.65 -65.61
CA LYS C 516 12.30 49.37 -65.73
C LYS C 516 11.05 49.37 -64.86
N SER C 517 11.23 49.55 -63.55
CA SER C 517 10.12 49.47 -62.61
C SER C 517 9.01 50.46 -62.94
N GLN C 518 9.32 51.51 -63.69
CA GLN C 518 8.26 52.43 -64.08
C GLN C 518 7.36 51.81 -65.14
N LEU C 519 7.92 51.00 -66.03
CA LEU C 519 7.09 50.33 -67.02
C LEU C 519 6.18 49.29 -66.38
N LEU C 520 6.69 48.52 -65.42
CA LEU C 520 5.82 47.62 -64.70
C LEU C 520 4.74 48.37 -63.96
N GLN C 521 5.12 49.42 -63.23
CA GLN C 521 4.13 50.22 -62.51
C GLN C 521 3.11 50.86 -63.43
N TYR C 522 3.46 51.03 -64.70
CA TYR C 522 2.50 51.61 -65.62
C TYR C 522 1.56 50.55 -66.17
N VAL C 523 2.09 49.40 -66.57
CA VAL C 523 1.26 48.33 -67.10
C VAL C 523 0.28 47.84 -66.03
N TYR C 524 0.80 47.56 -64.83
CA TYR C 524 -0.05 47.07 -63.76
C TYR C 524 -1.24 47.99 -63.51
N ASN C 525 -1.07 49.29 -63.74
CA ASN C 525 -2.17 50.21 -63.58
C ASN C 525 -3.02 50.35 -64.82
N LEU C 526 -2.62 49.72 -65.93
CA LEU C 526 -3.39 49.78 -67.17
C LEU C 526 -4.30 48.57 -67.31
N VAL C 527 -3.74 47.37 -67.33
CA VAL C 527 -4.49 46.14 -67.54
C VAL C 527 -5.40 45.87 -66.36
N PRO C 528 -6.60 45.34 -66.55
CA PRO C 528 -7.39 44.86 -65.43
C PRO C 528 -7.03 43.41 -65.15
N ARG C 529 -7.32 42.98 -63.92
CA ARG C 529 -6.96 41.65 -63.47
C ARG C 529 -5.45 41.43 -63.58
N GLY C 530 -4.71 42.19 -62.78
CA GLY C 530 -3.27 42.07 -62.73
C GLY C 530 -2.78 42.06 -61.30
N GLN C 531 -1.48 41.84 -61.15
CA GLN C 531 -0.84 41.88 -59.84
C GLN C 531 0.52 42.51 -59.98
N TYR C 532 1.10 42.90 -58.85
CA TYR C 532 2.47 43.39 -58.80
C TYR C 532 3.14 42.74 -57.62
N THR C 533 4.27 42.10 -57.86
CA THR C 533 4.99 41.35 -56.85
C THR C 533 6.40 41.89 -56.78
N SER C 534 7.20 41.36 -55.87
CA SER C 534 8.57 41.83 -55.72
C SER C 534 9.47 40.63 -55.52
N GLY C 535 10.71 40.90 -55.17
CA GLY C 535 11.67 39.83 -55.04
C GLY C 535 11.58 39.09 -53.73
N LYS C 536 11.91 39.76 -52.63
CA LYS C 536 12.02 39.05 -51.37
C LYS C 536 10.71 38.94 -50.63
N GLY C 537 9.71 39.72 -51.02
CA GLY C 537 8.45 39.69 -50.34
C GLY C 537 7.45 38.80 -51.04
N SER C 538 7.89 37.64 -51.51
CA SER C 538 7.01 36.67 -52.14
C SER C 538 7.67 35.31 -52.07
N SER C 539 6.91 34.30 -51.69
CA SER C 539 7.45 32.99 -51.43
C SER C 539 7.07 32.04 -52.56
N ALA C 540 7.42 30.77 -52.39
CA ALA C 540 7.15 29.80 -53.44
C ALA C 540 5.67 29.51 -53.54
N VAL C 541 5.02 29.27 -52.41
CA VAL C 541 3.62 28.91 -52.41
C VAL C 541 2.70 30.13 -52.46
N GLY C 542 3.19 31.30 -52.09
CA GLY C 542 2.35 32.47 -52.16
C GLY C 542 2.07 32.93 -53.56
N LEU C 543 2.86 32.48 -54.52
CA LEU C 543 2.66 32.86 -55.91
C LEU C 543 1.71 31.94 -56.64
N THR C 544 1.62 30.67 -56.25
CA THR C 544 0.79 29.74 -57.00
C THR C 544 -0.40 29.20 -56.22
N ALA C 545 -0.18 28.49 -55.11
CA ALA C 545 -1.31 27.98 -54.34
C ALA C 545 -0.87 27.42 -53.01
N TYR C 546 -1.50 27.83 -51.93
CA TYR C 546 -1.15 27.34 -50.61
C TYR C 546 -2.30 26.56 -50.03
N VAL C 547 -2.05 25.99 -48.86
CA VAL C 547 -3.02 25.14 -48.18
C VAL C 547 -3.13 25.67 -46.76
N MET C 548 -4.31 26.11 -46.38
CA MET C 548 -4.49 26.76 -45.09
C MET C 548 -5.43 25.95 -44.22
N LYS C 549 -5.13 25.92 -42.93
CA LYS C 549 -6.04 25.34 -41.94
C LYS C 549 -7.22 26.27 -41.82
N ASP C 550 -8.33 25.94 -42.47
CA ASP C 550 -9.52 26.75 -42.36
C ASP C 550 -9.90 26.89 -40.90
N PRO C 551 -10.19 28.11 -40.43
CA PRO C 551 -10.32 28.31 -38.98
C PRO C 551 -11.51 27.60 -38.37
N GLU C 552 -12.69 27.75 -38.98
CA GLU C 552 -13.89 27.19 -38.37
C GLU C 552 -13.89 25.67 -38.44
N THR C 553 -13.90 25.11 -39.64
CA THR C 553 -14.08 23.68 -39.80
C THR C 553 -12.83 22.88 -39.48
N ARG C 554 -11.70 23.53 -39.19
CA ARG C 554 -10.48 22.86 -38.81
C ARG C 554 -10.01 21.85 -39.86
N GLN C 555 -10.12 22.23 -41.12
CA GLN C 555 -9.73 21.36 -42.22
C GLN C 555 -8.85 22.10 -43.20
N LEU C 556 -7.95 21.36 -43.84
CA LEU C 556 -7.04 21.95 -44.81
C LEU C 556 -7.79 22.25 -46.10
N VAL C 557 -7.74 23.51 -46.54
CA VAL C 557 -8.41 23.90 -47.77
C VAL C 557 -7.42 24.66 -48.64
N LEU C 558 -7.63 24.59 -49.95
CA LEU C 558 -6.72 25.16 -50.93
C LEU C 558 -7.06 26.61 -51.19
N GLN C 559 -6.05 27.40 -51.53
CA GLN C 559 -6.25 28.78 -51.92
C GLN C 559 -5.35 29.10 -53.10
N THR C 560 -5.55 30.27 -53.69
CA THR C 560 -4.85 30.67 -54.89
C THR C 560 -3.84 31.77 -54.60
N GLY C 561 -2.69 31.70 -55.25
CA GLY C 561 -1.62 32.64 -55.02
C GLY C 561 -1.77 33.89 -55.85
N ALA C 562 -0.68 34.41 -56.39
CA ALA C 562 -0.74 35.60 -57.23
C ALA C 562 -0.77 35.26 -58.70
N LEU C 563 0.01 34.28 -59.13
CA LEU C 563 0.04 33.89 -60.53
C LEU C 563 -1.27 33.26 -60.99
N VAL C 564 -2.14 32.88 -60.07
CA VAL C 564 -3.45 32.35 -60.44
C VAL C 564 -4.55 33.38 -60.27
N LEU C 565 -4.40 34.35 -59.38
CA LEU C 565 -5.42 35.39 -59.28
C LEU C 565 -5.41 36.30 -60.50
N SER C 566 -4.26 36.51 -61.12
CA SER C 566 -4.27 37.31 -62.33
C SER C 566 -5.10 36.63 -63.40
N ASP C 567 -4.58 35.53 -63.93
CA ASP C 567 -5.33 34.56 -64.73
C ASP C 567 -5.87 35.10 -66.04
N ASN C 568 -5.97 36.41 -66.15
CA ASN C 568 -6.31 37.03 -67.42
C ASN C 568 -5.75 38.44 -67.34
N GLY C 569 -4.52 38.60 -67.77
CA GLY C 569 -3.82 39.81 -67.48
C GLY C 569 -2.35 39.51 -67.31
N ILE C 570 -1.69 40.37 -66.56
CA ILE C 570 -0.24 40.39 -66.49
C ILE C 570 0.17 40.29 -65.04
N CYS C 571 1.21 39.53 -64.77
CA CYS C 571 1.72 39.34 -63.43
C CYS C 571 3.12 39.94 -63.40
N CYS C 572 3.19 41.23 -63.07
CA CYS C 572 4.46 41.93 -63.04
C CYS C 572 5.29 41.45 -61.87
N ILE C 573 6.48 40.94 -62.14
CA ILE C 573 7.35 40.42 -61.09
C ILE C 573 8.62 41.25 -61.12
N ASP C 574 8.67 42.30 -60.32
CA ASP C 574 9.90 43.07 -60.22
C ASP C 574 10.93 42.32 -59.40
N GLU C 575 12.16 42.81 -59.42
CA GLU C 575 13.25 42.22 -58.65
C GLU C 575 13.36 40.73 -58.92
N PHE C 576 13.40 40.37 -60.20
CA PHE C 576 13.39 38.96 -60.56
C PHE C 576 14.67 38.25 -60.15
N ASP C 577 15.78 38.97 -60.07
CA ASP C 577 17.03 38.31 -59.70
C ASP C 577 17.01 37.87 -58.26
N LYS C 578 16.51 38.72 -57.36
CA LYS C 578 16.65 38.47 -55.94
C LYS C 578 15.57 37.57 -55.39
N MET C 579 15.37 36.42 -56.01
CA MET C 579 14.50 35.38 -55.50
C MET C 579 15.32 34.10 -55.49
N ASN C 580 15.53 33.53 -54.30
CA ASN C 580 16.36 32.34 -54.20
C ASN C 580 15.84 31.26 -55.14
N GLU C 581 16.75 30.42 -55.60
CA GLU C 581 16.45 29.53 -56.72
C GLU C 581 15.28 28.61 -56.43
N SER C 582 14.91 28.42 -55.17
CA SER C 582 13.73 27.61 -54.88
C SER C 582 12.49 28.25 -55.46
N THR C 583 12.13 29.44 -54.99
CA THR C 583 10.91 30.09 -55.44
C THR C 583 10.98 30.54 -56.89
N ARG C 584 12.11 30.40 -57.55
CA ARG C 584 12.18 30.78 -58.95
C ARG C 584 11.89 29.61 -59.86
N SER C 585 12.18 28.39 -59.42
CA SER C 585 11.88 27.20 -60.19
C SER C 585 10.40 26.84 -60.17
N VAL C 586 9.58 27.63 -59.50
CA VAL C 586 8.14 27.37 -59.51
C VAL C 586 7.50 27.91 -60.78
N LEU C 587 8.01 29.02 -61.31
CA LEU C 587 7.43 29.58 -62.52
C LEU C 587 7.56 28.65 -63.73
N HIS C 588 8.36 27.59 -63.64
CA HIS C 588 8.60 26.76 -64.80
C HIS C 588 7.32 26.12 -65.32
N GLU C 589 6.38 25.82 -64.43
CA GLU C 589 5.15 25.15 -64.87
C GLU C 589 4.12 26.16 -65.35
N VAL C 590 3.80 27.15 -64.51
CA VAL C 590 2.70 28.04 -64.78
C VAL C 590 2.96 28.96 -65.97
N MET C 591 4.21 29.13 -66.36
CA MET C 591 4.52 30.06 -67.44
C MET C 591 4.81 29.37 -68.76
N GLU C 592 4.73 28.08 -68.81
CA GLU C 592 4.95 27.44 -70.10
C GLU C 592 3.80 26.56 -70.53
N GLN C 593 3.18 25.82 -69.61
CA GLN C 593 2.05 24.98 -69.94
C GLN C 593 0.71 25.61 -69.58
N GLN C 594 0.71 26.71 -68.84
CA GLN C 594 -0.51 27.35 -68.39
C GLN C 594 -1.33 26.39 -67.52
N THR C 595 -0.67 25.78 -66.55
CA THR C 595 -1.31 24.82 -65.69
C THR C 595 -0.62 24.85 -64.34
N LEU C 596 -1.12 24.04 -63.42
CA LEU C 596 -0.48 23.89 -62.12
C LEU C 596 -1.00 22.65 -61.44
N SER C 597 -0.15 21.70 -61.11
CA SER C 597 -0.56 20.41 -60.60
C SER C 597 -0.20 20.33 -59.13
N ILE C 598 -1.20 20.23 -58.27
CA ILE C 598 -0.98 20.25 -56.84
C ILE C 598 -1.29 18.87 -56.27
N ALA C 599 -0.40 18.40 -55.40
CA ALA C 599 -0.55 17.11 -54.73
C ALA C 599 -0.03 17.28 -53.32
N LYS C 600 -0.93 17.64 -52.40
CA LYS C 600 -0.57 17.80 -51.01
C LYS C 600 -1.53 17.01 -50.14
N ALA C 601 -1.53 17.27 -48.83
CA ALA C 601 -2.10 16.35 -47.84
C ALA C 601 -3.40 15.69 -48.26
N GLY C 602 -4.42 16.49 -48.54
CA GLY C 602 -5.69 15.90 -48.92
C GLY C 602 -6.17 16.39 -50.26
N ILE C 603 -5.39 17.29 -50.87
CA ILE C 603 -5.77 17.98 -52.08
C ILE C 603 -4.92 17.44 -53.21
N ILE C 604 -5.55 16.85 -54.22
CA ILE C 604 -4.87 16.38 -55.41
C ILE C 604 -5.64 16.90 -56.60
N CYS C 605 -5.21 18.01 -57.16
CA CYS C 605 -6.00 18.69 -58.18
C CYS C 605 -5.06 19.30 -59.21
N GLN C 606 -5.66 19.98 -60.19
CA GLN C 606 -4.89 20.55 -61.29
C GLN C 606 -5.59 21.82 -61.74
N LEU C 607 -5.05 22.97 -61.34
CA LEU C 607 -5.62 24.25 -61.71
C LEU C 607 -5.23 24.58 -63.14
N ASN C 608 -5.52 25.80 -63.58
CA ASN C 608 -4.99 26.33 -64.83
C ASN C 608 -5.27 27.81 -64.86
N ALA C 609 -4.50 28.51 -65.68
CA ALA C 609 -4.60 29.96 -65.75
C ALA C 609 -4.12 30.41 -67.12
N ARG C 610 -4.41 31.66 -67.43
CA ARG C 610 -4.01 32.26 -68.70
C ARG C 610 -3.24 33.55 -68.45
N THR C 611 -2.26 33.47 -67.56
CA THR C 611 -1.47 34.63 -67.18
C THR C 611 -0.35 34.86 -68.19
N SER C 612 0.40 35.94 -67.96
CA SER C 612 1.54 36.25 -68.81
C SER C 612 2.51 37.10 -68.01
N VAL C 613 3.66 36.52 -67.66
CA VAL C 613 4.63 37.20 -66.83
C VAL C 613 5.22 38.39 -67.57
N LEU C 614 5.66 39.38 -66.81
CA LEU C 614 6.42 40.52 -67.34
C LEU C 614 7.45 40.85 -66.29
N ALA C 615 8.66 40.32 -66.43
CA ALA C 615 9.63 40.36 -65.36
C ALA C 615 10.71 41.39 -65.63
N ALA C 616 11.38 41.80 -64.56
CA ALA C 616 12.43 42.80 -64.65
C ALA C 616 13.54 42.40 -63.70
N ALA C 617 14.76 42.39 -64.18
CA ALA C 617 15.89 41.97 -63.38
C ALA C 617 17.06 42.92 -63.57
N ASN C 618 18.08 42.76 -62.74
CA ASN C 618 19.33 43.46 -62.89
C ASN C 618 20.42 42.48 -63.26
N PRO C 619 21.43 42.90 -64.01
CA PRO C 619 22.57 42.02 -64.25
C PRO C 619 23.26 41.67 -62.95
N ILE C 620 24.00 40.57 -62.95
CA ILE C 620 24.79 40.26 -61.78
C ILE C 620 25.88 41.30 -61.64
N GLU C 621 26.25 41.60 -60.39
CA GLU C 621 27.09 42.74 -60.01
C GLU C 621 26.35 44.06 -60.20
N SER C 622 25.11 44.03 -60.66
CA SER C 622 24.25 45.20 -60.87
C SER C 622 24.86 46.21 -61.82
N GLN C 623 25.94 45.84 -62.50
CA GLN C 623 26.65 46.72 -63.41
C GLN C 623 26.97 45.92 -64.66
N TRP C 624 26.52 46.41 -65.81
CA TRP C 624 26.73 45.65 -67.04
C TRP C 624 28.18 45.85 -67.49
N ASN C 625 29.07 44.95 -67.05
CA ASN C 625 30.46 45.04 -67.47
C ASN C 625 30.66 44.31 -68.78
N PRO C 626 31.13 44.98 -69.83
CA PRO C 626 31.21 44.35 -71.15
C PRO C 626 32.37 43.38 -71.31
N LYS C 627 33.08 43.04 -70.24
CA LYS C 627 34.13 42.04 -70.35
C LYS C 627 33.54 40.64 -70.45
N LYS C 628 32.42 40.39 -69.78
CA LYS C 628 31.84 39.06 -69.73
C LYS C 628 30.86 38.85 -70.87
N THR C 629 30.41 37.62 -71.01
CA THR C 629 29.52 37.23 -72.09
C THR C 629 28.06 37.42 -71.67
N THR C 630 27.21 37.64 -72.67
CA THR C 630 25.80 37.95 -72.40
C THR C 630 25.14 36.89 -71.54
N ILE C 631 25.62 35.66 -71.58
CA ILE C 631 25.00 34.59 -70.82
C ILE C 631 25.65 34.56 -69.45
N GLU C 632 26.42 35.60 -69.13
CA GLU C 632 27.04 35.71 -67.82
C GLU C 632 26.66 36.97 -67.07
N ASN C 633 26.20 38.01 -67.76
CA ASN C 633 25.65 39.15 -67.04
C ASN C 633 24.26 38.84 -66.51
N ILE C 634 23.51 37.99 -67.22
CA ILE C 634 22.16 37.66 -66.76
C ILE C 634 22.20 36.63 -65.64
N GLN C 635 23.01 35.60 -65.81
CA GLN C 635 23.21 34.57 -64.79
C GLN C 635 21.93 33.80 -64.51
N LEU C 636 21.07 33.68 -65.49
CA LEU C 636 19.90 32.81 -65.39
C LEU C 636 20.15 31.51 -66.14
N PRO C 637 19.54 30.42 -65.74
CA PRO C 637 19.76 29.15 -66.44
C PRO C 637 19.20 29.17 -67.85
N HIS C 638 19.32 28.09 -68.59
CA HIS C 638 18.71 28.05 -69.91
C HIS C 638 17.30 27.50 -69.87
N THR C 639 17.01 26.60 -68.95
CA THR C 639 15.66 26.09 -68.82
C THR C 639 14.69 27.13 -68.30
N LEU C 640 15.13 28.37 -68.13
CA LEU C 640 14.26 29.43 -67.69
C LEU C 640 14.32 30.59 -68.66
N LEU C 641 15.48 30.79 -69.29
CA LEU C 641 15.57 31.84 -70.28
C LEU C 641 14.82 31.50 -71.55
N SER C 642 14.56 30.22 -71.80
CA SER C 642 13.87 29.85 -73.02
C SER C 642 12.35 29.98 -72.88
N ARG C 643 11.83 29.98 -71.66
CA ARG C 643 10.40 30.19 -71.50
C ARG C 643 10.02 31.63 -71.77
N PHE C 644 10.99 32.54 -71.79
CA PHE C 644 10.75 33.89 -72.25
C PHE C 644 11.01 33.93 -73.74
N ASP C 645 10.44 34.94 -74.39
CA ASP C 645 10.64 35.06 -75.82
C ASP C 645 11.01 36.46 -76.26
N LEU C 646 11.10 37.42 -75.36
CA LEU C 646 11.60 38.76 -75.67
C LEU C 646 12.44 39.17 -74.47
N ILE C 647 13.74 39.00 -74.58
CA ILE C 647 14.67 39.39 -73.54
C ILE C 647 15.26 40.73 -73.94
N PHE C 648 14.72 41.80 -73.39
CA PHE C 648 15.14 43.15 -73.74
C PHE C 648 16.33 43.55 -72.87
N LEU C 649 17.48 43.74 -73.50
CA LEU C 649 18.67 44.22 -72.81
C LEU C 649 18.74 45.73 -72.97
N LEU C 650 18.31 46.44 -71.92
CA LEU C 650 18.35 47.92 -71.92
C LEU C 650 19.80 48.38 -71.74
N LEU C 651 20.66 48.09 -72.73
CA LEU C 651 22.09 48.52 -72.66
C LEU C 651 22.17 50.03 -72.88
N ASP C 652 22.19 50.82 -71.79
CA ASP C 652 22.20 52.30 -71.93
C ASP C 652 23.34 52.88 -71.08
N PRO C 653 24.38 53.47 -71.70
CA PRO C 653 25.48 54.10 -70.96
C PRO C 653 25.23 55.58 -70.66
N GLN C 654 26.27 56.41 -70.71
CA GLN C 654 26.12 57.87 -70.46
C GLN C 654 26.19 58.62 -71.79
N ASP C 655 25.38 58.23 -72.77
CA ASP C 655 25.35 58.92 -74.09
C ASP C 655 25.05 60.41 -73.84
N GLU C 656 26.02 61.29 -74.08
CA GLU C 656 25.84 62.73 -73.78
C GLU C 656 24.64 63.31 -74.55
N ALA C 657 24.22 62.68 -75.65
CA ALA C 657 23.04 63.17 -76.36
C ALA C 657 21.77 62.62 -75.73
N TYR C 658 21.78 61.33 -75.39
CA TYR C 658 20.60 60.73 -74.80
C TYR C 658 20.29 61.35 -73.44
N ASP C 659 21.32 61.53 -72.61
CA ASP C 659 21.10 62.11 -71.30
C ASP C 659 20.53 63.51 -71.42
N ARG C 660 21.04 64.29 -72.37
CA ARG C 660 20.54 65.64 -72.54
C ARG C 660 19.09 65.64 -72.98
N ARG C 661 18.73 64.79 -73.95
CA ARG C 661 17.34 64.74 -74.40
C ARG C 661 16.42 64.27 -73.30
N LEU C 662 16.85 63.28 -72.52
CA LEU C 662 16.01 62.78 -71.45
C LEU C 662 15.80 63.83 -70.38
N ALA C 663 16.85 64.53 -69.98
CA ALA C 663 16.69 65.57 -68.97
C ALA C 663 15.79 66.67 -69.47
N HIS C 664 15.97 67.06 -70.72
CA HIS C 664 15.11 68.07 -71.31
C HIS C 664 13.67 67.62 -71.31
N HIS C 665 13.43 66.32 -71.44
CA HIS C 665 12.07 65.82 -71.40
C HIS C 665 11.51 65.78 -69.98
N LEU C 666 12.33 65.34 -69.03
CA LEU C 666 11.86 65.16 -67.66
C LEU C 666 11.52 66.48 -67.01
N VAL C 667 12.34 67.50 -67.23
CA VAL C 667 12.07 68.79 -66.62
C VAL C 667 10.71 69.32 -67.06
N ALA C 668 10.34 69.04 -68.31
CA ALA C 668 9.09 69.55 -68.85
C ALA C 668 7.89 69.11 -68.02
N LEU C 669 7.98 67.96 -67.36
CA LEU C 669 6.87 67.47 -66.57
C LEU C 669 6.57 68.31 -65.35
N TYR C 670 7.29 69.41 -65.14
CA TYR C 670 7.03 70.25 -63.99
C TYR C 670 6.26 71.51 -64.31
N TYR C 671 6.31 72.01 -65.54
CA TYR C 671 5.45 73.15 -65.87
C TYR C 671 4.00 72.72 -65.76
N GLN C 672 3.58 71.83 -66.64
CA GLN C 672 2.21 71.35 -66.68
C GLN C 672 2.09 70.18 -67.64
N LEU C 682 -2.48 60.40 -78.87
CA LEU C 682 -3.75 59.79 -79.22
C LEU C 682 -4.61 59.63 -77.99
N ASP C 683 -5.91 59.41 -78.19
CA ASP C 683 -6.82 59.27 -77.07
C ASP C 683 -6.66 57.90 -76.42
N MET C 684 -7.44 57.65 -75.38
CA MET C 684 -7.50 56.35 -74.75
C MET C 684 -8.64 55.52 -75.32
N ALA C 685 -9.86 56.06 -75.27
CA ALA C 685 -11.03 55.34 -75.74
C ALA C 685 -10.92 54.90 -77.18
N VAL C 686 -9.91 55.35 -77.92
CA VAL C 686 -9.58 54.70 -79.18
C VAL C 686 -8.84 53.40 -78.92
N LEU C 687 -7.79 53.46 -78.09
CA LEU C 687 -7.04 52.27 -77.75
C LEU C 687 -7.86 51.31 -76.89
N LYS C 688 -8.57 51.85 -75.91
CA LYS C 688 -9.38 51.05 -75.02
C LYS C 688 -10.49 50.29 -75.75
N ASP C 689 -10.89 50.75 -76.93
CA ASP C 689 -11.88 50.04 -77.74
C ASP C 689 -11.27 49.28 -78.90
N TYR C 690 -10.18 49.80 -79.47
CA TYR C 690 -9.45 49.06 -80.49
C TYR C 690 -9.03 47.71 -79.95
N ILE C 691 -8.63 47.66 -78.68
CA ILE C 691 -8.16 46.42 -78.10
C ILE C 691 -9.30 45.44 -77.93
N ALA C 692 -10.43 45.89 -77.38
CA ALA C 692 -11.59 45.01 -77.23
C ALA C 692 -12.01 44.45 -78.57
N TYR C 693 -12.08 45.30 -79.60
CA TYR C 693 -12.44 44.82 -80.93
C TYR C 693 -11.44 43.78 -81.41
N ALA C 694 -10.17 44.16 -81.53
CA ALA C 694 -9.14 43.24 -82.02
C ALA C 694 -9.04 41.97 -81.21
N HIS C 695 -9.58 41.93 -80.00
CA HIS C 695 -9.74 40.65 -79.31
C HIS C 695 -10.97 39.89 -79.76
N SER C 696 -12.07 40.59 -80.01
CA SER C 696 -13.34 39.88 -80.18
C SER C 696 -13.44 39.21 -81.54
N THR C 697 -13.11 39.91 -82.62
CA THR C 697 -13.47 39.46 -83.95
C THR C 697 -12.26 39.29 -84.86
N ILE C 698 -11.20 38.66 -84.37
CA ILE C 698 -9.99 38.45 -85.17
C ILE C 698 -9.40 37.09 -84.84
N MET C 699 -8.91 36.38 -85.85
CA MET C 699 -8.22 35.11 -85.67
C MET C 699 -7.29 34.88 -86.83
N PRO C 700 -6.07 35.42 -86.77
CA PRO C 700 -5.13 35.24 -87.87
C PRO C 700 -4.72 33.78 -88.04
N ARG C 701 -4.92 33.27 -89.24
CA ARG C 701 -4.45 31.95 -89.62
C ARG C 701 -3.24 32.10 -90.53
N LEU C 702 -2.25 31.23 -90.34
CA LEU C 702 -1.04 31.32 -91.15
C LEU C 702 -1.37 31.10 -92.63
N SER C 703 -0.37 31.33 -93.46
CA SER C 703 -0.44 31.14 -94.90
C SER C 703 0.63 30.13 -95.31
N GLU C 704 0.81 30.00 -96.62
CA GLU C 704 1.91 29.21 -97.14
C GLU C 704 3.11 30.05 -97.53
N GLU C 705 2.91 31.33 -97.84
CA GLU C 705 4.04 32.22 -98.06
C GLU C 705 4.66 32.66 -96.75
N ALA C 706 3.86 32.82 -95.70
CA ALA C 706 4.40 33.13 -94.39
C ALA C 706 5.08 31.92 -93.80
N SER C 707 4.46 30.75 -93.93
CA SER C 707 5.05 29.54 -93.38
C SER C 707 6.37 29.18 -94.03
N GLN C 708 6.64 29.69 -95.23
CA GLN C 708 7.90 29.37 -95.88
C GLN C 708 9.01 30.33 -95.51
N ALA C 709 8.70 31.44 -94.83
CA ALA C 709 9.71 32.28 -94.23
C ALA C 709 9.94 31.95 -92.77
N LEU C 710 9.10 31.11 -92.17
CA LEU C 710 9.27 30.71 -90.79
C LEU C 710 10.24 29.56 -90.63
N ILE C 711 10.49 28.77 -91.68
CA ILE C 711 11.40 27.65 -91.53
C ILE C 711 12.84 28.13 -91.55
N GLU C 712 13.19 28.99 -92.50
CA GLU C 712 14.57 29.47 -92.56
C GLU C 712 14.89 30.39 -91.40
N ALA C 713 13.91 31.18 -90.96
CA ALA C 713 14.07 32.05 -89.80
C ALA C 713 14.41 31.28 -88.55
N TYR C 714 14.26 29.96 -88.55
CA TYR C 714 14.72 29.14 -87.44
C TYR C 714 15.99 28.36 -87.75
N VAL C 715 16.26 28.07 -89.03
CA VAL C 715 17.50 27.38 -89.34
C VAL C 715 18.70 28.32 -89.28
N ASP C 716 18.49 29.63 -89.43
CA ASP C 716 19.61 30.54 -89.25
C ASP C 716 19.85 30.89 -87.79
N MET C 717 18.77 31.04 -87.01
CA MET C 717 18.87 31.35 -85.60
C MET C 717 19.78 30.38 -84.88
N ARG C 718 19.77 29.12 -85.28
CA ARG C 718 20.63 28.13 -84.63
C ARG C 718 22.11 28.42 -84.86
N LYS C 719 22.50 28.58 -86.13
CA LYS C 719 23.90 28.86 -86.42
C LYS C 719 24.35 30.16 -85.79
N ILE C 720 23.45 31.14 -85.71
CA ILE C 720 23.82 32.41 -85.10
C ILE C 720 24.03 32.24 -83.60
N GLY C 721 23.00 31.81 -82.88
CA GLY C 721 23.10 31.71 -81.44
C GLY C 721 24.03 30.62 -80.93
N SER C 722 24.47 29.72 -81.79
CA SER C 722 25.36 28.66 -81.34
C SER C 722 26.73 29.20 -80.96
N SER C 723 27.38 29.91 -81.88
CA SER C 723 28.76 30.31 -81.68
C SER C 723 28.87 31.38 -80.61
N ARG C 724 28.18 32.51 -80.81
CA ARG C 724 28.39 33.73 -80.02
C ARG C 724 28.41 33.48 -78.52
N GLY C 725 27.74 32.43 -78.06
CA GLY C 725 27.59 32.26 -76.63
C GLY C 725 26.65 33.24 -75.99
N MET C 726 25.76 33.87 -76.76
CA MET C 726 24.86 34.82 -76.13
C MET C 726 23.68 34.11 -75.48
N VAL C 727 22.77 33.57 -76.28
CA VAL C 727 21.62 32.83 -75.78
C VAL C 727 21.22 31.83 -76.86
N SER C 728 21.32 30.54 -76.55
CA SER C 728 21.04 29.54 -77.57
C SER C 728 19.58 29.61 -77.97
N ALA C 729 19.24 28.89 -79.02
CA ALA C 729 17.87 28.84 -79.53
C ALA C 729 17.43 27.39 -79.58
N TYR C 730 16.34 27.09 -78.90
CA TYR C 730 15.73 25.78 -78.91
C TYR C 730 14.41 25.84 -79.65
N PRO C 731 13.88 24.70 -80.11
CA PRO C 731 12.68 24.73 -80.96
C PRO C 731 11.55 25.55 -80.37
N ARG C 732 11.55 25.77 -79.07
CA ARG C 732 10.50 26.57 -78.46
C ARG C 732 10.46 27.97 -79.07
N GLN C 733 11.61 28.54 -79.41
CA GLN C 733 11.63 29.83 -80.10
C GLN C 733 10.84 29.82 -81.39
N LEU C 734 10.92 28.72 -82.14
CA LEU C 734 10.16 28.66 -83.38
C LEU C 734 8.68 28.77 -83.15
N GLU C 735 8.21 28.41 -81.96
CA GLU C 735 6.81 28.65 -81.66
C GLU C 735 6.57 30.09 -81.29
N SER C 736 7.50 30.69 -80.55
CA SER C 736 7.39 32.09 -80.17
C SER C 736 7.23 32.99 -81.39
N LEU C 737 8.03 32.77 -82.44
CA LEU C 737 7.86 33.54 -83.65
C LEU C 737 6.40 33.51 -84.09
N ILE C 738 5.83 32.32 -84.16
CA ILE C 738 4.40 32.22 -84.42
C ILE C 738 3.64 33.14 -83.48
N ARG C 739 3.82 32.94 -82.18
CA ARG C 739 3.15 33.78 -81.19
C ARG C 739 3.34 35.25 -81.50
N LEU C 740 4.54 35.65 -81.89
CA LEU C 740 4.75 37.06 -82.20
C LEU C 740 4.13 37.42 -83.54
N ALA C 741 4.37 36.60 -84.57
CA ALA C 741 3.88 36.93 -85.89
C ALA C 741 2.37 37.15 -85.87
N GLU C 742 1.62 36.16 -85.42
CA GLU C 742 0.18 36.31 -85.31
C GLU C 742 -0.19 37.54 -84.51
N ALA C 743 0.52 37.80 -83.41
CA ALA C 743 0.16 38.93 -82.58
C ALA C 743 0.32 40.24 -83.32
N HIS C 744 1.24 40.28 -84.30
CA HIS C 744 1.37 41.47 -85.12
C HIS C 744 0.19 41.63 -86.05
N ALA C 745 -0.27 40.52 -86.64
CA ALA C 745 -1.37 40.61 -87.58
C ALA C 745 -2.63 41.15 -86.92
N LYS C 746 -2.84 40.83 -85.64
CA LYS C 746 -4.00 41.34 -84.93
C LYS C 746 -3.97 42.84 -84.78
N VAL C 747 -2.80 43.47 -84.83
CA VAL C 747 -2.73 44.92 -84.63
C VAL C 747 -3.46 45.64 -85.75
N ARG C 748 -3.29 45.16 -86.97
CA ARG C 748 -3.87 45.76 -88.16
C ARG C 748 -5.12 45.03 -88.64
N LEU C 749 -5.67 44.13 -87.82
CA LEU C 749 -6.90 43.42 -88.13
C LEU C 749 -6.79 42.62 -89.42
N SER C 750 -5.62 42.08 -89.72
CA SER C 750 -5.37 41.48 -91.02
C SER C 750 -5.95 40.08 -91.18
N ASN C 751 -6.32 39.41 -90.09
CA ASN C 751 -7.04 38.14 -90.13
C ASN C 751 -6.31 37.06 -90.93
N LYS C 752 -5.08 37.31 -91.34
CA LYS C 752 -4.31 36.35 -92.12
C LYS C 752 -2.85 36.75 -92.05
N VAL C 753 -1.99 35.81 -91.71
CA VAL C 753 -0.58 36.08 -91.52
C VAL C 753 0.13 36.00 -92.86
N GLU C 754 0.84 37.06 -93.21
CA GLU C 754 1.57 37.13 -94.46
C GLU C 754 3.07 37.26 -94.17
N ALA C 755 3.84 37.53 -95.21
CA ALA C 755 5.30 37.56 -95.07
C ALA C 755 5.74 38.63 -94.07
N ILE C 756 5.38 39.89 -94.33
CA ILE C 756 5.91 41.00 -93.54
C ILE C 756 5.65 40.80 -92.05
N ASP C 757 4.56 40.12 -91.70
CA ASP C 757 4.26 39.85 -90.31
C ASP C 757 5.21 38.84 -89.70
N VAL C 758 6.14 38.30 -90.48
CA VAL C 758 7.21 37.49 -89.94
C VAL C 758 8.52 38.24 -89.91
N GLU C 759 8.79 39.06 -90.93
CA GLU C 759 10.01 39.85 -90.91
C GLU C 759 9.99 40.85 -89.77
N GLU C 760 8.84 41.45 -89.48
CA GLU C 760 8.76 42.38 -88.37
C GLU C 760 9.04 41.69 -87.05
N ALA C 761 8.31 40.62 -86.77
CA ALA C 761 8.48 39.88 -85.52
C ALA C 761 9.68 38.96 -85.53
N LYS C 762 10.52 39.05 -86.55
CA LYS C 762 11.86 38.48 -86.48
C LYS C 762 12.92 39.52 -86.19
N ARG C 763 12.82 40.68 -86.85
CA ARG C 763 13.68 41.80 -86.51
C ARG C 763 13.50 42.20 -85.05
N LEU C 764 12.28 42.08 -84.53
CA LEU C 764 12.05 42.40 -83.13
C LEU C 764 12.76 41.41 -82.22
N HIS C 765 12.74 40.13 -82.58
CA HIS C 765 13.38 39.11 -81.77
C HIS C 765 14.88 39.17 -81.85
N ARG C 766 15.43 39.69 -82.94
CA ARG C 766 16.87 39.76 -83.11
C ARG C 766 17.46 41.03 -82.52
N GLU C 767 16.81 42.18 -82.75
CA GLU C 767 17.34 43.47 -82.35
C GLU C 767 16.93 43.87 -80.95
N ALA C 768 16.68 42.90 -80.08
CA ALA C 768 16.47 43.17 -78.67
C ALA C 768 17.66 42.77 -77.82
N LEU C 769 18.45 41.79 -78.25
CA LEU C 769 19.62 41.35 -77.52
C LEU C 769 20.88 42.12 -77.91
N LYS C 770 20.75 43.23 -78.62
CA LYS C 770 21.91 44.01 -79.01
C LYS C 770 21.76 45.47 -78.63
N ALA D 21 -32.61 -3.93 9.45
CA ALA D 21 -32.40 -2.56 9.89
C ALA D 21 -32.14 -2.52 11.39
N ASP D 22 -33.09 -3.03 12.17
CA ASP D 22 -32.91 -3.12 13.62
C ASP D 22 -31.98 -4.25 14.01
N GLU D 23 -31.79 -5.24 13.14
CA GLU D 23 -30.79 -6.28 13.39
C GLU D 23 -29.40 -5.82 12.97
N GLY D 24 -29.30 -4.78 12.14
CA GLY D 24 -28.02 -4.23 11.78
C GLY D 24 -27.21 -3.77 12.98
N GLN D 25 -27.73 -2.80 13.72
CA GLN D 25 -27.00 -2.29 14.86
C GLN D 25 -26.88 -3.35 15.95
N ALA D 26 -27.80 -4.31 16.00
CA ALA D 26 -27.68 -5.37 16.99
C ALA D 26 -26.61 -6.38 16.63
N ARG D 27 -26.32 -6.58 15.34
CA ARG D 27 -25.12 -7.33 14.97
C ARG D 27 -23.88 -6.52 15.27
N LYS D 28 -23.87 -5.25 14.89
CA LYS D 28 -22.68 -4.43 15.07
C LYS D 28 -22.27 -4.36 16.53
N SER D 29 -23.21 -4.08 17.42
CA SER D 29 -22.92 -4.05 18.84
C SER D 29 -22.48 -5.41 19.36
N GLN D 30 -22.49 -6.43 18.51
CA GLN D 30 -21.92 -7.72 18.85
C GLN D 30 -20.66 -8.03 18.07
N LEU D 31 -20.34 -7.25 17.06
CA LEU D 31 -19.05 -7.35 16.40
C LEU D 31 -18.06 -6.38 17.01
N GLN D 32 -18.46 -5.12 17.17
CA GLN D 32 -17.65 -4.17 17.88
C GLN D 32 -17.33 -4.62 19.30
N ARG D 33 -17.95 -5.68 19.77
CA ARG D 33 -17.58 -6.26 21.05
C ARG D 33 -16.66 -7.47 20.91
N ARG D 34 -16.64 -8.12 19.77
CA ARG D 34 -15.71 -9.21 19.56
C ARG D 34 -14.42 -8.75 18.90
N PHE D 35 -14.44 -7.60 18.24
CA PHE D 35 -13.20 -6.96 17.83
C PHE D 35 -12.51 -6.26 18.98
N LYS D 36 -13.24 -5.92 20.03
CA LYS D 36 -12.62 -5.32 21.19
C LYS D 36 -11.98 -6.36 22.08
N GLU D 37 -12.62 -7.52 22.21
CA GLU D 37 -12.01 -8.57 23.01
C GLU D 37 -10.80 -9.18 22.35
N PHE D 38 -10.53 -8.86 21.09
CA PHE D 38 -9.33 -9.37 20.45
C PHE D 38 -8.12 -8.54 20.83
N LEU D 39 -8.23 -7.22 20.74
CA LEU D 39 -7.12 -6.36 21.14
C LEU D 39 -6.83 -6.51 22.62
N ARG D 40 -7.86 -6.76 23.41
CA ARG D 40 -7.74 -6.76 24.85
C ARG D 40 -7.21 -8.07 25.41
N GLN D 41 -7.10 -9.12 24.60
CA GLN D 41 -6.79 -10.43 25.12
C GLN D 41 -5.68 -11.17 24.39
N TYR D 42 -5.33 -10.78 23.18
CA TYR D 42 -4.39 -11.57 22.41
C TYR D 42 -2.99 -11.43 22.97
N ARG D 43 -2.34 -12.57 23.25
CA ARG D 43 -1.00 -12.62 23.79
C ARG D 43 -0.07 -13.40 22.86
N VAL D 44 1.22 -13.29 23.12
CA VAL D 44 2.23 -14.07 22.41
C VAL D 44 3.18 -14.69 23.43
N GLY D 45 4.17 -15.40 22.93
CA GLY D 45 5.12 -16.05 23.80
C GLY D 45 4.53 -17.26 24.48
N THR D 46 5.41 -18.15 24.94
CA THR D 46 4.99 -19.42 25.48
C THR D 46 4.79 -19.32 26.99
N ASP D 47 4.65 -20.46 27.64
CA ASP D 47 4.48 -20.52 29.08
C ASP D 47 5.79 -20.71 29.82
N ARG D 48 6.78 -21.31 29.17
CA ARG D 48 8.09 -21.48 29.79
C ARG D 48 8.78 -20.13 29.99
N THR D 49 8.90 -19.34 28.93
CA THR D 49 9.57 -18.05 29.06
C THR D 49 8.70 -17.02 29.75
N GLY D 50 7.58 -16.67 29.15
CA GLY D 50 6.71 -15.62 29.65
C GLY D 50 6.03 -14.91 28.52
N PHE D 51 4.90 -14.27 28.84
CA PHE D 51 3.98 -13.77 27.85
C PHE D 51 4.15 -12.28 27.59
N THR D 52 3.30 -11.77 26.70
CA THR D 52 3.36 -10.37 26.29
C THR D 52 2.06 -9.96 25.62
N PHE D 53 1.32 -9.03 26.21
CA PHE D 53 0.11 -8.55 25.56
C PHE D 53 0.49 -7.67 24.39
N LYS D 54 0.16 -8.11 23.18
CA LYS D 54 0.81 -7.55 22.02
C LYS D 54 0.21 -6.22 21.60
N TYR D 55 -1.10 -6.05 21.70
CA TYR D 55 -1.73 -4.87 21.15
C TYR D 55 -2.15 -3.83 22.16
N ARG D 56 -2.44 -4.21 23.40
CA ARG D 56 -2.59 -3.19 24.43
C ARG D 56 -1.31 -2.39 24.58
N ASP D 57 -0.17 -3.08 24.65
CA ASP D 57 1.09 -2.40 24.89
C ASP D 57 1.44 -1.48 23.73
N GLU D 58 1.18 -1.90 22.50
CA GLU D 58 1.46 -1.02 21.39
C GLU D 58 0.48 0.14 21.33
N LEU D 59 -0.79 -0.08 21.68
CA LEU D 59 -1.72 1.03 21.78
C LEU D 59 -1.23 2.07 22.77
N LYS D 60 -0.84 1.62 23.95
CA LYS D 60 -0.36 2.56 24.96
C LYS D 60 0.91 3.26 24.51
N ARG D 61 1.90 2.49 24.06
CA ARG D 61 3.18 3.09 23.69
C ARG D 61 3.10 3.93 22.45
N HIS D 62 2.08 3.78 21.63
CA HIS D 62 1.90 4.67 20.49
C HIS D 62 1.04 5.86 20.83
N TYR D 63 0.16 5.73 21.81
CA TYR D 63 -0.64 6.87 22.21
C TYR D 63 0.18 7.85 23.01
N ASN D 64 0.94 7.35 23.98
CA ASN D 64 1.73 8.24 24.82
C ASN D 64 2.77 9.00 24.03
N LEU D 65 3.28 8.43 22.96
CA LEU D 65 4.17 9.16 22.06
C LEU D 65 3.45 10.13 21.16
N GLY D 66 2.13 10.01 21.03
CA GLY D 66 1.40 10.85 20.10
C GLY D 66 1.51 10.37 18.67
N GLU D 67 1.17 9.12 18.40
CA GLU D 67 1.17 8.56 17.06
C GLU D 67 -0.18 8.14 16.57
N TYR D 68 -0.97 7.47 17.39
CA TYR D 68 -2.35 7.11 17.06
C TYR D 68 -2.42 6.21 15.83
N TRP D 69 -1.78 5.06 15.91
CA TRP D 69 -2.01 4.01 14.92
C TRP D 69 -1.38 2.73 15.41
N ILE D 70 -2.10 1.63 15.26
CA ILE D 70 -1.54 0.31 15.49
C ILE D 70 -1.46 -0.41 14.17
N GLU D 71 -0.76 -1.53 14.15
CA GLU D 71 -0.60 -2.33 12.94
C GLU D 71 -1.06 -3.75 13.23
N VAL D 72 -2.36 -3.99 13.09
CA VAL D 72 -2.91 -5.31 13.35
C VAL D 72 -2.46 -6.27 12.25
N GLU D 73 -2.26 -7.52 12.62
CA GLU D 73 -1.80 -8.54 11.70
C GLU D 73 -2.89 -9.57 11.50
N MET D 74 -3.12 -9.94 10.24
CA MET D 74 -4.30 -10.73 9.92
C MET D 74 -4.18 -12.17 10.39
N GLU D 75 -2.97 -12.72 10.45
CA GLU D 75 -2.81 -14.07 10.97
C GLU D 75 -3.27 -14.16 12.42
N ASP D 76 -2.94 -13.14 13.22
CA ASP D 76 -3.37 -13.13 14.61
C ASP D 76 -4.87 -13.10 14.71
N LEU D 77 -5.50 -12.16 13.99
CA LEU D 77 -6.94 -12.05 14.01
C LEU D 77 -7.60 -13.36 13.58
N ALA D 78 -7.00 -14.05 12.62
CA ALA D 78 -7.54 -15.34 12.21
C ALA D 78 -7.43 -16.37 13.32
N SER D 79 -6.25 -16.46 13.93
CA SER D 79 -6.01 -17.48 14.94
C SER D 79 -6.76 -17.24 16.23
N PHE D 80 -7.24 -16.02 16.47
CA PHE D 80 -8.02 -15.78 17.68
C PHE D 80 -9.48 -16.14 17.49
N ASP D 81 -10.15 -15.51 16.51
CA ASP D 81 -11.53 -15.77 16.16
C ASP D 81 -11.61 -15.92 14.65
N GLU D 82 -11.95 -17.12 14.19
CA GLU D 82 -11.80 -17.44 12.78
C GLU D 82 -12.84 -16.74 11.90
N ASP D 83 -14.00 -16.39 12.45
CA ASP D 83 -15.05 -15.78 11.63
C ASP D 83 -14.71 -14.34 11.29
N LEU D 84 -14.16 -13.59 12.24
CA LEU D 84 -13.86 -12.18 12.01
C LEU D 84 -12.88 -11.99 10.87
N ALA D 85 -11.81 -12.75 10.88
CA ALA D 85 -10.84 -12.58 9.81
C ALA D 85 -11.32 -13.04 8.53
N ASP D 86 -12.55 -13.53 8.42
CA ASP D 86 -13.16 -13.82 7.12
C ASP D 86 -14.05 -12.68 6.66
N TYR D 87 -14.92 -12.18 7.54
CA TYR D 87 -15.65 -10.97 7.26
C TYR D 87 -14.71 -9.89 6.77
N LEU D 88 -13.57 -9.74 7.44
CA LEU D 88 -12.62 -8.70 7.07
C LEU D 88 -12.06 -8.90 5.68
N TYR D 89 -12.07 -10.13 5.16
CA TYR D 89 -11.69 -10.37 3.78
C TYR D 89 -12.83 -10.18 2.81
N LYS D 90 -14.07 -10.32 3.25
CA LYS D 90 -15.21 -10.20 2.34
C LYS D 90 -15.84 -8.82 2.35
N GLN D 91 -16.16 -8.27 3.52
CA GLN D 91 -16.75 -6.94 3.65
C GLN D 91 -15.80 -6.03 4.41
N PRO D 92 -14.67 -5.67 3.83
CA PRO D 92 -13.71 -4.86 4.58
C PRO D 92 -14.20 -3.47 4.86
N ALA D 93 -15.10 -2.94 4.04
CA ALA D 93 -15.52 -1.56 4.22
C ALA D 93 -16.25 -1.39 5.54
N GLU D 94 -17.34 -2.11 5.72
CA GLU D 94 -18.19 -1.92 6.88
C GLU D 94 -17.71 -2.66 8.12
N HIS D 95 -16.52 -3.23 8.11
CA HIS D 95 -15.98 -3.88 9.29
C HIS D 95 -14.72 -3.22 9.80
N LEU D 96 -13.92 -2.64 8.91
CA LEU D 96 -12.84 -1.78 9.38
C LEU D 96 -13.37 -0.68 10.28
N GLN D 97 -14.60 -0.22 10.05
CA GLN D 97 -15.16 0.79 10.91
C GLN D 97 -15.34 0.26 12.33
N LEU D 98 -15.87 -0.95 12.47
CA LEU D 98 -16.03 -1.51 13.81
C LEU D 98 -14.69 -1.75 14.46
N LEU D 99 -13.70 -2.18 13.67
CA LEU D 99 -12.37 -2.38 14.23
C LEU D 99 -11.79 -1.07 14.74
N GLU D 100 -11.90 -0.01 13.95
CA GLU D 100 -11.35 1.27 14.35
C GLU D 100 -12.17 1.97 15.41
N GLU D 101 -13.39 1.52 15.66
CA GLU D 101 -14.18 2.04 16.78
C GLU D 101 -14.00 1.22 18.04
N ALA D 102 -13.45 0.01 17.94
CA ALA D 102 -13.03 -0.70 19.14
C ALA D 102 -11.62 -0.35 19.55
N ALA D 103 -10.75 -0.05 18.58
CA ALA D 103 -9.41 0.43 18.93
C ALA D 103 -9.48 1.72 19.72
N LYS D 104 -10.54 2.50 19.53
CA LYS D 104 -10.70 3.74 20.25
C LYS D 104 -11.29 3.54 21.64
N GLU D 105 -12.06 2.48 21.84
CA GLU D 105 -12.57 2.16 23.16
C GLU D 105 -11.58 1.37 24.00
N VAL D 106 -10.57 0.78 23.38
CA VAL D 106 -9.51 0.14 24.16
C VAL D 106 -8.42 1.14 24.50
N ALA D 107 -8.07 2.02 23.58
CA ALA D 107 -7.08 3.04 23.88
C ALA D 107 -7.58 4.03 24.90
N ASP D 108 -8.81 3.89 25.36
CA ASP D 108 -9.37 4.76 26.39
C ASP D 108 -9.19 4.18 27.77
N GLU D 109 -9.35 2.88 27.91
CA GLU D 109 -9.23 2.21 29.19
C GLU D 109 -7.81 1.79 29.48
N VAL D 110 -6.85 2.23 28.68
CA VAL D 110 -5.46 1.86 28.84
C VAL D 110 -4.60 3.06 29.20
N THR D 111 -4.82 4.20 28.55
CA THR D 111 -4.03 5.38 28.81
C THR D 111 -4.65 6.33 29.82
N ARG D 112 -5.90 6.14 30.17
CA ARG D 112 -6.52 7.09 31.08
C ARG D 112 -6.05 6.86 32.51
N PRO D 113 -6.02 7.90 33.35
CA PRO D 113 -6.29 9.32 33.12
C PRO D 113 -5.21 10.09 32.37
N ARG D 114 -5.53 10.64 31.20
CA ARG D 114 -4.59 11.45 30.46
C ARG D 114 -4.18 12.66 31.31
N PRO D 115 -2.94 13.11 31.22
CA PRO D 115 -2.41 13.95 32.30
C PRO D 115 -3.09 15.29 32.49
N SER D 116 -2.82 16.27 31.64
CA SER D 116 -3.46 17.56 31.83
C SER D 116 -3.88 18.25 30.54
N GLY D 117 -3.01 18.18 29.53
CA GLY D 117 -3.17 19.00 28.35
C GLY D 117 -4.06 18.35 27.32
N GLU D 118 -4.22 17.04 27.44
CA GLU D 118 -5.13 16.30 26.58
C GLU D 118 -6.12 15.57 27.46
N GLU D 119 -7.39 15.73 27.15
CA GLU D 119 -8.43 14.93 27.77
C GLU D 119 -9.46 14.50 26.76
N VAL D 120 -9.36 14.92 25.50
CA VAL D 120 -10.20 14.43 24.43
C VAL D 120 -9.51 13.24 23.80
N LEU D 121 -10.27 12.17 23.58
CA LEU D 121 -9.70 10.96 23.02
C LEU D 121 -9.58 11.09 21.51
N GLN D 122 -8.40 10.80 20.99
CA GLN D 122 -8.15 10.93 19.56
C GLN D 122 -8.76 9.75 18.82
N ASP D 123 -8.46 9.63 17.53
CA ASP D 123 -8.95 8.55 16.70
C ASP D 123 -7.79 7.74 16.18
N ILE D 124 -7.93 6.42 16.21
CA ILE D 124 -6.83 5.49 16.00
C ILE D 124 -6.97 4.91 14.61
N GLN D 125 -6.04 5.25 13.72
CA GLN D 125 -6.07 4.68 12.37
C GLN D 125 -5.49 3.28 12.43
N VAL D 126 -6.34 2.27 12.36
CA VAL D 126 -5.88 0.89 12.41
C VAL D 126 -5.40 0.47 11.03
N MET D 127 -4.09 0.40 10.86
CA MET D 127 -3.57 -0.20 9.64
C MET D 127 -3.65 -1.71 9.78
N LEU D 128 -3.18 -2.43 8.77
CA LEU D 128 -3.11 -3.89 8.90
C LEU D 128 -2.23 -4.47 7.82
N LYS D 129 -1.35 -5.37 8.21
CA LYS D 129 -0.47 -6.08 7.32
C LYS D 129 -0.81 -7.57 7.39
N SER D 130 -0.12 -8.35 6.57
CA SER D 130 -0.41 -9.77 6.47
C SER D 130 0.81 -10.47 5.87
N ASP D 131 0.79 -11.79 5.96
CA ASP D 131 1.83 -12.63 5.35
C ASP D 131 1.12 -13.63 4.45
N ALA D 132 0.80 -13.19 3.23
CA ALA D 132 0.08 -14.00 2.28
C ALA D 132 0.62 -13.69 0.90
N SER D 133 0.40 -14.61 -0.02
CA SER D 133 1.01 -14.47 -1.32
C SER D 133 0.35 -13.32 -2.09
N PRO D 134 1.13 -12.47 -2.73
CA PRO D 134 0.54 -11.32 -3.42
C PRO D 134 -0.04 -11.69 -4.78
N SER D 135 -1.14 -11.03 -5.13
CA SER D 135 -1.71 -11.09 -6.48
C SER D 135 -0.92 -10.17 -7.40
N SER D 136 -1.47 -9.86 -8.55
CA SER D 136 -0.84 -8.87 -9.42
C SER D 136 -1.94 -8.06 -10.08
N ILE D 137 -1.54 -6.90 -10.63
CA ILE D 137 -2.53 -6.02 -11.24
C ILE D 137 -3.28 -6.70 -12.36
N ARG D 138 -2.61 -7.58 -13.10
CA ARG D 138 -3.28 -8.29 -14.18
C ARG D 138 -4.24 -9.35 -13.69
N SER D 139 -4.32 -9.56 -12.38
CA SER D 139 -5.22 -10.55 -11.81
C SER D 139 -6.33 -9.90 -11.01
N LEU D 140 -6.66 -8.65 -11.33
CA LEU D 140 -7.76 -7.95 -10.68
C LEU D 140 -8.99 -8.01 -11.57
N LYS D 141 -9.63 -9.16 -11.55
CA LYS D 141 -10.88 -9.34 -12.25
C LYS D 141 -12.02 -8.76 -11.42
N SER D 142 -13.08 -8.33 -12.10
CA SER D 142 -14.13 -7.58 -11.45
C SER D 142 -14.82 -8.34 -10.33
N ASP D 143 -14.62 -9.64 -10.20
CA ASP D 143 -15.17 -10.35 -9.05
C ASP D 143 -14.45 -10.02 -7.77
N MET D 144 -13.35 -9.27 -7.83
CA MET D 144 -12.64 -8.79 -6.66
C MET D 144 -13.04 -7.39 -6.26
N MET D 145 -14.27 -6.98 -6.54
CA MET D 145 -14.70 -5.62 -6.23
C MET D 145 -15.13 -5.55 -4.78
N SER D 146 -14.43 -4.73 -4.00
CA SER D 146 -14.63 -4.59 -2.56
C SER D 146 -14.24 -5.87 -1.83
N HIS D 147 -13.05 -6.38 -2.11
CA HIS D 147 -12.41 -7.43 -1.35
C HIS D 147 -10.98 -7.01 -1.08
N LEU D 148 -10.48 -7.26 0.13
CA LEU D 148 -9.08 -6.97 0.39
C LEU D 148 -8.19 -7.67 -0.62
N VAL D 149 -7.36 -6.91 -1.28
CA VAL D 149 -6.40 -7.50 -2.20
C VAL D 149 -5.00 -7.23 -1.65
N LYS D 150 -3.97 -7.75 -2.31
CA LYS D 150 -2.61 -7.54 -1.83
C LYS D 150 -1.69 -7.59 -3.04
N ILE D 151 -1.29 -6.43 -3.53
CA ILE D 151 -0.54 -6.39 -4.79
C ILE D 151 0.81 -5.71 -4.63
N PRO D 152 1.84 -6.17 -5.32
CA PRO D 152 3.11 -5.45 -5.35
C PRO D 152 3.17 -4.51 -6.54
N GLY D 153 4.16 -3.64 -6.50
CA GLY D 153 4.33 -2.68 -7.57
C GLY D 153 5.49 -1.75 -7.29
N ILE D 154 5.44 -0.59 -7.92
CA ILE D 154 6.48 0.42 -7.82
C ILE D 154 5.80 1.78 -7.91
N ILE D 155 6.03 2.65 -6.91
CA ILE D 155 5.42 3.97 -6.94
C ILE D 155 5.99 4.76 -8.11
N ILE D 156 5.13 5.50 -8.79
CA ILE D 156 5.53 6.14 -10.04
C ILE D 156 5.21 7.62 -9.98
N ALA D 157 4.34 8.00 -9.04
CA ALA D 157 3.88 9.38 -8.91
C ALA D 157 3.53 9.64 -7.47
N ALA D 158 3.22 10.89 -7.15
CA ALA D 158 2.73 11.24 -5.82
C ALA D 158 2.10 12.61 -5.89
N SER D 159 0.81 12.69 -5.64
CA SER D 159 0.14 13.97 -5.57
C SER D 159 0.60 14.74 -4.33
N ALA D 160 0.14 15.97 -4.22
CA ALA D 160 0.37 16.77 -3.02
C ALA D 160 -0.76 16.53 -2.04
N VAL D 161 -0.42 16.49 -0.75
CA VAL D 161 -1.44 16.19 0.22
C VAL D 161 -2.53 17.26 0.16
N ARG D 162 -3.75 16.85 0.44
CA ARG D 162 -4.87 17.78 0.46
C ARG D 162 -5.71 17.48 1.68
N ALA D 163 -6.75 18.28 1.88
CA ALA D 163 -7.70 18.05 2.96
C ALA D 163 -8.81 17.14 2.47
N LYS D 164 -9.52 16.54 3.41
CA LYS D 164 -10.67 15.72 3.07
C LYS D 164 -11.62 15.75 4.25
N ALA D 165 -12.72 16.50 4.11
CA ALA D 165 -13.66 16.65 5.21
C ALA D 165 -14.18 15.31 5.66
N THR D 166 -14.14 15.08 6.97
CA THR D 166 -14.67 13.84 7.51
C THR D 166 -15.99 14.02 8.24
N ARG D 167 -16.07 15.01 9.12
CA ARG D 167 -17.25 15.24 9.93
C ARG D 167 -17.71 16.65 9.62
N ILE D 168 -18.71 16.78 8.76
CA ILE D 168 -19.06 18.06 8.18
C ILE D 168 -20.40 18.51 8.74
N SER D 169 -20.65 19.82 8.69
CA SER D 169 -21.86 20.41 9.24
C SER D 169 -22.36 21.48 8.29
N ILE D 170 -23.66 21.46 8.00
CA ILE D 170 -24.22 22.38 7.03
C ILE D 170 -25.12 23.39 7.72
N GLN D 171 -25.64 24.33 6.94
CA GLN D 171 -26.59 25.30 7.48
C GLN D 171 -27.49 25.77 6.35
N CYS D 172 -28.75 26.03 6.69
CA CYS D 172 -29.65 26.64 5.75
C CYS D 172 -29.21 28.07 5.45
N ARG D 173 -29.79 28.64 4.40
CA ARG D 173 -29.45 29.98 3.98
C ARG D 173 -30.46 31.02 4.44
N SER D 174 -31.75 30.76 4.19
CA SER D 174 -32.78 31.74 4.48
C SER D 174 -33.19 31.70 5.94
N CYS D 175 -33.74 30.56 6.39
CA CYS D 175 -34.23 30.47 7.75
C CYS D 175 -33.12 30.22 8.77
N ARG D 176 -31.91 29.92 8.31
CA ARG D 176 -30.76 29.70 9.19
C ARG D 176 -31.00 28.53 10.14
N ASN D 177 -31.40 27.40 9.57
CA ASN D 177 -31.50 26.17 10.32
C ASN D 177 -30.23 25.34 10.08
N THR D 178 -29.70 24.76 11.15
CA THR D 178 -28.49 23.97 11.08
C THR D 178 -28.82 22.49 11.23
N LEU D 179 -27.99 21.67 10.59
CA LEU D 179 -28.09 20.21 10.67
C LEU D 179 -26.66 19.69 10.69
N THR D 180 -26.12 19.49 11.89
CA THR D 180 -24.69 19.33 12.07
C THR D 180 -24.33 17.87 12.35
N ASN D 181 -23.02 17.65 12.54
CA ASN D 181 -22.41 16.37 12.87
C ASN D 181 -22.47 15.36 11.75
N ILE D 182 -22.81 15.77 10.53
CA ILE D 182 -22.92 14.84 9.42
C ILE D 182 -21.55 14.24 9.12
N ALA D 183 -21.52 12.92 8.91
CA ALA D 183 -20.27 12.18 8.72
C ALA D 183 -20.13 11.76 7.27
N MET D 184 -19.01 12.13 6.66
CA MET D 184 -18.74 11.70 5.29
C MET D 184 -18.33 10.23 5.28
N ARG D 185 -18.51 9.61 4.14
CA ARG D 185 -18.00 8.25 4.01
C ARG D 185 -16.56 8.29 3.51
N PRO D 186 -15.74 7.32 3.87
CA PRO D 186 -14.33 7.35 3.47
C PRO D 186 -14.18 6.98 2.00
N GLY D 187 -12.97 7.09 1.51
CA GLY D 187 -12.71 6.85 0.12
C GLY D 187 -12.99 8.08 -0.72
N LEU D 188 -13.13 7.87 -2.02
CA LEU D 188 -13.43 8.94 -2.96
C LEU D 188 -14.93 8.90 -3.27
N GLU D 189 -15.74 9.39 -2.34
CA GLU D 189 -17.15 9.55 -2.62
C GLU D 189 -17.70 10.76 -1.87
N GLY D 190 -18.46 11.58 -2.58
CA GLY D 190 -18.90 12.85 -2.05
C GLY D 190 -20.09 12.74 -1.13
N TYR D 191 -21.02 13.68 -1.26
CA TYR D 191 -22.17 13.77 -0.38
C TYR D 191 -23.26 14.54 -1.10
N ALA D 192 -24.51 14.15 -0.85
CA ALA D 192 -25.67 14.70 -1.54
C ALA D 192 -26.43 15.64 -0.59
N LEU D 193 -26.26 16.93 -0.79
CA LEU D 193 -26.86 17.90 0.11
C LEU D 193 -28.37 17.92 -0.06
N PRO D 194 -29.12 18.02 1.03
CA PRO D 194 -30.58 17.95 0.94
C PRO D 194 -31.17 19.08 0.12
N ARG D 195 -32.48 19.06 -0.10
CA ARG D 195 -33.15 20.17 -0.75
C ARG D 195 -34.52 20.46 -0.13
N LYS D 196 -34.72 20.06 1.12
CA LYS D 196 -36.03 20.07 1.77
C LYS D 196 -35.92 20.67 3.17
N CYS D 197 -35.42 21.90 3.24
CA CYS D 197 -34.98 22.55 4.48
C CYS D 197 -35.79 22.21 5.72
N ASN D 198 -37.10 22.43 5.68
CA ASN D 198 -37.96 22.22 6.85
C ASN D 198 -37.47 22.98 8.06
N CYS D 207 -38.29 28.26 2.51
CA CYS D 207 -36.92 28.30 2.03
C CYS D 207 -36.82 27.73 0.62
N PRO D 208 -35.95 28.31 -0.21
CA PRO D 208 -35.87 27.91 -1.61
C PRO D 208 -35.34 26.49 -1.78
N LEU D 209 -35.14 26.05 -3.02
CA LEU D 209 -34.92 24.64 -3.31
C LEU D 209 -33.72 24.02 -2.59
N ASP D 210 -32.51 24.47 -2.89
CA ASP D 210 -31.34 23.94 -2.21
C ASP D 210 -30.75 25.03 -1.33
N PRO D 211 -31.28 25.20 -0.11
CA PRO D 211 -30.87 26.33 0.73
C PRO D 211 -29.65 26.08 1.59
N TYR D 212 -28.95 24.97 1.39
CA TYR D 212 -27.92 24.52 2.30
C TYR D 212 -26.53 24.85 1.78
N PHE D 213 -25.70 25.38 2.66
CA PHE D 213 -24.30 25.61 2.36
C PHE D 213 -23.46 25.02 3.48
N ILE D 214 -22.16 24.94 3.25
CA ILE D 214 -21.22 24.36 4.19
C ILE D 214 -20.68 25.47 5.07
N MET D 215 -20.54 25.18 6.36
CA MET D 215 -19.95 26.15 7.27
C MET D 215 -18.47 25.85 7.39
N PRO D 216 -17.58 26.63 6.78
CA PRO D 216 -16.16 26.26 6.77
C PRO D 216 -15.52 26.25 8.14
N ASP D 217 -16.13 26.93 9.11
CA ASP D 217 -15.55 26.99 10.43
C ASP D 217 -15.65 25.67 11.15
N LYS D 218 -16.67 24.87 10.84
CA LYS D 218 -16.94 23.63 11.57
C LYS D 218 -16.91 22.46 10.59
N CYS D 219 -15.71 21.97 10.31
CA CYS D 219 -15.56 20.78 9.47
C CYS D 219 -14.19 20.18 9.75
N LYS D 220 -14.17 19.01 10.37
CA LYS D 220 -12.90 18.37 10.67
C LYS D 220 -12.30 17.80 9.40
N CYS D 221 -11.00 17.96 9.23
CA CYS D 221 -10.33 17.56 8.01
C CYS D 221 -9.14 16.69 8.34
N VAL D 222 -8.78 15.84 7.38
CA VAL D 222 -7.64 14.96 7.49
C VAL D 222 -6.90 15.02 6.18
N ASP D 223 -5.63 14.64 6.20
CA ASP D 223 -4.87 14.70 4.97
C ASP D 223 -5.24 13.55 4.06
N PHE D 224 -4.92 13.70 2.78
CA PHE D 224 -4.98 12.56 1.88
C PHE D 224 -4.13 12.83 0.64
N GLN D 225 -3.38 11.83 0.22
CA GLN D 225 -2.56 11.87 -0.96
C GLN D 225 -3.23 11.06 -2.06
N THR D 226 -2.53 10.88 -3.17
CA THR D 226 -3.00 9.98 -4.22
C THR D 226 -1.80 9.56 -5.06
N LEU D 227 -1.40 8.31 -4.91
CA LEU D 227 -0.20 7.83 -5.57
C LEU D 227 -0.54 7.23 -6.92
N LYS D 228 0.41 6.50 -7.50
CA LYS D 228 0.19 5.83 -8.78
C LYS D 228 1.14 4.65 -8.79
N LEU D 229 0.61 3.45 -8.93
CA LEU D 229 1.36 2.22 -8.72
C LEU D 229 1.53 1.51 -10.05
N GLN D 230 2.78 1.29 -10.45
CA GLN D 230 3.06 0.57 -11.69
C GLN D 230 3.44 -0.87 -11.37
N GLU D 231 3.09 -1.78 -12.27
CA GLU D 231 3.35 -3.19 -12.04
C GLU D 231 4.83 -3.50 -12.23
N LEU D 232 5.32 -4.46 -11.46
CA LEU D 232 6.73 -4.83 -11.46
C LEU D 232 7.19 -5.13 -12.87
N PRO D 233 8.48 -4.96 -13.18
CA PRO D 233 8.92 -5.07 -14.57
C PRO D 233 8.96 -6.50 -15.07
N ASP D 234 9.19 -7.45 -14.16
CA ASP D 234 9.32 -8.85 -14.53
C ASP D 234 8.00 -9.60 -14.51
N ALA D 235 6.88 -8.89 -14.70
CA ALA D 235 5.59 -9.55 -14.77
C ALA D 235 4.73 -8.99 -15.89
N VAL D 236 5.33 -8.27 -16.83
CA VAL D 236 4.63 -7.79 -18.02
C VAL D 236 4.69 -8.89 -19.07
N PRO D 237 3.58 -9.25 -19.70
CA PRO D 237 3.61 -10.38 -20.65
C PRO D 237 4.41 -10.08 -21.90
N HIS D 238 5.12 -8.96 -21.90
CA HIS D 238 6.14 -8.64 -22.89
C HIS D 238 5.56 -8.55 -24.30
N GLY D 239 4.65 -7.59 -24.47
CA GLY D 239 4.34 -7.13 -25.80
C GLY D 239 4.04 -5.65 -25.82
N GLU D 240 4.12 -4.99 -24.67
CA GLU D 240 3.49 -3.69 -24.50
C GLU D 240 4.08 -3.00 -23.28
N MET D 241 3.45 -1.88 -22.90
CA MET D 241 3.79 -1.02 -21.77
C MET D 241 3.07 -1.50 -20.52
N PRO D 242 3.75 -1.54 -19.37
CA PRO D 242 3.09 -2.03 -18.16
C PRO D 242 1.88 -1.18 -17.80
N ARG D 243 0.89 -1.83 -17.19
CA ARG D 243 -0.32 -1.18 -16.73
C ARG D 243 -0.13 -0.71 -15.30
N HIS D 244 -0.93 0.27 -14.89
CA HIS D 244 -0.80 0.83 -13.56
C HIS D 244 -2.17 1.06 -12.96
N MET D 245 -2.17 1.32 -11.66
CA MET D 245 -3.38 1.45 -10.86
C MET D 245 -3.23 2.68 -9.98
N GLN D 246 -4.35 3.17 -9.45
CA GLN D 246 -4.36 4.39 -8.66
C GLN D 246 -4.71 4.08 -7.21
N LEU D 247 -3.98 4.68 -6.28
CA LEU D 247 -4.14 4.46 -4.85
C LEU D 247 -4.79 5.67 -4.19
N TYR D 248 -5.06 5.55 -2.90
CA TYR D 248 -5.63 6.66 -2.13
C TYR D 248 -5.17 6.51 -0.68
N CYS D 249 -4.12 7.22 -0.32
CA CYS D 249 -3.59 7.14 1.04
C CYS D 249 -4.34 8.10 1.95
N ASP D 250 -4.08 7.98 3.23
CA ASP D 250 -4.92 8.63 4.24
C ASP D 250 -4.02 9.20 5.32
N ARG D 251 -4.61 9.47 6.49
CA ARG D 251 -4.00 10.26 7.54
C ARG D 251 -2.52 9.99 7.75
N TYR D 252 -2.16 8.77 8.14
CA TYR D 252 -0.79 8.48 8.50
C TYR D 252 -0.04 7.72 7.43
N LEU D 253 -0.70 7.36 6.35
CA LEU D 253 -0.01 6.75 5.23
C LEU D 253 0.53 7.76 4.25
N CYS D 254 0.19 9.03 4.41
CA CYS D 254 0.66 10.08 3.52
C CYS D 254 2.13 10.35 3.74
N ASP D 255 2.82 10.77 2.67
CA ASP D 255 4.23 11.11 2.74
C ASP D 255 5.04 9.99 3.38
N LYS D 256 4.72 8.76 3.00
CA LYS D 256 5.42 7.60 3.51
C LYS D 256 6.27 6.93 2.45
N VAL D 257 6.02 7.20 1.18
CA VAL D 257 6.75 6.60 0.08
C VAL D 257 7.07 7.66 -0.96
N VAL D 258 8.13 7.42 -1.71
CA VAL D 258 8.71 8.39 -2.64
C VAL D 258 8.77 7.76 -4.02
N PRO D 259 8.42 8.48 -5.09
CA PRO D 259 8.44 7.88 -6.43
C PRO D 259 9.76 7.20 -6.77
N GLY D 260 9.72 5.89 -6.91
CA GLY D 260 10.92 5.10 -7.11
C GLY D 260 11.02 3.93 -6.14
N ASN D 261 10.03 3.79 -5.27
CA ASN D 261 10.07 2.76 -4.23
C ASN D 261 9.38 1.48 -4.68
N ARG D 262 9.73 0.38 -4.02
CA ARG D 262 9.00 -0.87 -4.13
C ARG D 262 8.12 -1.03 -2.90
N VAL D 263 6.90 -1.50 -3.11
CA VAL D 263 5.92 -1.52 -2.03
C VAL D 263 5.17 -2.83 -2.02
N THR D 264 4.19 -2.94 -1.13
CA THR D 264 3.28 -4.08 -1.12
C THR D 264 1.97 -3.60 -0.50
N ILE D 265 1.01 -3.32 -1.33
CA ILE D 265 -0.22 -2.63 -0.92
C ILE D 265 -1.27 -3.64 -0.51
N MET D 266 -1.95 -3.36 0.60
CA MET D 266 -3.17 -4.08 0.97
C MET D 266 -4.31 -3.10 0.98
N GLY D 267 -5.18 -3.17 -0.02
CA GLY D 267 -6.22 -2.19 -0.20
C GLY D 267 -7.57 -2.82 -0.47
N ILE D 268 -8.57 -1.97 -0.50
CA ILE D 268 -9.94 -2.37 -0.83
C ILE D 268 -10.27 -1.94 -2.24
N TYR D 269 -10.13 -2.85 -3.19
CA TYR D 269 -10.43 -2.55 -4.58
C TYR D 269 -11.83 -2.03 -4.70
N SER D 270 -11.99 -0.78 -5.12
CA SER D 270 -13.32 -0.18 -5.10
C SER D 270 -13.46 0.82 -6.25
N ILE D 271 -14.56 1.55 -6.25
CA ILE D 271 -15.03 2.34 -7.38
C ILE D 271 -15.35 3.76 -6.95
N LYS D 272 -15.06 4.73 -7.82
CA LYS D 272 -15.39 6.12 -7.54
C LYS D 272 -16.89 6.37 -7.64
N LYS D 273 -17.41 7.18 -6.73
CA LYS D 273 -18.85 7.41 -6.62
C LYS D 273 -19.18 8.90 -6.67
N PHE D 274 -18.64 9.59 -7.66
CA PHE D 274 -18.88 11.01 -7.83
C PHE D 274 -20.19 11.31 -8.55
N GLY D 275 -21.11 10.36 -8.60
CA GLY D 275 -22.38 10.58 -9.27
C GLY D 275 -23.25 11.62 -8.61
N VAL D 285 -17.27 6.05 -24.70
CA VAL D 285 -16.50 4.87 -24.36
C VAL D 285 -17.42 3.72 -23.96
N GLY D 286 -18.50 4.05 -23.27
CA GLY D 286 -19.43 3.03 -22.85
C GLY D 286 -20.57 3.64 -22.08
N VAL D 287 -21.54 2.79 -21.77
CA VAL D 287 -22.77 3.27 -21.14
C VAL D 287 -22.72 3.16 -19.63
N GLY D 288 -22.13 2.10 -19.08
CA GLY D 288 -22.15 1.92 -17.65
C GLY D 288 -20.78 1.73 -17.05
N ILE D 289 -19.80 2.42 -17.58
CA ILE D 289 -18.43 2.27 -17.16
C ILE D 289 -18.15 3.15 -15.96
N ARG D 290 -17.41 2.62 -15.00
CA ARG D 290 -16.99 3.33 -13.81
C ARG D 290 -15.47 3.40 -13.76
N SER D 291 -14.96 4.21 -12.85
CA SER D 291 -13.54 4.25 -12.56
C SER D 291 -13.26 3.38 -11.34
N SER D 292 -12.00 3.07 -11.12
CA SER D 292 -11.67 2.15 -10.05
C SER D 292 -10.34 2.52 -9.44
N TYR D 293 -10.23 2.39 -8.13
CA TYR D 293 -9.00 2.65 -7.43
C TYR D 293 -8.86 1.63 -6.32
N ILE D 294 -7.73 1.70 -5.61
CA ILE D 294 -7.44 0.81 -4.49
C ILE D 294 -7.24 1.66 -3.26
N ARG D 295 -8.20 1.61 -2.36
CA ARG D 295 -8.12 2.39 -1.13
C ARG D 295 -7.13 1.70 -0.21
N VAL D 296 -5.96 2.30 -0.04
CA VAL D 296 -4.86 1.66 0.67
C VAL D 296 -5.10 1.70 2.16
N LEU D 297 -4.97 0.54 2.82
CA LEU D 297 -5.03 0.50 4.26
C LEU D 297 -3.97 -0.41 4.83
N GLY D 298 -2.81 -0.42 4.17
CA GLY D 298 -1.65 -1.10 4.69
C GLY D 298 -0.53 -0.96 3.69
N ILE D 299 0.68 -0.64 4.11
CA ILE D 299 1.75 -0.35 3.18
C ILE D 299 3.06 -0.88 3.73
N GLN D 300 3.95 -1.26 2.83
CA GLN D 300 5.27 -1.78 3.19
C GLN D 300 6.28 -1.29 2.20
N VAL D 301 7.55 -1.44 2.54
CA VAL D 301 8.65 -1.04 1.67
C VAL D 301 9.71 -2.13 1.70
N ASP D 302 10.28 -2.43 0.53
CA ASP D 302 11.35 -3.40 0.42
C ASP D 302 12.68 -2.67 0.34
N THR D 303 13.67 -3.20 1.05
CA THR D 303 15.03 -2.65 1.02
C THR D 303 15.76 -3.05 -0.26
N VAL D 314 24.31 2.62 10.38
CA VAL D 314 25.02 3.22 11.52
C VAL D 314 24.85 2.33 12.75
N SER D 315 25.90 2.22 13.54
CA SER D 315 25.90 1.45 14.78
C SER D 315 27.19 1.76 15.53
N PRO D 316 27.21 1.63 16.85
CA PRO D 316 28.46 1.87 17.58
C PRO D 316 29.56 0.89 17.22
N GLN D 317 29.25 -0.41 17.18
CA GLN D 317 30.27 -1.40 16.88
C GLN D 317 30.68 -1.36 15.41
N GLU D 318 29.74 -0.99 14.52
CA GLU D 318 30.12 -0.80 13.13
C GLU D 318 31.09 0.36 12.95
N GLU D 319 31.08 1.31 13.88
CA GLU D 319 32.00 2.44 13.79
C GLU D 319 33.45 1.99 13.85
N GLU D 320 33.74 0.90 14.55
CA GLU D 320 35.12 0.50 14.80
C GLU D 320 35.76 -0.09 13.56
N GLU D 321 34.98 -0.77 12.72
CA GLU D 321 35.56 -1.29 11.48
C GLU D 321 35.88 -0.16 10.50
N PHE D 322 35.32 1.03 10.74
CA PHE D 322 35.77 2.22 10.02
C PHE D 322 36.99 2.82 10.70
N ARG D 323 36.96 2.90 12.04
CA ARG D 323 38.07 3.48 12.78
C ARG D 323 39.38 2.77 12.49
N ARG D 324 39.42 1.47 12.74
CA ARG D 324 40.66 0.72 12.60
C ARG D 324 41.13 0.71 11.15
N LEU D 325 40.19 0.68 10.20
CA LEU D 325 40.59 0.69 8.80
C LEU D 325 41.18 2.04 8.42
N ALA D 326 40.63 3.13 8.95
CA ALA D 326 41.23 4.43 8.72
C ALA D 326 42.58 4.55 9.40
N ALA D 327 42.78 3.82 10.50
CA ALA D 327 44.02 3.93 11.27
C ALA D 327 45.11 2.99 10.79
N LEU D 328 44.78 1.91 10.07
CA LEU D 328 45.79 0.93 9.73
C LEU D 328 46.83 1.55 8.79
N PRO D 329 48.09 1.12 8.86
CA PRO D 329 49.16 1.83 8.13
C PRO D 329 48.93 1.97 6.64
N ASN D 330 48.59 0.89 5.93
CA ASN D 330 48.37 0.98 4.49
C ASN D 330 46.89 1.19 4.16
N VAL D 331 46.30 2.24 4.73
CA VAL D 331 44.89 2.53 4.49
C VAL D 331 44.64 3.01 3.07
N TYR D 332 45.66 3.56 2.41
CA TYR D 332 45.42 4.15 1.09
C TYR D 332 45.05 3.09 0.06
N GLU D 333 45.95 2.14 -0.20
CA GLU D 333 45.78 1.24 -1.33
C GLU D 333 44.67 0.22 -1.13
N VAL D 334 44.28 -0.05 0.11
CA VAL D 334 43.30 -1.11 0.35
C VAL D 334 41.97 -0.77 -0.33
N ILE D 335 41.63 0.51 -0.37
CA ILE D 335 40.41 0.92 -1.07
C ILE D 335 40.62 0.90 -2.58
N SER D 336 41.63 1.66 -3.05
CA SER D 336 41.92 1.75 -4.47
C SER D 336 42.19 0.42 -5.14
N LYS D 337 42.35 -0.66 -4.36
CA LYS D 337 42.46 -1.97 -4.94
C LYS D 337 41.10 -2.61 -5.17
N SER D 338 40.13 -2.35 -4.29
CA SER D 338 38.81 -2.96 -4.35
C SER D 338 37.75 -1.99 -4.87
N ILE D 339 38.10 -1.17 -5.86
CA ILE D 339 37.15 -0.26 -6.50
C ILE D 339 37.10 -0.46 -8.01
N ALA D 340 37.76 -1.48 -8.53
CA ALA D 340 37.69 -1.81 -9.94
C ALA D 340 38.16 -3.24 -10.15
N PRO D 341 37.39 -4.24 -9.71
CA PRO D 341 37.87 -5.63 -9.84
C PRO D 341 38.01 -6.09 -11.28
N SER D 342 36.99 -5.86 -12.11
CA SER D 342 37.04 -6.34 -13.48
C SER D 342 38.19 -5.71 -14.26
N ILE D 343 38.14 -4.40 -14.45
CA ILE D 343 39.16 -3.73 -15.24
C ILE D 343 40.45 -3.65 -14.44
N PHE D 344 41.56 -3.99 -15.09
CA PHE D 344 42.86 -3.94 -14.46
C PHE D 344 43.83 -3.14 -15.31
N GLY D 345 44.77 -2.49 -14.65
CA GLY D 345 45.87 -1.78 -15.31
C GLY D 345 45.85 -0.29 -15.00
N GLY D 346 47.01 0.22 -14.58
CA GLY D 346 47.15 1.64 -14.31
C GLY D 346 46.29 2.12 -13.16
N THR D 347 46.65 1.71 -11.95
CA THR D 347 45.84 2.01 -10.78
C THR D 347 45.74 3.50 -10.48
N ASP D 348 46.51 4.36 -11.16
CA ASP D 348 46.34 5.79 -10.99
C ASP D 348 44.94 6.23 -11.40
N MET D 349 44.48 5.77 -12.56
CA MET D 349 43.11 6.03 -12.95
C MET D 349 42.11 5.44 -11.96
N LYS D 350 42.55 4.57 -11.06
CA LYS D 350 41.73 4.14 -9.94
C LYS D 350 42.15 4.80 -8.63
N LYS D 351 43.39 5.25 -8.54
CA LYS D 351 43.81 6.02 -7.39
C LYS D 351 42.99 7.30 -7.26
N ALA D 352 42.87 8.04 -8.37
CA ALA D 352 42.18 9.32 -8.36
C ALA D 352 40.71 9.16 -7.99
N ILE D 353 40.03 8.19 -8.60
CA ILE D 353 38.61 7.97 -8.35
C ILE D 353 38.32 7.74 -6.87
N ALA D 354 39.31 7.28 -6.11
CA ALA D 354 39.09 7.10 -4.68
C ALA D 354 38.80 8.42 -3.98
N CYS D 355 39.40 9.51 -4.45
CA CYS D 355 39.23 10.79 -3.78
C CYS D 355 37.88 11.40 -4.08
N LEU D 356 37.42 11.30 -5.33
CA LEU D 356 36.15 11.88 -5.73
C LEU D 356 35.00 11.34 -4.91
N LEU D 357 35.13 10.12 -4.39
CA LEU D 357 34.07 9.57 -3.55
C LEU D 357 34.01 10.23 -2.18
N PHE D 358 35.09 10.87 -1.74
CA PHE D 358 35.14 11.55 -0.45
C PHE D 358 35.06 13.06 -0.60
N GLY D 359 35.92 13.65 -1.41
CA GLY D 359 35.89 15.07 -1.69
C GLY D 359 36.50 15.90 -0.57
N GLY D 360 36.81 17.15 -0.91
CA GLY D 360 37.33 18.09 0.05
C GLY D 360 36.27 18.57 1.03
N SER D 361 36.41 19.79 1.54
CA SER D 361 35.44 20.33 2.49
C SER D 361 35.03 21.74 2.07
N ARG D 362 33.78 22.08 2.35
CA ARG D 362 33.20 23.36 1.95
C ARG D 362 33.49 24.42 2.99
N LYS D 363 34.25 25.44 2.60
CA LYS D 363 34.64 26.53 3.47
C LYS D 363 33.82 27.77 3.14
N ARG D 364 33.48 28.54 4.16
CA ARG D 364 32.88 29.85 4.00
C ARG D 364 33.79 30.88 4.65
N LEU D 365 34.50 31.63 3.83
CA LEU D 365 35.32 32.74 4.33
C LEU D 365 34.41 33.76 5.01
N PRO D 366 34.95 34.76 5.69
CA PRO D 366 34.07 35.79 6.28
C PRO D 366 33.14 36.44 5.25
N ASP D 367 33.60 36.61 4.03
CA ASP D 367 32.85 37.22 2.94
C ASP D 367 31.74 36.36 2.42
N GLY D 368 31.44 35.20 2.99
CA GLY D 368 30.44 34.33 2.42
C GLY D 368 30.85 33.74 1.08
N LEU D 369 32.07 34.07 0.65
CA LEU D 369 32.60 33.57 -0.63
C LEU D 369 32.99 32.11 -0.44
N THR D 370 31.99 31.24 -0.57
CA THR D 370 32.20 29.83 -0.35
C THR D 370 33.20 29.26 -1.36
N ARG D 371 33.65 28.05 -1.09
CA ARG D 371 34.59 27.35 -1.96
C ARG D 371 34.00 26.02 -2.37
N ARG D 372 34.56 25.46 -3.45
CA ARG D 372 34.09 24.18 -3.94
C ARG D 372 34.27 23.10 -2.88
N GLY D 373 33.59 21.98 -3.09
CA GLY D 373 33.75 20.83 -2.22
C GLY D 373 33.75 19.55 -3.00
N ASP D 374 33.95 19.64 -4.31
CA ASP D 374 33.91 18.48 -5.20
C ASP D 374 35.06 18.58 -6.19
N ILE D 375 35.24 17.53 -6.98
CA ILE D 375 36.31 17.43 -7.95
C ILE D 375 35.71 16.99 -9.28
N ASN D 376 36.47 17.17 -10.35
CA ASN D 376 36.07 16.75 -11.69
C ASN D 376 37.19 15.93 -12.32
N LEU D 377 36.81 14.95 -13.14
CA LEU D 377 37.78 14.07 -13.75
C LEU D 377 37.47 13.85 -15.22
N LEU D 378 38.52 13.81 -16.03
CA LEU D 378 38.41 13.50 -17.44
C LEU D 378 39.27 12.27 -17.75
N MET D 379 38.68 11.30 -18.41
CA MET D 379 39.39 10.12 -18.88
C MET D 379 39.39 10.17 -20.40
N LEU D 380 40.41 10.78 -20.97
CA LEU D 380 40.51 10.90 -22.41
C LEU D 380 40.97 9.58 -22.99
N GLY D 381 40.73 9.39 -24.28
CA GLY D 381 41.18 8.18 -24.94
C GLY D 381 40.12 7.58 -25.84
N ASP D 382 40.49 6.59 -26.63
CA ASP D 382 39.53 6.00 -27.56
C ASP D 382 38.38 5.36 -26.78
N PRO D 383 37.17 5.40 -27.32
CA PRO D 383 36.11 4.58 -26.73
C PRO D 383 36.32 3.11 -27.05
N GLY D 384 36.78 2.36 -26.05
CA GLY D 384 37.05 0.95 -26.24
C GLY D 384 36.25 0.10 -25.27
N THR D 385 35.23 0.72 -24.67
CA THR D 385 34.28 0.11 -23.75
C THR D 385 34.94 -0.26 -22.43
N ALA D 386 36.27 -0.09 -22.31
CA ALA D 386 36.93 -0.31 -21.03
C ALA D 386 36.52 0.72 -19.99
N LYS D 387 35.95 1.85 -20.41
CA LYS D 387 35.61 2.91 -19.49
C LYS D 387 34.15 2.87 -19.05
N SER D 388 33.26 2.30 -19.88
CA SER D 388 31.86 2.21 -19.50
C SER D 388 31.68 1.37 -18.25
N GLN D 389 32.45 0.30 -18.13
CA GLN D 389 32.46 -0.50 -16.91
C GLN D 389 32.77 0.36 -15.70
N LEU D 390 33.79 1.20 -15.81
CA LEU D 390 34.20 2.03 -14.70
C LEU D 390 33.13 3.05 -14.35
N LEU D 391 32.51 3.65 -15.35
CA LEU D 391 31.38 4.55 -15.10
C LEU D 391 30.28 3.84 -14.33
N LYS D 392 29.90 2.65 -14.79
CA LYS D 392 28.84 1.90 -14.11
C LYS D 392 29.22 1.60 -12.67
N PHE D 393 30.48 1.23 -12.44
CA PHE D 393 30.91 0.94 -11.09
C PHE D 393 30.80 2.17 -10.19
N VAL D 394 31.39 3.28 -10.63
CA VAL D 394 31.40 4.47 -9.78
C VAL D 394 29.98 4.97 -9.54
N GLU D 395 29.09 4.77 -10.51
CA GLU D 395 27.70 5.13 -10.28
C GLU D 395 27.05 4.20 -9.27
N LYS D 396 27.36 2.91 -9.33
CA LYS D 396 26.69 1.96 -8.45
C LYS D 396 27.14 2.12 -7.00
N CYS D 397 28.43 2.36 -6.78
CA CYS D 397 29.01 2.42 -5.45
C CYS D 397 29.01 3.83 -4.86
N SER D 398 28.13 4.70 -5.33
CA SER D 398 28.10 6.09 -4.89
C SER D 398 26.90 6.36 -3.98
N PRO D 399 27.07 7.23 -2.98
CA PRO D 399 25.90 7.60 -2.15
C PRO D 399 24.77 8.17 -2.98
N ILE D 400 25.07 9.12 -3.85
CA ILE D 400 24.16 9.58 -4.89
C ILE D 400 24.93 9.62 -6.20
N GLY D 401 24.31 9.13 -7.27
CA GLY D 401 25.00 9.08 -8.53
C GLY D 401 24.10 8.78 -9.71
N VAL D 402 24.41 9.39 -10.86
CA VAL D 402 23.63 9.19 -12.08
C VAL D 402 24.60 9.09 -13.25
N TYR D 403 24.40 8.07 -14.09
CA TYR D 403 25.18 7.89 -15.30
C TYR D 403 24.31 8.28 -16.49
N THR D 404 24.75 9.27 -17.26
CA THR D 404 23.98 9.77 -18.38
C THR D 404 24.79 9.64 -19.66
N SER D 405 24.07 9.57 -20.78
CA SER D 405 24.71 9.39 -22.07
C SER D 405 25.40 10.65 -22.54
N ALA D 411 17.06 12.64 -22.81
CA ALA D 411 15.73 12.98 -22.30
C ALA D 411 15.54 14.49 -22.24
N ALA D 412 15.26 15.01 -21.05
CA ALA D 412 15.11 16.45 -20.89
C ALA D 412 16.42 17.17 -21.10
N GLY D 413 17.54 16.55 -20.69
CA GLY D 413 18.85 17.14 -20.82
C GLY D 413 19.67 17.00 -19.55
N LEU D 414 20.84 17.62 -19.52
CA LEU D 414 21.64 17.65 -18.30
C LEU D 414 21.31 18.89 -17.46
N THR D 415 21.49 20.07 -18.04
CA THR D 415 21.12 21.30 -17.37
C THR D 415 19.65 21.63 -17.64
N ALA D 416 19.23 22.77 -17.11
CA ALA D 416 17.84 23.17 -17.22
C ALA D 416 17.50 23.60 -18.64
N SER D 417 16.24 23.41 -19.02
CA SER D 417 15.72 23.84 -20.30
C SER D 417 14.47 24.68 -20.10
N VAL D 418 14.05 25.36 -21.17
CA VAL D 418 12.81 26.13 -21.19
C VAL D 418 11.98 25.61 -22.35
N MET D 419 10.88 24.93 -22.04
CA MET D 419 10.11 24.22 -23.05
C MET D 419 8.68 24.72 -23.09
N ARG D 420 8.12 24.79 -24.30
CA ARG D 420 6.76 25.27 -24.49
C ARG D 420 5.79 24.16 -24.11
N ASP D 421 5.13 24.31 -22.97
CA ASP D 421 4.21 23.28 -22.48
C ASP D 421 2.97 23.24 -23.35
N PRO D 422 2.53 22.07 -23.82
CA PRO D 422 1.27 22.00 -24.57
C PRO D 422 0.08 22.61 -23.83
N SER D 423 -0.08 22.29 -22.55
CA SER D 423 -1.23 22.77 -21.78
C SER D 423 -1.16 24.28 -21.58
N SER D 424 -0.06 24.75 -20.99
CA SER D 424 0.07 26.16 -20.68
C SER D 424 0.27 27.01 -21.92
N ARG D 425 0.71 26.41 -23.02
CA ARG D 425 1.12 27.12 -24.24
C ARG D 425 2.26 28.09 -23.97
N ASN D 426 2.83 28.06 -22.77
CA ASN D 426 3.91 28.95 -22.34
C ASN D 426 5.13 28.13 -21.98
N PHE D 427 6.20 28.84 -21.65
CA PHE D 427 7.48 28.20 -21.38
C PHE D 427 7.59 27.83 -19.91
N ILE D 428 8.08 26.63 -19.65
CA ILE D 428 8.30 26.14 -18.30
C ILE D 428 9.74 25.67 -18.18
N MET D 429 10.18 25.47 -16.94
CA MET D 429 11.58 25.20 -16.62
C MET D 429 11.77 23.72 -16.28
N GLU D 430 12.77 23.11 -16.89
CA GLU D 430 13.10 21.70 -16.68
C GLU D 430 14.50 21.59 -16.12
N GLY D 431 14.61 21.47 -14.80
CA GLY D 431 15.87 21.14 -14.17
C GLY D 431 16.26 19.73 -14.54
N GLY D 432 17.44 19.56 -15.13
CA GLY D 432 17.85 18.26 -15.60
C GLY D 432 18.48 17.39 -14.53
N ALA D 433 19.63 16.78 -14.83
CA ALA D 433 20.25 15.86 -13.89
C ALA D 433 21.02 16.60 -12.81
N MET D 434 21.86 17.55 -13.20
CA MET D 434 22.80 18.19 -12.29
C MET D 434 22.10 18.99 -11.20
N VAL D 435 20.80 19.18 -11.27
CA VAL D 435 20.07 19.78 -10.17
C VAL D 435 19.47 18.72 -9.25
N LEU D 436 19.28 17.49 -9.74
CA LEU D 436 18.76 16.42 -8.91
C LEU D 436 19.86 15.75 -8.09
N ALA D 437 21.09 15.73 -8.61
CA ALA D 437 22.23 15.19 -7.88
C ALA D 437 22.66 16.21 -6.83
N ASP D 438 22.28 15.98 -5.58
CA ASP D 438 22.65 16.83 -4.46
C ASP D 438 23.86 16.20 -3.78
N GLY D 439 25.03 16.80 -3.96
CA GLY D 439 26.26 16.24 -3.43
C GLY D 439 26.73 14.98 -4.12
N GLY D 440 25.91 14.36 -4.96
CA GLY D 440 26.26 13.10 -5.59
C GLY D 440 27.29 13.21 -6.68
N VAL D 441 27.24 12.30 -7.65
CA VAL D 441 28.25 12.21 -8.71
C VAL D 441 27.56 11.90 -10.02
N VAL D 442 27.94 12.61 -11.06
CA VAL D 442 27.34 12.45 -12.39
C VAL D 442 28.41 11.97 -13.34
N CYS D 443 28.11 10.89 -14.08
CA CYS D 443 29.03 10.29 -15.03
C CYS D 443 28.55 10.57 -16.45
N ILE D 444 29.49 10.88 -17.33
CA ILE D 444 29.19 11.28 -18.69
C ILE D 444 30.17 10.59 -19.63
N ASP D 445 29.67 10.23 -20.82
CA ASP D 445 30.49 9.64 -21.87
C ASP D 445 30.24 10.39 -23.17
N GLU D 446 31.21 10.30 -24.08
CA GLU D 446 31.12 10.90 -25.41
C GLU D 446 30.87 12.40 -25.30
N PHE D 447 31.87 13.10 -24.77
CA PHE D 447 31.74 14.50 -24.41
C PHE D 447 31.57 15.42 -25.61
N ASP D 448 31.53 14.90 -26.82
CA ASP D 448 31.21 15.70 -28.00
C ASP D 448 29.81 15.44 -28.55
N LYS D 449 29.06 14.52 -27.95
CA LYS D 449 27.72 14.23 -28.43
C LYS D 449 26.66 15.14 -27.82
N MET D 450 26.92 15.70 -26.64
CA MET D 450 25.88 16.46 -25.96
C MET D 450 25.54 17.72 -26.72
N ARG D 451 24.26 18.09 -26.66
CA ARG D 451 23.72 19.22 -27.39
C ARG D 451 24.55 20.48 -27.13
N GLU D 452 24.78 21.25 -28.21
CA GLU D 452 25.60 22.45 -28.14
C GLU D 452 25.19 23.36 -26.98
N ASP D 453 23.90 23.71 -26.93
CA ASP D 453 23.38 24.48 -25.80
C ASP D 453 23.65 23.78 -24.48
N ASP D 454 23.42 22.47 -24.44
CA ASP D 454 23.63 21.71 -23.21
C ASP D 454 25.09 21.71 -22.80
N ARG D 455 26.00 21.64 -23.78
CA ARG D 455 27.42 21.65 -23.43
C ARG D 455 27.84 23.03 -22.92
N VAL D 456 27.32 24.09 -23.53
CA VAL D 456 27.57 25.42 -22.99
C VAL D 456 27.11 25.51 -21.53
N ALA D 457 25.91 25.00 -21.27
CA ALA D 457 25.35 25.13 -19.93
C ALA D 457 26.10 24.26 -18.92
N ILE D 458 26.60 23.11 -19.34
CA ILE D 458 27.37 22.31 -18.40
C ILE D 458 28.72 22.97 -18.12
N HIS D 459 29.29 23.63 -19.13
CA HIS D 459 30.48 24.43 -18.89
C HIS D 459 30.24 25.47 -17.80
N GLU D 460 29.16 26.24 -17.95
CA GLU D 460 28.89 27.26 -16.93
C GLU D 460 28.55 26.64 -15.58
N ALA D 461 27.95 25.45 -15.57
CA ALA D 461 27.54 24.84 -14.31
C ALA D 461 28.75 24.34 -13.52
N MET D 462 29.72 23.75 -14.21
CA MET D 462 30.97 23.41 -13.53
C MET D 462 31.76 24.66 -13.16
N GLU D 463 31.58 25.76 -13.89
CA GLU D 463 32.22 27.02 -13.53
C GLU D 463 31.69 27.59 -12.22
N GLN D 464 30.38 27.80 -12.13
CA GLN D 464 29.78 28.54 -11.02
C GLN D 464 29.17 27.63 -9.95
N GLN D 465 28.81 26.41 -10.30
CA GLN D 465 28.11 25.46 -9.44
C GLN D 465 26.65 25.82 -9.21
N THR D 466 26.04 26.53 -10.15
CA THR D 466 24.60 26.76 -10.15
C THR D 466 24.17 27.15 -11.55
N ILE D 467 22.90 26.91 -11.84
CA ILE D 467 22.33 27.15 -13.16
C ILE D 467 21.25 28.20 -13.03
N SER D 468 21.37 29.29 -13.79
CA SER D 468 20.44 30.41 -13.74
C SER D 468 20.03 30.77 -15.16
N ILE D 469 18.81 30.40 -15.54
CA ILE D 469 18.27 30.67 -16.87
C ILE D 469 17.40 31.91 -16.80
N ALA D 470 17.66 32.86 -17.68
CA ALA D 470 16.85 34.08 -17.79
C ALA D 470 16.27 34.10 -19.20
N LYS D 471 15.11 33.48 -19.35
CA LYS D 471 14.47 33.39 -20.66
C LYS D 471 12.98 33.69 -20.54
N ALA D 472 12.22 33.36 -21.58
CA ALA D 472 10.91 33.95 -21.89
C ALA D 472 10.09 34.34 -20.67
N GLY D 473 9.87 33.41 -19.75
CA GLY D 473 9.13 33.76 -18.55
C GLY D 473 9.76 33.15 -17.32
N ILE D 474 11.04 32.81 -17.43
CA ILE D 474 11.71 32.01 -16.43
C ILE D 474 12.96 32.75 -15.98
N THR D 475 13.02 33.06 -14.69
CA THR D 475 14.22 33.64 -14.08
C THR D 475 14.36 32.98 -12.71
N THR D 476 15.07 31.85 -12.67
CA THR D 476 15.26 31.11 -11.43
C THR D 476 16.71 30.67 -11.33
N THR D 477 17.05 30.09 -10.19
CA THR D 477 18.37 29.57 -9.94
C THR D 477 18.24 28.19 -9.30
N LEU D 478 19.11 27.28 -9.72
CA LEU D 478 19.15 25.92 -9.19
C LEU D 478 20.58 25.60 -8.81
N ASN D 479 20.81 25.30 -7.54
CA ASN D 479 22.15 24.96 -7.09
C ASN D 479 22.53 23.58 -7.60
N SER D 480 23.58 23.52 -8.41
CA SER D 480 24.13 22.25 -8.87
C SER D 480 25.27 21.87 -7.93
N ARG D 481 25.07 20.79 -7.16
CA ARG D 481 26.08 20.29 -6.23
C ARG D 481 26.28 18.81 -6.54
N CYS D 482 27.19 18.51 -7.45
CA CYS D 482 27.46 17.13 -7.83
C CYS D 482 28.90 17.05 -8.31
N SER D 483 29.32 15.87 -8.74
CA SER D 483 30.68 15.63 -9.19
C SER D 483 30.65 15.09 -10.61
N VAL D 484 31.47 15.67 -11.48
CA VAL D 484 31.53 15.27 -12.88
C VAL D 484 32.68 14.29 -13.07
N LEU D 485 32.36 13.10 -13.56
CA LEU D 485 33.35 12.12 -13.99
C LEU D 485 33.14 11.90 -15.48
N ALA D 486 33.92 12.60 -16.30
CA ALA D 486 33.72 12.61 -17.73
C ALA D 486 34.68 11.66 -18.42
N ALA D 487 34.23 11.11 -19.55
CA ALA D 487 35.04 10.26 -20.40
C ALA D 487 35.01 10.82 -21.81
N ALA D 488 36.19 11.13 -22.35
CA ALA D 488 36.32 11.76 -23.64
C ALA D 488 36.52 10.70 -24.73
N ASN D 489 36.84 11.16 -25.94
CA ASN D 489 37.11 10.25 -27.05
C ASN D 489 38.27 10.77 -27.90
N PHE D 506 37.76 20.40 -28.97
CA PHE D 506 37.71 20.67 -27.53
C PHE D 506 38.57 21.89 -27.21
N MET D 507 37.92 22.95 -26.76
CA MET D 507 38.61 24.19 -26.49
C MET D 507 39.63 24.01 -25.36
N PRO D 508 40.68 24.83 -25.35
CA PRO D 508 41.60 24.81 -24.20
C PRO D 508 40.96 25.31 -22.91
N THR D 509 39.69 25.70 -22.98
CA THR D 509 38.96 26.28 -21.86
C THR D 509 37.92 25.35 -21.26
N ILE D 510 37.13 24.66 -22.09
CA ILE D 510 36.30 23.58 -21.56
C ILE D 510 37.18 22.46 -21.04
N LEU D 511 38.34 22.26 -21.68
CA LEU D 511 39.32 21.31 -21.16
C LEU D 511 39.87 21.78 -19.82
N SER D 512 40.12 23.08 -19.67
CA SER D 512 40.65 23.62 -18.43
C SER D 512 39.58 23.75 -17.35
N ARG D 513 38.32 23.49 -17.66
CA ARG D 513 37.28 23.48 -16.63
C ARG D 513 37.47 22.32 -15.66
N PHE D 514 38.20 21.29 -16.06
CA PHE D 514 38.55 20.17 -15.20
C PHE D 514 39.86 20.47 -14.48
N ASP D 515 40.43 19.45 -13.84
CA ASP D 515 41.76 19.54 -13.26
C ASP D 515 42.63 18.32 -13.51
N MET D 516 42.08 17.19 -13.92
CA MET D 516 42.83 15.94 -14.05
C MET D 516 42.46 15.29 -15.36
N ILE D 517 43.47 15.06 -16.22
CA ILE D 517 43.26 14.48 -17.54
C ILE D 517 44.01 13.15 -17.58
N PHE D 518 43.29 12.08 -17.87
CA PHE D 518 43.90 10.77 -18.08
C PHE D 518 43.58 10.29 -19.48
N ILE D 519 44.63 10.15 -20.30
CA ILE D 519 44.49 9.59 -21.67
C ILE D 519 44.97 8.13 -21.63
N VAL D 520 44.55 7.30 -22.60
CA VAL D 520 44.91 5.84 -22.59
C VAL D 520 46.15 5.60 -23.46
N LYS D 521 46.92 4.54 -23.16
CA LYS D 521 48.14 4.20 -23.96
C LYS D 521 48.43 2.70 -23.83
N ASP D 522 49.34 2.16 -24.66
CA ASP D 522 49.68 0.71 -24.61
C ASP D 522 51.04 0.46 -25.29
N GLU D 523 51.50 -0.80 -25.29
CA GLU D 523 52.76 -1.21 -25.98
C GLU D 523 52.51 -2.50 -26.78
N HIS D 524 53.57 -3.24 -27.12
CA HIS D 524 53.39 -4.45 -27.97
C HIS D 524 54.57 -5.43 -27.86
N ASN D 525 55.46 -5.26 -26.87
CA ASN D 525 56.57 -6.23 -26.66
C ASN D 525 55.97 -7.60 -26.30
N GLU D 526 56.70 -8.70 -26.50
CA GLU D 526 56.16 -10.02 -26.24
C GLU D 526 56.10 -10.36 -24.75
N GLU D 527 56.88 -9.68 -23.91
CA GLU D 527 56.61 -9.70 -22.48
C GLU D 527 55.39 -8.82 -22.16
N ARG D 528 55.30 -7.65 -22.81
CA ARG D 528 54.06 -6.91 -22.77
C ARG D 528 52.92 -7.79 -23.28
N ASP D 529 53.19 -8.60 -24.31
CA ASP D 529 52.18 -9.51 -24.81
C ASP D 529 51.88 -10.63 -23.82
N VAL D 530 52.82 -10.95 -22.92
CA VAL D 530 52.50 -11.85 -21.83
C VAL D 530 51.56 -11.20 -20.85
N MET D 531 51.78 -9.91 -20.56
CA MET D 531 50.81 -9.16 -19.76
C MET D 531 49.44 -9.15 -20.44
N LEU D 532 49.41 -9.05 -21.77
CA LEU D 532 48.14 -9.07 -22.48
C LEU D 532 47.48 -10.44 -22.41
N ALA D 533 48.27 -11.51 -22.56
CA ALA D 533 47.73 -12.85 -22.40
C ALA D 533 47.18 -13.07 -21.00
N LYS D 534 47.82 -12.47 -19.99
CA LYS D 534 47.27 -12.47 -18.65
C LYS D 534 45.90 -11.81 -18.64
N HIS D 535 45.85 -10.56 -19.11
CA HIS D 535 44.61 -9.80 -19.09
C HIS D 535 43.51 -10.45 -19.90
N VAL D 536 43.86 -11.35 -20.82
CA VAL D 536 42.84 -12.04 -21.63
C VAL D 536 41.88 -12.83 -20.73
N ILE D 537 42.44 -13.73 -19.91
CA ILE D 537 41.59 -14.58 -19.10
C ILE D 537 41.01 -13.86 -17.89
N THR D 538 41.63 -12.76 -17.46
CA THR D 538 41.05 -11.96 -16.38
C THR D 538 39.66 -11.48 -16.76
N LEU D 539 39.37 -11.35 -18.05
CA LEU D 539 38.04 -11.03 -18.55
C LEU D 539 37.32 -12.25 -19.09
N HIS D 540 38.07 -13.24 -19.59
CA HIS D 540 37.44 -14.46 -20.10
C HIS D 540 36.66 -15.18 -19.00
N VAL D 541 37.16 -15.15 -17.77
CA VAL D 541 36.50 -15.87 -16.68
C VAL D 541 35.09 -15.35 -16.46
N SER D 542 34.88 -14.05 -16.59
CA SER D 542 33.60 -13.44 -16.29
C SER D 542 32.68 -13.48 -17.52
N ILE D 554 36.76 -5.43 2.34
CA ILE D 554 36.34 -4.27 1.58
C ILE D 554 35.29 -4.66 0.55
N ASP D 555 34.03 -4.42 0.90
CA ASP D 555 32.91 -4.64 -0.01
C ASP D 555 32.16 -3.34 -0.21
N LEU D 556 31.58 -3.18 -1.40
CA LEU D 556 30.83 -1.97 -1.71
C LEU D 556 29.68 -1.77 -0.74
N ALA D 557 29.00 -2.85 -0.37
CA ALA D 557 27.87 -2.75 0.55
C ALA D 557 28.24 -2.15 1.88
N LYS D 558 29.51 -2.24 2.27
CA LYS D 558 30.01 -1.52 3.42
C LYS D 558 30.88 -0.33 3.04
N LEU D 559 31.42 -0.28 1.82
CA LEU D 559 32.17 0.89 1.40
C LEU D 559 31.29 2.12 1.38
N LYS D 560 30.06 1.98 0.88
CA LYS D 560 29.14 3.11 0.83
C LYS D 560 28.78 3.58 2.23
N LYS D 561 28.45 2.65 3.11
CA LYS D 561 28.11 3.01 4.48
C LYS D 561 29.33 3.46 5.29
N PHE D 562 30.54 3.24 4.76
CA PHE D 562 31.72 3.84 5.35
C PHE D 562 31.86 5.29 4.92
N ILE D 563 31.75 5.53 3.62
CA ILE D 563 31.84 6.90 3.11
C ILE D 563 30.79 7.77 3.75
N ALA D 564 29.57 7.23 3.90
CA ALA D 564 28.47 8.01 4.47
C ALA D 564 28.81 8.56 5.84
N TYR D 565 29.70 7.89 6.57
CA TYR D 565 30.14 8.36 7.87
C TYR D 565 31.46 9.10 7.81
N CYS D 566 32.30 8.83 6.81
CA CYS D 566 33.58 9.52 6.70
C CYS D 566 33.39 10.95 6.24
N ARG D 567 32.54 11.16 5.22
CA ARG D 567 32.30 12.50 4.69
C ARG D 567 31.77 13.43 5.77
N VAL D 568 31.07 12.90 6.76
CA VAL D 568 30.26 13.70 7.66
C VAL D 568 30.90 13.86 9.03
N LYS D 569 32.16 13.46 9.18
CA LYS D 569 32.82 13.55 10.48
C LYS D 569 34.21 14.15 10.44
N CYS D 570 34.72 14.53 9.27
CA CYS D 570 36.08 15.00 9.14
C CYS D 570 36.07 16.44 8.64
N GLY D 571 36.96 17.26 9.20
CA GLY D 571 37.03 18.67 8.90
C GLY D 571 38.39 19.13 8.41
N PRO D 572 39.01 18.37 7.52
CA PRO D 572 40.45 18.55 7.27
C PRO D 572 40.77 19.91 6.69
N ARG D 573 41.91 20.46 7.12
CA ARG D 573 42.50 21.62 6.48
C ARG D 573 43.98 21.33 6.25
N LEU D 574 44.74 22.32 5.83
CA LEU D 574 46.16 22.12 5.60
C LEU D 574 46.98 22.62 6.79
N SER D 575 48.13 21.99 6.97
CA SER D 575 49.10 22.39 7.99
C SER D 575 50.13 23.34 7.38
N ALA D 576 50.79 24.09 8.25
CA ALA D 576 51.67 25.17 7.80
C ALA D 576 52.73 24.70 6.80
N GLU D 577 53.19 23.45 6.94
CA GLU D 577 54.26 22.96 6.08
C GLU D 577 53.77 22.64 4.68
N ALA D 578 52.54 22.13 4.55
CA ALA D 578 51.99 21.88 3.22
C ALA D 578 51.91 23.16 2.42
N ALA D 579 51.71 24.29 3.09
CA ALA D 579 51.67 25.57 2.41
C ALA D 579 52.98 25.85 1.68
N GLU D 580 54.09 25.82 2.40
CA GLU D 580 55.38 26.11 1.78
C GLU D 580 55.84 25.00 0.85
N LYS D 581 55.30 23.79 1.00
CA LYS D 581 55.51 22.77 -0.03
C LYS D 581 54.85 23.20 -1.35
N LEU D 582 53.57 23.52 -1.28
CA LEU D 582 52.81 23.82 -2.49
C LEU D 582 53.27 25.12 -3.13
N LYS D 583 53.63 26.12 -2.34
CA LYS D 583 54.08 27.38 -2.91
C LYS D 583 55.29 27.15 -3.80
N ASN D 584 56.27 26.42 -3.30
CA ASN D 584 57.49 26.18 -4.05
C ASN D 584 57.31 25.16 -5.15
N ARG D 585 56.31 24.29 -5.06
CA ARG D 585 56.01 23.43 -6.21
C ARG D 585 55.37 24.24 -7.33
N TYR D 586 54.37 25.04 -7.00
CA TYR D 586 53.58 25.75 -7.99
C TYR D 586 54.37 26.88 -8.64
N ILE D 587 55.20 27.59 -7.87
CA ILE D 587 55.99 28.67 -8.45
C ILE D 587 56.95 28.10 -9.48
N ILE D 588 57.56 26.97 -9.19
CA ILE D 588 58.48 26.37 -10.17
C ILE D 588 57.74 25.67 -11.29
N MET D 589 56.46 25.33 -11.10
CA MET D 589 55.67 24.87 -12.23
C MET D 589 55.38 26.03 -13.18
N ARG D 590 55.10 27.21 -12.63
CA ARG D 590 54.89 28.40 -13.46
C ARG D 590 56.16 28.85 -14.15
N SER D 591 57.29 28.82 -13.43
CA SER D 591 58.48 29.54 -13.82
C SER D 591 59.07 29.10 -15.15
N GLY D 592 58.64 27.97 -15.70
CA GLY D 592 59.19 27.49 -16.95
C GLY D 592 58.21 27.59 -18.09
N ALA D 593 56.92 27.66 -17.74
CA ALA D 593 55.89 27.82 -18.77
C ALA D 593 56.16 29.06 -19.62
N ARG D 594 56.81 30.07 -19.05
CA ARG D 594 57.17 31.25 -19.82
C ARG D 594 58.05 30.85 -21.00
N GLN D 595 59.28 30.40 -20.72
CA GLN D 595 60.19 30.00 -21.78
C GLN D 595 59.64 28.87 -22.62
N HIS D 596 58.61 28.16 -22.13
CA HIS D 596 57.92 27.17 -22.94
C HIS D 596 57.08 27.84 -24.03
N GLU D 597 56.25 28.81 -23.66
CA GLU D 597 55.28 29.39 -24.57
C GLU D 597 55.80 30.61 -25.32
N ARG D 598 56.90 31.22 -24.85
CA ARG D 598 57.42 32.42 -25.51
C ARG D 598 58.12 32.09 -26.82
N ASP D 599 58.63 30.86 -26.95
CA ASP D 599 59.31 30.45 -28.17
C ASP D 599 58.43 29.58 -29.07
N SER D 600 57.93 28.46 -28.55
CA SER D 600 57.23 27.49 -29.41
C SER D 600 55.83 27.98 -29.77
N ASP D 601 55.04 28.36 -28.78
CA ASP D 601 53.68 28.91 -28.94
C ASP D 601 52.91 28.22 -30.06
N ARG D 602 52.72 26.91 -29.90
CA ARG D 602 52.10 26.12 -30.95
C ARG D 602 50.57 26.27 -30.93
N ARG D 603 50.11 27.51 -30.86
CA ARG D 603 48.71 27.88 -31.06
C ARG D 603 47.77 27.23 -30.04
N SER D 604 48.33 26.41 -29.15
CA SER D 604 47.60 25.70 -28.11
C SER D 604 48.61 25.02 -27.18
N SER D 605 48.32 25.05 -25.89
CA SER D 605 49.12 24.43 -24.85
C SER D 605 48.27 24.43 -23.58
N ILE D 606 48.87 24.13 -22.44
CA ILE D 606 48.12 24.27 -21.19
C ILE D 606 49.06 24.69 -20.06
N PRO D 607 48.90 25.90 -19.54
CA PRO D 607 49.72 26.34 -18.40
C PRO D 607 48.99 26.14 -17.08
N ILE D 608 49.68 26.36 -15.98
CA ILE D 608 49.10 26.21 -14.65
C ILE D 608 48.25 27.43 -14.33
N THR D 609 47.22 27.22 -13.52
CA THR D 609 46.34 28.28 -13.05
C THR D 609 45.98 28.05 -11.60
N VAL D 610 45.59 29.12 -10.93
CA VAL D 610 45.26 29.04 -9.51
C VAL D 610 44.05 28.15 -9.26
N ARG D 611 43.19 27.97 -10.25
CA ARG D 611 42.11 27.00 -10.12
C ARG D 611 42.66 25.60 -9.96
N GLN D 612 43.71 25.28 -10.72
CA GLN D 612 44.35 23.98 -10.59
C GLN D 612 45.03 23.85 -9.23
N LEU D 613 45.58 24.94 -8.71
CA LEU D 613 46.17 24.90 -7.37
C LEU D 613 45.11 24.58 -6.33
N GLU D 614 43.96 25.26 -6.41
CA GLU D 614 42.88 24.95 -5.48
C GLU D 614 42.40 23.52 -5.64
N ALA D 615 42.47 23.00 -6.86
CA ALA D 615 42.15 21.59 -7.08
C ALA D 615 43.13 20.70 -6.33
N ILE D 616 44.41 21.05 -6.38
CA ILE D 616 45.41 20.28 -5.63
C ILE D 616 45.08 20.26 -4.16
N VAL D 617 44.72 21.42 -3.61
CA VAL D 617 44.41 21.49 -2.19
C VAL D 617 43.20 20.63 -1.85
N ARG D 618 42.14 20.72 -2.66
CA ARG D 618 40.97 19.93 -2.36
C ARG D 618 41.15 18.45 -2.68
N ILE D 619 42.21 18.09 -3.40
CA ILE D 619 42.56 16.68 -3.55
C ILE D 619 43.27 16.18 -2.30
N ALA D 620 44.23 16.96 -1.81
CA ALA D 620 44.92 16.58 -0.58
C ALA D 620 43.95 16.45 0.58
N GLU D 621 42.93 17.31 0.62
CA GLU D 621 41.89 17.15 1.65
C GLU D 621 41.22 15.78 1.56
N ALA D 622 40.84 15.37 0.35
CA ALA D 622 40.15 14.10 0.20
C ALA D 622 41.07 12.91 0.48
N LEU D 623 42.36 13.07 0.22
CA LEU D 623 43.32 12.03 0.62
C LEU D 623 43.36 11.91 2.13
N SER D 624 43.64 13.01 2.82
CA SER D 624 43.75 13.00 4.26
C SER D 624 42.41 12.83 4.96
N LYS D 625 41.31 12.71 4.23
CA LYS D 625 40.04 12.33 4.83
C LYS D 625 39.85 10.82 4.87
N MET D 626 40.57 10.07 4.05
CA MET D 626 40.55 8.62 4.15
C MET D 626 40.90 8.14 5.55
N LYS D 627 41.71 8.93 6.26
CA LYS D 627 42.30 8.50 7.52
C LYS D 627 41.67 9.16 8.73
N LEU D 628 40.57 9.89 8.55
CA LEU D 628 39.98 10.68 9.63
C LEU D 628 41.02 11.57 10.29
N GLN D 629 42.03 11.97 9.52
CA GLN D 629 43.15 12.76 10.01
C GLN D 629 42.85 14.24 9.89
N PRO D 630 42.50 14.92 11.00
CA PRO D 630 42.02 16.31 10.90
C PRO D 630 43.06 17.30 10.45
N PHE D 631 44.29 16.88 10.15
CA PHE D 631 45.32 17.81 9.71
C PHE D 631 46.20 17.10 8.70
N ALA D 632 46.18 17.56 7.45
CA ALA D 632 46.99 16.97 6.41
C ALA D 632 48.42 17.49 6.48
N THR D 633 49.33 16.69 5.94
CA THR D 633 50.74 17.04 5.97
C THR D 633 51.43 16.60 4.68
N GLU D 634 52.75 16.59 4.68
CA GLU D 634 53.53 16.21 3.51
C GLU D 634 53.36 14.73 3.18
N ALA D 635 52.53 14.03 3.94
CA ALA D 635 52.35 12.59 3.75
C ALA D 635 51.79 12.26 2.37
N ASP D 636 51.07 13.19 1.75
CA ASP D 636 50.40 12.90 0.48
C ASP D 636 50.52 14.00 -0.55
N VAL D 637 51.05 15.18 -0.20
CA VAL D 637 51.07 16.28 -1.14
C VAL D 637 51.95 15.96 -2.35
N GLU D 638 53.10 15.34 -2.11
CA GLU D 638 54.02 15.09 -3.22
C GLU D 638 53.47 14.02 -4.16
N GLU D 639 52.87 12.98 -3.62
CA GLU D 639 52.30 11.95 -4.49
C GLU D 639 51.10 12.49 -5.25
N ALA D 640 50.31 13.38 -4.61
CA ALA D 640 49.24 14.04 -5.35
C ALA D 640 49.80 14.92 -6.46
N LEU D 641 50.91 15.61 -6.18
CA LEU D 641 51.54 16.45 -7.19
C LEU D 641 52.08 15.62 -8.34
N ARG D 642 52.55 14.39 -8.06
CA ARG D 642 53.02 13.54 -9.14
C ARG D 642 51.87 12.96 -9.94
N LEU D 643 50.79 12.57 -9.25
CA LEU D 643 49.56 12.22 -9.94
C LEU D 643 49.15 13.33 -10.89
N PHE D 644 49.28 14.57 -10.44
CA PHE D 644 48.96 15.70 -11.30
C PHE D 644 49.99 15.90 -12.40
N GLN D 645 51.26 15.58 -12.13
CA GLN D 645 52.27 15.63 -13.19
C GLN D 645 51.96 14.64 -14.29
N VAL D 646 51.27 13.56 -13.94
CA VAL D 646 50.72 12.66 -14.95
C VAL D 646 49.54 13.31 -15.65
N SER D 647 48.59 13.81 -14.86
CA SER D 647 47.30 14.28 -15.39
C SER D 647 47.41 15.53 -16.25
N THR D 648 48.42 16.36 -16.04
CA THR D 648 48.63 17.54 -16.87
C THR D 648 49.52 17.26 -18.07
N LEU D 649 50.48 16.35 -17.93
CA LEU D 649 51.28 15.98 -19.09
C LEU D 649 50.44 15.21 -20.10
N ASP D 650 49.40 14.52 -19.64
CA ASP D 650 48.50 13.86 -20.58
C ASP D 650 47.87 14.87 -21.54
N ALA D 651 47.23 15.91 -20.99
CA ALA D 651 46.67 16.96 -21.83
C ALA D 651 47.75 17.74 -22.56
N ALA D 652 48.98 17.77 -22.01
CA ALA D 652 50.08 18.39 -22.75
C ALA D 652 50.37 17.65 -24.04
N LEU D 653 50.38 16.32 -23.98
CA LEU D 653 50.62 15.52 -25.18
C LEU D 653 49.43 15.57 -26.12
N SER D 654 48.22 15.64 -25.58
CA SER D 654 47.03 15.61 -26.43
C SER D 654 46.82 16.94 -27.15
N GLY D 655 47.09 18.07 -26.47
CA GLY D 655 46.73 19.36 -27.01
C GLY D 655 47.66 19.91 -28.07
N THR D 656 48.93 19.50 -28.02
CA THR D 656 49.95 20.04 -28.93
C THR D 656 49.61 19.81 -30.40
N HIS E 15 -62.63 14.83 -41.49
CA HIS E 15 -61.81 14.16 -40.49
C HIS E 15 -60.74 13.29 -41.14
N LEU E 16 -61.15 12.44 -42.08
CA LEU E 16 -60.23 11.55 -42.76
C LEU E 16 -59.27 12.35 -43.65
N GLU E 17 -58.16 11.73 -44.01
CA GLU E 17 -57.08 12.42 -44.71
C GLU E 17 -57.53 12.86 -46.10
N VAL E 18 -56.66 13.58 -46.78
CA VAL E 18 -56.97 14.22 -48.06
C VAL E 18 -56.22 13.50 -49.17
N ARG E 19 -56.92 13.28 -50.28
CA ARG E 19 -56.32 12.66 -51.45
C ARG E 19 -55.35 13.64 -52.11
N ASP E 20 -54.05 13.36 -52.02
CA ASP E 20 -53.07 14.13 -52.78
C ASP E 20 -53.16 13.64 -54.22
N GLU E 21 -54.08 14.23 -54.97
CA GLU E 21 -54.48 13.66 -56.26
C GLU E 21 -53.33 13.66 -57.26
N VAL E 22 -52.58 14.77 -57.33
CA VAL E 22 -51.48 14.86 -58.28
C VAL E 22 -50.43 13.79 -58.01
N ALA E 23 -50.40 13.25 -56.80
CA ALA E 23 -49.44 12.20 -56.51
C ALA E 23 -49.99 10.82 -56.83
N GLU E 24 -51.24 10.55 -56.44
CA GLU E 24 -51.79 9.21 -56.63
C GLU E 24 -52.08 8.94 -58.10
N LYS E 25 -52.55 9.93 -58.83
CA LYS E 25 -52.75 9.74 -60.26
C LYS E 25 -51.43 9.40 -60.95
N CYS E 26 -50.34 10.03 -60.51
CA CYS E 26 -49.03 9.72 -61.06
C CYS E 26 -48.58 8.33 -60.65
N GLN E 27 -48.83 7.94 -59.40
CA GLN E 27 -48.51 6.59 -58.97
C GLN E 27 -49.21 5.56 -59.84
N LYS E 28 -50.48 5.81 -60.13
CA LYS E 28 -51.26 4.88 -60.96
C LYS E 28 -50.70 4.80 -62.37
N LEU E 29 -50.46 5.93 -63.01
CA LEU E 29 -49.93 5.87 -64.36
C LEU E 29 -48.54 5.23 -64.40
N PHE E 30 -47.74 5.44 -63.36
CA PHE E 30 -46.42 4.81 -63.36
C PHE E 30 -46.54 3.31 -63.21
N LEU E 31 -47.45 2.85 -62.35
CA LEU E 31 -47.68 1.42 -62.22
C LEU E 31 -48.16 0.82 -63.53
N ASP E 32 -48.94 1.57 -64.31
CA ASP E 32 -49.34 1.09 -65.63
C ASP E 32 -48.15 1.01 -66.57
N PHE E 33 -47.37 2.08 -66.65
CA PHE E 33 -46.20 2.10 -67.51
C PHE E 33 -45.26 0.94 -67.21
N LEU E 34 -45.12 0.57 -65.95
CA LEU E 34 -44.16 -0.47 -65.61
C LEU E 34 -44.49 -1.79 -66.28
N GLU E 35 -45.77 -2.06 -66.52
CA GLU E 35 -46.18 -3.31 -67.13
C GLU E 35 -46.38 -3.21 -68.63
N GLU E 36 -46.89 -2.09 -69.13
CA GLU E 36 -47.23 -2.05 -70.56
C GLU E 36 -45.99 -1.91 -71.44
N PHE E 37 -45.01 -1.15 -71.00
CA PHE E 37 -43.88 -0.84 -71.88
C PHE E 37 -43.07 -2.08 -72.18
N GLN E 38 -42.80 -2.31 -73.47
CA GLN E 38 -42.04 -3.46 -73.90
C GLN E 38 -40.86 -3.01 -74.76
N SER E 39 -39.92 -3.92 -74.94
CA SER E 39 -38.71 -3.66 -75.68
C SER E 39 -38.92 -3.97 -77.16
N SER E 40 -37.83 -4.02 -77.93
CA SER E 40 -37.91 -4.20 -79.38
C SER E 40 -38.62 -5.48 -79.78
N ASP E 41 -38.73 -6.46 -78.89
CA ASP E 41 -39.27 -7.76 -79.25
C ASP E 41 -40.39 -8.17 -78.29
N GLY E 42 -41.35 -7.28 -78.06
CA GLY E 42 -42.31 -7.53 -77.01
C GLY E 42 -41.57 -7.68 -75.70
N GLU E 43 -41.96 -8.68 -74.91
CA GLU E 43 -41.14 -9.13 -73.78
C GLU E 43 -40.88 -7.99 -72.81
N ILE E 44 -41.95 -7.59 -72.11
CA ILE E 44 -41.96 -6.44 -71.22
C ILE E 44 -40.66 -6.43 -70.42
N LYS E 45 -39.92 -5.31 -70.49
CA LYS E 45 -38.56 -5.31 -70.00
C LYS E 45 -38.46 -5.08 -68.51
N TYR E 46 -39.39 -4.33 -67.93
CA TYR E 46 -39.40 -4.10 -66.49
C TYR E 46 -40.11 -5.21 -65.75
N LEU E 47 -40.23 -6.39 -66.37
CA LEU E 47 -40.64 -7.59 -65.69
C LEU E 47 -39.54 -8.63 -65.67
N GLN E 48 -38.39 -8.33 -66.27
CA GLN E 48 -37.22 -9.17 -66.19
C GLN E 48 -36.06 -8.54 -65.46
N LEU E 49 -35.88 -7.21 -65.58
CA LEU E 49 -34.97 -6.52 -64.68
C LEU E 49 -35.47 -6.54 -63.25
N ALA E 50 -36.79 -6.55 -63.07
CA ALA E 50 -37.37 -6.67 -61.75
C ALA E 50 -37.38 -8.10 -61.25
N GLU E 51 -36.73 -9.01 -61.95
CA GLU E 51 -36.65 -10.39 -61.47
C GLU E 51 -35.57 -10.54 -60.42
N GLU E 52 -34.35 -10.08 -60.73
CA GLU E 52 -33.26 -10.17 -59.77
C GLU E 52 -33.51 -9.34 -58.51
N LEU E 53 -34.54 -8.53 -58.52
CA LEU E 53 -34.91 -7.65 -57.43
C LEU E 53 -35.44 -8.40 -56.24
N ILE E 54 -35.35 -9.72 -56.20
CA ILE E 54 -35.86 -10.50 -55.09
C ILE E 54 -34.74 -11.12 -54.26
N ARG E 55 -33.67 -11.56 -54.91
CA ARG E 55 -32.56 -12.10 -54.15
C ARG E 55 -32.02 -11.01 -53.23
N PRO E 56 -31.56 -11.36 -52.02
CA PRO E 56 -31.22 -10.33 -51.05
C PRO E 56 -30.15 -9.38 -51.57
N GLU E 57 -30.13 -8.18 -50.99
CA GLU E 57 -29.19 -7.08 -51.16
C GLU E 57 -29.48 -6.23 -52.40
N ARG E 58 -30.47 -6.57 -53.22
CA ARG E 58 -30.87 -5.76 -54.36
C ARG E 58 -32.21 -5.11 -54.04
N ASN E 59 -32.27 -3.78 -54.05
CA ASN E 59 -33.55 -3.13 -53.82
C ASN E 59 -33.77 -1.89 -54.67
N THR E 60 -33.02 -1.69 -55.75
CA THR E 60 -33.22 -0.53 -56.61
C THR E 60 -33.45 -0.99 -58.04
N LEU E 61 -34.59 -0.58 -58.60
CA LEU E 61 -34.85 -0.77 -60.01
C LEU E 61 -34.44 0.49 -60.76
N VAL E 62 -33.76 0.30 -61.88
CA VAL E 62 -33.23 1.44 -62.62
C VAL E 62 -34.05 1.70 -63.88
N VAL E 63 -35.01 2.59 -63.79
CA VAL E 63 -35.86 2.92 -64.92
C VAL E 63 -35.20 4.03 -65.73
N SER E 64 -35.00 3.79 -67.02
CA SER E 64 -34.51 4.84 -67.89
C SER E 64 -35.57 5.91 -68.06
N PHE E 65 -35.13 7.14 -68.21
CA PHE E 65 -36.07 8.25 -68.32
C PHE E 65 -36.47 8.53 -69.74
N VAL E 66 -35.67 8.15 -70.73
CA VAL E 66 -36.06 8.42 -72.11
C VAL E 66 -37.17 7.49 -72.55
N ASP E 67 -37.24 6.28 -71.98
CA ASP E 67 -38.33 5.37 -72.33
C ASP E 67 -39.63 5.82 -71.71
N LEU E 68 -39.58 6.33 -70.49
CA LEU E 68 -40.75 6.97 -69.91
C LEU E 68 -41.16 8.18 -70.71
N GLU E 69 -40.33 8.67 -71.62
CA GLU E 69 -40.76 9.71 -72.54
C GLU E 69 -41.50 9.14 -73.73
N GLN E 70 -41.03 8.01 -74.26
CA GLN E 70 -41.75 7.33 -75.32
C GLN E 70 -43.15 6.98 -74.84
N PHE E 71 -43.22 6.13 -73.82
CA PHE E 71 -44.50 5.56 -73.42
C PHE E 71 -45.49 6.64 -72.98
N ASN E 72 -45.00 7.78 -72.51
CA ASN E 72 -45.90 8.81 -72.05
C ASN E 72 -45.18 10.14 -72.00
N GLN E 73 -45.94 11.23 -72.09
CA GLN E 73 -45.36 12.55 -71.98
C GLN E 73 -46.12 13.49 -71.07
N GLN E 74 -47.40 13.26 -70.80
CA GLN E 74 -48.05 14.00 -69.73
C GLN E 74 -47.52 13.60 -68.36
N LEU E 75 -46.71 12.55 -68.30
CA LEU E 75 -46.14 12.08 -67.04
C LEU E 75 -44.77 12.67 -66.80
N SER E 76 -43.89 12.60 -67.79
CA SER E 76 -42.53 13.11 -67.64
C SER E 76 -42.53 14.54 -67.11
N THR E 77 -43.46 15.36 -67.57
CA THR E 77 -43.54 16.72 -67.07
C THR E 77 -44.12 16.78 -65.66
N THR E 78 -44.64 15.68 -65.13
CA THR E 78 -45.02 15.70 -63.73
C THR E 78 -43.88 15.25 -62.84
N ILE E 79 -43.15 14.22 -63.27
CA ILE E 79 -41.96 13.81 -62.54
C ILE E 79 -40.96 14.96 -62.49
N GLN E 80 -40.55 15.44 -63.66
CA GLN E 80 -39.49 16.43 -63.75
C GLN E 80 -39.85 17.77 -63.13
N GLU E 81 -41.04 17.89 -62.55
CA GLU E 81 -41.41 19.14 -61.89
C GLU E 81 -41.88 18.94 -60.45
N GLU E 82 -42.22 17.72 -60.04
CA GLU E 82 -42.64 17.49 -58.66
C GLU E 82 -41.84 16.36 -58.03
N PHE E 83 -40.62 16.12 -58.49
CA PHE E 83 -39.94 14.88 -58.18
C PHE E 83 -39.82 14.59 -56.70
N TYR E 84 -40.05 15.58 -55.84
CA TYR E 84 -40.02 15.30 -54.42
C TYR E 84 -41.39 15.01 -53.85
N ARG E 85 -42.44 15.64 -54.38
CA ARG E 85 -43.79 15.30 -53.94
C ARG E 85 -44.11 13.85 -54.27
N VAL E 86 -43.74 13.40 -55.46
CA VAL E 86 -44.21 12.14 -56.01
C VAL E 86 -43.15 11.06 -55.94
N TYR E 87 -42.11 11.25 -55.18
CA TYR E 87 -41.18 10.14 -55.00
C TYR E 87 -41.68 9.14 -53.98
N PRO E 88 -42.27 9.56 -52.85
CA PRO E 88 -42.82 8.58 -51.91
C PRO E 88 -43.94 7.73 -52.48
N TYR E 89 -44.41 8.00 -53.69
CA TYR E 89 -45.43 7.18 -54.32
C TYR E 89 -44.90 6.33 -55.45
N LEU E 90 -43.88 6.79 -56.16
CA LEU E 90 -43.27 5.99 -57.20
C LEU E 90 -42.48 4.85 -56.60
N CYS E 91 -42.40 4.78 -55.27
CA CYS E 91 -41.79 3.65 -54.60
C CYS E 91 -42.78 2.69 -54.00
N ARG E 92 -43.97 3.16 -53.63
CA ARG E 92 -45.03 2.24 -53.25
C ARG E 92 -45.55 1.51 -54.48
N ALA E 93 -45.68 2.20 -55.59
CA ALA E 93 -46.07 1.62 -56.85
C ALA E 93 -45.03 0.73 -57.41
N LEU E 94 -43.96 0.49 -56.68
CA LEU E 94 -43.04 -0.59 -56.98
C LEU E 94 -43.10 -1.70 -55.95
N LYS E 95 -43.68 -1.44 -54.78
CA LYS E 95 -43.92 -2.48 -53.80
C LYS E 95 -45.14 -3.30 -54.12
N THR E 96 -46.08 -2.77 -54.91
CA THR E 96 -47.21 -3.55 -55.37
C THR E 96 -46.88 -4.33 -56.63
N PHE E 97 -46.16 -3.72 -57.56
CA PHE E 97 -45.81 -4.37 -58.81
C PHE E 97 -44.91 -5.58 -58.58
N VAL E 98 -44.33 -5.74 -57.41
CA VAL E 98 -43.37 -6.81 -57.16
C VAL E 98 -43.90 -7.80 -56.12
N LYS E 99 -45.19 -7.76 -55.84
CA LYS E 99 -45.79 -8.76 -54.97
C LYS E 99 -46.04 -10.06 -55.69
N ASP E 100 -45.83 -10.10 -56.99
CA ASP E 100 -46.04 -11.25 -57.83
C ASP E 100 -44.92 -12.26 -57.74
N ARG E 101 -44.07 -12.12 -56.72
CA ARG E 101 -42.98 -13.03 -56.46
C ARG E 101 -43.15 -13.81 -55.17
N LYS E 102 -43.84 -13.24 -54.17
CA LYS E 102 -44.31 -13.93 -52.98
C LYS E 102 -43.20 -14.37 -52.04
N GLU E 103 -41.93 -14.17 -52.40
CA GLU E 103 -40.83 -14.55 -51.54
C GLU E 103 -40.10 -13.35 -50.95
N ILE E 104 -40.60 -12.15 -51.18
CA ILE E 104 -40.00 -10.95 -50.59
C ILE E 104 -40.53 -10.79 -49.17
N PRO E 105 -39.68 -10.46 -48.20
CA PRO E 105 -40.20 -10.16 -46.86
C PRO E 105 -41.18 -8.99 -46.93
N LEU E 106 -42.31 -9.15 -46.25
CA LEU E 106 -43.43 -8.24 -46.49
C LEU E 106 -43.16 -6.82 -46.06
N ALA E 107 -42.21 -6.59 -45.16
CA ALA E 107 -41.86 -5.25 -44.73
C ALA E 107 -40.64 -4.68 -45.43
N LYS E 108 -40.17 -5.34 -46.49
CA LYS E 108 -39.07 -4.83 -47.29
C LYS E 108 -39.57 -3.72 -48.21
N ASP E 109 -38.69 -2.79 -48.54
CA ASP E 109 -39.04 -1.62 -49.33
C ASP E 109 -38.03 -1.40 -50.45
N PHE E 110 -38.53 -0.85 -51.55
CA PHE E 110 -37.76 -0.74 -52.78
C PHE E 110 -37.62 0.73 -53.17
N TYR E 111 -36.74 0.97 -54.13
CA TYR E 111 -36.39 2.33 -54.53
C TYR E 111 -36.23 2.42 -56.03
N VAL E 112 -36.78 3.47 -56.62
CA VAL E 112 -36.69 3.74 -58.04
C VAL E 112 -35.51 4.67 -58.30
N ALA E 113 -34.74 4.37 -59.33
CA ALA E 113 -33.54 5.14 -59.64
C ALA E 113 -33.54 5.47 -61.13
N PHE E 114 -33.75 6.73 -61.47
CA PHE E 114 -33.81 7.13 -62.87
C PHE E 114 -32.41 7.23 -63.46
N GLN E 115 -32.33 7.54 -64.74
CA GLN E 115 -31.06 7.68 -65.41
C GLN E 115 -31.30 8.23 -66.81
N ASP E 116 -30.24 8.71 -67.43
CA ASP E 116 -30.28 9.17 -68.82
C ASP E 116 -31.24 10.33 -69.02
N LEU E 117 -31.15 11.33 -68.14
CA LEU E 117 -31.92 12.53 -68.34
C LEU E 117 -31.44 13.23 -69.60
N PRO E 118 -32.31 13.99 -70.26
CA PRO E 118 -31.89 14.68 -71.49
C PRO E 118 -30.88 15.79 -71.26
N THR E 119 -31.18 16.71 -70.35
CA THR E 119 -30.44 17.96 -70.24
C THR E 119 -29.62 18.01 -68.95
N ARG E 120 -28.41 18.54 -69.06
CA ARG E 120 -27.48 18.61 -67.95
C ARG E 120 -27.54 19.98 -67.30
N HIS E 121 -26.68 20.19 -66.31
CA HIS E 121 -26.61 21.44 -65.58
C HIS E 121 -25.20 21.60 -65.05
N LYS E 122 -24.96 22.70 -64.34
CA LYS E 122 -23.67 22.95 -63.73
C LYS E 122 -23.87 23.32 -62.27
N ILE E 123 -22.87 22.98 -61.45
CA ILE E 123 -22.96 23.25 -60.03
C ILE E 123 -23.15 24.73 -59.71
N ARG E 124 -22.92 25.60 -60.68
CA ARG E 124 -23.20 27.02 -60.47
C ARG E 124 -24.56 27.44 -60.97
N GLU E 125 -25.26 26.59 -61.71
CA GLU E 125 -26.64 26.84 -62.10
C GLU E 125 -27.63 26.31 -61.08
N LEU E 126 -27.16 25.72 -59.98
CA LEU E 126 -28.04 25.19 -58.94
C LEU E 126 -28.44 26.33 -58.04
N THR E 127 -29.42 27.10 -58.51
CA THR E 127 -29.94 28.23 -57.76
C THR E 127 -30.87 27.70 -56.68
N SER E 128 -31.64 28.58 -56.07
CA SER E 128 -32.69 28.15 -55.16
C SER E 128 -34.04 28.08 -55.84
N SER E 129 -34.10 28.31 -57.14
CA SER E 129 -35.30 28.06 -57.91
C SER E 129 -35.37 26.63 -58.42
N ARG E 130 -34.46 25.77 -57.96
CA ARG E 130 -34.40 24.39 -58.40
C ARG E 130 -34.74 23.39 -57.33
N ILE E 131 -35.08 23.83 -56.12
CA ILE E 131 -35.29 22.85 -55.06
C ILE E 131 -36.55 22.06 -55.37
N GLY E 132 -36.52 20.77 -55.07
CA GLY E 132 -37.65 19.91 -55.31
C GLY E 132 -37.83 19.44 -56.73
N LEU E 133 -37.01 19.86 -57.68
CA LEU E 133 -37.14 19.41 -59.05
C LEU E 133 -36.18 18.26 -59.30
N LEU E 134 -36.09 17.81 -60.55
CA LEU E 134 -35.20 16.74 -60.95
C LEU E 134 -34.14 17.31 -61.87
N THR E 135 -32.89 17.27 -61.44
CA THR E 135 -31.78 17.88 -62.16
C THR E 135 -30.76 16.80 -62.50
N ARG E 136 -29.61 17.23 -63.01
CA ARG E 136 -28.51 16.31 -63.25
C ARG E 136 -27.21 17.09 -63.20
N ILE E 137 -26.22 16.53 -62.52
CA ILE E 137 -25.03 17.25 -62.13
C ILE E 137 -23.82 16.42 -62.46
N SER E 138 -22.73 17.09 -62.83
CA SER E 138 -21.46 16.41 -63.03
C SER E 138 -20.40 17.11 -62.21
N GLY E 139 -19.48 16.32 -61.66
CA GLY E 139 -18.41 16.89 -60.87
C GLY E 139 -17.37 15.83 -60.58
N GLN E 140 -16.37 16.21 -59.79
CA GLN E 140 -15.41 15.25 -59.31
C GLN E 140 -15.87 14.70 -57.98
N VAL E 141 -15.01 13.97 -57.28
CA VAL E 141 -15.32 13.51 -55.93
C VAL E 141 -14.11 13.74 -55.05
N VAL E 142 -14.33 14.39 -53.92
CA VAL E 142 -13.24 14.79 -53.04
C VAL E 142 -13.12 13.87 -51.84
N ARG E 143 -14.18 13.77 -51.04
CA ARG E 143 -14.20 12.91 -49.87
C ARG E 143 -15.31 11.87 -49.98
N THR E 144 -15.25 10.89 -49.10
CA THR E 144 -16.29 9.89 -48.95
C THR E 144 -16.34 9.50 -47.48
N HIS E 145 -17.41 9.85 -46.80
CA HIS E 145 -17.58 9.48 -45.40
C HIS E 145 -17.99 8.01 -45.34
N PRO E 146 -18.07 7.42 -44.15
CA PRO E 146 -18.48 6.03 -44.05
C PRO E 146 -19.99 5.88 -44.18
N VAL E 147 -20.40 4.65 -44.37
CA VAL E 147 -21.79 4.31 -44.59
C VAL E 147 -22.49 4.17 -43.25
N HIS E 148 -23.75 4.53 -43.19
CA HIS E 148 -24.48 4.48 -41.94
C HIS E 148 -25.88 3.93 -42.16
N PRO E 149 -26.59 3.55 -41.11
CA PRO E 149 -28.04 3.39 -41.21
C PRO E 149 -28.75 4.71 -40.93
N GLU E 150 -29.93 4.82 -41.49
CA GLU E 150 -30.75 6.01 -41.31
C GLU E 150 -32.19 5.56 -41.17
N LEU E 151 -32.89 6.16 -40.22
CA LEU E 151 -34.24 5.73 -39.85
C LEU E 151 -35.26 6.41 -40.75
N VAL E 152 -35.99 5.65 -41.55
CA VAL E 152 -36.92 6.29 -42.46
C VAL E 152 -38.32 6.32 -41.88
N SER E 153 -38.69 5.30 -41.11
CA SER E 153 -40.04 5.21 -40.56
C SER E 153 -39.96 4.39 -39.28
N GLY E 154 -39.98 5.05 -38.13
CA GLY E 154 -39.84 4.36 -36.88
C GLY E 154 -41.13 3.72 -36.44
N THR E 155 -41.01 2.66 -35.65
CA THR E 155 -42.15 2.00 -35.01
C THR E 155 -42.04 2.26 -33.52
N PHE E 156 -42.74 3.28 -33.04
CA PHE E 156 -42.69 3.64 -31.62
C PHE E 156 -43.52 2.65 -30.82
N LEU E 157 -42.84 1.82 -30.03
CA LEU E 157 -43.52 1.01 -29.05
C LEU E 157 -44.02 1.92 -27.93
N CYS E 158 -45.33 2.10 -27.83
CA CYS E 158 -45.88 2.90 -26.75
C CYS E 158 -45.46 2.31 -25.41
N LEU E 159 -45.46 3.15 -24.38
CA LEU E 159 -44.90 2.77 -23.10
C LEU E 159 -45.97 2.45 -22.05
N ASP E 160 -46.98 3.32 -21.90
CA ASP E 160 -48.00 3.02 -20.90
C ASP E 160 -49.06 2.08 -21.46
N CYS E 161 -49.49 2.29 -22.71
CA CYS E 161 -50.50 1.43 -23.30
C CYS E 161 -49.95 0.06 -23.67
N GLN E 162 -48.63 -0.07 -23.78
CA GLN E 162 -47.97 -1.24 -24.34
C GLN E 162 -48.49 -1.55 -25.74
N THR E 163 -49.05 -0.56 -26.41
CA THR E 163 -49.48 -0.68 -27.79
C THR E 163 -48.28 -0.42 -28.70
N VAL E 164 -48.54 -0.26 -30.00
CA VAL E 164 -47.48 0.13 -30.91
C VAL E 164 -47.97 1.23 -31.84
N ILE E 165 -47.56 2.47 -31.57
CA ILE E 165 -47.70 3.52 -32.57
C ILE E 165 -46.75 3.19 -33.71
N ARG E 166 -47.25 3.30 -34.94
CA ARG E 166 -46.53 2.71 -36.06
C ARG E 166 -46.52 3.68 -37.24
N ASP E 167 -45.51 3.52 -38.08
CA ASP E 167 -45.37 4.27 -39.33
C ASP E 167 -45.33 5.77 -39.07
N VAL E 168 -44.28 6.20 -38.38
CA VAL E 168 -44.06 7.62 -38.11
C VAL E 168 -42.82 8.07 -38.84
N GLU E 169 -42.96 9.08 -39.68
CA GLU E 169 -41.88 9.51 -40.56
C GLU E 169 -41.03 10.56 -39.89
N GLN E 170 -39.72 10.40 -39.99
CA GLN E 170 -38.77 11.36 -39.46
C GLN E 170 -38.38 12.35 -40.54
N GLN E 171 -38.07 13.57 -40.12
CA GLN E 171 -37.62 14.63 -41.02
C GLN E 171 -36.36 15.25 -40.43
N PHE E 172 -35.21 14.65 -40.74
CA PHE E 172 -33.91 15.21 -40.39
C PHE E 172 -33.66 15.21 -38.90
N LYS E 173 -34.63 14.81 -38.09
CA LYS E 173 -34.47 14.70 -36.66
C LYS E 173 -35.12 13.41 -36.17
N TYR E 174 -35.12 13.21 -34.86
CA TYR E 174 -35.77 12.04 -34.31
C TYR E 174 -37.30 12.21 -34.26
N THR E 175 -37.76 13.43 -34.07
CA THR E 175 -39.12 13.89 -34.36
C THR E 175 -40.21 13.40 -33.42
N GLN E 176 -39.92 12.39 -32.59
CA GLN E 176 -40.71 12.00 -31.41
C GLN E 176 -42.22 12.25 -31.54
N PRO E 177 -42.93 11.58 -32.44
CA PRO E 177 -44.39 11.73 -32.48
C PRO E 177 -45.01 11.49 -31.11
N ASN E 178 -46.00 12.32 -30.78
CA ASN E 178 -46.44 12.50 -29.40
C ASN E 178 -47.92 12.20 -29.18
N ILE E 179 -48.62 11.62 -30.15
CA ILE E 179 -50.05 11.34 -30.03
C ILE E 179 -50.28 9.85 -30.18
N CYS E 180 -51.14 9.29 -29.33
CA CYS E 180 -51.48 7.87 -29.37
C CYS E 180 -52.96 7.72 -29.73
N ARG E 181 -53.26 6.62 -30.42
CA ARG E 181 -54.64 6.31 -30.78
C ARG E 181 -55.41 5.65 -29.64
N ASN E 182 -54.80 5.59 -28.47
CA ASN E 182 -55.43 5.01 -27.29
C ASN E 182 -55.97 6.14 -26.43
N PRO E 183 -57.27 6.15 -26.08
CA PRO E 183 -57.80 7.24 -25.27
C PRO E 183 -57.15 7.37 -23.91
N VAL E 184 -56.46 6.33 -23.45
CA VAL E 184 -55.71 6.37 -22.19
C VAL E 184 -54.26 6.11 -22.56
N CYS E 185 -53.52 7.18 -22.83
CA CYS E 185 -52.08 7.13 -23.10
C CYS E 185 -51.43 8.08 -22.13
N ALA E 186 -50.97 7.54 -20.99
CA ALA E 186 -50.49 8.37 -19.89
C ALA E 186 -49.27 9.20 -20.27
N ASN E 187 -48.60 8.86 -21.36
CA ASN E 187 -47.38 9.58 -21.76
C ASN E 187 -47.49 9.97 -23.23
N ARG E 188 -48.09 11.14 -23.48
CA ARG E 188 -48.00 11.79 -24.78
C ARG E 188 -46.66 12.48 -24.98
N ARG E 189 -45.72 12.25 -24.07
CA ARG E 189 -44.35 12.73 -24.21
C ARG E 189 -43.31 11.65 -23.98
N ARG E 190 -43.71 10.40 -23.76
CA ARG E 190 -42.78 9.31 -23.53
C ARG E 190 -43.15 8.12 -24.40
N PHE E 191 -42.25 7.73 -25.28
CA PHE E 191 -42.37 6.48 -26.03
C PHE E 191 -40.97 5.91 -26.22
N LEU E 192 -40.78 4.65 -25.86
CA LEU E 192 -39.57 3.93 -26.20
C LEU E 192 -39.80 3.20 -27.52
N LEU E 193 -39.15 3.68 -28.58
CA LEU E 193 -39.29 3.01 -29.86
C LEU E 193 -38.52 1.70 -29.85
N ASP E 194 -39.03 0.72 -30.57
CA ASP E 194 -38.24 -0.48 -30.79
C ASP E 194 -37.22 -0.20 -31.88
N THR E 195 -36.34 -1.16 -32.10
CA THR E 195 -35.37 -1.03 -33.18
C THR E 195 -35.15 -2.35 -33.91
N ASN E 196 -36.00 -3.35 -33.73
CA ASN E 196 -35.92 -4.58 -34.49
C ASN E 196 -37.06 -4.74 -35.48
N LYS E 197 -37.99 -3.80 -35.52
CA LYS E 197 -39.01 -3.76 -36.54
C LYS E 197 -38.93 -2.53 -37.42
N SER E 198 -38.34 -1.45 -36.92
CA SER E 198 -38.30 -0.20 -37.68
C SER E 198 -37.54 -0.39 -38.99
N ARG E 199 -37.62 0.63 -39.83
CA ARG E 199 -37.11 0.55 -41.19
C ARG E 199 -35.92 1.48 -41.36
N PHE E 200 -34.79 0.89 -41.72
CA PHE E 200 -33.53 1.58 -41.91
C PHE E 200 -33.13 1.51 -43.38
N VAL E 201 -32.34 2.48 -43.80
CA VAL E 201 -31.77 2.50 -45.14
C VAL E 201 -30.35 3.00 -45.04
N ASP E 202 -29.50 2.53 -45.94
CA ASP E 202 -28.12 3.00 -45.89
C ASP E 202 -28.05 4.48 -46.26
N PHE E 203 -26.93 5.08 -45.92
CA PHE E 203 -26.81 6.53 -46.05
C PHE E 203 -25.32 6.84 -46.09
N GLN E 204 -24.83 7.31 -47.22
CA GLN E 204 -23.48 7.80 -47.33
C GLN E 204 -23.52 9.24 -47.79
N LYS E 205 -22.59 10.05 -47.31
CA LYS E 205 -22.57 11.47 -47.61
C LYS E 205 -21.21 11.83 -48.16
N VAL E 206 -21.12 12.17 -49.43
CA VAL E 206 -19.86 12.53 -50.04
C VAL E 206 -19.92 13.98 -50.49
N ARG E 207 -18.78 14.52 -50.89
CA ARG E 207 -18.67 15.91 -51.28
C ARG E 207 -18.05 15.99 -52.66
N ILE E 208 -18.69 16.72 -53.57
CA ILE E 208 -18.22 16.81 -54.94
C ILE E 208 -17.80 18.24 -55.23
N GLN E 209 -16.88 18.36 -56.17
CA GLN E 209 -16.23 19.61 -56.51
C GLN E 209 -16.39 19.86 -57.99
N GLU E 210 -16.61 21.12 -58.35
CA GLU E 210 -16.90 21.50 -59.72
C GLU E 210 -15.87 20.94 -60.68
N THR E 211 -16.33 20.37 -61.79
CA THR E 211 -15.44 19.74 -62.73
C THR E 211 -14.52 20.78 -63.35
N GLN E 212 -13.50 20.30 -64.05
CA GLN E 212 -12.46 21.20 -64.53
C GLN E 212 -12.94 22.03 -65.71
N ALA E 213 -13.65 21.41 -66.65
CA ALA E 213 -14.02 22.09 -67.88
C ALA E 213 -15.14 23.11 -67.70
N GLU E 214 -15.64 23.31 -66.48
CA GLU E 214 -16.68 24.30 -66.23
C GLU E 214 -16.20 25.52 -65.48
N LEU E 215 -15.03 25.46 -64.87
CA LEU E 215 -14.51 26.56 -64.08
C LEU E 215 -14.50 27.85 -64.90
N PRO E 216 -15.21 28.88 -64.48
CA PRO E 216 -14.99 30.20 -65.06
C PRO E 216 -13.57 30.65 -64.74
N ARG E 217 -12.93 31.32 -65.70
CA ARG E 217 -11.55 31.69 -65.51
C ARG E 217 -11.39 32.59 -64.29
N GLY E 218 -10.30 32.42 -63.57
CA GLY E 218 -10.04 33.22 -62.40
C GLY E 218 -11.06 32.99 -61.31
N SER E 219 -11.24 31.73 -60.91
CA SER E 219 -12.20 31.43 -59.85
C SER E 219 -11.79 30.14 -59.18
N ILE E 220 -12.10 30.05 -57.89
CA ILE E 220 -11.85 28.83 -57.12
C ILE E 220 -13.08 27.94 -57.21
N PRO E 221 -12.91 26.63 -57.36
CA PRO E 221 -14.06 25.78 -57.65
C PRO E 221 -14.95 25.59 -56.44
N ARG E 222 -16.26 25.64 -56.67
CA ARG E 222 -17.21 25.42 -55.60
C ARG E 222 -17.37 23.94 -55.33
N SER E 223 -18.22 23.61 -54.38
CA SER E 223 -18.41 22.23 -53.95
C SER E 223 -19.76 22.11 -53.27
N LEU E 224 -20.32 20.90 -53.30
CA LEU E 224 -21.54 20.67 -52.54
C LEU E 224 -21.60 19.25 -52.03
N GLU E 225 -22.52 19.03 -51.11
CA GLU E 225 -22.71 17.74 -50.47
C GLU E 225 -23.74 16.94 -51.23
N VAL E 226 -23.39 15.74 -51.65
CA VAL E 226 -24.38 14.84 -52.20
C VAL E 226 -24.55 13.70 -51.21
N ILE E 227 -25.74 13.09 -51.23
CA ILE E 227 -26.16 12.13 -50.22
C ILE E 227 -26.68 10.91 -50.96
N LEU E 228 -25.85 9.88 -51.06
CA LEU E 228 -26.28 8.63 -51.66
C LEU E 228 -27.03 7.82 -50.62
N ARG E 229 -28.19 7.26 -50.98
CA ARG E 229 -29.09 6.81 -49.94
C ARG E 229 -29.72 5.47 -50.24
N ALA E 230 -29.04 4.60 -50.96
CA ALA E 230 -29.67 3.35 -51.35
C ALA E 230 -28.65 2.25 -51.57
N GLU E 231 -29.00 1.27 -52.38
CA GLU E 231 -28.04 0.35 -52.94
C GLU E 231 -26.93 1.07 -53.70
N ALA E 232 -27.10 2.35 -53.94
CA ALA E 232 -26.12 3.17 -54.63
C ALA E 232 -25.06 3.72 -53.72
N VAL E 233 -24.79 3.07 -52.59
CA VAL E 233 -24.15 3.75 -51.48
C VAL E 233 -22.64 3.79 -51.57
N GLU E 234 -22.01 2.97 -52.40
CA GLU E 234 -20.58 3.11 -52.55
C GLU E 234 -20.19 3.07 -54.02
N SER E 235 -21.00 3.70 -54.85
CA SER E 235 -20.66 3.80 -56.26
C SER E 235 -19.54 4.80 -56.47
N ALA E 236 -19.68 5.99 -55.89
CA ALA E 236 -18.69 7.05 -56.07
C ALA E 236 -17.57 6.88 -55.07
N GLN E 237 -16.33 6.88 -55.56
CA GLN E 237 -15.16 6.92 -54.71
C GLN E 237 -14.37 8.19 -54.99
N ALA E 238 -13.37 8.44 -54.15
CA ALA E 238 -12.60 9.67 -54.26
C ALA E 238 -11.71 9.65 -55.49
N GLY E 239 -11.70 10.77 -56.21
CA GLY E 239 -10.91 10.89 -57.41
C GLY E 239 -11.65 10.60 -58.70
N ASP E 240 -12.90 10.15 -58.61
CA ASP E 240 -13.67 9.80 -59.80
C ASP E 240 -14.47 11.00 -60.28
N LYS E 241 -15.06 10.85 -61.46
CA LYS E 241 -15.73 11.93 -62.17
C LYS E 241 -17.16 11.55 -62.51
N CYS E 242 -17.89 11.07 -61.51
CA CYS E 242 -19.22 10.54 -61.72
C CYS E 242 -20.18 11.64 -62.13
N ASP E 243 -21.43 11.26 -62.36
CA ASP E 243 -22.45 12.13 -62.96
C ASP E 243 -23.75 11.83 -62.24
N PHE E 244 -24.09 12.63 -61.25
CA PHE E 244 -25.18 12.35 -60.33
C PHE E 244 -26.49 12.90 -60.85
N THR E 245 -27.59 12.26 -60.47
CA THR E 245 -28.89 12.70 -60.96
C THR E 245 -29.95 12.50 -59.88
N GLY E 246 -30.29 13.58 -59.20
CA GLY E 246 -31.26 13.51 -58.13
C GLY E 246 -31.95 14.84 -57.99
N THR E 247 -32.29 15.20 -56.77
CA THR E 247 -33.00 16.43 -56.51
C THR E 247 -32.28 17.28 -55.47
N LEU E 248 -32.39 18.60 -55.63
CA LEU E 248 -31.81 19.54 -54.69
C LEU E 248 -32.79 19.79 -53.56
N ILE E 249 -32.34 19.65 -52.32
CA ILE E 249 -33.19 19.82 -51.16
C ILE E 249 -32.53 20.81 -50.22
N VAL E 250 -33.33 21.30 -49.28
CA VAL E 250 -32.84 22.21 -48.25
C VAL E 250 -32.79 21.44 -46.95
N VAL E 251 -31.87 21.82 -46.07
CA VAL E 251 -31.68 21.08 -44.83
C VAL E 251 -31.54 22.06 -43.67
N PRO E 252 -32.30 21.90 -42.60
CA PRO E 252 -32.19 22.84 -41.48
C PRO E 252 -30.92 22.64 -40.67
N ASP E 253 -30.81 23.35 -39.58
CA ASP E 253 -29.75 23.13 -38.59
C ASP E 253 -30.41 22.50 -37.37
N VAL E 254 -30.24 21.18 -37.23
CA VAL E 254 -31.01 20.42 -36.25
C VAL E 254 -30.63 20.71 -34.81
N SER E 255 -29.56 21.47 -34.58
CA SER E 255 -29.20 21.83 -33.21
C SER E 255 -30.29 22.67 -32.57
N LYS E 256 -30.98 23.48 -33.36
CA LYS E 256 -32.01 24.41 -32.88
C LYS E 256 -33.40 23.97 -33.31
N LEU E 257 -33.65 22.66 -33.26
CA LEU E 257 -34.94 22.11 -33.64
C LEU E 257 -35.36 21.05 -32.62
N LEU E 292 -34.44 29.88 -38.29
CA LEU E 292 -33.46 28.82 -38.51
C LEU E 292 -32.44 29.20 -39.57
N SER E 293 -31.52 28.28 -39.84
CA SER E 293 -30.54 28.42 -40.90
C SER E 293 -30.66 27.22 -41.82
N TYR E 294 -30.65 27.48 -43.11
CA TYR E 294 -30.80 26.45 -44.11
C TYR E 294 -29.56 26.39 -44.97
N ARG E 295 -29.31 25.22 -45.57
CA ARG E 295 -28.18 25.07 -46.47
C ARG E 295 -28.54 24.03 -47.52
N LEU E 296 -28.03 24.23 -48.73
CA LEU E 296 -28.42 23.39 -49.84
C LEU E 296 -27.67 22.07 -49.81
N VAL E 297 -28.35 21.02 -50.24
CA VAL E 297 -27.79 19.68 -50.28
C VAL E 297 -28.39 18.96 -51.47
N PHE E 298 -27.54 18.24 -52.20
CA PHE E 298 -28.00 17.44 -53.32
C PHE E 298 -28.36 16.05 -52.83
N LEU E 299 -29.52 15.56 -53.23
CA LEU E 299 -30.02 14.26 -52.79
C LEU E 299 -30.04 13.33 -54.00
N ALA E 300 -28.92 12.70 -54.29
CA ALA E 300 -28.81 11.92 -55.51
C ALA E 300 -29.56 10.61 -55.38
N CYS E 301 -30.03 10.11 -56.50
CA CYS E 301 -30.67 8.80 -56.55
C CYS E 301 -29.92 7.84 -57.45
N CYS E 302 -29.36 8.30 -58.55
CA CYS E 302 -28.51 7.48 -59.41
C CYS E 302 -27.19 8.19 -59.66
N VAL E 303 -26.16 7.38 -59.86
CA VAL E 303 -24.81 7.85 -60.11
C VAL E 303 -24.12 6.92 -61.07
N ALA E 304 -23.50 7.48 -62.10
CA ALA E 304 -22.89 6.71 -63.18
C ALA E 304 -21.71 7.50 -63.73
N PRO E 305 -20.70 6.84 -64.27
CA PRO E 305 -19.56 7.56 -64.81
C PRO E 305 -19.96 8.48 -65.95
N THR E 306 -19.18 9.55 -66.11
CA THR E 306 -19.59 10.63 -67.01
C THR E 306 -19.40 10.27 -68.47
N ASN E 307 -18.38 9.50 -68.81
CA ASN E 307 -18.13 9.09 -70.19
C ASN E 307 -17.61 7.67 -70.19
N PRO E 308 -18.50 6.70 -70.38
CA PRO E 308 -18.06 5.30 -70.38
C PRO E 308 -17.17 5.02 -71.57
N ARG E 309 -15.97 4.48 -71.28
CA ARG E 309 -15.09 4.10 -72.38
C ARG E 309 -15.71 2.97 -73.19
N PHE E 310 -16.56 2.16 -72.58
CA PHE E 310 -17.32 1.13 -73.27
C PHE E 310 -18.78 1.28 -72.89
N GLY E 311 -19.60 1.69 -73.85
CA GLY E 311 -20.95 2.13 -73.56
C GLY E 311 -21.95 1.04 -73.21
N GLY E 312 -21.49 -0.18 -72.95
CA GLY E 312 -22.41 -1.24 -72.62
C GLY E 312 -23.04 -1.07 -71.25
N LYS E 313 -22.26 -1.26 -70.19
CA LYS E 313 -22.73 -1.10 -68.83
C LYS E 313 -21.53 -1.22 -67.89
N GLU E 314 -21.47 -0.33 -66.90
CA GLU E 314 -20.41 -0.41 -65.90
C GLU E 314 -20.95 -0.10 -64.51
N GLN E 320 -12.82 -10.95 -64.59
CA GLN E 320 -12.05 -9.98 -65.36
C GLN E 320 -10.92 -10.66 -66.12
N THR E 321 -11.26 -11.65 -66.93
CA THR E 321 -10.27 -12.38 -67.72
C THR E 321 -10.59 -12.25 -69.20
N ALA E 322 -9.81 -12.98 -70.01
CA ALA E 322 -9.90 -12.83 -71.46
C ALA E 322 -11.32 -13.10 -71.97
N GLU E 323 -12.05 -14.00 -71.33
CA GLU E 323 -13.38 -14.35 -71.83
C GLU E 323 -14.43 -13.36 -71.35
N SER E 324 -14.33 -12.93 -70.09
CA SER E 324 -15.26 -11.93 -69.58
C SER E 324 -15.22 -10.67 -70.44
N ILE E 325 -14.04 -10.34 -70.95
CA ILE E 325 -13.91 -9.16 -71.79
C ILE E 325 -14.24 -9.50 -73.24
N LYS E 326 -13.86 -10.67 -73.71
CA LYS E 326 -14.18 -11.09 -75.07
C LYS E 326 -15.68 -11.32 -75.27
N ASN E 327 -16.45 -11.29 -74.18
CA ASN E 327 -17.90 -11.27 -74.29
C ASN E 327 -18.44 -9.89 -74.66
N GLN E 328 -17.94 -8.83 -74.02
CA GLN E 328 -18.45 -7.49 -74.26
C GLN E 328 -18.00 -6.92 -75.59
N MET E 329 -17.09 -7.59 -76.29
CA MET E 329 -16.57 -7.06 -77.54
C MET E 329 -17.65 -7.09 -78.61
N THR E 330 -18.11 -5.91 -79.01
CA THR E 330 -19.06 -5.81 -80.11
C THR E 330 -18.40 -6.31 -81.40
N VAL E 331 -19.24 -6.71 -82.36
CA VAL E 331 -18.76 -7.46 -83.52
C VAL E 331 -17.61 -6.74 -84.20
N LYS E 332 -17.74 -5.44 -84.42
CA LYS E 332 -16.68 -4.70 -85.09
C LYS E 332 -15.45 -4.60 -84.19
N GLU E 333 -15.65 -4.42 -82.89
CA GLU E 333 -14.55 -4.40 -81.95
C GLU E 333 -13.73 -5.67 -82.04
N TRP E 334 -14.41 -6.81 -82.02
CA TRP E 334 -13.68 -8.08 -82.01
C TRP E 334 -13.12 -8.45 -83.37
N GLU E 335 -13.73 -8.00 -84.45
CA GLU E 335 -13.12 -8.24 -85.75
C GLU E 335 -12.00 -7.27 -86.05
N LYS E 336 -11.86 -6.21 -85.26
CA LYS E 336 -10.72 -5.32 -85.40
C LYS E 336 -9.55 -5.73 -84.52
N VAL E 337 -9.83 -6.13 -83.28
CA VAL E 337 -8.76 -6.58 -82.38
C VAL E 337 -8.06 -7.79 -82.96
N PHE E 338 -8.82 -8.71 -83.52
CA PHE E 338 -8.23 -9.87 -84.18
C PHE E 338 -7.35 -9.43 -85.34
N GLU E 339 -7.85 -8.52 -86.16
CA GLU E 339 -7.09 -8.05 -87.31
C GLU E 339 -5.75 -7.46 -86.87
N MET E 340 -5.75 -6.67 -85.80
CA MET E 340 -4.50 -6.11 -85.31
C MET E 340 -3.59 -7.21 -84.78
N SER E 341 -4.11 -8.08 -83.91
CA SER E 341 -3.29 -9.14 -83.34
C SER E 341 -2.64 -9.98 -84.42
N GLN E 342 -3.31 -10.17 -85.55
CA GLN E 342 -2.73 -10.86 -86.69
C GLN E 342 -1.84 -9.98 -87.54
N ASP E 343 -1.87 -8.66 -87.32
CA ASP E 343 -1.08 -7.76 -88.15
C ASP E 343 0.41 -8.06 -87.97
N LYS E 344 1.15 -7.97 -89.06
CA LYS E 344 2.60 -8.02 -88.99
C LYS E 344 3.14 -6.60 -89.03
N ASN E 345 4.34 -6.42 -88.47
CA ASN E 345 4.93 -5.09 -88.28
C ASN E 345 4.07 -4.24 -87.34
N LEU E 346 3.36 -4.90 -86.43
CA LEU E 346 2.56 -4.17 -85.45
C LEU E 346 3.43 -3.27 -84.60
N TYR E 347 4.60 -3.77 -84.21
CA TYR E 347 5.52 -3.08 -83.33
C TYR E 347 6.08 -1.81 -83.95
N HIS E 348 5.72 -1.52 -85.18
CA HIS E 348 6.10 -0.26 -85.82
C HIS E 348 4.91 0.58 -86.20
N ASN E 349 3.69 0.06 -86.07
CA ASN E 349 2.50 0.86 -86.31
C ASN E 349 1.83 1.29 -85.03
N LEU E 350 2.34 0.88 -83.88
CA LEU E 350 1.89 1.50 -82.64
C LEU E 350 2.74 2.71 -82.30
N CYS E 351 4.05 2.65 -82.56
CA CYS E 351 4.89 3.83 -82.40
C CYS E 351 4.45 4.94 -83.35
N THR E 352 4.38 4.64 -84.64
CA THR E 352 3.98 5.64 -85.62
C THR E 352 2.56 6.13 -85.40
N SER E 353 1.75 5.43 -84.61
CA SER E 353 0.38 5.84 -84.38
C SER E 353 0.14 6.38 -82.98
N LEU E 354 1.09 6.22 -82.07
CA LEU E 354 0.95 6.78 -80.73
C LEU E 354 1.61 8.15 -80.64
N PHE E 355 2.83 8.28 -81.12
CA PHE E 355 3.53 9.54 -81.17
C PHE E 355 3.66 9.98 -82.63
N PRO E 356 2.63 10.59 -83.19
CA PRO E 356 2.66 10.94 -84.62
C PRO E 356 3.40 12.23 -84.92
N THR E 357 3.72 13.04 -83.91
CA THR E 357 4.35 14.33 -84.15
C THR E 357 5.69 14.42 -83.45
N ILE E 358 6.52 13.38 -83.58
CA ILE E 358 7.85 13.38 -82.97
C ILE E 358 8.79 12.71 -83.95
N HIS E 359 9.63 13.49 -84.62
CA HIS E 359 10.57 12.94 -85.59
C HIS E 359 11.77 12.36 -84.87
N GLY E 360 11.97 11.06 -84.98
CA GLY E 360 13.17 10.44 -84.48
C GLY E 360 13.01 9.87 -83.10
N ASN E 361 14.16 9.59 -82.48
CA ASN E 361 14.23 8.89 -81.20
C ASN E 361 13.52 7.55 -81.27
N ASP E 362 13.71 6.83 -82.38
CA ASP E 362 13.01 5.57 -82.58
C ASP E 362 13.29 4.56 -81.47
N GLU E 363 14.32 4.78 -80.68
CA GLU E 363 14.63 3.85 -79.60
C GLU E 363 13.99 4.26 -78.29
N VAL E 364 13.25 5.37 -78.25
CA VAL E 364 12.55 5.78 -77.05
C VAL E 364 11.08 5.41 -77.10
N LYS E 365 10.45 5.57 -78.27
CA LYS E 365 9.07 5.17 -78.40
C LYS E 365 8.89 3.68 -78.12
N ARG E 366 9.83 2.86 -78.60
CA ARG E 366 9.76 1.43 -78.36
C ARG E 366 9.75 1.13 -76.87
N GLY E 367 10.67 1.75 -76.13
CA GLY E 367 10.70 1.53 -74.70
C GLY E 367 9.42 1.99 -74.03
N VAL E 368 8.87 3.11 -74.47
CA VAL E 368 7.64 3.60 -73.86
C VAL E 368 6.51 2.61 -74.09
N LEU E 369 6.43 2.03 -75.29
CA LEU E 369 5.40 1.03 -75.56
C LEU E 369 5.56 -0.18 -74.64
N LEU E 370 6.75 -0.78 -74.65
CA LEU E 370 6.99 -1.92 -73.78
C LEU E 370 6.74 -1.58 -72.33
N MET E 371 6.80 -0.31 -71.95
CA MET E 371 6.40 0.06 -70.60
C MET E 371 4.90 0.03 -70.45
N LEU E 372 4.16 0.47 -71.46
CA LEU E 372 2.70 0.48 -71.38
C LEU E 372 2.14 -0.92 -71.33
N PHE E 373 2.74 -1.88 -72.03
CA PHE E 373 2.12 -3.21 -72.05
C PHE E 373 2.35 -3.96 -70.74
N GLY E 374 3.53 -3.84 -70.16
CA GLY E 374 3.72 -4.44 -68.85
C GLY E 374 4.19 -5.87 -68.93
N GLY E 375 4.91 -6.29 -67.90
CA GLY E 375 5.37 -7.66 -67.78
C GLY E 375 4.42 -8.50 -66.97
N VAL E 376 4.92 -9.66 -66.56
CA VAL E 376 4.11 -10.66 -65.84
C VAL E 376 4.43 -10.54 -64.36
N PRO E 377 3.46 -10.19 -63.51
CA PRO E 377 3.73 -10.08 -62.08
C PRO E 377 3.61 -11.41 -61.36
N LYS E 378 4.66 -11.81 -60.65
CA LYS E 378 4.74 -13.13 -60.04
C LYS E 378 4.83 -12.98 -58.52
N THR E 379 4.38 -14.00 -57.81
CA THR E 379 4.44 -14.03 -56.36
C THR E 379 5.15 -15.30 -55.93
N THR E 380 6.30 -15.14 -55.28
CA THR E 380 7.04 -16.30 -54.80
C THR E 380 6.30 -16.97 -53.67
N GLY E 381 6.52 -18.29 -53.53
CA GLY E 381 5.75 -19.07 -52.58
C GLY E 381 5.97 -18.65 -51.14
N GLU E 382 7.16 -18.14 -50.83
CA GLU E 382 7.45 -17.72 -49.47
C GLU E 382 6.50 -16.60 -49.03
N GLY E 383 6.24 -15.65 -49.91
CA GLY E 383 5.37 -14.53 -49.57
C GLY E 383 5.84 -13.22 -50.16
N THR E 384 7.02 -13.23 -50.79
CA THR E 384 7.55 -12.03 -51.44
C THR E 384 6.84 -11.85 -52.77
N SER E 385 7.33 -10.94 -53.60
CA SER E 385 6.69 -10.72 -54.89
C SER E 385 7.67 -10.06 -55.84
N LEU E 386 7.73 -10.56 -57.06
CA LEU E 386 8.56 -9.98 -58.09
C LEU E 386 7.82 -8.81 -58.73
N ARG E 387 8.56 -7.74 -59.02
CA ARG E 387 7.96 -6.59 -59.70
C ARG E 387 7.60 -6.98 -61.12
N GLY E 388 6.40 -6.59 -61.54
CA GLY E 388 5.91 -7.02 -62.83
C GLY E 388 6.03 -5.99 -63.92
N ASP E 389 5.98 -4.72 -63.56
CA ASP E 389 5.99 -3.62 -64.51
C ASP E 389 7.33 -2.92 -64.49
N ILE E 390 7.69 -2.36 -65.63
CA ILE E 390 9.01 -1.79 -65.83
C ILE E 390 8.94 -0.28 -65.67
N ASN E 391 10.03 0.31 -65.19
CA ASN E 391 10.15 1.74 -64.99
C ASN E 391 11.10 2.31 -66.03
N VAL E 392 10.89 3.58 -66.39
CA VAL E 392 11.67 4.16 -67.48
C VAL E 392 11.99 5.61 -67.16
N CYS E 393 13.25 5.99 -67.37
CA CYS E 393 13.73 7.34 -67.14
C CYS E 393 14.36 7.89 -68.41
N ILE E 394 14.16 9.18 -68.66
CA ILE E 394 14.73 9.87 -69.80
C ILE E 394 15.64 10.98 -69.29
N VAL E 395 16.75 11.20 -69.97
CA VAL E 395 17.76 12.16 -69.56
C VAL E 395 18.34 12.78 -70.81
N GLY E 396 18.28 14.10 -70.93
CA GLY E 396 18.75 14.66 -72.18
C GLY E 396 18.99 16.15 -72.13
N ASP E 397 19.50 16.66 -73.25
CA ASP E 397 19.77 18.07 -73.51
C ASP E 397 18.47 18.87 -73.43
N PRO E 398 18.54 20.19 -73.37
CA PRO E 398 17.31 20.99 -73.39
C PRO E 398 16.59 20.84 -74.71
N SER E 399 15.27 20.94 -74.63
CA SER E 399 14.39 20.94 -75.78
C SER E 399 14.71 19.78 -76.73
N THR E 400 14.50 18.57 -76.21
CA THR E 400 14.69 17.35 -76.99
C THR E 400 13.45 16.45 -76.95
N ALA E 401 12.28 17.02 -76.66
CA ALA E 401 11.04 16.27 -76.54
C ALA E 401 11.16 15.21 -75.45
N LYS E 402 11.32 15.69 -74.22
CA LYS E 402 11.14 14.85 -73.04
C LYS E 402 9.74 15.00 -72.48
N SER E 403 9.33 16.21 -72.14
CA SER E 403 7.99 16.40 -71.63
C SER E 403 6.93 16.08 -72.65
N GLN E 404 7.30 15.90 -73.92
CA GLN E 404 6.28 15.54 -74.90
C GLN E 404 5.94 14.06 -74.83
N PHE E 405 6.92 13.18 -74.63
CA PHE E 405 6.59 11.78 -74.38
C PHE E 405 5.69 11.65 -73.17
N LEU E 406 5.99 12.36 -72.08
CA LEU E 406 5.20 12.23 -70.88
C LEU E 406 3.79 12.77 -71.09
N LYS E 407 3.65 13.89 -71.78
CA LYS E 407 2.29 14.40 -72.01
C LYS E 407 1.51 13.47 -72.92
N HIS E 408 2.16 12.90 -73.94
CA HIS E 408 1.48 11.94 -74.79
C HIS E 408 0.97 10.77 -73.98
N VAL E 409 1.83 10.17 -73.18
CA VAL E 409 1.45 8.99 -72.42
C VAL E 409 0.32 9.31 -71.45
N GLU E 410 0.40 10.46 -70.79
CA GLU E 410 -0.59 10.73 -69.76
C GLU E 410 -1.93 11.16 -70.35
N GLU E 411 -1.96 11.69 -71.57
CA GLU E 411 -3.26 11.98 -72.16
C GLU E 411 -3.86 10.78 -72.86
N PHE E 412 -3.02 9.86 -73.33
CA PHE E 412 -3.54 8.65 -73.96
C PHE E 412 -4.09 7.69 -72.91
N SER E 413 -3.25 7.30 -71.97
CA SER E 413 -3.60 6.24 -71.04
C SER E 413 -4.73 6.67 -70.12
N PRO E 414 -5.61 5.73 -69.76
CA PRO E 414 -6.58 6.00 -68.69
C PRO E 414 -6.02 5.55 -67.36
N ARG E 415 -6.33 6.34 -66.32
CA ARG E 415 -5.80 6.11 -64.97
C ARG E 415 -4.27 6.14 -65.00
N ALA E 416 -3.76 7.33 -65.35
CA ALA E 416 -2.34 7.63 -65.28
C ALA E 416 -2.22 9.09 -64.87
N VAL E 417 -1.39 9.36 -63.87
CA VAL E 417 -1.36 10.68 -63.25
C VAL E 417 -0.10 11.39 -63.68
N TYR E 418 -0.11 12.71 -63.59
CA TYR E 418 0.99 13.55 -64.04
C TYR E 418 1.38 14.55 -62.97
N THR E 419 2.64 14.55 -62.56
CA THR E 419 3.12 15.46 -61.54
C THR E 419 4.50 15.98 -61.89
N SER E 420 4.77 17.21 -61.51
CA SER E 420 6.11 17.75 -61.59
C SER E 420 6.85 17.42 -60.31
N GLY E 421 8.11 17.85 -60.24
CA GLY E 421 8.94 17.45 -59.11
C GLY E 421 9.15 18.58 -58.15
N LYS E 422 9.22 19.81 -58.65
CA LYS E 422 9.44 20.94 -57.77
C LYS E 422 8.20 21.29 -56.96
N ALA E 423 7.02 20.91 -57.41
CA ALA E 423 5.77 21.28 -56.77
C ALA E 423 5.07 20.07 -56.19
N SER E 424 5.81 19.19 -55.54
CA SER E 424 5.24 18.02 -54.91
C SER E 424 5.72 17.89 -53.48
N SER E 425 5.46 16.78 -52.83
CA SER E 425 5.94 16.55 -51.48
C SER E 425 6.20 15.07 -51.29
N ALA E 426 6.67 14.72 -50.10
CA ALA E 426 6.80 13.31 -49.77
C ALA E 426 5.46 12.72 -49.40
N ALA E 427 4.74 13.38 -48.49
CA ALA E 427 3.43 12.95 -48.06
C ALA E 427 2.35 13.27 -49.07
N GLY E 428 2.72 13.73 -50.26
CA GLY E 428 1.72 13.99 -51.27
C GLY E 428 1.81 12.99 -52.39
N LEU E 429 3.02 12.51 -52.66
CA LEU E 429 3.18 11.42 -53.60
C LEU E 429 2.66 10.12 -53.01
N THR E 430 3.23 9.70 -51.89
CA THR E 430 2.99 8.35 -51.41
C THR E 430 1.67 8.24 -50.64
N ALA E 431 1.59 8.86 -49.47
CA ALA E 431 0.41 8.71 -48.63
C ALA E 431 0.55 9.61 -47.44
N ALA E 432 -0.56 10.13 -46.97
CA ALA E 432 -0.54 11.12 -45.92
C ALA E 432 -1.27 10.61 -44.69
N VAL E 433 -1.41 11.48 -43.69
CA VAL E 433 -2.20 11.21 -42.50
C VAL E 433 -2.88 12.51 -42.11
N VAL E 434 -4.20 12.51 -42.02
CA VAL E 434 -4.95 13.75 -41.80
C VAL E 434 -5.87 13.57 -40.62
N ARG E 435 -5.96 14.62 -39.80
CA ARG E 435 -6.84 14.61 -38.64
C ARG E 435 -8.22 15.06 -39.08
N ASP E 436 -9.17 14.13 -39.11
CA ASP E 436 -10.58 14.46 -39.30
C ASP E 436 -11.15 14.74 -37.91
N GLU E 437 -11.31 16.02 -37.57
CA GLU E 437 -11.79 16.40 -36.25
C GLU E 437 -13.23 15.96 -36.04
N GLU E 438 -14.01 15.87 -37.11
CA GLU E 438 -15.36 15.30 -37.02
C GLU E 438 -15.31 13.94 -36.36
N SER E 439 -14.60 13.00 -36.97
CA SER E 439 -14.29 11.75 -36.30
C SER E 439 -13.15 11.89 -35.31
N HIS E 440 -12.52 13.07 -35.25
CA HIS E 440 -11.38 13.35 -34.37
C HIS E 440 -10.41 12.19 -34.38
N GLU E 441 -10.01 11.76 -35.57
CA GLU E 441 -9.10 10.65 -35.70
C GLU E 441 -8.18 10.89 -36.87
N PHE E 442 -7.03 10.24 -36.82
CA PHE E 442 -6.05 10.33 -37.90
C PHE E 442 -6.33 9.21 -38.89
N VAL E 443 -6.63 9.60 -40.14
CA VAL E 443 -6.95 8.64 -41.18
C VAL E 443 -5.94 8.81 -42.31
N ILE E 444 -5.99 7.93 -43.29
CA ILE E 444 -5.01 7.88 -44.36
C ILE E 444 -5.58 8.54 -45.60
N GLU E 445 -4.76 9.39 -46.22
CA GLU E 445 -5.05 9.99 -47.50
C GLU E 445 -4.16 9.36 -48.57
N ALA E 446 -4.77 9.09 -49.73
CA ALA E 446 -4.06 8.45 -50.82
C ALA E 446 -3.29 9.46 -51.64
N GLY E 447 -2.10 9.07 -52.11
CA GLY E 447 -1.23 9.94 -52.85
C GLY E 447 -1.19 9.63 -54.33
N ALA E 448 -0.35 10.38 -55.03
CA ALA E 448 -0.27 10.25 -56.48
C ALA E 448 0.23 8.88 -56.89
N LEU E 449 1.10 8.27 -56.08
CA LEU E 449 1.55 6.92 -56.40
C LEU E 449 0.50 5.88 -56.10
N MET E 450 -0.60 6.25 -55.46
CA MET E 450 -1.66 5.32 -55.14
C MET E 450 -2.90 5.49 -55.99
N LEU E 451 -3.36 6.70 -56.22
CA LEU E 451 -4.51 6.85 -57.11
C LEU E 451 -4.13 6.74 -58.57
N ALA E 452 -2.92 6.30 -58.87
CA ALA E 452 -2.54 5.88 -60.21
C ALA E 452 -2.25 4.39 -60.28
N ASP E 453 -2.71 3.64 -59.28
CA ASP E 453 -2.37 2.23 -59.14
C ASP E 453 -2.69 1.46 -60.40
N ASN E 454 -1.82 0.50 -60.71
CA ASN E 454 -1.90 -0.31 -61.93
C ASN E 454 -1.92 0.56 -63.19
N GLY E 455 -1.53 1.82 -63.08
CA GLY E 455 -1.43 2.69 -64.23
C GLY E 455 -0.01 3.18 -64.39
N VAL E 456 0.17 4.45 -64.72
CA VAL E 456 1.49 5.03 -64.91
C VAL E 456 1.55 6.37 -64.21
N CYS E 457 2.62 6.61 -63.46
CA CYS E 457 2.86 7.88 -62.81
C CYS E 457 3.94 8.61 -63.59
N CYS E 458 3.60 9.78 -64.12
CA CYS E 458 4.51 10.56 -64.96
C CYS E 458 5.13 11.65 -64.12
N ILE E 459 6.40 11.49 -63.77
CA ILE E 459 7.11 12.48 -62.97
C ILE E 459 8.01 13.29 -63.90
N ASP E 460 7.72 14.56 -64.02
CA ASP E 460 8.54 15.47 -64.80
C ASP E 460 9.52 16.16 -63.87
N GLU E 461 10.71 16.46 -64.37
CA GLU E 461 11.75 17.09 -63.58
C GLU E 461 11.99 16.32 -62.30
N PHE E 462 12.45 15.07 -62.46
CA PHE E 462 12.58 14.18 -61.32
C PHE E 462 13.74 14.54 -60.42
N ASP E 463 14.70 15.33 -60.90
CA ASP E 463 15.89 15.65 -60.12
C ASP E 463 15.80 17.01 -59.45
N LYS E 464 14.64 17.67 -59.52
CA LYS E 464 14.43 18.86 -58.73
C LYS E 464 13.87 18.55 -57.36
N MET E 465 13.35 17.35 -57.14
CA MET E 465 12.78 17.00 -55.85
C MET E 465 13.85 17.04 -54.78
N ASP E 466 13.43 17.26 -53.55
CA ASP E 466 14.37 17.43 -52.45
C ASP E 466 15.08 16.12 -52.15
N VAL E 467 16.03 16.20 -51.22
CA VAL E 467 16.78 15.01 -50.81
C VAL E 467 15.87 14.05 -50.06
N ARG E 468 14.98 14.57 -49.23
CA ARG E 468 14.14 13.69 -48.44
C ARG E 468 12.90 13.24 -49.18
N ASP E 469 12.55 13.91 -50.28
CA ASP E 469 11.42 13.48 -51.09
C ASP E 469 11.81 12.43 -52.12
N GLN E 470 13.10 12.30 -52.44
CA GLN E 470 13.54 11.19 -53.25
C GLN E 470 13.78 9.93 -52.44
N VAL E 471 13.58 9.99 -51.13
CA VAL E 471 13.74 8.80 -50.30
C VAL E 471 12.43 8.04 -50.19
N ALA E 472 11.35 8.76 -49.93
CA ALA E 472 10.04 8.12 -49.87
C ALA E 472 9.67 7.47 -51.18
N ILE E 473 10.12 8.03 -52.29
CA ILE E 473 9.80 7.42 -53.58
C ILE E 473 10.62 6.16 -53.80
N HIS E 474 11.82 6.08 -53.27
CA HIS E 474 12.58 4.85 -53.41
C HIS E 474 12.03 3.74 -52.52
N GLU E 475 11.61 4.10 -51.32
CA GLU E 475 10.99 3.10 -50.44
C GLU E 475 9.75 2.49 -51.08
N ALA E 476 9.13 3.19 -52.03
CA ALA E 476 7.98 2.63 -52.73
C ALA E 476 8.41 1.89 -53.99
N MET E 477 9.38 2.44 -54.73
CA MET E 477 9.81 1.79 -55.95
C MET E 477 10.51 0.47 -55.69
N GLU E 478 10.98 0.21 -54.47
CA GLU E 478 11.66 -1.05 -54.19
C GLU E 478 10.68 -2.19 -53.88
N GLN E 479 9.92 -2.05 -52.81
CA GLN E 479 9.05 -3.12 -52.34
C GLN E 479 7.67 -3.10 -52.98
N GLN E 480 7.39 -2.14 -53.85
CA GLN E 480 6.08 -1.95 -54.48
C GLN E 480 4.99 -1.64 -53.47
N THR E 481 5.35 -1.33 -52.23
CA THR E 481 4.36 -1.00 -51.22
C THR E 481 4.71 0.34 -50.58
N ILE E 482 3.85 0.77 -49.65
CA ILE E 482 3.99 2.03 -48.97
C ILE E 482 3.65 1.78 -47.52
N SER E 483 4.63 1.90 -46.64
CA SER E 483 4.35 1.73 -45.23
C SER E 483 3.92 3.05 -44.62
N ILE E 484 3.06 2.98 -43.61
CA ILE E 484 2.70 4.16 -42.84
C ILE E 484 2.80 3.80 -41.38
N THR E 485 3.53 4.62 -40.63
CA THR E 485 3.72 4.50 -39.19
C THR E 485 3.72 5.93 -38.65
N LYS E 486 2.61 6.35 -38.07
CA LYS E 486 2.42 7.74 -37.72
C LYS E 486 1.55 7.80 -36.48
N ALA E 487 0.90 8.95 -36.26
CA ALA E 487 0.27 9.28 -34.98
C ALA E 487 -0.47 8.11 -34.36
N GLY E 488 -1.46 7.59 -35.05
CA GLY E 488 -2.20 6.46 -34.53
C GLY E 488 -2.53 5.50 -35.64
N VAL E 489 -1.69 5.50 -36.67
CA VAL E 489 -1.95 4.75 -37.89
C VAL E 489 -0.79 3.81 -38.15
N LYS E 490 -1.12 2.57 -38.51
CA LYS E 490 -0.14 1.56 -38.84
C LYS E 490 -0.68 0.77 -40.01
N ALA E 491 -0.03 0.85 -41.17
CA ALA E 491 -0.62 0.22 -42.35
C ALA E 491 0.44 -0.05 -43.39
N THR E 492 0.08 -0.91 -44.35
CA THR E 492 0.93 -1.20 -45.50
C THR E 492 0.04 -1.24 -46.73
N LEU E 493 0.32 -0.39 -47.69
CA LEU E 493 -0.55 -0.19 -48.84
C LEU E 493 0.16 -0.67 -50.10
N ASN E 494 -0.61 -1.16 -51.06
CA ASN E 494 -0.01 -1.62 -52.30
C ASN E 494 0.15 -0.48 -53.29
N ALA E 495 1.17 -0.60 -54.14
CA ALA E 495 1.43 0.40 -55.17
C ALA E 495 2.10 -0.33 -56.32
N ARG E 496 1.33 -0.68 -57.34
CA ARG E 496 1.84 -1.40 -58.50
C ARG E 496 1.86 -0.50 -59.72
N THR E 497 2.25 0.75 -59.52
CA THR E 497 2.39 1.71 -60.60
C THR E 497 3.69 1.49 -61.34
N SER E 498 3.73 1.97 -62.57
CA SER E 498 4.96 2.06 -63.34
C SER E 498 5.31 3.52 -63.51
N ILE E 499 6.56 3.85 -63.28
CA ILE E 499 6.98 5.25 -63.27
C ILE E 499 7.69 5.60 -64.57
N LEU E 500 7.28 6.73 -65.15
CA LEU E 500 7.95 7.31 -66.31
C LEU E 500 8.46 8.68 -65.88
N ALA E 501 9.77 8.81 -65.79
CA ALA E 501 10.37 10.01 -65.22
C ALA E 501 11.26 10.69 -66.24
N ALA E 502 11.31 12.01 -66.17
CA ALA E 502 12.15 12.81 -67.06
C ALA E 502 13.05 13.70 -66.22
N ALA E 503 14.34 13.76 -66.56
CA ALA E 503 15.29 14.50 -65.75
C ALA E 503 16.22 15.31 -66.65
N ASN E 504 17.05 16.13 -66.03
CA ASN E 504 18.01 16.99 -66.71
C ASN E 504 19.41 16.74 -66.18
N PRO E 505 20.41 16.71 -67.05
CA PRO E 505 21.77 16.49 -66.60
C PRO E 505 22.24 17.66 -65.74
N ILE E 506 23.26 17.38 -64.93
CA ILE E 506 23.81 18.42 -64.07
C ILE E 506 24.48 19.47 -64.94
N SER E 507 24.15 20.74 -64.69
CA SER E 507 24.70 21.88 -65.44
C SER E 507 24.26 21.83 -66.89
N GLY E 508 22.95 21.72 -67.11
CA GLY E 508 22.38 21.93 -68.42
C GLY E 508 22.60 20.83 -69.43
N HIS E 509 23.83 20.61 -69.86
CA HIS E 509 24.14 19.71 -70.95
C HIS E 509 24.69 18.39 -70.46
N TYR E 510 24.51 17.35 -71.27
CA TYR E 510 24.99 16.02 -70.93
C TYR E 510 26.42 15.86 -71.41
N ASP E 511 27.34 15.67 -70.47
CA ASP E 511 28.76 15.58 -70.76
C ASP E 511 29.14 14.14 -71.02
N ARG E 512 29.61 13.86 -72.23
CA ARG E 512 29.81 12.49 -72.70
C ARG E 512 31.21 11.97 -72.44
N SER E 513 31.84 12.40 -71.34
CA SER E 513 33.11 11.86 -70.92
C SER E 513 33.08 11.39 -69.48
N LYS E 514 31.90 11.28 -68.89
CA LYS E 514 31.76 10.82 -67.52
C LYS E 514 30.70 9.73 -67.46
N SER E 515 30.70 8.99 -66.36
CA SER E 515 29.66 8.02 -66.13
C SER E 515 28.34 8.76 -65.89
N LEU E 516 27.27 7.99 -65.68
CA LEU E 516 25.98 8.62 -65.41
C LEU E 516 25.95 9.23 -64.03
N LYS E 517 26.52 8.54 -63.04
CA LYS E 517 26.42 8.98 -61.66
C LYS E 517 26.96 10.38 -61.45
N GLN E 518 27.75 10.90 -62.38
CA GLN E 518 28.29 12.24 -62.29
C GLN E 518 27.54 13.25 -63.16
N ASN E 519 26.66 12.79 -64.04
CA ASN E 519 25.89 13.68 -64.87
C ASN E 519 24.51 13.98 -64.31
N ILE E 520 24.05 13.23 -63.32
CA ILE E 520 22.73 13.41 -62.74
C ILE E 520 22.87 13.36 -61.23
N ASN E 521 21.94 14.02 -60.53
CA ASN E 521 22.01 14.15 -59.09
C ASN E 521 20.97 13.30 -58.38
N LEU E 522 20.52 12.22 -59.00
CA LEU E 522 19.67 11.29 -58.28
C LEU E 522 20.49 10.59 -57.20
N SER E 523 19.81 9.83 -56.35
CA SER E 523 20.51 9.07 -55.34
C SER E 523 21.22 7.88 -56.00
N ALA E 524 21.91 7.12 -55.19
CA ALA E 524 22.55 5.91 -55.68
C ALA E 524 21.54 4.77 -55.79
N PRO E 525 20.72 4.50 -54.76
CA PRO E 525 19.76 3.40 -54.89
C PRO E 525 18.78 3.57 -56.03
N ILE E 526 18.27 4.78 -56.25
CA ILE E 526 17.23 4.97 -57.26
C ILE E 526 17.73 4.57 -58.64
N MET E 527 18.94 5.01 -58.99
CA MET E 527 19.47 4.71 -60.31
C MET E 527 19.57 3.22 -60.58
N SER E 528 19.38 2.38 -59.57
CA SER E 528 19.41 0.94 -59.73
C SER E 528 18.03 0.36 -59.97
N ARG E 529 16.97 1.08 -59.62
CA ARG E 529 15.62 0.55 -59.68
C ARG E 529 14.90 0.89 -60.97
N PHE E 530 15.59 1.40 -61.98
CA PHE E 530 14.94 1.79 -63.22
C PHE E 530 15.11 0.75 -64.31
N ASP E 531 16.35 0.42 -64.67
CA ASP E 531 16.65 -0.62 -65.63
C ASP E 531 16.07 -0.33 -67.00
N LEU E 532 15.98 0.96 -67.34
CA LEU E 532 15.95 1.39 -68.74
C LEU E 532 16.23 2.88 -68.81
N PHE E 533 17.34 3.28 -69.40
CA PHE E 533 17.70 4.68 -69.52
C PHE E 533 17.79 5.07 -70.97
N PHE E 534 17.37 6.28 -71.30
CA PHE E 534 17.44 6.77 -72.67
C PHE E 534 18.11 8.14 -72.65
N ILE E 535 19.44 8.13 -72.67
CA ILE E 535 20.17 9.39 -72.73
C ILE E 535 20.00 10.00 -74.10
N LEU E 536 19.42 11.19 -74.14
CA LEU E 536 19.24 11.95 -75.37
C LEU E 536 20.28 13.05 -75.44
N VAL E 537 20.88 13.24 -76.63
CA VAL E 537 21.91 14.29 -76.82
C VAL E 537 21.55 15.10 -78.07
N ASP E 538 21.35 16.41 -77.93
CA ASP E 538 20.98 17.27 -79.08
C ASP E 538 22.24 17.74 -79.81
N GLU E 539 22.89 16.83 -80.55
CA GLU E 539 24.07 17.24 -81.36
C GLU E 539 23.56 18.03 -82.56
N CYS E 540 23.41 19.36 -82.39
CA CYS E 540 22.59 20.21 -83.30
C CYS E 540 22.81 19.80 -84.75
N ASN E 541 21.92 18.98 -85.30
CA ASN E 541 22.05 18.52 -86.71
C ASN E 541 21.21 19.45 -87.61
N GLU E 542 21.85 20.06 -88.61
CA GLU E 542 21.13 21.04 -89.48
C GLU E 542 19.99 20.33 -90.21
N VAL E 543 20.07 19.01 -90.41
CA VAL E 543 19.04 18.31 -91.18
C VAL E 543 17.80 18.10 -90.32
N THR E 544 17.98 17.91 -89.01
CA THR E 544 16.83 17.84 -88.13
C THR E 544 16.17 19.20 -88.00
N ASP E 545 16.97 20.24 -87.76
CA ASP E 545 16.43 21.58 -87.58
C ASP E 545 15.61 22.06 -88.77
N TYR E 546 15.61 21.33 -89.88
CA TYR E 546 14.63 21.52 -90.92
C TYR E 546 13.40 20.67 -90.71
N ALA E 547 13.59 19.42 -90.28
CA ALA E 547 12.47 18.50 -90.12
C ALA E 547 11.53 18.96 -89.00
N ILE E 548 12.10 19.23 -87.83
CA ILE E 548 11.31 19.70 -86.70
C ILE E 548 10.60 20.99 -87.04
N ALA E 549 11.29 21.89 -87.73
CA ALA E 549 10.66 23.14 -88.16
C ALA E 549 9.46 22.86 -89.03
N ARG E 550 9.63 22.00 -90.05
CA ARG E 550 8.53 21.68 -90.93
C ARG E 550 7.35 21.12 -90.15
N ARG E 551 7.62 20.18 -89.26
CA ARG E 551 6.53 19.52 -88.55
C ARG E 551 5.78 20.50 -87.66
N ILE E 552 6.50 21.37 -86.94
CA ILE E 552 5.83 22.32 -86.05
C ILE E 552 5.00 23.31 -86.85
N VAL E 553 5.56 23.85 -87.93
CA VAL E 553 4.80 24.82 -88.69
C VAL E 553 3.60 24.17 -89.36
N ASP E 554 3.73 22.90 -89.78
CA ASP E 554 2.59 22.19 -90.32
C ASP E 554 1.49 22.08 -89.28
N LEU E 555 1.84 21.58 -88.10
CA LEU E 555 0.85 21.44 -87.04
C LEU E 555 0.17 22.77 -86.73
N HIS E 556 0.92 23.87 -86.79
CA HIS E 556 0.32 25.16 -86.47
C HIS E 556 -0.43 25.77 -87.63
N SER E 557 -0.24 25.25 -88.85
CA SER E 557 -1.04 25.73 -90.01
C SER E 557 -2.24 24.79 -90.15
N ARG E 558 -2.09 23.54 -89.72
CA ARG E 558 -3.20 22.55 -89.77
C ARG E 558 -3.64 22.26 -88.33
N ILE E 559 -4.35 23.20 -87.70
CA ILE E 559 -4.80 23.06 -86.28
C ILE E 559 -5.07 21.58 -85.93
N GLU E 560 -6.12 21.00 -86.54
CA GLU E 560 -6.66 19.70 -86.07
C GLU E 560 -6.14 18.56 -86.96
N GLU E 561 -5.41 18.90 -88.03
CA GLU E 561 -4.89 17.87 -88.97
C GLU E 561 -3.44 17.52 -88.60
N SER E 562 -2.65 17.09 -89.58
CA SER E 562 -1.23 16.70 -89.33
C SER E 562 -1.17 15.66 -88.20
N ILE E 563 -2.07 14.68 -88.22
CA ILE E 563 -2.12 13.64 -87.14
C ILE E 563 -2.74 12.37 -87.72
N ASP E 564 -2.84 12.28 -89.05
CA ASP E 564 -3.45 11.09 -89.70
C ASP E 564 -2.57 9.87 -89.46
N ARG E 565 -3.09 8.88 -88.72
CA ARG E 565 -2.32 7.63 -88.45
C ARG E 565 -3.28 6.44 -88.43
N VAL E 566 -2.77 5.22 -88.65
CA VAL E 566 -3.61 3.99 -88.62
C VAL E 566 -3.88 3.63 -87.16
N TYR E 567 -4.93 2.83 -86.91
CA TYR E 567 -5.28 2.39 -85.55
C TYR E 567 -5.58 3.59 -84.64
N SER E 568 -6.70 4.22 -84.92
CA SER E 568 -7.15 5.39 -84.15
C SER E 568 -7.05 5.19 -82.64
N LEU E 569 -6.91 6.28 -81.89
CA LEU E 569 -6.51 6.18 -80.48
C LEU E 569 -7.51 5.43 -79.64
N ASP E 570 -8.80 5.53 -79.95
CA ASP E 570 -9.78 4.77 -79.17
C ASP E 570 -9.56 3.29 -79.34
N ASP E 571 -9.14 2.87 -80.53
CA ASP E 571 -8.97 1.46 -80.83
C ASP E 571 -7.80 0.86 -80.07
N ILE E 572 -6.71 1.63 -79.95
CA ILE E 572 -5.52 1.10 -79.28
C ILE E 572 -5.81 0.86 -77.81
N ARG E 573 -6.65 1.69 -77.20
CA ARG E 573 -7.01 1.43 -75.80
C ARG E 573 -7.67 0.06 -75.69
N ARG E 574 -8.52 -0.29 -76.64
CA ARG E 574 -9.18 -1.59 -76.61
C ARG E 574 -8.17 -2.71 -76.77
N TYR E 575 -7.34 -2.62 -77.81
CA TYR E 575 -6.33 -3.64 -78.02
C TYR E 575 -5.43 -3.81 -76.80
N LEU E 576 -5.15 -2.71 -76.10
CA LEU E 576 -4.25 -2.74 -74.96
C LEU E 576 -4.93 -3.21 -73.69
N LEU E 577 -6.24 -3.03 -73.57
CA LEU E 577 -6.98 -3.64 -72.48
C LEU E 577 -7.20 -5.12 -72.71
N PHE E 578 -7.22 -5.55 -73.97
CA PHE E 578 -7.33 -6.96 -74.26
C PHE E 578 -6.00 -7.67 -74.06
N ALA E 579 -4.98 -7.29 -74.82
CA ALA E 579 -3.71 -8.00 -74.79
C ALA E 579 -2.98 -7.87 -73.47
N ARG E 580 -3.52 -7.17 -72.50
CA ARG E 580 -2.92 -7.11 -71.18
C ARG E 580 -3.55 -8.09 -70.22
N GLN E 581 -3.97 -9.25 -70.73
CA GLN E 581 -4.51 -10.29 -69.88
C GLN E 581 -3.97 -11.66 -70.25
N PHE E 582 -2.77 -11.71 -70.82
CA PHE E 582 -2.06 -12.96 -71.05
C PHE E 582 -0.88 -13.04 -70.08
N LYS E 583 -0.38 -14.26 -69.89
CA LYS E 583 0.76 -14.50 -69.02
C LYS E 583 1.75 -15.40 -69.76
N PRO E 584 2.41 -14.88 -70.79
CA PRO E 584 3.28 -15.72 -71.61
C PRO E 584 4.31 -16.47 -70.80
N LYS E 585 4.70 -17.64 -71.28
CA LYS E 585 5.69 -18.49 -70.64
C LYS E 585 6.96 -18.53 -71.47
N ILE E 586 7.97 -19.22 -70.94
CA ILE E 586 9.30 -19.28 -71.55
C ILE E 586 9.56 -20.71 -71.97
N SER E 587 9.92 -20.90 -73.23
CA SER E 587 10.33 -22.24 -73.67
C SER E 587 11.80 -22.45 -73.35
N LYS E 588 12.19 -23.72 -73.30
CA LYS E 588 13.55 -24.07 -72.89
C LYS E 588 14.59 -23.43 -73.80
N GLU E 589 14.33 -23.41 -75.10
CA GLU E 589 15.27 -22.77 -76.02
C GLU E 589 15.41 -21.28 -75.72
N SER E 590 14.29 -20.64 -75.39
CA SER E 590 14.36 -19.22 -75.05
C SER E 590 15.11 -19.01 -73.75
N GLU E 591 14.96 -19.92 -72.80
CA GLU E 591 15.72 -19.83 -71.55
C GLU E 591 17.22 -19.95 -71.81
N ASP E 592 17.61 -20.90 -72.65
CA ASP E 592 19.01 -21.01 -73.06
C ASP E 592 19.48 -19.74 -73.75
N PHE E 593 18.66 -19.19 -74.64
CA PHE E 593 19.03 -17.95 -75.31
C PHE E 593 19.25 -16.85 -74.29
N ILE E 594 18.39 -16.77 -73.29
CA ILE E 594 18.48 -15.70 -72.30
C ILE E 594 19.76 -15.82 -71.50
N VAL E 595 20.09 -17.03 -71.05
CA VAL E 595 21.31 -17.15 -70.26
C VAL E 595 22.53 -16.85 -71.12
N GLU E 596 22.50 -17.24 -72.40
CA GLU E 596 23.63 -16.90 -73.26
C GLU E 596 23.75 -15.39 -73.45
N GLN E 597 22.62 -14.70 -73.56
CA GLN E 597 22.69 -13.24 -73.72
C GLN E 597 23.22 -12.58 -72.47
N TYR E 598 22.82 -13.07 -71.30
CA TYR E 598 23.40 -12.53 -70.08
C TYR E 598 24.89 -12.81 -70.01
N LYS E 599 25.33 -13.90 -70.62
CA LYS E 599 26.77 -14.13 -70.74
C LYS E 599 27.43 -13.11 -71.66
N HIS E 600 26.81 -12.83 -72.80
CA HIS E 600 27.40 -11.93 -73.79
C HIS E 600 27.28 -10.47 -73.42
N LEU E 601 26.51 -10.14 -72.38
CA LEU E 601 26.40 -8.75 -71.95
C LEU E 601 27.45 -8.38 -70.90
N ARG E 602 27.70 -9.26 -69.94
CA ARG E 602 28.68 -8.96 -68.89
C ARG E 602 30.04 -8.63 -69.47
N GLN E 603 30.51 -9.43 -70.43
CA GLN E 603 31.89 -9.34 -70.86
C GLN E 603 32.16 -8.16 -71.78
N ARG E 604 31.12 -7.57 -72.38
CA ARG E 604 31.32 -6.31 -73.08
C ARG E 604 31.91 -5.27 -72.14
N ASP E 605 31.38 -5.21 -70.92
CA ASP E 605 31.93 -4.39 -69.85
C ASP E 605 33.30 -4.91 -69.41
N GLY E 606 33.76 -5.99 -70.03
CA GLY E 606 35.05 -6.55 -69.66
C GLY E 606 36.17 -5.54 -69.76
N SER E 607 37.26 -5.86 -69.07
CA SER E 607 38.36 -4.90 -68.93
C SER E 607 39.10 -4.73 -70.24
N GLY E 608 39.93 -3.69 -70.28
CA GLY E 608 40.85 -3.46 -71.37
C GLY E 608 40.36 -2.58 -72.51
N VAL E 609 39.45 -3.11 -73.33
CA VAL E 609 39.21 -2.51 -74.64
C VAL E 609 38.40 -1.22 -74.53
N THR E 610 37.32 -1.22 -73.76
CA THR E 610 36.40 -0.07 -73.71
C THR E 610 35.97 0.14 -72.27
N LYS E 611 34.92 0.96 -72.10
CA LYS E 611 34.36 1.31 -70.80
C LYS E 611 32.93 1.77 -71.02
N SER E 612 32.09 1.63 -70.00
CA SER E 612 30.70 2.04 -70.07
C SER E 612 30.25 2.56 -68.72
N SER E 613 29.01 3.06 -68.67
CA SER E 613 28.47 3.72 -67.50
C SER E 613 27.35 2.90 -66.86
N TRP E 614 27.18 3.09 -65.55
CA TRP E 614 26.29 2.29 -64.71
C TRP E 614 26.48 0.79 -65.00
N ARG E 615 27.64 0.32 -64.55
CA ARG E 615 28.11 -1.04 -64.78
C ARG E 615 27.00 -2.08 -64.69
N ILE E 616 27.08 -3.09 -65.57
CA ILE E 616 26.06 -4.11 -65.66
C ILE E 616 26.14 -5.06 -64.46
N THR E 617 24.98 -5.49 -63.97
CA THR E 617 24.90 -6.32 -62.78
C THR E 617 23.84 -7.39 -63.01
N VAL E 618 23.39 -8.01 -61.92
CA VAL E 618 22.34 -9.04 -62.01
C VAL E 618 21.00 -8.41 -62.36
N ARG E 619 20.69 -7.25 -61.79
CA ARG E 619 19.37 -6.67 -61.96
C ARG E 619 19.05 -6.38 -63.42
N GLN E 620 20.07 -6.28 -64.28
CA GLN E 620 19.80 -6.16 -65.70
C GLN E 620 19.26 -7.45 -66.29
N LEU E 621 19.54 -8.60 -65.66
CA LEU E 621 19.01 -9.84 -66.20
C LEU E 621 17.53 -9.99 -65.88
N GLU E 622 17.18 -9.86 -64.61
CA GLU E 622 15.76 -9.87 -64.24
C GLU E 622 14.97 -8.82 -64.98
N SER E 623 15.64 -7.91 -65.67
CA SER E 623 15.00 -6.89 -66.48
C SER E 623 15.11 -7.17 -67.98
N MET E 624 15.64 -8.33 -68.35
CA MET E 624 15.55 -8.77 -69.74
C MET E 624 14.41 -9.74 -69.96
N ILE E 625 14.11 -10.60 -68.99
CA ILE E 625 12.94 -11.45 -69.12
C ILE E 625 11.67 -10.62 -69.08
N ARG E 626 11.67 -9.52 -68.33
CA ARG E 626 10.50 -8.66 -68.26
C ARG E 626 10.21 -8.02 -69.59
N LEU E 627 11.24 -7.51 -70.25
CA LEU E 627 11.01 -6.89 -71.56
C LEU E 627 10.56 -7.92 -72.58
N SER E 628 11.07 -9.15 -72.51
CA SER E 628 10.61 -10.17 -73.44
C SER E 628 9.16 -10.55 -73.18
N GLU E 629 8.75 -10.68 -71.92
CA GLU E 629 7.36 -10.95 -71.62
C GLU E 629 6.46 -9.82 -72.11
N ALA E 630 6.88 -8.58 -71.89
CA ALA E 630 6.10 -7.44 -72.36
C ALA E 630 6.10 -7.34 -73.86
N MET E 631 7.11 -7.90 -74.52
CA MET E 631 7.09 -7.97 -75.98
C MET E 631 6.13 -9.04 -76.45
N ALA E 632 6.06 -10.16 -75.74
CA ALA E 632 5.18 -11.25 -76.14
C ALA E 632 3.73 -10.86 -75.96
N ARG E 633 3.39 -10.20 -74.86
CA ARG E 633 2.03 -9.70 -74.67
C ARG E 633 1.56 -8.91 -75.88
N MET E 634 2.46 -8.12 -76.47
CA MET E 634 2.08 -7.24 -77.55
C MET E 634 1.54 -8.02 -78.73
N HIS E 635 2.18 -9.12 -79.10
CA HIS E 635 1.74 -9.93 -80.22
C HIS E 635 0.70 -10.96 -79.81
N CYS E 636 0.06 -10.76 -78.67
CA CYS E 636 -1.08 -11.57 -78.23
C CYS E 636 -0.74 -13.05 -78.11
N CYS E 637 0.54 -13.40 -78.04
CA CYS E 637 0.91 -14.80 -77.93
C CYS E 637 0.88 -15.25 -76.48
N ASP E 638 1.14 -16.53 -76.26
CA ASP E 638 1.10 -17.12 -74.93
C ASP E 638 2.42 -17.78 -74.56
N GLU E 639 3.50 -17.42 -75.23
CA GLU E 639 4.81 -17.98 -74.93
C GLU E 639 5.87 -17.06 -75.48
N VAL E 640 7.05 -17.15 -74.91
CA VAL E 640 8.20 -16.38 -75.39
C VAL E 640 8.96 -17.24 -76.40
N GLN E 641 9.44 -16.59 -77.45
CA GLN E 641 10.19 -17.21 -78.53
C GLN E 641 11.50 -16.48 -78.68
N PRO E 642 12.48 -17.08 -79.37
CA PRO E 642 13.73 -16.35 -79.63
C PRO E 642 13.51 -15.03 -80.37
N LYS E 643 12.49 -14.97 -81.22
CA LYS E 643 12.19 -13.74 -81.96
C LYS E 643 11.95 -12.57 -81.04
N HIS E 644 11.44 -12.82 -79.83
CA HIS E 644 11.19 -11.74 -78.90
C HIS E 644 12.45 -11.37 -78.12
N VAL E 645 13.16 -12.38 -77.61
CA VAL E 645 14.29 -12.10 -76.72
C VAL E 645 15.41 -11.43 -77.49
N LYS E 646 15.60 -11.79 -78.76
CA LYS E 646 16.63 -11.12 -79.54
C LYS E 646 16.41 -9.61 -79.56
N GLU E 647 15.17 -9.18 -79.78
CA GLU E 647 14.88 -7.75 -79.84
C GLU E 647 14.93 -7.12 -78.47
N ALA E 648 14.41 -7.79 -77.44
CA ALA E 648 14.48 -7.25 -76.09
C ALA E 648 15.92 -7.15 -75.62
N PHE E 649 16.83 -7.87 -76.25
CA PHE E 649 18.25 -7.70 -75.96
C PHE E 649 18.88 -6.58 -76.76
N ARG E 650 18.51 -6.45 -78.04
CA ARG E 650 19.04 -5.34 -78.82
C ARG E 650 18.68 -4.00 -78.20
N LEU E 651 17.45 -3.87 -77.71
CA LEU E 651 17.03 -2.62 -77.10
C LEU E 651 17.85 -2.30 -75.86
N LEU E 652 17.91 -3.24 -74.92
CA LEU E 652 18.72 -3.06 -73.72
C LEU E 652 20.21 -2.94 -74.05
N ASN E 653 20.62 -3.31 -75.25
CA ASN E 653 22.01 -3.11 -75.64
C ASN E 653 22.27 -1.69 -76.09
N LYS E 654 21.36 -1.12 -76.89
CA LYS E 654 21.54 0.27 -77.27
C LYS E 654 21.36 1.23 -76.11
N SER E 655 20.84 0.76 -74.98
CA SER E 655 20.50 1.67 -73.88
C SER E 655 21.75 2.21 -73.20
N ILE E 656 22.78 1.38 -73.03
CA ILE E 656 23.95 1.73 -72.26
C ILE E 656 25.04 2.20 -73.21
N ILE E 657 25.64 3.36 -72.92
CA ILE E 657 26.63 3.96 -73.79
C ILE E 657 28.00 3.85 -73.15
N ARG E 658 29.02 4.07 -73.96
CA ARG E 658 30.41 3.96 -73.53
C ARG E 658 30.93 5.32 -73.10
N VAL E 659 31.51 5.37 -71.90
CA VAL E 659 32.17 6.59 -71.46
C VAL E 659 33.33 6.90 -72.39
N GLU E 660 33.64 8.18 -72.54
CA GLU E 660 34.69 8.63 -73.44
C GLU E 660 35.72 9.45 -72.67
N THR E 661 36.86 9.68 -73.34
CA THR E 661 37.95 10.42 -72.73
C THR E 661 38.76 11.06 -73.84
N PRO E 662 39.25 12.29 -73.68
CA PRO E 662 40.07 12.94 -74.70
C PRO E 662 41.35 12.18 -74.99
N ASP F 5 -29.50 65.45 0.54
CA ASP F 5 -30.57 65.30 -0.44
C ASP F 5 -30.24 66.05 -1.71
N TYR F 6 -30.95 65.74 -2.79
CA TYR F 6 -30.64 66.26 -4.11
C TYR F 6 -31.61 67.29 -4.64
N ALA F 7 -32.84 67.33 -4.11
CA ALA F 7 -33.83 68.27 -4.62
C ALA F 7 -33.34 69.71 -4.53
N LEU F 8 -32.56 70.02 -3.51
CA LEU F 8 -32.00 71.36 -3.38
C LEU F 8 -30.72 71.53 -4.19
N GLU F 9 -30.12 70.45 -4.66
CA GLU F 9 -28.95 70.58 -5.53
C GLU F 9 -29.36 70.94 -6.95
N LYS F 10 -30.49 70.41 -7.42
CA LYS F 10 -30.99 70.77 -8.74
C LYS F 10 -31.30 72.26 -8.85
N GLU F 11 -31.35 72.97 -7.73
CA GLU F 11 -31.49 74.42 -7.78
C GLU F 11 -30.14 75.12 -7.71
N LYS F 12 -29.23 74.58 -6.90
CA LYS F 12 -27.90 75.15 -6.79
C LYS F 12 -27.06 74.93 -8.04
N VAL F 13 -27.50 74.07 -8.94
CA VAL F 13 -26.87 73.95 -10.24
C VAL F 13 -27.54 74.84 -11.28
N LYS F 14 -28.86 75.01 -11.20
CA LYS F 14 -29.53 75.93 -12.11
C LYS F 14 -29.05 77.36 -11.89
N LYS F 15 -28.90 77.76 -10.62
CA LYS F 15 -28.30 79.05 -10.33
C LYS F 15 -26.99 79.22 -11.08
N PHE F 16 -26.06 78.29 -10.87
CA PHE F 16 -24.74 78.39 -11.48
C PHE F 16 -24.82 78.42 -12.99
N LEU F 17 -25.73 77.65 -13.58
CA LEU F 17 -25.82 77.62 -15.04
C LEU F 17 -26.38 78.91 -15.60
N GLN F 18 -27.22 79.61 -14.85
CA GLN F 18 -27.82 80.83 -15.35
C GLN F 18 -27.07 82.10 -14.93
N GLU F 19 -26.11 82.00 -14.03
CA GLU F 19 -25.52 83.19 -13.43
C GLU F 19 -24.06 83.42 -13.77
N PHE F 20 -23.37 82.45 -14.36
CA PHE F 20 -21.92 82.48 -14.40
C PHE F 20 -21.41 83.51 -15.40
N TYR F 21 -20.44 84.31 -14.97
CA TYR F 21 -19.80 85.31 -15.80
C TYR F 21 -18.48 84.77 -16.34
N GLN F 22 -17.90 85.52 -17.27
CA GLN F 22 -16.56 85.22 -17.77
C GLN F 22 -16.06 86.43 -18.54
N ASP F 23 -14.78 86.74 -18.35
CA ASP F 23 -14.21 87.95 -18.93
C ASP F 23 -13.35 87.69 -20.16
N ASP F 24 -12.66 86.55 -20.22
CA ASP F 24 -11.73 86.24 -21.32
C ASP F 24 -12.42 86.07 -22.66
N GLU F 25 -13.74 86.25 -22.74
CA GLU F 25 -14.45 86.11 -24.00
C GLU F 25 -14.00 87.14 -25.02
N LEU F 26 -13.07 88.03 -24.63
CA LEU F 26 -12.55 89.18 -25.36
C LEU F 26 -13.55 90.34 -25.32
N GLY F 27 -14.76 90.15 -24.81
CA GLY F 27 -15.72 91.22 -24.72
C GLY F 27 -15.95 91.62 -23.28
N LYS F 28 -17.20 91.91 -22.94
CA LYS F 28 -17.57 92.22 -21.57
C LYS F 28 -18.00 90.92 -20.88
N LYS F 29 -18.56 91.03 -19.69
CA LYS F 29 -19.01 89.86 -18.95
C LYS F 29 -20.25 89.29 -19.61
N GLN F 30 -20.06 88.25 -20.42
CA GLN F 30 -21.15 87.50 -21.00
C GLN F 30 -21.35 86.22 -20.20
N PHE F 31 -22.24 85.36 -20.69
CA PHE F 31 -22.60 84.14 -19.98
C PHE F 31 -22.06 82.95 -20.74
N LYS F 32 -21.09 82.26 -20.14
CA LYS F 32 -20.48 81.11 -20.80
C LYS F 32 -21.50 80.04 -21.13
N TYR F 33 -22.38 79.74 -20.19
CA TYR F 33 -23.43 78.75 -20.43
C TYR F 33 -24.73 79.37 -20.92
N GLY F 34 -24.87 80.69 -20.79
CA GLY F 34 -26.07 81.35 -21.29
C GLY F 34 -26.23 81.22 -22.80
N ASN F 35 -25.13 81.38 -23.54
CA ASN F 35 -25.19 81.17 -24.98
C ASN F 35 -25.34 79.69 -25.31
N GLN F 36 -24.66 78.85 -24.53
CA GLN F 36 -24.67 77.41 -24.79
C GLN F 36 -26.08 76.86 -24.73
N LEU F 37 -26.83 77.24 -23.70
CA LEU F 37 -28.17 76.71 -23.58
C LEU F 37 -29.05 77.10 -24.76
N VAL F 38 -28.89 78.31 -25.30
CA VAL F 38 -29.65 78.70 -26.48
C VAL F 38 -29.26 77.84 -27.66
N ARG F 39 -27.96 77.72 -27.92
CA ARG F 39 -27.51 76.89 -29.04
C ARG F 39 -28.07 75.48 -28.91
N LEU F 40 -28.02 74.91 -27.72
CA LEU F 40 -28.56 73.56 -27.54
C LEU F 40 -30.05 73.53 -27.78
N ALA F 41 -30.77 74.59 -27.40
CA ALA F 41 -32.21 74.61 -27.62
C ALA F 41 -32.55 74.72 -29.08
N HIS F 42 -31.66 75.25 -29.91
CA HIS F 42 -31.88 75.34 -31.35
C HIS F 42 -31.26 74.18 -32.10
N ARG F 43 -30.89 73.11 -31.41
CA ARG F 43 -30.38 71.89 -32.03
C ARG F 43 -29.24 72.18 -33.00
N GLU F 44 -28.39 73.12 -32.63
CA GLU F 44 -27.17 73.38 -33.38
C GLU F 44 -25.94 72.83 -32.69
N GLN F 45 -26.11 72.10 -31.59
CA GLN F 45 -25.02 71.59 -30.79
C GLN F 45 -25.53 70.38 -30.04
N VAL F 46 -24.62 69.50 -29.65
CA VAL F 46 -24.98 68.23 -29.04
C VAL F 46 -24.41 68.07 -27.63
N ALA F 47 -23.17 68.48 -27.41
CA ALA F 47 -22.51 68.25 -26.15
C ALA F 47 -22.30 69.55 -25.40
N LEU F 48 -22.21 69.45 -24.08
CA LEU F 48 -22.12 70.60 -23.18
C LEU F 48 -21.06 70.29 -22.14
N TYR F 49 -19.82 70.66 -22.41
CA TYR F 49 -18.70 70.29 -21.54
C TYR F 49 -18.68 71.22 -20.33
N VAL F 50 -19.47 70.86 -19.32
CA VAL F 50 -19.54 71.66 -18.11
C VAL F 50 -18.20 71.57 -17.40
N ASP F 51 -17.45 72.66 -17.41
CA ASP F 51 -16.18 72.68 -16.70
C ASP F 51 -16.42 72.63 -15.20
N LEU F 52 -15.43 72.10 -14.48
CA LEU F 52 -15.52 72.01 -13.03
C LEU F 52 -14.66 73.01 -12.30
N ASP F 53 -13.71 73.65 -12.98
CA ASP F 53 -12.99 74.74 -12.33
C ASP F 53 -13.91 75.94 -12.13
N ASP F 54 -14.91 76.10 -12.99
CA ASP F 54 -15.81 77.24 -12.87
C ASP F 54 -16.85 77.04 -11.77
N VAL F 55 -17.23 75.80 -11.47
CA VAL F 55 -18.03 75.58 -10.29
C VAL F 55 -17.18 75.75 -9.05
N ALA F 56 -15.90 75.42 -9.14
CA ALA F 56 -14.95 75.58 -8.05
C ALA F 56 -14.45 77.00 -7.92
N GLU F 57 -15.13 77.96 -8.54
CA GLU F 57 -14.80 79.37 -8.37
C GLU F 57 -15.73 80.07 -7.40
N ASP F 58 -16.99 79.67 -7.35
CA ASP F 58 -17.95 80.25 -6.42
C ASP F 58 -18.54 79.25 -5.46
N ASP F 59 -18.24 77.96 -5.62
CA ASP F 59 -18.76 76.93 -4.73
C ASP F 59 -17.79 75.75 -4.71
N PRO F 60 -16.73 75.84 -3.93
CA PRO F 60 -15.76 74.75 -3.89
C PRO F 60 -16.26 73.57 -3.08
N GLU F 61 -17.51 73.62 -2.64
CA GLU F 61 -18.10 72.49 -1.94
C GLU F 61 -18.79 71.52 -2.89
N LEU F 62 -19.54 72.04 -3.86
CA LEU F 62 -20.21 71.19 -4.83
C LEU F 62 -19.20 70.33 -5.59
N VAL F 63 -18.03 70.88 -5.89
CA VAL F 63 -16.99 70.11 -6.55
C VAL F 63 -16.56 68.93 -5.68
N ASP F 64 -16.52 69.14 -4.37
CA ASP F 64 -16.13 68.05 -3.48
C ASP F 64 -17.11 66.90 -3.57
N SER F 65 -18.39 67.20 -3.65
CA SER F 65 -19.42 66.17 -3.68
C SER F 65 -19.78 65.73 -5.09
N ILE F 66 -19.14 66.29 -6.11
CA ILE F 66 -19.29 65.75 -7.46
C ILE F 66 -18.24 64.67 -7.65
N CYS F 67 -16.96 65.04 -7.55
CA CYS F 67 -15.90 64.04 -7.70
C CYS F 67 -15.99 62.93 -6.67
N GLU F 68 -16.89 63.05 -5.70
CA GLU F 68 -17.14 61.97 -4.76
C GLU F 68 -18.17 60.99 -5.30
N ASN F 69 -19.21 61.48 -5.98
CA ASN F 69 -20.24 60.62 -6.53
C ASN F 69 -20.24 60.64 -8.06
N ALA F 70 -20.43 61.79 -8.67
CA ALA F 70 -20.18 61.96 -10.11
C ALA F 70 -21.06 61.07 -10.97
N ARG F 71 -21.93 60.30 -10.36
CA ARG F 71 -22.86 59.46 -11.10
C ARG F 71 -24.28 59.92 -10.95
N ARG F 72 -24.68 60.30 -9.73
CA ARG F 72 -25.94 61.00 -9.56
C ARG F 72 -25.86 62.40 -10.13
N TYR F 73 -24.76 63.08 -9.90
CA TYR F 73 -24.67 64.48 -10.30
C TYR F 73 -24.71 64.63 -11.81
N ALA F 74 -24.10 63.72 -12.54
CA ALA F 74 -24.19 63.74 -14.00
C ALA F 74 -25.59 63.47 -14.49
N LYS F 75 -26.53 63.15 -13.61
CA LYS F 75 -27.94 63.02 -13.95
C LYS F 75 -28.74 64.23 -13.49
N LEU F 76 -28.41 64.77 -12.32
CA LEU F 76 -29.03 66.02 -11.90
C LEU F 76 -28.76 67.13 -12.90
N PHE F 77 -27.54 67.16 -13.45
CA PHE F 77 -27.24 68.19 -14.44
C PHE F 77 -28.05 68.00 -15.71
N ALA F 78 -28.18 66.76 -16.15
CA ALA F 78 -28.96 66.48 -17.35
C ALA F 78 -30.46 66.56 -17.11
N ASP F 79 -30.88 66.74 -15.86
CA ASP F 79 -32.26 67.15 -15.59
C ASP F 79 -32.42 68.66 -15.50
N ALA F 80 -31.45 69.34 -14.90
CA ALA F 80 -31.47 70.80 -14.86
C ALA F 80 -31.51 71.38 -16.27
N VAL F 81 -30.63 70.90 -17.15
CA VAL F 81 -30.65 71.44 -18.50
C VAL F 81 -31.91 71.01 -19.24
N GLN F 82 -32.42 69.81 -18.93
CA GLN F 82 -33.65 69.36 -19.55
C GLN F 82 -34.81 70.27 -19.22
N GLU F 83 -34.82 70.83 -18.01
CA GLU F 83 -35.88 71.77 -17.63
C GLU F 83 -35.62 73.16 -18.19
N LEU F 84 -34.36 73.59 -18.24
CA LEU F 84 -34.08 74.94 -18.68
C LEU F 84 -34.25 75.11 -20.19
N LEU F 85 -34.06 74.04 -20.96
CA LEU F 85 -34.13 74.19 -22.41
C LEU F 85 -35.46 74.75 -22.90
N PRO F 86 -36.62 74.21 -22.51
CA PRO F 86 -37.87 74.82 -22.99
C PRO F 86 -38.01 76.27 -22.60
N GLN F 87 -37.64 76.60 -21.36
CA GLN F 87 -37.80 77.97 -20.88
C GLN F 87 -36.97 78.97 -21.68
N TYR F 88 -35.92 78.51 -22.36
CA TYR F 88 -35.21 79.42 -23.27
C TYR F 88 -35.93 79.52 -24.62
N LYS F 89 -36.01 78.40 -25.34
CA LYS F 89 -36.69 78.37 -26.62
C LYS F 89 -36.84 76.93 -27.13
N GLN F 125 -42.47 62.66 -26.75
CA GLN F 125 -43.18 61.41 -26.50
C GLN F 125 -43.32 61.18 -25.01
N TYR F 126 -43.62 59.94 -24.62
CA TYR F 126 -43.93 59.67 -23.22
C TYR F 126 -42.69 59.69 -22.34
N PRO F 127 -41.65 58.89 -22.60
CA PRO F 127 -40.48 58.93 -21.71
C PRO F 127 -39.65 60.17 -21.95
N ALA F 128 -39.17 60.75 -20.85
CA ALA F 128 -38.43 62.01 -20.90
C ALA F 128 -36.99 61.84 -21.35
N GLU F 129 -36.64 60.70 -21.92
CA GLU F 129 -35.28 60.43 -22.39
C GLU F 129 -35.21 60.20 -23.89
N LEU F 130 -36.30 59.77 -24.52
CA LEU F 130 -36.31 59.63 -25.97
C LEU F 130 -36.20 60.99 -26.65
N MET F 131 -36.62 62.06 -25.97
CA MET F 131 -36.56 63.40 -26.52
C MET F 131 -35.41 64.20 -25.91
N ARG F 132 -34.28 63.55 -25.63
CA ARG F 132 -33.16 64.25 -25.03
C ARG F 132 -32.36 65.01 -26.07
N ARG F 133 -31.76 64.29 -27.02
CA ARG F 133 -31.09 64.88 -28.16
C ARG F 133 -30.00 65.87 -27.75
N PHE F 134 -29.25 65.51 -26.72
CA PHE F 134 -28.05 66.20 -26.26
C PHE F 134 -27.47 65.41 -25.11
N GLU F 135 -26.20 65.65 -24.81
CA GLU F 135 -25.56 64.96 -23.71
C GLU F 135 -24.60 65.89 -23.01
N LEU F 136 -24.24 65.54 -21.79
CA LEU F 136 -23.52 66.40 -20.87
C LEU F 136 -22.30 65.68 -20.32
N TYR F 137 -21.17 66.37 -20.30
CA TYR F 137 -19.89 65.77 -19.96
C TYR F 137 -19.13 66.68 -19.03
N PHE F 138 -18.44 66.10 -18.05
CA PHE F 138 -17.67 66.87 -17.08
C PHE F 138 -16.24 67.02 -17.56
N GLN F 139 -15.77 68.26 -17.62
CA GLN F 139 -14.38 68.53 -17.94
C GLN F 139 -13.61 68.67 -16.63
N GLY F 140 -12.57 67.86 -16.47
CA GLY F 140 -11.94 67.63 -15.19
C GLY F 140 -11.60 68.88 -14.42
N PRO F 141 -11.74 68.83 -13.10
CA PRO F 141 -11.33 69.97 -12.27
C PRO F 141 -9.82 70.09 -12.22
N SER F 142 -9.33 71.32 -12.22
CA SER F 142 -7.90 71.56 -12.34
C SER F 142 -7.13 71.13 -11.09
N SER F 143 -7.79 71.05 -9.94
CA SER F 143 -7.09 70.73 -8.70
C SER F 143 -6.65 69.27 -8.65
N ASN F 144 -7.40 68.39 -9.29
CA ASN F 144 -7.02 66.98 -9.33
C ASN F 144 -5.76 66.80 -10.18
N LYS F 145 -5.05 65.71 -9.92
CA LYS F 145 -3.82 65.47 -10.65
C LYS F 145 -3.95 64.23 -11.53
N PRO F 146 -3.42 64.25 -12.73
CA PRO F 146 -3.59 63.11 -13.63
C PRO F 146 -2.86 61.88 -13.13
N ARG F 147 -3.61 60.87 -12.73
CA ARG F 147 -3.02 59.64 -12.22
C ARG F 147 -2.41 58.86 -13.37
N VAL F 148 -1.91 57.66 -13.06
CA VAL F 148 -1.50 56.71 -14.08
C VAL F 148 -2.46 55.53 -13.99
N ILE F 149 -2.38 54.63 -14.96
CA ILE F 149 -3.30 53.51 -14.98
C ILE F 149 -3.06 52.59 -13.78
N ARG F 150 -1.81 52.45 -13.37
CA ARG F 150 -1.52 51.58 -12.24
C ARG F 150 -2.05 52.12 -10.92
N GLU F 151 -2.28 53.43 -10.83
CA GLU F 151 -2.63 54.01 -9.55
C GLU F 151 -4.11 53.88 -9.23
N VAL F 152 -4.97 53.92 -10.23
CA VAL F 152 -6.41 53.90 -9.97
C VAL F 152 -6.78 52.55 -9.37
N ARG F 153 -7.10 52.55 -8.08
CA ARG F 153 -7.36 51.34 -7.30
C ARG F 153 -8.85 51.27 -6.99
N ALA F 154 -9.22 50.30 -6.16
CA ALA F 154 -10.61 50.12 -5.80
C ALA F 154 -11.14 51.24 -4.91
N ASP F 155 -10.28 52.00 -4.26
CA ASP F 155 -10.76 53.09 -3.41
C ASP F 155 -11.31 54.26 -4.19
N SER F 156 -11.38 54.17 -5.51
CA SER F 156 -11.89 55.24 -6.34
C SER F 156 -12.80 54.66 -7.41
N VAL F 157 -13.67 53.74 -7.01
CA VAL F 157 -14.70 53.23 -7.89
C VAL F 157 -15.90 54.13 -7.79
N GLY F 158 -16.35 54.66 -8.92
CA GLY F 158 -17.47 55.56 -8.94
C GLY F 158 -17.12 57.01 -8.77
N LYS F 159 -15.86 57.37 -8.87
CA LYS F 159 -15.44 58.75 -8.74
C LYS F 159 -14.85 59.26 -10.04
N LEU F 160 -14.76 60.57 -10.15
CA LEU F 160 -14.18 61.20 -11.32
C LEU F 160 -12.67 61.11 -11.22
N VAL F 161 -12.05 60.45 -12.19
CA VAL F 161 -10.61 60.23 -12.18
C VAL F 161 -10.03 60.84 -13.43
N THR F 162 -8.72 60.69 -13.63
CA THR F 162 -8.08 61.18 -14.84
C THR F 162 -6.84 60.34 -15.09
N VAL F 163 -6.78 59.71 -16.25
CA VAL F 163 -5.67 58.81 -16.53
C VAL F 163 -4.93 59.29 -17.77
N ARG F 164 -3.70 58.83 -17.92
CA ARG F 164 -2.88 59.13 -19.07
C ARG F 164 -2.36 57.82 -19.63
N GLY F 165 -2.28 57.71 -20.96
CA GLY F 165 -1.78 56.46 -21.50
C GLY F 165 -1.61 56.50 -22.99
N ILE F 166 -1.40 55.31 -23.55
CA ILE F 166 -1.26 55.11 -24.98
C ILE F 166 -2.46 54.30 -25.44
N VAL F 167 -3.12 54.78 -26.49
CA VAL F 167 -4.28 54.08 -27.01
C VAL F 167 -3.84 52.78 -27.67
N THR F 168 -4.79 51.85 -27.78
CA THR F 168 -4.55 50.59 -28.47
C THR F 168 -5.90 50.03 -28.87
N ARG F 169 -5.95 49.44 -30.06
CA ARG F 169 -7.09 48.64 -30.50
C ARG F 169 -8.40 49.41 -30.42
N VAL F 170 -8.38 50.66 -30.87
CA VAL F 170 -9.63 51.41 -30.95
C VAL F 170 -10.55 50.72 -31.94
N SER F 171 -11.80 50.54 -31.53
CA SER F 171 -12.77 49.85 -32.38
C SER F 171 -13.28 50.81 -33.44
N GLU F 172 -14.37 50.44 -34.12
CA GLU F 172 -15.01 51.34 -35.05
C GLU F 172 -16.42 51.63 -34.56
N VAL F 173 -16.95 52.77 -34.99
CA VAL F 173 -18.23 53.24 -34.47
C VAL F 173 -19.34 52.26 -34.82
N LYS F 174 -20.17 51.95 -33.83
CA LYS F 174 -21.32 51.07 -34.01
C LYS F 174 -22.48 51.66 -33.24
N PRO F 175 -23.71 51.45 -33.70
CA PRO F 175 -24.86 52.06 -33.04
C PRO F 175 -25.23 51.28 -31.79
N LYS F 176 -25.36 51.99 -30.68
CA LYS F 176 -25.77 51.42 -29.40
C LYS F 176 -27.15 51.95 -29.08
N MET F 177 -28.07 51.06 -28.69
CA MET F 177 -29.43 51.49 -28.46
C MET F 177 -29.57 52.15 -27.10
N VAL F 178 -30.53 53.05 -26.98
CA VAL F 178 -30.82 53.72 -25.71
C VAL F 178 -32.29 53.53 -25.32
N VAL F 179 -33.21 53.73 -26.26
CA VAL F 179 -34.63 53.66 -25.99
C VAL F 179 -35.26 52.79 -27.06
N ALA F 180 -35.59 51.54 -26.72
CA ALA F 180 -36.17 50.64 -27.69
C ALA F 180 -37.65 50.93 -27.84
N THR F 181 -38.10 51.08 -29.09
CA THR F 181 -39.48 51.41 -29.40
C THR F 181 -40.17 50.23 -30.04
N TYR F 182 -41.18 49.70 -29.38
CA TYR F 182 -42.00 48.61 -29.88
C TYR F 182 -43.36 49.15 -30.30
N THR F 183 -44.07 48.33 -31.09
CA THR F 183 -45.40 48.67 -31.56
C THR F 183 -46.29 47.44 -31.51
N CYS F 184 -47.52 47.61 -31.02
CA CYS F 184 -48.54 46.58 -31.11
C CYS F 184 -49.34 46.84 -32.39
N ASP F 185 -49.07 46.03 -33.42
CA ASP F 185 -49.75 46.19 -34.70
C ASP F 185 -51.25 45.96 -34.57
N GLN F 186 -51.66 45.17 -33.58
CA GLN F 186 -53.07 44.85 -33.42
C GLN F 186 -53.84 46.05 -32.89
N CYS F 187 -53.45 46.59 -31.75
CA CYS F 187 -54.17 47.67 -31.09
C CYS F 187 -53.72 49.05 -31.54
N GLY F 188 -52.83 49.13 -32.53
CA GLY F 188 -52.37 50.41 -33.05
C GLY F 188 -51.79 51.34 -32.01
N ALA F 189 -50.75 50.90 -31.30
CA ALA F 189 -50.17 51.71 -30.23
C ALA F 189 -48.66 51.85 -30.39
N GLU F 190 -48.01 52.46 -29.39
CA GLU F 190 -46.57 52.66 -29.38
C GLU F 190 -46.08 52.54 -27.95
N THR F 191 -45.01 51.79 -27.74
CA THR F 191 -44.47 51.61 -26.40
C THR F 191 -42.96 51.71 -26.44
N TYR F 192 -42.35 52.02 -25.29
CA TYR F 192 -40.92 52.25 -25.22
C TYR F 192 -40.35 51.58 -23.98
N GLN F 193 -39.03 51.35 -24.01
CA GLN F 193 -38.36 50.94 -22.79
C GLN F 193 -36.90 51.39 -22.83
N PRO F 194 -36.37 51.89 -21.73
CA PRO F 194 -34.98 52.37 -21.74
C PRO F 194 -33.99 51.31 -21.28
N ILE F 195 -32.77 51.38 -21.81
CA ILE F 195 -31.77 50.33 -21.64
C ILE F 195 -30.62 50.88 -20.81
N GLN F 196 -30.09 50.06 -19.92
CA GLN F 196 -28.91 50.49 -19.18
C GLN F 196 -27.74 49.53 -19.30
N SER F 197 -27.98 48.23 -19.20
CA SER F 197 -26.92 47.25 -19.18
C SER F 197 -26.36 47.05 -20.58
N PRO F 198 -25.19 46.41 -20.71
CA PRO F 198 -24.76 45.98 -22.03
C PRO F 198 -25.61 44.89 -22.65
N THR F 199 -26.66 44.42 -21.97
CA THR F 199 -27.63 43.50 -22.53
C THR F 199 -29.01 43.91 -22.05
N PHE F 200 -30.04 43.33 -22.65
CA PHE F 200 -31.40 43.62 -22.23
C PHE F 200 -32.36 42.64 -22.86
N MET F 201 -33.41 42.30 -22.14
CA MET F 201 -34.40 41.36 -22.62
C MET F 201 -35.59 42.11 -23.21
N PRO F 202 -36.00 41.80 -24.43
CA PRO F 202 -37.11 42.55 -25.04
C PRO F 202 -38.44 42.24 -24.38
N LEU F 203 -39.53 42.77 -24.92
CA LEU F 203 -40.86 42.61 -24.34
C LEU F 203 -41.79 41.92 -25.33
N ILE F 204 -42.65 41.06 -24.79
CA ILE F 204 -43.68 40.38 -25.58
C ILE F 204 -45.06 40.57 -24.94
N MET F 205 -45.27 41.69 -24.25
CA MET F 205 -46.50 41.89 -23.49
C MET F 205 -47.57 42.64 -24.30
N CYS F 206 -47.22 43.84 -24.75
CA CYS F 206 -48.18 44.92 -24.98
C CYS F 206 -48.92 45.19 -23.66
N PRO F 207 -48.23 45.69 -22.65
CA PRO F 207 -48.82 45.75 -21.30
C PRO F 207 -49.98 46.71 -21.18
N SER F 208 -50.30 47.47 -22.22
CA SER F 208 -51.51 48.28 -22.21
C SER F 208 -52.71 47.43 -21.80
N GLN F 209 -53.31 47.75 -20.66
CA GLN F 209 -54.40 46.93 -20.13
C GLN F 209 -55.62 46.90 -21.04
N GLU F 210 -55.74 47.87 -21.94
CA GLU F 210 -56.90 47.90 -22.83
C GLU F 210 -56.79 46.82 -23.90
N CYS F 211 -55.63 46.73 -24.55
CA CYS F 211 -55.43 45.71 -25.57
C CYS F 211 -55.56 44.31 -24.98
N GLN F 212 -54.99 44.11 -23.78
CA GLN F 212 -55.12 42.83 -23.11
C GLN F 212 -56.56 42.56 -22.69
N THR F 213 -57.25 43.60 -22.19
CA THR F 213 -58.56 43.40 -21.62
C THR F 213 -59.59 43.07 -22.69
N ASN F 214 -59.54 43.78 -23.81
CA ASN F 214 -60.51 43.54 -24.88
C ASN F 214 -60.42 42.11 -25.41
N ARG F 215 -59.21 41.61 -25.62
CA ARG F 215 -59.06 40.41 -26.43
C ARG F 215 -58.14 39.34 -25.87
N SER F 216 -57.38 39.66 -24.81
CA SER F 216 -56.45 38.72 -24.18
C SER F 216 -55.54 38.04 -25.21
N GLY F 217 -55.01 38.84 -26.12
CA GLY F 217 -54.17 38.31 -27.17
C GLY F 217 -53.53 39.38 -28.05
N GLY F 218 -52.25 39.20 -28.36
CA GLY F 218 -51.56 40.14 -29.21
C GLY F 218 -50.07 40.24 -28.91
N ARG F 219 -49.26 40.25 -29.96
CA ARG F 219 -47.82 40.40 -29.87
C ARG F 219 -47.43 41.75 -30.44
N LEU F 220 -46.23 42.21 -30.05
CA LEU F 220 -45.76 43.52 -30.44
C LEU F 220 -44.34 43.42 -30.99
N TYR F 221 -44.11 44.07 -32.11
CA TYR F 221 -42.85 43.95 -32.83
C TYR F 221 -41.86 45.00 -32.36
N LEU F 222 -40.58 44.66 -32.39
CA LEU F 222 -39.54 45.66 -32.25
C LEU F 222 -39.45 46.48 -33.53
N GLN F 223 -38.76 47.61 -33.45
CA GLN F 223 -38.70 48.52 -34.59
C GLN F 223 -37.49 49.41 -34.47
N THR F 224 -36.77 49.58 -35.58
CA THR F 224 -35.54 50.37 -35.58
C THR F 224 -35.75 51.74 -36.22
N ARG F 225 -36.98 52.25 -36.22
CA ARG F 225 -37.24 53.61 -36.65
C ARG F 225 -37.54 54.53 -35.48
N GLY F 226 -38.55 54.19 -34.69
CA GLY F 226 -38.91 55.02 -33.55
C GLY F 226 -37.90 54.97 -32.42
N SER F 227 -36.99 54.01 -32.43
CA SER F 227 -36.01 53.88 -31.38
C SER F 227 -34.93 54.95 -31.54
N ARG F 228 -33.98 54.97 -30.62
CA ARG F 228 -32.90 55.94 -30.65
C ARG F 228 -31.59 55.23 -30.36
N PHE F 229 -30.65 55.37 -31.29
CA PHE F 229 -29.30 54.87 -31.11
C PHE F 229 -28.38 56.03 -30.76
N ILE F 230 -27.13 55.68 -30.46
CA ILE F 230 -26.10 56.64 -30.14
C ILE F 230 -24.77 56.00 -30.50
N LYS F 231 -23.85 56.81 -31.03
CA LYS F 231 -22.57 56.27 -31.45
C LYS F 231 -21.86 55.66 -30.26
N PHE F 232 -20.87 54.82 -30.54
CA PHE F 232 -20.27 54.04 -29.48
C PHE F 232 -19.03 53.36 -30.02
N GLN F 233 -17.95 53.38 -29.25
CA GLN F 233 -16.79 52.57 -29.57
C GLN F 233 -15.97 52.38 -28.33
N GLU F 234 -15.35 51.22 -28.22
CA GLU F 234 -14.51 50.87 -27.09
C GLU F 234 -13.05 50.84 -27.52
N MET F 235 -12.17 51.22 -26.61
CA MET F 235 -10.76 51.29 -26.95
C MET F 235 -9.95 51.03 -25.69
N LYS F 236 -8.80 50.39 -25.83
CA LYS F 236 -8.03 50.07 -24.66
C LYS F 236 -6.91 51.07 -24.49
N MET F 237 -6.45 51.21 -23.26
CA MET F 237 -5.31 52.04 -22.96
C MET F 237 -4.27 51.22 -22.23
N GLN F 238 -3.01 51.57 -22.49
CA GLN F 238 -1.89 50.94 -21.81
C GLN F 238 -1.01 52.01 -21.19
N GLU F 239 -0.27 51.61 -20.17
CA GLU F 239 0.70 52.51 -19.56
C GLU F 239 1.79 52.87 -20.56
N HIS F 240 2.39 54.03 -20.37
CA HIS F 240 3.64 54.32 -21.04
C HIS F 240 4.69 53.37 -20.51
N SER F 241 5.31 52.59 -21.41
CA SER F 241 6.32 51.65 -20.95
C SER F 241 7.49 52.35 -20.27
N ASP F 242 7.51 53.67 -20.26
CA ASP F 242 8.51 54.42 -19.52
C ASP F 242 8.20 54.40 -18.03
N GLN F 243 6.97 54.70 -17.66
CA GLN F 243 6.59 54.82 -16.25
C GLN F 243 6.14 53.49 -15.68
N VAL F 244 6.98 52.47 -15.88
CA VAL F 244 6.74 51.13 -15.36
C VAL F 244 7.95 50.74 -14.53
N PRO F 245 7.79 50.03 -13.42
CA PRO F 245 8.95 49.47 -12.73
C PRO F 245 9.85 48.74 -13.70
N VAL F 246 11.13 48.67 -13.35
CA VAL F 246 12.23 48.40 -14.27
C VAL F 246 11.94 47.27 -15.23
N GLY F 247 11.25 46.23 -14.77
CA GLY F 247 10.97 45.11 -15.64
C GLY F 247 9.57 44.55 -15.50
N ASN F 248 8.62 45.39 -15.13
CA ASN F 248 7.26 44.94 -14.91
C ASN F 248 6.43 45.03 -16.19
N ILE F 249 5.30 44.34 -16.19
CA ILE F 249 4.43 44.26 -17.36
C ILE F 249 3.41 45.38 -17.28
N PRO F 250 3.16 46.10 -18.37
CA PRO F 250 2.17 47.17 -18.32
C PRO F 250 0.76 46.64 -18.21
N ARG F 251 -0.08 47.37 -17.50
CA ARG F 251 -1.48 47.03 -17.32
C ARG F 251 -2.36 47.90 -18.22
N SER F 252 -3.51 47.36 -18.58
CA SER F 252 -4.43 48.00 -19.50
C SER F 252 -5.67 48.47 -18.76
N ILE F 253 -6.49 49.24 -19.47
CA ILE F 253 -7.81 49.63 -18.98
C ILE F 253 -8.70 49.79 -20.19
N THR F 254 -10.00 49.66 -19.99
CA THR F 254 -10.96 49.75 -21.07
C THR F 254 -11.71 51.06 -21.01
N VAL F 255 -11.92 51.69 -22.15
CA VAL F 255 -12.57 52.99 -22.22
C VAL F 255 -13.74 52.87 -23.16
N LEU F 256 -14.94 53.25 -22.70
CA LEU F 256 -16.16 53.18 -23.49
C LEU F 256 -16.50 54.58 -23.99
N VAL F 257 -15.86 54.97 -25.08
CA VAL F 257 -16.15 56.28 -25.65
C VAL F 257 -17.50 56.22 -26.34
N GLU F 258 -18.31 57.25 -26.17
CA GLU F 258 -19.62 57.20 -26.81
C GLU F 258 -20.21 58.60 -26.87
N GLY F 259 -21.07 58.83 -27.84
CA GLY F 259 -21.72 60.10 -27.98
C GLY F 259 -21.01 61.02 -28.93
N GLU F 260 -20.20 61.93 -28.39
CA GLU F 260 -19.49 62.90 -29.21
C GLU F 260 -17.98 62.74 -29.16
N ASN F 261 -17.45 62.04 -28.17
CA ASN F 261 -16.01 61.86 -28.08
C ASN F 261 -15.47 60.84 -29.07
N THR F 262 -16.32 60.22 -29.87
CA THR F 262 -15.86 59.21 -30.80
C THR F 262 -15.01 59.83 -31.91
N ARG F 263 -14.20 58.99 -32.54
CA ARG F 263 -13.34 59.34 -33.66
C ARG F 263 -12.33 60.41 -33.30
N ILE F 264 -12.07 60.62 -32.02
CA ILE F 264 -11.04 61.58 -31.62
C ILE F 264 -9.67 60.95 -31.67
N ALA F 265 -9.52 59.79 -31.06
CA ALA F 265 -8.23 59.17 -30.85
C ALA F 265 -7.95 58.10 -31.90
N GLN F 266 -6.77 58.07 -32.35
CA GLN F 266 -6.21 57.10 -33.28
C GLN F 266 -5.38 56.08 -32.51
N PRO F 267 -5.29 54.84 -32.98
CA PRO F 267 -4.50 53.84 -32.27
C PRO F 267 -3.03 54.18 -32.30
N GLY F 268 -2.32 53.74 -31.27
CA GLY F 268 -0.93 54.10 -31.12
C GLY F 268 -0.77 55.59 -30.92
N ASP F 269 -1.20 56.09 -29.77
CA ASP F 269 -1.31 57.52 -29.56
C ASP F 269 -1.26 57.82 -28.07
N HIS F 270 -0.66 58.95 -27.73
CA HIS F 270 -0.64 59.43 -26.36
C HIS F 270 -1.89 60.26 -26.10
N VAL F 271 -2.59 59.96 -25.02
CA VAL F 271 -3.89 60.57 -24.77
C VAL F 271 -4.08 60.70 -23.27
N SER F 272 -4.99 61.60 -22.89
CA SER F 272 -5.36 61.80 -21.50
C SER F 272 -6.87 61.78 -21.41
N VAL F 273 -7.41 60.95 -20.53
CA VAL F 273 -8.83 60.66 -20.46
C VAL F 273 -9.36 61.07 -19.11
N THR F 274 -10.61 61.53 -19.08
CA THR F 274 -11.29 61.93 -17.87
C THR F 274 -12.65 61.29 -17.86
N GLY F 275 -12.91 60.45 -16.88
CA GLY F 275 -14.19 59.78 -16.82
C GLY F 275 -14.33 58.94 -15.57
N ILE F 276 -15.57 58.56 -15.29
CA ILE F 276 -15.87 57.74 -14.13
C ILE F 276 -15.26 56.36 -14.28
N PHE F 277 -15.06 55.69 -13.15
CA PHE F 277 -14.43 54.38 -13.08
C PHE F 277 -15.40 53.41 -12.42
N LEU F 278 -16.09 52.60 -13.20
CA LEU F 278 -17.21 51.81 -12.75
C LEU F 278 -16.94 50.31 -12.90
N PRO F 279 -17.72 49.48 -12.24
CA PRO F 279 -17.64 48.03 -12.46
C PRO F 279 -18.65 47.57 -13.49
N ILE F 280 -18.44 46.36 -13.99
CA ILE F 280 -19.27 45.79 -15.05
C ILE F 280 -20.40 44.97 -14.45
N LEU F 281 -21.59 45.14 -15.00
CA LEU F 281 -22.78 44.44 -14.53
C LEU F 281 -22.75 42.98 -14.95
N ARG F 282 -23.48 42.16 -14.20
CA ARG F 282 -23.52 40.71 -14.39
C ARG F 282 -22.13 40.11 -14.22
N GLY F 291 -18.38 35.79 -8.37
CA GLY F 291 -19.30 36.17 -7.31
C GLY F 291 -19.23 37.65 -6.98
N LEU F 292 -18.36 38.00 -6.04
CA LEU F 292 -18.23 39.38 -5.60
C LEU F 292 -17.10 40.14 -6.28
N LEU F 293 -16.17 39.44 -6.93
CA LEU F 293 -15.15 40.11 -7.71
C LEU F 293 -15.79 40.83 -8.90
N SER F 294 -15.12 41.86 -9.39
CA SER F 294 -15.71 42.68 -10.45
C SER F 294 -14.64 43.16 -11.41
N GLU F 295 -14.99 43.20 -12.69
CA GLU F 295 -14.13 43.74 -13.73
C GLU F 295 -14.60 45.15 -14.08
N THR F 296 -13.65 46.05 -14.34
CA THR F 296 -13.94 47.47 -14.36
C THR F 296 -13.51 48.11 -15.67
N TYR F 297 -14.22 49.16 -16.04
CA TYR F 297 -13.93 49.94 -17.24
C TYR F 297 -14.02 51.41 -16.90
N LEU F 298 -13.34 52.23 -17.70
CA LEU F 298 -13.38 53.68 -17.57
C LEU F 298 -14.39 54.22 -18.55
N GLU F 299 -15.31 55.03 -18.08
CA GLU F 299 -16.40 55.56 -18.89
C GLU F 299 -16.07 57.00 -19.26
N ALA F 300 -15.51 57.20 -20.44
CA ALA F 300 -14.86 58.47 -20.77
C ALA F 300 -15.87 59.61 -20.86
N HIS F 301 -15.51 60.74 -20.23
CA HIS F 301 -16.25 61.98 -20.35
C HIS F 301 -15.51 63.03 -21.14
N ARG F 302 -14.19 62.92 -21.27
CA ARG F 302 -13.42 63.92 -21.98
C ARG F 302 -12.10 63.31 -22.42
N ILE F 303 -11.70 63.54 -23.67
CA ILE F 303 -10.49 62.95 -24.23
C ILE F 303 -9.66 64.04 -24.85
N VAL F 304 -8.40 64.18 -24.41
CA VAL F 304 -7.52 65.22 -24.91
C VAL F 304 -6.23 64.59 -25.40
N LYS F 305 -5.80 64.96 -26.59
CA LYS F 305 -4.56 64.43 -27.14
C LYS F 305 -3.38 65.21 -26.59
N MET F 306 -2.39 64.49 -26.08
CA MET F 306 -1.20 65.12 -25.49
C MET F 306 0.05 64.68 -26.24
N ASN F 307 -0.01 64.70 -27.57
CA ASN F 307 1.12 64.24 -28.37
C ASN F 307 2.35 65.10 -28.13
N LYS F 308 2.17 66.41 -28.14
CA LYS F 308 3.27 67.39 -28.07
C LYS F 308 3.93 67.43 -26.70
N SER F 309 3.57 66.54 -25.80
CA SER F 309 3.99 66.44 -24.40
C SER F 309 3.27 67.46 -23.52
N GLU F 310 2.49 68.39 -24.08
CA GLU F 310 1.72 69.32 -23.28
C GLU F 310 0.22 69.18 -23.51
N ASP F 311 -0.20 69.40 -24.75
CA ASP F 311 -1.64 69.30 -25.15
C ASP F 311 -1.69 69.52 -26.67
N ASP F 312 -2.58 68.82 -27.38
CA ASP F 312 -2.62 68.94 -28.86
C ASP F 312 -2.74 70.41 -29.26
N GLU F 313 -1.64 71.00 -29.76
CA GLU F 313 -1.65 72.44 -30.14
C GLU F 313 -1.34 72.56 -31.64
N SER F 314 -1.54 71.48 -32.40
CA SER F 314 -1.32 71.51 -33.87
C SER F 314 -2.32 72.47 -34.52
N GLY F 315 -3.58 72.40 -34.11
CA GLY F 315 -4.62 73.28 -34.66
C GLY F 315 -4.43 74.73 -34.24
N ALA F 316 -3.65 74.96 -33.17
CA ALA F 316 -3.37 76.33 -32.70
C ALA F 316 -2.06 76.84 -33.30
N GLY F 317 -1.70 76.37 -34.50
CA GLY F 317 -0.47 76.82 -35.17
C GLY F 317 -0.65 78.19 -35.82
N GLU F 318 -0.72 79.24 -35.00
CA GLU F 318 -0.96 80.62 -35.54
C GLU F 318 0.33 81.44 -35.46
N LEU F 319 0.82 81.91 -36.61
CA LEU F 319 2.04 82.76 -36.63
C LEU F 319 1.63 84.23 -36.50
N THR F 320 2.27 84.98 -35.59
CA THR F 320 1.90 86.40 -35.37
C THR F 320 2.74 87.31 -36.27
N ARG F 321 2.41 88.60 -36.35
CA ARG F 321 3.17 89.54 -37.16
C ARG F 321 4.56 89.74 -36.60
N GLU F 322 4.70 89.69 -35.28
CA GLU F 322 6.00 89.78 -34.64
C GLU F 322 6.88 88.59 -34.94
N GLU F 323 6.30 87.48 -35.42
CA GLU F 323 7.06 86.35 -35.93
C GLU F 323 7.25 86.41 -37.43
N LEU F 324 6.23 86.89 -38.16
CA LEU F 324 6.44 87.23 -39.56
C LEU F 324 7.63 88.17 -39.70
N ARG F 325 7.92 88.96 -38.66
CA ARG F 325 9.16 89.72 -38.62
C ARG F 325 10.35 88.82 -38.91
N GLN F 326 10.49 87.74 -38.15
CA GLN F 326 11.61 86.84 -38.35
C GLN F 326 11.52 86.14 -39.70
N ILE F 327 10.34 85.57 -40.00
CA ILE F 327 10.19 84.77 -41.21
C ILE F 327 10.46 85.59 -42.46
N ALA F 328 10.35 86.91 -42.37
CA ALA F 328 10.60 87.79 -43.50
C ALA F 328 12.05 88.25 -43.58
N GLU F 329 12.86 87.95 -42.58
CA GLU F 329 14.24 88.39 -42.60
C GLU F 329 14.97 87.81 -43.80
N GLU F 330 16.16 88.35 -44.07
CA GLU F 330 16.90 87.94 -45.25
C GLU F 330 17.27 86.46 -45.18
N ASP F 331 17.76 86.00 -44.03
CA ASP F 331 18.31 84.66 -43.91
C ASP F 331 17.51 83.79 -42.97
N PHE F 332 16.17 83.83 -43.08
CA PHE F 332 15.34 82.97 -42.26
C PHE F 332 15.74 81.50 -42.43
N TYR F 333 16.15 81.13 -43.63
CA TYR F 333 16.57 79.75 -43.88
C TYR F 333 17.79 79.37 -43.06
N GLU F 334 18.63 80.34 -42.72
CA GLU F 334 19.86 80.06 -42.01
C GLU F 334 19.72 80.13 -40.50
N LYS F 335 18.67 80.75 -39.98
CA LYS F 335 18.45 80.73 -38.53
C LYS F 335 17.98 79.35 -38.10
N LEU F 336 16.97 78.82 -38.79
CA LEU F 336 16.47 77.49 -38.46
C LEU F 336 17.59 76.46 -38.51
N ALA F 337 18.40 76.51 -39.55
CA ALA F 337 19.49 75.54 -39.71
C ALA F 337 20.39 75.53 -38.49
N ALA F 338 20.68 76.71 -37.93
CA ALA F 338 21.52 76.75 -36.74
C ALA F 338 20.76 76.39 -35.48
N SER F 339 19.43 76.48 -35.51
CA SER F 339 18.62 76.18 -34.33
C SER F 339 18.04 74.76 -34.36
N ILE F 340 18.75 73.82 -34.96
CA ILE F 340 18.37 72.42 -34.97
C ILE F 340 19.40 71.66 -34.16
N ALA F 341 18.97 71.09 -33.03
CA ALA F 341 19.85 70.40 -32.10
C ALA F 341 21.07 71.27 -31.80
N PRO F 342 20.90 72.37 -31.07
CA PRO F 342 22.04 73.26 -30.85
C PRO F 342 23.10 72.68 -29.96
N GLU F 343 22.77 71.64 -29.19
CA GLU F 343 23.74 71.01 -28.31
C GLU F 343 24.91 70.39 -29.06
N ILE F 344 24.89 70.35 -30.39
CA ILE F 344 25.87 69.63 -31.19
C ILE F 344 26.72 70.61 -31.96
N TYR F 345 28.01 70.64 -31.66
CA TYR F 345 28.89 71.58 -32.33
C TYR F 345 29.13 71.15 -33.76
N GLY F 346 29.40 72.12 -34.62
CA GLY F 346 29.78 71.81 -35.99
C GLY F 346 28.59 71.44 -36.86
N HIS F 347 28.86 70.67 -37.90
CA HIS F 347 27.84 70.13 -38.78
C HIS F 347 26.91 71.23 -39.28
N GLU F 348 27.50 72.28 -39.83
CA GLU F 348 26.69 73.39 -40.28
C GLU F 348 25.86 73.02 -41.50
N ASP F 349 26.35 72.09 -42.32
CA ASP F 349 25.68 71.73 -43.56
C ASP F 349 24.68 70.60 -43.38
N VAL F 350 24.98 69.64 -42.52
CA VAL F 350 24.02 68.56 -42.30
C VAL F 350 22.71 69.11 -41.77
N LYS F 351 22.79 70.07 -40.87
CA LYS F 351 21.58 70.68 -40.36
C LYS F 351 20.85 71.48 -41.42
N LYS F 352 21.53 71.84 -42.51
CA LYS F 352 20.85 72.52 -43.59
C LYS F 352 20.01 71.57 -44.43
N ALA F 353 20.39 70.30 -44.47
CA ALA F 353 19.66 69.28 -45.22
C ALA F 353 18.58 68.62 -44.37
N LEU F 354 18.85 68.39 -43.09
CA LEU F 354 17.82 67.86 -42.22
C LEU F 354 16.63 68.78 -42.08
N LEU F 355 16.74 70.02 -42.52
CA LEU F 355 15.58 70.88 -42.55
C LEU F 355 14.78 70.70 -43.83
N LEU F 356 15.46 70.57 -44.96
CA LEU F 356 14.77 70.25 -46.21
C LEU F 356 14.01 68.95 -46.08
N LEU F 357 14.57 67.98 -45.38
CA LEU F 357 13.85 66.74 -45.17
C LEU F 357 12.55 66.98 -44.41
N LEU F 358 12.55 67.93 -43.48
CA LEU F 358 11.34 68.21 -42.72
C LEU F 358 10.34 69.05 -43.50
N VAL F 359 10.79 69.82 -44.48
CA VAL F 359 9.88 70.63 -45.28
C VAL F 359 9.37 69.85 -46.49
N GLY F 360 10.27 69.22 -47.24
CA GLY F 360 9.84 68.36 -48.33
C GLY F 360 9.48 69.11 -49.59
N GLY F 361 9.84 68.55 -50.74
CA GLY F 361 9.54 69.15 -52.01
C GLY F 361 8.06 69.04 -52.37
N VAL F 362 7.78 69.35 -53.62
CA VAL F 362 6.42 69.26 -54.14
C VAL F 362 6.33 68.04 -55.05
N ASP F 363 5.12 67.52 -55.19
CA ASP F 363 4.88 66.25 -55.88
C ASP F 363 3.92 66.47 -57.02
N GLN F 364 4.29 65.99 -58.20
CA GLN F 364 3.53 66.23 -59.41
C GLN F 364 2.66 65.04 -59.76
N SER F 365 1.92 65.17 -60.86
CA SER F 365 1.10 64.12 -61.40
C SER F 365 0.74 64.42 -62.85
N PRO F 366 1.70 64.39 -63.77
CA PRO F 366 1.40 64.68 -65.17
C PRO F 366 1.06 63.44 -65.97
N ARG F 367 0.00 63.55 -66.77
CA ARG F 367 -0.47 62.45 -67.62
C ARG F 367 -0.66 61.16 -66.82
N GLY F 368 -0.95 61.30 -65.53
CA GLY F 368 -1.06 60.13 -64.67
C GLY F 368 0.26 59.41 -64.52
N MET F 369 1.25 60.08 -63.93
CA MET F 369 2.55 59.48 -63.68
C MET F 369 3.08 60.13 -62.39
N LYS F 370 2.82 59.50 -61.26
CA LYS F 370 3.13 60.13 -59.99
C LYS F 370 4.63 60.28 -59.79
N ILE F 371 5.01 61.39 -59.17
CA ILE F 371 6.38 61.65 -58.74
C ILE F 371 6.34 62.01 -57.28
N ARG F 372 7.19 61.38 -56.48
CA ARG F 372 7.11 61.61 -55.05
C ARG F 372 7.70 62.97 -54.71
N GLY F 373 7.25 63.52 -53.59
CA GLY F 373 7.67 64.84 -53.18
C GLY F 373 8.27 64.84 -51.78
N ASN F 374 8.83 63.72 -51.37
CA ASN F 374 9.53 63.59 -50.11
C ASN F 374 11.01 63.45 -50.39
N ILE F 375 11.82 63.53 -49.35
CA ILE F 375 13.27 63.44 -49.48
C ILE F 375 13.79 62.40 -48.49
N ASN F 376 14.71 61.57 -48.94
CA ASN F 376 15.33 60.56 -48.09
C ASN F 376 16.81 60.88 -47.95
N ILE F 377 17.36 60.62 -46.77
CA ILE F 377 18.71 61.06 -46.44
C ILE F 377 19.39 60.01 -45.57
N CYS F 378 20.63 59.67 -45.91
CA CYS F 378 21.45 58.75 -45.13
C CYS F 378 22.68 59.48 -44.62
N LEU F 379 23.24 58.99 -43.52
CA LEU F 379 24.29 59.70 -42.81
C LEU F 379 25.48 58.78 -42.55
N MET F 380 25.98 58.12 -43.59
CA MET F 380 27.19 57.32 -43.46
C MET F 380 28.28 58.15 -42.80
N GLY F 381 28.94 57.59 -41.79
CA GLY F 381 29.99 58.33 -41.12
C GLY F 381 30.62 57.52 -40.00
N ASP F 382 31.79 57.99 -39.59
CA ASP F 382 32.64 57.33 -38.59
C ASP F 382 31.93 57.23 -37.25
N PRO F 383 32.47 56.48 -36.29
CA PRO F 383 31.81 56.38 -34.98
C PRO F 383 32.03 57.61 -34.13
N GLY F 384 31.02 57.92 -33.33
CA GLY F 384 31.08 59.06 -32.44
C GLY F 384 31.08 60.38 -33.17
N VAL F 385 30.05 60.65 -33.96
CA VAL F 385 29.93 61.93 -34.66
C VAL F 385 28.51 62.45 -34.42
N ALA F 386 27.82 61.85 -33.44
CA ALA F 386 26.52 62.33 -32.98
C ALA F 386 25.43 62.14 -34.03
N LYS F 387 25.39 60.98 -34.66
CA LYS F 387 24.32 60.73 -35.61
C LYS F 387 23.04 60.29 -34.90
N SER F 388 23.16 59.37 -33.95
CA SER F 388 22.02 58.97 -33.15
C SER F 388 21.56 60.07 -32.21
N GLN F 389 22.22 61.23 -32.21
CA GLN F 389 21.68 62.41 -31.54
C GLN F 389 20.85 63.24 -32.50
N LEU F 390 21.38 63.47 -33.69
CA LEU F 390 20.63 64.15 -34.73
C LEU F 390 19.30 63.45 -35.00
N LEU F 391 19.33 62.12 -35.09
CA LEU F 391 18.08 61.41 -35.37
C LEU F 391 17.11 61.53 -34.22
N SER F 392 17.60 61.38 -32.98
CA SER F 392 16.69 61.52 -31.85
C SER F 392 16.10 62.90 -31.80
N TYR F 393 16.81 63.91 -32.31
CA TYR F 393 16.23 65.24 -32.32
C TYR F 393 15.18 65.38 -33.41
N ILE F 394 15.48 64.92 -34.62
CA ILE F 394 14.51 65.00 -35.69
C ILE F 394 13.28 64.14 -35.42
N ASP F 395 13.38 63.21 -34.48
CA ASP F 395 12.18 62.47 -34.08
C ASP F 395 11.22 63.36 -33.32
N ARG F 396 11.72 64.19 -32.42
CA ARG F 396 10.85 64.99 -31.57
C ARG F 396 10.34 66.24 -32.26
N LEU F 397 10.97 66.65 -33.36
CA LEU F 397 10.56 67.81 -34.12
C LEU F 397 9.63 67.45 -35.28
N ALA F 398 8.86 66.39 -35.15
CA ALA F 398 7.99 66.07 -36.25
C ALA F 398 6.61 65.69 -35.71
N PRO F 399 5.57 66.18 -36.34
CA PRO F 399 4.22 65.87 -35.87
C PRO F 399 3.96 64.37 -35.81
N ARG F 400 4.16 63.68 -36.91
CA ARG F 400 4.03 62.22 -36.97
C ARG F 400 5.42 61.65 -37.19
N SER F 401 5.94 60.95 -36.20
CA SER F 401 7.29 60.41 -36.31
C SER F 401 7.33 59.03 -35.72
N GLN F 402 8.39 58.31 -36.05
CA GLN F 402 8.61 56.96 -35.55
C GLN F 402 10.10 56.74 -35.43
N TYR F 403 10.50 55.91 -34.49
CA TYR F 403 11.90 55.60 -34.31
C TYR F 403 12.05 54.09 -34.33
N THR F 404 13.03 53.60 -35.06
CA THR F 404 13.24 52.18 -35.23
C THR F 404 14.73 51.92 -35.31
N THR F 405 15.14 50.74 -34.89
CA THR F 405 16.54 50.34 -34.93
C THR F 405 16.68 49.14 -35.86
N GLY F 406 17.74 49.14 -36.66
CA GLY F 406 17.89 48.10 -37.65
C GLY F 406 18.00 46.71 -37.05
N ARG F 407 18.71 46.59 -35.94
CA ARG F 407 18.95 45.28 -35.35
C ARG F 407 17.82 44.84 -34.44
N GLY F 408 16.83 45.68 -34.22
CA GLY F 408 15.72 45.29 -33.37
C GLY F 408 14.38 45.42 -34.05
N SER F 409 14.32 45.12 -35.35
CA SER F 409 13.07 45.25 -36.08
C SER F 409 13.14 44.40 -37.34
N SER F 410 12.11 43.61 -37.56
CA SER F 410 12.05 42.70 -38.68
C SER F 410 11.30 43.32 -39.85
N GLY F 411 11.58 42.82 -41.05
CA GLY F 411 11.09 43.44 -42.27
C GLY F 411 9.60 43.46 -42.41
N VAL F 412 8.89 42.54 -41.76
CA VAL F 412 7.44 42.59 -41.76
C VAL F 412 6.93 43.53 -40.68
N GLY F 413 7.75 43.83 -39.68
CA GLY F 413 7.34 44.78 -38.67
C GLY F 413 7.56 46.22 -39.06
N LEU F 414 8.30 46.47 -40.14
CA LEU F 414 8.37 47.82 -40.68
C LEU F 414 7.16 48.13 -41.55
N THR F 415 6.85 47.25 -42.50
CA THR F 415 5.82 47.59 -43.47
C THR F 415 4.41 47.33 -42.96
N ALA F 416 4.04 46.06 -42.82
CA ALA F 416 2.72 45.68 -42.32
C ALA F 416 2.69 44.16 -42.19
N ALA F 417 2.03 43.68 -41.15
CA ALA F 417 2.04 42.26 -40.84
C ALA F 417 0.63 41.72 -40.75
N VAL F 418 0.46 40.47 -41.17
CA VAL F 418 -0.80 39.76 -41.08
C VAL F 418 -0.71 38.78 -39.92
N LEU F 419 -1.62 38.91 -38.96
CA LEU F 419 -1.56 38.13 -37.74
C LEU F 419 -2.93 37.59 -37.37
N ARG F 420 -2.95 36.40 -36.79
CA ARG F 420 -4.19 35.70 -36.50
C ARG F 420 -4.64 35.94 -35.06
N ASP F 421 -5.93 35.75 -34.84
CA ASP F 421 -6.54 35.91 -33.53
C ASP F 421 -7.00 34.53 -33.07
N SER F 422 -6.32 34.00 -32.05
CA SER F 422 -6.65 32.68 -31.54
C SER F 422 -8.03 32.61 -30.91
N VAL F 423 -8.71 33.75 -30.76
CA VAL F 423 -10.10 33.77 -30.29
C VAL F 423 -11.08 33.56 -31.43
N SER F 424 -10.75 34.03 -32.63
CA SER F 424 -11.63 33.93 -33.78
C SER F 424 -11.03 33.18 -34.95
N GLY F 425 -9.72 32.92 -34.95
CA GLY F 425 -9.07 32.30 -36.08
C GLY F 425 -8.99 33.16 -37.32
N GLU F 426 -9.33 34.44 -37.22
CA GLU F 426 -9.38 35.33 -38.37
C GLU F 426 -8.11 36.14 -38.48
N LEU F 427 -7.56 36.21 -39.69
CA LEU F 427 -6.34 36.95 -39.95
C LEU F 427 -6.67 38.41 -40.19
N THR F 428 -5.99 39.29 -39.45
CA THR F 428 -6.17 40.71 -39.65
C THR F 428 -4.84 41.37 -39.96
N LEU F 429 -4.91 42.55 -40.56
CA LEU F 429 -3.74 43.34 -40.88
C LEU F 429 -3.36 44.20 -39.68
N GLU F 430 -2.08 44.56 -39.63
CA GLU F 430 -1.57 45.39 -38.55
C GLU F 430 -0.43 46.22 -39.11
N GLY F 431 -0.59 47.54 -39.12
CA GLY F 431 0.40 48.39 -39.73
C GLY F 431 1.75 48.29 -39.06
N GLY F 432 2.79 48.59 -39.81
CA GLY F 432 4.14 48.58 -39.33
C GLY F 432 4.59 49.95 -38.90
N ALA F 433 5.89 50.19 -39.01
CA ALA F 433 6.40 51.51 -38.67
C ALA F 433 6.08 52.51 -39.76
N LEU F 434 6.35 52.14 -41.02
CA LEU F 434 6.17 53.08 -42.11
C LEU F 434 4.72 53.45 -42.34
N VAL F 435 3.79 52.62 -41.91
CA VAL F 435 2.38 52.97 -42.04
C VAL F 435 1.99 53.97 -40.96
N LEU F 436 2.38 53.70 -39.71
CA LEU F 436 2.03 54.60 -38.63
C LEU F 436 2.67 55.98 -38.78
N ALA F 437 3.64 56.11 -39.68
CA ALA F 437 4.35 57.36 -39.88
C ALA F 437 4.00 57.89 -41.26
N ASP F 438 2.70 57.88 -41.57
CA ASP F 438 2.26 58.10 -42.94
C ASP F 438 2.69 59.45 -43.47
N GLN F 439 2.20 60.53 -42.86
CA GLN F 439 2.50 61.87 -43.37
C GLN F 439 3.66 62.51 -42.65
N GLY F 440 4.60 61.74 -42.15
CA GLY F 440 5.66 62.26 -41.31
C GLY F 440 7.02 61.74 -41.71
N VAL F 441 7.82 61.42 -40.70
CA VAL F 441 9.20 61.02 -40.86
C VAL F 441 9.43 59.73 -40.09
N CYS F 442 10.22 58.83 -40.67
CA CYS F 442 10.65 57.62 -39.99
C CYS F 442 12.16 57.64 -39.86
N CYS F 443 12.67 57.10 -38.77
CA CYS F 443 14.10 57.17 -38.45
C CYS F 443 14.61 55.77 -38.16
N ILE F 444 15.62 55.34 -38.90
CA ILE F 444 16.18 53.99 -38.78
C ILE F 444 17.69 54.16 -38.62
N ASP F 445 18.17 54.13 -37.39
CA ASP F 445 19.61 54.07 -37.18
C ASP F 445 20.05 52.63 -37.02
N GLU F 446 21.37 52.43 -37.09
CA GLU F 446 21.96 51.11 -37.28
C GLU F 446 21.38 50.46 -38.53
N PHE F 447 21.61 51.11 -39.65
CA PHE F 447 21.01 50.72 -40.92
C PHE F 447 21.85 49.76 -41.73
N ASP F 448 23.14 49.65 -41.44
CA ASP F 448 23.98 48.68 -42.11
C ASP F 448 23.90 47.31 -41.45
N LYS F 449 23.34 47.22 -40.26
CA LYS F 449 23.26 45.97 -39.53
C LYS F 449 21.90 45.30 -39.65
N MET F 450 20.98 45.86 -40.43
CA MET F 450 19.69 45.23 -40.62
C MET F 450 19.83 44.07 -41.59
N ALA F 451 19.15 42.97 -41.26
CA ALA F 451 19.30 41.76 -42.06
C ALA F 451 18.91 42.01 -43.51
N GLU F 452 19.61 41.33 -44.42
CA GLU F 452 19.53 41.72 -45.82
C GLU F 452 18.18 41.37 -46.45
N ALA F 453 17.48 40.38 -45.92
CA ALA F 453 16.14 40.10 -46.40
C ALA F 453 15.09 40.99 -45.75
N ASP F 454 15.46 41.69 -44.69
CA ASP F 454 14.56 42.63 -44.02
C ASP F 454 14.81 44.06 -44.45
N ARG F 455 15.67 44.25 -45.44
CA ARG F 455 15.98 45.59 -45.92
C ARG F 455 15.42 45.88 -47.30
N THR F 456 15.24 44.85 -48.13
CA THR F 456 14.61 45.05 -49.42
C THR F 456 13.12 45.29 -49.30
N ALA F 457 12.55 45.24 -48.11
CA ALA F 457 11.16 45.60 -47.92
C ALA F 457 10.97 47.10 -47.81
N ILE F 458 12.01 47.87 -48.10
CA ILE F 458 11.91 49.32 -48.11
C ILE F 458 11.94 49.87 -49.53
N HIS F 459 12.38 49.09 -50.50
CA HIS F 459 12.44 49.59 -51.87
C HIS F 459 11.07 50.02 -52.36
N GLU F 460 10.02 49.40 -51.85
CA GLU F 460 8.68 49.76 -52.29
C GLU F 460 8.25 51.10 -51.71
N VAL F 461 8.52 51.31 -50.41
CA VAL F 461 8.05 52.51 -49.74
C VAL F 461 8.85 53.73 -50.14
N MET F 462 10.02 53.56 -50.73
CA MET F 462 10.84 54.71 -51.07
C MET F 462 10.55 55.30 -52.42
N GLU F 463 9.87 54.58 -53.31
CA GLU F 463 9.59 55.11 -54.63
C GLU F 463 8.10 55.30 -54.89
N GLN F 464 7.30 54.26 -54.79
CA GLN F 464 5.88 54.39 -55.06
C GLN F 464 5.10 54.77 -53.83
N GLN F 465 5.65 54.55 -52.65
CA GLN F 465 5.04 54.96 -51.40
C GLN F 465 3.68 54.31 -51.21
N THR F 466 3.65 53.00 -51.46
CA THR F 466 2.55 52.15 -51.05
C THR F 466 3.15 50.91 -50.45
N ILE F 467 2.30 50.05 -49.91
CA ILE F 467 2.73 48.74 -49.45
C ILE F 467 1.71 47.74 -49.96
N SER F 468 2.12 46.84 -50.82
CA SER F 468 1.23 45.94 -51.52
C SER F 468 1.33 44.55 -50.92
N ILE F 469 0.33 44.17 -50.15
CA ILE F 469 0.30 42.92 -49.43
C ILE F 469 -0.59 41.94 -50.16
N ALA F 470 -0.11 40.72 -50.33
CA ALA F 470 -0.87 39.65 -50.93
C ALA F 470 -0.66 38.36 -50.18
N LYS F 471 -0.70 38.42 -48.86
CA LYS F 471 -0.57 37.23 -48.03
C LYS F 471 -1.88 36.48 -48.06
N ALA F 472 -2.02 35.46 -47.23
CA ALA F 472 -3.16 34.55 -47.33
C ALA F 472 -4.35 34.97 -46.51
N GLY F 473 -4.47 36.22 -46.15
CA GLY F 473 -5.74 36.68 -45.65
C GLY F 473 -6.22 37.92 -46.38
N ILE F 474 -5.28 38.68 -46.92
CA ILE F 474 -5.50 40.05 -47.32
C ILE F 474 -4.87 40.25 -48.68
N LEU F 475 -5.42 41.20 -49.43
CA LEU F 475 -4.84 41.57 -50.70
C LEU F 475 -5.17 43.04 -50.92
N THR F 476 -4.19 43.91 -50.67
CA THR F 476 -4.47 45.33 -50.66
C THR F 476 -3.19 46.11 -50.86
N THR F 477 -3.32 47.43 -50.91
CA THR F 477 -2.18 48.35 -50.94
C THR F 477 -2.47 49.45 -49.94
N LEU F 478 -1.72 49.46 -48.85
CA LEU F 478 -1.82 50.56 -47.91
C LEU F 478 -1.02 51.75 -48.42
N ASN F 479 -1.39 52.94 -47.95
CA ASN F 479 -0.71 54.18 -48.26
C ASN F 479 0.30 54.47 -47.18
N ALA F 480 1.57 54.58 -47.57
CA ALA F 480 2.66 54.91 -46.64
C ALA F 480 3.53 55.97 -47.28
N ARG F 481 3.17 57.25 -47.12
CA ARG F 481 3.89 58.34 -47.76
C ARG F 481 4.94 58.94 -46.83
N CYS F 482 5.81 58.10 -46.28
CA CYS F 482 6.78 58.55 -45.31
C CYS F 482 8.11 58.87 -45.96
N SER F 483 8.87 59.76 -45.33
CA SER F 483 10.20 60.12 -45.76
C SER F 483 11.21 59.61 -44.76
N ILE F 484 12.18 58.85 -45.22
CA ILE F 484 13.03 58.05 -44.35
C ILE F 484 14.34 58.77 -44.12
N LEU F 485 14.90 58.58 -42.93
CA LEU F 485 16.19 59.15 -42.54
C LEU F 485 16.95 58.08 -41.77
N ALA F 486 18.11 57.68 -42.28
CA ALA F 486 18.82 56.53 -41.75
C ALA F 486 20.29 56.85 -41.52
N ALA F 487 20.90 56.12 -40.59
CA ALA F 487 22.30 56.31 -40.24
C ALA F 487 23.03 54.99 -40.31
N ALA F 488 24.30 55.01 -40.73
CA ALA F 488 25.03 53.77 -40.90
C ALA F 488 26.52 54.02 -40.82
N ASN F 489 27.27 52.98 -40.45
CA ASN F 489 28.73 53.00 -40.36
C ASN F 489 29.36 52.41 -41.61
N PRO F 490 30.43 52.99 -42.10
CA PRO F 490 30.82 52.73 -43.48
C PRO F 490 31.19 51.30 -43.86
N ALA F 491 32.27 50.74 -43.36
CA ALA F 491 32.69 49.42 -43.83
C ALA F 491 32.77 48.41 -42.71
N TYR F 492 33.63 48.64 -41.73
CA TYR F 492 33.83 47.78 -40.57
C TYR F 492 33.94 48.66 -39.34
N GLY F 493 33.12 49.70 -39.30
CA GLY F 493 33.17 50.67 -38.23
C GLY F 493 33.81 51.97 -38.65
N ARG F 494 34.82 51.92 -39.51
CA ARG F 494 35.62 53.09 -39.80
C ARG F 494 35.95 53.17 -41.28
N TYR F 495 35.81 54.35 -41.86
CA TYR F 495 36.26 54.57 -43.22
C TYR F 495 37.78 54.38 -43.30
N ASN F 496 38.24 53.81 -44.40
CA ASN F 496 39.67 53.69 -44.63
C ASN F 496 39.99 54.08 -46.06
N PRO F 497 41.12 54.73 -46.29
CA PRO F 497 41.43 55.31 -47.60
C PRO F 497 42.00 54.34 -48.62
N ARG F 498 42.23 53.08 -48.23
CA ARG F 498 42.72 52.11 -49.20
C ARG F 498 41.63 51.75 -50.20
N ARG F 499 40.54 51.18 -49.72
CA ARG F 499 39.45 50.82 -50.60
C ARG F 499 38.65 52.06 -50.99
N SER F 500 38.13 52.07 -52.21
CA SER F 500 37.41 53.22 -52.73
C SER F 500 36.01 53.26 -52.11
N LEU F 501 35.15 54.14 -52.63
CA LEU F 501 33.75 54.09 -52.24
C LEU F 501 33.13 52.80 -52.75
N GLU F 502 31.87 52.60 -52.40
CA GLU F 502 31.08 51.49 -52.92
C GLU F 502 31.63 50.16 -52.46
N GLN F 503 32.77 50.17 -51.77
CA GLN F 503 33.28 48.99 -51.13
C GLN F 503 33.60 49.21 -49.66
N ASN F 504 33.69 50.46 -49.21
CA ASN F 504 33.58 50.77 -47.80
C ASN F 504 32.26 51.47 -47.50
N ILE F 505 31.24 51.19 -48.31
CA ILE F 505 29.86 51.59 -48.05
C ILE F 505 28.93 50.38 -48.06
N GLN F 506 29.06 49.52 -49.07
CA GLN F 506 28.34 48.25 -49.14
C GLN F 506 26.84 48.45 -49.16
N LEU F 507 26.38 49.13 -50.20
CA LEU F 507 24.97 49.20 -50.52
C LEU F 507 24.81 48.86 -51.99
N PRO F 508 23.86 48.00 -52.34
CA PRO F 508 23.59 47.74 -53.75
C PRO F 508 23.06 49.00 -54.42
N ALA F 509 23.55 49.26 -55.63
CA ALA F 509 23.22 50.50 -56.32
C ALA F 509 21.73 50.79 -56.35
N ALA F 510 20.92 49.74 -56.43
CA ALA F 510 19.47 49.93 -56.48
C ALA F 510 18.95 50.62 -55.25
N LEU F 511 19.60 50.43 -54.10
CA LEU F 511 19.19 51.09 -52.87
C LEU F 511 19.95 52.37 -52.63
N LEU F 512 21.22 52.41 -53.05
CA LEU F 512 21.99 53.65 -52.94
C LEU F 512 21.33 54.77 -53.71
N SER F 513 20.72 54.47 -54.86
CA SER F 513 20.13 55.53 -55.66
C SER F 513 18.79 56.01 -55.11
N ARG F 514 18.15 55.25 -54.22
CA ARG F 514 16.90 55.74 -53.64
C ARG F 514 17.12 56.95 -52.75
N PHE F 515 18.32 57.14 -52.24
CA PHE F 515 18.61 58.23 -51.31
C PHE F 515 19.02 59.46 -52.09
N ASP F 516 18.27 60.55 -51.92
CA ASP F 516 18.61 61.79 -52.60
C ASP F 516 19.94 62.35 -52.11
N LEU F 517 20.28 62.13 -50.85
CA LEU F 517 21.51 62.66 -50.27
C LEU F 517 22.09 61.59 -49.37
N LEU F 518 23.17 60.96 -49.79
CA LEU F 518 23.88 60.05 -48.92
C LEU F 518 25.04 60.85 -48.36
N TRP F 519 24.79 61.49 -47.23
CA TRP F 519 25.77 62.39 -46.64
C TRP F 519 26.85 61.57 -45.97
N LEU F 520 28.09 62.04 -46.08
CA LEU F 520 29.26 61.26 -45.66
C LEU F 520 30.14 62.09 -44.73
N ILE F 521 30.05 61.81 -43.43
CA ILE F 521 30.87 62.56 -42.42
C ILE F 521 32.09 61.73 -42.05
N GLN F 522 33.02 62.32 -41.30
CA GLN F 522 34.25 61.59 -40.88
C GLN F 522 34.67 62.07 -39.49
N ASP F 523 35.51 61.30 -38.81
CA ASP F 523 36.01 61.72 -37.47
C ASP F 523 37.43 62.29 -37.63
N ARG F 524 37.64 63.13 -38.64
CA ARG F 524 38.98 63.74 -38.89
C ARG F 524 39.56 64.24 -37.57
N PRO F 525 40.72 63.73 -37.12
CA PRO F 525 41.30 64.12 -35.83
C PRO F 525 42.22 65.35 -35.94
N ASP F 526 41.75 66.40 -36.63
CA ASP F 526 42.55 67.65 -36.74
C ASP F 526 42.70 68.29 -35.35
N ARG F 527 43.94 68.36 -34.84
CA ARG F 527 44.19 68.91 -33.48
C ARG F 527 43.29 70.12 -33.20
N ASP F 528 43.26 71.10 -34.11
CA ASP F 528 42.46 72.33 -33.90
C ASP F 528 40.96 71.98 -33.83
N ASN F 529 40.48 71.21 -34.81
CA ASN F 529 39.03 70.85 -34.85
C ASN F 529 38.65 70.14 -33.54
N ASP F 530 39.60 69.44 -32.91
CA ASP F 530 39.29 68.72 -31.68
C ASP F 530 39.26 69.66 -30.49
N LEU F 531 40.12 70.67 -30.50
CA LEU F 531 40.18 71.62 -29.41
C LEU F 531 38.87 72.39 -29.28
N ARG F 532 38.33 72.85 -30.41
CA ARG F 532 37.07 73.59 -30.36
C ARG F 532 35.91 72.69 -29.99
N LEU F 533 35.91 71.46 -30.50
CA LEU F 533 34.86 70.51 -30.12
C LEU F 533 34.89 70.25 -28.62
N ALA F 534 36.08 70.11 -28.05
CA ALA F 534 36.16 69.85 -26.62
C ALA F 534 35.74 71.07 -25.81
N GLN F 535 36.19 72.24 -26.22
CA GLN F 535 35.79 73.45 -25.51
C GLN F 535 34.31 73.74 -25.64
N HIS F 536 33.65 73.11 -26.60
CA HIS F 536 32.19 73.16 -26.66
C HIS F 536 31.54 72.17 -25.69
N ILE F 537 31.99 70.92 -25.72
CA ILE F 537 31.33 69.90 -24.90
C ILE F 537 31.54 70.16 -23.42
N THR F 538 32.71 70.67 -23.02
CA THR F 538 32.92 70.94 -21.60
C THR F 538 32.10 72.12 -21.14
N TYR F 539 31.93 73.14 -21.97
CA TYR F 539 30.97 74.19 -21.66
C TYR F 539 29.60 73.59 -21.43
N VAL F 540 29.19 72.67 -22.30
CA VAL F 540 27.89 72.04 -22.16
C VAL F 540 27.78 71.34 -20.81
N HIS F 541 28.81 70.61 -20.42
CA HIS F 541 28.72 69.87 -19.17
C HIS F 541 28.84 70.76 -17.94
N GLN F 542 29.44 71.95 -18.08
CA GLN F 542 29.41 72.92 -17.00
C GLN F 542 28.01 73.49 -16.83
N HIS F 543 27.52 74.19 -17.84
CA HIS F 543 26.31 74.98 -17.69
C HIS F 543 25.03 74.24 -18.05
N SER F 544 25.14 73.08 -18.70
CA SER F 544 23.97 72.37 -19.22
C SER F 544 23.20 73.23 -20.20
N ARG F 545 23.90 73.67 -21.24
CA ARG F 545 23.38 74.59 -22.25
C ARG F 545 24.48 74.78 -23.29
N GLN F 546 24.13 75.33 -24.37
CA GLN F 546 25.18 75.58 -25.34
C GLN F 546 25.77 76.96 -25.17
N PRO F 547 27.01 77.17 -25.59
CA PRO F 547 27.63 78.48 -25.48
C PRO F 547 26.88 79.51 -26.29
N PRO F 548 26.75 80.77 -25.81
CA PRO F 548 25.97 81.79 -26.52
C PRO F 548 26.36 81.88 -28.00
N SER F 549 25.44 81.50 -28.89
CA SER F 549 25.72 81.53 -30.35
C SER F 549 25.35 82.90 -30.93
N GLN F 550 25.58 83.10 -32.23
CA GLN F 550 25.25 84.40 -32.89
C GLN F 550 23.76 84.68 -32.70
N PHE F 551 22.91 83.68 -32.95
CA PHE F 551 21.43 83.86 -32.81
C PHE F 551 20.88 82.77 -31.89
N GLU F 552 20.22 83.16 -30.80
CA GLU F 552 19.62 82.18 -29.85
C GLU F 552 18.65 81.27 -30.62
N PRO F 553 18.68 79.93 -30.41
CA PRO F 553 17.80 79.01 -31.12
C PRO F 553 16.35 79.26 -30.77
N LEU F 554 15.49 79.05 -31.76
CA LEU F 554 14.06 79.11 -31.52
C LEU F 554 13.62 77.90 -30.71
N ASP F 555 12.53 78.07 -30.00
CA ASP F 555 11.97 76.95 -29.25
C ASP F 555 11.52 75.86 -30.20
N MET F 556 11.44 74.64 -29.68
CA MET F 556 10.91 73.54 -30.48
C MET F 556 9.45 73.79 -30.82
N LYS F 557 8.68 74.25 -29.84
CA LYS F 557 7.25 74.50 -30.05
C LYS F 557 7.01 75.49 -31.16
N LEU F 558 7.90 76.46 -31.33
CA LEU F 558 7.72 77.49 -32.33
C LEU F 558 8.17 77.04 -33.72
N MET F 559 9.25 76.26 -33.81
CA MET F 559 9.68 75.74 -35.10
C MET F 559 8.67 74.75 -35.65
N ARG F 560 8.11 73.92 -34.77
CA ARG F 560 7.13 72.95 -35.22
C ARG F 560 5.91 73.62 -35.85
N ARG F 561 5.74 74.93 -35.64
CA ARG F 561 4.70 75.72 -36.28
C ARG F 561 5.20 76.49 -37.47
N TYR F 562 6.39 77.09 -37.37
CA TYR F 562 7.02 77.74 -38.50
C TYR F 562 7.09 76.83 -39.70
N ILE F 563 7.31 75.54 -39.48
CA ILE F 563 7.43 74.60 -40.59
C ILE F 563 6.07 74.21 -41.14
N ALA F 564 5.11 73.89 -40.28
CA ALA F 564 3.79 73.54 -40.75
C ALA F 564 3.17 74.67 -41.55
N MET F 565 3.51 75.91 -41.22
CA MET F 565 3.05 77.01 -42.06
C MET F 565 3.80 77.05 -43.38
N CYS F 566 5.03 76.57 -43.41
CA CYS F 566 5.90 76.66 -44.57
C CYS F 566 5.76 75.47 -45.50
N ARG F 567 4.97 74.47 -45.14
CA ARG F 567 4.74 73.35 -46.05
C ARG F 567 3.80 73.74 -47.19
N GLU F 568 2.68 74.37 -46.87
CA GLU F 568 1.61 74.59 -47.85
C GLU F 568 1.88 75.86 -48.64
N LYS F 569 2.78 75.74 -49.61
CA LYS F 569 2.96 76.81 -50.60
C LYS F 569 2.79 76.32 -52.02
N GLN F 570 3.41 75.20 -52.37
CA GLN F 570 3.39 74.63 -53.72
C GLN F 570 3.90 75.63 -54.75
N PRO F 571 5.18 75.95 -54.75
CA PRO F 571 5.71 76.78 -55.83
C PRO F 571 5.76 76.03 -57.15
N MET F 572 6.16 76.70 -58.21
CA MET F 572 6.21 76.13 -59.54
C MET F 572 7.66 76.14 -60.04
N VAL F 573 7.84 75.80 -61.31
CA VAL F 573 9.16 75.89 -61.92
C VAL F 573 9.07 76.77 -63.17
N PRO F 574 10.02 77.68 -63.38
CA PRO F 574 10.01 78.49 -64.60
C PRO F 574 10.73 77.79 -65.75
N GLU F 575 10.17 77.96 -66.95
CA GLU F 575 10.74 77.30 -68.12
C GLU F 575 12.16 77.75 -68.38
N SER F 576 12.44 79.04 -68.17
CA SER F 576 13.75 79.61 -68.48
C SER F 576 14.88 78.91 -67.75
N LEU F 577 14.58 78.14 -66.71
CA LEU F 577 15.61 77.46 -65.95
C LEU F 577 15.95 76.09 -66.50
N ALA F 578 15.09 75.51 -67.33
CA ALA F 578 15.31 74.15 -67.80
C ALA F 578 16.62 73.99 -68.56
N ASP F 579 17.24 75.08 -69.00
CA ASP F 579 18.52 75.00 -69.67
C ASP F 579 19.68 74.99 -68.68
N TYR F 580 19.53 75.74 -67.59
CA TYR F 580 20.55 75.72 -66.55
C TYR F 580 20.61 74.34 -65.90
N ILE F 581 19.51 73.93 -65.29
CA ILE F 581 19.39 72.64 -64.60
C ILE F 581 20.00 71.57 -65.47
N THR F 582 19.50 71.45 -66.70
CA THR F 582 19.97 70.43 -67.62
C THR F 582 21.48 70.34 -67.63
N ALA F 583 22.16 71.46 -67.92
CA ALA F 583 23.61 71.42 -68.05
C ALA F 583 24.24 70.85 -66.78
N ALA F 584 23.80 71.34 -65.63
CA ALA F 584 24.31 70.81 -64.37
C ALA F 584 24.24 69.30 -64.35
N TYR F 585 23.04 68.76 -64.58
CA TYR F 585 22.88 67.31 -64.59
C TYR F 585 23.85 66.66 -65.55
N VAL F 586 23.94 67.18 -66.77
CA VAL F 586 24.84 66.59 -67.75
C VAL F 586 26.24 66.52 -67.18
N GLU F 587 26.71 67.62 -66.59
CA GLU F 587 28.05 67.66 -66.06
C GLU F 587 28.27 66.53 -65.06
N MET F 588 27.27 66.27 -64.21
CA MET F 588 27.39 65.18 -63.26
C MET F 588 27.63 63.86 -63.99
N ARG F 589 26.80 63.55 -64.97
CA ARG F 589 26.97 62.29 -65.68
C ARG F 589 28.33 62.19 -66.34
N ARG F 590 29.02 63.31 -66.51
CA ARG F 590 30.39 63.25 -67.01
C ARG F 590 31.34 62.81 -65.90
N GLU F 591 31.30 63.53 -64.78
CA GLU F 591 32.28 63.30 -63.73
C GLU F 591 32.21 61.86 -63.21
N ALA F 592 31.03 61.42 -62.80
CA ALA F 592 30.89 60.06 -62.31
C ALA F 592 31.09 59.02 -63.40
N TRP F 593 31.20 59.42 -64.66
CA TRP F 593 31.57 58.49 -65.72
C TRP F 593 33.05 58.54 -66.05
N ALA F 594 33.73 59.62 -65.68
CA ALA F 594 35.15 59.80 -65.91
C ALA F 594 35.90 59.92 -64.60
N SER F 595 35.55 59.07 -63.63
CA SER F 595 36.23 59.07 -62.34
C SER F 595 36.42 57.63 -61.88
N LYS F 596 37.21 57.47 -60.82
CA LYS F 596 37.54 56.14 -60.30
C LYS F 596 37.05 55.93 -58.87
N ASP F 597 36.18 56.80 -58.37
CA ASP F 597 35.64 56.62 -57.03
C ASP F 597 34.13 56.79 -57.00
N ALA F 598 33.60 57.58 -57.94
CA ALA F 598 32.24 58.10 -57.81
C ALA F 598 31.21 56.98 -57.74
N THR F 599 30.05 57.33 -57.19
CA THR F 599 28.97 56.38 -56.95
C THR F 599 28.21 56.11 -58.25
N TYR F 600 27.07 55.44 -58.12
CA TYR F 600 26.20 55.17 -59.26
C TYR F 600 25.19 56.30 -59.39
N THR F 601 25.36 57.13 -60.40
CA THR F 601 24.42 58.20 -60.68
C THR F 601 23.53 57.81 -61.85
N SER F 602 22.27 58.22 -61.79
CA SER F 602 21.30 57.79 -62.78
C SER F 602 20.31 58.92 -63.02
N ALA F 603 19.30 58.63 -63.85
CA ALA F 603 18.30 59.64 -64.19
C ALA F 603 17.41 59.92 -63.01
N ARG F 604 17.66 59.27 -61.88
CA ARG F 604 16.96 59.59 -60.66
C ARG F 604 17.67 60.69 -59.89
N THR F 605 18.83 61.13 -60.36
CA THR F 605 19.53 62.25 -59.75
C THR F 605 18.95 63.59 -60.17
N LEU F 606 18.47 63.70 -61.40
CA LEU F 606 17.88 64.95 -61.84
C LEU F 606 16.72 65.36 -60.96
N LEU F 607 15.84 64.40 -60.64
CA LEU F 607 14.72 64.72 -59.78
C LEU F 607 15.14 65.10 -58.38
N ALA F 608 16.38 64.82 -57.98
CA ALA F 608 16.87 65.36 -56.73
C ALA F 608 17.05 66.87 -56.86
N ILE F 609 17.91 67.30 -57.79
CA ILE F 609 18.12 68.72 -58.09
C ILE F 609 16.77 69.43 -58.17
N LEU F 610 15.80 68.78 -58.80
CA LEU F 610 14.51 69.42 -58.95
C LEU F 610 13.76 69.48 -57.63
N ARG F 611 13.69 68.36 -56.92
CA ARG F 611 12.89 68.35 -55.70
C ARG F 611 13.67 68.83 -54.49
N LEU F 612 14.97 69.01 -54.61
CA LEU F 612 15.77 69.61 -53.54
C LEU F 612 15.83 71.11 -53.65
N SER F 613 15.26 71.69 -54.69
CA SER F 613 15.20 73.14 -54.86
C SER F 613 13.82 73.71 -54.59
N THR F 614 12.77 72.95 -54.91
CA THR F 614 11.43 73.35 -54.52
C THR F 614 11.23 73.33 -53.01
N ALA F 615 12.19 72.77 -52.27
CA ALA F 615 12.17 72.88 -50.83
C ALA F 615 12.66 74.24 -50.39
N LEU F 616 13.85 74.63 -50.84
CA LEU F 616 14.38 75.96 -50.57
C LEU F 616 13.38 77.03 -50.96
N ALA F 617 12.97 77.04 -52.23
CA ALA F 617 12.01 78.02 -52.70
C ALA F 617 10.72 77.97 -51.88
N ARG F 618 10.52 76.88 -51.15
CA ARG F 618 9.38 76.83 -50.25
C ARG F 618 9.69 77.47 -48.91
N LEU F 619 10.95 77.46 -48.48
CA LEU F 619 11.31 78.18 -47.26
C LEU F 619 11.24 79.69 -47.46
N ARG F 620 11.83 80.21 -48.53
CA ARG F 620 11.82 81.64 -48.77
C ARG F 620 10.43 82.19 -49.07
N MET F 621 9.40 81.35 -48.99
CA MET F 621 8.00 81.76 -49.12
C MET F 621 7.69 82.32 -50.50
N VAL F 622 8.57 82.10 -51.47
CA VAL F 622 8.33 82.50 -52.85
C VAL F 622 7.23 81.61 -53.39
N ASP F 623 6.71 81.94 -54.57
CA ASP F 623 5.81 81.05 -55.28
C ASP F 623 6.33 80.75 -56.67
N VAL F 624 7.64 80.76 -56.84
CA VAL F 624 8.29 80.30 -58.07
C VAL F 624 9.76 80.06 -57.76
N VAL F 625 10.29 78.97 -58.30
CA VAL F 625 11.68 78.63 -58.04
C VAL F 625 12.58 79.58 -58.80
N GLU F 626 13.62 80.07 -58.13
CA GLU F 626 14.52 81.06 -58.68
C GLU F 626 15.92 80.48 -58.82
N LYS F 627 16.69 81.06 -59.75
CA LYS F 627 18.03 80.56 -60.07
C LYS F 627 18.98 80.59 -58.90
N GLU F 628 18.63 81.23 -57.79
CA GLU F 628 19.52 81.25 -56.64
C GLU F 628 19.39 80.00 -55.78
N ASP F 629 18.25 79.31 -55.85
CA ASP F 629 18.05 78.08 -55.10
C ASP F 629 18.60 76.86 -55.81
N VAL F 630 18.58 76.87 -57.14
CA VAL F 630 19.17 75.78 -57.89
C VAL F 630 20.65 75.64 -57.53
N ASN F 631 21.35 76.76 -57.36
CA ASN F 631 22.75 76.71 -57.01
C ASN F 631 22.98 76.27 -55.56
N GLU F 632 22.07 76.59 -54.66
CA GLU F 632 22.15 76.03 -53.32
C GLU F 632 22.01 74.52 -53.35
N ALA F 633 21.00 74.03 -54.07
CA ALA F 633 20.83 72.59 -54.22
C ALA F 633 22.09 71.97 -54.79
N ILE F 634 22.62 72.54 -55.88
CA ILE F 634 23.80 71.97 -56.50
C ILE F 634 24.99 71.98 -55.55
N ARG F 635 25.09 73.01 -54.70
CA ARG F 635 26.17 73.02 -53.72
C ARG F 635 26.00 71.89 -52.71
N LEU F 636 24.77 71.65 -52.25
CA LEU F 636 24.54 70.56 -51.31
C LEU F 636 24.98 69.22 -51.90
N MET F 637 24.48 68.90 -53.09
CA MET F 637 24.85 67.65 -53.73
C MET F 637 26.34 67.53 -53.99
N GLU F 638 27.10 68.59 -53.78
CA GLU F 638 28.54 68.56 -53.89
C GLU F 638 29.24 68.55 -52.54
N MET F 639 28.69 69.26 -51.56
CA MET F 639 29.25 69.27 -50.22
C MET F 639 28.92 68.02 -49.45
N SER F 640 28.42 66.98 -50.11
CA SER F 640 28.07 65.74 -49.45
C SER F 640 29.09 64.64 -49.66
N LYS F 641 29.99 64.78 -50.62
CA LYS F 641 31.08 63.82 -50.78
C LYS F 641 32.45 64.50 -50.76
N ASP F 642 32.52 65.78 -50.39
CA ASP F 642 33.81 66.45 -50.31
C ASP F 642 34.60 66.03 -49.09
N SER F 643 33.94 65.42 -48.12
CA SER F 643 34.60 65.00 -46.90
C SER F 643 35.58 63.91 -47.12
N LEU F 644 35.82 63.62 -48.40
CA LEU F 644 36.76 62.60 -48.83
C LEU F 644 37.89 63.22 -49.63
N LEU F 645 37.95 64.55 -49.71
CA LEU F 645 39.00 65.24 -50.45
C LEU F 645 39.37 66.56 -49.79
N MET G 1 43.59 29.05 22.71
CA MET G 1 44.83 29.54 23.30
C MET G 1 45.84 28.42 23.50
N PHE G 2 46.25 28.22 24.74
CA PHE G 2 47.15 27.13 25.08
C PHE G 2 46.37 25.82 25.15
N CYS G 3 47.02 24.78 25.64
CA CYS G 3 46.37 23.54 26.06
C CYS G 3 45.68 22.82 24.92
N GLU G 4 46.21 22.95 23.71
CA GLU G 4 45.69 22.22 22.57
C GLU G 4 46.25 20.81 22.46
N LYS G 5 47.23 20.47 23.29
CA LYS G 5 47.79 19.13 23.33
C LYS G 5 47.16 18.25 24.39
N ALA G 6 46.94 18.79 25.59
CA ALA G 6 46.23 18.02 26.61
C ALA G 6 44.83 17.65 26.14
N MET G 7 44.16 18.58 25.48
CA MET G 7 42.81 18.38 24.97
C MET G 7 42.75 17.41 23.81
N GLU G 8 43.86 16.76 23.48
CA GLU G 8 43.85 15.62 22.58
C GLU G 8 44.04 14.32 23.34
N LEU G 9 44.30 14.39 24.65
CA LEU G 9 44.20 13.22 25.50
C LEU G 9 42.76 12.96 25.93
N ILE G 10 42.02 14.02 26.23
CA ILE G 10 40.67 13.88 26.74
C ILE G 10 39.69 13.58 25.61
N ARG G 11 39.81 14.31 24.50
CA ARG G 11 38.84 14.16 23.42
C ARG G 11 38.98 12.81 22.74
N GLU G 12 39.83 11.95 23.30
CA GLU G 12 39.93 10.57 22.87
C GLU G 12 39.24 9.61 23.83
N LEU G 13 39.41 9.81 25.14
CA LEU G 13 38.65 9.01 26.09
C LEU G 13 37.18 9.33 26.03
N HIS G 14 36.82 10.55 25.62
CA HIS G 14 35.41 10.89 25.51
C HIS G 14 34.73 10.22 24.33
N ARG G 15 35.46 9.53 23.48
CA ARG G 15 34.89 8.80 22.36
C ARG G 15 34.63 7.33 22.68
N ALA G 16 35.08 6.86 23.85
CA ALA G 16 34.91 5.47 24.25
C ALA G 16 34.13 5.41 25.55
N PRO G 17 32.83 5.71 25.51
CA PRO G 17 32.05 5.80 26.75
C PRO G 17 31.50 4.47 27.21
N GLU G 18 32.02 3.39 26.63
CA GLU G 18 31.58 2.06 27.00
C GLU G 18 32.37 1.46 28.15
N GLY G 19 33.56 1.99 28.42
CA GLY G 19 34.43 1.43 29.42
C GLY G 19 35.52 0.55 28.87
N GLN G 20 35.94 0.75 27.62
CA GLN G 20 36.94 -0.07 26.96
C GLN G 20 38.30 0.61 27.03
N LEU G 21 39.26 -0.06 27.62
CA LEU G 21 40.57 0.54 27.93
C LEU G 21 41.39 0.75 26.66
N PRO G 22 41.63 1.98 26.23
CA PRO G 22 42.42 2.21 25.02
C PRO G 22 43.91 2.16 25.32
N ALA G 23 44.69 2.29 24.25
CA ALA G 23 46.14 2.19 24.36
C ALA G 23 46.72 3.45 25.01
N PHE G 24 47.67 3.25 25.92
CA PHE G 24 48.25 4.36 26.66
C PHE G 24 48.93 5.33 25.72
N ASN G 25 48.97 6.59 26.12
CA ASN G 25 49.54 7.66 25.29
C ASN G 25 50.73 8.26 26.02
N GLU G 26 51.90 7.64 25.83
CA GLU G 26 53.13 8.22 26.38
C GLU G 26 53.56 9.43 25.58
N ASP G 27 53.26 9.43 24.28
CA ASP G 27 53.65 10.51 23.39
C ASP G 27 53.06 11.84 23.80
N GLY G 28 51.73 11.93 23.77
CA GLY G 28 51.08 13.18 24.16
C GLY G 28 51.38 13.58 25.59
N LEU G 29 51.54 12.61 26.48
CA LEU G 29 51.83 12.93 27.87
C LEU G 29 53.18 13.61 28.00
N ARG G 30 54.20 13.05 27.36
CA ARG G 30 55.50 13.72 27.30
C ARG G 30 55.36 15.09 26.65
N GLN G 31 54.59 15.19 25.57
CA GLN G 31 54.46 16.44 24.85
C GLN G 31 53.83 17.54 25.69
N VAL G 32 52.98 17.19 26.65
CA VAL G 32 52.37 18.19 27.51
C VAL G 32 53.23 18.48 28.74
N LEU G 33 53.97 17.50 29.26
CA LEU G 33 54.94 17.82 30.30
C LEU G 33 55.98 18.80 29.80
N GLU G 34 56.38 18.66 28.53
CA GLU G 34 57.35 19.60 27.96
C GLU G 34 56.81 21.02 27.95
N GLU G 35 55.55 21.20 27.55
CA GLU G 35 54.98 22.54 27.54
C GLU G 35 54.84 23.08 28.95
N MET G 36 54.49 22.22 29.91
CA MET G 36 54.50 22.65 31.30
C MET G 36 55.85 23.24 31.68
N LYS G 37 56.92 22.50 31.43
CA LYS G 37 58.26 22.99 31.78
C LYS G 37 58.58 24.30 31.07
N ALA G 38 58.29 24.36 29.77
CA ALA G 38 58.59 25.55 28.97
C ALA G 38 57.92 26.79 29.56
N LEU G 39 56.61 26.74 29.71
CA LEU G 39 55.91 27.90 30.27
C LEU G 39 56.38 28.21 31.68
N TYR G 40 56.69 27.17 32.46
CA TYR G 40 57.15 27.36 33.83
C TYR G 40 58.37 28.26 33.88
N GLU G 41 59.39 27.90 33.10
CA GLU G 41 60.62 28.69 33.12
C GLU G 41 60.42 30.06 32.47
N GLN G 42 59.74 30.09 31.32
CA GLN G 42 59.56 31.37 30.63
C GLN G 42 58.70 32.33 31.42
N ASN G 43 57.95 31.85 32.40
CA ASN G 43 57.23 32.73 33.29
C ASN G 43 58.03 33.08 34.54
N GLN G 44 58.74 32.11 35.12
CA GLN G 44 59.54 32.39 36.31
C GLN G 44 60.60 33.45 36.02
N SER G 45 61.12 33.46 34.78
CA SER G 45 62.06 34.49 34.37
C SER G 45 61.48 35.87 34.64
N ASP G 46 60.33 36.17 34.05
CA ASP G 46 59.72 37.48 34.26
C ASP G 46 59.17 37.66 35.67
N VAL G 47 58.89 36.57 36.39
CA VAL G 47 58.52 36.70 37.80
C VAL G 47 59.65 37.36 38.57
N ASN G 48 60.82 36.72 38.57
CA ASN G 48 61.93 37.30 39.30
C ASN G 48 62.46 38.56 38.62
N GLU G 49 62.12 38.77 37.35
CA GLU G 49 62.47 40.00 36.66
C GLU G 49 61.57 41.17 37.07
N ALA G 50 60.38 40.88 37.57
CA ALA G 50 59.50 41.90 38.11
C ALA G 50 59.86 42.27 39.55
N LYS G 51 60.92 41.68 40.10
CA LYS G 51 61.51 42.13 41.35
C LYS G 51 62.90 42.72 41.13
N SER G 52 63.33 42.84 39.87
CA SER G 52 64.66 43.30 39.49
C SER G 52 64.56 44.36 38.42
N GLY G 53 63.75 45.39 38.67
CA GLY G 53 63.56 46.46 37.71
C GLY G 53 62.16 47.03 37.75
N GLY G 54 61.26 46.38 38.47
CA GLY G 54 59.93 46.91 38.65
C GLY G 54 59.12 46.95 37.37
N ARG G 55 58.81 45.78 36.83
CA ARG G 55 57.96 45.65 35.65
C ARG G 55 56.56 45.18 36.03
N SER G 56 56.01 45.69 37.13
CA SER G 56 54.74 45.23 37.66
C SER G 56 53.63 45.18 36.62
N ASP G 57 53.77 45.93 35.52
CA ASP G 57 52.78 45.82 34.46
C ASP G 57 52.77 44.44 33.81
N LEU G 58 53.76 43.60 34.11
CA LEU G 58 53.75 42.22 33.64
C LEU G 58 52.90 41.31 34.52
N ILE G 59 52.32 41.83 35.60
CA ILE G 59 51.48 41.01 36.48
C ILE G 59 50.45 40.20 35.70
N PRO G 60 49.69 40.77 34.75
CA PRO G 60 48.82 39.92 33.93
C PRO G 60 49.55 38.75 33.31
N THR G 61 50.70 38.97 32.72
CA THR G 61 51.43 37.92 32.02
C THR G 61 51.87 36.82 32.98
N ILE G 62 51.66 37.02 34.28
CA ILE G 62 51.85 35.94 35.24
C ILE G 62 50.61 35.05 35.32
N LYS G 63 49.45 35.66 35.55
CA LYS G 63 48.22 34.88 35.67
C LYS G 63 47.94 34.11 34.40
N PHE G 64 47.95 34.79 33.25
CA PHE G 64 47.79 34.14 31.96
C PHE G 64 48.72 32.95 31.80
N ARG G 65 49.83 32.91 32.54
CA ARG G 65 50.69 31.74 32.55
C ARG G 65 50.61 30.93 33.83
N HIS G 66 50.27 31.54 34.95
CA HIS G 66 50.14 30.78 36.18
C HIS G 66 48.96 29.80 36.09
N CYS G 67 47.81 30.29 35.66
CA CYS G 67 46.64 29.43 35.53
C CYS G 67 46.77 28.49 34.35
N SER G 68 47.37 28.96 33.26
CA SER G 68 47.48 28.13 32.07
C SER G 68 48.39 26.94 32.25
N LEU G 69 48.92 26.70 33.44
CA LEU G 69 49.53 25.42 33.76
C LEU G 69 48.62 24.54 34.60
N LEU G 70 47.87 25.14 35.54
CA LEU G 70 46.88 24.39 36.29
C LEU G 70 45.98 23.59 35.36
N ARG G 71 45.52 24.22 34.28
CA ARG G 71 44.80 23.51 33.24
C ARG G 71 45.55 22.27 32.81
N ASN G 72 46.76 22.45 32.30
CA ASN G 72 47.57 21.32 31.85
C ASN G 72 47.85 20.33 32.96
N ARG G 73 47.63 20.70 34.23
CA ARG G 73 47.69 19.72 35.29
C ARG G 73 46.40 18.92 35.38
N ARG G 74 45.27 19.62 35.45
CA ARG G 74 43.98 18.96 35.45
C ARG G 74 43.87 17.94 34.33
N CYS G 75 44.02 18.40 33.09
CA CYS G 75 43.89 17.54 31.94
C CYS G 75 44.95 16.46 31.85
N THR G 76 45.86 16.37 32.81
CA THR G 76 46.76 15.23 32.84
C THR G 76 46.64 14.40 34.09
N VAL G 77 45.87 14.81 35.08
CA VAL G 77 45.54 13.90 36.16
C VAL G 77 44.22 13.20 35.88
N ALA G 78 43.23 13.94 35.40
CA ALA G 78 41.97 13.33 35.00
C ALA G 78 42.20 12.16 34.07
N TYR G 79 42.93 12.39 32.98
CA TYR G 79 43.26 11.30 32.06
C TYR G 79 43.95 10.17 32.79
N LEU G 80 44.91 10.50 33.64
CA LEU G 80 45.62 9.46 34.37
C LEU G 80 44.76 8.80 35.43
N TYR G 81 43.68 9.46 35.83
CA TYR G 81 42.78 8.91 36.84
C TYR G 81 41.63 8.17 36.21
N ASP G 82 41.08 8.71 35.12
CA ASP G 82 40.04 8.02 34.39
C ASP G 82 40.49 6.63 33.98
N ARG G 83 41.69 6.53 33.43
CA ARG G 83 42.20 5.24 33.02
C ARG G 83 42.42 4.29 34.18
N LEU G 84 42.38 4.78 35.41
CA LEU G 84 42.47 3.90 36.56
C LEU G 84 41.12 3.42 37.03
N LEU G 85 40.04 3.88 36.41
CA LEU G 85 38.71 3.34 36.63
C LEU G 85 38.43 2.21 35.66
N ARG G 86 38.60 2.46 34.36
CA ARG G 86 38.45 1.42 33.36
C ARG G 86 39.36 0.23 33.59
N ILE G 87 40.29 0.31 34.54
CA ILE G 87 41.11 -0.83 34.87
C ILE G 87 40.50 -1.64 36.01
N ARG G 88 40.00 -0.97 37.05
CA ARG G 88 39.49 -1.74 38.18
C ARG G 88 38.29 -2.60 37.76
N ALA G 89 37.56 -2.18 36.73
CA ALA G 89 36.47 -2.98 36.22
C ALA G 89 36.95 -4.36 35.81
N LEU G 90 38.14 -4.45 35.24
CA LEU G 90 38.66 -5.72 34.78
C LEU G 90 38.97 -6.66 35.93
N ARG G 91 38.63 -6.27 37.15
CA ARG G 91 38.74 -7.19 38.27
C ARG G 91 37.37 -7.64 38.76
N TRP G 92 36.31 -6.92 38.45
CA TRP G 92 34.98 -7.33 38.80
C TRP G 92 34.24 -7.99 37.65
N GLU G 93 34.76 -7.89 36.43
CA GLU G 93 34.08 -8.46 35.29
C GLU G 93 34.85 -9.66 34.73
N TYR G 94 36.11 -9.51 34.38
CA TYR G 94 36.81 -10.66 33.85
C TYR G 94 37.19 -11.61 34.97
N GLY G 95 38.05 -11.17 35.87
CA GLY G 95 38.48 -12.04 36.94
C GLY G 95 39.86 -11.63 37.45
N SER G 96 40.48 -12.54 38.18
CA SER G 96 41.78 -12.24 38.77
C SER G 96 42.88 -12.17 37.72
N VAL G 97 42.76 -12.90 36.63
CA VAL G 97 43.78 -12.96 35.59
C VAL G 97 43.20 -12.47 34.28
N LEU G 98 44.02 -11.73 33.53
CA LEU G 98 43.59 -11.13 32.29
C LEU G 98 44.31 -11.75 31.11
N PRO G 99 43.65 -11.84 29.96
CA PRO G 99 44.35 -12.21 28.74
C PRO G 99 45.14 -11.03 28.20
N ASN G 100 46.19 -11.34 27.46
CA ASN G 100 47.17 -10.35 27.07
C ASN G 100 46.74 -9.50 25.89
N ALA G 101 45.46 -9.53 25.51
CA ALA G 101 44.92 -8.47 24.70
C ALA G 101 44.64 -7.22 25.53
N LEU G 102 44.60 -7.37 26.85
CA LEU G 102 44.42 -6.27 27.79
C LEU G 102 45.74 -5.84 28.40
N ARG G 103 46.53 -6.78 28.92
CA ARG G 103 47.79 -6.47 29.58
C ARG G 103 48.81 -5.99 28.64
N PHE G 104 48.39 -5.75 27.41
CA PHE G 104 49.23 -5.14 26.39
C PHE G 104 48.89 -3.69 26.17
N HIS G 105 47.73 -3.24 26.64
CA HIS G 105 47.33 -1.84 26.48
C HIS G 105 47.59 -0.98 27.70
N MET G 106 47.94 -1.58 28.83
CA MET G 106 48.21 -0.81 30.04
C MET G 106 49.67 -0.41 30.08
N ALA G 107 49.93 0.83 30.48
CA ALA G 107 51.31 1.26 30.69
C ALA G 107 51.93 0.50 31.84
N ALA G 108 53.24 0.28 31.76
CA ALA G 108 53.92 -0.74 32.55
C ALA G 108 53.91 -0.47 34.04
N GLU G 109 53.43 0.69 34.46
CA GLU G 109 53.28 1.00 35.87
C GLU G 109 51.86 0.79 36.36
N GLU G 110 50.89 0.73 35.46
CA GLU G 110 49.53 0.44 35.87
C GLU G 110 49.39 -1.02 36.28
N MET G 111 50.27 -1.89 35.79
CA MET G 111 50.23 -3.27 36.26
C MET G 111 50.57 -3.35 37.74
N GLU G 112 51.43 -2.47 38.23
CA GLU G 112 51.74 -2.49 39.65
C GLU G 112 50.57 -2.00 40.47
N TRP G 113 49.90 -0.94 40.02
CA TRP G 113 48.68 -0.51 40.67
C TRP G 113 47.67 -1.64 40.71
N PHE G 114 47.50 -2.34 39.59
CA PHE G 114 46.60 -3.47 39.55
C PHE G 114 46.98 -4.50 40.60
N ASN G 115 48.15 -5.10 40.45
CA ASN G 115 48.57 -6.15 41.37
C ASN G 115 48.63 -5.69 42.82
N ASN G 116 48.56 -4.39 43.09
CA ASN G 116 48.37 -3.95 44.46
C ASN G 116 46.89 -4.00 44.84
N TYR G 117 46.04 -3.47 43.98
CA TYR G 117 44.62 -3.40 44.26
C TYR G 117 44.04 -4.79 44.42
N LYS G 118 44.36 -5.66 43.47
CA LYS G 118 43.90 -7.04 43.50
C LYS G 118 44.29 -7.72 44.80
N ARG G 119 45.52 -7.48 45.25
CA ARG G 119 46.01 -8.14 46.46
C ARG G 119 45.33 -7.58 47.70
N SER G 120 45.14 -6.27 47.76
CA SER G 120 44.45 -5.69 48.91
C SER G 120 43.00 -6.16 48.96
N LEU G 121 42.37 -6.29 47.79
CA LEU G 121 40.99 -6.79 47.72
C LEU G 121 40.92 -8.22 48.21
N ALA G 122 41.82 -9.08 47.72
CA ALA G 122 41.84 -10.45 48.18
C ALA G 122 42.19 -10.55 49.65
N THR G 123 42.89 -9.56 50.19
CA THR G 123 43.13 -9.52 51.62
C THR G 123 41.86 -9.20 52.39
N TYR G 124 41.13 -8.19 51.95
CA TYR G 124 39.90 -7.81 52.63
C TYR G 124 38.89 -8.95 52.57
N MET G 125 38.76 -9.59 51.40
CA MET G 125 37.74 -10.62 51.23
C MET G 125 37.92 -11.75 52.23
N ARG G 126 39.16 -12.21 52.40
CA ARG G 126 39.41 -13.32 53.32
C ARG G 126 39.24 -12.95 54.79
N SER G 127 38.97 -11.69 55.10
CA SER G 127 38.88 -11.25 56.48
C SER G 127 37.46 -11.29 57.03
N LEU G 128 36.45 -11.40 56.17
CA LEU G 128 35.07 -11.26 56.60
C LEU G 128 34.70 -12.33 57.62
N GLY G 129 34.75 -13.60 57.22
CA GLY G 129 34.35 -14.69 58.06
C GLY G 129 35.52 -15.48 58.61
N GLY G 130 35.18 -16.46 59.44
CA GLY G 130 36.17 -17.28 60.09
C GLY G 130 37.00 -18.10 59.12
N ASP G 131 36.34 -18.92 58.30
CA ASP G 131 37.02 -19.75 57.33
C ASP G 131 37.08 -19.01 56.00
N GLU G 132 38.25 -18.42 55.72
CA GLU G 132 38.60 -17.85 54.44
C GLU G 132 37.48 -16.97 53.89
N GLY G 133 36.74 -16.32 54.78
CA GLY G 133 35.77 -15.30 54.46
C GLY G 133 34.82 -15.72 53.37
N LEU G 134 34.37 -14.75 52.59
CA LEU G 134 33.32 -14.94 51.61
C LEU G 134 33.71 -14.22 50.34
N ASP G 135 33.85 -14.97 49.24
CA ASP G 135 34.28 -14.41 47.97
C ASP G 135 33.16 -13.58 47.35
N ILE G 136 33.18 -12.27 47.58
CA ILE G 136 32.11 -11.41 47.09
C ILE G 136 32.23 -11.08 45.62
N THR G 137 33.21 -11.65 44.93
CA THR G 137 33.34 -11.37 43.50
C THR G 137 32.24 -12.06 42.70
N GLN G 138 31.93 -13.31 43.04
CA GLN G 138 30.87 -14.05 42.37
C GLN G 138 29.52 -13.51 42.84
N ASP G 139 28.45 -14.21 42.45
CA ASP G 139 27.09 -13.88 42.90
C ASP G 139 26.63 -12.52 42.44
N MET G 140 26.57 -12.30 41.13
CA MET G 140 26.17 -10.99 40.65
C MET G 140 24.67 -10.88 40.39
N LYS G 141 23.96 -12.00 40.30
CA LYS G 141 22.53 -11.99 40.01
C LYS G 141 21.83 -12.93 40.97
N PRO G 142 20.59 -12.61 41.33
CA PRO G 142 19.86 -13.45 42.28
C PRO G 142 19.84 -14.89 41.82
N PRO G 143 19.97 -15.83 42.75
CA PRO G 143 19.95 -17.25 42.36
C PRO G 143 18.53 -17.68 42.05
N LYS G 144 18.37 -18.37 40.94
CA LYS G 144 17.06 -18.81 40.48
C LYS G 144 16.82 -20.28 40.76
N SER G 145 17.73 -21.16 40.34
CA SER G 145 17.63 -22.57 40.63
C SER G 145 18.97 -23.05 41.15
N LEU G 146 19.04 -24.33 41.48
CA LEU G 146 20.24 -24.87 42.14
C LEU G 146 21.23 -25.48 41.17
N TYR G 147 20.77 -26.02 40.05
CA TYR G 147 21.64 -26.51 39.00
C TYR G 147 21.38 -25.73 37.71
N ILE G 148 22.40 -25.69 36.87
CA ILE G 148 22.37 -24.93 35.64
C ILE G 148 22.83 -25.86 34.54
N GLU G 149 22.41 -25.60 33.31
CA GLU G 149 22.87 -26.37 32.16
C GLU G 149 23.67 -25.48 31.23
N VAL G 150 24.96 -25.78 31.10
CA VAL G 150 25.88 -24.95 30.34
C VAL G 150 26.16 -25.64 29.02
N ARG G 151 26.87 -24.94 28.14
CA ARG G 151 27.29 -25.52 26.87
C ARG G 151 28.55 -24.83 26.42
N CYS G 152 29.65 -25.56 26.31
CA CYS G 152 30.94 -24.96 26.06
C CYS G 152 30.97 -24.26 24.71
N LEU G 153 31.88 -23.30 24.58
CA LEU G 153 32.04 -22.55 23.34
C LEU G 153 33.46 -22.45 22.84
N LYS G 154 34.46 -22.69 23.67
CA LYS G 154 35.84 -22.78 23.24
C LYS G 154 36.47 -23.94 23.98
N ASP G 155 37.65 -24.35 23.52
CA ASP G 155 38.33 -25.40 24.25
C ASP G 155 38.94 -24.83 25.52
N TYR G 156 39.14 -25.71 26.48
CA TYR G 156 39.63 -25.33 27.80
C TYR G 156 40.15 -26.59 28.46
N GLY G 157 41.37 -26.55 28.96
CA GLY G 157 42.12 -27.76 29.24
C GLY G 157 41.37 -28.82 30.02
N GLU G 158 41.13 -28.59 31.30
CA GLU G 158 40.44 -29.57 32.12
C GLU G 158 39.83 -28.84 33.30
N PHE G 159 38.53 -28.56 33.23
CA PHE G 159 37.87 -27.90 34.32
C PHE G 159 37.77 -28.85 35.51
N GLU G 160 37.77 -28.27 36.70
CA GLU G 160 37.87 -29.03 37.94
C GLU G 160 36.53 -29.10 38.65
N VAL G 161 36.27 -30.23 39.27
CA VAL G 161 35.23 -30.37 40.27
C VAL G 161 35.94 -30.60 41.60
N ASP G 162 35.45 -29.93 42.65
CA ASP G 162 36.11 -29.87 43.96
C ASP G 162 36.61 -31.22 44.45
N ASP G 163 35.87 -32.28 44.14
CA ASP G 163 36.17 -33.62 44.61
C ASP G 163 37.25 -34.31 43.79
N GLY G 164 38.02 -33.57 42.99
CA GLY G 164 39.02 -34.16 42.14
C GLY G 164 38.50 -34.83 40.89
N THR G 165 37.23 -34.65 40.56
CA THR G 165 36.58 -35.32 39.44
C THR G 165 36.52 -34.34 38.28
N SER G 166 37.59 -34.30 37.50
CA SER G 166 37.73 -33.30 36.44
C SER G 166 36.70 -33.56 35.33
N VAL G 167 36.63 -32.60 34.41
CA VAL G 167 35.72 -32.66 33.27
C VAL G 167 36.38 -31.97 32.09
N LEU G 168 36.48 -32.66 30.96
CA LEU G 168 37.03 -32.06 29.77
C LEU G 168 35.99 -31.16 29.12
N LEU G 169 36.46 -30.13 28.43
CA LEU G 169 35.58 -29.14 27.80
C LEU G 169 35.91 -29.04 26.32
N LYS G 170 35.32 -29.93 25.52
CA LYS G 170 35.37 -29.77 24.08
C LYS G 170 34.33 -28.76 23.62
N LYS G 171 34.39 -28.40 22.35
CA LYS G 171 33.45 -27.43 21.82
C LYS G 171 32.10 -28.08 21.54
N ASN G 172 31.03 -27.35 21.86
CA ASN G 172 29.65 -27.77 21.60
C ASN G 172 29.36 -29.12 22.27
N SER G 173 29.46 -29.09 23.59
CA SER G 173 29.19 -30.26 24.41
C SER G 173 28.67 -29.76 25.75
N GLN G 174 27.41 -30.06 26.06
CA GLN G 174 26.74 -29.41 27.16
C GLN G 174 26.67 -30.33 28.37
N HIS G 175 26.90 -29.75 29.55
CA HIS G 175 26.93 -30.46 30.82
C HIS G 175 25.73 -30.03 31.66
N PHE G 176 25.71 -30.50 32.90
CA PHE G 176 24.68 -30.12 33.85
C PHE G 176 25.40 -29.99 35.19
N LEU G 177 25.90 -28.81 35.46
CA LEU G 177 26.77 -28.56 36.59
C LEU G 177 26.10 -27.66 37.61
N PRO G 178 26.59 -27.63 38.84
CA PRO G 178 26.07 -26.65 39.81
C PRO G 178 26.49 -25.25 39.43
N ARG G 179 25.52 -24.33 39.40
CA ARG G 179 25.83 -22.95 39.02
C ARG G 179 26.76 -22.28 40.00
N TRP G 180 27.05 -22.93 41.11
CA TRP G 180 28.06 -22.46 42.05
C TRP G 180 29.46 -22.45 41.46
N LYS G 181 29.70 -23.21 40.39
CA LYS G 181 31.02 -23.23 39.76
C LYS G 181 31.07 -22.57 38.39
N CYS G 182 29.96 -22.54 37.67
CA CYS G 182 29.99 -22.08 36.29
C CYS G 182 29.94 -20.57 36.16
N GLU G 183 29.70 -19.85 37.25
CA GLU G 183 29.55 -18.41 37.15
C GLU G 183 30.83 -17.75 36.67
N GLN G 184 31.97 -18.20 37.19
CA GLN G 184 33.25 -17.61 36.80
C GLN G 184 33.44 -17.68 35.29
N LEU G 185 33.05 -18.79 34.68
CA LEU G 185 33.33 -19.03 33.27
C LEU G 185 32.26 -18.49 32.35
N ILE G 186 31.00 -18.49 32.77
CA ILE G 186 29.97 -17.91 31.93
C ILE G 186 30.22 -16.43 31.72
N ARG G 187 30.62 -15.73 32.78
CA ARG G 187 30.77 -14.29 32.71
C ARG G 187 31.98 -13.86 31.90
N GLN G 188 32.82 -14.80 31.45
CA GLN G 188 33.98 -14.49 30.64
C GLN G 188 33.76 -14.74 29.16
N GLY G 189 33.15 -15.86 28.81
CA GLY G 189 32.85 -16.12 27.42
C GLY G 189 33.06 -17.56 27.04
N VAL G 190 33.54 -18.36 27.98
CA VAL G 190 33.85 -19.75 27.68
C VAL G 190 32.57 -20.57 27.57
N LEU G 191 31.82 -20.67 28.66
CA LEU G 191 30.60 -21.47 28.67
C LEU G 191 29.43 -20.64 28.18
N GLU G 192 28.23 -21.16 28.37
CA GLU G 192 27.02 -20.46 27.99
C GLU G 192 25.84 -21.10 28.70
N HIS G 193 24.94 -20.26 29.21
CA HIS G 193 23.75 -20.73 29.89
C HIS G 193 22.67 -20.91 28.84
N ILE G 194 22.33 -22.15 28.52
CA ILE G 194 21.36 -22.39 27.45
C ILE G 194 19.94 -22.49 28.00
N LEU G 195 19.70 -23.46 28.88
CA LEU G 195 18.34 -23.71 29.33
C LEU G 195 17.96 -22.60 30.30
N SER G 196 17.64 -21.44 29.74
CA SER G 196 17.32 -20.26 30.52
C SER G 196 16.10 -20.51 31.40
N MET H 1 17.62 -0.18 41.68
CA MET H 1 17.24 -1.58 41.54
C MET H 1 16.98 -1.96 40.10
N ASP H 2 16.43 -3.15 39.92
CA ASP H 2 16.12 -3.70 38.61
C ASP H 2 15.16 -4.84 38.80
N ALA H 3 14.31 -5.08 37.80
CA ALA H 3 13.19 -5.99 37.96
C ALA H 3 13.60 -7.34 38.55
N ALA H 4 14.80 -7.80 38.23
CA ALA H 4 15.22 -9.12 38.66
C ALA H 4 15.55 -9.20 40.15
N GLU H 5 15.48 -8.11 40.89
CA GLU H 5 15.59 -8.15 42.34
C GLU H 5 14.29 -7.85 43.04
N VAL H 6 13.42 -7.05 42.43
CA VAL H 6 12.04 -7.00 42.88
C VAL H 6 11.43 -8.38 42.81
N GLU H 7 11.74 -9.12 41.74
CA GLU H 7 11.30 -10.50 41.65
C GLU H 7 11.89 -11.37 42.73
N PHE H 8 13.07 -11.01 43.25
CA PHE H 8 13.67 -11.74 44.36
C PHE H 8 12.95 -11.45 45.66
N LEU H 9 12.64 -10.18 45.91
CA LEU H 9 11.89 -9.80 47.09
C LEU H 9 10.46 -10.31 47.08
N ALA H 10 9.91 -10.57 45.89
CA ALA H 10 8.55 -11.06 45.79
C ALA H 10 8.42 -12.55 46.04
N GLU H 11 9.52 -13.30 46.00
CA GLU H 11 9.49 -14.72 46.27
C GLU H 11 9.54 -15.03 47.75
N LYS H 12 9.15 -14.10 48.59
CA LYS H 12 8.98 -14.35 50.01
C LYS H 12 7.52 -14.43 50.43
N GLU H 13 6.60 -14.11 49.52
CA GLU H 13 5.19 -14.22 49.83
C GLU H 13 4.81 -15.68 50.05
N LEU H 14 3.82 -15.90 50.90
CA LEU H 14 3.40 -17.25 51.22
C LEU H 14 2.31 -17.71 50.27
N VAL H 15 2.42 -18.96 49.81
CA VAL H 15 1.36 -19.59 49.02
C VAL H 15 1.10 -20.97 49.60
N THR H 16 0.08 -21.63 49.08
CA THR H 16 -0.36 -22.91 49.61
C THR H 16 -0.29 -23.98 48.53
N ILE H 17 0.44 -25.06 48.81
CA ILE H 17 0.64 -26.13 47.85
C ILE H 17 0.05 -27.41 48.41
N ILE H 18 0.03 -28.46 47.59
CA ILE H 18 -0.42 -29.79 47.99
C ILE H 18 0.64 -30.81 47.58
N PRO H 19 1.58 -31.15 48.45
CA PRO H 19 2.69 -32.00 48.05
C PRO H 19 2.23 -33.41 47.73
N ASN H 20 3.14 -34.18 47.15
CA ASN H 20 2.92 -35.59 46.91
C ASN H 20 4.18 -36.37 47.24
N PHE H 21 4.82 -36.01 48.35
CA PHE H 21 5.98 -36.71 48.86
C PHE H 21 5.98 -36.57 50.37
N SER H 22 6.67 -37.49 51.04
CA SER H 22 6.72 -37.50 52.49
C SER H 22 7.99 -36.79 52.96
N LEU H 23 7.83 -35.85 53.89
CA LEU H 23 8.97 -35.20 54.50
C LEU H 23 8.56 -34.61 55.82
N ASP H 24 9.51 -34.61 56.76
CA ASP H 24 9.33 -34.09 58.11
C ASP H 24 9.79 -32.65 58.20
N LYS H 25 9.40 -31.99 59.30
CA LYS H 25 9.65 -30.58 59.52
C LYS H 25 11.06 -30.20 59.10
N ILE H 26 11.19 -29.04 58.47
CA ILE H 26 12.48 -28.46 58.16
C ILE H 26 12.60 -27.13 58.89
N TYR H 27 13.76 -26.93 59.49
CA TYR H 27 14.04 -25.73 60.27
C TYR H 27 14.92 -24.81 59.43
N LEU H 28 14.29 -23.87 58.74
CA LEU H 28 14.99 -22.92 57.90
C LEU H 28 15.42 -21.73 58.73
N ILE H 29 16.53 -21.12 58.33
CA ILE H 29 16.98 -19.89 58.97
C ILE H 29 15.94 -18.80 58.90
N GLY H 30 14.90 -18.98 58.10
CA GLY H 30 13.79 -18.05 58.05
C GLY H 30 12.47 -18.70 58.46
N GLY H 31 12.51 -19.54 59.49
CA GLY H 31 11.28 -20.11 60.00
C GLY H 31 11.23 -21.63 60.03
N ASP H 32 10.03 -22.18 59.97
CA ASP H 32 9.85 -23.62 59.94
C ASP H 32 8.87 -23.97 58.84
N LEU H 33 8.99 -25.20 58.34
CA LEU H 33 8.08 -25.68 57.32
C LEU H 33 7.73 -27.13 57.57
N GLY H 34 6.53 -27.51 57.14
CA GLY H 34 6.12 -28.88 57.18
C GLY H 34 5.17 -29.17 58.33
N PRO H 35 4.87 -30.45 58.55
CA PRO H 35 5.41 -31.56 57.76
C PRO H 35 4.65 -31.73 56.46
N PHE H 36 5.26 -32.41 55.49
CA PHE H 36 4.68 -32.59 54.18
C PHE H 36 3.99 -33.95 54.13
N ASN H 37 2.66 -33.93 54.23
CA ASN H 37 1.87 -35.16 54.18
C ASN H 37 1.26 -35.29 52.79
N PRO H 38 1.56 -36.36 52.06
CA PRO H 38 1.04 -36.50 50.69
C PRO H 38 -0.46 -36.30 50.60
N GLY H 39 -0.88 -35.33 49.79
CA GLY H 39 -2.29 -35.06 49.64
C GLY H 39 -2.89 -34.16 50.70
N LEU H 40 -2.09 -33.31 51.33
CA LEU H 40 -2.59 -32.39 52.34
C LEU H 40 -1.94 -31.03 52.14
N PRO H 41 -2.71 -29.94 52.27
CA PRO H 41 -2.16 -28.61 52.00
C PRO H 41 -1.05 -28.24 52.97
N VAL H 42 -0.21 -27.31 52.53
CA VAL H 42 0.80 -26.71 53.41
C VAL H 42 1.24 -25.40 52.78
N GLU H 43 1.60 -24.44 53.62
CA GLU H 43 1.90 -23.07 53.21
C GLU H 43 3.41 -22.86 53.20
N VAL H 44 3.97 -22.50 52.05
CA VAL H 44 5.42 -22.32 51.90
C VAL H 44 5.73 -21.00 51.21
N PRO H 45 6.97 -20.53 51.26
CA PRO H 45 7.34 -19.35 50.48
C PRO H 45 7.47 -19.70 49.01
N LEU H 46 7.22 -18.71 48.17
CA LEU H 46 7.05 -18.96 46.74
C LEU H 46 8.27 -19.66 46.16
N TRP H 47 9.46 -19.13 46.42
CA TRP H 47 10.68 -19.66 45.81
C TRP H 47 10.82 -21.16 46.01
N LEU H 48 10.09 -21.75 46.94
CA LEU H 48 10.08 -23.18 47.12
C LEU H 48 8.93 -23.84 46.38
N ALA H 49 7.77 -23.20 46.34
CA ALA H 49 6.65 -23.77 45.60
C ALA H 49 6.97 -23.87 44.12
N ILE H 50 7.56 -22.82 43.56
CA ILE H 50 7.95 -22.86 42.15
C ILE H 50 8.98 -23.94 41.91
N ASN H 51 10.00 -24.00 42.76
CA ASN H 51 11.07 -24.96 42.54
C ASN H 51 10.58 -26.39 42.72
N LEU H 52 9.56 -26.60 43.53
CA LEU H 52 9.02 -27.95 43.65
C LEU H 52 8.08 -28.27 42.50
N LYS H 53 7.37 -27.27 41.98
CA LYS H 53 6.51 -27.50 40.83
C LYS H 53 7.32 -27.89 39.61
N GLN H 54 8.45 -27.22 39.38
CA GLN H 54 9.27 -27.56 38.22
C GLN H 54 9.77 -28.98 38.28
N ARG H 55 10.03 -29.50 39.46
CA ARG H 55 10.48 -30.87 39.62
C ARG H 55 9.34 -31.86 39.77
N GLN H 56 8.13 -31.46 39.39
CA GLN H 56 6.95 -32.32 39.41
C GLN H 56 6.79 -33.00 40.77
N LYS H 57 6.57 -32.16 41.78
CA LYS H 57 6.46 -32.67 43.14
C LYS H 57 5.35 -31.99 43.95
N CYS H 58 4.46 -31.24 43.33
CA CYS H 58 3.42 -30.56 44.09
C CYS H 58 2.27 -30.22 43.16
N ARG H 59 1.39 -29.35 43.64
CA ARG H 59 0.28 -28.85 42.83
C ARG H 59 -0.19 -27.56 43.48
N LEU H 60 0.02 -26.43 42.79
CA LEU H 60 -0.21 -25.14 43.40
C LEU H 60 -1.70 -24.90 43.61
N LEU H 61 -2.01 -23.76 44.23
CA LEU H 61 -3.36 -23.36 44.52
C LEU H 61 -3.45 -21.86 44.33
N PRO H 62 -4.56 -21.36 43.81
CA PRO H 62 -4.69 -19.92 43.57
C PRO H 62 -4.92 -19.17 44.86
N PRO H 63 -4.16 -18.11 45.11
CA PRO H 63 -4.44 -17.27 46.28
C PRO H 63 -5.85 -16.72 46.23
N GLU H 64 -6.38 -16.41 47.42
CA GLU H 64 -7.78 -16.05 47.53
C GLU H 64 -8.10 -14.77 46.79
N TRP H 65 -7.21 -13.78 46.85
CA TRP H 65 -7.44 -12.54 46.11
C TRP H 65 -7.41 -12.75 44.61
N MET H 66 -6.99 -13.92 44.15
CA MET H 66 -6.89 -14.23 42.73
C MET H 66 -8.17 -14.92 42.25
N ASP H 67 -9.26 -14.19 42.36
CA ASP H 67 -10.58 -14.67 41.95
C ASP H 67 -11.07 -13.81 40.80
N VAL H 68 -11.76 -14.44 39.85
CA VAL H 68 -12.19 -13.73 38.65
C VAL H 68 -13.39 -12.84 38.91
N GLU H 69 -13.85 -12.75 40.16
CA GLU H 69 -14.95 -11.85 40.47
C GLU H 69 -14.51 -10.64 41.28
N LYS H 70 -13.81 -10.85 42.40
CA LYS H 70 -13.27 -9.72 43.14
C LYS H 70 -12.36 -8.86 42.29
N LEU H 71 -11.62 -9.48 41.37
CA LEU H 71 -10.77 -8.71 40.47
C LEU H 71 -11.59 -7.86 39.52
N GLU H 72 -12.74 -8.37 39.07
CA GLU H 72 -13.53 -7.57 38.16
C GLU H 72 -14.21 -6.41 38.87
N LYS H 73 -14.10 -6.33 40.19
CA LYS H 73 -14.50 -5.16 40.96
C LYS H 73 -13.33 -4.25 41.29
N MET H 74 -12.14 -4.82 41.56
CA MET H 74 -10.96 -3.98 41.70
C MET H 74 -10.70 -3.21 40.43
N ARG H 75 -10.90 -3.84 39.28
CA ARG H 75 -10.61 -3.17 38.01
C ARG H 75 -11.52 -1.98 37.78
N ASP H 76 -12.72 -2.00 38.36
CA ASP H 76 -13.63 -0.85 38.25
C ASP H 76 -13.36 0.18 39.33
N HIS H 77 -13.11 -0.28 40.54
CA HIS H 77 -12.76 0.64 41.62
C HIS H 77 -11.56 1.48 41.25
N GLU H 78 -10.60 0.87 40.56
CA GLU H 78 -9.39 1.61 40.19
C GLU H 78 -9.70 2.70 39.19
N ARG H 79 -10.57 2.43 38.22
CA ARG H 79 -10.87 3.43 37.21
C ARG H 79 -11.80 4.51 37.74
N LYS H 80 -12.57 4.23 38.78
CA LYS H 80 -13.41 5.28 39.35
C LYS H 80 -12.59 6.28 40.16
N GLU H 81 -11.90 5.80 41.19
CA GLU H 81 -11.11 6.63 42.08
C GLU H 81 -10.12 7.47 41.28
N GLU H 82 -9.67 8.58 41.90
CA GLU H 82 -8.67 9.44 41.29
C GLU H 82 -7.38 9.47 42.08
N THR H 83 -7.10 8.45 42.88
CA THR H 83 -5.84 8.29 43.58
C THR H 83 -5.47 6.81 43.56
N PHE H 84 -4.25 6.51 44.01
CA PHE H 84 -3.78 5.13 44.03
C PHE H 84 -4.53 4.37 45.12
N THR H 85 -5.36 3.46 44.73
CA THR H 85 -6.19 2.65 45.62
C THR H 85 -5.44 1.41 46.10
N PRO H 86 -5.79 0.87 47.26
CA PRO H 86 -5.03 -0.26 47.80
C PRO H 86 -5.27 -1.52 47.01
N MET H 87 -4.26 -2.38 46.99
CA MET H 87 -4.18 -3.54 46.13
C MET H 87 -4.10 -4.82 46.93
N PRO H 88 -4.47 -5.97 46.34
CA PRO H 88 -4.54 -7.21 47.13
C PRO H 88 -3.26 -7.53 47.87
N SER H 89 -2.14 -7.53 47.19
CA SER H 89 -0.84 -7.83 47.78
C SER H 89 0.17 -6.83 47.26
N PRO H 90 1.18 -6.48 48.06
CA PRO H 90 2.16 -5.50 47.61
C PRO H 90 2.96 -5.94 46.39
N TYR H 91 2.83 -7.19 45.96
CA TYR H 91 3.61 -7.72 44.85
C TYR H 91 2.74 -8.48 43.88
N TYR H 92 1.61 -7.90 43.47
CA TYR H 92 0.66 -8.68 42.69
C TYR H 92 1.16 -8.96 41.28
N MET H 93 1.92 -8.05 40.67
CA MET H 93 2.40 -8.30 39.32
C MET H 93 3.30 -9.53 39.27
N GLU H 94 4.24 -9.63 40.21
CA GLU H 94 5.15 -10.77 40.17
C GLU H 94 4.45 -12.06 40.53
N LEU H 95 3.48 -12.02 41.43
CA LEU H 95 2.71 -13.22 41.72
C LEU H 95 1.97 -13.69 40.48
N THR H 96 1.19 -12.80 39.87
CA THR H 96 0.42 -13.22 38.71
C THR H 96 1.25 -13.38 37.45
N LYS H 97 2.55 -13.15 37.52
CA LYS H 97 3.40 -13.63 36.45
C LYS H 97 3.95 -15.02 36.75
N LEU H 98 4.62 -15.16 37.89
CA LEU H 98 5.26 -16.43 38.22
C LEU H 98 4.24 -17.56 38.30
N LEU H 99 3.14 -17.34 39.02
CA LEU H 99 2.12 -18.37 39.15
C LEU H 99 1.57 -18.76 37.80
N LEU H 100 1.00 -17.80 37.07
CA LEU H 100 0.33 -18.11 35.82
C LEU H 100 1.28 -18.64 34.75
N ASN H 101 2.58 -18.40 34.88
CA ASN H 101 3.48 -19.05 33.94
C ASN H 101 3.79 -20.48 34.36
N HIS H 102 3.94 -20.72 35.65
CA HIS H 102 4.40 -22.03 36.08
C HIS H 102 3.27 -22.96 36.50
N ALA H 103 2.09 -22.45 36.80
CA ALA H 103 1.01 -23.28 37.28
C ALA H 103 -0.30 -22.85 36.64
N SER H 104 -0.27 -22.60 35.33
CA SER H 104 -1.47 -22.10 34.68
C SER H 104 -2.55 -23.15 34.55
N ASP H 105 -2.21 -24.43 34.67
CA ASP H 105 -3.21 -25.48 34.56
C ASP H 105 -3.85 -25.84 35.88
N ASN H 106 -3.24 -25.46 37.00
CA ASN H 106 -3.87 -25.62 38.31
C ASN H 106 -4.68 -24.40 38.71
N ILE H 107 -4.76 -23.39 37.87
CA ILE H 107 -5.55 -22.19 38.14
C ILE H 107 -6.66 -22.10 37.10
N PRO H 108 -7.93 -22.20 37.49
CA PRO H 108 -9.00 -22.06 36.51
C PRO H 108 -9.17 -20.61 36.09
N LYS H 109 -9.46 -20.40 34.81
CA LYS H 109 -9.62 -19.07 34.23
C LYS H 109 -8.35 -18.25 34.38
N ALA H 110 -7.23 -18.81 33.93
CA ALA H 110 -5.97 -18.08 34.02
C ALA H 110 -5.95 -16.90 33.07
N ASP H 111 -6.45 -17.09 31.85
CA ASP H 111 -6.40 -16.05 30.83
C ASP H 111 -7.53 -15.06 30.95
N GLU H 112 -8.16 -14.96 32.11
CA GLU H 112 -8.98 -13.81 32.46
C GLU H 112 -8.43 -13.08 33.67
N ILE H 113 -7.95 -13.83 34.65
CA ILE H 113 -7.15 -13.25 35.73
C ILE H 113 -6.03 -12.42 35.13
N ARG H 114 -5.35 -12.97 34.14
CA ARG H 114 -4.20 -12.29 33.56
C ARG H 114 -4.59 -10.96 32.93
N THR H 115 -5.70 -10.96 32.20
CA THR H 115 -6.12 -9.73 31.55
C THR H 115 -6.62 -8.70 32.55
N LEU H 116 -7.26 -9.14 33.63
CA LEU H 116 -7.70 -8.16 34.63
C LEU H 116 -6.51 -7.55 35.37
N VAL H 117 -5.53 -8.37 35.72
CA VAL H 117 -4.32 -7.84 36.34
C VAL H 117 -3.68 -6.81 35.42
N LYS H 118 -3.54 -7.15 34.13
CA LYS H 118 -2.94 -6.20 33.22
C LYS H 118 -3.78 -4.93 33.08
N ASP H 119 -5.10 -5.04 33.16
CA ASP H 119 -5.92 -3.84 33.11
C ASP H 119 -5.68 -2.94 34.31
N MET H 120 -5.55 -3.53 35.49
CA MET H 120 -5.24 -2.71 36.67
C MET H 120 -3.89 -2.04 36.51
N TRP H 121 -2.88 -2.80 36.11
CA TRP H 121 -1.55 -2.26 35.93
C TRP H 121 -1.54 -1.09 34.95
N ASP H 122 -2.21 -1.24 33.82
CA ASP H 122 -2.17 -0.20 32.81
C ASP H 122 -2.85 1.08 33.24
N THR H 123 -3.62 1.07 34.31
CA THR H 123 -4.18 2.29 34.88
C THR H 123 -3.28 2.87 35.97
N ARG H 124 -2.85 2.05 36.92
CA ARG H 124 -1.97 2.55 37.95
C ARG H 124 -0.67 3.11 37.39
N ILE H 125 -0.34 2.80 36.14
CA ILE H 125 0.80 3.44 35.51
C ILE H 125 0.41 4.76 34.87
N ALA H 126 -0.84 4.90 34.46
CA ALA H 126 -1.27 6.18 33.89
C ALA H 126 -1.42 7.23 34.96
N LYS H 127 -1.85 6.86 36.17
CA LYS H 127 -1.95 7.84 37.23
C LYS H 127 -0.58 8.34 37.66
N LEU H 128 0.47 7.53 37.48
CA LEU H 128 1.78 7.95 37.91
C LEU H 128 2.31 9.07 37.02
N ARG H 129 2.24 8.91 35.70
CA ARG H 129 2.80 9.96 34.86
C ARG H 129 1.95 11.21 34.87
N VAL H 130 0.79 11.21 35.51
CA VAL H 130 0.09 12.46 35.79
C VAL H 130 0.50 13.01 37.13
N SER H 131 0.70 12.14 38.12
CA SER H 131 1.24 12.58 39.40
C SER H 131 2.72 12.92 39.32
N ALA H 132 3.41 12.53 38.27
CA ALA H 132 4.80 12.87 38.09
C ALA H 132 5.00 13.99 37.07
N ASP H 133 3.91 14.56 36.59
CA ASP H 133 3.98 15.72 35.72
C ASP H 133 3.48 16.97 36.41
N SER H 134 2.45 16.86 37.23
CA SER H 134 2.07 17.99 38.06
C SER H 134 3.19 18.38 39.00
N PHE H 135 3.98 17.40 39.44
CA PHE H 135 5.13 17.67 40.29
C PHE H 135 6.06 18.68 39.63
N VAL H 136 6.51 18.38 38.42
CA VAL H 136 7.42 19.28 37.72
C VAL H 136 6.70 20.55 37.30
N ARG H 137 5.57 20.40 36.60
CA ARG H 137 4.78 21.51 36.09
C ARG H 137 4.58 22.62 37.11
N GLN H 138 4.42 22.26 38.38
CA GLN H 138 4.16 23.22 39.44
C GLN H 138 5.33 23.38 40.39
N GLN H 139 6.44 22.69 40.14
CA GLN H 139 7.65 22.79 40.94
C GLN H 139 7.35 22.57 42.42
N GLU H 140 6.81 21.41 42.72
CA GLU H 140 6.54 21.06 44.11
C GLU H 140 7.85 20.74 44.81
N ALA H 141 7.75 20.31 46.06
CA ALA H 141 8.92 19.88 46.79
C ALA H 141 8.63 18.64 47.64
N HIS H 142 7.52 17.97 47.37
CA HIS H 142 7.04 16.85 48.16
C HIS H 142 5.85 16.26 47.44
N ALA H 143 5.65 14.96 47.60
CA ALA H 143 4.55 14.30 46.92
C ALA H 143 4.24 13.01 47.65
N LYS H 144 3.02 12.88 48.13
CA LYS H 144 2.62 11.71 48.90
C LYS H 144 2.06 10.66 47.94
N LEU H 145 2.82 9.60 47.71
CA LEU H 145 2.36 8.47 46.93
C LEU H 145 1.68 7.47 47.86
N ASP H 146 0.43 7.14 47.55
CA ASP H 146 -0.43 6.52 48.56
C ASP H 146 -0.18 5.03 48.68
N ASN H 147 -0.46 4.28 47.63
CA ASN H 147 -0.45 2.82 47.69
C ASN H 147 0.39 2.23 46.56
N LEU H 148 1.41 2.95 46.12
CA LEU H 148 2.30 2.44 45.09
C LEU H 148 3.00 1.20 45.58
N THR H 149 3.00 0.16 44.76
CA THR H 149 3.82 -1.00 45.07
C THR H 149 5.24 -0.75 44.58
N LEU H 150 6.16 -1.59 45.03
CA LEU H 150 7.57 -1.37 44.70
C LEU H 150 7.83 -1.46 43.21
N MET H 151 7.01 -2.20 42.47
CA MET H 151 7.29 -2.40 41.05
C MET H 151 6.99 -1.14 40.24
N GLU H 152 5.82 -0.52 40.45
CA GLU H 152 5.52 0.73 39.76
C GLU H 152 6.57 1.79 40.07
N ILE H 153 6.97 1.88 41.33
CA ILE H 153 8.05 2.77 41.71
C ILE H 153 9.28 2.48 40.89
N ASN H 154 9.68 1.23 40.82
CA ASN H 154 10.95 0.89 40.22
C ASN H 154 10.94 0.95 38.70
N THR H 155 9.79 0.99 38.06
CA THR H 155 9.79 1.05 36.60
C THR H 155 10.06 2.46 36.09
N SER H 156 9.80 3.48 36.88
CA SER H 156 10.02 4.86 36.43
C SER H 156 10.59 5.72 37.56
N GLY H 157 11.40 5.14 38.43
CA GLY H 157 11.95 5.91 39.52
C GLY H 157 13.31 6.47 39.19
N THR H 158 14.17 5.64 38.62
CA THR H 158 15.53 6.07 38.34
C THR H 158 15.59 7.12 37.25
N PHE H 159 14.48 7.43 36.61
CA PHE H 159 14.37 8.57 35.73
C PHE H 159 13.76 9.77 36.42
N LEU H 160 12.72 9.55 37.21
CA LEU H 160 12.06 10.67 37.87
C LEU H 160 12.97 11.36 38.87
N THR H 161 13.62 10.58 39.73
CA THR H 161 14.49 11.22 40.71
C THR H 161 15.68 11.90 40.04
N GLN H 162 16.22 11.27 39.00
CA GLN H 162 17.35 11.85 38.32
C GLN H 162 16.99 13.10 37.54
N ALA H 163 15.73 13.25 37.14
CA ALA H 163 15.30 14.48 36.49
C ALA H 163 14.74 15.50 37.46
N LEU H 164 14.55 15.13 38.72
CA LEU H 164 14.25 16.13 39.73
C LEU H 164 15.51 16.70 40.38
N ASN H 165 16.59 15.93 40.42
CA ASN H 165 17.84 16.50 40.93
C ASN H 165 18.33 17.62 40.03
N HIS H 166 18.34 17.39 38.72
CA HIS H 166 18.71 18.45 37.79
C HIS H 166 17.77 19.64 37.86
N MET H 167 16.61 19.50 38.50
CA MET H 167 15.72 20.65 38.64
C MET H 167 15.99 21.40 39.93
N TYR H 168 16.25 20.68 41.02
CA TYR H 168 16.69 21.36 42.23
C TYR H 168 17.93 22.18 41.97
N LYS H 169 18.89 21.63 41.22
CA LYS H 169 20.09 22.39 40.90
C LYS H 169 19.75 23.68 40.19
N LEU H 170 18.98 23.59 39.10
CA LEU H 170 18.62 24.79 38.36
C LEU H 170 17.81 25.77 39.18
N ARG H 171 17.08 25.30 40.19
CA ARG H 171 16.27 26.21 40.97
C ARG H 171 17.01 26.83 42.14
N THR H 172 18.18 26.33 42.50
CA THR H 172 18.94 26.94 43.59
C THR H 172 20.35 27.30 43.14
N ASN H 173 20.49 27.96 42.00
CA ASN H 173 21.79 28.36 41.50
C ASN H 173 22.01 29.86 41.55
N LEU H 174 21.14 30.60 42.24
CA LEU H 174 21.25 32.05 42.30
C LEU H 174 21.42 32.58 43.72
N GLN H 175 21.32 31.74 44.73
CA GLN H 175 21.45 32.22 46.10
C GLN H 175 22.79 32.87 46.39
N PRO H 176 23.95 32.22 46.12
CA PRO H 176 25.21 32.85 46.55
C PRO H 176 25.61 34.05 45.70
N GLU I 3 28.82 -1.59 33.66
CA GLU I 3 28.01 -1.89 34.83
C GLU I 3 28.76 -1.61 36.12
N ALA I 4 30.08 -1.67 36.04
CA ALA I 4 30.93 -1.32 37.16
C ALA I 4 31.90 -0.20 36.85
N TYR I 5 31.83 0.38 35.65
CA TYR I 5 32.66 1.52 35.29
C TYR I 5 31.85 2.77 35.57
N PHE I 6 32.08 3.38 36.72
CA PHE I 6 31.31 4.52 37.17
C PHE I 6 32.14 5.79 36.98
N ARG I 7 32.07 6.35 35.77
CA ARG I 7 32.73 7.60 35.46
C ARG I 7 32.37 8.66 36.48
N VAL I 8 33.23 9.66 36.65
CA VAL I 8 32.93 10.76 37.56
C VAL I 8 31.91 11.68 36.91
N GLU I 9 30.82 11.95 37.61
CA GLU I 9 29.71 12.68 37.03
C GLU I 9 30.03 14.17 36.96
N SER I 10 29.10 14.94 36.43
CA SER I 10 29.33 16.35 36.14
C SER I 10 28.69 17.22 37.22
N GLY I 11 29.46 18.15 37.76
CA GLY I 11 28.93 19.08 38.73
C GLY I 11 28.72 20.44 38.10
N ALA I 12 28.58 20.47 36.78
CA ALA I 12 28.46 21.73 36.07
C ALA I 12 27.16 22.46 36.33
N LEU I 13 26.27 21.93 37.17
CA LEU I 13 25.04 22.63 37.47
C LEU I 13 25.04 23.27 38.86
N GLY I 14 25.98 22.90 39.71
CA GLY I 14 26.02 23.44 41.05
C GLY I 14 26.98 24.59 41.16
N PRO I 15 27.53 24.79 42.36
CA PRO I 15 28.43 25.93 42.57
C PRO I 15 29.69 25.90 41.73
N GLU I 16 30.28 24.73 41.49
CA GLU I 16 31.53 24.71 40.75
C GLU I 16 31.78 23.31 40.20
N GLU I 17 32.31 23.26 38.98
CA GLU I 17 32.52 21.98 38.29
C GLU I 17 33.52 21.12 39.03
N ASN I 18 33.36 19.80 38.88
CA ASN I 18 34.25 18.85 39.50
C ASN I 18 35.62 18.89 38.83
N PHE I 19 36.62 18.37 39.53
CA PHE I 19 37.98 18.47 39.03
C PHE I 19 38.28 17.40 37.98
N LEU I 20 37.80 16.18 38.17
CA LEU I 20 38.20 15.06 37.35
C LEU I 20 37.17 14.64 36.32
N SER I 21 36.07 15.37 36.20
CA SER I 21 34.97 14.95 35.33
C SER I 21 35.27 15.32 33.89
N LEU I 22 35.38 14.33 33.01
CA LEU I 22 35.73 14.61 31.62
C LEU I 22 34.65 15.35 30.86
N ASP I 23 33.44 15.46 31.42
CA ASP I 23 32.43 16.26 30.75
C ASP I 23 32.66 17.75 30.98
N ASP I 24 32.95 18.15 32.22
CA ASP I 24 33.17 19.55 32.51
C ASP I 24 34.44 20.05 31.84
N ILE I 25 35.45 19.19 31.73
CA ILE I 25 36.71 19.60 31.10
C ILE I 25 36.46 20.01 29.66
N LEU I 26 35.71 19.21 28.92
CA LEU I 26 35.37 19.59 27.55
C LEU I 26 34.31 20.67 27.52
N MET I 27 33.56 20.85 28.60
CA MET I 27 32.54 21.89 28.62
C MET I 27 33.18 23.26 28.67
N SER I 28 34.03 23.48 29.67
CA SER I 28 34.60 24.81 29.90
C SER I 28 35.49 25.25 28.76
N HIS I 29 35.96 24.31 27.94
CA HIS I 29 36.82 24.66 26.83
C HIS I 29 36.13 25.58 25.83
N GLU I 30 34.81 25.69 25.86
CA GLU I 30 34.11 26.48 24.86
C GLU I 30 34.41 27.96 25.03
N LYS I 31 34.46 28.67 23.91
CA LYS I 31 34.92 30.06 23.89
C LYS I 31 33.86 31.01 24.43
N LEU I 32 34.28 32.26 24.68
CA LEU I 32 33.47 33.27 25.31
C LEU I 32 34.08 34.63 25.02
N PRO I 33 33.29 35.67 24.79
CA PRO I 33 33.85 36.98 24.44
C PRO I 33 34.12 37.88 25.63
N VAL I 34 35.26 38.55 25.59
CA VAL I 34 35.73 39.41 26.67
C VAL I 34 36.23 40.73 26.08
N ARG I 35 36.31 41.74 26.94
CA ARG I 35 36.92 43.01 26.60
C ARG I 35 37.98 43.32 27.64
N THR I 36 39.21 43.56 27.20
CA THR I 36 40.33 43.70 28.12
C THR I 36 40.39 45.10 28.72
N GLU I 37 40.83 45.17 29.97
CA GLU I 37 40.87 46.42 30.72
C GLU I 37 42.27 47.03 30.80
N THR I 38 43.31 46.24 30.58
CA THR I 38 44.67 46.78 30.58
C THR I 38 45.40 46.39 29.29
N ALA I 39 46.69 46.64 29.25
CA ALA I 39 47.51 46.06 28.19
C ALA I 39 47.91 44.65 28.58
N MET I 40 48.28 43.85 27.57
CA MET I 40 48.68 42.46 27.76
C MET I 40 50.13 42.34 27.30
N PRO I 41 51.08 42.70 28.15
CA PRO I 41 52.48 42.73 27.70
C PRO I 41 53.08 41.33 27.63
N ARG I 42 54.04 41.18 26.73
CA ARG I 42 54.83 39.97 26.53
C ARG I 42 54.01 38.78 26.03
N LEU I 43 52.74 38.97 25.69
CA LEU I 43 51.94 37.86 25.20
C LEU I 43 51.03 38.24 24.03
N GLY I 44 51.24 39.38 23.39
CA GLY I 44 50.39 39.78 22.29
C GLY I 44 50.59 38.93 21.04
N ALA I 45 51.36 37.86 21.17
CA ALA I 45 51.64 37.00 20.03
C ALA I 45 50.38 36.30 19.53
N PHE I 46 49.58 35.76 20.47
CA PHE I 46 48.39 34.99 20.13
C PHE I 46 47.39 35.78 19.31
N PHE I 47 46.84 36.83 19.89
CA PHE I 47 45.76 37.60 19.29
C PHE I 47 46.23 38.36 18.05
N ASN I 58 55.75 42.93 22.42
CA ASN I 58 54.41 42.48 22.12
C ASN I 58 53.46 42.85 23.26
N ALA I 59 52.32 43.43 22.89
CA ALA I 59 51.30 43.82 23.86
C ALA I 59 49.98 43.99 23.14
N VAL I 60 48.91 43.87 23.91
CA VAL I 60 47.55 44.00 23.39
C VAL I 60 46.97 45.27 23.99
N PRO I 61 46.17 46.04 23.25
CA PRO I 61 45.58 47.26 23.82
C PRO I 61 44.66 47.00 25.01
N GLN I 62 44.16 48.06 25.63
CA GLN I 62 43.02 47.96 26.53
C GLN I 62 41.76 48.35 25.78
N GLY I 63 40.66 47.71 26.11
CA GLY I 63 39.45 47.87 25.34
C GLY I 63 39.57 47.15 24.01
N SER I 64 39.77 45.84 24.05
CA SER I 64 39.83 45.01 22.87
C SER I 64 38.93 43.81 23.07
N LYS I 65 38.26 43.40 22.00
CA LYS I 65 37.31 42.30 22.04
C LYS I 65 38.02 41.03 21.64
N LEU I 66 38.06 40.05 22.54
CA LEU I 66 38.79 38.82 22.34
C LEU I 66 37.90 37.62 22.66
N GLU I 67 38.32 36.45 22.20
CA GLU I 67 37.61 35.20 22.45
C GLU I 67 38.52 34.28 23.25
N LEU I 68 38.07 33.90 24.44
CA LEU I 68 38.86 33.08 25.33
C LEU I 68 38.04 31.93 25.85
N PRO I 69 38.68 30.80 26.17
CA PRO I 69 37.95 29.71 26.83
C PRO I 69 37.36 30.17 28.15
N LEU I 70 36.43 29.38 28.68
CA LEU I 70 35.81 29.74 29.93
C LEU I 70 36.78 29.56 31.09
N TRP I 71 37.58 28.50 31.06
CA TRP I 71 38.45 28.23 32.19
C TRP I 71 39.47 29.34 32.37
N LEU I 72 39.95 29.92 31.27
CA LEU I 72 40.89 31.03 31.35
C LEU I 72 40.24 32.22 32.05
N ALA I 73 39.03 32.57 31.65
CA ALA I 73 38.35 33.72 32.23
C ALA I 73 37.80 33.46 33.61
N LYS I 74 38.21 32.37 34.25
CA LYS I 74 37.81 32.14 35.64
C LYS I 74 38.70 32.91 36.60
N GLY I 75 40.03 32.73 36.46
CA GLY I 75 40.95 33.45 37.31
C GLY I 75 41.24 34.86 36.85
N LEU I 76 41.13 35.10 35.55
CA LEU I 76 41.37 36.44 35.05
C LEU I 76 40.26 37.36 35.37
N PHE I 77 39.34 36.98 36.24
CA PHE I 77 38.22 37.81 36.60
C PHE I 77 38.28 38.21 38.06
N ASP I 78 37.82 39.42 38.34
CA ASP I 78 37.71 39.96 39.69
C ASP I 78 36.45 40.79 39.76
N ASN I 79 36.10 41.21 40.97
CA ASN I 79 34.93 42.06 41.14
C ASN I 79 35.12 43.41 40.45
N LYS I 80 36.27 44.05 40.68
CA LYS I 80 36.56 45.36 40.11
C LYS I 80 36.77 45.33 38.61
N ARG I 81 36.71 44.16 37.98
CA ARG I 81 37.05 43.99 36.57
C ARG I 81 38.43 44.59 36.29
N ARG I 82 39.42 44.07 37.02
CA ARG I 82 40.77 44.62 36.94
C ARG I 82 41.38 44.37 35.57
N ILE I 83 41.30 43.13 35.09
CA ILE I 83 41.97 42.74 33.85
C ILE I 83 41.04 42.78 32.66
N LEU I 84 39.79 42.36 32.84
CA LEU I 84 38.87 42.27 31.71
C LEU I 84 37.44 42.13 32.20
N SER I 85 36.51 42.50 31.32
CA SER I 85 35.08 42.36 31.56
C SER I 85 34.50 41.40 30.53
N VAL I 86 33.31 40.88 30.83
CA VAL I 86 32.71 39.83 30.02
C VAL I 86 31.31 40.25 29.58
N GLU I 87 30.91 39.75 28.41
CA GLU I 87 29.56 39.94 27.92
C GLU I 87 29.08 38.63 27.31
N LEU I 88 27.82 38.31 27.55
CA LEU I 88 27.33 36.97 27.29
C LEU I 88 27.15 36.76 25.80
N PRO I 89 27.28 35.52 25.32
CA PRO I 89 26.97 35.24 23.92
C PRO I 89 25.51 35.51 23.65
N LYS I 90 25.16 35.53 22.37
CA LYS I 90 23.80 35.92 22.03
C LYS I 90 22.80 34.84 22.40
N ILE I 91 23.24 33.60 22.55
CA ILE I 91 22.32 32.51 22.90
C ILE I 91 21.69 32.76 24.26
N TYR I 92 22.38 33.50 25.13
CA TYR I 92 21.83 33.86 26.42
C TYR I 92 21.40 35.31 26.48
N GLN I 93 21.44 36.01 25.36
CA GLN I 93 21.10 37.43 25.33
C GLN I 93 19.58 37.58 25.47
N GLU I 94 19.11 38.81 25.30
CA GLU I 94 17.67 39.05 25.38
C GLU I 94 16.95 38.56 24.13
N GLY I 95 17.64 38.51 23.00
CA GLY I 95 17.03 38.01 21.79
C GLY I 95 16.46 36.62 21.97
N TRP I 96 17.33 35.63 22.19
CA TRP I 96 16.90 34.25 22.27
C TRP I 96 16.10 33.93 23.52
N ARG I 97 16.15 34.80 24.52
CA ARG I 97 15.42 34.52 25.74
C ARG I 97 13.93 34.69 25.58
N THR I 98 13.47 35.21 24.45
CA THR I 98 12.05 35.20 24.14
C THR I 98 11.69 34.02 23.25
N VAL I 99 12.58 33.67 22.32
CA VAL I 99 12.40 32.46 21.53
C VAL I 99 12.19 31.26 22.44
N PHE I 100 13.09 31.08 23.40
CA PHE I 100 12.93 29.95 24.32
C PHE I 100 11.71 30.10 25.22
N SER I 101 10.92 31.15 25.05
CA SER I 101 9.67 31.25 25.78
C SER I 101 8.46 31.07 24.90
N ALA I 102 8.60 31.24 23.59
CA ALA I 102 7.52 30.98 22.67
C ALA I 102 7.07 29.53 22.78
N ASP I 103 7.95 28.61 22.40
CA ASP I 103 7.74 27.18 22.60
C ASP I 103 9.10 26.50 22.65
N PRO I 104 9.53 26.06 23.83
CA PRO I 104 10.89 25.52 23.94
C PRO I 104 11.07 24.16 23.31
N ASN I 105 9.99 23.51 22.90
CA ASN I 105 10.08 22.18 22.30
C ASN I 105 10.56 22.23 20.86
N VAL I 106 11.00 23.37 20.35
CA VAL I 106 11.32 23.50 18.93
C VAL I 106 12.79 23.77 18.69
N VAL I 107 13.54 24.12 19.70
CA VAL I 107 14.90 24.59 19.54
C VAL I 107 15.84 23.41 19.45
N ASP I 108 16.93 23.59 18.70
CA ASP I 108 17.93 22.56 18.46
C ASP I 108 19.06 22.76 19.45
N LEU I 109 18.84 22.33 20.68
CA LEU I 109 19.84 22.61 21.71
C LEU I 109 21.07 21.84 21.52
N HIS I 110 21.25 21.15 20.40
CA HIS I 110 22.54 20.53 20.11
C HIS I 110 23.42 21.43 19.27
N LYS I 111 22.83 22.22 18.36
CA LYS I 111 23.60 23.23 17.66
C LYS I 111 23.90 24.40 18.58
N MET I 112 22.93 24.82 19.37
CA MET I 112 23.16 25.84 20.38
C MET I 112 23.83 25.23 21.60
N GLY I 113 24.94 24.54 21.40
CA GLY I 113 25.56 23.78 22.45
C GLY I 113 26.93 23.24 22.07
N PRO I 114 27.18 21.96 22.37
CA PRO I 114 26.24 21.02 22.95
C PRO I 114 26.29 20.96 24.46
N HIS I 115 26.35 22.11 25.11
CA HIS I 115 26.27 22.17 26.57
C HIS I 115 25.48 23.44 26.89
N PHE I 116 24.18 23.31 27.01
CA PHE I 116 23.36 24.49 27.25
C PHE I 116 23.21 24.76 28.74
N TYR I 117 22.63 23.82 29.48
CA TYR I 117 22.48 24.02 30.90
C TYR I 117 23.82 23.99 31.63
N GLY I 118 24.83 23.35 31.05
CA GLY I 118 26.12 23.32 31.71
C GLY I 118 26.83 24.66 31.62
N PHE I 119 26.89 25.21 30.42
CA PHE I 119 27.48 26.53 30.22
C PHE I 119 26.70 27.60 30.97
N GLY I 120 25.38 27.65 30.77
CA GLY I 120 24.59 28.71 31.34
C GLY I 120 24.67 28.81 32.86
N SER I 121 25.02 27.73 33.53
CA SER I 121 25.11 27.79 34.98
C SER I 121 26.49 28.23 35.46
N GLN I 122 27.47 28.33 34.57
CA GLN I 122 28.78 28.88 34.91
C GLN I 122 28.90 30.34 34.56
N LEU I 123 28.00 30.87 33.74
CA LEU I 123 27.90 32.29 33.48
C LEU I 123 27.22 33.05 34.59
N LEU I 124 27.02 32.42 35.73
CA LEU I 124 26.49 33.10 36.89
C LEU I 124 27.58 33.45 37.87
N HIS I 125 28.82 33.06 37.60
CA HIS I 125 29.96 33.45 38.40
C HIS I 125 30.63 34.71 37.85
N PHE I 126 29.93 35.47 37.02
CA PHE I 126 30.44 36.72 36.49
C PHE I 126 29.62 37.92 36.94
N ASP I 127 28.74 37.73 37.92
CA ASP I 127 27.95 38.78 38.56
C ASP I 127 27.47 39.87 37.62
N SER I 128 27.03 39.48 36.43
CA SER I 128 26.43 40.41 35.49
C SER I 128 25.10 40.91 36.06
N PRO I 129 24.49 41.93 35.45
CA PRO I 129 23.20 42.41 36.00
C PRO I 129 22.04 41.45 35.80
N GLU I 130 21.97 40.76 34.66
CA GLU I 130 20.77 40.04 34.27
C GLU I 130 20.76 38.61 34.74
N ASN I 131 21.50 38.28 35.79
CA ASN I 131 21.49 36.91 36.27
C ASN I 131 20.11 36.48 36.71
N ALA I 132 19.37 37.37 37.39
CA ALA I 132 18.03 37.03 37.84
C ALA I 132 17.10 36.75 36.67
N ASP I 133 17.61 36.90 35.45
CA ASP I 133 16.86 36.61 34.25
C ASP I 133 17.47 35.52 33.39
N ILE I 134 18.68 35.07 33.68
CA ILE I 134 19.17 33.84 33.07
C ILE I 134 18.71 32.64 33.88
N SER I 135 18.87 32.70 35.19
CA SER I 135 18.43 31.58 36.00
C SER I 135 16.92 31.40 35.99
N GLN I 136 16.19 32.25 35.27
CA GLN I 136 14.79 32.01 35.01
C GLN I 136 14.51 31.50 33.62
N SER I 137 15.41 31.74 32.67
CA SER I 137 15.29 31.11 31.37
C SER I 137 15.51 29.62 31.48
N LEU I 138 16.68 29.21 31.99
CA LEU I 138 17.01 27.80 32.13
C LEU I 138 15.88 27.05 32.82
N LEU I 139 15.50 27.48 34.01
CA LEU I 139 14.44 26.80 34.74
C LEU I 139 13.18 26.67 33.90
N GLN I 140 12.84 27.70 33.14
CA GLN I 140 11.60 27.66 32.36
C GLN I 140 11.78 27.04 31.00
N THR I 141 12.99 26.71 30.60
CA THR I 141 13.16 25.91 29.39
C THR I 141 13.17 24.43 29.72
N PHE I 142 13.91 24.06 30.76
CA PHE I 142 13.95 22.66 31.17
C PHE I 142 12.58 22.17 31.58
N ILE I 143 11.79 23.00 32.26
CA ILE I 143 10.44 22.59 32.58
C ILE I 143 9.58 22.49 31.33
N GLY I 144 9.90 23.27 30.31
CA GLY I 144 9.10 23.24 29.10
C GLY I 144 9.35 22.00 28.28
N ARG I 145 10.60 21.58 28.20
CA ARG I 145 10.98 20.43 27.42
C ARG I 145 10.90 19.13 28.19
N PHE I 146 10.10 19.05 29.25
CA PHE I 146 10.12 17.84 30.05
C PHE I 146 9.10 16.81 29.57
N ARG I 147 7.89 17.22 29.32
CA ARG I 147 6.90 16.24 28.91
C ARG I 147 7.13 15.72 27.54
N ARG I 148 8.23 16.06 26.88
CA ARG I 148 8.59 15.48 25.60
C ARG I 148 9.82 14.59 25.72
N ILE I 149 10.36 14.43 26.91
CA ILE I 149 11.49 13.54 27.14
C ILE I 149 11.03 12.48 28.12
N MET I 150 10.03 12.79 28.92
CA MET I 150 9.42 11.78 29.77
C MET I 150 8.56 10.82 28.95
N ASP I 151 8.12 11.23 27.78
CA ASP I 151 7.20 10.42 27.00
C ASP I 151 7.79 9.86 25.72
N SER I 152 8.82 10.47 25.17
CA SER I 152 9.48 9.91 24.00
C SER I 152 10.66 9.04 24.37
N SER I 153 10.86 8.77 25.65
CA SER I 153 11.93 7.91 26.10
C SER I 153 11.45 6.70 26.85
N GLN I 154 10.29 6.76 27.47
CA GLN I 154 9.68 5.59 28.07
C GLN I 154 8.68 4.93 27.15
N ASN I 155 8.58 5.38 25.90
CA ASN I 155 7.60 4.83 24.99
C ASN I 155 8.16 4.67 23.60
N ALA I 156 9.46 4.42 23.46
CA ALA I 156 10.07 4.23 22.15
C ALA I 156 10.86 2.93 22.25
N TYR I 157 10.26 1.84 21.76
CA TYR I 157 10.77 0.51 21.97
C TYR I 157 11.15 -0.12 20.65
N ASN I 158 12.36 -0.69 20.59
CA ASN I 158 12.88 -1.35 19.39
C ASN I 158 12.77 -0.46 18.16
N GLU I 159 12.86 0.84 18.36
CA GLU I 159 12.80 1.81 17.29
C GLU I 159 14.19 2.36 17.02
N ASP I 160 14.34 3.07 15.90
CA ASP I 160 15.56 3.81 15.63
C ASP I 160 15.41 5.16 16.29
N THR I 161 15.93 5.26 17.52
CA THR I 161 15.78 6.46 18.32
C THR I 161 16.78 7.55 17.95
N SER I 162 17.63 7.32 16.97
CA SER I 162 18.60 8.33 16.60
C SER I 162 17.98 9.53 15.96
N ALA I 163 16.66 9.62 15.85
CA ALA I 163 16.00 10.85 15.41
C ALA I 163 15.16 11.48 16.50
N LEU I 164 14.81 10.75 17.55
CA LEU I 164 14.21 11.35 18.74
C LEU I 164 15.25 11.99 19.63
N VAL I 165 16.53 11.83 19.33
CA VAL I 165 17.63 12.27 20.17
C VAL I 165 18.54 13.24 19.45
N ALA I 166 18.14 13.72 18.28
CA ALA I 166 19.02 14.57 17.48
C ALA I 166 19.01 16.02 17.90
N ARG I 167 18.17 16.42 18.84
CA ARG I 167 18.01 17.82 19.20
C ARG I 167 18.07 17.98 20.71
N LEU I 168 19.03 17.32 21.34
CA LEU I 168 19.18 17.32 22.78
C LEU I 168 20.63 17.62 23.14
N ASP I 169 20.86 17.93 24.40
CA ASP I 169 22.20 18.23 24.89
C ASP I 169 22.59 17.26 26.00
N GLU I 170 23.82 17.40 26.46
CA GLU I 170 24.40 16.38 27.34
C GLU I 170 23.64 16.23 28.65
N MET I 171 22.94 17.27 29.10
CA MET I 171 22.14 17.12 30.30
C MET I 171 20.83 16.41 30.03
N GLU I 172 20.40 16.34 28.78
CA GLU I 172 19.17 15.69 28.40
C GLU I 172 19.37 14.31 27.79
N ARG I 173 20.46 14.11 27.06
CA ARG I 173 20.76 12.76 26.58
C ARG I 173 21.00 11.81 27.73
N GLY I 174 21.57 12.29 28.83
CA GLY I 174 21.76 11.44 29.98
C GLY I 174 20.47 10.94 30.58
N LEU I 175 19.37 11.66 30.36
CA LEU I 175 18.06 11.23 30.82
C LEU I 175 17.33 10.39 29.78
N PHE I 176 17.51 10.72 28.51
CA PHE I 176 16.94 9.87 27.48
C PHE I 176 17.61 8.51 27.46
N GLN I 177 18.82 8.38 28.01
CA GLN I 177 19.42 7.06 28.12
C GLN I 177 19.10 6.37 29.43
N THR I 178 18.40 7.04 30.34
CA THR I 178 17.92 6.40 31.56
C THR I 178 16.46 6.02 31.45
N GLY I 179 15.69 6.70 30.61
CA GLY I 179 14.36 6.18 30.29
C GLY I 179 14.44 4.86 29.54
N GLN I 180 15.31 4.80 28.53
CA GLN I 180 15.40 3.59 27.73
C GLN I 180 15.94 2.42 28.54
N LYS I 181 16.86 2.68 29.45
CA LYS I 181 17.47 1.56 30.16
C LYS I 181 16.52 1.00 31.20
N GLY I 182 15.38 1.64 31.37
CA GLY I 182 14.41 1.13 32.32
C GLY I 182 13.19 0.63 31.58
N LEU I 183 13.04 1.04 30.33
CA LEU I 183 12.03 0.43 29.48
C LEU I 183 12.51 -0.93 28.97
N ASN I 184 13.71 -0.96 28.38
CA ASN I 184 14.31 -2.17 27.86
C ASN I 184 14.72 -3.14 28.93
N ASP I 185 14.50 -2.82 30.19
CA ASP I 185 14.77 -3.74 31.28
C ASP I 185 13.52 -4.29 31.91
N PHE I 186 12.39 -3.60 31.81
CA PHE I 186 11.13 -4.22 32.19
C PHE I 186 10.61 -5.07 31.05
N GLN I 187 10.79 -4.63 29.80
CA GLN I 187 10.38 -5.47 28.69
C GLN I 187 11.25 -6.70 28.53
N CYS I 188 12.39 -6.75 29.18
CA CYS I 188 13.20 -7.96 29.19
C CYS I 188 12.91 -8.83 30.39
N TRP I 189 12.22 -8.32 31.40
CA TRP I 189 11.76 -9.14 32.50
C TRP I 189 10.42 -9.76 32.20
N GLU I 190 9.56 -9.02 31.50
CA GLU I 190 8.25 -9.55 31.17
C GLU I 190 8.35 -10.78 30.28
N LYS I 191 9.35 -10.83 29.40
CA LYS I 191 9.51 -11.93 28.46
C LYS I 191 10.46 -13.00 28.96
N GLY I 192 10.52 -13.22 30.28
CA GLY I 192 11.34 -14.27 30.85
C GLY I 192 12.75 -14.31 30.31
N GLN I 193 13.27 -13.15 29.96
CA GLN I 193 14.57 -13.04 29.33
C GLN I 193 15.66 -12.59 30.27
N ALA I 194 15.31 -11.92 31.36
CA ALA I 194 16.30 -11.52 32.36
C ALA I 194 16.45 -12.56 33.45
N SER I 195 16.62 -13.80 33.03
CA SER I 195 17.03 -14.89 33.89
C SER I 195 18.33 -15.52 33.45
N GLN I 196 18.64 -15.47 32.16
CA GLN I 196 19.86 -16.07 31.64
C GLN I 196 21.08 -15.24 32.01
N ILE I 197 22.14 -15.92 32.44
CA ILE I 197 23.38 -15.27 32.85
C ILE I 197 24.23 -15.04 31.62
N THR I 198 24.71 -13.81 31.43
CA THR I 198 25.40 -13.46 30.21
C THR I 198 26.74 -12.79 30.50
N ALA I 199 27.57 -12.72 29.46
CA ALA I 199 28.84 -12.03 29.54
C ALA I 199 28.63 -10.53 29.56
N SER I 200 29.29 -9.84 30.49
CA SER I 200 28.97 -8.44 30.75
C SER I 200 29.75 -7.48 29.87
N ASN I 201 31.09 -7.51 29.95
CA ASN I 201 31.93 -6.59 29.21
C ASN I 201 32.69 -7.23 28.07
N LEU I 202 32.67 -8.56 27.97
CA LEU I 202 33.38 -9.22 26.89
C LEU I 202 32.62 -9.11 25.58
N VAL I 203 31.28 -9.06 25.65
CA VAL I 203 30.48 -8.83 24.46
C VAL I 203 30.64 -7.40 23.94
N GLN I 204 31.30 -6.54 24.72
CA GLN I 204 31.67 -5.22 24.19
C GLN I 204 32.87 -5.32 23.26
N ASN I 205 33.81 -6.23 23.54
CA ASN I 205 34.90 -6.46 22.61
C ASN I 205 34.43 -7.17 21.35
N TYR I 206 33.39 -7.98 21.47
CA TYR I 206 32.93 -8.79 20.35
C TYR I 206 32.00 -7.99 19.44
N LEU J 21 17.02 -11.62 69.40
CA LEU J 21 17.47 -11.72 68.01
C LEU J 21 17.40 -13.14 67.48
N THR J 22 16.17 -13.63 67.29
CA THR J 22 15.99 -14.93 66.69
C THR J 22 16.63 -14.95 65.30
N PRO J 23 17.36 -16.02 64.94
CA PRO J 23 17.93 -16.11 63.59
C PRO J 23 16.93 -15.80 62.48
N ALA J 24 15.64 -15.90 62.77
CA ALA J 24 14.64 -15.51 61.79
C ALA J 24 14.58 -14.02 61.58
N GLU J 25 15.01 -13.22 62.56
CA GLU J 25 14.93 -11.77 62.46
C GLU J 25 16.19 -11.15 61.91
N LEU J 26 17.33 -11.85 62.00
CA LEU J 26 18.54 -11.34 61.38
C LEU J 26 18.32 -11.10 59.89
N ILE J 27 17.62 -12.01 59.22
CA ILE J 27 17.41 -11.86 57.78
C ILE J 27 16.45 -10.72 57.50
N GLU J 28 15.39 -10.60 58.30
CA GLU J 28 14.44 -9.53 58.10
C GLU J 28 15.10 -8.17 58.28
N ARG J 29 16.06 -8.07 59.19
CA ARG J 29 16.80 -6.83 59.31
C ARG J 29 17.89 -6.70 58.26
N LEU J 30 18.40 -7.82 57.74
CA LEU J 30 19.45 -7.76 56.74
C LEU J 30 18.93 -7.24 55.41
N GLU J 31 17.73 -7.67 55.01
CA GLU J 31 17.16 -7.14 53.78
C GLU J 31 16.93 -5.63 53.88
N GLN J 32 16.52 -5.17 55.05
CA GLN J 32 16.31 -3.74 55.25
C GLN J 32 17.63 -3.00 55.22
N ALA J 33 18.66 -3.53 55.87
CA ALA J 33 19.97 -2.95 55.73
C ALA J 33 20.49 -3.04 54.31
N TRP J 34 19.88 -3.87 53.47
CA TRP J 34 20.34 -4.06 52.11
C TRP J 34 19.74 -3.04 51.14
N MET J 35 18.48 -2.67 51.34
CA MET J 35 17.86 -1.70 50.43
C MET J 35 18.39 -0.29 50.65
N ASN J 36 18.56 0.10 51.92
CA ASN J 36 19.02 1.44 52.22
C ASN J 36 20.35 1.72 51.55
N GLU J 37 21.29 0.80 51.66
CA GLU J 37 22.58 1.04 51.04
C GLU J 37 22.47 1.15 49.53
N LYS J 38 21.50 0.47 48.94
CA LYS J 38 21.33 0.58 47.50
C LYS J 38 20.80 1.94 47.10
N PHE J 39 19.97 2.55 47.92
CA PHE J 39 19.35 3.81 47.50
C PHE J 39 20.03 5.06 48.07
N ALA J 40 20.64 4.98 49.24
CA ALA J 40 21.19 6.16 49.87
C ALA J 40 22.31 6.76 49.01
N PRO J 41 22.46 8.08 49.01
CA PRO J 41 23.57 8.71 48.28
C PRO J 41 24.85 8.89 49.08
N GLU J 42 24.98 8.25 50.24
CA GLU J 42 26.16 8.42 51.09
C GLU J 42 26.39 7.12 51.84
N LEU J 43 27.63 6.93 52.27
CA LEU J 43 27.97 5.71 52.99
C LEU J 43 27.29 5.73 54.35
N LEU J 44 26.31 4.86 54.54
CA LEU J 44 25.49 4.86 55.75
C LEU J 44 26.25 4.21 56.90
N GLU J 45 25.53 3.92 57.98
CA GLU J 45 26.10 3.38 59.18
C GLU J 45 26.77 2.03 58.89
N SER J 46 27.57 1.59 59.86
CA SER J 46 28.21 0.28 59.80
C SER J 46 27.51 -0.67 60.76
N LYS J 47 27.10 -1.83 60.25
CA LYS J 47 26.50 -2.84 61.10
C LYS J 47 27.44 -4.03 61.20
N PRO J 48 28.42 -3.99 62.07
CA PRO J 48 29.35 -5.12 62.17
C PRO J 48 28.69 -6.31 62.85
N GLU J 49 27.77 -6.01 63.76
CA GLU J 49 27.08 -7.07 64.50
C GLU J 49 26.44 -8.06 63.54
N ILE J 50 25.62 -7.59 62.61
CA ILE J 50 24.85 -8.48 61.75
C ILE J 50 25.75 -9.20 60.76
N VAL J 51 26.62 -8.44 60.08
CA VAL J 51 27.52 -9.07 59.12
C VAL J 51 28.39 -10.12 59.77
N GLU J 52 28.63 -10.00 61.08
CA GLU J 52 29.41 -11.01 61.76
C GLU J 52 28.54 -12.10 62.39
N CYS J 53 27.24 -11.86 62.54
CA CYS J 53 26.33 -12.84 63.11
C CYS J 53 25.44 -13.53 62.09
N VAL J 54 25.63 -13.27 60.80
CA VAL J 54 24.97 -14.07 59.79
C VAL J 54 26.02 -14.99 59.20
N MET J 55 27.26 -14.56 59.25
CA MET J 55 28.34 -15.45 58.86
C MET J 55 28.52 -16.55 59.84
N GLU J 56 27.65 -16.64 60.85
CA GLU J 56 27.65 -17.76 61.77
C GLU J 56 26.64 -18.82 61.36
N GLN J 57 25.40 -18.40 61.03
CA GLN J 57 24.44 -19.36 60.51
C GLN J 57 24.96 -20.01 59.25
N LEU J 58 25.58 -19.23 58.36
CA LEU J 58 26.21 -19.82 57.19
C LEU J 58 27.33 -20.77 57.58
N GLU J 59 28.13 -20.39 58.57
CA GLU J 59 29.25 -21.25 58.95
C GLU J 59 28.79 -22.50 59.68
N HIS J 60 27.63 -22.47 60.33
CA HIS J 60 27.14 -23.63 61.06
C HIS J 60 26.36 -24.57 60.15
N MET J 61 25.29 -24.06 59.53
CA MET J 61 24.48 -24.90 58.66
C MET J 61 25.23 -25.37 57.42
N GLU J 62 26.45 -24.90 57.19
CA GLU J 62 27.30 -25.55 56.22
C GLU J 62 27.91 -26.84 56.75
N GLU J 63 27.81 -27.08 58.06
CA GLU J 63 28.36 -28.29 58.65
C GLU J 63 27.32 -29.36 58.88
N ASN J 64 26.11 -29.00 59.28
CA ASN J 64 25.05 -29.98 59.43
C ASN J 64 24.50 -30.46 58.10
N LEU J 65 25.11 -30.06 56.99
CA LEU J 65 24.80 -30.60 55.68
C LEU J 65 25.90 -31.52 55.18
N ARG J 66 27.15 -31.10 55.33
CA ARG J 66 28.27 -31.93 54.89
C ARG J 66 28.42 -33.17 55.75
N ARG J 67 27.85 -33.17 56.95
CA ARG J 67 27.88 -34.35 57.82
C ARG J 67 26.72 -35.29 57.51
N ALA J 68 25.50 -34.82 57.71
CA ALA J 68 24.30 -35.62 57.45
C ALA J 68 23.83 -35.46 56.01
N LYS J 69 24.76 -35.64 55.08
CA LYS J 69 24.50 -35.46 53.66
C LYS J 69 23.71 -36.60 53.05
N ARG J 70 23.45 -37.67 53.80
CA ARG J 70 22.89 -38.88 53.21
C ARG J 70 21.39 -38.81 52.97
N GLU J 71 20.80 -37.62 53.08
CA GLU J 71 19.49 -37.35 52.51
C GLU J 71 19.70 -36.52 51.24
N ASP J 72 18.78 -36.67 50.29
CA ASP J 72 18.97 -36.07 48.98
C ASP J 72 17.94 -35.02 48.62
N LEU J 73 16.94 -34.78 49.48
CA LEU J 73 15.97 -33.71 49.26
C LEU J 73 16.06 -32.61 50.31
N LYS J 74 16.27 -32.99 51.57
CA LYS J 74 16.45 -31.99 52.62
C LYS J 74 17.63 -31.08 52.33
N VAL J 75 18.75 -31.67 51.92
CA VAL J 75 19.93 -30.86 51.66
C VAL J 75 19.66 -29.87 50.55
N SER J 76 18.77 -30.19 49.62
CA SER J 76 18.46 -29.24 48.56
C SER J 76 17.69 -28.05 49.11
N ILE J 77 16.67 -28.31 49.93
CA ILE J 77 15.90 -27.24 50.54
C ILE J 77 16.80 -26.35 51.38
N HIS J 78 17.85 -26.92 51.96
CA HIS J 78 18.74 -26.07 52.74
C HIS J 78 19.71 -25.29 51.87
N GLN J 79 20.27 -25.95 50.86
CA GLN J 79 21.26 -25.28 50.02
C GLN J 79 20.63 -24.11 49.27
N MET J 80 19.37 -24.22 48.88
CA MET J 80 18.76 -23.11 48.16
C MET J 80 18.65 -21.88 49.05
N GLU J 81 18.21 -22.06 50.29
CA GLU J 81 18.08 -20.92 51.19
C GLU J 81 19.43 -20.32 51.52
N MET J 82 20.43 -21.17 51.78
CA MET J 82 21.77 -20.66 52.00
C MET J 82 22.23 -19.82 50.82
N GLU J 83 21.95 -20.27 49.60
CA GLU J 83 22.36 -19.51 48.43
C GLU J 83 21.59 -18.22 48.27
N ARG J 84 20.38 -18.13 48.82
CA ARG J 84 19.68 -16.85 48.77
C ARG J 84 20.25 -15.86 49.76
N ILE J 85 20.55 -16.33 50.97
CA ILE J 85 21.09 -15.46 52.00
C ILE J 85 22.49 -14.99 51.64
N ARG J 86 23.31 -15.89 51.11
CA ARG J 86 24.66 -15.54 50.71
C ARG J 86 24.70 -14.65 49.49
N TYR J 87 23.58 -14.41 48.84
CA TYR J 87 23.53 -13.36 47.83
C TYR J 87 23.04 -12.05 48.40
N VAL J 88 22.02 -12.05 49.25
CA VAL J 88 21.66 -10.80 49.92
C VAL J 88 22.89 -10.20 50.58
N LEU J 89 23.56 -10.99 51.42
CA LEU J 89 24.72 -10.50 52.16
C LEU J 89 25.82 -10.01 51.22
N SER J 90 26.19 -10.83 50.25
CA SER J 90 27.29 -10.49 49.36
C SER J 90 27.00 -9.22 48.58
N SER J 91 25.83 -9.14 47.95
CA SER J 91 25.52 -7.93 47.20
C SER J 91 25.38 -6.73 48.11
N TYR J 92 25.13 -6.93 49.40
CA TYR J 92 25.17 -5.81 50.32
C TYR J 92 26.59 -5.31 50.50
N LEU J 93 27.53 -6.23 50.74
CA LEU J 93 28.92 -5.82 50.91
C LEU J 93 29.44 -5.12 49.67
N ARG J 94 29.25 -5.71 48.49
CA ARG J 94 29.72 -5.08 47.26
C ARG J 94 29.19 -3.67 47.10
N CYS J 95 27.98 -3.41 47.60
CA CYS J 95 27.41 -2.09 47.40
C CYS J 95 28.07 -1.03 48.25
N ARG J 96 28.88 -1.43 49.24
CA ARG J 96 29.64 -0.49 50.03
C ARG J 96 31.07 -0.35 49.58
N LEU J 97 31.66 -1.39 49.02
CA LEU J 97 32.97 -1.20 48.42
C LEU J 97 32.90 -0.42 47.19
N MET J 98 31.75 0.07 46.76
CA MET J 98 31.67 1.08 45.72
C MET J 98 31.62 2.47 46.29
N LYS J 99 30.94 2.65 47.42
CA LYS J 99 30.94 3.94 48.10
C LYS J 99 32.31 4.30 48.60
N ILE J 100 33.09 3.32 49.04
CA ILE J 100 34.41 3.60 49.60
C ILE J 100 35.40 3.97 48.51
N GLU J 101 35.37 3.27 47.38
CA GLU J 101 36.34 3.54 46.34
C GLU J 101 36.00 4.77 45.52
N LYS J 102 34.81 5.31 45.67
CA LYS J 102 34.48 6.54 44.99
C LYS J 102 34.67 7.75 45.87
N PHE J 103 34.62 7.57 47.19
CA PHE J 103 34.72 8.64 48.18
C PHE J 103 35.80 8.31 49.20
N PHE J 104 36.98 7.91 48.75
CA PHE J 104 37.95 7.45 49.73
C PHE J 104 38.49 8.56 50.62
N PRO J 105 38.86 9.74 50.09
CA PRO J 105 39.42 10.75 51.01
C PRO J 105 38.40 11.31 51.97
N HIS J 106 37.19 11.58 51.50
CA HIS J 106 36.15 12.10 52.37
C HIS J 106 35.67 11.07 53.37
N VAL J 107 35.88 9.78 53.10
CA VAL J 107 35.49 8.78 54.09
C VAL J 107 36.64 8.48 55.06
N LEU J 108 37.88 8.76 54.68
CA LEU J 108 38.96 8.66 55.64
C LEU J 108 38.93 9.82 56.61
N GLU J 109 38.82 11.04 56.08
CA GLU J 109 38.72 12.22 56.93
C GLU J 109 37.64 12.06 57.99
N LYS J 110 36.42 11.77 57.55
CA LYS J 110 35.29 11.66 58.46
C LYS J 110 35.54 10.66 59.58
N GLU J 111 36.31 9.62 59.30
CA GLU J 111 36.60 8.64 60.33
C GLU J 111 37.76 9.03 61.23
N LYS J 112 38.63 9.92 60.76
CA LYS J 112 39.72 10.36 61.61
C LYS J 112 39.27 11.33 62.70
N THR J 113 38.30 12.19 62.39
CA THR J 113 37.85 13.24 63.30
C THR J 113 36.49 12.91 63.91
N ARG J 114 36.26 11.66 64.27
CA ARG J 114 34.92 11.33 64.73
C ARG J 114 34.79 11.60 66.22
N PRO J 115 33.76 12.34 66.65
CA PRO J 115 33.52 12.52 68.08
C PRO J 115 33.12 11.21 68.75
N GLU J 116 33.82 10.87 69.83
CA GLU J 116 33.62 9.59 70.49
C GLU J 116 32.19 9.45 70.98
N GLY J 117 31.62 8.27 70.78
CA GLY J 117 30.22 8.06 71.01
C GLY J 117 29.35 8.19 69.78
N GLU J 118 29.91 7.99 68.59
CA GLU J 118 29.15 8.06 67.36
C GLU J 118 29.47 6.83 66.52
N PRO J 119 28.46 6.13 66.01
CA PRO J 119 28.73 4.90 65.27
C PRO J 119 29.53 5.18 64.01
N SER J 120 30.65 4.48 63.87
CA SER J 120 31.51 4.66 62.71
C SER J 120 30.78 4.31 61.43
N SER J 121 31.28 4.84 60.31
CA SER J 121 30.79 4.48 59.01
C SER J 121 31.76 3.57 58.27
N LEU J 122 32.70 2.96 58.98
CA LEU J 122 33.66 2.04 58.38
C LEU J 122 33.95 0.93 59.35
N SER J 123 33.92 -0.31 58.87
CA SER J 123 34.37 -1.44 59.64
C SER J 123 35.87 -1.32 59.91
N PRO J 124 36.40 -2.07 60.89
CA PRO J 124 37.86 -2.08 61.07
C PRO J 124 38.60 -2.68 59.88
N GLU J 125 37.92 -3.40 59.00
CA GLU J 125 38.55 -4.01 57.84
C GLU J 125 38.41 -3.16 56.59
N GLU J 126 37.21 -2.62 56.34
CA GLU J 126 37.08 -1.63 55.29
C GLU J 126 38.02 -0.47 55.53
N LEU J 127 38.33 -0.17 56.79
CA LEU J 127 39.24 0.92 57.09
C LEU J 127 40.63 0.61 56.56
N ALA J 128 41.11 -0.62 56.78
CA ALA J 128 42.41 -1.01 56.24
C ALA J 128 42.39 -0.99 54.72
N PHE J 129 41.30 -1.49 54.12
CA PHE J 129 41.21 -1.46 52.67
C PHE J 129 41.25 -0.05 52.14
N ALA J 130 40.57 0.89 52.80
CA ALA J 130 40.55 2.26 52.32
C ALA J 130 41.92 2.92 52.49
N ARG J 131 42.58 2.64 53.60
CA ARG J 131 43.93 3.15 53.80
C ARG J 131 44.86 2.68 52.69
N GLU J 132 44.82 1.38 52.39
CA GLU J 132 45.68 0.87 51.33
C GLU J 132 45.29 1.40 49.96
N PHE J 133 44.00 1.66 49.75
CA PHE J 133 43.59 2.19 48.45
C PHE J 133 44.12 3.60 48.25
N MET J 134 43.96 4.46 49.26
CA MET J 134 44.48 5.81 49.14
C MET J 134 46.00 5.80 48.99
N ALA J 135 46.68 4.98 49.78
CA ALA J 135 48.12 4.87 49.65
C ALA J 135 48.53 4.45 48.25
N ASN J 136 47.90 3.40 47.73
CA ASN J 136 48.24 2.89 46.41
C ASN J 136 48.04 3.94 45.33
N THR J 137 46.88 4.61 45.32
CA THR J 137 46.65 5.56 44.26
C THR J 137 47.56 6.78 44.37
N GLU J 138 47.90 7.20 45.58
CA GLU J 138 48.82 8.32 45.71
C GLU J 138 50.20 7.94 45.21
N SER J 139 50.68 6.76 45.61
CA SER J 139 51.97 6.28 45.14
C SER J 139 51.96 5.95 43.66
N TYR J 140 50.79 5.85 43.03
CA TYR J 140 50.76 5.72 41.58
C TYR J 140 50.82 7.06 40.88
N LEU J 141 50.03 8.02 41.33
CA LEU J 141 50.09 9.33 40.70
C LEU J 141 51.41 10.03 40.96
N LYS J 142 52.15 9.60 41.98
CA LYS J 142 53.41 10.24 42.31
C LYS J 142 54.52 9.92 41.31
N ASN J 143 54.38 8.86 40.52
CA ASN J 143 55.48 8.38 39.68
C ASN J 143 55.16 8.40 38.19
N VAL J 144 54.12 9.10 37.76
CA VAL J 144 53.81 9.12 36.34
C VAL J 144 53.72 10.55 35.82
N ALA J 145 53.04 11.43 36.54
CA ALA J 145 52.85 12.80 36.09
C ALA J 145 53.10 13.85 37.14
N LEU J 146 53.02 13.51 38.43
CA LEU J 146 53.28 14.48 39.49
C LEU J 146 54.74 14.55 39.89
N LYS J 147 55.59 13.74 39.25
CA LYS J 147 57.02 13.75 39.52
C LYS J 147 57.76 14.66 38.54
N HIS J 148 57.38 14.63 37.26
CA HIS J 148 58.05 15.38 36.23
C HIS J 148 57.48 16.78 36.05
N MET J 149 56.88 17.33 37.08
CA MET J 149 56.30 18.65 37.05
C MET J 149 57.24 19.67 37.67
N PRO J 150 57.07 20.95 37.35
CA PRO J 150 57.77 22.00 38.08
C PRO J 150 57.64 21.81 39.58
N PRO J 151 58.66 22.20 40.34
CA PRO J 151 58.72 21.77 41.75
C PRO J 151 57.91 22.63 42.69
N ASN J 152 56.70 22.99 42.29
CA ASN J 152 55.72 23.55 43.20
C ASN J 152 54.32 23.04 42.95
N LEU J 153 54.10 22.24 41.93
CA LEU J 153 52.81 21.63 41.63
C LEU J 153 52.75 20.17 42.02
N GLN J 154 53.89 19.58 42.40
CA GLN J 154 54.01 18.15 42.61
C GLN J 154 53.17 17.65 43.77
N LYS J 155 52.41 18.54 44.41
CA LYS J 155 51.48 18.16 45.45
C LYS J 155 50.09 18.63 45.05
N VAL J 156 49.18 17.66 44.89
CA VAL J 156 47.76 17.92 44.67
C VAL J 156 46.99 17.34 45.84
N ASP J 157 46.06 18.11 46.38
CA ASP J 157 45.28 17.68 47.53
C ASP J 157 44.02 16.99 47.05
N LEU J 158 43.73 15.82 47.61
CA LEU J 158 42.60 15.00 47.21
C LEU J 158 41.37 15.24 48.06
N PHE J 159 41.19 16.46 48.56
CA PHE J 159 39.90 16.88 49.10
C PHE J 159 39.18 17.80 48.14
N ARG J 160 39.82 18.19 47.04
CA ARG J 160 39.23 19.09 46.06
C ARG J 160 39.35 18.53 44.65
N ALA J 161 39.68 17.25 44.53
CA ALA J 161 39.61 16.56 43.25
C ALA J 161 38.58 15.45 43.23
N VAL J 162 38.30 14.82 44.36
CA VAL J 162 37.28 13.78 44.46
C VAL J 162 36.00 14.44 44.94
N PRO J 163 34.95 14.50 44.12
CA PRO J 163 33.73 15.21 44.53
C PRO J 163 33.05 14.57 45.73
N LYS J 164 32.57 15.41 46.64
CA LYS J 164 31.90 14.94 47.83
C LYS J 164 30.57 14.31 47.47
N PRO J 165 30.00 13.50 48.36
CA PRO J 165 28.67 12.96 48.10
C PRO J 165 27.63 14.05 47.97
N ASP J 166 26.55 13.75 47.28
CA ASP J 166 25.50 14.73 46.96
C ASP J 166 24.26 14.36 47.76
N LEU J 167 24.01 15.09 48.85
CA LEU J 167 22.91 14.80 49.74
C LEU J 167 21.68 15.63 49.43
N ASP J 168 21.59 16.18 48.22
CA ASP J 168 20.41 16.88 47.75
C ASP J 168 19.58 16.02 46.80
N SER J 169 19.72 14.70 46.89
CA SER J 169 19.02 13.80 45.99
C SER J 169 17.61 13.54 46.50
N TYR J 170 16.72 13.25 45.56
CA TYR J 170 15.36 12.88 45.89
C TYR J 170 15.27 11.38 46.08
N VAL J 171 14.47 10.95 47.05
CA VAL J 171 14.29 9.52 47.32
C VAL J 171 12.83 9.24 47.66
N PHE J 172 12.37 8.07 47.23
CA PHE J 172 11.13 7.51 47.75
C PHE J 172 11.42 6.84 49.07
N LEU J 173 10.58 7.06 50.07
CA LEU J 173 10.72 6.32 51.31
C LEU J 173 9.36 5.94 51.85
N ARG J 174 9.31 4.86 52.62
CA ARG J 174 8.09 4.51 53.34
C ARG J 174 8.41 4.44 54.82
N VAL J 175 7.59 5.10 55.62
CA VAL J 175 7.89 5.36 57.02
C VAL J 175 7.18 4.34 57.88
N ARG J 176 7.81 4.00 59.01
CA ARG J 176 7.18 3.03 59.90
C ARG J 176 7.29 3.44 61.36
N GLU J 177 7.36 4.75 61.62
CA GLU J 177 7.29 5.26 63.00
C GLU J 177 6.79 6.70 62.90
N ARG J 178 5.51 6.90 63.21
CA ARG J 178 4.81 8.14 62.90
C ARG J 178 5.61 9.38 63.30
N GLN J 179 5.96 10.19 62.32
CA GLN J 179 6.71 11.41 62.53
C GLN J 179 5.83 12.62 62.25
N GLU J 180 6.06 13.67 63.02
CA GLU J 180 5.35 14.93 62.84
C GLU J 180 6.36 16.06 62.94
N ASN J 181 5.99 17.22 62.40
CA ASN J 181 6.85 18.40 62.38
C ASN J 181 8.16 18.11 61.64
N ILE J 182 8.01 17.86 60.34
CA ILE J 182 9.12 17.64 59.43
C ILE J 182 9.22 18.84 58.49
N LEU J 183 10.43 19.38 58.35
CA LEU J 183 10.62 20.60 57.59
C LEU J 183 10.81 20.29 56.11
N VAL J 184 10.09 21.02 55.25
CA VAL J 184 10.12 20.82 53.81
C VAL J 184 10.54 22.15 53.20
N GLU J 185 11.80 22.26 52.81
CA GLU J 185 12.28 23.51 52.23
C GLU J 185 12.32 23.40 50.72
N PRO J 186 11.37 23.99 50.00
CA PRO J 186 11.41 23.87 48.53
C PRO J 186 12.57 24.62 47.90
N ASP J 187 12.92 25.78 48.43
CA ASP J 187 13.88 26.65 47.77
C ASP J 187 14.67 27.39 48.85
N THR J 188 15.37 28.45 48.43
CA THR J 188 16.21 29.23 49.34
C THR J 188 15.40 30.17 50.23
N ASP J 189 14.18 30.49 49.84
CA ASP J 189 13.34 31.41 50.60
C ASP J 189 12.89 30.72 51.88
N GLU J 190 13.46 31.14 53.01
CA GLU J 190 13.13 30.56 54.30
C GLU J 190 11.65 30.66 54.63
N GLN J 191 10.94 31.63 54.03
CA GLN J 191 9.53 31.79 54.34
C GLN J 191 8.68 30.68 53.73
N ARG J 192 9.02 30.24 52.54
CA ARG J 192 8.17 29.31 51.80
C ARG J 192 8.14 27.93 52.39
N ASP J 193 8.72 27.69 53.56
CA ASP J 193 8.83 26.35 54.10
C ASP J 193 7.56 26.01 54.87
N TYR J 194 6.82 25.03 54.39
CA TYR J 194 5.67 24.51 55.10
C TYR J 194 6.04 23.19 55.74
N VAL J 195 5.68 23.05 57.00
CA VAL J 195 5.98 21.83 57.75
C VAL J 195 4.95 20.78 57.40
N ILE J 196 5.38 19.51 57.37
CA ILE J 196 4.49 18.40 57.06
C ILE J 196 4.60 17.36 58.17
N ASP J 197 3.68 16.39 58.12
CA ASP J 197 3.65 15.27 59.04
C ASP J 197 3.63 13.98 58.24
N LEU J 198 3.86 12.87 58.93
CA LEU J 198 3.96 11.58 58.29
C LEU J 198 3.14 10.56 59.06
N GLU J 199 2.30 9.82 58.35
CA GLU J 199 1.52 8.74 58.93
C GLU J 199 2.43 7.51 59.08
N LYS J 200 1.83 6.36 59.34
CA LYS J 200 2.58 5.10 59.40
C LYS J 200 2.24 4.25 58.19
N GLY J 201 3.27 3.73 57.53
CA GLY J 201 3.10 2.96 56.32
C GLY J 201 2.96 3.79 55.07
N SER J 202 2.91 5.11 55.17
CA SER J 202 2.81 5.95 53.98
C SER J 202 4.12 5.95 53.22
N GLN J 203 4.10 6.58 52.04
CA GLN J 203 5.27 6.66 51.17
C GLN J 203 5.34 8.05 50.58
N HIS J 204 6.53 8.62 50.55
CA HIS J 204 6.71 9.99 50.11
C HIS J 204 7.93 10.07 49.20
N LEU J 205 8.09 11.24 48.58
CA LEU J 205 9.17 11.52 47.64
C LEU J 205 9.85 12.82 48.07
N ILE J 206 10.89 12.72 48.90
CA ILE J 206 11.45 13.92 49.50
C ILE J 206 12.97 13.88 49.35
N ARG J 207 13.59 15.05 49.53
CA ARG J 207 15.05 15.12 49.41
C ARG J 207 15.71 14.39 50.55
N TYR J 208 16.89 13.85 50.29
CA TYR J 208 17.53 13.01 51.30
C TYR J 208 18.08 13.79 52.46
N LYS J 209 18.29 15.09 52.31
CA LYS J 209 18.90 15.85 53.41
C LYS J 209 17.92 16.02 54.55
N THR J 210 16.64 16.26 54.25
CA THR J 210 15.73 16.58 55.33
C THR J 210 15.36 15.36 56.17
N ILE J 211 15.67 14.15 55.72
CA ILE J 211 15.35 12.95 56.46
C ILE J 211 16.58 12.11 56.74
N ALA J 212 17.76 12.71 56.69
CA ALA J 212 19.00 11.98 56.96
C ALA J 212 19.00 11.30 58.33
N PRO J 213 18.69 11.98 59.45
CA PRO J 213 18.79 11.30 60.74
C PRO J 213 17.69 10.29 60.98
N LEU J 214 16.70 10.17 60.09
CA LEU J 214 15.65 9.18 60.27
C LEU J 214 16.06 7.82 59.76
N VAL J 215 16.88 7.76 58.71
CA VAL J 215 17.34 6.47 58.20
C VAL J 215 18.29 5.82 59.19
N ALA J 216 19.08 6.62 59.90
CA ALA J 216 19.98 6.06 60.90
C ALA J 216 19.25 5.65 62.17
N SER J 217 18.01 6.06 62.35
CA SER J 217 17.24 5.74 63.54
C SER J 217 16.08 4.79 63.25
N GLY J 218 16.13 4.11 62.11
CA GLY J 218 15.12 3.12 61.78
C GLY J 218 13.73 3.66 61.56
N ALA J 219 13.51 4.96 61.67
CA ALA J 219 12.16 5.49 61.53
C ALA J 219 11.62 5.33 60.13
N VAL J 220 12.48 5.21 59.13
CA VAL J 220 12.08 5.10 57.73
C VAL J 220 12.91 4.01 57.07
N GLN J 221 12.68 3.83 55.79
CA GLN J 221 13.46 2.90 54.97
C GLN J 221 13.28 3.31 53.53
N LEU J 222 14.38 3.52 52.83
CA LEU J 222 14.33 3.99 51.45
C LEU J 222 13.90 2.84 50.55
N ILE J 223 12.66 2.85 50.11
CA ILE J 223 12.22 1.90 49.10
C ILE J 223 12.41 2.54 47.75
N MET K 1 22.80 -57.59 29.22
CA MET K 1 21.62 -58.14 29.87
C MET K 1 20.39 -57.38 29.42
N PHE K 2 19.23 -57.76 29.95
CA PHE K 2 17.99 -57.03 29.71
C PHE K 2 17.50 -56.46 31.04
N VAL K 3 17.29 -55.16 31.07
CA VAL K 3 16.75 -54.52 32.27
C VAL K 3 15.28 -54.89 32.40
N SER K 4 14.94 -55.53 33.51
CA SER K 4 13.56 -55.96 33.71
C SER K 4 12.64 -54.79 34.02
N ASP K 5 13.04 -53.94 34.97
CA ASP K 5 12.27 -52.77 35.32
C ASP K 5 13.18 -51.55 35.33
N PHE K 6 12.69 -50.44 34.81
CA PHE K 6 13.55 -49.28 34.60
C PHE K 6 13.73 -48.45 35.86
N ARG K 7 12.76 -48.50 36.78
CA ARG K 7 12.89 -47.72 38.00
C ARG K 7 14.10 -48.14 38.80
N LYS K 8 14.11 -49.39 39.27
CA LYS K 8 15.07 -49.84 40.25
C LYS K 8 16.31 -50.47 39.65
N GLU K 9 16.50 -50.33 38.37
CA GLU K 9 17.71 -50.91 37.79
C GLU K 9 18.52 -49.91 36.97
N PHE K 10 17.85 -48.99 36.27
CA PHE K 10 18.53 -47.96 35.52
C PHE K 10 18.51 -46.62 36.24
N TYR K 11 17.34 -46.14 36.62
CA TYR K 11 17.26 -44.80 37.19
C TYR K 11 17.93 -44.72 38.55
N GLU K 12 17.45 -45.50 39.49
CA GLU K 12 17.92 -45.36 40.87
C GLU K 12 19.31 -45.87 41.08
N VAL K 13 20.06 -46.18 40.03
CA VAL K 13 21.49 -46.32 40.11
C VAL K 13 22.19 -45.03 39.72
N VAL K 14 21.86 -44.47 38.56
CA VAL K 14 22.45 -43.22 38.11
C VAL K 14 21.85 -42.01 38.81
N GLN K 15 20.92 -42.21 39.73
CA GLN K 15 20.30 -41.08 40.39
C GLN K 15 21.31 -40.28 41.19
N SER K 16 22.30 -40.96 41.77
CA SER K 16 23.34 -40.30 42.54
C SER K 16 24.68 -40.66 41.89
N GLN K 17 25.03 -39.94 40.85
CA GLN K 17 26.27 -40.14 40.12
C GLN K 17 26.45 -38.95 39.18
N ARG K 18 27.43 -39.07 38.28
CA ARG K 18 27.69 -38.06 37.25
C ARG K 18 27.79 -38.81 35.93
N VAL K 19 26.68 -38.88 35.21
CA VAL K 19 26.57 -39.68 33.99
C VAL K 19 27.07 -38.90 32.79
N LEU K 20 27.27 -39.59 31.68
CA LEU K 20 27.71 -38.97 30.43
C LEU K 20 26.85 -39.51 29.30
N LEU K 21 26.18 -38.62 28.59
CA LEU K 21 25.19 -38.99 27.59
C LEU K 21 25.76 -38.80 26.19
N PHE K 22 25.96 -39.90 25.47
CA PHE K 22 26.29 -39.85 24.06
C PHE K 22 25.00 -39.86 23.25
N VAL K 23 24.93 -39.00 22.24
CA VAL K 23 23.70 -38.79 21.49
C VAL K 23 24.01 -38.88 20.00
N ALA K 24 23.25 -39.69 19.29
CA ALA K 24 23.35 -39.77 17.84
C ALA K 24 22.73 -38.51 17.25
N SER K 25 22.57 -38.47 15.93
CA SER K 25 21.97 -37.30 15.28
C SER K 25 20.80 -37.73 14.42
N ASP K 26 19.63 -37.86 15.04
CA ASP K 26 18.39 -38.07 14.31
C ASP K 26 17.23 -37.68 15.22
N VAL K 27 16.15 -37.22 14.61
CA VAL K 27 15.05 -36.63 15.37
C VAL K 27 14.59 -37.58 16.47
N ASP K 28 14.62 -38.87 16.20
CA ASP K 28 14.26 -39.85 17.22
C ASP K 28 15.17 -39.71 18.44
N ALA K 29 16.48 -39.60 18.23
CA ALA K 29 17.40 -39.49 19.35
C ALA K 29 17.32 -38.14 20.04
N LEU K 30 17.09 -37.06 19.29
CA LEU K 30 16.90 -35.77 19.92
C LEU K 30 15.70 -35.80 20.86
N CYS K 31 14.59 -36.32 20.39
CA CYS K 31 13.41 -36.41 21.23
C CYS K 31 13.56 -37.43 22.34
N ALA K 32 14.45 -38.39 22.20
CA ALA K 32 14.74 -39.31 23.29
C ALA K 32 15.68 -38.72 24.32
N CYS K 33 16.47 -37.74 23.93
CA CYS K 33 17.29 -37.02 24.89
C CYS K 33 16.47 -36.01 25.68
N LYS K 34 15.74 -35.15 24.97
CA LYS K 34 15.03 -34.05 25.62
C LYS K 34 14.08 -34.51 26.72
N ILE K 35 13.78 -35.79 26.81
CA ILE K 35 13.02 -36.28 27.95
C ILE K 35 13.94 -36.69 29.07
N LEU K 36 15.07 -37.29 28.75
CA LEU K 36 16.00 -37.69 29.80
C LEU K 36 16.61 -36.48 30.47
N GLN K 37 16.93 -35.45 29.69
CA GLN K 37 17.30 -34.17 30.27
C GLN K 37 16.29 -33.75 31.32
N ALA K 38 15.04 -33.56 30.89
CA ALA K 38 14.02 -33.08 31.82
C ALA K 38 13.80 -34.02 32.99
N LEU K 39 14.21 -35.27 32.87
CA LEU K 39 14.15 -36.17 34.01
C LEU K 39 15.39 -36.09 34.90
N PHE K 40 16.46 -35.48 34.41
CA PHE K 40 17.63 -35.25 35.25
C PHE K 40 17.61 -33.87 35.90
N GLN K 41 17.16 -32.84 35.20
CA GLN K 41 17.06 -31.51 35.78
C GLN K 41 15.98 -31.44 36.85
N CYS K 42 15.24 -32.51 37.05
CA CYS K 42 14.21 -32.50 38.06
C CYS K 42 14.67 -33.15 39.35
N ASP K 43 15.76 -33.91 39.32
CA ASP K 43 16.28 -34.57 40.52
C ASP K 43 17.73 -34.19 40.78
N HIS K 44 18.21 -33.13 40.14
CA HIS K 44 19.55 -32.61 40.37
C HIS K 44 20.61 -33.70 40.17
N VAL K 45 20.68 -34.19 38.95
CA VAL K 45 21.65 -35.21 38.56
C VAL K 45 22.58 -34.57 37.53
N GLN K 46 23.85 -34.43 37.88
CA GLN K 46 24.81 -33.83 36.96
C GLN K 46 25.05 -34.76 35.79
N TYR K 47 24.72 -34.31 34.60
CA TYR K 47 24.98 -35.09 33.41
C TYR K 47 25.92 -34.30 32.52
N THR K 48 26.12 -34.80 31.30
CA THR K 48 26.93 -34.12 30.30
C THR K 48 26.56 -34.68 28.95
N LEU K 49 26.40 -33.82 27.96
CA LEU K 49 25.78 -34.19 26.71
C LEU K 49 26.81 -34.05 25.59
N VAL K 50 27.20 -35.16 25.00
CA VAL K 50 28.20 -35.18 23.94
C VAL K 50 27.52 -35.59 22.64
N PRO K 51 27.39 -34.71 21.68
CA PRO K 51 26.79 -35.07 20.39
C PRO K 51 27.80 -35.74 19.48
N VAL K 52 27.56 -37.01 19.16
CA VAL K 52 28.43 -37.75 18.27
C VAL K 52 27.74 -37.89 16.91
N SER K 53 28.51 -38.30 15.91
CA SER K 53 27.95 -38.46 14.57
C SER K 53 28.35 -39.73 13.85
N GLY K 54 29.36 -40.48 14.31
CA GLY K 54 29.76 -41.71 13.67
C GLY K 54 30.34 -42.70 14.66
N TRP K 55 31.20 -43.59 14.19
CA TRP K 55 31.98 -44.41 15.10
C TRP K 55 33.32 -43.81 15.42
N GLN K 56 33.90 -43.07 14.49
CA GLN K 56 35.17 -42.42 14.74
C GLN K 56 35.03 -41.34 15.80
N GLU K 57 33.97 -40.55 15.70
CA GLU K 57 33.77 -39.49 16.69
C GLU K 57 33.32 -40.06 18.03
N LEU K 58 32.54 -41.14 18.03
CA LEU K 58 32.21 -41.78 19.30
C LEU K 58 33.46 -42.33 19.97
N GLU K 59 34.38 -42.89 19.18
CA GLU K 59 35.61 -43.37 19.77
C GLU K 59 36.47 -42.22 20.28
N THR K 60 36.58 -41.15 19.50
CA THR K 60 37.35 -39.99 19.96
C THR K 60 36.78 -39.44 21.26
N ALA K 61 35.45 -39.36 21.36
CA ALA K 61 34.83 -38.88 22.58
C ALA K 61 35.08 -39.81 23.74
N PHE K 62 34.99 -41.12 23.52
CA PHE K 62 35.29 -42.02 24.62
C PHE K 62 36.75 -41.97 25.03
N LEU K 63 37.63 -41.54 24.15
CA LEU K 63 39.05 -41.46 24.50
C LEU K 63 39.27 -40.50 25.66
N GLU K 64 38.63 -39.32 25.60
CA GLU K 64 38.97 -38.24 26.53
C GLU K 64 38.27 -38.37 27.87
N HIS K 65 37.03 -38.82 27.89
CA HIS K 65 36.25 -38.80 29.12
C HIS K 65 36.32 -40.11 29.89
N LYS K 66 37.16 -41.05 29.50
CA LYS K 66 36.99 -42.41 30.01
C LYS K 66 37.63 -42.62 31.36
N GLU K 67 38.04 -41.57 32.06
CA GLU K 67 38.67 -41.76 33.36
C GLU K 67 37.94 -40.98 34.45
N GLN K 68 37.42 -39.81 34.10
CA GLN K 68 36.58 -39.07 35.05
C GLN K 68 35.34 -39.87 35.39
N PHE K 69 34.48 -40.08 34.41
CA PHE K 69 33.24 -40.79 34.64
C PHE K 69 33.47 -42.29 34.71
N HIS K 70 32.52 -42.99 35.31
CA HIS K 70 32.45 -44.43 35.10
C HIS K 70 31.00 -44.88 35.00
N TYR K 71 30.14 -44.02 34.48
CA TYR K 71 28.83 -44.39 33.99
C TYR K 71 28.66 -43.82 32.59
N PHE K 72 27.83 -44.47 31.80
CA PHE K 72 27.66 -44.06 30.42
C PHE K 72 26.25 -44.36 29.97
N ILE K 73 25.80 -43.65 28.95
CA ILE K 73 24.50 -43.87 28.33
C ILE K 73 24.64 -43.57 26.85
N LEU K 74 24.30 -44.55 26.01
CA LEU K 74 24.31 -44.38 24.57
C LEU K 74 22.87 -44.40 24.07
N ILE K 75 22.54 -43.47 23.19
CA ILE K 75 21.17 -43.29 22.74
C ILE K 75 21.12 -43.40 21.23
N ASN K 76 20.48 -44.46 20.74
CA ASN K 76 20.39 -44.78 19.31
C ASN K 76 21.77 -44.92 18.67
N CYS K 77 22.66 -45.63 19.36
CA CYS K 77 23.96 -45.97 18.80
C CYS K 77 24.55 -47.10 19.61
N GLY K 78 25.04 -48.13 18.93
CA GLY K 78 25.82 -49.16 19.58
C GLY K 78 25.03 -50.32 20.15
N ALA K 79 24.00 -50.77 19.46
CA ALA K 79 23.32 -51.99 19.84
C ALA K 79 23.35 -53.06 18.75
N ASN K 80 23.77 -52.72 17.54
CA ASN K 80 23.89 -53.68 16.46
C ASN K 80 25.31 -54.16 16.24
N VAL K 81 26.29 -53.60 16.97
CA VAL K 81 27.65 -54.10 16.90
C VAL K 81 28.10 -54.49 18.29
N ASP K 82 29.33 -54.97 18.40
CA ASP K 82 29.91 -55.31 19.69
C ASP K 82 30.54 -54.07 20.31
N LEU K 83 30.40 -53.94 21.63
CA LEU K 83 30.81 -52.73 22.33
C LEU K 83 32.09 -52.89 23.13
N LEU K 84 32.27 -54.02 23.81
CA LEU K 84 33.43 -54.17 24.67
C LEU K 84 34.75 -54.22 23.93
N ASP K 85 34.77 -54.07 22.61
CA ASP K 85 36.04 -54.08 21.88
C ASP K 85 36.30 -52.79 21.12
N ILE K 86 35.28 -52.19 20.51
CA ILE K 86 35.51 -50.95 19.77
C ILE K 86 35.93 -49.84 20.71
N LEU K 87 35.44 -49.87 21.95
CA LEU K 87 35.82 -48.89 22.95
C LEU K 87 36.94 -49.38 23.85
N GLN K 88 37.05 -50.69 24.06
CA GLN K 88 38.03 -51.29 24.96
C GLN K 88 37.98 -50.61 26.31
N PRO K 89 36.91 -50.77 27.06
CA PRO K 89 36.80 -50.08 28.34
C PRO K 89 37.47 -50.83 29.47
N ASP K 90 37.34 -50.33 30.68
CA ASP K 90 37.84 -50.99 31.87
C ASP K 90 36.75 -51.92 32.41
N GLU K 91 36.93 -52.42 33.63
CA GLU K 91 35.99 -53.40 34.17
C GLU K 91 34.87 -52.75 34.96
N ASP K 92 35.15 -51.68 35.69
CA ASP K 92 34.17 -51.06 36.56
C ASP K 92 33.36 -49.97 35.88
N THR K 93 33.40 -49.89 34.56
CA THR K 93 32.55 -48.96 33.81
C THR K 93 31.27 -49.67 33.42
N ILE K 94 30.17 -48.94 33.45
CA ILE K 94 28.86 -49.49 33.09
C ILE K 94 28.35 -48.77 31.86
N PHE K 95 27.73 -49.51 30.97
CA PHE K 95 27.10 -48.96 29.78
C PHE K 95 25.61 -49.28 29.80
N PHE K 96 24.79 -48.29 29.51
CA PHE K 96 23.39 -48.48 29.22
C PHE K 96 23.17 -48.21 27.74
N VAL K 97 22.41 -49.08 27.08
CA VAL K 97 22.07 -48.85 25.69
C VAL K 97 20.56 -48.78 25.56
N CYS K 98 20.09 -47.78 24.83
CA CYS K 98 18.67 -47.54 24.60
C CYS K 98 18.42 -47.32 23.11
N ASP K 99 18.96 -48.21 22.29
CA ASP K 99 18.92 -48.06 20.85
C ASP K 99 17.72 -48.79 20.25
N THR K 100 17.40 -48.41 19.02
CA THR K 100 16.34 -49.03 18.26
C THR K 100 16.84 -50.02 17.24
N HIS K 101 18.08 -49.87 16.77
CA HIS K 101 18.61 -50.74 15.74
C HIS K 101 18.41 -52.20 16.11
N ARG K 102 18.33 -53.04 15.09
CA ARG K 102 18.11 -54.46 15.25
C ARG K 102 18.91 -55.20 14.19
N PRO K 103 19.35 -56.43 14.47
CA PRO K 103 19.14 -57.11 15.76
C PRO K 103 20.24 -56.78 16.73
N VAL K 104 19.97 -56.91 18.02
CA VAL K 104 21.01 -56.68 19.01
C VAL K 104 22.12 -57.70 18.81
N ASN K 105 23.36 -57.23 18.91
CA ASN K 105 24.50 -58.13 18.77
C ASN K 105 24.46 -59.21 19.83
N VAL K 106 25.14 -60.31 19.56
CA VAL K 106 25.00 -61.48 20.41
C VAL K 106 25.63 -61.25 21.77
N VAL K 107 26.95 -61.00 21.80
CA VAL K 107 27.66 -60.92 23.06
C VAL K 107 27.07 -59.85 23.96
N ASN K 108 26.57 -58.75 23.38
CA ASN K 108 25.89 -57.73 24.17
C ASN K 108 24.67 -58.26 24.91
N VAL K 109 24.23 -59.48 24.63
CA VAL K 109 23.07 -60.05 25.29
C VAL K 109 23.45 -61.05 26.38
N TYR K 110 24.60 -61.70 26.27
CA TYR K 110 25.08 -62.61 27.29
C TYR K 110 26.26 -62.02 28.05
N ASN K 111 26.19 -60.71 28.28
CA ASN K 111 27.20 -59.96 29.05
C ASN K 111 26.43 -59.14 30.08
N ASP K 112 26.17 -59.75 31.24
CA ASP K 112 25.27 -59.16 32.23
C ASP K 112 26.01 -58.41 33.32
N THR K 113 27.15 -57.81 32.99
CA THR K 113 27.89 -56.97 33.94
C THR K 113 28.06 -55.55 33.45
N GLN K 114 28.48 -55.36 32.20
CA GLN K 114 28.90 -54.06 31.71
C GLN K 114 27.95 -53.41 30.72
N ILE K 115 27.20 -54.17 29.95
CA ILE K 115 26.33 -53.61 28.92
C ILE K 115 24.90 -54.00 29.27
N LYS K 116 24.19 -53.13 29.97
CA LYS K 116 22.79 -53.33 30.22
C LYS K 116 21.97 -52.71 29.09
N LEU K 117 20.85 -53.35 28.78
CA LEU K 117 19.98 -52.93 27.70
C LEU K 117 18.63 -52.52 28.24
N LEU K 118 18.21 -51.30 27.92
CA LEU K 118 16.90 -50.77 28.28
C LEU K 118 15.84 -51.12 27.26
N ILE K 119 16.04 -52.21 26.53
CA ILE K 119 15.18 -52.61 25.43
C ILE K 119 14.12 -53.56 25.96
N LYS K 120 12.86 -53.13 25.86
CA LYS K 120 11.75 -54.02 26.20
C LYS K 120 11.80 -55.25 25.31
N GLN K 121 11.91 -56.43 25.93
CA GLN K 121 12.14 -57.66 25.18
C GLN K 121 10.90 -58.16 24.46
N ASP K 122 9.74 -57.56 24.68
CA ASP K 122 8.53 -57.94 23.96
C ASP K 122 8.44 -57.34 22.56
N ASP K 123 9.56 -56.88 22.01
CA ASP K 123 9.63 -56.50 20.61
C ASP K 123 9.76 -57.76 19.77
N ASP K 124 10.08 -57.60 18.48
CA ASP K 124 10.26 -58.72 17.58
C ASP K 124 11.70 -59.21 17.68
N LEU K 125 11.98 -59.92 18.77
CA LEU K 125 13.32 -60.46 19.02
C LEU K 125 13.23 -61.97 19.17
N GLU K 126 14.25 -62.65 18.63
CA GLU K 126 14.27 -64.11 18.60
C GLU K 126 15.66 -64.65 18.90
N VAL K 127 16.44 -63.91 19.70
CA VAL K 127 17.85 -64.18 19.96
C VAL K 127 18.13 -65.68 20.15
N PRO K 128 19.15 -66.22 19.50
CA PRO K 128 19.44 -67.65 19.64
C PRO K 128 19.83 -67.98 21.06
N ALA K 129 19.59 -69.23 21.44
CA ALA K 129 19.90 -69.66 22.79
C ALA K 129 21.41 -69.57 23.05
N TYR K 130 21.78 -69.74 24.32
CA TYR K 130 23.13 -69.44 24.75
C TYR K 130 24.18 -70.31 24.07
N GLU K 131 24.16 -71.61 24.34
CA GLU K 131 25.27 -72.46 23.91
C GLU K 131 25.22 -72.78 22.44
N ASP K 132 24.19 -72.34 21.73
CA ASP K 132 24.13 -72.58 20.29
C ASP K 132 25.16 -71.74 19.54
N ILE K 133 25.68 -70.69 20.17
CA ILE K 133 26.56 -69.75 19.49
C ILE K 133 27.81 -69.48 20.32
N PHE K 134 27.79 -69.90 21.59
CA PHE K 134 28.94 -69.72 22.46
C PHE K 134 29.38 -71.07 23.02
N ARG K 135 30.68 -71.14 23.33
CA ARG K 135 31.32 -72.38 23.77
C ARG K 135 30.64 -73.03 24.96
N ILE K 164 45.13 -90.40 21.89
CA ILE K 164 43.79 -90.92 22.14
C ILE K 164 42.89 -90.58 20.97
N VAL K 165 42.09 -91.55 20.52
CA VAL K 165 41.25 -91.32 19.36
C VAL K 165 39.98 -90.56 19.74
N GLU K 166 39.49 -90.77 20.98
CA GLU K 166 38.28 -90.08 21.42
C GLU K 166 38.42 -88.57 21.32
N GLN K 167 39.63 -88.06 21.49
CA GLN K 167 39.88 -86.63 21.33
C GLN K 167 39.34 -86.13 19.99
N THR K 168 39.86 -86.69 18.90
CA THR K 168 39.39 -86.29 17.58
C THR K 168 37.93 -86.67 17.38
N MET K 169 37.52 -87.83 17.93
CA MET K 169 36.16 -88.31 17.73
C MET K 169 35.13 -87.31 18.27
N ARG K 170 35.48 -86.55 19.30
CA ARG K 170 34.57 -85.55 19.84
C ARG K 170 34.86 -84.14 19.31
N ARG K 171 36.12 -83.84 19.01
CA ARG K 171 36.42 -82.53 18.43
C ARG K 171 35.87 -82.40 17.03
N ARG K 172 35.61 -83.52 16.34
CA ARG K 172 34.83 -83.45 15.12
C ARG K 172 33.40 -82.99 15.40
N GLN K 173 32.83 -83.42 16.53
CA GLN K 173 31.50 -82.95 16.90
C GLN K 173 31.53 -81.46 17.23
N ARG K 174 32.60 -81.01 17.89
CA ARG K 174 32.75 -79.58 18.12
C ARG K 174 32.93 -78.81 16.80
N ARG K 175 33.58 -79.42 15.82
CA ARG K 175 33.66 -78.81 14.50
C ARG K 175 32.28 -78.72 13.86
N GLU K 176 31.46 -79.76 14.04
CA GLU K 176 30.07 -79.69 13.59
C GLU K 176 29.35 -78.55 14.28
N TRP K 177 29.61 -78.36 15.56
CA TRP K 177 29.00 -77.26 16.31
C TRP K 177 29.40 -75.91 15.71
N GLU K 178 30.69 -75.75 15.42
CA GLU K 178 31.16 -74.51 14.80
C GLU K 178 30.52 -74.30 13.43
N ALA K 179 30.33 -75.39 12.67
CA ALA K 179 29.70 -75.27 11.37
C ALA K 179 28.24 -74.85 11.50
N ARG K 180 27.55 -75.35 12.53
CA ARG K 180 26.18 -74.91 12.78
C ARG K 180 26.17 -73.44 13.19
N ARG K 181 27.18 -73.02 13.95
CA ARG K 181 27.25 -71.63 14.38
C ARG K 181 27.43 -70.70 13.19
N ARG K 182 28.32 -71.06 12.27
CA ARG K 182 28.54 -70.25 11.08
C ARG K 182 27.26 -70.08 10.27
N ASP K 183 26.33 -71.02 10.41
CA ASP K 183 25.06 -70.91 9.70
C ASP K 183 24.03 -70.11 10.49
N ILE K 184 23.91 -70.38 11.79
CA ILE K 184 22.87 -69.71 12.56
C ILE K 184 23.19 -68.22 12.70
N LEU K 185 24.47 -67.85 12.71
CA LEU K 185 24.82 -66.45 12.60
C LEU K 185 24.24 -65.85 11.33
N PHE K 186 24.57 -66.44 10.19
CA PHE K 186 24.06 -65.96 8.91
C PHE K 186 22.53 -65.95 8.88
N ASP K 187 21.92 -66.80 9.70
CA ASP K 187 20.46 -66.79 9.83
C ASP K 187 19.99 -65.57 10.61
N TYR K 188 20.72 -65.19 11.65
CA TYR K 188 20.21 -64.20 12.60
C TYR K 188 20.62 -62.77 12.24
N GLU K 189 21.80 -62.58 11.67
CA GLU K 189 22.30 -61.23 11.41
C GLU K 189 22.17 -60.85 9.95
N GLN K 190 21.12 -61.28 9.27
CA GLN K 190 20.99 -61.05 7.85
C GLN K 190 20.05 -59.90 7.49
N TYR K 191 19.13 -59.54 8.37
CA TYR K 191 18.18 -58.46 8.08
C TYR K 191 18.19 -57.45 9.22
N GLU K 192 18.21 -56.18 8.87
CA GLU K 192 18.26 -55.10 9.83
C GLU K 192 16.96 -54.30 9.77
N TYR K 193 16.48 -53.85 10.93
CA TYR K 193 15.19 -53.18 11.02
C TYR K 193 15.22 -52.34 12.30
N HIS K 194 14.05 -51.88 12.74
CA HIS K 194 13.98 -51.00 13.90
C HIS K 194 12.80 -51.37 14.77
N GLY K 195 12.98 -51.24 16.08
CA GLY K 195 11.94 -51.52 17.04
C GLY K 195 11.25 -50.26 17.52
N THR K 196 10.63 -50.36 18.68
CA THR K 196 9.93 -49.21 19.27
C THR K 196 10.92 -48.08 19.52
N SER K 197 10.47 -46.85 19.24
CA SER K 197 11.37 -45.72 19.33
C SER K 197 11.85 -45.52 20.75
N SER K 198 13.01 -44.88 20.87
CA SER K 198 13.57 -44.59 22.18
C SER K 198 12.65 -43.69 22.98
N ALA K 199 12.14 -42.65 22.33
CA ALA K 199 11.31 -41.64 22.99
C ALA K 199 10.00 -42.20 23.50
N MET K 200 9.76 -43.49 23.29
CA MET K 200 8.65 -44.16 23.94
C MET K 200 9.08 -44.98 25.14
N VAL K 201 10.26 -45.60 25.08
CA VAL K 201 10.81 -46.24 26.27
C VAL K 201 11.03 -45.20 27.36
N MET K 202 11.72 -44.11 27.02
CA MET K 202 11.94 -43.06 28.01
C MET K 202 10.63 -42.54 28.58
N PHE K 203 9.59 -42.48 27.75
CA PHE K 203 8.34 -41.97 28.27
C PHE K 203 7.67 -42.97 29.19
N GLU K 204 7.79 -44.25 28.90
CA GLU K 204 7.31 -45.24 29.86
C GLU K 204 8.01 -45.04 31.19
N LEU K 205 9.32 -44.82 31.15
CA LEU K 205 10.05 -44.58 32.39
C LEU K 205 9.54 -43.34 33.10
N ALA K 206 9.40 -42.23 32.38
CA ALA K 206 8.97 -40.98 32.96
C ALA K 206 7.53 -41.03 33.46
N TRP K 207 6.74 -41.98 33.00
CA TRP K 207 5.41 -42.17 33.54
C TRP K 207 5.41 -43.05 34.78
N MET K 208 6.32 -44.03 34.83
CA MET K 208 6.44 -44.83 36.05
C MET K 208 6.69 -43.93 37.25
N LEU K 209 7.68 -43.05 37.17
CA LEU K 209 8.03 -42.20 38.29
C LEU K 209 6.93 -41.23 38.67
N SER K 210 5.86 -41.15 37.89
CA SER K 210 4.75 -40.21 38.06
C SER K 210 5.15 -38.77 37.77
N LYS K 211 6.20 -38.56 36.99
CA LYS K 211 6.69 -37.23 36.68
C LYS K 211 6.58 -36.92 35.19
N ASP K 212 5.47 -37.30 34.57
CA ASP K 212 5.24 -37.02 33.17
C ASP K 212 4.39 -35.76 33.02
N LEU K 213 4.60 -35.04 31.93
CA LEU K 213 3.82 -33.86 31.63
C LEU K 213 3.46 -33.88 30.16
N ASN K 214 2.74 -32.87 29.71
CA ASN K 214 2.46 -32.74 28.29
C ASN K 214 3.75 -32.58 27.50
N ASP K 215 4.64 -31.73 27.98
CA ASP K 215 5.88 -31.49 27.25
C ASP K 215 6.67 -32.77 27.05
N MET K 216 6.58 -33.71 27.97
CA MET K 216 7.22 -35.00 27.76
C MET K 216 6.36 -35.95 26.95
N LEU K 217 5.13 -35.57 26.66
CA LEU K 217 4.28 -36.39 25.81
C LEU K 217 4.41 -35.97 24.36
N TRP K 218 4.54 -34.66 24.11
CA TRP K 218 4.73 -34.20 22.75
C TRP K 218 6.03 -34.73 22.18
N TRP K 219 7.06 -34.84 23.00
CA TRP K 219 8.32 -35.36 22.49
C TRP K 219 8.22 -36.85 22.21
N ALA K 220 7.40 -37.57 22.98
CA ALA K 220 7.13 -38.97 22.64
C ALA K 220 6.45 -39.08 21.30
N ILE K 221 5.41 -38.29 21.09
CA ILE K 221 4.66 -38.34 19.85
C ILE K 221 5.56 -37.98 18.67
N VAL K 222 6.44 -37.01 18.84
CA VAL K 222 7.30 -36.61 17.73
C VAL K 222 8.35 -37.69 17.47
N GLY K 223 8.95 -38.23 18.52
CA GLY K 223 9.91 -39.29 18.33
C GLY K 223 9.33 -40.56 17.75
N LEU K 224 8.02 -40.75 17.89
CA LEU K 224 7.39 -41.86 17.19
C LEU K 224 7.06 -41.51 15.76
N THR K 225 6.39 -40.39 15.53
CA THR K 225 6.03 -39.96 14.19
C THR K 225 7.23 -39.91 13.28
N ASP K 226 8.41 -39.65 13.82
CA ASP K 226 9.55 -39.50 12.93
C ASP K 226 9.93 -40.82 12.26
N GLN K 227 9.87 -41.92 12.99
CA GLN K 227 10.17 -43.20 12.36
C GLN K 227 9.23 -43.46 11.19
N TRP K 228 7.93 -43.31 11.41
CA TRP K 228 6.99 -43.52 10.32
C TRP K 228 7.20 -42.52 9.19
N VAL K 229 7.71 -41.33 9.49
CA VAL K 229 7.96 -40.37 8.42
C VAL K 229 9.13 -40.83 7.56
N GLN K 230 10.22 -41.25 8.19
CA GLN K 230 11.38 -41.74 7.47
C GLN K 230 11.21 -43.18 7.01
N ASP K 231 10.05 -43.76 7.23
CA ASP K 231 9.72 -45.10 6.73
C ASP K 231 10.73 -46.14 7.21
N LYS K 232 10.75 -46.32 8.52
CA LYS K 232 11.55 -47.37 9.12
C LYS K 232 10.72 -48.34 9.93
N ILE K 233 9.42 -48.14 10.01
CA ILE K 233 8.54 -49.09 10.66
C ILE K 233 7.35 -49.37 9.77
N THR K 234 6.68 -50.48 10.06
CA THR K 234 5.53 -50.91 9.29
C THR K 234 4.28 -50.19 9.74
N GLN K 235 3.32 -50.02 8.82
CA GLN K 235 2.08 -49.34 9.15
C GLN K 235 1.34 -50.02 10.29
N MET K 236 1.42 -51.34 10.37
CA MET K 236 0.77 -52.05 11.46
C MET K 236 1.34 -51.61 12.81
N LYS K 237 2.66 -51.60 12.94
CA LYS K 237 3.30 -51.20 14.18
C LYS K 237 3.04 -49.74 14.49
N TYR K 238 3.02 -48.88 13.47
CA TYR K 238 2.74 -47.47 13.70
C TYR K 238 1.33 -47.28 14.26
N VAL K 239 0.34 -47.98 13.69
CA VAL K 239 -1.01 -47.77 14.20
C VAL K 239 -1.16 -48.39 15.57
N THR K 240 -0.43 -49.47 15.85
CA THR K 240 -0.45 -50.02 17.20
C THR K 240 0.09 -49.02 18.22
N ASP K 241 1.21 -48.39 17.90
CA ASP K 241 1.77 -47.42 18.82
C ASP K 241 0.90 -46.18 18.96
N VAL K 242 0.27 -45.73 17.87
CA VAL K 242 -0.67 -44.62 17.99
C VAL K 242 -1.82 -45.01 18.90
N GLY K 243 -2.30 -46.24 18.79
CA GLY K 243 -3.33 -46.71 19.70
C GLY K 243 -2.89 -46.65 21.15
N VAL K 244 -1.63 -46.99 21.40
CA VAL K 244 -1.11 -46.84 22.76
C VAL K 244 -1.13 -45.38 23.19
N LEU K 245 -0.52 -44.50 22.41
CA LEU K 245 -0.32 -43.12 22.83
C LEU K 245 -1.63 -42.39 23.01
N GLN K 246 -2.68 -42.81 22.31
CA GLN K 246 -3.93 -42.08 22.42
C GLN K 246 -4.54 -42.18 23.81
N ARG K 247 -4.33 -43.30 24.50
CA ARG K 247 -4.81 -43.38 25.87
C ARG K 247 -4.17 -42.32 26.74
N HIS K 248 -2.85 -42.14 26.60
CA HIS K 248 -2.17 -41.11 27.37
C HIS K 248 -2.68 -39.73 27.00
N VAL K 249 -2.81 -39.46 25.70
CA VAL K 249 -3.27 -38.15 25.27
C VAL K 249 -4.63 -37.85 25.86
N SER K 250 -5.53 -38.82 25.87
CA SER K 250 -6.86 -38.61 26.44
C SER K 250 -6.84 -38.54 27.94
N ARG K 251 -5.94 -39.25 28.60
CA ARG K 251 -5.82 -39.18 30.05
C ARG K 251 -5.41 -37.78 30.48
N HIS K 252 -4.48 -37.17 29.75
CA HIS K 252 -4.06 -35.82 30.09
C HIS K 252 -5.11 -34.81 29.69
N ASN K 253 -5.46 -34.76 28.41
CA ASN K 253 -6.27 -33.66 27.88
C ASN K 253 -7.76 -33.85 28.11
N HIS K 254 -8.23 -35.00 28.56
CA HIS K 254 -9.67 -35.12 28.78
C HIS K 254 -10.08 -34.60 30.15
N ARG K 255 -9.17 -34.61 31.12
CA ARG K 255 -9.45 -34.06 32.43
C ARG K 255 -10.05 -32.66 32.35
N ASN K 256 -9.85 -31.96 31.23
CA ASN K 256 -10.54 -30.71 30.94
C ASN K 256 -11.78 -31.06 30.10
N GLU K 257 -12.81 -31.54 30.79
CA GLU K 257 -13.98 -32.04 30.07
C GLU K 257 -14.88 -30.89 29.62
N ASP K 258 -15.35 -30.07 30.56
CA ASP K 258 -16.22 -28.93 30.29
C ASP K 258 -15.61 -27.62 30.74
N GLU K 259 -14.48 -27.67 31.43
CA GLU K 259 -13.74 -26.49 31.85
C GLU K 259 -12.82 -25.95 30.78
N GLU K 260 -12.92 -26.48 29.55
CA GLU K 260 -12.15 -25.93 28.44
C GLU K 260 -12.47 -24.48 28.16
N ASN K 261 -13.47 -23.92 28.83
CA ASN K 261 -13.78 -22.50 28.75
C ASN K 261 -13.12 -21.67 29.84
N THR K 262 -12.71 -22.30 30.95
CA THR K 262 -11.99 -21.61 32.01
C THR K 262 -10.59 -22.18 32.19
N LEU K 263 -10.02 -22.72 31.12
CA LEU K 263 -8.61 -23.07 31.10
C LEU K 263 -7.86 -22.00 30.31
N SER K 264 -6.64 -21.72 30.74
CA SER K 264 -5.86 -20.68 30.09
C SER K 264 -5.60 -21.03 28.63
N VAL K 265 -5.86 -20.07 27.75
CA VAL K 265 -5.63 -20.31 26.33
C VAL K 265 -4.15 -20.52 26.04
N ASP K 266 -3.27 -20.01 26.89
CA ASP K 266 -1.82 -20.11 26.69
C ASP K 266 -1.24 -21.34 27.38
N CYS K 267 -1.83 -22.49 27.14
CA CYS K 267 -1.38 -23.72 27.81
C CYS K 267 -1.59 -24.88 26.83
N THR K 268 -0.54 -25.64 26.59
CA THR K 268 -0.54 -26.54 25.43
C THR K 268 -1.68 -27.55 25.51
N ARG K 269 -2.22 -27.88 24.35
CA ARG K 269 -3.27 -28.87 24.22
C ARG K 269 -2.91 -29.81 23.09
N ILE K 270 -2.89 -31.10 23.39
CA ILE K 270 -2.61 -32.14 22.40
C ILE K 270 -3.92 -32.80 22.05
N SER K 271 -4.13 -33.07 20.78
CA SER K 271 -5.39 -33.63 20.32
C SER K 271 -5.12 -34.66 19.24
N PHE K 272 -6.01 -35.64 19.16
CA PHE K 272 -5.93 -36.69 18.15
C PHE K 272 -6.66 -36.23 16.90
N GLU K 273 -5.98 -36.31 15.76
CA GLU K 273 -6.56 -35.91 14.49
C GLU K 273 -6.46 -37.04 13.50
N TYR K 274 -7.49 -37.15 12.68
CA TYR K 274 -7.55 -38.01 11.50
C TYR K 274 -7.39 -37.06 10.33
N ASP K 275 -6.16 -36.82 9.92
CA ASP K 275 -5.91 -35.69 9.03
C ASP K 275 -5.14 -36.14 7.80
N LEU K 276 -5.03 -35.22 6.84
CA LEU K 276 -4.53 -35.54 5.52
C LEU K 276 -3.07 -35.98 5.58
N ARG K 277 -2.62 -36.52 4.46
CA ARG K 277 -1.24 -36.95 4.27
C ARG K 277 -0.41 -35.94 3.50
N LEU K 278 -0.98 -34.80 3.13
CA LEU K 278 -0.20 -33.76 2.49
C LEU K 278 0.82 -33.21 3.47
N VAL K 279 2.00 -32.91 2.97
CA VAL K 279 3.10 -32.44 3.81
C VAL K 279 3.06 -30.93 3.89
N LEU K 280 2.99 -30.41 5.12
CA LEU K 280 3.14 -28.99 5.38
C LEU K 280 2.07 -28.15 4.70
N TYR K 281 0.86 -28.67 4.58
CA TYR K 281 -0.13 -27.91 3.84
C TYR K 281 -0.72 -26.77 4.62
N GLN K 282 -0.47 -26.68 5.92
CA GLN K 282 -1.03 -25.60 6.71
C GLN K 282 -0.16 -24.36 6.73
N HIS K 283 1.04 -24.42 6.16
CA HIS K 283 1.92 -23.26 6.06
C HIS K 283 2.20 -22.90 4.62
N TRP K 284 2.53 -23.89 3.79
CA TRP K 284 2.49 -23.78 2.34
C TRP K 284 1.10 -23.48 1.84
N SER K 285 0.96 -23.32 0.54
CA SER K 285 -0.35 -23.24 -0.08
C SER K 285 -0.86 -24.63 -0.37
N LEU K 286 -2.16 -24.73 -0.60
CA LEU K 286 -2.74 -26.03 -0.89
C LEU K 286 -2.28 -26.60 -2.21
N HIS K 287 -1.76 -25.77 -3.10
CA HIS K 287 -1.28 -26.22 -4.39
C HIS K 287 0.17 -26.66 -4.33
N ASP K 288 1.04 -25.90 -3.68
CA ASP K 288 2.43 -26.29 -3.61
C ASP K 288 2.67 -27.46 -2.69
N SER K 289 1.66 -27.94 -1.98
CA SER K 289 1.81 -29.11 -1.14
C SER K 289 1.20 -30.35 -1.75
N LEU K 290 0.47 -30.23 -2.85
CA LEU K 290 0.10 -31.42 -3.62
C LEU K 290 1.20 -31.78 -4.58
N CYS K 291 1.88 -30.79 -5.13
CA CYS K 291 2.95 -31.00 -6.09
C CYS K 291 4.23 -31.49 -5.45
N ASN K 292 4.27 -31.65 -4.13
CA ASN K 292 5.53 -31.94 -3.44
C ASN K 292 5.45 -33.08 -2.45
N THR K 293 4.28 -33.43 -1.94
CA THR K 293 4.16 -34.66 -1.18
C THR K 293 4.53 -35.82 -2.08
N SER K 294 5.51 -36.62 -1.67
CA SER K 294 5.90 -37.73 -2.53
C SER K 294 4.96 -38.91 -2.32
N TYR K 295 3.67 -38.62 -2.34
CA TYR K 295 2.62 -39.62 -2.43
C TYR K 295 1.53 -39.22 -3.39
N THR K 296 1.33 -37.93 -3.65
CA THR K 296 0.50 -37.48 -4.74
C THR K 296 1.31 -36.97 -5.89
N ALA K 297 2.61 -36.72 -5.69
CA ALA K 297 3.49 -36.44 -6.80
C ALA K 297 3.89 -37.69 -7.54
N ALA K 298 3.49 -38.86 -7.04
CA ALA K 298 3.73 -40.12 -7.72
C ALA K 298 2.49 -40.57 -8.49
N ARG K 299 1.37 -40.71 -7.79
CA ARG K 299 0.13 -41.11 -8.43
C ARG K 299 -0.21 -40.17 -9.58
N PHE K 300 -0.32 -38.88 -9.30
CA PHE K 300 -0.66 -37.93 -10.33
C PHE K 300 0.40 -37.84 -11.42
N LYS K 301 1.60 -38.37 -11.17
CA LYS K 301 2.69 -38.28 -12.13
C LYS K 301 2.95 -36.83 -12.51
N LEU K 302 3.18 -36.02 -11.48
CA LEU K 302 3.42 -34.60 -11.64
C LEU K 302 4.86 -34.33 -12.06
N TRP K 303 5.31 -35.02 -13.10
CA TRP K 303 6.55 -34.69 -13.77
C TRP K 303 6.42 -34.79 -15.27
N SER K 304 5.24 -35.14 -15.78
CA SER K 304 5.02 -35.37 -17.21
C SER K 304 3.77 -34.59 -17.60
N VAL K 305 3.90 -33.71 -18.58
CA VAL K 305 2.84 -32.77 -18.93
C VAL K 305 1.56 -33.53 -19.24
N HIS K 306 1.68 -34.79 -19.66
CA HIS K 306 0.51 -35.58 -20.03
C HIS K 306 -0.40 -35.82 -18.84
N GLY K 307 0.15 -35.89 -17.63
CA GLY K 307 -0.65 -36.20 -16.47
C GLY K 307 -0.75 -35.06 -15.48
N GLN K 308 -0.14 -33.93 -15.80
CA GLN K 308 -0.30 -32.77 -14.95
C GLN K 308 -1.72 -32.26 -14.96
N LYS K 309 -2.45 -32.47 -16.07
CA LYS K 309 -3.85 -32.10 -16.11
C LYS K 309 -4.69 -32.91 -15.13
N ARG K 310 -4.19 -34.04 -14.68
CA ARG K 310 -4.90 -34.81 -13.67
C ARG K 310 -5.08 -33.99 -12.40
N LEU K 311 -4.06 -33.25 -12.01
CA LEU K 311 -4.17 -32.36 -10.86
C LEU K 311 -5.25 -31.31 -11.10
N GLN K 312 -5.26 -30.73 -12.30
CA GLN K 312 -6.28 -29.74 -12.63
C GLN K 312 -7.67 -30.32 -12.48
N GLU K 313 -7.89 -31.52 -13.00
CA GLU K 313 -9.20 -32.14 -12.91
C GLU K 313 -9.56 -32.44 -11.47
N PHE K 314 -8.58 -32.89 -10.68
CA PHE K 314 -8.85 -33.17 -9.27
C PHE K 314 -9.28 -31.90 -8.55
N LEU K 315 -8.62 -30.78 -8.83
CA LEU K 315 -9.02 -29.54 -8.20
C LEU K 315 -10.40 -29.09 -8.68
N ALA K 316 -10.68 -29.24 -9.97
CA ALA K 316 -11.96 -28.78 -10.50
C ALA K 316 -13.11 -29.62 -9.96
N ASP K 317 -12.87 -30.88 -9.64
CA ASP K 317 -13.94 -31.71 -9.13
C ASP K 317 -14.39 -31.34 -7.73
N MET K 318 -13.72 -30.39 -7.08
CA MET K 318 -14.07 -30.00 -5.72
C MET K 318 -14.64 -28.60 -5.63
N GLY K 319 -14.54 -27.80 -6.69
CA GLY K 319 -14.98 -26.42 -6.60
C GLY K 319 -13.99 -25.52 -5.92
N LEU K 320 -12.71 -25.81 -6.05
CA LEU K 320 -11.67 -24.97 -5.49
C LEU K 320 -11.16 -24.05 -6.58
N PRO K 321 -11.44 -22.76 -6.55
CA PRO K 321 -10.92 -21.87 -7.58
C PRO K 321 -9.41 -22.02 -7.73
N LEU K 322 -8.93 -21.90 -8.95
CA LEU K 322 -7.50 -21.97 -9.15
C LEU K 322 -6.77 -20.77 -8.62
N LYS K 323 -7.49 -19.76 -8.11
CA LYS K 323 -6.82 -18.61 -7.52
C LYS K 323 -6.74 -18.70 -6.00
N GLN K 324 -7.63 -19.47 -5.37
CA GLN K 324 -7.54 -19.68 -3.94
C GLN K 324 -6.57 -20.79 -3.61
N VAL K 325 -6.51 -21.81 -4.46
CA VAL K 325 -5.61 -22.93 -4.24
C VAL K 325 -4.15 -22.51 -4.34
N LYS K 326 -3.85 -21.45 -5.08
CA LYS K 326 -2.48 -21.00 -5.19
C LYS K 326 -2.04 -20.10 -4.04
N GLN K 327 -2.96 -19.66 -3.19
CA GLN K 327 -2.61 -18.75 -2.11
C GLN K 327 -2.39 -19.52 -0.81
N LYS K 328 -1.65 -18.90 0.10
CA LYS K 328 -1.31 -19.54 1.35
C LYS K 328 -2.56 -20.01 2.07
N PHE K 329 -2.42 -21.09 2.83
CA PHE K 329 -3.60 -21.73 3.39
C PHE K 329 -4.24 -20.91 4.48
N GLN K 330 -3.45 -20.16 5.23
CA GLN K 330 -4.03 -19.37 6.32
C GLN K 330 -4.85 -18.22 5.79
N ALA K 331 -4.68 -17.84 4.52
CA ALA K 331 -5.40 -16.71 3.94
C ALA K 331 -6.52 -17.14 3.00
N MET K 332 -6.66 -18.43 2.73
CA MET K 332 -7.77 -18.93 1.93
C MET K 332 -9.09 -18.54 2.58
N ASP K 333 -10.12 -18.37 1.75
CA ASP K 333 -11.42 -17.93 2.25
C ASP K 333 -11.95 -18.92 3.27
N ILE K 334 -12.82 -18.42 4.15
CA ILE K 334 -13.33 -19.25 5.23
C ILE K 334 -14.46 -20.14 4.76
N SER K 335 -15.07 -19.85 3.63
CA SER K 335 -16.19 -20.65 3.16
C SER K 335 -15.76 -21.92 2.46
N LEU K 336 -14.50 -22.03 2.06
CA LEU K 336 -14.04 -23.25 1.39
C LEU K 336 -13.62 -24.30 2.40
N LYS K 337 -12.86 -23.91 3.40
CA LYS K 337 -12.17 -24.83 4.30
C LYS K 337 -13.07 -25.52 5.25
N GLU K 338 -14.39 -25.49 5.09
CA GLU K 338 -15.26 -26.13 6.06
C GLU K 338 -15.00 -27.63 6.15
N ASN K 339 -15.25 -28.35 5.07
CA ASN K 339 -15.08 -29.80 5.05
C ASN K 339 -14.02 -30.19 4.05
N LEU K 340 -12.92 -29.45 4.02
CA LEU K 340 -11.87 -29.73 3.06
C LEU K 340 -11.33 -31.15 3.24
N ARG K 341 -11.12 -31.56 4.47
CA ARG K 341 -10.52 -32.85 4.77
C ARG K 341 -11.41 -33.97 4.54
N GLU K 342 -12.59 -33.73 4.00
CA GLU K 342 -13.49 -34.80 3.57
C GLU K 342 -13.72 -34.78 2.07
N MET K 343 -13.97 -33.60 1.51
CA MET K 343 -14.06 -33.48 0.06
C MET K 343 -12.75 -33.75 -0.64
N ILE K 344 -11.65 -33.84 0.10
CA ILE K 344 -10.42 -34.31 -0.52
C ILE K 344 -10.30 -35.82 -0.43
N GLU K 345 -10.68 -36.41 0.70
CA GLU K 345 -10.63 -37.87 0.81
C GLU K 345 -11.59 -38.52 -0.17
N GLN K 346 -12.75 -37.90 -0.39
CA GLN K 346 -13.71 -38.48 -1.31
C GLN K 346 -13.18 -38.44 -2.74
N SER K 347 -12.89 -37.25 -3.25
CA SER K 347 -12.47 -37.08 -4.63
C SER K 347 -11.10 -37.68 -4.89
N ALA K 348 -10.52 -38.37 -3.91
CA ALA K 348 -9.31 -39.13 -4.16
C ALA K 348 -9.60 -40.63 -4.32
N ASN K 349 -10.82 -41.06 -4.02
CA ASN K 349 -11.23 -42.40 -4.40
C ASN K 349 -11.42 -42.48 -5.92
N LYS K 350 -11.94 -41.43 -6.51
CA LYS K 350 -12.21 -41.36 -7.94
C LYS K 350 -10.92 -41.30 -8.76
N PHE K 351 -9.77 -41.37 -8.10
CA PHE K 351 -8.50 -41.30 -8.80
C PHE K 351 -7.54 -42.41 -8.41
N GLY K 352 -7.92 -43.28 -7.49
CA GLY K 352 -7.05 -44.38 -7.09
C GLY K 352 -6.07 -44.02 -6.00
N MET K 353 -6.52 -43.26 -5.01
CA MET K 353 -5.72 -42.90 -3.85
C MET K 353 -6.64 -43.03 -2.64
N LYS K 354 -6.68 -44.22 -2.06
CA LYS K 354 -7.59 -44.51 -0.97
C LYS K 354 -6.95 -44.38 0.41
N ASP K 355 -5.62 -44.35 0.48
CA ASP K 355 -4.92 -44.08 1.74
C ASP K 355 -4.49 -42.62 1.74
N MET K 356 -5.44 -41.77 2.12
CA MET K 356 -5.24 -40.33 2.11
C MET K 356 -5.40 -39.68 3.47
N ARG K 357 -6.08 -40.33 4.41
CA ARG K 357 -6.18 -39.85 5.77
C ARG K 357 -5.32 -40.72 6.66
N VAL K 358 -4.47 -40.10 7.47
CA VAL K 358 -3.66 -40.83 8.43
C VAL K 358 -4.05 -40.38 9.84
N GLN K 359 -3.47 -41.02 10.83
CA GLN K 359 -3.79 -40.79 12.23
C GLN K 359 -2.59 -40.12 12.87
N THR K 360 -2.72 -38.85 13.24
CA THR K 360 -1.63 -38.17 13.91
C THR K 360 -2.20 -37.33 15.04
N PHE K 361 -1.36 -36.47 15.60
CA PHE K 361 -1.72 -35.61 16.71
C PHE K 361 -1.38 -34.17 16.36
N SER K 362 -1.87 -33.25 17.15
CA SER K 362 -1.60 -31.85 16.90
C SER K 362 -1.62 -31.07 18.20
N ILE K 363 -0.89 -29.97 18.22
CA ILE K 363 -0.70 -29.19 19.44
C ILE K 363 -1.10 -27.74 19.22
N HIS K 364 -1.73 -27.14 20.22
CA HIS K 364 -2.01 -25.72 20.28
C HIS K 364 -1.33 -25.12 21.48
N PHE K 365 -0.57 -24.04 21.28
CA PHE K 365 -0.06 -23.32 22.44
C PHE K 365 -0.98 -22.18 22.81
N GLY K 366 -1.13 -21.22 21.92
CA GLY K 366 -1.74 -19.97 22.31
C GLY K 366 -2.75 -19.49 21.30
N PHE K 367 -2.59 -18.26 20.82
CA PHE K 367 -3.57 -17.74 19.88
C PHE K 367 -3.29 -18.24 18.47
N LYS K 368 -2.08 -18.05 17.97
CA LYS K 368 -1.73 -18.55 16.64
C LYS K 368 -0.51 -19.44 16.76
N HIS K 369 -0.73 -20.69 17.13
CA HIS K 369 0.34 -21.66 17.19
C HIS K 369 -0.35 -23.01 17.12
N LYS K 370 -0.16 -23.71 16.02
CA LYS K 370 -0.96 -24.88 15.72
C LYS K 370 -0.08 -25.77 14.86
N PHE K 371 0.43 -26.84 15.43
CA PHE K 371 1.36 -27.69 14.71
C PHE K 371 0.80 -29.10 14.60
N LEU K 372 1.05 -29.71 13.45
CA LEU K 372 0.82 -31.14 13.29
C LEU K 372 2.12 -31.87 13.60
N ALA K 373 1.99 -33.06 14.15
CA ALA K 373 3.18 -33.76 14.60
C ALA K 373 4.09 -34.17 13.46
N SER K 374 3.77 -33.84 12.22
CA SER K 374 4.67 -34.12 11.11
C SER K 374 5.15 -32.84 10.44
N ASP K 375 4.96 -31.70 11.09
CA ASP K 375 5.63 -30.46 10.74
C ASP K 375 6.84 -30.23 11.61
N VAL K 376 6.70 -30.48 12.92
CA VAL K 376 7.85 -30.45 13.80
C VAL K 376 8.94 -31.37 13.29
N VAL K 377 8.54 -32.52 12.74
CA VAL K 377 9.53 -33.50 12.31
C VAL K 377 10.28 -33.00 11.09
N PHE K 378 9.55 -32.50 10.10
CA PHE K 378 10.22 -32.03 8.89
C PHE K 378 11.02 -30.77 9.13
N ALA K 379 10.73 -30.03 10.18
CA ALA K 379 11.52 -28.85 10.48
C ALA K 379 12.78 -29.22 11.24
N THR K 380 12.65 -30.08 12.25
CA THR K 380 13.83 -30.54 12.98
C THR K 380 14.77 -31.28 12.05
N MET K 381 14.23 -32.22 11.26
CA MET K 381 15.04 -33.01 10.36
C MET K 381 15.78 -32.18 9.33
N SER K 382 15.41 -30.92 9.14
CA SER K 382 16.09 -30.07 8.19
C SER K 382 16.86 -28.94 8.84
N LEU K 383 16.73 -28.73 10.15
CA LEU K 383 17.69 -27.88 10.84
C LEU K 383 18.99 -28.62 11.10
N MET K 384 18.91 -29.94 11.28
CA MET K 384 20.08 -30.75 11.56
C MET K 384 20.87 -31.09 10.31
N GLU K 385 20.26 -30.99 9.13
CA GLU K 385 20.89 -31.40 7.89
C GLU K 385 20.89 -30.26 6.88
N SER K 386 21.13 -29.04 7.35
CA SER K 386 21.21 -27.91 6.44
C SER K 386 22.46 -28.04 5.58
N PRO K 387 22.38 -27.71 4.30
CA PRO K 387 23.52 -27.94 3.40
C PRO K 387 24.72 -27.08 3.74
N GLU K 388 24.51 -25.77 3.85
CA GLU K 388 25.62 -24.86 4.10
C GLU K 388 26.18 -25.09 5.50
N LYS K 389 27.45 -25.46 5.57
CA LYS K 389 28.07 -25.88 6.81
C LYS K 389 28.86 -24.73 7.41
N ASP K 390 28.69 -24.52 8.72
CA ASP K 390 29.26 -23.39 9.44
C ASP K 390 30.07 -23.84 10.65
N GLY K 391 30.90 -24.85 10.47
CA GLY K 391 31.77 -25.26 11.55
C GLY K 391 31.90 -26.78 11.59
N SER K 392 32.12 -27.28 12.80
CA SER K 392 32.30 -28.71 12.99
C SER K 392 30.99 -29.44 12.76
N GLY K 393 31.02 -30.76 12.92
CA GLY K 393 29.84 -31.57 12.70
C GLY K 393 28.76 -31.37 13.75
N THR K 394 29.12 -30.83 14.91
CA THR K 394 28.20 -30.67 16.02
C THR K 394 27.76 -29.22 16.21
N ASP K 395 27.74 -28.45 15.14
CA ASP K 395 27.20 -27.10 15.19
C ASP K 395 25.74 -27.03 14.79
N HIS K 396 25.30 -27.91 13.90
CA HIS K 396 23.89 -27.97 13.56
C HIS K 396 23.09 -28.76 14.57
N PHE K 397 23.69 -29.82 15.10
CA PHE K 397 23.03 -30.61 16.13
C PHE K 397 22.50 -29.73 17.25
N ILE K 398 23.32 -28.79 17.70
CA ILE K 398 22.92 -27.92 18.79
C ILE K 398 21.75 -27.06 18.39
N GLN K 399 21.79 -26.49 17.19
CA GLN K 399 20.71 -25.63 16.76
C GLN K 399 19.41 -26.38 16.54
N ALA K 400 19.47 -27.68 16.29
CA ALA K 400 18.25 -28.45 16.16
C ALA K 400 17.72 -28.94 17.50
N LEU K 401 18.62 -29.29 18.42
CA LEU K 401 18.19 -29.59 19.78
C LEU K 401 17.57 -28.37 20.43
N ASP K 402 17.97 -27.18 20.01
CA ASP K 402 17.42 -25.97 20.61
C ASP K 402 15.95 -25.78 20.25
N SER K 403 15.55 -26.17 19.04
CA SER K 403 14.25 -25.80 18.51
C SER K 403 13.16 -26.78 18.89
N LEU K 404 13.30 -27.49 19.99
CA LEU K 404 12.25 -28.37 20.46
C LEU K 404 11.56 -27.85 21.72
N SER K 405 12.13 -26.86 22.38
CA SER K 405 11.49 -26.26 23.53
C SER K 405 10.69 -25.04 23.09
N ARG K 406 9.58 -24.80 23.77
CA ARG K 406 8.68 -23.74 23.35
C ARG K 406 9.28 -22.35 23.47
N SER K 407 10.39 -22.21 24.18
CA SER K 407 11.03 -20.91 24.30
C SER K 407 11.86 -20.54 23.08
N ASN K 408 11.76 -21.31 21.99
CA ASN K 408 12.59 -21.08 20.82
C ASN K 408 11.77 -21.17 19.55
N LEU K 409 10.53 -20.69 19.57
CA LEU K 409 9.67 -20.79 18.41
C LEU K 409 10.19 -19.97 17.25
N ASP K 410 11.31 -19.29 17.43
CA ASP K 410 11.89 -18.56 16.32
C ASP K 410 12.85 -19.39 15.51
N LYS K 411 13.24 -20.57 15.99
CA LYS K 411 14.04 -21.49 15.20
C LYS K 411 13.15 -22.47 14.45
N LEU K 412 12.16 -23.03 15.13
CA LEU K 412 11.16 -23.85 14.47
C LEU K 412 10.57 -23.11 13.28
N TYR K 413 9.94 -21.97 13.53
CA TYR K 413 9.41 -21.11 12.49
C TYR K 413 10.43 -20.72 11.44
N HIS K 414 11.71 -20.97 11.69
CA HIS K 414 12.75 -20.80 10.69
C HIS K 414 13.11 -22.11 10.02
N GLY K 415 13.25 -23.17 10.79
CA GLY K 415 13.44 -24.49 10.22
C GLY K 415 12.28 -25.00 9.41
N LEU K 416 11.23 -24.22 9.25
CA LEU K 416 10.16 -24.54 8.32
C LEU K 416 10.35 -23.88 6.97
N GLU K 417 11.34 -23.01 6.82
CA GLU K 417 11.68 -22.50 5.51
C GLU K 417 12.83 -23.26 4.87
N LEU K 418 13.59 -24.01 5.65
CA LEU K 418 14.50 -24.98 5.05
C LEU K 418 13.73 -26.20 4.58
N ALA K 419 12.87 -26.75 5.45
CA ALA K 419 12.10 -27.92 5.06
C ALA K 419 11.26 -27.66 3.82
N LYS K 420 10.87 -26.42 3.57
CA LYS K 420 10.21 -26.13 2.31
C LYS K 420 11.20 -26.17 1.17
N LYS K 421 12.30 -25.42 1.31
CA LYS K 421 13.31 -25.34 0.26
C LYS K 421 13.82 -26.71 -0.13
N GLN K 422 13.90 -27.63 0.81
CA GLN K 422 14.32 -28.99 0.49
C GLN K 422 13.27 -29.71 -0.34
N LEU K 423 12.00 -29.64 0.08
CA LEU K 423 10.96 -30.39 -0.61
C LEU K 423 10.70 -29.89 -2.01
N ARG K 424 11.00 -28.63 -2.29
CA ARG K 424 10.89 -28.14 -3.66
C ARG K 424 12.13 -28.44 -4.47
N ALA K 425 13.20 -28.91 -3.83
CA ALA K 425 14.43 -29.31 -4.51
C ALA K 425 14.64 -30.81 -4.43
N THR K 426 13.59 -31.57 -4.18
CA THR K 426 13.57 -33.01 -4.34
C THR K 426 12.73 -33.46 -5.52
N GLN K 427 11.55 -32.87 -5.69
CA GLN K 427 10.78 -33.15 -6.89
C GLN K 427 11.41 -32.56 -8.14
N GLN K 428 12.49 -31.80 -8.01
CA GLN K 428 13.25 -31.38 -9.17
C GLN K 428 14.50 -32.22 -9.37
N THR K 429 14.58 -33.34 -8.69
CA THR K 429 15.59 -34.35 -8.96
C THR K 429 14.96 -35.68 -9.36
N ILE K 430 13.95 -36.14 -8.62
CA ILE K 430 13.12 -37.24 -9.08
C ILE K 430 12.45 -36.92 -10.41
N ALA K 431 12.36 -35.65 -10.77
CA ALA K 431 11.95 -35.30 -12.12
C ALA K 431 13.09 -35.42 -13.12
N SER K 432 14.33 -35.47 -12.65
CA SER K 432 15.45 -35.65 -13.56
C SER K 432 15.62 -37.12 -13.92
N CYS K 433 15.73 -37.98 -12.92
CA CYS K 433 15.96 -39.41 -13.13
C CYS K 433 14.72 -40.15 -13.56
N LEU K 434 13.69 -39.45 -14.02
CA LEU K 434 12.53 -40.09 -14.61
C LEU K 434 12.10 -39.47 -15.92
N CYS K 435 12.60 -38.29 -16.28
CA CYS K 435 12.55 -37.78 -17.64
C CYS K 435 13.87 -37.97 -18.37
N THR K 436 14.77 -38.79 -17.82
CA THR K 436 16.03 -39.12 -18.45
C THR K 436 16.36 -40.60 -18.34
N ASN K 437 15.65 -41.35 -17.51
CA ASN K 437 15.84 -42.79 -17.35
C ASN K 437 17.27 -43.10 -16.92
N LEU K 438 17.61 -42.62 -15.72
CA LEU K 438 18.89 -42.93 -15.10
C LEU K 438 18.75 -44.03 -14.06
N VAL K 439 17.69 -44.83 -14.15
CA VAL K 439 17.53 -45.98 -13.28
C VAL K 439 17.89 -47.24 -14.05
N ILE K 440 19.13 -47.69 -13.92
CA ILE K 440 19.61 -48.85 -14.65
C ILE K 440 19.11 -50.12 -13.98
N SER K 441 18.75 -51.11 -14.77
CA SER K 441 18.32 -52.41 -14.28
C SER K 441 19.51 -53.36 -14.32
N GLN K 442 20.41 -53.19 -13.35
CA GLN K 442 21.71 -53.85 -13.39
C GLN K 442 21.63 -55.32 -13.02
N GLY K 443 20.44 -55.90 -13.03
CA GLY K 443 20.29 -57.29 -12.72
C GLY K 443 19.33 -57.52 -11.58
N PRO K 444 19.85 -57.98 -10.43
CA PRO K 444 18.99 -58.26 -9.29
C PRO K 444 18.50 -57.02 -8.56
N PHE K 445 19.05 -55.84 -8.88
CA PHE K 445 18.66 -54.60 -8.24
C PHE K 445 18.77 -53.47 -9.24
N LEU K 446 17.95 -52.45 -9.06
CA LEU K 446 18.07 -51.26 -9.88
C LEU K 446 19.35 -50.52 -9.50
N TYR K 447 19.61 -49.43 -10.18
CA TYR K 447 20.82 -48.67 -9.89
C TYR K 447 20.70 -47.29 -10.49
N CYS K 448 21.29 -46.31 -9.82
CA CYS K 448 21.28 -44.93 -10.29
C CYS K 448 22.57 -44.25 -9.86
N SER K 449 22.71 -42.99 -10.26
CA SER K 449 23.87 -42.16 -9.91
C SER K 449 23.51 -40.73 -10.27
N LEU K 450 24.34 -39.80 -9.78
CA LEU K 450 24.05 -38.38 -9.94
C LEU K 450 25.23 -37.67 -10.60
N MET K 451 24.94 -36.46 -11.10
CA MET K 451 25.91 -35.60 -11.75
C MET K 451 26.00 -34.27 -11.02
N GLU K 452 27.22 -33.76 -10.88
CA GLU K 452 27.43 -32.51 -10.16
C GLU K 452 26.85 -31.33 -10.93
N GLY K 453 26.89 -31.40 -12.27
CA GLY K 453 26.44 -30.26 -13.07
C GLY K 453 24.97 -29.95 -12.89
N THR K 454 24.16 -30.94 -12.54
CA THR K 454 22.76 -30.68 -12.27
C THR K 454 22.65 -29.77 -11.05
N PRO K 455 21.79 -28.75 -11.10
CA PRO K 455 21.65 -27.87 -9.94
C PRO K 455 21.04 -28.58 -8.75
N ASP K 456 21.37 -28.08 -7.57
CA ASP K 456 20.84 -28.62 -6.31
C ASP K 456 21.14 -30.12 -6.20
N VAL K 457 22.40 -30.48 -6.40
CA VAL K 457 22.88 -31.81 -6.11
C VAL K 457 23.96 -31.83 -5.05
N MET K 458 24.46 -30.67 -4.64
CA MET K 458 25.33 -30.60 -3.48
C MET K 458 24.55 -30.60 -2.17
N LEU K 459 23.22 -30.45 -2.24
CA LEU K 459 22.41 -30.46 -1.04
C LEU K 459 22.34 -31.86 -0.45
N PHE K 460 22.33 -32.86 -1.32
CA PHE K 460 22.23 -34.26 -0.94
C PHE K 460 23.58 -34.90 -0.74
N SER K 461 24.61 -34.11 -0.43
CA SER K 461 25.93 -34.66 -0.24
C SER K 461 26.06 -35.37 1.08
N ARG K 462 25.27 -34.99 2.07
CA ARG K 462 25.38 -35.61 3.38
C ARG K 462 24.97 -37.07 3.34
N PRO K 463 25.61 -37.91 4.12
CA PRO K 463 25.29 -39.33 4.12
C PRO K 463 24.06 -39.67 4.94
N ALA K 464 23.25 -38.67 5.28
CA ALA K 464 22.04 -38.95 6.04
C ALA K 464 20.82 -38.43 5.30
N SER K 465 20.97 -37.29 4.62
CA SER K 465 19.92 -36.73 3.77
C SER K 465 19.89 -37.35 2.40
N LEU K 466 20.58 -38.46 2.20
CA LEU K 466 20.53 -39.20 0.95
C LEU K 466 19.58 -40.37 1.00
N SER K 467 19.36 -40.94 2.17
CA SER K 467 18.43 -42.06 2.28
C SER K 467 17.01 -41.65 1.92
N LEU K 468 16.57 -40.47 2.33
CA LEU K 468 15.21 -40.04 2.03
C LEU K 468 15.00 -39.78 0.55
N LEU K 469 15.97 -39.17 -0.12
CA LEU K 469 15.86 -38.98 -1.54
C LEU K 469 15.71 -40.31 -2.27
N SER K 470 16.50 -41.31 -1.88
CA SER K 470 16.38 -42.61 -2.53
C SER K 470 15.05 -43.27 -2.22
N LYS K 471 14.59 -43.17 -0.98
CA LYS K 471 13.34 -43.81 -0.61
C LYS K 471 12.13 -43.14 -1.24
N HIS K 472 12.24 -41.87 -1.63
CA HIS K 472 11.17 -41.27 -2.42
C HIS K 472 11.33 -41.59 -3.90
N LEU K 473 12.57 -41.72 -4.36
CA LEU K 473 12.81 -42.09 -5.75
C LEU K 473 12.21 -43.45 -6.04
N LEU K 474 12.36 -44.39 -5.12
CA LEU K 474 11.79 -45.71 -5.33
C LEU K 474 10.27 -45.65 -5.40
N LYS K 475 9.66 -44.82 -4.56
CA LYS K 475 8.21 -44.72 -4.55
C LYS K 475 7.68 -44.11 -5.84
N SER K 476 8.37 -43.11 -6.37
CA SER K 476 7.94 -42.56 -7.65
C SER K 476 8.17 -43.55 -8.78
N PHE K 477 9.33 -44.22 -8.77
CA PHE K 477 9.67 -45.15 -9.84
C PHE K 477 8.65 -46.28 -9.92
N VAL K 478 8.52 -47.04 -8.84
CA VAL K 478 7.63 -48.20 -8.83
C VAL K 478 6.26 -47.83 -9.39
N CYS K 479 5.80 -46.61 -9.12
CA CYS K 479 4.55 -46.16 -9.71
C CYS K 479 4.70 -45.78 -11.18
N SER K 480 5.90 -45.44 -11.63
CA SER K 480 6.06 -44.95 -12.99
C SER K 480 6.25 -46.06 -14.01
N THR K 481 7.08 -47.06 -13.73
CA THR K 481 7.52 -47.98 -14.76
C THR K 481 6.40 -48.92 -15.18
N LYS K 482 6.51 -49.42 -16.41
CA LYS K 482 5.51 -50.30 -16.99
C LYS K 482 5.85 -51.78 -16.83
N ASN K 483 7.09 -52.10 -16.44
CA ASN K 483 7.48 -53.49 -16.28
C ASN K 483 6.74 -54.14 -15.12
N ARG K 484 6.98 -55.44 -14.95
CA ARG K 484 6.53 -56.17 -13.78
C ARG K 484 7.70 -56.67 -12.96
N ARG K 485 8.90 -56.67 -13.51
CA ARG K 485 10.07 -57.09 -12.76
C ARG K 485 10.63 -55.93 -11.94
N CYS K 486 10.86 -54.79 -12.60
CA CYS K 486 11.46 -53.64 -11.91
C CYS K 486 10.61 -53.18 -10.74
N LYS K 487 9.30 -53.40 -10.80
CA LYS K 487 8.43 -52.99 -9.72
C LYS K 487 8.66 -53.77 -8.43
N LEU K 488 9.59 -54.72 -8.39
CA LEU K 488 9.83 -55.47 -7.17
C LEU K 488 11.31 -55.72 -6.92
N LEU K 489 12.17 -54.79 -7.34
CA LEU K 489 13.59 -54.92 -7.13
C LEU K 489 14.10 -53.79 -6.23
N PRO K 490 14.95 -54.09 -5.26
CA PRO K 490 15.49 -53.03 -4.40
C PRO K 490 16.39 -52.11 -5.19
N LEU K 491 16.53 -50.88 -4.71
CA LEU K 491 17.35 -49.89 -5.38
C LEU K 491 18.69 -49.76 -4.69
N VAL K 492 19.70 -49.37 -5.44
CA VAL K 492 21.01 -49.03 -4.89
C VAL K 492 21.46 -47.73 -5.55
N MET K 493 21.91 -46.78 -4.75
CA MET K 493 22.18 -45.44 -5.24
C MET K 493 23.56 -45.01 -4.78
N ALA K 494 24.21 -44.20 -5.61
CA ALA K 494 25.51 -43.63 -5.29
C ALA K 494 25.58 -42.19 -5.77
N ALA K 495 26.11 -41.32 -4.93
CA ALA K 495 26.32 -39.93 -5.26
C ALA K 495 27.64 -39.48 -4.66
N PRO K 496 28.34 -38.58 -5.33
CA PRO K 496 29.72 -38.28 -4.93
C PRO K 496 29.77 -37.58 -3.58
N LEU K 497 30.71 -38.03 -2.74
CA LEU K 497 30.92 -37.42 -1.42
C LEU K 497 32.00 -36.36 -1.43
N SER K 498 33.23 -36.74 -1.78
CA SER K 498 34.39 -35.86 -1.63
C SER K 498 35.20 -35.84 -2.92
N MET K 499 35.30 -34.67 -3.53
CA MET K 499 36.06 -34.54 -4.77
C MET K 499 37.55 -34.72 -4.55
N GLU K 500 38.07 -34.29 -3.39
CA GLU K 500 39.51 -34.38 -3.15
C GLU K 500 39.93 -35.83 -2.95
N HIS K 501 39.31 -36.53 -2.00
CA HIS K 501 39.54 -37.95 -1.85
C HIS K 501 38.95 -38.76 -3.00
N GLY K 502 38.15 -38.13 -3.85
CA GLY K 502 37.50 -38.82 -4.95
C GLY K 502 36.69 -40.01 -4.48
N THR K 503 35.66 -39.76 -3.68
CA THR K 503 34.84 -40.83 -3.15
C THR K 503 33.37 -40.46 -3.22
N VAL K 504 32.54 -41.50 -3.24
CA VAL K 504 31.09 -41.39 -3.33
C VAL K 504 30.47 -42.09 -2.12
N THR K 505 29.18 -41.84 -1.93
CA THR K 505 28.41 -42.49 -0.86
C THR K 505 27.37 -43.40 -1.48
N VAL K 506 27.13 -44.54 -0.84
CA VAL K 506 26.26 -45.57 -1.38
C VAL K 506 25.32 -46.06 -0.29
N VAL K 507 24.07 -46.29 -0.67
CA VAL K 507 23.01 -46.74 0.22
C VAL K 507 22.35 -47.98 -0.39
N GLY K 508 21.39 -48.53 0.32
CA GLY K 508 20.63 -49.66 -0.18
C GLY K 508 19.31 -49.76 0.53
N ILE K 509 18.23 -49.87 -0.22
CA ILE K 509 16.88 -49.80 0.34
C ILE K 509 16.08 -51.03 -0.04
N PRO K 510 15.22 -51.53 0.83
CA PRO K 510 14.55 -52.80 0.58
C PRO K 510 13.66 -52.71 -0.65
N PRO K 511 13.24 -53.85 -1.19
CA PRO K 511 12.23 -53.83 -2.25
C PRO K 511 10.95 -53.17 -1.75
N GLU K 512 10.50 -52.17 -2.50
CA GLU K 512 9.33 -51.41 -2.09
C GLU K 512 8.04 -52.16 -2.39
N THR K 513 7.04 -51.94 -1.54
CA THR K 513 5.67 -52.37 -1.77
C THR K 513 4.81 -51.69 -0.73
N ASP K 514 3.51 -52.01 -0.75
CA ASP K 514 2.59 -51.38 0.20
C ASP K 514 2.83 -51.91 1.61
N SER K 515 3.02 -53.21 1.77
CA SER K 515 3.18 -53.84 3.07
C SER K 515 4.59 -54.41 3.27
N SER K 516 5.59 -53.66 2.81
CA SER K 516 6.97 -54.11 2.98
C SER K 516 7.30 -54.26 4.46
N ASP K 517 7.90 -55.39 4.81
CA ASP K 517 8.26 -55.63 6.19
C ASP K 517 9.31 -54.66 6.71
N ARG K 518 10.03 -54.00 5.81
CA ARG K 518 11.11 -53.08 6.18
C ARG K 518 12.23 -53.81 6.93
N LYS K 519 12.84 -54.78 6.26
CA LYS K 519 13.97 -55.52 6.81
C LYS K 519 15.08 -55.51 5.77
N ASN K 520 15.90 -54.47 5.79
CA ASN K 520 16.91 -54.29 4.78
C ASN K 520 18.01 -55.35 4.94
N PHE K 521 18.78 -55.54 3.87
CA PHE K 521 19.76 -56.62 3.85
C PHE K 521 21.07 -56.24 3.18
N PHE K 522 21.38 -54.95 3.04
CA PHE K 522 22.57 -54.56 2.31
C PHE K 522 23.80 -54.40 3.20
N GLY K 523 23.63 -54.26 4.50
CA GLY K 523 24.78 -54.17 5.39
C GLY K 523 25.68 -55.37 5.28
N ARG K 524 25.13 -56.52 4.91
CA ARG K 524 25.93 -57.71 4.69
C ARG K 524 26.48 -57.76 3.28
N ALA K 525 25.66 -57.39 2.29
CA ALA K 525 26.09 -57.45 0.90
C ALA K 525 27.30 -56.56 0.66
N PHE K 526 27.23 -55.30 1.08
CA PHE K 526 28.34 -54.39 0.83
C PHE K 526 29.59 -54.84 1.57
N GLU K 527 29.43 -55.32 2.80
CA GLU K 527 30.56 -55.83 3.54
C GLU K 527 31.26 -56.94 2.77
N LYS K 528 30.51 -57.97 2.39
CA LYS K 528 31.13 -59.10 1.71
C LYS K 528 31.68 -58.71 0.35
N ALA K 529 31.07 -57.73 -0.32
CA ALA K 529 31.56 -57.32 -1.63
C ALA K 529 32.90 -56.58 -1.50
N ALA K 530 33.01 -55.67 -0.55
CA ALA K 530 34.29 -55.03 -0.31
C ALA K 530 35.32 -56.04 0.17
N GLU K 531 34.87 -57.07 0.88
CA GLU K 531 35.77 -58.14 1.29
C GLU K 531 36.30 -58.93 0.09
N SER K 532 35.43 -59.23 -0.87
CA SER K 532 35.83 -60.00 -2.03
C SER K 532 36.78 -59.17 -2.89
N THR K 533 36.32 -58.00 -3.36
CA THR K 533 37.17 -57.17 -4.20
C THR K 533 38.40 -56.65 -3.46
N SER K 534 38.33 -56.57 -2.13
CA SER K 534 39.43 -56.06 -1.32
C SER K 534 39.77 -54.61 -1.67
N SER K 535 38.73 -53.78 -1.73
CA SER K 535 38.87 -52.36 -2.03
C SER K 535 38.85 -51.57 -0.72
N ARG K 536 38.75 -50.24 -0.83
CA ARG K 536 38.73 -49.34 0.31
C ARG K 536 37.30 -48.88 0.56
N MET K 537 36.79 -49.17 1.76
CA MET K 537 35.43 -48.84 2.14
C MET K 537 35.45 -48.34 3.58
N LEU K 538 34.37 -47.65 3.97
CA LEU K 538 34.23 -47.13 5.33
C LEU K 538 32.79 -47.31 5.77
N HIS K 539 32.59 -48.14 6.81
CA HIS K 539 31.27 -48.30 7.42
C HIS K 539 31.16 -47.42 8.66
N ASN K 540 31.21 -46.11 8.41
CA ASN K 540 31.44 -45.15 9.50
C ASN K 540 30.21 -44.98 10.37
N HIS K 541 29.02 -44.95 9.77
CA HIS K 541 27.80 -44.62 10.49
C HIS K 541 27.41 -45.77 11.40
N PHE K 542 26.24 -45.64 12.02
CA PHE K 542 25.71 -46.64 12.94
C PHE K 542 24.88 -47.68 12.19
N ASP K 543 24.02 -47.24 11.29
CA ASP K 543 23.45 -48.12 10.31
C ASP K 543 24.52 -48.61 9.36
N LEU K 544 24.37 -49.83 8.88
CA LEU K 544 25.43 -50.43 8.06
C LEU K 544 25.29 -50.15 6.58
N SER K 545 24.10 -49.79 6.11
CA SER K 545 23.82 -49.72 4.69
C SER K 545 24.27 -48.44 4.05
N VAL K 546 25.19 -47.68 4.65
CA VAL K 546 25.72 -46.46 4.07
C VAL K 546 27.23 -46.53 4.10
N ILE K 547 27.85 -46.37 2.93
CA ILE K 547 29.29 -46.59 2.80
C ILE K 547 29.91 -45.49 1.95
N GLU K 548 31.18 -45.19 2.22
CA GLU K 548 31.98 -44.28 1.43
C GLU K 548 33.00 -45.10 0.65
N LEU K 549 33.08 -44.85 -0.66
CA LEU K 549 33.81 -45.72 -1.57
C LEU K 549 34.64 -44.88 -2.52
N LYS K 550 35.86 -45.36 -2.80
CA LYS K 550 36.72 -44.69 -3.76
C LYS K 550 36.05 -44.63 -5.13
N ALA K 551 36.18 -43.48 -5.80
CA ALA K 551 35.53 -43.30 -7.09
C ALA K 551 36.03 -44.31 -8.13
N GLU K 552 37.23 -44.87 -7.92
CA GLU K 552 37.79 -45.85 -8.85
C GLU K 552 37.38 -47.28 -8.54
N ASP K 553 37.11 -47.60 -7.28
CA ASP K 553 36.65 -48.94 -6.91
C ASP K 553 35.16 -49.12 -7.12
N ARG K 554 34.50 -48.19 -7.80
CA ARG K 554 33.07 -48.30 -8.03
C ARG K 554 32.72 -49.59 -8.77
N SER K 555 33.27 -49.77 -9.97
CA SER K 555 32.93 -50.93 -10.78
C SER K 555 33.52 -52.22 -10.20
N LYS K 556 34.76 -52.15 -9.71
CA LYS K 556 35.37 -53.30 -9.06
C LYS K 556 34.49 -53.82 -7.92
N PHE K 557 33.84 -52.89 -7.23
CA PHE K 557 32.93 -53.25 -6.15
C PHE K 557 31.60 -53.76 -6.70
N LEU K 558 31.06 -53.05 -7.69
CA LEU K 558 29.71 -53.31 -8.15
C LEU K 558 29.59 -54.66 -8.83
N ASP K 559 30.59 -55.05 -9.61
CA ASP K 559 30.50 -56.32 -10.32
C ASP K 559 30.52 -57.49 -9.34
N ALA K 560 31.45 -57.46 -8.40
CA ALA K 560 31.49 -58.48 -7.36
C ALA K 560 30.20 -58.50 -6.55
N LEU K 561 29.59 -57.34 -6.32
CA LEU K 561 28.31 -57.32 -5.63
C LEU K 561 27.20 -57.94 -6.47
N ILE K 562 27.17 -57.64 -7.76
CA ILE K 562 26.18 -58.25 -8.66
C ILE K 562 26.28 -59.76 -8.60
N SER K 563 27.51 -60.27 -8.68
CA SER K 563 27.70 -61.71 -8.59
C SER K 563 27.31 -62.25 -7.22
N LEU K 564 27.57 -61.48 -6.15
CA LEU K 564 27.35 -61.98 -4.81
C LEU K 564 25.86 -62.10 -4.51
N LEU K 565 25.10 -61.05 -4.76
CA LEU K 565 23.66 -61.13 -4.57
C LEU K 565 23.05 -62.13 -5.53
N SER K 566 23.50 -62.13 -6.78
CA SER K 566 23.10 -63.10 -7.79
C SER K 566 21.59 -63.06 -8.05
N TYR L 463 -52.07 -44.61 49.52
CA TYR L 463 -50.83 -44.33 48.79
C TYR L 463 -50.45 -45.50 47.90
N ASP L 464 -49.46 -45.28 47.04
CA ASP L 464 -48.95 -46.29 46.11
C ASP L 464 -47.46 -46.46 46.37
N GLY L 465 -47.13 -47.21 47.41
CA GLY L 465 -45.75 -47.48 47.76
C GLY L 465 -45.57 -48.87 48.33
N PRO L 466 -44.67 -49.02 49.29
CA PRO L 466 -44.47 -50.32 49.91
C PRO L 466 -45.65 -50.73 50.79
N MET L 467 -46.03 -52.01 50.70
CA MET L 467 -47.13 -52.55 51.46
C MET L 467 -46.63 -53.53 52.52
N PRO L 468 -47.20 -53.52 53.72
CA PRO L 468 -46.76 -54.46 54.76
C PRO L 468 -47.05 -55.90 54.36
N THR L 469 -46.05 -56.75 54.52
CA THR L 469 -46.20 -58.16 54.17
C THR L 469 -46.90 -58.90 55.31
N PRO L 470 -47.94 -59.67 55.01
CA PRO L 470 -48.60 -60.43 56.07
C PRO L 470 -47.66 -61.47 56.67
N ARG L 471 -47.61 -61.50 58.00
CA ARG L 471 -46.72 -62.42 58.71
C ARG L 471 -47.16 -63.87 58.48
N GLN L 472 -46.22 -64.71 58.09
CA GLN L 472 -46.54 -66.11 57.86
C GLN L 472 -46.87 -66.81 59.18
N LYS L 473 -47.72 -67.82 59.09
CA LYS L 473 -48.22 -68.50 60.27
C LYS L 473 -47.24 -69.57 60.73
N PRO L 474 -47.29 -69.93 62.02
CA PRO L 474 -46.39 -70.98 62.52
C PRO L 474 -46.67 -72.32 61.85
N PHE L 475 -45.62 -73.14 61.81
CA PHE L 475 -45.73 -74.45 61.16
C PHE L 475 -44.71 -75.40 61.78
N GLN L 476 -44.99 -76.69 61.64
CA GLN L 476 -44.06 -77.74 62.01
C GLN L 476 -43.32 -78.19 60.76
N SER L 477 -41.99 -78.13 60.80
CA SER L 477 -41.18 -78.52 59.65
C SER L 477 -41.39 -79.99 59.32
N GLY L 478 -41.59 -80.29 58.04
CA GLY L 478 -41.87 -81.64 57.62
C GLY L 478 -43.32 -82.03 57.69
N SER L 479 -44.24 -81.07 57.64
CA SER L 479 -45.67 -81.33 57.69
C SER L 479 -46.34 -80.78 56.44
N THR L 480 -47.48 -81.37 56.10
CA THR L 480 -48.33 -80.94 55.01
C THR L 480 -49.57 -80.24 55.56
N PRO L 481 -50.22 -79.38 54.77
CA PRO L 481 -51.26 -78.49 55.32
C PRO L 481 -52.38 -79.25 56.05
N LEU L 482 -53.06 -78.51 56.93
CA LEU L 482 -54.06 -79.11 57.80
C LEU L 482 -55.34 -79.48 57.04
N HIS L 483 -55.66 -78.74 55.98
CA HIS L 483 -56.91 -78.97 55.26
C HIS L 483 -56.96 -80.31 54.54
N LEU L 484 -55.83 -81.00 54.41
CA LEU L 484 -55.81 -82.29 53.76
C LEU L 484 -56.49 -83.34 54.62
N THR L 485 -57.24 -84.25 53.97
CA THR L 485 -57.87 -85.34 54.69
C THR L 485 -56.83 -86.29 55.27
N HIS L 486 -55.79 -86.60 54.50
CA HIS L 486 -54.69 -87.45 54.93
C HIS L 486 -53.40 -86.66 54.75
N ARG L 487 -52.84 -86.18 55.86
CA ARG L 487 -51.70 -85.28 55.82
C ARG L 487 -50.54 -85.85 56.63
N PHE L 488 -49.35 -85.30 56.38
CA PHE L 488 -48.17 -85.59 57.18
C PHE L 488 -48.11 -84.61 58.34
N MET L 489 -48.06 -85.13 59.57
CA MET L 489 -47.84 -84.27 60.72
C MET L 489 -46.36 -83.94 60.89
N VAL L 490 -45.49 -84.91 60.60
CA VAL L 490 -44.05 -84.69 60.62
C VAL L 490 -43.39 -85.82 59.87
N TRP L 491 -42.37 -85.50 59.08
CA TRP L 491 -41.54 -86.47 58.38
C TRP L 491 -40.09 -86.02 58.55
N ASN L 492 -39.33 -86.75 59.35
CA ASN L 492 -37.95 -86.40 59.63
C ASN L 492 -37.07 -87.65 59.47
N SER L 493 -35.87 -87.60 60.03
CA SER L 493 -34.94 -88.72 59.95
C SER L 493 -35.27 -89.85 60.90
N ILE L 494 -36.24 -89.67 61.80
CA ILE L 494 -36.62 -90.72 62.73
C ILE L 494 -37.78 -91.54 62.18
N GLY L 495 -38.78 -90.89 61.60
CA GLY L 495 -39.91 -91.62 61.07
C GLY L 495 -40.94 -90.68 60.50
N ILE L 496 -42.15 -91.20 60.31
CA ILE L 496 -43.27 -90.46 59.71
C ILE L 496 -44.46 -90.53 60.64
N ILE L 497 -45.19 -89.43 60.76
CA ILE L 497 -46.44 -89.36 61.51
C ILE L 497 -47.51 -88.82 60.59
N ARG L 498 -48.54 -89.62 60.34
CA ARG L 498 -49.63 -89.25 59.46
C ARG L 498 -50.91 -89.08 60.27
N CYS L 499 -51.79 -88.19 59.79
CA CYS L 499 -53.08 -87.94 60.42
C CYS L 499 -54.17 -88.03 59.35
N TYR L 500 -55.05 -89.01 59.50
CA TYR L 500 -56.22 -89.15 58.64
C TYR L 500 -57.43 -88.62 59.38
N ASN L 501 -58.03 -87.55 58.88
CA ASN L 501 -59.12 -86.87 59.58
C ASN L 501 -60.21 -86.50 58.58
N ASP L 502 -61.36 -87.15 58.69
CA ASP L 502 -62.56 -86.71 57.97
C ASP L 502 -63.64 -86.34 58.98
N GLU L 503 -64.90 -86.69 58.68
CA GLU L 503 -66.00 -86.41 59.58
C GLU L 503 -66.39 -87.60 60.44
N GLN L 504 -65.98 -88.81 60.06
CA GLN L 504 -66.38 -90.01 60.79
C GLN L 504 -65.41 -90.37 61.90
N ASP L 505 -64.12 -90.37 61.63
CA ASP L 505 -63.12 -90.71 62.63
C ASP L 505 -61.85 -89.90 62.39
N ASN L 506 -61.00 -89.86 63.41
CA ASN L 506 -59.72 -89.17 63.35
C ASN L 506 -58.65 -90.08 63.92
N ALA L 507 -57.64 -90.41 63.12
CA ALA L 507 -56.61 -91.35 63.51
C ALA L 507 -55.23 -90.76 63.25
N ILE L 508 -54.28 -91.15 64.10
CA ILE L 508 -52.88 -90.76 63.97
C ILE L 508 -52.05 -92.04 63.90
N ASP L 509 -51.20 -92.14 62.88
CA ASP L 509 -50.35 -93.31 62.67
CA ASP L 509 -50.35 -93.30 62.67
C ASP L 509 -48.89 -92.87 62.73
N VAL L 510 -48.09 -93.63 63.48
CA VAL L 510 -46.66 -93.37 63.64
C VAL L 510 -45.87 -94.51 63.02
N GLU L 511 -44.88 -94.16 62.21
CA GLU L 511 -44.02 -95.14 61.56
C GLU L 511 -42.57 -94.76 61.80
N PHE L 512 -41.72 -95.76 62.01
CA PHE L 512 -40.29 -95.55 62.20
C PHE L 512 -39.54 -96.14 61.02
N HIS L 513 -38.56 -95.39 60.50
CA HIS L 513 -37.74 -95.89 59.41
C HIS L 513 -36.99 -97.15 59.81
N ASP L 514 -36.51 -97.18 61.05
CA ASP L 514 -35.87 -98.37 61.61
C ASP L 514 -36.91 -99.09 62.48
N THR L 515 -37.35 -100.27 62.02
CA THR L 515 -38.34 -101.04 62.77
C THR L 515 -37.83 -101.47 64.13
N SER L 516 -36.51 -101.56 64.31
CA SER L 516 -35.96 -101.97 65.59
C SER L 516 -36.16 -100.93 66.68
N ILE L 517 -36.39 -99.67 66.31
CA ILE L 517 -36.53 -98.61 67.31
C ILE L 517 -37.81 -98.81 68.11
N HIS L 518 -38.95 -98.94 67.42
CA HIS L 518 -40.23 -99.12 68.08
C HIS L 518 -41.23 -99.63 67.07
N HIS L 519 -42.26 -100.32 67.56
CA HIS L 519 -43.29 -100.83 66.69
C HIS L 519 -44.20 -99.70 66.21
N ALA L 520 -44.92 -99.95 65.13
CA ALA L 520 -45.84 -98.96 64.58
C ALA L 520 -46.94 -98.66 65.59
N THR L 521 -47.20 -97.38 65.81
CA THR L 521 -48.16 -96.93 66.81
C THR L 521 -49.35 -96.28 66.12
N HIS L 522 -50.56 -96.68 66.52
CA HIS L 522 -51.80 -96.14 66.00
C HIS L 522 -52.59 -95.53 67.14
N LEU L 523 -52.99 -94.27 66.99
CA LEU L 523 -53.71 -93.54 68.02
C LEU L 523 -55.05 -93.06 67.50
N SER L 524 -56.05 -93.02 68.38
CA SER L 524 -57.36 -92.47 68.06
C SER L 524 -57.36 -91.00 68.47
N ASN L 525 -57.20 -90.12 67.49
CA ASN L 525 -57.06 -88.69 67.75
C ASN L 525 -58.38 -88.10 68.27
N THR L 526 -58.72 -88.40 69.52
CA THR L 526 -59.97 -87.90 70.09
C THR L 526 -59.90 -86.41 70.36
N LEU L 527 -58.76 -85.93 70.85
CA LEU L 527 -58.58 -84.51 71.18
C LEU L 527 -58.24 -83.65 69.98
N ASN L 528 -58.14 -84.24 68.79
CA ASN L 528 -57.83 -83.52 67.55
C ASN L 528 -56.48 -82.80 67.66
N TYR L 529 -55.43 -83.61 67.78
CA TYR L 529 -54.07 -83.08 67.76
C TYR L 529 -53.73 -82.62 66.36
N THR L 530 -53.21 -81.39 66.24
CA THR L 530 -52.83 -80.81 64.95
C THR L 530 -51.34 -80.57 64.79
N ILE L 531 -50.55 -80.72 65.85
CA ILE L 531 -49.11 -80.53 65.79
C ILE L 531 -48.44 -81.78 66.35
N ALA L 532 -47.35 -82.20 65.71
CA ALA L 532 -46.66 -83.42 66.11
C ALA L 532 -45.17 -83.30 65.84
N ASP L 533 -44.39 -84.01 66.66
CA ASP L 533 -42.97 -84.15 66.45
C ASP L 533 -42.55 -85.52 66.92
N LEU L 534 -41.46 -86.04 66.34
CA LEU L 534 -41.02 -87.40 66.59
C LEU L 534 -39.51 -87.44 66.78
N SER L 535 -39.07 -88.26 67.72
CA SER L 535 -37.65 -88.47 67.99
C SER L 535 -37.44 -89.92 68.42
N HIS L 536 -36.18 -90.29 68.66
N HIS L 536 -36.18 -90.28 68.66
CA HIS L 536 -35.86 -91.63 69.12
CA HIS L 536 -35.87 -91.63 69.12
C HIS L 536 -36.33 -91.90 70.54
C HIS L 536 -36.44 -91.92 70.50
N GLU L 537 -36.80 -90.87 71.25
CA GLU L 537 -37.23 -91.01 72.63
C GLU L 537 -38.75 -91.07 72.79
N ALA L 538 -39.48 -90.15 72.16
CA ALA L 538 -40.90 -90.04 72.44
C ALA L 538 -41.63 -89.49 71.22
N ILE L 539 -42.96 -89.46 71.33
CA ILE L 539 -43.85 -88.84 70.36
C ILE L 539 -44.52 -87.65 71.05
N LEU L 540 -44.43 -86.48 70.43
CA LEU L 540 -44.98 -85.25 71.00
C LEU L 540 -46.18 -84.80 70.18
N LEU L 541 -47.30 -84.54 70.85
CA LEU L 541 -48.53 -84.13 70.21
C LEU L 541 -49.11 -82.94 70.95
N ALA L 542 -49.78 -82.07 70.20
CA ALA L 542 -50.36 -80.85 70.78
C ALA L 542 -51.65 -80.50 70.05
N CYS L 543 -52.57 -79.88 70.77
CA CYS L 543 -53.84 -79.43 70.22
C CYS L 543 -54.19 -78.09 70.82
N GLU L 544 -54.92 -77.27 70.05
CA GLU L 544 -55.36 -75.99 70.54
C GLU L 544 -56.53 -76.17 71.51
N SER L 545 -56.92 -75.06 72.14
CA SER L 545 -58.03 -75.10 73.08
C SER L 545 -59.35 -74.96 72.35
N THR L 546 -60.40 -75.45 72.99
CA THR L 546 -61.77 -75.29 72.52
C THR L 546 -62.54 -74.45 73.54
N ASP L 547 -63.86 -74.36 73.34
CA ASP L 547 -64.70 -73.68 74.31
C ASP L 547 -64.91 -74.51 75.57
N GLU L 548 -64.49 -75.77 75.57
CA GLU L 548 -64.63 -76.67 76.71
C GLU L 548 -63.31 -77.22 77.22
N LEU L 549 -62.32 -77.40 76.35
CA LEU L 549 -61.04 -77.99 76.72
C LEU L 549 -59.92 -76.97 76.53
N ALA L 550 -58.85 -77.15 77.29
CA ALA L 550 -57.67 -76.31 77.18
C ALA L 550 -56.70 -76.86 76.15
N SER L 551 -55.75 -76.02 75.73
CA SER L 551 -54.68 -76.49 74.87
C SER L 551 -53.82 -77.48 75.63
N LYS L 552 -53.53 -78.61 75.00
CA LYS L 552 -52.88 -79.73 75.66
C LYS L 552 -51.59 -80.11 74.95
N LEU L 553 -50.59 -80.51 75.73
CA LEU L 553 -49.35 -81.07 75.22
C LEU L 553 -49.28 -82.53 75.66
N HIS L 554 -49.23 -83.45 74.69
CA HIS L 554 -49.28 -84.88 74.95
C HIS L 554 -47.97 -85.51 74.48
N CYS L 555 -47.36 -86.31 75.36
CA CYS L 555 -46.10 -86.97 75.08
C CYS L 555 -46.25 -88.47 75.28
N LEU L 556 -45.90 -89.24 74.26
CA LEU L 556 -45.90 -90.71 74.32
C LEU L 556 -44.45 -91.14 74.49
N HIS L 557 -44.02 -91.27 75.73
CA HIS L 557 -42.63 -91.60 76.07
C HIS L 557 -42.42 -93.11 75.93
N PHE L 558 -42.35 -93.56 74.67
CA PHE L 558 -42.30 -94.99 74.41
C PHE L 558 -40.96 -95.60 74.80
N SER L 559 -39.88 -94.82 74.81
CA SER L 559 -38.56 -95.34 75.15
C SER L 559 -38.32 -95.40 76.65
N SER L 560 -39.31 -95.04 77.47
CA SER L 560 -39.13 -95.05 78.91
C SER L 560 -38.94 -96.47 79.43
N TRP L 561 -38.08 -96.62 80.43
CA TRP L 561 -37.82 -97.91 81.03
C TRP L 561 -38.75 -98.24 82.18
N ASP L 562 -39.74 -97.40 82.46
CA ASP L 562 -40.72 -97.66 83.50
C ASP L 562 -42.08 -97.96 82.88
N SER L 563 -43.07 -98.18 83.74
CA SER L 563 -44.41 -98.58 83.31
C SER L 563 -45.31 -97.41 82.98
N SER L 564 -44.80 -96.18 83.04
CA SER L 564 -45.59 -94.98 82.73
C SER L 564 -44.99 -94.35 81.48
N LYS L 565 -45.61 -94.62 80.34
CA LYS L 565 -45.12 -94.15 79.03
C LYS L 565 -46.06 -93.13 78.42
N GLU L 566 -46.61 -92.23 79.23
CA GLU L 566 -47.57 -91.25 78.74
C GLU L 566 -47.74 -90.15 79.79
N TRP L 567 -47.84 -88.91 79.31
CA TRP L 567 -48.24 -87.80 80.17
C TRP L 567 -48.81 -86.69 79.31
N ILE L 568 -49.70 -85.90 79.92
CA ILE L 568 -50.36 -84.79 79.24
C ILE L 568 -50.51 -83.65 80.24
N ILE L 569 -50.44 -82.42 79.73
CA ILE L 569 -50.54 -81.23 80.58
C ILE L 569 -51.42 -80.21 79.87
N ASP L 570 -52.17 -79.46 80.67
CA ASP L 570 -53.07 -78.42 80.17
C ASP L 570 -52.43 -77.06 80.35
N LEU L 571 -52.44 -76.26 79.29
CA LEU L 571 -51.99 -74.88 79.37
C LEU L 571 -53.04 -74.02 80.07
N PRO L 572 -52.65 -72.89 80.63
CA PRO L 572 -53.61 -72.01 81.30
C PRO L 572 -54.70 -71.53 80.35
N GLN L 573 -55.70 -70.86 80.94
CA GLN L 573 -56.85 -70.40 80.17
C GLN L 573 -56.42 -69.42 79.08
N ASN L 574 -56.98 -69.62 77.89
CA ASN L 574 -56.77 -68.75 76.72
C ASN L 574 -55.34 -68.77 76.21
N GLU L 575 -54.57 -69.81 76.52
CA GLU L 575 -53.23 -69.99 76.00
C GLU L 575 -53.21 -71.20 75.08
N ASP L 576 -52.76 -70.99 73.83
CA ASP L 576 -52.79 -72.03 72.81
C ASP L 576 -51.38 -72.35 72.34
N ILE L 577 -51.10 -73.63 72.19
CA ILE L 577 -49.80 -74.07 71.66
C ILE L 577 -49.75 -73.76 70.18
N GLU L 578 -48.67 -73.09 69.75
CA GLU L 578 -48.49 -72.73 68.35
C GLU L 578 -47.36 -73.49 67.66
N ALA L 579 -46.39 -74.01 68.42
CA ALA L 579 -45.30 -74.79 67.83
C ALA L 579 -44.66 -75.62 68.94
N ILE L 580 -44.14 -76.79 68.55
CA ILE L 580 -43.45 -77.70 69.46
C ILE L 580 -42.18 -78.19 68.79
N CYS L 581 -41.31 -78.79 69.59
CA CYS L 581 -40.10 -79.43 69.09
C CYS L 581 -39.55 -80.34 70.17
N LEU L 582 -38.82 -81.37 69.74
CA LEU L 582 -38.24 -82.35 70.65
C LEU L 582 -36.72 -82.24 70.63
N GLY L 583 -36.13 -82.19 71.82
CA GLY L 583 -34.70 -82.29 71.99
C GLY L 583 -34.28 -83.59 72.65
N GLN L 584 -33.01 -83.63 73.05
CA GLN L 584 -32.49 -84.80 73.76
C GLN L 584 -32.95 -84.72 75.22
N GLY L 585 -33.98 -85.50 75.56
CA GLY L 585 -34.48 -85.54 76.91
C GLY L 585 -35.34 -84.38 77.33
N TRP L 586 -35.74 -83.52 76.39
CA TRP L 586 -36.59 -82.39 76.74
C TRP L 586 -37.51 -82.07 75.57
N ALA L 587 -38.53 -81.26 75.87
CA ALA L 587 -39.49 -80.79 74.88
C ALA L 587 -39.81 -79.33 75.14
N ALA L 588 -40.12 -78.60 74.06
CA ALA L 588 -40.41 -77.19 74.14
C ALA L 588 -41.71 -76.88 73.41
N ALA L 589 -42.43 -75.87 73.89
CA ALA L 589 -43.70 -75.48 73.29
C ALA L 589 -43.79 -73.95 73.30
N ALA L 590 -43.98 -73.36 72.13
CA ALA L 590 -44.22 -71.93 72.00
C ALA L 590 -45.73 -71.69 71.94
N THR L 591 -46.21 -70.76 72.75
CA THR L 591 -47.63 -70.59 72.97
C THR L 591 -48.09 -69.23 72.48
N SER L 592 -49.42 -69.06 72.41
CA SER L 592 -50.02 -67.82 71.96
C SER L 592 -49.82 -66.67 72.94
N ALA L 593 -49.38 -66.95 74.16
CA ALA L 593 -49.05 -65.92 75.12
C ALA L 593 -47.62 -65.40 74.98
N LEU L 594 -46.99 -65.68 73.84
CA LEU L 594 -45.58 -65.33 73.60
C LEU L 594 -44.68 -65.90 74.69
N LEU L 595 -44.95 -67.15 75.08
CA LEU L 595 -44.17 -67.86 76.08
C LEU L 595 -43.56 -69.11 75.46
N LEU L 596 -42.35 -69.44 75.92
CA LEU L 596 -41.72 -70.71 75.59
C LEU L 596 -41.63 -71.53 76.87
N ARG L 597 -42.25 -72.69 76.86
CA ARG L 597 -42.31 -73.57 78.02
C ARG L 597 -41.43 -74.79 77.76
N LEU L 598 -40.52 -75.07 78.70
CA LEU L 598 -39.63 -76.21 78.61
C LEU L 598 -40.14 -77.34 79.49
N PHE L 599 -40.05 -78.56 78.97
CA PHE L 599 -40.47 -79.75 79.70
C PHE L 599 -39.40 -80.83 79.55
N THR L 600 -39.18 -81.58 80.62
CA THR L 600 -38.39 -82.80 80.46
C THR L 600 -39.22 -83.84 79.70
N ILE L 601 -38.53 -84.82 79.12
CA ILE L 601 -39.21 -85.84 78.35
C ILE L 601 -40.12 -86.69 79.23
N GLY L 602 -39.92 -86.64 80.54
CA GLY L 602 -40.75 -87.35 81.49
C GLY L 602 -41.90 -86.55 82.07
N GLY L 603 -42.00 -85.26 81.78
CA GLY L 603 -43.14 -84.46 82.16
C GLY L 603 -42.87 -83.36 83.17
N VAL L 604 -41.63 -83.14 83.59
CA VAL L 604 -41.32 -82.09 84.54
C VAL L 604 -41.30 -80.75 83.81
N GLN L 605 -41.97 -79.75 84.39
CA GLN L 605 -41.95 -78.40 83.84
C GLN L 605 -40.62 -77.73 84.19
N LYS L 606 -39.88 -77.31 83.16
CA LYS L 606 -38.60 -76.64 83.38
C LYS L 606 -38.78 -75.12 83.34
N GLU L 607 -37.80 -74.42 82.78
CA GLU L 607 -37.84 -72.96 82.78
C GLU L 607 -38.85 -72.44 81.76
N VAL L 608 -39.25 -71.19 81.96
CA VAL L 608 -40.17 -70.49 81.06
C VAL L 608 -39.61 -69.09 80.82
N PHE L 609 -39.64 -68.64 79.56
CA PHE L 609 -39.26 -67.27 79.23
C PHE L 609 -40.13 -66.76 78.09
N SER L 610 -40.13 -65.44 77.92
CA SER L 610 -40.98 -64.78 76.95
C SER L 610 -40.29 -64.69 75.59
N LEU L 611 -41.10 -64.77 74.54
CA LEU L 611 -40.61 -64.65 73.17
C LEU L 611 -40.73 -63.20 72.71
N ALA L 612 -39.75 -62.77 71.91
CA ALA L 612 -39.77 -61.39 71.41
C ALA L 612 -40.82 -61.16 70.34
N GLY L 613 -41.40 -62.23 69.78
CA GLY L 613 -42.42 -62.11 68.77
C GLY L 613 -43.12 -63.43 68.52
N PRO L 614 -44.16 -63.41 67.70
CA PRO L 614 -44.89 -64.64 67.38
C PRO L 614 -43.97 -65.67 66.72
N VAL L 615 -44.06 -66.91 67.19
CA VAL L 615 -43.19 -67.97 66.70
C VAL L 615 -43.57 -68.35 65.28
N VAL L 616 -42.58 -68.74 64.49
CA VAL L 616 -42.78 -69.24 63.14
C VAL L 616 -42.54 -70.74 63.06
N SER L 617 -41.40 -71.21 63.60
CA SER L 617 -41.11 -72.62 63.65
C SER L 617 -40.08 -72.87 64.74
N MET L 618 -39.99 -74.12 65.17
CA MET L 618 -39.15 -74.48 66.29
C MET L 618 -38.54 -75.85 66.06
N ALA L 619 -37.26 -75.99 66.38
CA ALA L 619 -36.54 -77.25 66.21
C ALA L 619 -35.59 -77.46 67.37
N GLY L 620 -35.26 -78.72 67.62
CA GLY L 620 -34.37 -79.07 68.71
C GLY L 620 -33.45 -80.20 68.33
N HIS L 621 -32.28 -80.21 68.97
CA HIS L 621 -31.28 -81.26 68.74
C HIS L 621 -30.31 -81.23 69.90
N GLY L 622 -30.18 -82.36 70.59
CA GLY L 622 -29.30 -82.41 71.75
C GLY L 622 -29.74 -81.43 72.80
N GLU L 623 -28.88 -80.47 73.11
CA GLU L 623 -29.20 -79.40 74.05
C GLU L 623 -29.52 -78.08 73.35
N GLN L 624 -29.59 -78.08 72.02
CA GLN L 624 -29.79 -76.84 71.27
C GLN L 624 -31.27 -76.61 70.99
N LEU L 625 -31.69 -75.36 71.13
CA LEU L 625 -33.05 -74.94 70.81
C LEU L 625 -33.00 -73.89 69.71
N PHE L 626 -33.71 -74.15 68.63
CA PHE L 626 -33.67 -73.33 67.41
C PHE L 626 -35.06 -72.71 67.22
N ILE L 627 -35.17 -71.41 67.47
CA ILE L 627 -36.44 -70.70 67.41
C ILE L 627 -36.34 -69.64 66.32
N VAL L 628 -37.33 -69.62 65.43
CA VAL L 628 -37.49 -68.56 64.43
C VAL L 628 -38.82 -67.88 64.68
N TYR L 629 -38.80 -66.55 64.75
CA TYR L 629 -39.97 -65.78 65.10
C TYR L 629 -40.00 -64.51 64.28
N HIS L 630 -41.12 -63.78 64.37
CA HIS L 630 -41.26 -62.49 63.71
C HIS L 630 -40.64 -61.41 64.59
N ARG L 631 -39.54 -60.83 64.13
CA ARG L 631 -38.91 -59.72 64.83
C ARG L 631 -39.44 -58.36 64.36
N GLY L 632 -40.23 -58.33 63.31
CA GLY L 632 -40.78 -57.09 62.82
C GLY L 632 -41.79 -57.34 61.72
N THR L 633 -42.02 -56.31 60.92
CA THR L 633 -42.95 -56.38 59.80
C THR L 633 -42.21 -56.03 58.51
N GLY L 634 -42.17 -57.00 57.58
CA GLY L 634 -41.53 -56.75 56.31
C GLY L 634 -42.44 -56.06 55.32
N PHE L 635 -41.86 -55.68 54.19
CA PHE L 635 -42.58 -54.96 53.15
C PHE L 635 -42.28 -55.57 51.79
N ASP L 636 -43.25 -55.46 50.88
CA ASP L 636 -43.11 -55.91 49.49
C ASP L 636 -42.78 -57.40 49.42
N GLY L 637 -43.55 -58.20 50.16
CA GLY L 637 -43.40 -59.64 50.12
C GLY L 637 -42.32 -60.21 51.01
N ASP L 638 -41.49 -59.37 51.63
CA ASP L 638 -40.41 -59.86 52.48
C ASP L 638 -40.92 -60.11 53.90
N GLN L 639 -40.43 -61.18 54.50
CA GLN L 639 -40.65 -61.43 55.92
C GLN L 639 -39.57 -60.72 56.73
N CYS L 640 -39.86 -60.53 58.03
CA CYS L 640 -38.91 -59.93 58.97
C CYS L 640 -38.75 -60.92 60.12
N LEU L 641 -37.83 -61.85 59.96
CA LEU L 641 -37.68 -62.98 60.87
C LEU L 641 -36.41 -62.86 61.70
N GLY L 642 -36.47 -63.32 62.94
CA GLY L 642 -35.31 -63.38 63.80
C GLY L 642 -35.14 -64.77 64.38
N VAL L 643 -33.90 -65.09 64.71
CA VAL L 643 -33.54 -66.41 65.20
C VAL L 643 -33.00 -66.29 66.62
N GLN L 644 -33.53 -67.11 67.53
CA GLN L 644 -33.01 -67.23 68.88
C GLN L 644 -32.51 -68.65 69.06
N LEU L 645 -31.20 -68.80 69.23
CA LEU L 645 -30.54 -70.10 69.34
C LEU L 645 -30.00 -70.26 70.76
N LEU L 646 -30.52 -71.23 71.49
CA LEU L 646 -30.13 -71.46 72.87
C LEU L 646 -29.52 -72.84 73.04
N GLU L 647 -28.61 -72.96 74.01
CA GLU L 647 -28.07 -74.24 74.44
C GLU L 647 -28.50 -74.46 75.88
N LEU L 648 -29.28 -75.52 76.11
CA LEU L 648 -29.95 -75.74 77.38
C LEU L 648 -29.26 -76.77 78.25
N GLY L 649 -27.93 -76.85 78.18
CA GLY L 649 -27.20 -77.74 79.06
C GLY L 649 -27.13 -77.22 80.49
N LYS L 650 -26.18 -77.71 81.28
CA LYS L 650 -26.06 -77.23 82.64
C LYS L 650 -25.60 -75.79 82.72
N LYS L 651 -24.94 -75.30 81.67
CA LYS L 651 -24.58 -73.88 81.56
C LYS L 651 -25.40 -73.30 80.42
N LYS L 652 -26.47 -72.58 80.78
CA LYS L 652 -27.37 -72.04 79.77
C LYS L 652 -26.69 -70.92 78.99
N LYS L 653 -26.81 -70.98 77.66
CA LYS L 653 -26.22 -70.01 76.77
C LYS L 653 -27.24 -69.60 75.71
N GLN L 654 -27.31 -68.30 75.44
CA GLN L 654 -28.08 -67.78 74.31
C GLN L 654 -27.08 -67.46 73.21
N ILE L 655 -26.94 -68.36 72.25
CA ILE L 655 -25.94 -68.19 71.20
C ILE L 655 -26.30 -67.04 70.28
N LEU L 656 -27.57 -66.90 69.93
CA LEU L 656 -28.04 -65.85 69.05
C LEU L 656 -29.15 -65.07 69.76
N HIS L 657 -28.90 -63.79 70.01
CA HIS L 657 -29.86 -62.94 70.72
C HIS L 657 -30.83 -62.27 69.73
N GLY L 658 -31.57 -63.11 69.03
CA GLY L 658 -32.52 -62.60 68.05
C GLY L 658 -31.88 -62.00 66.82
N ASP L 659 -30.87 -62.66 66.27
CA ASP L 659 -30.24 -62.16 65.05
C ASP L 659 -31.23 -62.20 63.89
N PRO L 660 -31.09 -61.28 62.93
CA PRO L 660 -31.97 -61.32 61.76
C PRO L 660 -31.69 -62.57 60.92
N LEU L 661 -32.76 -63.24 60.51
CA LEU L 661 -32.65 -64.47 59.75
C LEU L 661 -32.58 -64.12 58.25
N PRO L 662 -31.47 -64.35 57.58
CA PRO L 662 -31.40 -64.03 56.15
C PRO L 662 -32.33 -64.90 55.33
N LEU L 663 -33.07 -64.27 54.42
CA LEU L 663 -33.97 -64.96 53.51
C LEU L 663 -33.82 -64.39 52.11
N THR L 664 -34.11 -65.22 51.12
CA THR L 664 -34.22 -64.74 49.75
C THR L 664 -35.33 -63.70 49.66
N ARG L 665 -35.14 -62.68 48.84
CA ARG L 665 -36.12 -61.61 48.72
C ARG L 665 -37.46 -62.16 48.26
N LYS L 666 -38.53 -61.65 48.88
CA LYS L 666 -39.91 -62.06 48.57
C LYS L 666 -40.15 -63.54 48.84
N SER L 667 -39.41 -64.11 49.78
CA SER L 667 -39.58 -65.51 50.14
C SER L 667 -39.96 -65.62 51.62
N TYR L 668 -40.56 -66.75 51.96
CA TYR L 668 -40.93 -67.06 53.34
C TYR L 668 -40.19 -68.32 53.79
N LEU L 669 -40.26 -68.57 55.10
CA LEU L 669 -39.59 -69.73 55.68
C LEU L 669 -40.38 -70.99 55.37
N ALA L 670 -39.69 -72.01 54.85
CA ALA L 670 -40.33 -73.25 54.45
C ALA L 670 -40.00 -74.43 55.34
N TRP L 671 -38.82 -74.46 55.94
CA TRP L 671 -38.37 -75.61 56.71
C TRP L 671 -37.18 -75.19 57.56
N ILE L 672 -37.18 -75.61 58.83
CA ILE L 672 -36.03 -75.45 59.70
C ILE L 672 -35.74 -76.78 60.37
N GLY L 673 -34.59 -76.85 61.04
CA GLY L 673 -34.20 -78.06 61.73
C GLY L 673 -32.70 -78.09 61.90
N PHE L 674 -32.22 -79.26 62.30
CA PHE L 674 -30.80 -79.51 62.47
C PHE L 674 -30.37 -80.63 61.54
N SER L 675 -29.12 -80.58 61.10
CA SER L 675 -28.53 -81.74 60.46
C SER L 675 -28.41 -82.86 61.48
N ALA L 676 -28.24 -84.09 60.97
CA ALA L 676 -28.07 -85.23 61.87
C ALA L 676 -26.88 -85.03 62.80
N GLU L 677 -25.88 -84.26 62.37
CA GLU L 677 -24.70 -83.98 63.17
C GLU L 677 -24.93 -82.84 64.15
N GLY L 678 -26.00 -82.08 64.02
CA GLY L 678 -26.37 -81.09 65.01
C GLY L 678 -26.12 -79.64 64.64
N THR L 679 -26.16 -79.33 63.34
CA THR L 679 -25.96 -77.95 62.90
C THR L 679 -27.28 -77.36 62.43
N PRO L 680 -27.65 -76.18 62.91
CA PRO L 680 -28.92 -75.56 62.47
C PRO L 680 -28.92 -75.30 60.97
N CYS L 681 -30.06 -75.59 60.35
CA CYS L 681 -30.24 -75.36 58.92
C CYS L 681 -31.68 -74.94 58.67
N TYR L 682 -31.90 -74.26 57.55
CA TYR L 682 -33.27 -73.88 57.18
C TYR L 682 -33.34 -73.66 55.68
N VAL L 683 -34.56 -73.77 55.16
CA VAL L 683 -34.85 -73.63 53.74
C VAL L 683 -35.96 -72.59 53.57
N ASP L 684 -35.79 -71.70 52.60
CA ASP L 684 -36.82 -70.73 52.28
C ASP L 684 -37.66 -71.22 51.10
N SER L 685 -38.69 -70.44 50.77
CA SER L 685 -39.63 -70.84 49.72
C SER L 685 -39.04 -70.77 48.33
N GLU L 686 -37.84 -70.22 48.16
CA GLU L 686 -37.16 -70.16 46.87
C GLU L 686 -36.15 -71.29 46.71
N GLY L 687 -36.22 -72.32 47.56
CA GLY L 687 -35.34 -73.47 47.45
C GLY L 687 -33.93 -73.27 47.95
N ILE L 688 -33.64 -72.15 48.60
CA ILE L 688 -32.30 -71.89 49.10
C ILE L 688 -32.15 -72.53 50.47
N VAL L 689 -31.17 -73.42 50.59
CA VAL L 689 -30.88 -74.11 51.85
C VAL L 689 -29.67 -73.44 52.48
N ARG L 690 -29.82 -72.98 53.72
CA ARG L 690 -28.74 -72.31 54.43
C ARG L 690 -28.40 -73.09 55.70
N MET L 691 -27.12 -72.98 56.10
CA MET L 691 -26.60 -73.71 57.24
C MET L 691 -25.75 -72.76 58.08
N LEU L 692 -25.86 -72.90 59.41
CA LEU L 692 -25.04 -72.09 60.30
C LEU L 692 -23.56 -72.41 60.08
N ASN L 693 -22.75 -71.36 59.96
CA ASN L 693 -21.31 -71.49 59.73
C ASN L 693 -20.61 -71.15 61.05
N ARG L 694 -20.39 -72.19 61.86
CA ARG L 694 -19.76 -71.97 63.16
C ARG L 694 -18.33 -71.46 63.02
N GLY L 695 -17.66 -71.82 61.93
CA GLY L 695 -16.31 -71.33 61.66
C GLY L 695 -16.24 -69.96 61.03
N LEU L 696 -17.36 -69.26 60.93
CA LEU L 696 -17.40 -67.93 60.31
C LEU L 696 -18.27 -67.01 61.18
N GLY L 697 -18.01 -67.02 62.48
CA GLY L 697 -18.72 -66.13 63.39
C GLY L 697 -20.21 -66.35 63.48
N ASN L 698 -20.67 -67.58 63.28
CA ASN L 698 -22.09 -67.95 63.36
C ASN L 698 -22.92 -67.18 62.33
N THR L 699 -22.36 -67.02 61.13
CA THR L 699 -23.15 -66.52 60.00
C THR L 699 -23.87 -67.69 59.34
N TRP L 700 -24.67 -67.38 58.32
CA TRP L 700 -25.45 -68.38 57.61
C TRP L 700 -24.95 -68.47 56.17
N THR L 701 -24.59 -69.69 55.76
CA THR L 701 -24.02 -69.92 54.44
C THR L 701 -24.95 -70.78 53.60
N PRO L 702 -25.24 -70.37 52.37
CA PRO L 702 -26.05 -71.23 51.49
C PRO L 702 -25.27 -72.47 51.08
N ILE L 703 -25.89 -73.64 51.25
CA ILE L 703 -25.26 -74.91 50.93
C ILE L 703 -25.95 -75.65 49.80
N CYS L 704 -27.10 -75.18 49.31
CA CYS L 704 -27.79 -75.83 48.22
C CYS L 704 -28.83 -74.89 47.63
N ASN L 705 -29.25 -75.20 46.41
CA ASN L 705 -30.33 -74.49 45.73
C ASN L 705 -31.15 -75.54 45.00
N THR L 706 -32.26 -75.95 45.60
CA THR L 706 -33.07 -77.03 45.04
C THR L 706 -33.72 -76.64 43.71
N ARG L 707 -33.78 -75.35 43.38
CA ARG L 707 -34.31 -74.93 42.10
C ARG L 707 -33.43 -75.35 40.93
N GLU L 708 -32.14 -75.56 41.17
CA GLU L 708 -31.26 -76.04 40.11
C GLU L 708 -31.63 -77.46 39.67
N HIS L 709 -32.29 -78.23 40.53
CA HIS L 709 -32.75 -79.57 40.18
C HIS L 709 -34.18 -79.60 39.68
N CYS L 710 -34.88 -78.46 39.70
CA CYS L 710 -36.24 -78.38 39.21
C CYS L 710 -36.25 -78.02 37.73
N LYS L 711 -37.27 -78.50 37.02
CA LYS L 711 -37.39 -78.25 35.59
C LYS L 711 -38.39 -77.17 35.24
N GLY L 712 -39.30 -76.82 36.17
CA GLY L 712 -40.30 -75.80 35.91
C GLY L 712 -40.63 -75.03 37.16
N LYS L 713 -41.45 -73.99 36.98
CA LYS L 713 -41.85 -73.16 38.11
C LYS L 713 -42.68 -73.94 39.11
N SER L 714 -43.54 -74.85 38.62
CA SER L 714 -44.43 -75.60 39.49
C SER L 714 -43.75 -76.77 40.20
N ASP L 715 -42.50 -77.08 39.87
CA ASP L 715 -41.77 -78.15 40.53
C ASP L 715 -41.08 -77.62 41.78
N HIS L 716 -41.09 -78.43 42.84
CA HIS L 716 -40.50 -78.05 44.11
C HIS L 716 -39.89 -79.28 44.77
N TYR L 717 -39.08 -79.03 45.80
CA TYR L 717 -38.51 -80.09 46.63
C TYR L 717 -38.93 -79.86 48.07
N TRP L 718 -39.32 -80.95 48.73
CA TRP L 718 -39.87 -80.92 50.08
C TRP L 718 -38.85 -81.56 51.02
N VAL L 719 -38.11 -80.72 51.75
CA VAL L 719 -36.96 -81.20 52.53
C VAL L 719 -37.44 -82.06 53.68
N VAL L 720 -36.74 -83.17 53.90
CA VAL L 720 -37.02 -84.10 54.99
C VAL L 720 -35.90 -84.08 56.03
N GLY L 721 -34.65 -84.17 55.58
CA GLY L 721 -33.53 -84.18 56.49
C GLY L 721 -32.26 -83.72 55.82
N ILE L 722 -31.28 -83.37 56.64
CA ILE L 722 -29.97 -82.91 56.16
C ILE L 722 -28.90 -83.71 56.88
N HIS L 723 -27.94 -84.24 56.11
CA HIS L 723 -26.86 -85.04 56.65
C HIS L 723 -25.53 -84.49 56.16
N GLU L 724 -24.56 -84.35 57.07
CA GLU L 724 -23.26 -83.78 56.75
C GLU L 724 -22.20 -84.82 56.43
N ASN L 725 -22.30 -86.02 56.98
CA ASN L 725 -21.31 -87.07 56.75
C ASN L 725 -22.03 -88.42 56.77
N PRO L 726 -22.31 -88.99 55.59
CA PRO L 726 -22.01 -88.44 54.26
C PRO L 726 -22.95 -87.29 53.87
N GLN L 727 -22.46 -86.40 53.00
CA GLN L 727 -23.26 -85.25 52.58
C GLN L 727 -24.43 -85.70 51.73
N GLN L 728 -25.64 -85.37 52.16
CA GLN L 728 -26.83 -85.66 51.38
C GLN L 728 -28.00 -84.84 51.91
N LEU L 729 -28.79 -84.29 51.00
CA LEU L 729 -30.01 -83.55 51.33
C LEU L 729 -31.19 -84.44 50.96
N ARG L 730 -31.81 -85.04 51.97
CA ARG L 730 -32.94 -85.93 51.75
C ARG L 730 -34.22 -85.11 51.61
N CYS L 731 -34.87 -85.19 50.45
CA CYS L 731 -36.07 -84.43 50.18
C CYS L 731 -36.96 -85.22 49.23
N ILE L 732 -38.20 -84.75 49.12
CA ILE L 732 -39.23 -85.38 48.28
C ILE L 732 -39.44 -84.50 47.06
N PRO L 733 -39.21 -85.00 45.85
CA PRO L 733 -39.53 -84.21 44.65
C PRO L 733 -41.04 -84.08 44.48
N CYS L 734 -41.51 -82.85 44.24
CA CYS L 734 -42.93 -82.57 44.13
C CYS L 734 -43.20 -81.88 42.80
N LYS L 735 -44.10 -82.44 42.01
CA LYS L 735 -44.44 -81.92 40.68
C LYS L 735 -45.84 -81.34 40.74
N GLY L 736 -45.95 -80.02 40.66
CA GLY L 736 -47.22 -79.33 40.65
C GLY L 736 -47.54 -78.61 41.94
N SER L 737 -46.89 -78.95 43.05
CA SER L 737 -47.16 -78.32 44.33
C SER L 737 -45.87 -78.28 45.14
N ARG L 738 -45.95 -77.69 46.33
CA ARG L 738 -44.81 -77.56 47.22
C ARG L 738 -44.69 -78.70 48.22
N PHE L 739 -45.75 -79.49 48.39
CA PHE L 739 -45.74 -80.62 49.32
C PHE L 739 -46.24 -81.87 48.62
N PRO L 740 -45.73 -83.03 49.00
CA PRO L 740 -46.13 -84.28 48.35
C PRO L 740 -47.45 -84.79 48.92
N PRO L 741 -48.25 -85.49 48.12
CA PRO L 741 -49.44 -86.13 48.66
C PRO L 741 -49.07 -87.31 49.55
N THR L 742 -49.95 -87.60 50.50
CA THR L 742 -49.67 -88.66 51.47
C THR L 742 -49.66 -90.03 50.80
N LEU L 743 -50.58 -90.26 49.86
CA LEU L 743 -50.67 -91.54 49.17
C LEU L 743 -50.63 -91.33 47.67
N PRO L 744 -49.86 -92.16 46.93
CA PRO L 744 -49.02 -93.23 47.49
C PRO L 744 -47.76 -92.71 48.18
N ARG L 745 -47.07 -93.58 48.90
CA ARG L 745 -45.88 -93.18 49.65
C ARG L 745 -44.85 -92.54 48.73
N PRO L 746 -44.48 -91.28 48.94
CA PRO L 746 -43.48 -90.65 48.07
C PRO L 746 -42.10 -91.23 48.32
N ALA L 747 -41.27 -91.18 47.28
CA ALA L 747 -39.90 -91.67 47.35
C ALA L 747 -38.96 -90.54 47.75
N VAL L 748 -38.05 -90.84 48.67
CA VAL L 748 -37.10 -89.86 49.17
C VAL L 748 -35.95 -89.75 48.18
N ALA L 749 -35.74 -88.55 47.65
CA ALA L 749 -34.61 -88.28 46.76
C ALA L 749 -33.42 -87.78 47.57
N ILE L 750 -32.23 -87.95 46.99
CA ILE L 750 -30.98 -87.53 47.62
C ILE L 750 -30.32 -86.52 46.70
N LEU L 751 -30.33 -85.26 47.10
CA LEU L 751 -29.68 -84.19 46.35
C LEU L 751 -28.31 -83.90 46.96
N SER L 752 -27.38 -83.45 46.11
CA SER L 752 -26.06 -83.07 46.56
C SER L 752 -26.04 -81.60 46.96
N PHE L 753 -25.12 -81.26 47.84
CA PHE L 753 -24.93 -79.88 48.27
C PHE L 753 -23.97 -79.17 47.33
N LYS L 754 -24.27 -77.90 47.05
CA LYS L 754 -23.44 -77.09 46.16
C LYS L 754 -23.48 -75.66 46.65
N LEU L 755 -22.35 -75.14 47.12
CA LEU L 755 -22.28 -73.76 47.54
C LEU L 755 -22.27 -72.84 46.32
N PRO L 756 -22.92 -71.67 46.40
CA PRO L 756 -23.10 -70.82 45.19
C PRO L 756 -21.84 -70.04 44.83
N TYR L 757 -20.84 -70.75 44.32
CA TYR L 757 -19.57 -70.13 43.97
C TYR L 757 -19.54 -69.74 42.50
N CYS L 758 -18.67 -68.79 42.19
CA CYS L 758 -18.59 -68.23 40.84
C CYS L 758 -17.73 -69.12 39.94
N GLN L 759 -18.10 -69.14 38.66
CA GLN L 759 -17.35 -69.85 37.62
C GLN L 759 -17.09 -71.30 38.02
N ILE L 760 -18.15 -71.95 38.52
CA ILE L 760 -18.04 -73.32 39.01
C ILE L 760 -17.80 -74.32 37.89
N ALA L 761 -17.99 -73.92 36.64
CA ALA L 761 -17.68 -74.80 35.52
C ALA L 761 -16.17 -74.93 35.28
N THR L 762 -15.39 -73.94 35.72
CA THR L 762 -13.95 -74.00 35.57
C THR L 762 -13.34 -74.89 36.64
N GLU L 763 -12.09 -75.32 36.40
CA GLU L 763 -11.41 -76.18 37.35
C GLU L 763 -11.12 -75.43 38.66
N LYS L 764 -10.80 -74.14 38.57
CA LYS L 764 -10.54 -73.35 39.76
C LYS L 764 -11.80 -73.22 40.61
N GLY L 765 -12.90 -72.79 39.98
CA GLY L 765 -14.14 -72.62 40.72
C GLY L 765 -14.69 -73.93 41.27
N GLN L 766 -14.52 -75.01 40.51
CA GLN L 766 -14.99 -76.32 40.97
C GLN L 766 -14.24 -76.75 42.22
N MET L 767 -12.91 -76.63 42.21
CA MET L 767 -12.14 -77.04 43.38
C MET L 767 -12.34 -76.10 44.56
N GLU L 768 -12.55 -74.81 44.30
CA GLU L 768 -12.81 -73.87 45.38
C GLU L 768 -14.14 -74.17 46.08
N GLU L 769 -15.14 -74.57 45.29
CA GLU L 769 -16.41 -74.96 45.90
C GLU L 769 -16.26 -76.23 46.72
N GLN L 770 -15.51 -77.21 46.21
CA GLN L 770 -15.30 -78.45 46.95
C GLN L 770 -14.55 -78.21 48.25
N PHE L 771 -13.59 -77.28 48.22
CA PHE L 771 -12.81 -77.00 49.42
C PHE L 771 -13.67 -76.40 50.52
N TRP L 772 -14.43 -75.35 50.21
CA TRP L 772 -15.20 -74.66 51.23
C TRP L 772 -16.42 -75.46 51.65
N ARG L 773 -16.95 -76.31 50.76
CA ARG L 773 -18.00 -77.24 51.18
C ARG L 773 -17.44 -78.26 52.18
N SER L 774 -16.21 -78.73 51.96
CA SER L 774 -15.59 -79.64 52.90
C SER L 774 -15.31 -78.94 54.24
N VAL L 775 -14.97 -77.66 54.19
CA VAL L 775 -14.65 -76.92 55.42
C VAL L 775 -15.90 -76.76 56.28
N ILE L 776 -17.01 -76.33 55.67
CA ILE L 776 -18.19 -76.02 56.46
C ILE L 776 -18.87 -77.29 56.96
N PHE L 777 -18.78 -78.39 56.20
CA PHE L 777 -19.44 -79.63 56.57
C PHE L 777 -18.62 -80.47 57.54
N HIS L 778 -17.53 -79.91 58.08
CA HIS L 778 -16.75 -80.58 59.12
C HIS L 778 -16.56 -79.69 60.34
N ASN L 779 -17.18 -78.51 60.36
CA ASN L 779 -17.19 -77.68 61.57
C ASN L 779 -17.91 -78.38 62.72
N HIS L 780 -18.83 -79.30 62.41
CA HIS L 780 -19.58 -79.99 63.46
C HIS L 780 -18.66 -80.86 64.31
N LEU L 781 -17.54 -81.32 63.74
CA LEU L 781 -16.59 -82.12 64.53
C LEU L 781 -16.00 -81.29 65.66
N ASP L 782 -15.65 -80.03 65.37
CA ASP L 782 -15.15 -79.14 66.42
C ASP L 782 -16.22 -78.85 67.45
N TYR L 783 -17.47 -78.71 67.01
CA TYR L 783 -18.57 -78.46 67.95
C TYR L 783 -18.79 -79.65 68.86
N LEU L 784 -18.74 -80.87 68.32
CA LEU L 784 -18.87 -82.06 69.15
C LEU L 784 -17.71 -82.17 70.14
N ALA L 785 -16.52 -81.70 69.74
CA ALA L 785 -15.36 -81.77 70.63
C ALA L 785 -15.46 -80.74 71.75
N LYS L 786 -15.85 -79.51 71.41
CA LYS L 786 -15.91 -78.45 72.41
C LYS L 786 -16.97 -78.73 73.47
N ASN L 787 -18.02 -79.47 73.11
CA ASN L 787 -19.11 -79.78 74.02
C ASN L 787 -19.03 -81.20 74.57
N GLY L 788 -17.84 -81.80 74.55
CA GLY L 788 -17.66 -83.12 75.11
C GLY L 788 -18.37 -84.25 74.40
N TYR L 789 -19.01 -84.00 73.26
CA TYR L 789 -19.70 -85.08 72.58
C TYR L 789 -18.70 -86.04 71.95
N GLU L 790 -19.22 -87.18 71.47
CA GLU L 790 -18.38 -88.21 70.88
C GLU L 790 -18.26 -88.00 69.37
N TYR L 791 -17.02 -87.94 68.89
CA TYR L 791 -16.74 -87.75 67.48
C TYR L 791 -15.61 -88.68 67.06
N GLU L 792 -15.59 -89.03 65.78
CA GLU L 792 -14.56 -89.90 65.23
C GLU L 792 -13.35 -89.06 64.80
N GLU L 793 -12.20 -89.34 65.41
CA GLU L 793 -10.97 -88.66 65.01
C GLU L 793 -10.57 -88.99 63.58
N SER L 794 -11.01 -90.14 63.07
CA SER L 794 -10.70 -90.49 61.69
C SER L 794 -11.42 -89.59 60.70
N THR L 795 -12.65 -89.17 61.02
CA THR L 795 -13.37 -88.25 60.16
C THR L 795 -12.65 -86.89 60.08
N LYS L 796 -12.09 -86.45 61.20
CA LYS L 796 -11.35 -85.19 61.22
C LYS L 796 -10.09 -85.29 60.37
N ASN L 797 -9.40 -86.44 60.40
CA ASN L 797 -8.18 -86.60 59.62
C ASN L 797 -8.48 -86.71 58.14
N GLN L 798 -9.56 -87.42 57.77
CA GLN L 798 -9.92 -87.52 56.37
C GLN L 798 -10.34 -86.16 55.80
N ALA L 799 -10.97 -85.32 56.62
CA ALA L 799 -11.35 -83.99 56.17
C ALA L 799 -10.13 -83.15 55.84
N THR L 800 -9.12 -83.18 56.72
CA THR L 800 -7.91 -82.40 56.46
C THR L 800 -7.17 -82.90 55.23
N LYS L 801 -7.05 -84.22 55.09
CA LYS L 801 -6.41 -84.78 53.90
C LYS L 801 -7.16 -84.40 52.63
N GLU L 802 -8.49 -84.43 52.68
CA GLU L 802 -9.29 -84.03 51.53
C GLU L 802 -9.07 -82.57 51.17
N GLN L 803 -8.92 -81.71 52.19
CA GLN L 803 -8.74 -80.29 51.94
C GLN L 803 -7.32 -79.97 51.50
N GLN L 804 -6.32 -80.63 52.08
CA GLN L 804 -4.94 -80.40 51.66
C GLN L 804 -4.69 -80.88 50.24
N GLU L 805 -5.43 -81.89 49.79
CA GLU L 805 -5.30 -82.35 48.41
C GLU L 805 -5.90 -81.33 47.45
N LEU L 806 -7.04 -80.74 47.80
CA LEU L 806 -7.65 -79.72 46.95
C LEU L 806 -6.80 -78.46 46.90
N LEU L 807 -6.22 -78.06 48.03
CA LEU L 807 -5.31 -76.92 48.03
C LEU L 807 -4.08 -77.20 47.17
N MET L 808 -3.57 -78.42 47.22
CA MET L 808 -2.39 -78.77 46.44
C MET L 808 -2.70 -78.78 44.95
N LYS L 809 -3.91 -79.22 44.56
CA LYS L 809 -4.29 -79.18 43.16
C LYS L 809 -4.58 -77.76 42.70
N MET L 810 -5.13 -76.92 43.59
CA MET L 810 -5.35 -75.53 43.22
C MET L 810 -4.04 -74.76 43.12
N LEU L 811 -3.05 -75.11 43.96
CA LEU L 811 -1.74 -74.48 43.86
C LEU L 811 -1.05 -74.87 42.56
N ALA L 812 -1.14 -76.14 42.18
CA ALA L 812 -0.55 -76.58 40.91
C ALA L 812 -1.23 -75.92 39.73
N LEU L 813 -2.53 -75.66 39.83
CA LEU L 813 -3.24 -74.98 38.75
C LEU L 813 -2.81 -73.52 38.65
N SER L 814 -2.71 -72.83 39.79
CA SER L 814 -2.24 -71.45 39.78
C SER L 814 -0.80 -71.36 39.30
N CYS L 815 0.01 -72.39 39.58
CA CYS L 815 1.39 -72.39 39.11
C CYS L 815 1.45 -72.53 37.59
N LYS L 816 0.57 -73.35 37.01
CA LYS L 816 0.52 -73.47 35.56
C LYS L 816 0.08 -72.18 34.90
N LEU L 817 -0.78 -71.41 35.56
CA LEU L 817 -1.26 -70.13 35.03
C LEU L 817 -0.31 -68.98 35.31
N GLU L 818 0.89 -69.27 35.79
CA GLU L 818 1.89 -68.25 36.14
C GLU L 818 1.34 -67.25 37.16
N ARG L 819 0.48 -67.71 38.06
CA ARG L 819 -0.04 -66.89 39.15
C ARG L 819 0.64 -67.36 40.44
N GLU L 820 1.87 -66.90 40.65
CA GLU L 820 2.66 -67.35 41.78
C GLU L 820 2.26 -66.69 43.09
N PHE L 821 1.75 -65.45 43.02
CA PHE L 821 1.22 -64.82 44.22
C PHE L 821 0.01 -65.59 44.75
N ARG L 822 -0.85 -66.05 43.83
CA ARG L 822 -2.01 -66.84 44.23
C ARG L 822 -1.58 -68.16 44.87
N CYS L 823 -0.45 -68.73 44.45
CA CYS L 823 0.03 -69.96 45.05
C CYS L 823 0.36 -69.76 46.53
N VAL L 824 0.98 -68.62 46.86
CA VAL L 824 1.32 -68.34 48.26
C VAL L 824 0.06 -68.15 49.09
N GLU L 825 -0.97 -67.53 48.50
CA GLU L 825 -2.23 -67.38 49.20
C GLU L 825 -2.86 -68.72 49.50
N LEU L 826 -2.80 -69.65 48.54
CA LEU L 826 -3.32 -71.00 48.78
C LEU L 826 -2.48 -71.74 49.82
N ALA L 827 -1.17 -71.50 49.83
CA ALA L 827 -0.31 -72.16 50.81
C ALA L 827 -0.55 -71.66 52.22
N ASP L 828 -1.13 -70.47 52.38
CA ASP L 828 -1.47 -69.99 53.72
C ASP L 828 -2.52 -70.87 54.38
N LEU L 829 -3.39 -71.49 53.58
CA LEU L 829 -4.40 -72.40 54.09
C LEU L 829 -3.87 -73.81 54.31
N MET L 830 -2.62 -74.08 53.96
CA MET L 830 -2.07 -75.42 54.03
C MET L 830 -1.47 -75.70 55.40
N THR L 831 -1.30 -76.98 55.70
CA THR L 831 -0.55 -77.39 56.88
C THR L 831 0.94 -77.17 56.64
N GLN L 832 1.71 -77.28 57.73
CA GLN L 832 3.16 -77.09 57.63
C GLN L 832 3.80 -78.13 56.73
N ASN L 833 3.27 -79.37 56.77
CA ASN L 833 3.80 -80.42 55.89
C ASN L 833 3.47 -80.12 54.43
N ALA L 834 2.27 -79.62 54.16
CA ALA L 834 1.88 -79.33 52.79
C ALA L 834 2.66 -78.14 52.23
N VAL L 835 2.96 -77.16 53.08
CA VAL L 835 3.77 -76.02 52.63
C VAL L 835 5.18 -76.47 52.30
N ASN L 836 5.78 -77.31 53.15
CA ASN L 836 7.10 -77.84 52.86
C ASN L 836 7.12 -78.61 51.56
N LEU L 837 6.04 -79.34 51.25
CA LEU L 837 5.96 -80.06 49.99
C LEU L 837 5.83 -79.09 48.83
N ALA L 838 5.09 -78.00 49.02
CA ALA L 838 4.93 -77.01 47.96
C ALA L 838 6.24 -76.28 47.66
N ILE L 839 7.13 -76.19 48.64
CA ILE L 839 8.43 -75.56 48.41
C ILE L 839 9.26 -76.40 47.46
N LYS L 840 9.29 -77.72 47.66
CA LYS L 840 10.04 -78.59 46.76
C LYS L 840 9.40 -78.66 45.39
N TYR L 841 8.07 -78.55 45.31
CA TYR L 841 7.42 -78.46 44.00
C TYR L 841 7.73 -77.14 43.32
N ALA L 842 7.99 -76.08 44.10
CA ALA L 842 8.37 -74.79 43.52
C ALA L 842 9.84 -74.76 43.11
N SER L 843 10.71 -75.45 43.84
CA SER L 843 12.08 -75.63 43.39
C SER L 843 12.12 -76.38 42.07
N ARG L 844 11.34 -77.45 41.96
CA ARG L 844 11.05 -78.05 40.68
C ARG L 844 10.33 -77.05 39.79
N SER L 845 10.49 -77.20 38.48
CA SER L 845 9.90 -76.32 37.46
C SER L 845 10.45 -74.90 37.51
N ARG L 846 11.55 -74.68 38.26
CA ARG L 846 12.33 -73.45 38.20
C ARG L 846 11.53 -72.21 38.61
N LYS L 847 10.67 -72.38 39.62
CA LYS L 847 9.96 -71.24 40.20
C LYS L 847 10.71 -70.78 41.46
N LEU L 848 11.83 -70.10 41.22
CA LEU L 848 12.77 -69.81 42.29
C LEU L 848 12.22 -68.79 43.28
N ILE L 849 11.60 -67.72 42.79
CA ILE L 849 11.08 -66.70 43.68
C ILE L 849 9.89 -67.23 44.47
N LEU L 850 9.02 -68.00 43.80
CA LEU L 850 7.90 -68.61 44.50
C LEU L 850 8.38 -69.52 45.62
N ALA L 851 9.44 -70.29 45.37
CA ALA L 851 9.99 -71.16 46.41
C ALA L 851 10.49 -70.35 47.59
N GLN L 852 11.04 -69.16 47.35
N GLN L 852 11.03 -69.16 47.34
CA GLN L 852 11.51 -68.32 48.45
CA GLN L 852 11.51 -68.31 48.43
C GLN L 852 10.34 -67.76 49.24
C GLN L 852 10.35 -67.74 49.24
N LYS L 853 9.27 -67.34 48.55
CA LYS L 853 8.10 -66.82 49.26
C LYS L 853 7.43 -67.90 50.10
N LEU L 854 7.37 -69.13 49.57
CA LEU L 854 6.80 -70.23 50.33
C LEU L 854 7.67 -70.58 51.54
N SER L 855 8.99 -70.49 51.38
CA SER L 855 9.89 -70.77 52.50
C SER L 855 9.70 -69.74 53.61
N GLU L 856 9.57 -68.46 53.24
CA GLU L 856 9.32 -67.43 54.25
C GLU L 856 7.96 -67.62 54.91
N LEU L 857 6.99 -68.15 54.16
CA LEU L 857 5.70 -68.47 54.78
C LEU L 857 5.83 -69.64 55.73
N ALA L 858 6.65 -70.63 55.39
CA ALA L 858 6.86 -71.77 56.29
C ALA L 858 7.55 -71.33 57.57
N VAL L 859 8.46 -70.35 57.48
CA VAL L 859 9.10 -69.81 58.68
C VAL L 859 8.07 -69.10 59.56
N GLU L 860 7.17 -68.34 58.93
CA GLU L 860 6.16 -67.63 59.70
C GLU L 860 5.18 -68.59 60.37
N LYS L 861 4.85 -69.69 59.71
CA LYS L 861 3.95 -70.67 60.30
C LYS L 861 4.59 -71.34 61.52
N ALA L 862 5.88 -71.65 61.44
CA ALA L 862 6.57 -72.24 62.58
C ALA L 862 6.69 -71.27 63.74
N ALA L 863 6.72 -69.97 63.46
CA ALA L 863 6.81 -68.97 64.51
C ALA L 863 5.48 -68.75 65.22
N GLU L 864 4.37 -69.13 64.60
CA GLU L 864 3.05 -68.97 65.23
C GLU L 864 2.78 -69.99 66.32
N LEU L 865 3.61 -71.02 66.43
CA LEU L 865 3.42 -72.06 67.45
C LEU L 865 3.92 -71.58 68.81
N TYR M 463 -54.76 -43.32 54.79
CA TYR M 463 -54.68 -42.73 56.12
C TYR M 463 -53.70 -41.56 56.15
N ASP M 464 -53.70 -40.83 57.25
CA ASP M 464 -52.82 -39.67 57.45
C ASP M 464 -52.00 -39.91 58.71
N GLY M 465 -50.95 -40.72 58.57
CA GLY M 465 -50.07 -41.01 59.68
C GLY M 465 -48.64 -41.18 59.23
N PRO M 466 -47.91 -42.10 59.87
CA PRO M 466 -46.52 -42.34 59.46
C PRO M 466 -46.45 -43.04 58.11
N MET M 467 -45.50 -42.61 57.29
CA MET M 467 -45.28 -43.16 55.96
C MET M 467 -43.96 -43.91 55.89
N PRO M 468 -43.93 -45.06 55.22
CA PRO M 468 -42.67 -45.81 55.11
C PRO M 468 -41.62 -45.03 54.34
N THR M 469 -40.41 -44.97 54.91
CA THR M 469 -39.32 -44.25 54.27
C THR M 469 -38.68 -45.12 53.19
N PRO M 470 -38.50 -44.60 51.98
CA PRO M 470 -37.83 -45.40 50.94
C PRO M 470 -36.40 -45.72 51.32
N ARG M 471 -36.03 -46.99 51.18
CA ARG M 471 -34.69 -47.44 51.54
C ARG M 471 -33.65 -46.81 50.61
N GLN M 472 -32.62 -46.22 51.19
CA GLN M 472 -31.57 -45.61 50.39
C GLN M 472 -30.77 -46.68 49.64
N LYS M 473 -30.26 -46.29 48.48
CA LYS M 473 -29.58 -47.24 47.60
C LYS M 473 -28.13 -47.42 48.02
N PRO M 474 -27.52 -48.56 47.66
CA PRO M 474 -26.11 -48.78 48.01
C PRO M 474 -25.21 -47.75 47.34
N PHE M 475 -24.05 -47.51 47.96
CA PHE M 475 -23.10 -46.54 47.46
C PHE M 475 -21.71 -46.90 47.93
N GLN M 476 -20.72 -46.41 47.19
CA GLN M 476 -19.31 -46.50 47.59
C GLN M 476 -18.93 -45.19 48.26
N SER M 477 -18.42 -45.29 49.49
CA SER M 477 -18.03 -44.10 50.23
C SER M 477 -16.89 -43.38 49.52
N GLY M 478 -17.02 -42.05 49.40
CA GLY M 478 -16.03 -41.28 48.68
C GLY M 478 -16.28 -41.19 47.20
N SER M 479 -17.51 -41.39 46.74
CA SER M 479 -17.85 -41.32 45.33
C SER M 479 -18.90 -40.24 45.09
N THR M 480 -18.93 -39.73 43.87
CA THR M 480 -19.92 -38.78 43.41
C THR M 480 -20.92 -39.46 42.48
N PRO M 481 -22.13 -38.93 42.33
CA PRO M 481 -23.19 -39.66 41.63
C PRO M 481 -22.81 -40.12 40.23
N LEU M 482 -23.53 -41.16 39.78
CA LEU M 482 -23.21 -41.79 38.50
C LEU M 482 -23.59 -40.94 37.31
N HIS M 483 -24.62 -40.10 37.44
CA HIS M 483 -25.11 -39.32 36.31
C HIS M 483 -24.11 -38.26 35.85
N LEU M 484 -23.08 -37.99 36.63
CA LEU M 484 -22.08 -36.99 36.24
C LEU M 484 -21.23 -37.52 35.09
N THR M 485 -20.90 -36.63 34.15
CA THR M 485 -20.02 -37.00 33.05
C THR M 485 -18.62 -37.34 33.55
N HIS M 486 -18.10 -36.54 34.48
CA HIS M 486 -16.80 -36.75 35.11
C HIS M 486 -17.01 -36.84 36.61
N ARG M 487 -16.94 -38.04 37.16
CA ARG M 487 -17.28 -38.28 38.56
C ARG M 487 -16.11 -38.93 39.28
N PHE M 488 -16.17 -38.87 40.61
CA PHE M 488 -15.24 -39.60 41.47
C PHE M 488 -15.80 -40.99 41.74
N MET M 489 -15.03 -42.02 41.42
CA MET M 489 -15.43 -43.38 41.80
C MET M 489 -15.07 -43.67 43.25
N VAL M 490 -13.93 -43.15 43.71
CA VAL M 490 -13.54 -43.27 45.11
C VAL M 490 -12.43 -42.25 45.37
N TRP M 491 -12.50 -41.61 46.53
CA TRP M 491 -11.47 -40.69 47.01
C TRP M 491 -11.23 -41.01 48.48
N ASN M 492 -10.09 -41.61 48.78
CA ASN M 492 -9.76 -42.02 50.13
C ASN M 492 -8.34 -41.54 50.48
N SER M 493 -7.76 -42.13 51.51
CA SER M 493 -6.42 -41.76 51.95
C SER M 493 -5.33 -42.36 51.08
N ILE M 494 -5.67 -43.25 50.14
CA ILE M 494 -4.68 -43.84 49.26
C ILE M 494 -4.56 -43.06 47.96
N GLY M 495 -5.68 -42.65 47.38
CA GLY M 495 -5.63 -41.91 46.14
C GLY M 495 -7.02 -41.60 45.63
N ILE M 496 -7.09 -41.24 44.36
CA ILE M 496 -8.34 -40.83 43.71
C ILE M 496 -8.54 -41.68 42.46
N ILE M 497 -9.79 -42.07 42.21
CA ILE M 497 -10.17 -42.78 40.99
C ILE M 497 -11.32 -42.00 40.35
N ARG M 498 -11.08 -41.53 39.14
CA ARG M 498 -12.08 -40.75 38.40
C ARG M 498 -12.56 -41.54 37.19
N CYS M 499 -13.81 -41.30 36.81
CA CYS M 499 -14.40 -41.93 35.64
C CYS M 499 -15.02 -40.86 34.76
N TYR M 500 -14.49 -40.70 33.54
CA TYR M 500 -15.06 -39.81 32.55
C TYR M 500 -15.83 -40.64 31.54
N ASN M 501 -17.15 -40.43 31.48
CA ASN M 501 -18.02 -41.25 30.65
C ASN M 501 -19.03 -40.36 29.94
N ASP M 502 -18.90 -40.26 28.62
CA ASP M 502 -19.95 -39.67 27.80
C ASP M 502 -20.47 -40.71 26.81
N GLU M 503 -20.76 -40.28 25.58
CA GLU M 503 -21.23 -41.20 24.55
C GLU M 503 -20.14 -41.68 23.62
N GLN M 504 -18.99 -41.01 23.58
CA GLN M 504 -17.92 -41.35 22.65
C GLN M 504 -16.96 -42.37 23.24
N ASP M 505 -16.49 -42.13 24.47
CA ASP M 505 -15.54 -43.03 25.11
C ASP M 505 -15.80 -43.06 26.61
N ASN M 506 -15.23 -44.07 27.26
CA ASN M 506 -15.34 -44.24 28.71
C ASN M 506 -13.96 -44.58 29.24
N ALA M 507 -13.46 -43.74 30.15
CA ALA M 507 -12.10 -43.88 30.68
C ALA M 507 -12.12 -43.84 32.20
N ILE M 508 -11.19 -44.56 32.81
CA ILE M 508 -10.98 -44.58 34.25
C ILE M 508 -9.54 -44.20 34.53
N ASP M 509 -9.35 -43.20 35.40
CA ASP M 509 -8.03 -42.71 35.75
CA ASP M 509 -8.03 -42.72 35.75
C ASP M 509 -7.79 -42.93 37.24
N VAL M 510 -6.62 -43.46 37.57
CA VAL M 510 -6.24 -43.73 38.95
C VAL M 510 -5.06 -42.84 39.32
N GLU M 511 -5.15 -42.18 40.46
CA GLU M 511 -4.09 -41.32 40.96
C GLU M 511 -3.78 -41.69 42.40
N PHE M 512 -2.50 -41.64 42.76
CA PHE M 512 -2.04 -41.92 44.11
C PHE M 512 -1.49 -40.64 44.74
N HIS M 513 -1.90 -40.38 45.99
CA HIS M 513 -1.38 -39.21 46.68
C HIS M 513 0.14 -39.28 46.84
N ASP M 514 0.66 -40.46 47.09
CA ASP M 514 2.10 -40.71 47.13
C ASP M 514 2.52 -41.31 45.79
N THR M 515 3.28 -40.54 45.00
CA THR M 515 3.72 -41.01 43.70
C THR M 515 4.63 -42.22 43.81
N SER M 516 5.29 -42.41 44.95
CA SER M 516 6.20 -43.55 45.13
C SER M 516 5.45 -44.87 45.21
N ILE M 517 4.16 -44.86 45.53
CA ILE M 517 3.41 -46.10 45.67
C ILE M 517 3.25 -46.79 44.31
N HIS M 518 2.74 -46.05 43.33
CA HIS M 518 2.53 -46.61 41.99
C HIS M 518 2.33 -45.45 41.02
N HIS M 519 2.64 -45.72 39.75
CA HIS M 519 2.45 -44.71 38.73
C HIS M 519 0.96 -44.55 38.40
N ALA M 520 0.64 -43.40 37.80
CA ALA M 520 -0.75 -43.13 37.42
C ALA M 520 -1.21 -44.15 36.39
N THR M 521 -2.40 -44.70 36.61
CA THR M 521 -2.95 -45.76 35.78
C THR M 521 -4.18 -45.24 35.04
N HIS M 522 -4.22 -45.48 33.73
CA HIS M 522 -5.33 -45.10 32.88
C HIS M 522 -5.92 -46.34 32.23
N LEU M 523 -7.22 -46.54 32.38
CA LEU M 523 -7.91 -47.71 31.86
C LEU M 523 -9.01 -47.29 30.90
N SER M 524 -9.24 -48.12 29.89
CA SER M 524 -10.34 -47.92 28.94
C SER M 524 -11.54 -48.72 29.45
N ASN M 525 -12.48 -48.03 30.07
CA ASN M 525 -13.62 -48.68 30.71
C ASN M 525 -14.55 -49.30 29.68
N THR M 526 -14.13 -50.41 29.07
CA THR M 526 -14.94 -51.06 28.05
C THR M 526 -16.17 -51.73 28.66
N LEU M 527 -16.01 -52.36 29.83
CA LEU M 527 -17.10 -53.07 30.48
C LEU M 527 -18.00 -52.16 31.30
N ASN M 528 -17.74 -50.85 31.31
CA ASN M 528 -18.54 -49.88 32.05
C ASN M 528 -18.59 -50.21 33.54
N TYR M 529 -17.42 -50.13 34.17
CA TYR M 529 -17.35 -50.29 35.61
C TYR M 529 -17.95 -49.08 36.30
N THR M 530 -18.83 -49.32 37.27
CA THR M 530 -19.49 -48.26 38.00
C THR M 530 -19.14 -48.20 39.48
N ILE M 531 -18.43 -49.20 39.99
CA ILE M 531 -18.03 -49.24 41.39
C ILE M 531 -16.51 -49.44 41.44
N ALA M 532 -15.86 -48.75 42.37
CA ALA M 532 -14.41 -48.82 42.46
C ALA M 532 -13.96 -48.64 43.90
N ASP M 533 -12.83 -49.26 44.23
CA ASP M 533 -12.18 -49.04 45.51
C ASP M 533 -10.68 -49.13 45.29
N LEU M 534 -9.92 -48.47 46.16
CA LEU M 534 -8.48 -48.34 46.01
C LEU M 534 -7.79 -48.56 47.35
N SER M 535 -6.64 -49.25 47.30
CA SER M 535 -5.83 -49.51 48.48
C SER M 535 -4.35 -49.50 48.05
N HIS M 536 -3.47 -49.69 49.03
N HIS M 536 -3.47 -49.68 49.03
CA HIS M 536 -2.04 -49.76 48.74
CA HIS M 536 -2.04 -49.76 48.72
C HIS M 536 -1.66 -51.04 48.02
C HIS M 536 -1.69 -51.00 47.91
N GLU M 537 -2.58 -51.99 47.88
CA GLU M 537 -2.31 -53.28 47.25
C GLU M 537 -2.84 -53.37 45.83
N ALA M 538 -4.09 -53.00 45.59
CA ALA M 538 -4.71 -53.25 44.30
C ALA M 538 -5.79 -52.21 44.01
N ILE M 539 -6.32 -52.29 42.80
CA ILE M 539 -7.47 -51.50 42.36
C ILE M 539 -8.62 -52.47 42.12
N LEU M 540 -9.77 -52.21 42.73
CA LEU M 540 -10.93 -53.07 42.63
C LEU M 540 -12.02 -52.37 41.82
N LEU M 541 -12.54 -53.05 40.81
CA LEU M 541 -13.57 -52.51 39.92
C LEU M 541 -14.68 -53.54 39.76
N ALA M 542 -15.90 -53.03 39.59
CA ALA M 542 -17.06 -53.90 39.45
C ALA M 542 -18.08 -53.27 38.51
N CYS M 543 -18.82 -54.11 37.81
CA CYS M 543 -19.86 -53.66 36.90
C CYS M 543 -21.06 -54.60 37.02
N GLU M 544 -22.25 -54.06 36.78
CA GLU M 544 -23.46 -54.87 36.80
C GLU M 544 -23.54 -55.73 35.54
N SER M 545 -24.52 -56.62 35.52
CA SER M 545 -24.72 -57.49 34.37
C SER M 545 -25.55 -56.78 33.31
N THR M 546 -25.40 -57.24 32.07
CA THR M 546 -26.21 -56.79 30.96
C THR M 546 -27.01 -57.97 30.44
N ASP M 547 -27.70 -57.78 29.31
CA ASP M 547 -28.40 -58.88 28.66
C ASP M 547 -27.45 -59.85 27.99
N GLU M 548 -26.17 -59.52 27.88
CA GLU M 548 -25.17 -60.37 27.25
C GLU M 548 -24.02 -60.74 28.17
N LEU M 549 -23.66 -59.89 29.12
CA LEU M 549 -22.54 -60.12 30.01
C LEU M 549 -23.02 -60.24 31.45
N ALA M 550 -22.24 -60.94 32.26
CA ALA M 550 -22.53 -61.10 33.67
C ALA M 550 -21.89 -59.98 34.48
N SER M 551 -22.35 -59.85 35.73
CA SER M 551 -21.70 -58.91 36.64
C SER M 551 -20.29 -59.40 36.94
N LYS M 552 -19.33 -58.49 36.87
CA LYS M 552 -17.91 -58.84 36.93
C LYS M 552 -17.22 -58.08 38.05
N LEU M 553 -16.27 -58.76 38.70
CA LEU M 553 -15.39 -58.15 39.68
C LEU M 553 -13.97 -58.17 39.13
N HIS M 554 -13.39 -56.99 38.96
CA HIS M 554 -12.09 -56.84 38.33
C HIS M 554 -11.10 -56.26 39.33
N CYS M 555 -9.94 -56.91 39.46
CA CYS M 555 -8.91 -56.49 40.39
C CYS M 555 -7.60 -56.27 39.65
N LEU M 556 -7.02 -55.08 39.80
CA LEU M 556 -5.72 -54.75 39.23
C LEU M 556 -4.70 -54.82 40.37
N HIS M 557 -4.11 -56.00 40.53
CA HIS M 557 -3.17 -56.27 41.62
C HIS M 557 -1.79 -55.73 41.24
N PHE M 558 -1.67 -54.40 41.32
CA PHE M 558 -0.44 -53.75 40.85
C PHE M 558 0.73 -54.01 41.79
N SER M 559 0.48 -54.25 43.06
CA SER M 559 1.55 -54.47 44.02
C SER M 559 2.08 -55.91 44.01
N SER M 560 1.55 -56.77 43.14
CA SER M 560 1.97 -58.16 43.09
C SER M 560 3.43 -58.27 42.66
N TRP M 561 4.14 -59.21 43.25
CA TRP M 561 5.55 -59.45 42.92
C TRP M 561 5.73 -60.43 41.76
N ASP M 562 4.64 -60.91 41.15
CA ASP M 562 4.72 -61.82 40.02
C ASP M 562 4.28 -61.09 38.75
N SER M 563 4.27 -61.83 37.64
CA SER M 563 3.97 -61.27 36.33
C SER M 563 2.49 -61.25 36.00
N SER M 564 1.63 -61.67 36.92
CA SER M 564 0.18 -61.68 36.72
C SER M 564 -0.43 -60.66 37.68
N LYS M 565 -0.71 -59.46 37.17
CA LYS M 565 -1.24 -58.36 37.96
C LYS M 565 -2.67 -58.02 37.58
N GLU M 566 -3.49 -59.04 37.33
CA GLU M 566 -4.87 -58.80 36.91
C GLU M 566 -5.65 -60.10 37.03
N TRP M 567 -6.90 -59.98 37.48
CA TRP M 567 -7.83 -61.10 37.43
C TRP M 567 -9.25 -60.56 37.45
N ILE M 568 -10.17 -61.33 36.87
CA ILE M 568 -11.57 -60.96 36.79
C ILE M 568 -12.41 -62.24 36.95
N ILE M 569 -13.58 -62.09 37.56
CA ILE M 569 -14.47 -63.22 37.80
C ILE M 569 -15.89 -62.81 37.50
N ASP M 570 -16.68 -63.76 36.99
CA ASP M 570 -18.07 -63.54 36.64
C ASP M 570 -18.98 -64.09 37.74
N LEU M 571 -19.93 -63.29 38.18
CA LEU M 571 -20.94 -63.76 39.11
C LEU M 571 -21.95 -64.64 38.38
N PRO M 572 -22.66 -65.50 39.12
CA PRO M 572 -23.67 -66.35 38.48
C PRO M 572 -24.77 -65.54 37.80
N GLN M 573 -25.62 -66.26 37.07
CA GLN M 573 -26.68 -65.62 36.30
C GLN M 573 -27.62 -64.85 37.21
N ASN M 574 -27.97 -63.63 36.80
CA ASN M 574 -28.93 -62.76 37.47
C ASN M 574 -28.45 -62.29 38.85
N GLU M 575 -27.14 -62.33 39.10
CA GLU M 575 -26.56 -61.81 40.33
C GLU M 575 -25.70 -60.60 40.00
N ASP M 576 -26.00 -59.48 40.65
CA ASP M 576 -25.35 -58.20 40.37
C ASP M 576 -24.60 -57.71 41.59
N ILE M 577 -23.39 -57.21 41.38
CA ILE M 577 -22.60 -56.62 42.46
C ILE M 577 -23.20 -55.28 42.84
N GLU M 578 -23.46 -55.09 44.13
CA GLU M 578 -24.03 -53.85 44.63
C GLU M 578 -23.07 -53.01 45.45
N ALA M 579 -22.03 -53.61 46.03
CA ALA M 579 -21.04 -52.88 46.80
C ALA M 579 -19.78 -53.72 46.92
N ILE M 580 -18.63 -53.04 47.00
CA ILE M 580 -17.33 -53.69 47.15
C ILE M 580 -16.54 -52.95 48.22
N CYS M 581 -15.46 -53.57 48.67
CA CYS M 581 -14.53 -52.95 49.59
C CYS M 581 -13.23 -53.76 49.59
N LEU M 582 -12.14 -53.08 49.92
CA LEU M 582 -10.82 -53.69 49.95
C LEU M 582 -10.30 -53.76 51.38
N GLY M 583 -9.81 -54.94 51.78
CA GLY M 583 -9.11 -55.10 53.02
C GLY M 583 -7.64 -55.40 52.81
N GLN M 584 -6.98 -55.81 53.89
CA GLN M 584 -5.56 -56.19 53.81
C GLN M 584 -5.47 -57.59 53.24
N GLY M 585 -5.13 -57.67 51.95
CA GLY M 585 -4.97 -58.96 51.30
C GLY M 585 -6.26 -59.64 50.89
N TRP M 586 -7.40 -58.98 50.98
CA TRP M 586 -8.66 -59.60 50.61
C TRP M 586 -9.60 -58.53 50.05
N ALA M 587 -10.66 -59.01 49.40
CA ALA M 587 -11.70 -58.16 48.85
C ALA M 587 -13.05 -58.80 49.08
N ALA M 588 -14.07 -57.96 49.22
CA ALA M 588 -15.43 -58.42 49.48
C ALA M 588 -16.40 -57.75 48.51
N ALA M 589 -17.46 -58.47 48.19
CA ALA M 589 -18.48 -57.97 47.27
C ALA M 589 -19.85 -58.40 47.77
N ALA M 590 -20.74 -57.43 47.98
CA ALA M 590 -22.13 -57.69 48.34
C ALA M 590 -22.96 -57.65 47.06
N THR M 591 -23.78 -58.68 46.87
CA THR M 591 -24.46 -58.90 45.61
C THR M 591 -25.97 -58.78 45.78
N SER M 592 -26.67 -58.72 44.64
CA SER M 592 -28.13 -58.62 44.63
C SER M 592 -28.83 -59.87 45.13
N ALA M 593 -28.10 -60.99 45.26
CA ALA M 593 -28.65 -62.21 45.83
C ALA M 593 -28.56 -62.24 47.35
N LEU M 594 -28.31 -61.09 47.98
CA LEU M 594 -28.10 -60.99 49.43
C LEU M 594 -26.98 -61.91 49.88
N LEU M 595 -25.90 -61.94 49.10
CA LEU M 595 -24.71 -62.72 49.40
C LEU M 595 -23.51 -61.80 49.57
N LEU M 596 -22.61 -62.19 50.47
CA LEU M 596 -21.31 -61.55 50.61
C LEU M 596 -20.25 -62.56 50.20
N ARG M 597 -19.48 -62.21 49.18
CA ARG M 597 -18.45 -63.08 48.63
C ARG M 597 -17.09 -62.53 49.00
N LEU M 598 -16.25 -63.37 49.58
CA LEU M 598 -14.89 -63.00 49.97
C LEU M 598 -13.90 -63.52 48.95
N PHE M 599 -12.91 -62.70 48.62
CA PHE M 599 -11.86 -63.05 47.69
C PHE M 599 -10.51 -62.64 48.27
N THR M 600 -9.50 -63.47 48.03
CA THR M 600 -8.14 -63.01 48.29
C THR M 600 -7.74 -61.98 47.24
N ILE M 601 -6.74 -61.16 47.58
CA ILE M 601 -6.31 -60.12 46.67
C ILE M 601 -5.73 -60.71 45.39
N GLY M 602 -5.36 -62.01 45.41
CA GLY M 602 -4.86 -62.71 44.25
C GLY M 602 -5.88 -63.44 43.43
N GLY M 603 -7.13 -63.51 43.89
CA GLY M 603 -8.22 -64.07 43.10
C GLY M 603 -8.84 -65.34 43.63
N VAL M 604 -8.42 -65.84 44.79
CA VAL M 604 -9.00 -67.06 45.35
C VAL M 604 -10.34 -66.71 45.99
N GLN M 605 -11.36 -67.52 45.68
CA GLN M 605 -12.67 -67.36 46.31
C GLN M 605 -12.63 -67.91 47.72
N LYS M 606 -12.95 -67.06 48.70
CA LYS M 606 -12.96 -67.49 50.09
C LYS M 606 -14.37 -67.86 50.52
N GLU M 607 -14.73 -67.56 51.76
CA GLU M 607 -16.03 -67.94 52.29
C GLU M 607 -17.14 -67.08 51.71
N VAL M 608 -18.37 -67.60 51.80
CA VAL M 608 -19.57 -66.91 51.36
C VAL M 608 -20.64 -67.07 52.45
N PHE M 609 -21.34 -65.98 52.76
CA PHE M 609 -22.47 -66.04 53.68
C PHE M 609 -23.54 -65.07 53.24
N SER M 610 -24.75 -65.27 53.77
CA SER M 610 -25.91 -64.49 53.38
C SER M 610 -26.03 -63.23 54.23
N LEU M 611 -26.55 -62.17 53.60
CA LEU M 611 -26.78 -60.90 54.29
C LEU M 611 -28.22 -60.84 54.80
N ALA M 612 -28.39 -60.22 55.97
CA ALA M 612 -29.73 -60.12 56.55
C ALA M 612 -30.61 -59.12 55.82
N GLY M 613 -30.04 -58.28 54.96
CA GLY M 613 -30.81 -57.31 54.22
C GLY M 613 -29.99 -56.70 53.09
N PRO M 614 -30.63 -55.88 52.26
CA PRO M 614 -29.91 -55.22 51.17
C PRO M 614 -28.80 -54.33 51.70
N VAL M 615 -27.62 -54.45 51.07
CA VAL M 615 -26.46 -53.71 51.53
C VAL M 615 -26.62 -52.21 51.22
N VAL M 616 -26.06 -51.38 52.09
CA VAL M 616 -26.02 -49.94 51.89
C VAL M 616 -24.61 -49.46 51.55
N SER M 617 -23.62 -49.88 52.32
CA SER M 617 -22.24 -49.56 52.03
C SER M 617 -21.34 -50.56 52.73
N MET M 618 -20.09 -50.63 52.28
CA MET M 618 -19.16 -51.64 52.75
C MET M 618 -17.76 -51.06 52.80
N ALA M 619 -17.03 -51.37 53.88
CA ALA M 619 -15.68 -50.87 54.07
C ALA M 619 -14.83 -51.97 54.70
N GLY M 620 -13.52 -51.87 54.47
CA GLY M 620 -12.60 -52.85 55.00
C GLY M 620 -11.32 -52.19 55.48
N HIS M 621 -10.67 -52.83 56.44
CA HIS M 621 -9.40 -52.36 56.98
C HIS M 621 -8.74 -53.51 57.72
N GLY M 622 -7.53 -53.86 57.30
CA GLY M 622 -6.85 -54.98 57.93
C GLY M 622 -7.64 -56.26 57.76
N GLU M 623 -8.06 -56.84 58.87
CA GLU M 623 -8.92 -58.02 58.87
C GLU M 623 -10.37 -57.70 59.18
N GLN M 624 -10.72 -56.42 59.31
CA GLN M 624 -12.06 -56.03 59.70
C GLN M 624 -12.94 -55.79 58.48
N LEU M 625 -14.18 -56.26 58.55
CA LEU M 625 -15.19 -56.03 57.52
C LEU M 625 -16.35 -55.26 58.13
N PHE M 626 -16.67 -54.12 57.52
CA PHE M 626 -17.67 -53.18 58.03
C PHE M 626 -18.82 -53.13 57.04
N ILE M 627 -19.96 -53.73 57.41
CA ILE M 627 -21.13 -53.82 56.53
C ILE M 627 -22.28 -53.07 57.18
N VAL M 628 -22.91 -52.18 56.40
CA VAL M 628 -24.14 -51.51 56.81
C VAL M 628 -25.23 -51.90 55.82
N TYR M 629 -26.37 -52.34 56.34
CA TYR M 629 -27.45 -52.84 55.52
C TYR M 629 -28.78 -52.40 56.11
N HIS M 630 -29.85 -52.66 55.35
CA HIS M 630 -31.20 -52.38 55.81
C HIS M 630 -31.69 -53.54 56.67
N ARG M 631 -31.86 -53.28 57.97
CA ARG M 631 -32.42 -54.27 58.88
C ARG M 631 -33.93 -54.18 58.99
N GLY M 632 -34.54 -53.16 58.41
CA GLY M 632 -35.98 -53.01 58.46
C GLY M 632 -36.43 -51.86 57.59
N THR M 633 -37.62 -51.35 57.89
CA THR M 633 -38.21 -50.24 57.16
C THR M 633 -38.51 -49.11 58.14
N GLY M 634 -37.88 -47.96 57.93
CA GLY M 634 -38.13 -46.82 58.78
C GLY M 634 -39.35 -46.04 58.36
N PHE M 635 -39.72 -45.07 59.18
CA PHE M 635 -40.90 -44.24 58.95
C PHE M 635 -40.57 -42.78 59.18
N ASP M 636 -41.27 -41.91 58.46
CA ASP M 636 -41.15 -40.46 58.59
C ASP M 636 -39.72 -39.99 58.33
N GLY M 637 -39.15 -40.45 57.22
CA GLY M 637 -37.83 -40.04 56.80
C GLY M 637 -36.68 -40.76 57.46
N ASP M 638 -36.93 -41.61 58.45
CA ASP M 638 -35.86 -42.32 59.12
C ASP M 638 -35.51 -43.60 58.37
N GLN M 639 -34.21 -43.90 58.33
CA GLN M 639 -33.76 -45.19 57.84
C GLN M 639 -33.73 -46.20 58.98
N CYS M 640 -33.71 -47.48 58.61
CA CYS M 640 -33.64 -48.58 59.58
C CYS M 640 -32.43 -49.42 59.19
N LEU M 641 -31.26 -49.04 59.70
CA LEU M 641 -29.98 -49.61 59.27
C LEU M 641 -29.38 -50.47 60.37
N GLY M 642 -28.71 -51.54 59.96
CA GLY M 642 -27.98 -52.38 60.88
C GLY M 642 -26.54 -52.56 60.42
N VAL M 643 -25.67 -52.82 61.39
CA VAL M 643 -24.23 -52.95 61.14
C VAL M 643 -23.79 -54.36 61.49
N GLN M 644 -23.07 -54.99 60.56
CA GLN M 644 -22.43 -56.28 60.79
C GLN M 644 -20.92 -56.07 60.68
N LEU M 645 -20.22 -56.23 61.80
CA LEU M 645 -18.78 -56.01 61.87
C LEU M 645 -18.08 -57.33 62.13
N LEU M 646 -17.25 -57.76 61.17
CA LEU M 646 -16.56 -59.04 61.25
C LEU M 646 -15.06 -58.84 61.25
N GLU M 647 -14.35 -59.76 61.90
CA GLU M 647 -12.91 -59.85 61.86
C GLU M 647 -12.54 -61.16 61.18
N LEU M 648 -11.87 -61.06 60.02
CA LEU M 648 -11.65 -62.21 59.15
C LEU M 648 -10.24 -62.79 59.26
N GLY M 649 -9.65 -62.73 60.44
CA GLY M 649 -8.36 -63.35 60.65
C GLY M 649 -8.45 -64.87 60.73
N LYS M 650 -7.44 -65.51 61.30
CA LYS M 650 -7.48 -66.97 61.40
C LYS M 650 -8.55 -67.44 62.37
N LYS M 651 -8.96 -66.60 63.31
CA LYS M 651 -10.09 -66.89 64.21
C LYS M 651 -11.21 -65.93 63.83
N LYS M 652 -12.19 -66.43 63.08
CA LYS M 652 -13.29 -65.59 62.61
C LYS M 652 -14.17 -65.16 63.76
N LYS M 653 -14.49 -63.87 63.82
CA LYS M 653 -15.32 -63.29 64.86
C LYS M 653 -16.34 -62.35 64.23
N GLN M 654 -17.59 -62.44 64.69
CA GLN M 654 -18.62 -61.48 64.35
C GLN M 654 -18.77 -60.54 65.54
N ILE M 655 -18.15 -59.37 65.44
CA ILE M 655 -18.13 -58.44 66.57
C ILE M 655 -19.52 -57.86 66.81
N LEU M 656 -20.24 -57.52 65.75
CA LEU M 656 -21.58 -56.96 65.85
C LEU M 656 -22.53 -57.82 65.04
N HIS M 657 -23.50 -58.43 65.73
CA HIS M 657 -24.48 -59.30 65.08
C HIS M 657 -25.69 -58.51 64.60
N GLY M 658 -25.43 -57.58 63.69
CA GLY M 658 -26.50 -56.76 63.15
C GLY M 658 -27.06 -55.75 64.13
N ASP M 659 -26.20 -55.07 64.87
CA ASP M 659 -26.67 -54.06 65.81
C ASP M 659 -27.32 -52.91 65.05
N PRO M 660 -28.29 -52.23 65.66
CA PRO M 660 -28.90 -51.06 65.00
C PRO M 660 -27.89 -49.94 64.88
N LEU M 661 -27.83 -49.32 63.70
CA LEU M 661 -26.88 -48.25 63.44
C LEU M 661 -27.52 -46.91 63.83
N PRO M 662 -27.02 -46.23 64.85
CA PRO M 662 -27.63 -44.95 65.24
C PRO M 662 -27.44 -43.91 64.16
N LEU M 663 -28.51 -43.18 63.86
CA LEU M 663 -28.49 -42.10 62.89
C LEU M 663 -29.25 -40.90 63.44
N THR M 664 -28.88 -39.71 62.97
CA THR M 664 -29.68 -38.53 63.26
C THR M 664 -31.07 -38.69 62.65
N ARG M 665 -32.09 -38.19 63.34
CA ARG M 665 -33.45 -38.34 62.88
C ARG M 665 -33.63 -37.71 61.50
N LYS M 666 -34.37 -38.42 60.63
CA LYS M 666 -34.66 -37.98 59.26
C LYS M 666 -33.38 -37.82 58.44
N SER M 667 -32.33 -38.58 58.76
CA SER M 667 -31.09 -38.56 58.02
C SER M 667 -30.80 -39.92 57.42
N TYR M 668 -29.97 -39.94 56.40
CA TYR M 668 -29.52 -41.17 55.76
C TYR M 668 -28.00 -41.28 55.88
N LEU M 669 -27.49 -42.46 55.54
CA LEU M 669 -26.06 -42.73 55.62
C LEU M 669 -25.34 -42.06 54.45
N ALA M 670 -24.30 -41.31 54.77
CA ALA M 670 -23.55 -40.56 53.75
C ALA M 670 -22.16 -41.10 53.48
N TRP M 671 -21.52 -41.70 54.47
CA TRP M 671 -20.14 -42.14 54.32
C TRP M 671 -19.82 -43.10 55.45
N ILE M 672 -19.14 -44.20 55.13
CA ILE M 672 -18.61 -45.13 56.12
C ILE M 672 -17.16 -45.42 55.77
N GLY M 673 -16.47 -46.06 56.70
CA GLY M 673 -15.09 -46.41 56.51
C GLY M 673 -14.39 -46.59 57.84
N PHE M 674 -13.08 -46.68 57.77
CA PHE M 674 -12.22 -46.82 58.94
C PHE M 674 -11.29 -45.63 59.02
N SER M 675 -10.93 -45.25 60.25
CA SER M 675 -9.82 -44.34 60.42
C SER M 675 -8.53 -45.01 59.97
N ALA M 676 -7.51 -44.20 59.71
CA ALA M 676 -6.23 -44.75 59.30
C ALA M 676 -5.69 -45.73 60.34
N GLU M 677 -6.06 -45.55 61.61
CA GLU M 677 -5.63 -46.44 62.68
C GLU M 677 -6.49 -47.69 62.78
N GLY M 678 -7.64 -47.74 62.12
CA GLY M 678 -8.43 -48.95 62.03
C GLY M 678 -9.69 -48.99 62.86
N THR M 679 -10.29 -47.83 63.13
CA THR M 679 -11.52 -47.79 63.90
C THR M 679 -12.69 -47.46 62.99
N PRO M 680 -13.78 -48.24 63.04
CA PRO M 680 -14.93 -47.94 62.19
C PRO M 680 -15.54 -46.58 62.48
N CYS M 681 -15.89 -45.86 61.42
CA CYS M 681 -16.50 -44.55 61.53
C CYS M 681 -17.53 -44.39 60.42
N TYR M 682 -18.48 -43.50 60.63
CA TYR M 682 -19.46 -43.20 59.59
C TYR M 682 -20.04 -41.82 59.80
N VAL M 683 -20.57 -41.26 58.72
CA VAL M 683 -21.16 -39.92 58.70
C VAL M 683 -22.56 -40.01 58.11
N ASP M 684 -23.51 -39.32 58.74
CA ASP M 684 -24.86 -39.25 58.23
C ASP M 684 -25.06 -37.96 57.43
N SER M 685 -26.25 -37.83 56.83
CA SER M 685 -26.52 -36.68 55.97
C SER M 685 -26.68 -35.37 56.72
N GLU M 686 -26.71 -35.41 58.06
CA GLU M 686 -26.78 -34.20 58.87
C GLU M 686 -25.42 -33.77 59.38
N GLY M 687 -24.34 -34.29 58.80
CA GLY M 687 -23.00 -33.90 59.16
C GLY M 687 -22.47 -34.48 60.46
N ILE M 688 -23.19 -35.41 61.08
CA ILE M 688 -22.76 -36.01 62.33
C ILE M 688 -21.79 -37.15 62.03
N VAL M 689 -20.58 -37.05 62.57
CA VAL M 689 -19.56 -38.08 62.40
C VAL M 689 -19.50 -38.90 63.68
N ARG M 690 -19.67 -40.21 63.55
CA ARG M 690 -19.66 -41.12 64.68
C ARG M 690 -18.53 -42.13 64.53
N MET M 691 -18.00 -42.57 65.67
CA MET M 691 -16.87 -43.49 65.72
C MET M 691 -17.15 -44.58 66.75
N LEU M 692 -16.77 -45.81 66.42
CA LEU M 692 -16.92 -46.92 67.36
C LEU M 692 -16.09 -46.65 68.61
N ASN M 693 -16.72 -46.84 69.78
CA ASN M 693 -16.07 -46.63 71.06
C ASN M 693 -15.77 -48.01 71.66
N ARG M 694 -14.57 -48.53 71.35
CA ARG M 694 -14.19 -49.85 71.83
C ARG M 694 -14.10 -49.88 73.35
N GLY M 695 -13.76 -48.76 73.98
CA GLY M 695 -13.70 -48.67 75.42
C GLY M 695 -15.03 -48.44 76.11
N LEU M 696 -16.14 -48.50 75.37
CA LEU M 696 -17.47 -48.28 75.93
C LEU M 696 -18.43 -49.33 75.38
N GLY M 697 -18.01 -50.59 75.43
CA GLY M 697 -18.86 -51.68 75.01
C GLY M 697 -19.25 -51.67 73.55
N ASN M 698 -18.40 -51.13 72.68
CA ASN M 698 -18.64 -51.06 71.24
C ASN M 698 -19.90 -50.26 70.92
N THR M 699 -20.11 -49.17 71.65
CA THR M 699 -21.13 -48.20 71.28
C THR M 699 -20.57 -47.22 70.26
N TRP M 700 -21.40 -46.31 69.79
CA TRP M 700 -21.02 -45.33 68.78
C TRP M 700 -21.07 -43.94 69.40
N THR M 701 -19.95 -43.22 69.32
CA THR M 701 -19.82 -41.91 69.93
C THR M 701 -19.65 -40.84 68.87
N PRO M 702 -20.42 -39.75 68.91
CA PRO M 702 -20.21 -38.65 67.96
C PRO M 702 -18.89 -37.94 68.26
N ILE M 703 -18.08 -37.77 67.21
CA ILE M 703 -16.78 -37.13 67.34
C ILE M 703 -16.68 -35.81 66.57
N CYS M 704 -17.68 -35.45 65.78
CA CYS M 704 -17.64 -34.21 65.04
C CYS M 704 -19.04 -33.87 64.54
N ASN M 705 -19.23 -32.60 64.21
CA ASN M 705 -20.46 -32.11 63.58
C ASN M 705 -20.05 -31.09 62.53
N THR M 706 -19.99 -31.53 61.26
CA THR M 706 -19.51 -30.67 60.19
C THR M 706 -20.43 -29.48 59.93
N ARG M 707 -21.66 -29.53 60.43
CA ARG M 707 -22.57 -28.39 60.27
C ARG M 707 -22.12 -27.17 61.06
N GLU M 708 -21.35 -27.38 62.14
CA GLU M 708 -20.81 -26.25 62.89
C GLU M 708 -19.83 -25.43 62.07
N HIS M 709 -19.21 -26.03 61.05
CA HIS M 709 -18.30 -25.32 60.17
C HIS M 709 -18.98 -24.79 58.91
N CYS M 710 -20.26 -25.10 58.71
CA CYS M 710 -21.01 -24.61 57.56
C CYS M 710 -21.68 -23.28 57.90
N LYS M 711 -21.84 -22.44 56.88
CA LYS M 711 -22.45 -21.13 57.06
C LYS M 711 -23.90 -21.08 56.62
N GLY M 712 -24.36 -22.02 55.79
CA GLY M 712 -25.72 -22.03 55.31
C GLY M 712 -26.24 -23.43 55.15
N LYS M 713 -27.54 -23.52 54.81
CA LYS M 713 -28.16 -24.83 54.62
C LYS M 713 -27.57 -25.55 53.42
N SER M 714 -27.23 -24.82 52.36
CA SER M 714 -26.73 -25.42 51.13
C SER M 714 -25.26 -25.80 51.20
N ASP M 715 -24.55 -25.43 52.26
CA ASP M 715 -23.16 -25.80 52.43
C ASP M 715 -23.04 -27.16 53.10
N HIS M 716 -22.08 -27.95 52.63
CA HIS M 716 -21.86 -29.30 53.14
C HIS M 716 -20.38 -29.62 53.14
N TYR M 717 -20.02 -30.69 53.84
CA TYR M 717 -18.66 -31.22 53.84
C TYR M 717 -18.68 -32.65 53.34
N TRP M 718 -17.72 -32.98 52.48
CA TRP M 718 -17.66 -34.27 51.81
C TRP M 718 -16.45 -35.02 52.37
N VAL M 719 -16.71 -35.98 53.26
CA VAL M 719 -15.64 -36.63 54.01
C VAL M 719 -14.79 -37.50 53.09
N VAL M 720 -13.48 -37.42 53.27
CA VAL M 720 -12.52 -38.20 52.50
C VAL M 720 -11.83 -39.24 53.39
N GLY M 721 -11.34 -38.81 54.55
CA GLY M 721 -10.66 -39.73 55.46
C GLY M 721 -10.70 -39.23 56.88
N ILE M 722 -10.42 -40.14 57.80
CA ILE M 722 -10.41 -39.85 59.23
C ILE M 722 -9.09 -40.35 59.81
N HIS M 723 -8.42 -39.49 60.58
CA HIS M 723 -7.13 -39.81 61.19
C HIS M 723 -7.20 -39.52 62.68
N GLU M 724 -6.70 -40.47 63.49
CA GLU M 724 -6.75 -40.36 64.93
C GLU M 724 -5.48 -39.79 65.55
N ASN M 725 -4.34 -40.00 64.92
CA ASN M 725 -3.06 -39.52 65.45
C ASN M 725 -2.15 -39.14 64.27
N PRO M 726 -2.05 -37.84 63.96
CA PRO M 726 -2.73 -36.72 64.62
C PRO M 726 -4.22 -36.63 64.26
N GLN M 727 -5.02 -36.06 65.17
CA GLN M 727 -6.45 -35.95 64.94
C GLN M 727 -6.75 -34.97 63.82
N GLN M 728 -7.42 -35.45 62.78
CA GLN M 728 -7.84 -34.59 61.68
C GLN M 728 -8.91 -35.29 60.87
N LEU M 729 -9.94 -34.54 60.48
CA LEU M 729 -11.01 -35.02 59.61
C LEU M 729 -10.79 -34.39 58.25
N ARG M 730 -10.29 -35.18 57.30
CA ARG M 730 -10.02 -34.69 55.95
C ARG M 730 -11.30 -34.75 55.13
N CYS M 731 -11.76 -33.59 54.67
CA CYS M 731 -12.99 -33.51 53.89
C CYS M 731 -12.89 -32.36 52.91
N ILE M 732 -13.83 -32.34 51.97
CA ILE M 732 -13.89 -31.34 50.91
C ILE M 732 -15.04 -30.40 51.21
N PRO M 733 -14.80 -29.10 51.40
CA PRO M 733 -15.92 -28.16 51.57
C PRO M 733 -16.68 -27.99 50.27
N CYS M 734 -18.01 -28.08 50.35
CA CYS M 734 -18.88 -28.02 49.19
C CYS M 734 -19.91 -26.92 49.39
N LYS M 735 -19.97 -25.98 48.46
CA LYS M 735 -20.89 -24.85 48.53
C LYS M 735 -21.96 -25.02 47.46
N GLY M 736 -23.18 -25.30 47.89
CA GLY M 736 -24.31 -25.44 46.99
C GLY M 736 -24.77 -26.87 46.80
N SER M 737 -23.94 -27.86 47.11
CA SER M 737 -24.30 -29.25 46.93
C SER M 737 -23.62 -30.07 48.03
N ARG M 738 -23.89 -31.38 48.01
CA ARG M 738 -23.32 -32.30 48.99
C ARG M 738 -22.03 -32.96 48.51
N PHE M 739 -21.72 -32.88 47.22
CA PHE M 739 -20.51 -33.45 46.67
C PHE M 739 -19.77 -32.44 45.82
N PRO M 740 -18.44 -32.50 45.79
CA PRO M 740 -17.68 -31.52 45.02
C PRO M 740 -17.62 -31.89 43.55
N PRO M 741 -17.52 -30.91 42.66
CA PRO M 741 -17.32 -31.22 41.25
C PRO M 741 -15.92 -31.77 41.01
N THR M 742 -15.79 -32.59 39.96
CA THR M 742 -14.51 -33.22 39.69
C THR M 742 -13.46 -32.21 39.25
N LEU M 743 -13.85 -31.22 38.46
CA LEU M 743 -12.93 -30.21 37.98
C LEU M 743 -13.46 -28.82 38.30
N PRO M 744 -12.59 -27.91 38.77
CA PRO M 744 -11.17 -28.17 39.05
C PRO M 744 -10.96 -29.01 40.30
N ARG M 745 -9.73 -29.48 40.50
CA ARG M 745 -9.42 -30.34 41.63
C ARG M 745 -9.78 -29.65 42.94
N PRO M 746 -10.68 -30.21 43.74
CA PRO M 746 -11.03 -29.59 45.02
C PRO M 746 -9.90 -29.70 46.02
N ALA M 747 -9.86 -28.74 46.94
CA ALA M 747 -8.85 -28.71 47.99
C ALA M 747 -9.37 -29.44 49.23
N VAL M 748 -8.51 -30.27 49.81
CA VAL M 748 -8.87 -31.03 51.00
C VAL M 748 -8.73 -30.14 52.23
N ALA M 749 -9.83 -29.96 52.96
CA ALA M 749 -9.81 -29.22 54.20
C ALA M 749 -9.57 -30.16 55.37
N ILE M 750 -9.08 -29.59 56.47
CA ILE M 750 -8.79 -30.34 57.68
C ILE M 750 -9.63 -29.74 58.81
N LEU M 751 -10.65 -30.48 59.23
CA LEU M 751 -11.50 -30.07 60.34
C LEU M 751 -11.05 -30.77 61.62
N SER M 752 -11.26 -30.10 62.75
CA SER M 752 -10.96 -30.67 64.05
C SER M 752 -12.14 -31.47 64.57
N PHE M 753 -11.86 -32.43 65.44
CA PHE M 753 -12.89 -33.22 66.08
C PHE M 753 -13.36 -32.54 67.35
N LYS M 754 -14.66 -32.60 67.61
CA LYS M 754 -15.24 -32.00 68.80
C LYS M 754 -16.41 -32.85 69.25
N LEU M 755 -16.29 -33.47 70.42
CA LEU M 755 -17.38 -34.27 70.95
C LEU M 755 -18.47 -33.35 71.49
N PRO M 756 -19.75 -33.72 71.34
CA PRO M 756 -20.86 -32.79 71.67
C PRO M 756 -21.12 -32.69 73.17
N TYR M 757 -20.20 -32.03 73.87
CA TYR M 757 -20.32 -31.90 75.32
C TYR M 757 -21.00 -30.59 75.70
N CYS M 758 -21.56 -30.57 76.90
CA CYS M 758 -22.33 -29.43 77.38
C CYS M 758 -21.43 -28.34 77.93
N GLN M 759 -21.87 -27.10 77.78
CA GLN M 759 -21.18 -25.92 78.31
C GLN M 759 -19.69 -25.93 77.92
N ILE M 760 -19.44 -26.20 76.65
CA ILE M 760 -18.06 -26.30 76.16
C ILE M 760 -17.35 -24.96 76.14
N ALA M 761 -18.08 -23.85 76.29
CA ALA M 761 -17.45 -22.54 76.39
C ALA M 761 -16.78 -22.33 77.75
N THR M 762 -17.22 -23.04 78.78
CA THR M 762 -16.61 -22.91 80.10
C THR M 762 -15.31 -23.71 80.16
N GLU M 763 -14.50 -23.41 81.16
CA GLU M 763 -13.23 -24.11 81.33
C GLU M 763 -13.47 -25.57 81.69
N LYS M 764 -14.49 -25.84 82.50
CA LYS M 764 -14.79 -27.22 82.88
C LYS M 764 -15.23 -28.04 81.67
N GLY M 765 -16.20 -27.51 80.92
CA GLY M 765 -16.68 -28.24 79.75
C GLY M 765 -15.62 -28.39 78.68
N GLN M 766 -14.78 -27.37 78.50
CA GLN M 766 -13.71 -27.44 77.51
C GLN M 766 -12.72 -28.55 77.85
N MET M 767 -12.30 -28.62 79.12
CA MET M 767 -11.33 -29.65 79.51
C MET M 767 -11.97 -31.03 79.53
N GLU M 768 -13.25 -31.13 79.87
CA GLU M 768 -13.93 -32.42 79.86
C GLU M 768 -14.03 -32.96 78.44
N GLU M 769 -14.29 -32.08 77.46
CA GLU M 769 -14.32 -32.52 76.07
C GLU M 769 -12.93 -32.97 75.61
N GLN M 770 -11.89 -32.23 75.99
CA GLN M 770 -10.53 -32.60 75.59
C GLN M 770 -10.13 -33.94 76.20
N PHE M 771 -10.56 -34.20 77.43
CA PHE M 771 -10.20 -35.45 78.10
C PHE M 771 -10.82 -36.65 77.39
N TRP M 772 -12.13 -36.60 77.15
CA TRP M 772 -12.81 -37.76 76.57
C TRP M 772 -12.50 -37.91 75.09
N ARG M 773 -12.18 -36.80 74.40
CA ARG M 773 -11.69 -36.93 73.04
C ARG M 773 -10.33 -37.62 73.01
N SER M 774 -9.47 -37.32 73.97
CA SER M 774 -8.19 -38.00 74.06
C SER M 774 -8.36 -39.48 74.40
N VAL M 775 -9.37 -39.80 75.22
CA VAL M 775 -9.59 -41.19 75.63
C VAL M 775 -10.04 -42.03 74.44
N ILE M 776 -11.02 -41.53 73.67
CA ILE M 776 -11.58 -42.34 72.60
C ILE M 776 -10.63 -42.45 71.42
N PHE M 777 -9.81 -41.43 71.19
CA PHE M 777 -8.89 -41.43 70.05
C PHE M 777 -7.58 -42.15 70.34
N HIS M 778 -7.50 -42.84 71.48
CA HIS M 778 -6.35 -43.69 71.80
C HIS M 778 -6.76 -45.11 72.16
N ASN M 779 -8.05 -45.44 72.04
CA ASN M 779 -8.50 -46.82 72.19
C ASN M 779 -7.90 -47.71 71.10
N HIS M 780 -7.55 -47.14 69.95
CA HIS M 780 -6.99 -47.94 68.87
C HIS M 780 -5.64 -48.55 69.25
N LEU M 781 -4.91 -47.91 70.16
CA LEU M 781 -3.65 -48.47 70.61
C LEU M 781 -3.86 -49.80 71.33
N ASP M 782 -4.89 -49.88 72.17
CA ASP M 782 -5.21 -51.15 72.83
C ASP M 782 -5.67 -52.19 71.81
N TYR M 783 -6.41 -51.76 70.79
CA TYR M 783 -6.85 -52.71 69.77
C TYR M 783 -5.67 -53.25 68.97
N LEU M 784 -4.72 -52.40 68.62
CA LEU M 784 -3.52 -52.87 67.93
C LEU M 784 -2.71 -53.82 68.81
N ALA M 785 -2.73 -53.60 70.14
CA ALA M 785 -1.98 -54.47 71.03
C ALA M 785 -2.66 -55.82 71.21
N LYS M 786 -3.99 -55.82 71.37
CA LYS M 786 -4.70 -57.07 71.58
C LYS M 786 -4.63 -57.99 70.36
N ASN M 787 -4.50 -57.41 69.17
CA ASN M 787 -4.46 -58.17 67.93
C ASN M 787 -3.05 -58.31 67.38
N GLY M 788 -2.03 -58.16 68.24
CA GLY M 788 -0.66 -58.34 67.82
C GLY M 788 -0.13 -57.34 66.82
N TYR M 789 -0.89 -56.28 66.49
CA TYR M 789 -0.38 -55.32 65.53
C TYR M 789 0.73 -54.47 66.17
N GLU M 790 1.40 -53.69 65.32
CA GLU M 790 2.52 -52.87 65.76
C GLU M 790 2.01 -51.48 66.16
N TYR M 791 2.36 -51.07 67.38
CA TYR M 791 1.97 -49.77 67.91
C TYR M 791 3.16 -49.14 68.63
N GLU M 792 3.16 -47.81 68.69
CA GLU M 792 4.22 -47.08 69.37
C GLU M 792 3.87 -46.93 70.84
N GLU M 793 4.73 -47.47 71.71
CA GLU M 793 4.54 -47.31 73.15
C GLU M 793 4.66 -45.85 73.58
N SER M 794 5.36 -45.03 72.80
CA SER M 794 5.48 -43.61 73.13
C SER M 794 4.14 -42.89 72.97
N THR M 795 3.36 -43.28 71.97
CA THR M 795 2.04 -42.68 71.78
C THR M 795 1.12 -43.00 72.97
N LYS M 796 1.23 -44.22 73.50
CA LYS M 796 0.42 -44.59 74.66
C LYS M 796 0.82 -43.78 75.89
N ASN M 797 2.13 -43.51 76.06
CA ASN M 797 2.58 -42.76 77.22
C ASN M 797 2.20 -41.29 77.11
N GLN M 798 2.29 -40.72 75.90
CA GLN M 798 1.89 -39.33 75.72
C GLN M 798 0.40 -39.14 75.93
N ALA M 799 -0.41 -40.14 75.57
CA ALA M 799 -1.85 -40.07 75.80
C ALA M 799 -2.16 -40.01 77.30
N THR M 800 -1.52 -40.88 78.08
CA THR M 800 -1.77 -40.88 79.52
C THR M 800 -1.31 -39.58 80.16
N LYS M 801 -0.13 -39.08 79.79
CA LYS M 801 0.34 -37.80 80.31
C LYS M 801 -0.62 -36.67 79.95
N GLU M 802 -1.12 -36.67 78.72
CA GLU M 802 -2.06 -35.64 78.30
C GLU M 802 -3.35 -35.72 79.11
N GLN M 803 -3.81 -36.93 79.44
CA GLN M 803 -5.04 -37.09 80.20
C GLN M 803 -4.85 -36.78 81.67
N GLN M 804 -3.72 -37.19 82.25
CA GLN M 804 -3.46 -36.89 83.66
C GLN M 804 -3.28 -35.40 83.89
N GLU M 805 -2.78 -34.67 82.88
CA GLU M 805 -2.67 -33.22 83.01
C GLU M 805 -4.04 -32.55 82.99
N LEU M 806 -4.94 -33.03 82.13
CA LEU M 806 -6.29 -32.46 82.08
C LEU M 806 -7.07 -32.78 83.35
N LEU M 807 -6.91 -34.00 83.88
CA LEU M 807 -7.54 -34.34 85.16
C LEU M 807 -6.99 -33.47 86.28
N MET M 808 -5.69 -33.19 86.27
CA MET M 808 -5.10 -32.38 87.32
C MET M 808 -5.57 -30.94 87.24
N LYS M 809 -5.77 -30.42 86.02
CA LYS M 809 -6.29 -29.07 85.87
C LYS M 809 -7.77 -29.00 86.22
N MET M 810 -8.53 -30.06 85.92
CA MET M 810 -9.93 -30.09 86.31
C MET M 810 -10.09 -30.24 87.82
N LEU M 811 -9.19 -30.98 88.46
CA LEU M 811 -9.23 -31.08 89.91
C LEU M 811 -8.91 -29.75 90.58
N ALA M 812 -7.91 -29.03 90.05
CA ALA M 812 -7.59 -27.72 90.60
C ALA M 812 -8.74 -26.74 90.39
N LEU M 813 -9.48 -26.87 89.28
CA LEU M 813 -10.62 -26.00 89.05
C LEU M 813 -11.76 -26.31 90.02
N SER M 814 -12.05 -27.60 90.23
CA SER M 814 -13.08 -27.97 91.19
C SER M 814 -12.68 -27.58 92.60
N CYS M 815 -11.38 -27.59 92.91
CA CYS M 815 -10.92 -27.17 94.22
C CYS M 815 -11.14 -25.68 94.44
N LYS M 816 -10.91 -24.88 93.40
CA LYS M 816 -11.17 -23.44 93.49
C LYS M 816 -12.65 -23.15 93.68
N LEU M 817 -13.52 -23.98 93.10
CA LEU M 817 -14.97 -23.80 93.23
C LEU M 817 -15.53 -24.41 94.50
N GLU M 818 -14.66 -24.83 95.43
CA GLU M 818 -15.08 -25.46 96.69
C GLU M 818 -15.93 -26.70 96.44
N ARG M 819 -15.66 -27.42 95.35
CA ARG M 819 -16.34 -28.68 95.04
C ARG M 819 -15.34 -29.81 95.31
N GLU M 820 -15.20 -30.17 96.57
CA GLU M 820 -14.20 -31.15 96.98
C GLU M 820 -14.64 -32.58 96.69
N PHE M 821 -15.95 -32.84 96.71
CA PHE M 821 -16.43 -34.16 96.30
C PHE M 821 -16.13 -34.42 94.83
N ARG M 822 -16.29 -33.38 93.99
CA ARG M 822 -15.97 -33.52 92.58
C ARG M 822 -14.49 -33.79 92.37
N CYS M 823 -13.63 -33.26 93.24
CA CYS M 823 -12.20 -33.52 93.12
C CYS M 823 -11.89 -35.01 93.30
N VAL M 824 -12.55 -35.65 94.26
CA VAL M 824 -12.32 -37.08 94.49
C VAL M 824 -12.82 -37.89 93.30
N GLU M 825 -13.93 -37.47 92.68
CA GLU M 825 -14.41 -38.15 91.49
C GLU M 825 -13.41 -38.06 90.35
N LEU M 826 -12.79 -36.88 90.17
CA LEU M 826 -11.77 -36.73 89.15
C LEU M 826 -10.52 -37.55 89.49
N ALA M 827 -10.20 -37.66 90.77
CA ALA M 827 -9.02 -38.45 91.18
C ALA M 827 -9.23 -39.94 90.96
N ASP M 828 -10.47 -40.40 90.87
CA ASP M 828 -10.72 -41.81 90.57
C ASP M 828 -10.22 -42.17 89.18
N LEU M 829 -10.21 -41.21 88.25
CA LEU M 829 -9.70 -41.42 86.91
C LEU M 829 -8.20 -41.25 86.81
N MET M 830 -7.53 -40.88 87.89
CA MET M 830 -6.10 -40.60 87.87
C MET M 830 -5.29 -41.87 88.13
N THR M 831 -4.02 -41.80 87.75
CA THR M 831 -3.06 -42.84 88.11
C THR M 831 -2.70 -42.72 89.59
N GLN M 832 -2.03 -43.75 90.10
CA GLN M 832 -1.65 -43.75 91.51
C GLN M 832 -0.67 -42.62 91.81
N ASN M 833 0.21 -42.30 90.85
CA ASN M 833 1.13 -41.19 91.05
C ASN M 833 0.40 -39.86 91.06
N ALA M 834 -0.60 -39.70 90.19
CA ALA M 834 -1.35 -38.44 90.14
C ALA M 834 -2.20 -38.26 91.39
N VAL M 835 -2.75 -39.36 91.92
CA VAL M 835 -3.52 -39.25 93.16
C VAL M 835 -2.63 -38.84 94.32
N ASN M 836 -1.44 -39.45 94.41
CA ASN M 836 -0.50 -39.07 95.47
C ASN M 836 -0.12 -37.60 95.36
N LEU M 837 0.00 -37.09 94.14
CA LEU M 837 0.30 -35.67 93.96
C LEU M 837 -0.88 -34.81 94.37
N ALA M 838 -2.11 -35.27 94.10
CA ALA M 838 -3.29 -34.52 94.47
C ALA M 838 -3.47 -34.46 95.98
N ILE M 839 -2.95 -35.47 96.70
CA ILE M 839 -3.03 -35.45 98.16
C ILE M 839 -2.17 -34.33 98.72
N LYS M 840 -0.95 -34.16 98.21
CA LYS M 840 -0.10 -33.07 98.68
C LYS M 840 -0.63 -31.72 98.25
N TYR M 841 -1.29 -31.64 97.09
CA TYR M 841 -1.94 -30.39 96.71
C TYR M 841 -3.15 -30.10 97.61
N ALA M 842 -3.78 -31.15 98.15
CA ALA M 842 -4.90 -30.94 99.07
C ALA M 842 -4.42 -30.60 100.47
N SER M 843 -3.28 -31.16 100.90
CA SER M 843 -2.67 -30.70 102.15
C SER M 843 -2.32 -29.23 102.07
N ARG M 844 -1.71 -28.81 100.95
CA ARG M 844 -1.61 -27.39 100.64
C ARG M 844 -3.01 -26.80 100.48
N SER M 845 -3.12 -25.50 100.75
CA SER M 845 -4.37 -24.75 100.70
C SER M 845 -5.39 -25.20 101.74
N ARG M 846 -4.95 -26.01 102.72
CA ARG M 846 -5.73 -26.31 103.93
C ARG M 846 -7.04 -27.03 103.61
N LYS M 847 -7.02 -27.92 102.64
CA LYS M 847 -8.17 -28.78 102.34
C LYS M 847 -7.97 -30.13 103.03
N LEU M 848 -8.17 -30.11 104.35
CA LEU M 848 -7.77 -31.26 105.17
C LEU M 848 -8.67 -32.46 104.94
N ILE M 849 -9.98 -32.26 104.85
CA ILE M 849 -10.89 -33.40 104.65
C ILE M 849 -10.71 -33.96 103.25
N LEU M 850 -10.56 -33.10 102.25
CA LEU M 850 -10.30 -33.56 100.90
C LEU M 850 -9.03 -34.41 100.83
N ALA M 851 -7.99 -33.99 101.53
CA ALA M 851 -6.74 -34.77 101.56
C ALA M 851 -6.98 -36.14 102.16
N GLN M 852 -7.86 -36.24 103.16
N GLN M 852 -7.86 -36.24 103.16
CA GLN M 852 -8.14 -37.54 103.75
CA GLN M 852 -8.15 -37.53 103.77
C GLN M 852 -8.93 -38.43 102.80
C GLN M 852 -8.93 -38.42 102.82
N LYS M 853 -9.90 -37.86 102.09
CA LYS M 853 -10.66 -38.64 101.13
C LYS M 853 -9.78 -39.13 99.98
N LEU M 854 -8.85 -38.29 99.53
CA LEU M 854 -7.93 -38.71 98.47
C LEU M 854 -6.98 -39.79 98.97
N SER M 855 -6.55 -39.69 100.23
CA SER M 855 -5.68 -40.73 100.79
C SER M 855 -6.40 -42.07 100.87
N GLU M 856 -7.67 -42.07 101.30
CA GLU M 856 -8.44 -43.31 101.32
C GLU M 856 -8.66 -43.84 99.92
N LEU M 857 -8.78 -42.97 98.93
CA LEU M 857 -8.87 -43.43 97.55
C LEU M 857 -7.56 -44.04 97.08
N ALA M 858 -6.43 -43.45 97.49
CA ALA M 858 -5.13 -44.01 97.12
C ALA M 858 -4.93 -45.38 97.76
N VAL M 859 -5.45 -45.59 98.97
CA VAL M 859 -5.37 -46.90 99.60
C VAL M 859 -6.21 -47.92 98.81
N GLU M 860 -7.39 -47.50 98.38
CA GLU M 860 -8.25 -48.41 97.62
C GLU M 860 -7.65 -48.76 96.27
N LYS M 861 -6.97 -47.80 95.63
CA LYS M 861 -6.32 -48.10 94.35
C LYS M 861 -5.19 -49.11 94.51
N ALA M 862 -4.41 -48.97 95.58
CA ALA M 862 -3.33 -49.92 95.82
C ALA M 862 -3.86 -51.31 96.15
N ALA M 863 -5.06 -51.39 96.73
CA ALA M 863 -5.66 -52.68 97.04
C ALA M 863 -6.23 -53.39 95.83
N GLU M 864 -6.49 -52.66 94.74
CA GLU M 864 -7.02 -53.27 93.53
C GLU M 864 -5.97 -54.03 92.73
N LEU M 865 -4.69 -53.89 93.07
CA LEU M 865 -3.63 -54.57 92.36
C LEU M 865 -3.50 -56.02 92.81
N TYR N 463 -55.74 -48.67 52.12
CA TYR N 463 -55.90 -50.11 52.23
C TYR N 463 -56.53 -50.48 53.58
N ASP N 464 -56.92 -51.75 53.72
CA ASP N 464 -57.53 -52.27 54.94
C ASP N 464 -56.68 -53.44 55.42
N GLY N 465 -55.57 -53.12 56.08
CA GLY N 465 -54.68 -54.13 56.62
C GLY N 465 -54.07 -53.68 57.93
N PRO N 466 -52.80 -54.06 58.15
CA PRO N 466 -52.12 -53.65 59.38
C PRO N 466 -51.79 -52.17 59.36
N MET N 467 -51.99 -51.52 60.51
CA MET N 467 -51.73 -50.10 60.67
C MET N 467 -50.54 -49.86 61.59
N PRO N 468 -49.68 -48.90 61.27
CA PRO N 468 -48.52 -48.62 62.14
C PRO N 468 -48.97 -48.13 63.51
N THR N 469 -48.39 -48.72 64.55
CA THR N 469 -48.73 -48.33 65.91
C THR N 469 -47.96 -47.08 66.31
N PRO N 470 -48.64 -46.06 66.84
CA PRO N 470 -47.91 -44.86 67.28
C PRO N 470 -46.95 -45.17 68.41
N ARG N 471 -45.72 -44.70 68.27
CA ARG N 471 -44.69 -44.96 69.27
C ARG N 471 -45.04 -44.26 70.58
N GLN N 472 -44.98 -45.02 71.68
CA GLN N 472 -45.29 -44.44 72.98
C GLN N 472 -44.20 -43.45 73.40
N LYS N 473 -44.61 -42.46 74.18
CA LYS N 473 -43.71 -41.37 74.56
C LYS N 473 -42.85 -41.77 75.74
N PRO N 474 -41.69 -41.13 75.91
CA PRO N 474 -40.84 -41.43 77.06
C PRO N 474 -41.53 -41.10 78.37
N PHE N 475 -41.12 -41.80 79.43
CA PHE N 475 -41.71 -41.60 80.74
C PHE N 475 -40.71 -41.99 81.82
N GLN N 476 -40.92 -41.45 83.01
CA GLN N 476 -40.17 -41.83 84.20
C GLN N 476 -41.00 -42.86 84.96
N SER N 477 -40.41 -44.02 85.23
CA SER N 477 -41.13 -45.07 85.95
C SER N 477 -41.47 -44.61 87.35
N GLY N 478 -42.71 -44.86 87.76
CA GLY N 478 -43.17 -44.40 89.06
C GLY N 478 -43.69 -42.99 89.08
N SER N 479 -44.14 -42.47 87.93
CA SER N 479 -44.67 -41.12 87.84
C SER N 479 -46.10 -41.15 87.33
N THR N 480 -46.86 -40.12 87.66
CA THR N 480 -48.22 -39.91 87.20
C THR N 480 -48.23 -38.80 86.15
N PRO N 481 -49.24 -38.77 85.27
CA PRO N 481 -49.19 -37.88 84.10
C PRO N 481 -48.98 -36.41 84.47
N LEU N 482 -48.46 -35.67 83.48
CA LEU N 482 -48.06 -34.29 83.70
C LEU N 482 -49.27 -33.36 83.84
N HIS N 483 -50.39 -33.68 83.20
CA HIS N 483 -51.54 -32.79 83.22
C HIS N 483 -52.19 -32.67 84.59
N LEU N 484 -51.82 -33.52 85.55
CA LEU N 484 -52.38 -33.44 86.89
C LEU N 484 -51.84 -32.22 87.62
N THR N 485 -52.71 -31.57 88.39
CA THR N 485 -52.28 -30.43 89.20
C THR N 485 -51.30 -30.86 90.28
N HIS N 486 -51.58 -31.99 90.93
CA HIS N 486 -50.71 -32.57 91.95
C HIS N 486 -50.37 -33.99 91.53
N ARG N 487 -49.14 -34.18 91.06
CA ARG N 487 -48.73 -35.45 90.47
C ARG N 487 -47.50 -36.01 91.17
N PHE N 488 -47.26 -37.30 90.96
CA PHE N 488 -46.05 -37.94 91.42
C PHE N 488 -44.98 -37.81 90.32
N MET N 489 -43.83 -37.24 90.68
CA MET N 489 -42.72 -37.23 89.74
C MET N 489 -41.96 -38.55 89.76
N VAL N 490 -41.85 -39.17 90.93
CA VAL N 490 -41.24 -40.49 91.06
C VAL N 490 -41.62 -41.06 92.42
N TRP N 491 -41.94 -42.35 92.45
CA TRP N 491 -42.21 -43.08 93.68
C TRP N 491 -41.48 -44.41 93.57
N ASN N 492 -40.41 -44.57 94.36
CA ASN N 492 -39.60 -45.77 94.30
C ASN N 492 -39.37 -46.27 95.73
N SER N 493 -38.35 -47.13 95.89
CA SER N 493 -38.02 -47.68 97.20
C SER N 493 -37.26 -46.70 98.08
N ILE N 494 -36.84 -45.55 97.55
CA ILE N 494 -36.12 -44.57 98.35
C ILE N 494 -37.07 -43.54 98.94
N GLY N 495 -38.03 -43.06 98.15
CA GLY N 495 -38.96 -42.08 98.65
C GLY N 495 -39.92 -41.64 97.57
N ILE N 496 -40.57 -40.49 97.82
CA ILE N 496 -41.60 -39.95 96.93
C ILE N 496 -41.23 -38.52 96.59
N ILE N 497 -41.45 -38.14 95.32
CA ILE N 497 -41.28 -36.76 94.87
C ILE N 497 -42.57 -36.32 94.21
N ARG N 498 -43.21 -35.30 94.78
CA ARG N 498 -44.47 -34.77 94.27
C ARG N 498 -44.26 -33.38 93.70
N CYS N 499 -45.07 -33.04 92.69
CA CYS N 499 -45.03 -31.73 92.06
C CYS N 499 -46.45 -31.16 92.04
N TYR N 500 -46.66 -30.05 92.75
CA TYR N 500 -47.91 -29.32 92.71
C TYR N 500 -47.73 -28.10 91.81
N ASN N 501 -48.47 -28.06 90.71
CA ASN N 501 -48.30 -27.02 89.70
C ASN N 501 -49.67 -26.55 89.23
N ASP N 502 -50.02 -25.31 89.56
CA ASP N 502 -51.16 -24.65 88.95
C ASP N 502 -50.71 -23.41 88.21
N GLU N 503 -51.48 -22.33 88.28
CA GLU N 503 -51.12 -21.08 87.62
C GLU N 503 -50.47 -20.08 88.56
N GLN N 504 -50.60 -20.26 89.87
CA GLN N 504 -50.08 -19.30 90.84
C GLN N 504 -48.65 -19.62 91.25
N ASP N 505 -48.37 -20.88 91.60
CA ASP N 505 -47.05 -21.27 92.03
C ASP N 505 -46.76 -22.70 91.59
N ASN N 506 -45.49 -23.07 91.62
CA ASN N 506 -45.03 -24.40 91.26
C ASN N 506 -44.05 -24.87 92.32
N ALA N 507 -44.36 -25.98 92.97
CA ALA N 507 -43.56 -26.49 94.08
C ALA N 507 -43.24 -27.96 93.88
N ILE N 508 -42.07 -28.36 94.36
CA ILE N 508 -41.63 -29.76 94.34
C ILE N 508 -41.32 -30.18 95.78
N ASP N 509 -41.90 -31.29 96.22
CA ASP N 509 -41.71 -31.80 97.56
CA ASP N 509 -41.71 -31.79 97.57
C ASP N 509 -41.07 -33.17 97.50
N VAL N 510 -40.04 -33.38 98.32
CA VAL N 510 -39.32 -34.64 98.37
C VAL N 510 -39.53 -35.27 99.75
N GLU N 511 -39.88 -36.55 99.76
CA GLU N 511 -40.09 -37.30 100.99
C GLU N 511 -39.29 -38.59 100.94
N PHE N 512 -38.72 -38.97 102.07
CA PHE N 512 -37.97 -40.22 102.19
C PHE N 512 -38.72 -41.18 103.10
N HIS N 513 -38.82 -42.44 102.68
CA HIS N 513 -39.47 -43.45 103.50
C HIS N 513 -38.76 -43.61 104.84
N ASP N 514 -37.42 -43.55 104.83
CA ASP N 514 -36.62 -43.57 106.04
C ASP N 514 -36.25 -42.13 106.36
N THR N 515 -36.81 -41.60 107.46
CA THR N 515 -36.51 -40.23 107.86
C THR N 515 -35.04 -40.03 108.21
N SER N 516 -34.33 -41.09 108.59
CA SER N 516 -32.93 -40.97 108.94
C SER N 516 -32.04 -40.66 107.74
N ILE N 517 -32.51 -40.94 106.53
CA ILE N 517 -31.69 -40.72 105.34
C ILE N 517 -31.48 -39.22 105.11
N HIS N 518 -32.56 -38.46 105.06
CA HIS N 518 -32.48 -37.02 104.84
C HIS N 518 -33.81 -36.40 105.24
N HIS N 519 -33.75 -35.11 105.59
CA HIS N 519 -34.97 -34.40 105.94
C HIS N 519 -35.79 -34.10 104.70
N ALA N 520 -37.07 -33.82 104.92
CA ALA N 520 -37.97 -33.49 103.82
C ALA N 520 -37.52 -32.21 103.14
N THR N 521 -37.45 -32.24 101.81
CA THR N 521 -36.95 -31.14 101.02
C THR N 521 -38.08 -30.53 100.19
N HIS N 522 -38.19 -29.20 100.25
CA HIS N 522 -39.19 -28.46 99.49
C HIS N 522 -38.49 -27.48 98.56
N LEU N 523 -38.82 -27.53 97.28
CA LEU N 523 -38.19 -26.70 96.27
C LEU N 523 -39.24 -25.86 95.55
N SER N 524 -38.85 -24.65 95.16
CA SER N 524 -39.69 -23.76 94.36
C SER N 524 -39.35 -24.01 92.90
N ASN N 525 -40.20 -24.77 92.21
CA ASN N 525 -39.94 -25.18 90.83
C ASN N 525 -40.03 -23.98 89.89
N THR N 526 -39.02 -23.11 89.93
CA THR N 526 -39.03 -21.93 89.07
C THR N 526 -38.79 -22.29 87.61
N LEU N 527 -37.89 -23.25 87.36
CA LEU N 527 -37.56 -23.65 86.00
C LEU N 527 -38.53 -24.66 85.41
N ASN N 528 -39.57 -25.05 86.16
CA ASN N 528 -40.59 -25.99 85.71
C ASN N 528 -39.96 -27.34 85.33
N TYR N 529 -39.39 -27.99 86.34
CA TYR N 529 -38.87 -29.34 86.15
C TYR N 529 -40.03 -30.32 85.98
N THR N 530 -39.94 -31.15 84.94
CA THR N 530 -40.99 -32.13 84.66
C THR N 530 -40.53 -33.57 84.80
N ILE N 531 -39.23 -33.83 84.98
CA ILE N 531 -38.70 -35.16 85.15
C ILE N 531 -37.90 -35.20 86.45
N ALA N 532 -38.02 -36.30 87.19
CA ALA N 532 -37.34 -36.41 88.47
C ALA N 532 -36.98 -37.85 88.76
N ASP N 533 -35.89 -38.03 89.51
CA ASP N 533 -35.50 -39.35 90.01
C ASP N 533 -34.87 -39.14 91.38
N LEU N 534 -34.93 -40.19 92.20
CA LEU N 534 -34.50 -40.11 93.58
C LEU N 534 -33.70 -41.36 93.95
N SER N 535 -32.63 -41.16 94.73
CA SER N 535 -31.79 -42.24 95.22
C SER N 535 -31.29 -41.87 96.62
N HIS N 536 -30.54 -42.78 97.23
N HIS N 536 -30.54 -42.78 97.23
CA HIS N 536 -29.96 -42.52 98.53
CA HIS N 536 -29.97 -42.51 98.54
C HIS N 536 -28.84 -41.50 98.49
C HIS N 536 -28.93 -41.40 98.49
N GLU N 537 -28.42 -41.08 97.30
CA GLU N 537 -27.32 -40.12 97.14
C GLU N 537 -27.80 -38.71 96.81
N ALA N 538 -28.70 -38.56 95.84
CA ALA N 538 -29.03 -37.23 95.36
C ALA N 538 -30.46 -37.21 94.81
N ILE N 539 -30.90 -36.00 94.46
CA ILE N 539 -32.16 -35.77 93.78
C ILE N 539 -31.84 -35.24 92.39
N LEU N 540 -32.40 -35.87 91.36
CA LEU N 540 -32.14 -35.50 89.98
C LEU N 540 -33.39 -34.89 89.37
N LEU N 541 -33.24 -33.71 88.76
CA LEU N 541 -34.34 -32.98 88.16
C LEU N 541 -33.94 -32.52 86.77
N ALA N 542 -34.93 -32.45 85.87
CA ALA N 542 -34.66 -32.05 84.49
C ALA N 542 -35.86 -31.29 83.95
N CYS N 543 -35.59 -30.37 83.03
CA CYS N 543 -36.63 -29.59 82.37
C CYS N 543 -36.26 -29.42 80.91
N GLU N 544 -37.29 -29.30 80.07
CA GLU N 544 -37.06 -29.07 78.65
C GLU N 544 -36.65 -27.62 78.41
N SER N 545 -36.26 -27.33 77.17
CA SER N 545 -35.85 -25.98 76.82
C SER N 545 -37.06 -25.14 76.47
N THR N 546 -36.90 -23.82 76.60
CA THR N 546 -37.89 -22.84 76.19
C THR N 546 -37.29 -22.00 75.06
N ASP N 547 -38.03 -20.95 74.67
CA ASP N 547 -37.50 -20.01 73.70
C ASP N 547 -36.41 -19.12 74.27
N GLU N 548 -36.21 -19.15 75.59
CA GLU N 548 -35.20 -18.33 76.26
C GLU N 548 -34.18 -19.14 77.03
N LEU N 549 -34.56 -20.31 77.57
CA LEU N 549 -33.68 -21.13 78.37
C LEU N 549 -33.43 -22.47 77.69
N ALA N 550 -32.29 -23.07 78.02
CA ALA N 550 -31.94 -24.38 77.50
C ALA N 550 -32.47 -25.48 78.42
N SER N 551 -32.48 -26.70 77.88
CA SER N 551 -32.82 -27.85 78.71
C SER N 551 -31.74 -28.05 79.76
N LYS N 552 -32.16 -28.25 81.01
CA LYS N 552 -31.27 -28.26 82.15
C LYS N 552 -31.38 -29.56 82.92
N LEU N 553 -30.24 -30.02 83.43
CA LEU N 553 -30.19 -31.16 84.34
C LEU N 553 -29.73 -30.66 85.70
N HIS N 554 -30.56 -30.83 86.72
CA HIS N 554 -30.31 -30.30 88.05
C HIS N 554 -30.17 -31.45 89.03
N CYS N 555 -29.10 -31.43 89.83
CA CYS N 555 -28.82 -32.48 90.81
C CYS N 555 -28.66 -31.85 92.18
N LEU N 556 -29.44 -32.35 93.15
CA LEU N 556 -29.33 -31.92 94.55
C LEU N 556 -28.59 -33.01 95.29
N HIS N 557 -27.26 -32.87 95.35
CA HIS N 557 -26.38 -33.88 95.95
C HIS N 557 -26.39 -33.70 97.47
N PHE N 558 -27.49 -34.14 98.10
CA PHE N 558 -27.68 -33.89 99.52
C PHE N 558 -26.75 -34.74 100.38
N SER N 559 -26.33 -35.91 99.88
CA SER N 559 -25.46 -36.80 100.63
C SER N 559 -23.99 -36.41 100.55
N SER N 560 -23.66 -35.32 99.87
CA SER N 560 -22.27 -34.92 99.72
C SER N 560 -21.68 -34.50 101.06
N TRP N 561 -20.41 -34.83 101.27
CA TRP N 561 -19.71 -34.48 102.50
C TRP N 561 -19.04 -33.12 102.44
N ASP N 562 -19.21 -32.37 101.35
CA ASP N 562 -18.66 -31.03 101.23
C ASP N 562 -19.77 -29.99 101.28
N SER N 563 -19.39 -28.73 101.14
CA SER N 563 -20.32 -27.61 101.26
C SER N 563 -21.02 -27.25 99.96
N SER N 564 -20.78 -28.02 98.88
CA SER N 564 -21.42 -27.77 97.59
C SER N 564 -22.34 -28.95 97.30
N LYS N 565 -23.63 -28.78 97.57
CA LYS N 565 -24.62 -29.84 97.42
C LYS N 565 -25.60 -29.53 96.29
N GLU N 566 -25.10 -28.98 95.18
CA GLU N 566 -25.97 -28.59 94.07
C GLU N 566 -25.12 -28.35 92.84
N TRP N 567 -25.63 -28.77 91.68
CA TRP N 567 -25.04 -28.39 90.41
C TRP N 567 -26.08 -28.53 89.31
N ILE N 568 -25.92 -27.73 88.26
CA ILE N 568 -26.84 -27.71 87.14
C ILE N 568 -26.01 -27.50 85.86
N ILE N 569 -26.48 -28.08 84.76
CA ILE N 569 -25.79 -28.00 83.48
C ILE N 569 -26.81 -27.79 82.38
N ASP N 570 -26.42 -27.01 81.37
CA ASP N 570 -27.26 -26.69 80.23
C ASP N 570 -26.88 -27.56 79.04
N LEU N 571 -27.88 -28.19 78.43
CA LEU N 571 -27.65 -28.92 77.20
C LEU N 571 -27.47 -27.96 76.03
N PRO N 572 -26.82 -28.41 74.95
CA PRO N 572 -26.63 -27.53 73.78
C PRO N 572 -27.96 -27.07 73.19
N GLN N 573 -27.85 -26.15 72.24
CA GLN N 573 -29.03 -25.56 71.62
C GLN N 573 -29.88 -26.62 70.93
N ASN N 574 -31.19 -26.55 71.14
CA ASN N 574 -32.19 -27.41 70.52
C ASN N 574 -32.07 -28.87 70.95
N GLU N 575 -31.45 -29.13 72.09
CA GLU N 575 -31.37 -30.48 72.65
C GLU N 575 -32.17 -30.52 73.95
N ASP N 576 -33.12 -31.44 74.02
CA ASP N 576 -34.04 -31.54 75.15
C ASP N 576 -33.88 -32.87 75.85
N ILE N 577 -33.87 -32.83 77.19
CA ILE N 577 -33.81 -34.05 77.98
C ILE N 577 -35.16 -34.76 77.91
N GLU N 578 -35.12 -36.05 77.56
CA GLU N 578 -36.33 -36.86 77.46
C GLU N 578 -36.48 -37.90 78.55
N ALA N 579 -35.38 -38.32 79.18
CA ALA N 579 -35.44 -39.29 80.26
C ALA N 579 -34.16 -39.21 81.07
N ILE N 580 -34.26 -39.50 82.37
CA ILE N 580 -33.13 -39.51 83.28
C ILE N 580 -33.21 -40.76 84.15
N CYS N 581 -32.10 -41.04 84.83
CA CYS N 581 -32.04 -42.13 85.80
C CYS N 581 -30.81 -41.96 86.67
N LEU N 582 -30.88 -42.48 87.88
CA LEU N 582 -29.78 -42.38 88.85
C LEU N 582 -29.18 -43.75 89.10
N GLY N 583 -27.85 -43.82 89.04
CA GLY N 583 -27.12 -44.99 89.45
C GLY N 583 -26.31 -44.74 90.71
N GLN N 584 -25.42 -45.69 91.00
CA GLN N 584 -24.52 -45.56 92.15
C GLN N 584 -23.40 -44.62 91.76
N GLY N 585 -23.48 -43.37 92.22
CA GLY N 585 -22.45 -42.39 91.96
C GLY N 585 -22.45 -41.78 90.58
N TRP N 586 -23.50 -42.02 89.78
CA TRP N 586 -23.56 -41.46 88.44
C TRP N 586 -25.01 -41.18 88.07
N ALA N 587 -25.17 -40.40 87.01
CA ALA N 587 -26.48 -40.07 86.47
C ALA N 587 -26.41 -40.08 84.95
N ALA N 588 -27.54 -40.42 84.33
CA ALA N 588 -27.63 -40.51 82.88
C ALA N 588 -28.84 -39.74 82.39
N ALA N 589 -28.73 -39.20 81.17
CA ALA N 589 -29.79 -38.41 80.57
C ALA N 589 -29.86 -38.75 79.08
N ALA N 590 -31.02 -39.20 78.63
CA ALA N 590 -31.29 -39.42 77.21
C ALA N 590 -31.96 -38.19 76.62
N THR N 591 -31.44 -37.70 75.51
CA THR N 591 -31.83 -36.40 74.97
C THR N 591 -32.50 -36.56 73.62
N SER N 592 -33.11 -35.47 73.16
CA SER N 592 -33.80 -35.45 71.88
C SER N 592 -32.86 -35.57 70.70
N ALA N 593 -31.55 -35.41 70.90
CA ALA N 593 -30.57 -35.60 69.85
C ALA N 593 -30.14 -37.05 69.72
N LEU N 594 -30.91 -37.98 70.30
CA LEU N 594 -30.56 -39.40 70.33
C LEU N 594 -29.18 -39.62 70.95
N LEU N 595 -28.90 -38.90 72.03
CA LEU N 595 -27.66 -39.00 72.75
C LEU N 595 -27.93 -39.45 74.18
N LEU N 596 -27.01 -40.23 74.73
CA LEU N 596 -27.01 -40.57 76.14
C LEU N 596 -25.78 -39.94 76.78
N ARG N 597 -26.02 -39.07 77.76
CA ARG N 597 -24.96 -38.33 78.44
C ARG N 597 -24.81 -38.87 79.85
N LEU N 598 -23.58 -39.23 80.20
CA LEU N 598 -23.25 -39.75 81.53
C LEU N 598 -22.63 -38.65 82.37
N PHE N 599 -23.04 -38.58 83.64
CA PHE N 599 -22.51 -37.62 84.59
C PHE N 599 -22.18 -38.32 85.89
N THR N 600 -21.10 -37.89 86.53
CA THR N 600 -20.89 -38.31 87.91
C THR N 600 -21.88 -37.60 88.81
N ILE N 601 -22.11 -38.17 90.00
CA ILE N 601 -23.07 -37.59 90.93
C ILE N 601 -22.61 -36.21 91.41
N GLY N 602 -21.33 -35.89 91.22
CA GLY N 602 -20.77 -34.60 91.57
C GLY N 602 -20.75 -33.57 90.46
N GLY N 603 -21.08 -33.97 89.23
CA GLY N 603 -21.22 -33.03 88.13
C GLY N 603 -20.23 -33.17 87.01
N VAL N 604 -19.35 -34.16 87.04
CA VAL N 604 -18.38 -34.35 85.97
C VAL N 604 -19.07 -35.02 84.78
N GLN N 605 -18.85 -34.48 83.59
CA GLN N 605 -19.39 -35.08 82.37
C GLN N 605 -18.54 -36.30 82.00
N LYS N 606 -19.18 -37.46 81.90
CA LYS N 606 -18.48 -38.69 81.54
C LYS N 606 -18.62 -38.97 80.04
N GLU N 607 -18.75 -40.23 79.68
CA GLU N 607 -18.81 -40.60 78.27
C GLU N 607 -20.16 -40.24 77.67
N VAL N 608 -20.19 -40.15 76.33
CA VAL N 608 -21.40 -39.89 75.56
C VAL N 608 -21.43 -40.86 74.38
N PHE N 609 -22.60 -41.43 74.12
CA PHE N 609 -22.78 -42.27 72.95
C PHE N 609 -24.19 -42.08 72.40
N SER N 610 -24.38 -42.51 71.15
CA SER N 610 -25.64 -42.32 70.44
C SER N 610 -26.59 -43.48 70.70
N LEU N 611 -27.89 -43.16 70.73
CA LEU N 611 -28.94 -44.15 70.91
C LEU N 611 -29.45 -44.61 69.56
N ALA N 612 -29.79 -45.90 69.48
CA ALA N 612 -30.29 -46.45 68.22
C ALA N 612 -31.70 -46.01 67.89
N GLY N 613 -32.42 -45.42 68.86
CA GLY N 613 -33.76 -44.95 68.64
C GLY N 613 -34.23 -44.06 69.77
N PRO N 614 -35.42 -43.47 69.62
CA PRO N 614 -35.96 -42.62 70.68
C PRO N 614 -36.17 -43.39 71.97
N VAL N 615 -35.74 -42.80 73.07
CA VAL N 615 -35.80 -43.46 74.37
C VAL N 615 -37.25 -43.57 74.83
N VAL N 616 -37.55 -44.64 75.55
CA VAL N 616 -38.85 -44.85 76.17
C VAL N 616 -38.77 -44.69 77.69
N SER N 617 -37.81 -45.35 78.32
CA SER N 617 -37.61 -45.20 79.75
C SER N 617 -36.18 -45.62 80.09
N MET N 618 -35.73 -45.19 81.26
CA MET N 618 -34.34 -45.40 81.65
C MET N 618 -34.27 -45.65 83.15
N ALA N 619 -33.44 -46.62 83.53
CA ALA N 619 -33.28 -46.98 84.95
C ALA N 619 -31.82 -47.31 85.22
N GLY N 620 -31.43 -47.16 86.47
CA GLY N 620 -30.06 -47.42 86.87
C GLY N 620 -30.00 -48.08 88.23
N HIS N 621 -28.94 -48.85 88.44
CA HIS N 621 -28.71 -49.54 89.71
C HIS N 621 -27.26 -49.95 89.76
N GLY N 622 -26.55 -49.49 90.78
CA GLY N 622 -25.14 -49.81 90.89
C GLY N 622 -24.37 -49.27 89.70
N GLU N 623 -23.77 -50.18 88.93
CA GLU N 623 -23.07 -49.82 87.70
C GLU N 623 -23.87 -50.17 86.45
N GLN N 624 -25.11 -50.63 86.61
CA GLN N 624 -25.92 -51.08 85.49
C GLN N 624 -26.78 -49.95 84.95
N LEU N 625 -26.85 -49.86 83.62
CA LEU N 625 -27.71 -48.90 82.93
C LEU N 625 -28.72 -49.66 82.09
N PHE N 626 -30.00 -49.38 82.31
CA PHE N 626 -31.11 -50.10 81.70
C PHE N 626 -31.87 -49.13 80.80
N ILE N 627 -31.72 -49.29 79.48
CA ILE N 627 -32.32 -48.40 78.50
C ILE N 627 -33.31 -49.18 77.66
N VAL N 628 -34.52 -48.67 77.52
CA VAL N 628 -35.53 -49.20 76.61
C VAL N 628 -35.86 -48.12 75.60
N TYR N 629 -35.82 -48.47 74.32
CA TYR N 629 -36.01 -47.51 73.25
C TYR N 629 -36.80 -48.16 72.13
N HIS N 630 -37.19 -47.33 71.15
CA HIS N 630 -37.89 -47.81 69.96
C HIS N 630 -36.86 -48.32 68.96
N ARG N 631 -36.84 -49.63 68.72
CA ARG N 631 -35.98 -50.21 67.71
C ARG N 631 -36.66 -50.29 66.34
N GLY N 632 -37.95 -50.01 66.27
CA GLY N 632 -38.65 -50.06 65.01
C GLY N 632 -40.05 -49.53 65.16
N THR N 633 -40.92 -49.92 64.22
CA THR N 633 -42.32 -49.51 64.22
C THR N 633 -43.19 -50.75 64.24
N GLY N 634 -44.00 -50.89 65.29
CA GLY N 634 -44.91 -52.00 65.39
C GLY N 634 -46.20 -51.77 64.64
N PHE N 635 -47.01 -52.83 64.57
CA PHE N 635 -48.27 -52.79 63.84
C PHE N 635 -49.37 -53.42 64.69
N ASP N 636 -50.60 -52.94 64.47
CA ASP N 636 -51.80 -53.48 65.12
C ASP N 636 -51.68 -53.40 66.65
N GLY N 637 -51.31 -52.21 67.14
CA GLY N 637 -51.24 -51.96 68.55
C GLY N 637 -49.97 -52.43 69.24
N ASP N 638 -49.08 -53.13 68.54
CA ASP N 638 -47.86 -53.62 69.16
C ASP N 638 -46.77 -52.56 69.08
N GLN N 639 -45.99 -52.46 70.16
CA GLN N 639 -44.78 -51.65 70.14
C GLN N 639 -43.61 -52.48 69.62
N CYS N 640 -42.56 -51.78 69.19
CA CYS N 640 -41.33 -52.41 68.70
C CYS N 640 -40.18 -51.84 69.54
N LEU N 641 -39.92 -52.46 70.68
CA LEU N 641 -39.00 -51.93 71.68
C LEU N 641 -37.74 -52.77 71.75
N GLY N 642 -36.62 -52.10 72.00
CA GLY N 642 -35.35 -52.78 72.22
C GLY N 642 -34.72 -52.33 73.52
N VAL N 643 -33.90 -53.21 74.09
CA VAL N 643 -33.26 -52.97 75.39
C VAL N 643 -31.76 -52.93 75.20
N GLN N 644 -31.13 -51.89 75.73
CA GLN N 644 -29.66 -51.78 75.79
C GLN N 644 -29.26 -51.77 77.25
N LEU N 645 -28.57 -52.82 77.69
CA LEU N 645 -28.17 -52.99 79.07
C LEU N 645 -26.65 -52.89 79.17
N LEU N 646 -26.16 -51.89 79.89
CA LEU N 646 -24.74 -51.62 80.00
C LEU N 646 -24.30 -51.73 81.46
N GLU N 647 -23.04 -52.12 81.65
CA GLU N 647 -22.38 -52.08 82.95
C GLU N 647 -21.25 -51.09 82.87
N LEU N 648 -21.33 -50.02 83.68
CA LEU N 648 -20.44 -48.87 83.54
C LEU N 648 -19.33 -48.86 84.59
N GLY N 649 -18.85 -50.03 84.99
CA GLY N 649 -17.72 -50.10 85.90
C GLY N 649 -16.41 -49.75 85.23
N LYS N 650 -15.29 -50.15 85.82
CA LYS N 650 -14.00 -49.85 85.20
C LYS N 650 -13.78 -50.63 83.91
N LYS N 651 -14.48 -51.75 83.73
CA LYS N 651 -14.47 -52.50 82.48
C LYS N 651 -15.87 -52.37 81.87
N LYS N 652 -16.00 -51.49 80.89
CA LYS N 652 -17.30 -51.23 80.28
C LYS N 652 -17.76 -52.43 79.48
N LYS N 653 -19.02 -52.83 79.69
CA LYS N 653 -19.63 -53.96 79.01
C LYS N 653 -21.01 -53.59 78.52
N GLN N 654 -21.33 -53.98 77.29
CA GLN N 654 -22.69 -53.87 76.76
C GLN N 654 -23.29 -55.27 76.83
N ILE N 655 -24.10 -55.52 77.87
CA ILE N 655 -24.63 -56.86 78.10
C ILE N 655 -25.66 -57.22 77.01
N LEU N 656 -26.50 -56.27 76.63
CA LEU N 656 -27.52 -56.48 75.62
C LEU N 656 -27.36 -55.44 74.52
N HIS N 657 -27.05 -55.90 73.30
CA HIS N 657 -26.82 -55.02 72.17
C HIS N 657 -28.13 -54.75 71.43
N GLY N 658 -29.07 -54.13 72.15
CA GLY N 658 -30.36 -53.80 71.57
C GLY N 658 -31.23 -55.01 71.31
N ASP N 659 -31.31 -55.94 72.27
CA ASP N 659 -32.16 -57.10 72.10
C ASP N 659 -33.63 -56.66 72.05
N PRO N 660 -34.47 -57.41 71.33
CA PRO N 660 -35.91 -57.07 71.33
C PRO N 660 -36.52 -57.30 72.70
N LEU N 661 -37.31 -56.34 73.15
CA LEU N 661 -37.93 -56.40 74.46
C LEU N 661 -39.27 -57.12 74.35
N PRO N 662 -39.43 -58.31 74.92
CA PRO N 662 -40.72 -59.01 74.82
C PRO N 662 -41.82 -58.26 75.55
N LEU N 663 -42.97 -58.14 74.88
CA LEU N 663 -44.15 -57.50 75.46
C LEU N 663 -45.37 -58.34 75.15
N THR N 664 -46.38 -58.23 76.01
CA THR N 664 -47.68 -58.80 75.70
C THR N 664 -48.25 -58.13 74.46
N ARG N 665 -48.95 -58.91 73.62
CA ARG N 665 -49.48 -58.38 72.38
C ARG N 665 -50.43 -57.22 72.65
N LYS N 666 -50.33 -56.18 71.82
CA LYS N 666 -51.15 -54.98 71.92
C LYS N 666 -50.97 -54.26 73.25
N SER N 667 -49.79 -54.39 73.87
CA SER N 667 -49.49 -53.72 75.12
C SER N 667 -48.31 -52.78 74.93
N TYR N 668 -48.20 -51.80 75.83
CA TYR N 668 -47.08 -50.87 75.85
C TYR N 668 -46.34 -51.00 77.18
N LEU N 669 -45.16 -50.37 77.23
CA LEU N 669 -44.33 -50.41 78.41
C LEU N 669 -44.90 -49.49 79.48
N ALA N 670 -45.06 -50.02 80.69
CA ALA N 670 -45.66 -49.28 81.79
C ALA N 670 -44.69 -48.90 82.89
N TRP N 671 -43.65 -49.70 83.12
CA TRP N 671 -42.74 -49.48 84.22
C TRP N 671 -41.49 -50.31 83.98
N ILE N 672 -40.32 -49.72 84.22
CA ILE N 672 -39.06 -50.43 84.22
C ILE N 672 -38.29 -50.07 85.48
N GLY N 673 -37.21 -50.80 85.73
CA GLY N 673 -36.39 -50.55 86.89
C GLY N 673 -35.63 -51.80 87.25
N PHE N 674 -35.02 -51.74 88.44
CA PHE N 674 -34.28 -52.85 89.00
C PHE N 674 -34.92 -53.29 90.31
N SER N 675 -34.82 -54.58 90.61
CA SER N 675 -35.13 -55.02 91.95
C SER N 675 -34.11 -54.44 92.92
N ALA N 676 -34.47 -54.44 94.21
CA ALA N 676 -33.56 -53.94 95.23
C ALA N 676 -32.23 -54.68 95.20
N GLU N 677 -32.24 -55.93 94.75
CA GLU N 677 -31.03 -56.73 94.65
C GLU N 677 -30.25 -56.48 93.37
N GLY N 678 -30.84 -55.78 92.40
CA GLY N 678 -30.10 -55.36 91.23
C GLY N 678 -30.39 -56.11 89.95
N THR N 679 -31.60 -56.66 89.81
CA THR N 679 -31.96 -57.38 88.60
C THR N 679 -32.94 -56.57 87.78
N PRO N 680 -32.68 -56.38 86.49
CA PRO N 680 -33.62 -55.60 85.65
C PRO N 680 -35.00 -56.24 85.60
N CYS N 681 -36.02 -55.41 85.70
CA CYS N 681 -37.40 -55.86 85.63
C CYS N 681 -38.23 -54.80 84.91
N TYR N 682 -39.36 -55.22 84.35
CA TYR N 682 -40.26 -54.27 83.72
C TYR N 682 -41.67 -54.84 83.68
N VAL N 683 -42.64 -53.94 83.56
CA VAL N 683 -44.07 -54.26 83.56
C VAL N 683 -44.70 -53.65 82.31
N ASP N 684 -45.54 -54.42 81.63
CA ASP N 684 -46.27 -53.90 80.49
C ASP N 684 -47.68 -53.48 80.92
N SER N 685 -48.43 -52.92 79.97
CA SER N 685 -49.76 -52.37 80.29
C SER N 685 -50.80 -53.46 80.54
N GLU N 686 -50.46 -54.73 80.32
CA GLU N 686 -51.36 -55.84 80.61
C GLU N 686 -51.07 -56.49 81.96
N GLY N 687 -50.30 -55.82 82.81
CA GLY N 687 -50.01 -56.32 84.14
C GLY N 687 -48.98 -57.41 84.22
N ILE N 688 -48.30 -57.73 83.12
CA ILE N 688 -47.29 -58.79 83.11
C ILE N 688 -45.97 -58.21 83.60
N VAL N 689 -45.43 -58.79 84.66
CA VAL N 689 -44.15 -58.37 85.23
C VAL N 689 -43.10 -59.38 84.79
N ARG N 690 -42.04 -58.90 84.14
CA ARG N 690 -40.96 -59.74 83.65
C ARG N 690 -39.65 -59.35 84.31
N MET N 691 -38.77 -60.34 84.46
CA MET N 691 -37.49 -60.16 85.13
C MET N 691 -36.40 -60.86 84.31
N LEU N 692 -35.24 -60.21 84.23
CA LEU N 692 -34.11 -60.81 83.53
C LEU N 692 -33.69 -62.10 84.22
N ASN N 693 -33.50 -63.15 83.43
CA ASN N 693 -33.12 -64.46 83.92
C ASN N 693 -31.64 -64.66 83.59
N ARG N 694 -30.77 -64.27 84.52
CA ARG N 694 -29.34 -64.38 84.29
C ARG N 694 -28.90 -65.83 84.16
N GLY N 695 -29.61 -66.75 84.81
CA GLY N 695 -29.32 -68.16 84.70
C GLY N 695 -29.90 -68.85 83.49
N LEU N 696 -30.47 -68.09 82.55
CA LEU N 696 -31.08 -68.65 81.35
C LEU N 696 -30.68 -67.82 80.14
N GLY N 697 -29.39 -67.53 80.03
CA GLY N 697 -28.87 -66.81 78.88
C GLY N 697 -29.39 -65.39 78.74
N ASN N 698 -29.72 -64.73 79.84
CA ASN N 698 -30.22 -63.36 79.84
C ASN N 698 -31.53 -63.22 79.04
N THR N 699 -32.40 -64.22 79.17
CA THR N 699 -33.75 -64.11 78.67
C THR N 699 -34.63 -63.40 79.70
N TRP N 700 -35.90 -63.18 79.35
CA TRP N 700 -36.84 -62.48 80.23
C TRP N 700 -37.93 -63.45 80.63
N THR N 701 -38.13 -63.61 81.94
CA THR N 701 -39.08 -64.56 82.48
C THR N 701 -40.21 -63.84 83.20
N PRO N 702 -41.48 -64.16 82.91
CA PRO N 702 -42.58 -63.56 83.65
C PRO N 702 -42.60 -64.06 85.09
N ILE N 703 -42.67 -63.13 86.04
CA ILE N 703 -42.68 -63.46 87.45
C ILE N 703 -43.97 -63.09 88.16
N CYS N 704 -44.89 -62.40 87.49
CA CYS N 704 -46.15 -62.03 88.12
C CYS N 704 -47.13 -61.60 87.04
N ASN N 705 -48.41 -61.61 87.40
CA ASN N 705 -49.50 -61.12 86.55
C ASN N 705 -50.47 -60.39 87.47
N THR N 706 -50.37 -59.06 87.51
CA THR N 706 -51.18 -58.28 88.44
C THR N 706 -52.66 -58.32 88.08
N ARG N 707 -53.02 -58.76 86.87
CA ARG N 707 -54.42 -58.89 86.51
C ARG N 707 -55.11 -60.00 87.29
N GLU N 708 -54.37 -61.00 87.76
CA GLU N 708 -54.96 -62.04 88.59
C GLU N 708 -55.48 -61.50 89.91
N HIS N 709 -54.93 -60.38 90.38
CA HIS N 709 -55.40 -59.75 91.61
C HIS N 709 -56.45 -58.68 91.36
N CYS N 710 -56.75 -58.35 90.10
CA CYS N 710 -57.76 -57.36 89.77
C CYS N 710 -59.12 -58.03 89.62
N LYS N 711 -60.16 -57.28 89.94
CA LYS N 711 -61.53 -57.79 89.86
C LYS N 711 -62.28 -57.33 88.61
N GLY N 712 -61.82 -56.28 87.94
CA GLY N 712 -62.50 -55.78 86.77
C GLY N 712 -61.51 -55.22 85.77
N LYS N 713 -62.05 -54.84 84.60
CA LYS N 713 -61.20 -54.28 83.55
C LYS N 713 -60.60 -52.94 83.98
N SER N 714 -61.37 -52.14 84.71
CA SER N 714 -60.92 -50.80 85.11
C SER N 714 -59.96 -50.81 86.29
N ASP N 715 -59.75 -51.96 86.92
CA ASP N 715 -58.82 -52.05 88.04
C ASP N 715 -57.41 -52.32 87.53
N HIS N 716 -56.42 -51.68 88.16
CA HIS N 716 -55.03 -51.81 87.77
C HIS N 716 -54.15 -51.75 89.01
N TYR N 717 -52.89 -52.14 88.83
CA TYR N 717 -51.87 -52.04 89.86
C TYR N 717 -50.72 -51.17 89.35
N TRP N 718 -50.26 -50.27 90.21
CA TRP N 718 -49.25 -49.28 89.86
C TRP N 718 -47.97 -49.64 90.60
N VAL N 719 -47.01 -50.23 89.87
CA VAL N 719 -45.83 -50.81 90.49
C VAL N 719 -44.94 -49.71 91.05
N VAL N 720 -44.43 -49.93 92.26
CA VAL N 720 -43.52 -49.02 92.94
C VAL N 720 -42.12 -49.61 93.05
N GLY N 721 -42.02 -50.85 93.49
CA GLY N 721 -40.72 -51.49 93.64
C GLY N 721 -40.84 -52.99 93.61
N ILE N 722 -39.70 -53.64 93.38
CA ILE N 722 -39.61 -55.10 93.31
C ILE N 722 -38.49 -55.55 94.25
N HIS N 723 -38.79 -56.55 95.08
CA HIS N 723 -37.83 -57.07 96.05
C HIS N 723 -37.75 -58.59 95.90
N GLU N 724 -36.53 -59.12 95.87
CA GLU N 724 -36.30 -60.55 95.68
C GLU N 724 -36.13 -61.32 96.97
N ASN N 725 -35.63 -60.69 98.03
CA ASN N 725 -35.41 -61.35 99.31
C ASN N 725 -35.66 -60.36 100.43
N PRO N 726 -36.83 -60.42 101.07
CA PRO N 726 -37.93 -61.33 100.79
C PRO N 726 -38.71 -60.98 99.52
N GLN N 727 -39.32 -61.98 98.90
CA GLN N 727 -40.05 -61.76 97.66
C GLN N 727 -41.31 -60.94 97.92
N GLN N 728 -41.41 -59.79 97.26
CA GLN N 728 -42.61 -58.96 97.36
C GLN N 728 -42.62 -57.95 96.23
N LEU N 729 -43.78 -57.76 95.62
CA LEU N 729 -44.01 -56.76 94.58
C LEU N 729 -44.81 -55.62 95.21
N ARG N 730 -44.12 -54.51 95.50
CA ARG N 730 -44.77 -53.36 96.11
C ARG N 730 -45.44 -52.51 95.03
N CYS N 731 -46.75 -52.38 95.12
CA CYS N 731 -47.51 -51.62 94.13
C CYS N 731 -48.72 -50.99 94.80
N ILE N 732 -49.35 -50.06 94.09
CA ILE N 732 -50.51 -49.31 94.56
C ILE N 732 -51.74 -49.84 93.82
N PRO N 733 -52.73 -50.38 94.52
CA PRO N 733 -53.98 -50.77 93.84
C PRO N 733 -54.75 -49.54 93.39
N CYS N 734 -55.19 -49.56 92.13
CA CYS N 734 -55.88 -48.43 91.53
C CYS N 734 -57.23 -48.90 90.98
N LYS N 735 -58.30 -48.26 91.41
CA LYS N 735 -59.66 -48.61 91.01
C LYS N 735 -60.20 -47.51 90.11
N GLY N 736 -60.35 -47.81 88.82
CA GLY N 736 -60.90 -46.88 87.86
C GLY N 736 -59.88 -46.29 86.92
N SER N 737 -58.59 -46.36 87.26
CA SER N 737 -57.55 -45.79 86.41
C SER N 737 -56.28 -46.63 86.56
N ARG N 738 -55.25 -46.25 85.81
CA ARG N 738 -53.97 -46.95 85.84
C ARG N 738 -52.99 -46.35 86.83
N PHE N 739 -53.24 -45.14 87.32
CA PHE N 739 -52.36 -44.49 88.27
C PHE N 739 -53.17 -43.98 89.46
N PRO N 740 -52.58 -43.95 90.65
CA PRO N 740 -53.31 -43.50 91.83
C PRO N 740 -53.30 -41.99 91.94
N PRO N 741 -54.35 -41.41 92.52
CA PRO N 741 -54.32 -39.97 92.78
C PRO N 741 -53.32 -39.64 93.88
N THR N 742 -52.81 -38.41 93.83
CA THR N 742 -51.78 -37.99 94.79
C THR N 742 -52.35 -37.88 96.20
N LEU N 743 -53.58 -37.37 96.32
CA LEU N 743 -54.20 -37.21 97.62
C LEU N 743 -55.57 -37.89 97.64
N PRO N 744 -55.90 -38.62 98.72
CA PRO N 744 -55.02 -38.85 99.87
C PRO N 744 -53.89 -39.83 99.57
N ARG N 745 -52.93 -39.93 100.49
CA ARG N 745 -51.77 -40.80 100.28
C ARG N 745 -52.21 -42.24 100.04
N PRO N 746 -51.90 -42.82 98.89
CA PRO N 746 -52.30 -44.21 98.64
C PRO N 746 -51.49 -45.18 99.49
N ALA N 747 -52.10 -46.33 99.78
CA ALA N 747 -51.46 -47.37 100.57
C ALA N 747 -50.74 -48.35 99.65
N VAL N 748 -49.52 -48.71 100.03
CA VAL N 748 -48.71 -49.63 99.25
C VAL N 748 -49.14 -51.06 99.55
N ALA N 749 -49.58 -51.78 98.52
CA ALA N 749 -49.93 -53.18 98.65
C ALA N 749 -48.72 -54.05 98.34
N ILE N 750 -48.76 -55.28 98.86
CA ILE N 750 -47.69 -56.25 98.68
C ILE N 750 -48.29 -57.47 97.99
N LEU N 751 -47.96 -57.64 96.72
CA LEU N 751 -48.39 -58.80 95.95
C LEU N 751 -47.30 -59.86 95.92
N SER N 752 -47.70 -61.11 95.82
CA SER N 752 -46.76 -62.22 95.71
C SER N 752 -46.43 -62.47 94.25
N PHE N 753 -45.25 -63.04 94.02
CA PHE N 753 -44.83 -63.42 92.68
C PHE N 753 -45.32 -64.82 92.35
N LYS N 754 -45.72 -65.02 91.10
CA LYS N 754 -46.21 -66.31 90.64
C LYS N 754 -45.82 -66.48 89.18
N LEU N 755 -44.96 -67.43 88.90
CA LEU N 755 -44.57 -67.70 87.52
C LEU N 755 -45.71 -68.44 86.80
N PRO N 756 -45.94 -68.15 85.52
CA PRO N 756 -47.12 -68.70 84.82
C PRO N 756 -46.96 -70.15 84.42
N TYR N 757 -47.00 -71.04 85.41
CA TYR N 757 -46.82 -72.46 85.16
C TYR N 757 -48.16 -73.17 85.00
N CYS N 758 -48.12 -74.31 84.33
CA CYS N 758 -49.32 -75.06 84.00
C CYS N 758 -49.78 -75.92 85.18
N GLN N 759 -51.10 -76.09 85.28
CA GLN N 759 -51.71 -76.95 86.29
C GLN N 759 -51.20 -76.62 87.69
N ILE N 760 -51.16 -75.33 88.00
CA ILE N 760 -50.63 -74.86 89.28
C ILE N 760 -51.52 -75.23 90.45
N ALA N 761 -52.76 -75.66 90.19
CA ALA N 761 -53.63 -76.12 91.27
C ALA N 761 -53.23 -77.50 91.76
N THR N 762 -52.54 -78.30 90.94
CA THR N 762 -52.08 -79.61 91.36
C THR N 762 -50.83 -79.48 92.24
N GLU N 763 -50.53 -80.56 92.97
CA GLU N 763 -49.35 -80.56 93.82
C GLU N 763 -48.07 -80.51 93.00
N LYS N 764 -48.05 -81.19 91.85
CA LYS N 764 -46.88 -81.17 90.99
C LYS N 764 -46.63 -79.77 90.44
N GLY N 765 -47.66 -79.15 89.86
CA GLY N 765 -47.50 -77.83 89.30
C GLY N 765 -47.19 -76.78 90.35
N GLN N 766 -47.79 -76.91 91.54
CA GLN N 766 -47.52 -75.98 92.62
C GLN N 766 -46.06 -76.02 93.04
N MET N 767 -45.53 -77.23 93.24
CA MET N 767 -44.13 -77.36 93.67
C MET N 767 -43.17 -76.98 92.55
N GLU N 768 -43.53 -77.25 91.30
CA GLU N 768 -42.66 -76.86 90.18
C GLU N 768 -42.57 -75.34 90.07
N GLU N 769 -43.68 -74.64 90.31
CA GLU N 769 -43.64 -73.18 90.30
C GLU N 769 -42.79 -72.65 91.46
N GLN N 770 -42.92 -73.25 92.64
CA GLN N 770 -42.13 -72.80 93.79
C GLN N 770 -40.65 -73.03 93.55
N PHE N 771 -40.30 -74.14 92.89
CA PHE N 771 -38.90 -74.45 92.65
C PHE N 771 -38.26 -73.42 91.71
N TRP N 772 -38.90 -73.17 90.56
CA TRP N 772 -38.29 -72.27 89.59
C TRP N 772 -38.38 -70.81 90.01
N ARG N 773 -39.39 -70.46 90.81
CA ARG N 773 -39.40 -69.12 91.40
C ARG N 773 -38.24 -68.95 92.37
N SER N 774 -37.94 -69.99 93.15
CA SER N 774 -36.78 -69.93 94.04
C SER N 774 -35.47 -69.84 93.26
N VAL N 775 -35.41 -70.51 92.11
CA VAL N 775 -34.18 -70.52 91.32
C VAL N 775 -33.91 -69.13 90.75
N ILE N 776 -34.93 -68.50 90.16
CA ILE N 776 -34.70 -67.24 89.46
C ILE N 776 -34.50 -66.10 90.45
N PHE N 777 -35.11 -66.18 91.64
CA PHE N 777 -35.01 -65.11 92.62
C PHE N 777 -33.77 -65.23 93.50
N HIS N 778 -32.85 -66.13 93.15
CA HIS N 778 -31.57 -66.24 93.83
C HIS N 778 -30.39 -66.18 92.86
N ASN N 779 -30.67 -65.95 91.56
CA ASN N 779 -29.59 -65.70 90.60
C ASN N 779 -28.82 -64.43 90.95
N HIS N 780 -29.45 -63.49 91.65
CA HIS N 780 -28.78 -62.24 92.00
C HIS N 780 -27.61 -62.48 92.94
N LEU N 781 -27.65 -63.56 93.73
CA LEU N 781 -26.52 -63.86 94.60
C LEU N 781 -25.27 -64.18 93.80
N ASP N 782 -25.42 -64.94 92.72
CA ASP N 782 -24.29 -65.22 91.84
C ASP N 782 -23.80 -63.96 91.16
N TYR N 783 -24.72 -63.06 90.80
CA TYR N 783 -24.31 -61.81 90.17
C TYR N 783 -23.53 -60.93 91.13
N LEU N 784 -23.98 -60.85 92.39
CA LEU N 784 -23.24 -60.09 93.39
C LEU N 784 -21.86 -60.70 93.64
N ALA N 785 -21.75 -62.03 93.53
CA ALA N 785 -20.46 -62.67 93.75
C ALA N 785 -19.52 -62.45 92.58
N LYS N 786 -20.02 -62.58 91.35
CA LYS N 786 -19.16 -62.42 90.18
C LYS N 786 -18.61 -61.01 90.06
N ASN N 787 -19.36 -60.01 90.56
CA ASN N 787 -18.95 -58.61 90.48
C ASN N 787 -18.39 -58.09 91.79
N GLY N 788 -17.90 -58.97 92.65
CA GLY N 788 -17.28 -58.56 93.89
C GLY N 788 -18.19 -57.91 94.90
N TYR N 789 -19.50 -57.85 94.67
CA TYR N 789 -20.37 -57.19 95.63
C TYR N 789 -20.52 -58.07 96.87
N GLU N 790 -21.12 -57.49 97.91
CA GLU N 790 -21.29 -58.17 99.18
C GLU N 790 -22.63 -58.92 99.21
N TYR N 791 -22.57 -60.21 99.52
CA TYR N 791 -23.74 -61.06 99.60
C TYR N 791 -23.64 -61.96 100.83
N GLU N 792 -24.79 -62.39 101.33
CA GLU N 792 -24.84 -63.26 102.49
C GLU N 792 -24.77 -64.71 102.03
N GLU N 793 -23.73 -65.43 102.49
CA GLU N 793 -23.61 -66.85 102.18
C GLU N 793 -24.74 -67.66 102.79
N SER N 794 -25.36 -67.16 103.85
CA SER N 794 -26.48 -67.87 104.46
C SER N 794 -27.70 -67.87 103.55
N THR N 795 -27.91 -66.77 102.81
CA THR N 795 -29.03 -66.73 101.87
C THR N 795 -28.84 -67.75 100.76
N LYS N 796 -27.59 -67.94 100.31
CA LYS N 796 -27.32 -68.93 99.27
C LYS N 796 -27.58 -70.34 99.78
N ASN N 797 -27.23 -70.61 101.05
CA ASN N 797 -27.44 -71.95 101.59
C ASN N 797 -28.91 -72.23 101.83
N GLN N 798 -29.67 -71.23 102.31
CA GLN N 798 -31.10 -71.42 102.50
C GLN N 798 -31.82 -71.64 101.19
N ALA N 799 -31.35 -71.00 100.11
CA ALA N 799 -31.96 -71.20 98.80
C ALA N 799 -31.78 -72.64 98.34
N THR N 800 -30.57 -73.18 98.47
CA THR N 800 -30.32 -74.55 98.04
C THR N 800 -31.13 -75.54 98.88
N LYS N 801 -31.18 -75.35 100.20
CA LYS N 801 -31.99 -76.22 101.04
C LYS N 801 -33.46 -76.15 100.66
N GLU N 802 -33.96 -74.95 100.37
CA GLU N 802 -35.35 -74.80 99.96
C GLU N 802 -35.61 -75.54 98.65
N GLN N 803 -34.65 -75.51 97.73
CA GLN N 803 -34.84 -76.15 96.43
C GLN N 803 -34.68 -77.66 96.53
N GLN N 804 -33.72 -78.14 97.33
CA GLN N 804 -33.54 -79.58 97.48
C GLN N 804 -34.73 -80.22 98.20
N GLU N 805 -35.41 -79.46 99.06
CA GLU N 805 -36.60 -79.98 99.71
C GLU N 805 -37.75 -80.11 98.72
N LEU N 806 -37.92 -79.12 97.84
CA LEU N 806 -38.97 -79.19 96.84
C LEU N 806 -38.70 -80.31 95.83
N LEU N 807 -37.44 -80.49 95.42
CA LEU N 807 -37.10 -81.60 94.55
C LEU N 807 -37.38 -82.95 95.23
N MET N 808 -37.08 -83.04 96.52
CA MET N 808 -37.31 -84.28 97.25
C MET N 808 -38.79 -84.59 97.37
N LYS N 809 -39.62 -83.55 97.56
CA LYS N 809 -41.07 -83.77 97.63
C LYS N 809 -41.64 -84.08 96.26
N MET N 810 -41.09 -83.47 95.19
CA MET N 810 -41.55 -83.81 93.84
C MET N 810 -41.12 -85.21 93.44
N LEU N 811 -39.95 -85.66 93.90
CA LEU N 811 -39.52 -87.02 93.62
C LEU N 811 -40.40 -88.04 94.34
N ALA N 812 -40.76 -87.76 95.60
CA ALA N 812 -41.66 -88.65 96.32
C ALA N 812 -43.03 -88.68 95.68
N LEU N 813 -43.48 -87.56 95.10
CA LEU N 813 -44.78 -87.54 94.43
C LEU N 813 -44.73 -88.37 93.14
N SER N 814 -43.67 -88.20 92.35
CA SER N 814 -43.52 -88.99 91.14
C SER N 814 -43.37 -90.47 91.45
N CYS N 815 -42.76 -90.80 92.60
CA CYS N 815 -42.63 -92.20 93.00
C CYS N 815 -43.98 -92.80 93.35
N LYS N 816 -44.84 -92.02 94.02
CA LYS N 816 -46.19 -92.49 94.32
C LYS N 816 -47.00 -92.73 93.05
N LEU N 817 -46.78 -91.92 92.02
CA LEU N 817 -47.49 -92.05 90.75
C LEU N 817 -46.88 -93.09 89.83
N GLU N 818 -45.94 -93.89 90.33
CA GLU N 818 -45.25 -94.91 89.54
C GLU N 818 -44.56 -94.31 88.31
N ARG N 819 -44.08 -93.08 88.42
CA ARG N 819 -43.32 -92.42 87.37
C ARG N 819 -41.85 -92.38 87.81
N GLU N 820 -41.18 -93.52 87.62
CA GLU N 820 -39.81 -93.66 88.10
C GLU N 820 -38.80 -92.98 87.19
N PHE N 821 -39.10 -92.90 85.88
CA PHE N 821 -38.23 -92.14 84.99
C PHE N 821 -38.24 -90.65 85.37
N ARG N 822 -39.41 -90.13 85.73
CA ARG N 822 -39.50 -88.74 86.16
C ARG N 822 -38.70 -88.50 87.44
N CYS N 823 -38.61 -89.51 88.31
CA CYS N 823 -37.82 -89.36 89.53
C CYS N 823 -36.35 -89.14 89.21
N VAL N 824 -35.82 -89.87 88.23
CA VAL N 824 -34.42 -89.70 87.85
C VAL N 824 -34.18 -88.32 87.25
N GLU N 825 -35.16 -87.82 86.49
CA GLU N 825 -35.03 -86.47 85.94
C GLU N 825 -34.98 -85.43 87.05
N LEU N 826 -35.81 -85.60 88.09
CA LEU N 826 -35.77 -84.68 89.22
C LEU N 826 -34.46 -84.81 89.99
N ALA N 827 -33.91 -86.03 90.07
CA ALA N 827 -32.66 -86.23 90.79
C ALA N 827 -31.47 -85.62 90.05
N ASP N 828 -31.60 -85.36 88.75
CA ASP N 828 -30.53 -84.69 88.02
C ASP N 828 -30.34 -83.26 88.54
N LEU N 829 -31.40 -82.64 89.03
CA LEU N 829 -31.33 -81.30 89.59
C LEU N 829 -30.87 -81.29 91.06
N MET N 830 -30.68 -82.45 91.65
CA MET N 830 -30.34 -82.54 93.07
C MET N 830 -28.84 -82.48 93.29
N THR N 831 -28.46 -82.15 94.52
CA THR N 831 -27.07 -82.25 94.94
C THR N 831 -26.68 -83.71 95.11
N GLN N 832 -25.37 -83.94 95.25
CA GLN N 832 -24.88 -85.31 95.43
C GLN N 832 -25.42 -85.93 96.70
N ASN N 833 -25.56 -85.12 97.76
CA ASN N 833 -26.11 -85.64 99.01
C ASN N 833 -27.58 -85.99 98.86
N ALA N 834 -28.34 -85.16 98.12
CA ALA N 834 -29.76 -85.43 97.93
C ALA N 834 -29.97 -86.67 97.06
N VAL N 835 -29.11 -86.88 96.05
CA VAL N 835 -29.22 -88.06 95.23
C VAL N 835 -28.93 -89.32 96.04
N ASN N 836 -27.89 -89.28 96.87
CA ASN N 836 -27.59 -90.42 97.74
C ASN N 836 -28.76 -90.73 98.67
N LEU N 837 -29.45 -89.69 99.15
CA LEU N 837 -30.62 -89.91 99.99
C LEU N 837 -31.77 -90.51 99.18
N ALA N 838 -31.92 -90.09 97.93
CA ALA N 838 -32.98 -90.63 97.09
C ALA N 838 -32.73 -92.09 96.74
N ILE N 839 -31.47 -92.52 96.73
CA ILE N 839 -31.16 -93.92 96.47
C ILE N 839 -31.68 -94.80 97.60
N LYS N 840 -31.45 -94.39 98.85
CA LYS N 840 -31.94 -95.15 99.99
C LYS N 840 -33.46 -95.10 100.09
N TYR N 841 -34.07 -93.99 99.68
CA TYR N 841 -35.53 -93.95 99.61
C TYR N 841 -36.07 -94.85 98.51
N ALA N 842 -35.27 -95.07 97.45
CA ALA N 842 -35.69 -95.98 96.39
C ALA N 842 -35.46 -97.44 96.75
N SER N 843 -34.41 -97.73 97.53
CA SER N 843 -34.26 -99.07 98.09
C SER N 843 -35.43 -99.41 98.99
N ARG N 844 -35.82 -98.47 99.85
CA ARG N 844 -37.09 -98.55 100.54
C ARG N 844 -38.23 -98.53 99.52
N SER N 845 -39.36 -99.14 99.88
CA SER N 845 -40.54 -99.25 99.04
C SER N 845 -40.31 -100.11 97.79
N ARG N 846 -39.19 -100.84 97.74
CA ARG N 846 -38.96 -101.89 96.75
C ARG N 846 -38.93 -101.37 95.31
N LYS N 847 -38.37 -100.18 95.12
CA LYS N 847 -38.16 -99.63 93.78
C LYS N 847 -36.72 -99.93 93.36
N LEU N 848 -36.50 -101.19 93.00
CA LEU N 848 -35.14 -101.69 92.81
C LEU N 848 -34.49 -101.10 91.56
N ILE N 849 -35.22 -101.04 90.45
CA ILE N 849 -34.64 -100.52 89.21
C ILE N 849 -34.41 -99.02 89.34
N LEU N 850 -35.34 -98.30 89.96
CA LEU N 850 -35.16 -96.87 90.19
C LEU N 850 -33.90 -96.62 91.03
N ALA N 851 -33.68 -97.44 92.05
CA ALA N 851 -32.48 -97.29 92.88
C ALA N 851 -31.22 -97.48 92.05
N GLN N 852 -31.25 -98.39 91.08
N GLN N 852 -31.26 -98.39 91.08
CA GLN N 852 -30.09 -98.60 90.23
CA GLN N 852 -30.10 -98.62 90.23
C GLN N 852 -29.85 -97.42 89.31
C GLN N 852 -29.85 -97.44 89.30
N LYS N 853 -30.92 -96.86 88.74
CA LYS N 853 -30.77 -95.70 87.87
C LYS N 853 -30.25 -94.49 88.64
N LEU N 854 -30.72 -94.31 89.87
CA LEU N 854 -30.24 -93.21 90.69
C LEU N 854 -28.77 -93.42 91.07
N SER N 855 -28.37 -94.66 91.33
CA SER N 855 -26.98 -94.94 91.65
C SER N 855 -26.07 -94.63 90.46
N GLU N 856 -26.49 -95.01 89.25
CA GLU N 856 -25.71 -94.68 88.07
C GLU N 856 -25.66 -93.18 87.84
N LEU N 857 -26.72 -92.46 88.21
CA LEU N 857 -26.68 -91.00 88.13
C LEU N 857 -25.71 -90.43 89.16
N ALA N 858 -25.67 -91.01 90.36
CA ALA N 858 -24.74 -90.54 91.37
C ALA N 858 -23.30 -90.77 90.95
N VAL N 859 -23.04 -91.88 90.24
CA VAL N 859 -21.70 -92.12 89.71
C VAL N 859 -21.33 -91.07 88.66
N GLU N 860 -22.29 -90.72 87.80
CA GLU N 860 -22.03 -89.73 86.76
C GLU N 860 -21.78 -88.35 87.37
N LYS N 861 -22.50 -88.01 88.44
CA LYS N 861 -22.28 -86.72 89.09
C LYS N 861 -20.90 -86.63 89.71
N ALA N 862 -20.44 -87.72 90.32
CA ALA N 862 -19.10 -87.72 90.92
C ALA N 862 -18.03 -87.64 89.85
N ALA N 863 -18.30 -88.14 88.64
CA ALA N 863 -17.33 -88.08 87.56
C ALA N 863 -17.23 -86.70 86.93
N GLU N 864 -18.25 -85.85 87.11
CA GLU N 864 -18.22 -84.50 86.57
C GLU N 864 -17.30 -83.55 87.33
N LEU N 865 -16.83 -83.95 88.51
CA LEU N 865 -15.95 -83.11 89.32
C LEU N 865 -14.52 -83.16 88.80
ZN ZN O . -36.67 4.92 0.13
ZN ZN P . -55.45 19.12 -38.71
ZN ZN Q . -34.40 27.10 5.90
ZN ZN R . -50.31 5.13 -25.78
ZN ZN S . -51.77 46.01 -28.21
#